data_6DHG
#
_entry.id   6DHG
#
_cell.length_a   117.553
_cell.length_b   222.695
_cell.length_c   309.061
_cell.angle_alpha   90.000
_cell.angle_beta   90.000
_cell.angle_gamma   90.000
#
_symmetry.space_group_name_H-M   'P 21 21 21'
#
loop_
_entity.id
_entity.type
_entity.pdbx_description
1 polymer 'Photosystem II protein D1 1'
2 polymer 'Photosystem II CP47 reaction center protein'
3 polymer 'Photosystem II CP43 reaction center protein'
4 polymer 'Photosystem II D2 protein'
5 polymer 'Cytochrome b559 subunit alpha'
6 polymer 'Cytochrome b559 subunit beta'
7 polymer 'Photosystem II reaction center protein H'
8 polymer 'Photosystem II reaction center protein I'
9 polymer 'Photosystem II reaction center protein J'
10 polymer 'Photosystem II reaction center protein K'
11 polymer 'Photosystem II reaction center protein L'
12 polymer 'Photosystem II reaction center protein M'
13 polymer 'Photosystem II manganese-stabilizing polypeptide'
14 polymer 'Photosystem II reaction center protein T'
15 polymer 'Photosystem II 12 kDa extrinsic protein'
16 polymer 'Cytochrome c-550'
17 polymer 'Photosystem II reaction center protein Ycf12'
18 polymer 'Photosystem II reaction center X protein'
19 polymer 'Photosystem II reaction center protein Z'
20 polymer 'Photosystem II protein Y'
21 non-polymer 'FE (II) ION'
22 non-polymer 'CHLORIDE ION'
23 non-polymer 'CHLOROPHYLL A'
24 non-polymer 'PHEOPHYTIN A'
25 non-polymer BETA-CAROTENE
26 non-polymer 2,3-DIMETHYL-5-(3,7,11,15,19,23,27,31,35-NONAMETHYL-2,6,10,14,18,22,26,30,34-HEXATRIACONTANONAENYL-2,5-CYCLOHEXADIENE-1,4-DIONE-2,3-DIMETHYL-5-SOLANESYL-1,4-BENZOQUINONE
27 non-polymer 1,2-DI-O-ACYL-3-O-[6-DEOXY-6-SULFO-ALPHA-D-GLUCOPYRANOSYL]-SN-GLYCEROL
28 non-polymer 'DIGALACTOSYL DIACYL GLYCEROL (DGDG)'
29 non-polymer 1,2-DIPALMITOYL-PHOSPHATIDYL-GLYCEROLE
30 non-polymer 'CA-MN4-O5 CLUSTER'
31 non-polymer 'BICARBONATE ION'
32 non-polymer 'UNKNOWN LIGAND'
33 non-polymer 1,2-DISTEAROYL-MONOGALACTOSYL-DIGLYCERIDE
34 non-polymer 'PROTOPORPHYRIN IX CONTAINING FE'
35 non-polymer 'HEME C'
36 water water
#
loop_
_entity_poly.entity_id
_entity_poly.type
_entity_poly.pdbx_seq_one_letter_code
_entity_poly.pdbx_strand_id
1 'polypeptide(L)'
;ANLWERFCNWVTSTDNRLYVGWFGVIMIPTLLAATICFVIAFIAAPPVDIDGIREPVSGSLLYGNNIITGAVVPSSNAIG
LHFYPIWEAASLDEWLYNGGPYQLIIFHFLLGASCYMGRQWELSYRLGMRPWICVAYSAPLASAFAVFLIYPIGQGSFSD
GMPLGISGTFNFMIVFQAEHNILMHPFHQLGVAGVFGGALFCAMHGSLVTSSLIRETTETESANYGYKFGQEEETYNIVA
AHGYFGRLIFQYASFNNSRSLHFFLAAWPVVGVWFTALGISTMAFNLNGFNFNHSVIDAKGNVINTWADIINRANLGMEV
MHERNAHNFPLDLA
;
A,a
2 'polypeptide(L)'
;GLPWYRVHTVLINDPGRLIAAHLMHTALVAGWAGSMALYELATFDPSDPVLNPMWRQGMFVLPFMARLGVTGSWSGWSIT
GETGIDPGFWSFEGVALAHIVLSGLLFLAACWHWVYWDLELFRDPRTGEPALDLPKMFGIHLFLAGLLCFGFGAFHLTGL
FGPGMWVSDPYGLTGSVQPVAPEWGPDGFNPYNPGGVVAHHIAAGIVGIIAGLFHILVRPPQRLYKALRMGNIETVLSSS
IAAVFFAAFVVAGTMWYGSATTPIELFGPTRYQWDSSYFQQEINRRVQASLASGATLEEAWSAIPEKLAFYDYIGNNPAK
GGLFRTGPMNKGDGIAQAWKGHAVFRNKEGEELFVRRMPAFFESFPVILTDKNGVVKADIPFRRAESKYSFEQQGVTVSF
YGGELNGQTFTDPPTVKSYARKAIFGEIFEFDTETLNSDGIFRTSPRGWFTFAHAVFALLFFFGHIWHGARTLFRDVFSG
IDPELSPEQVEWGFYQKVGDVTTRR
;
B,b
3 'polypeptide(L)'
;ATNRDQESSGFAWWAGNARLINLSGKLLGAHVAHAGLIVFWAGAMTLFELAHFIPEKPMYEQGLILIPHIATLGWGVGPG
GEVVDTFPFFVVGVVHLISSAVLGFGGVYHAIRGPETLEEYSSFFGYDWKDKNKMTTILGFHLIVLGIGALLLVAKAMFF
GGLYDTWAPGGGDVRVITNPTLDPRVIFGYLLKSPFGGEGWIVSVNNLEDVVGGHIWIGLICIAGGIWHILTTPFGWARR
AFIWSGEAYLSYSLGALSMMGFIATCFVWFNNTVYPSEFYGPTGPEASQAQAMTFLIRDQKLGANVGSAQGPTGLGKYLM
RSPTGEIIFGGETMRFWDFRGPWLEPLRGPNGLDLNKIKNDIQPWQERRAAEYMTHAPLGSLNSVGGVATEINSVNFVSP
RSWLATSHFVLAFFFLVGHLWHAGRARAAAAGFEKGIDRESEPVLSMPSLD
;
C,c
4 'polypeptide(L)'
;RGWFDILDDWLKRDRFVFVGWSGILLFPCAYLALGGWLTGTTFVTSWYTHGLASSYLEGCNFLTVAVSTPANSMGHSLLL
LWGPEAQGDFTRWCQLGGLWTFIALHGAFGLIGFMLRQFEIARLVGVRPYNAIAFSAPIAVFVSVFLIYPLGQSSWFFAP
SFGVAAIFRFLLFFQGFHNWTLNPFHMMGVAGVLGGALLCAIHGATVENTLFQDGEGASTFRAFNPTQAEETYSMVTANR
FWSQIFGIAFSNKRWLHFFMLFVPVTGLWMSAIGVVGLALNLRSYDFISQEIRAAEDPEFETFYTKNLLLNEGIRAWMAP
QDQPHENFVFPEEVLPRGNAL
;
D,d
5 'polypeptide(L)'
;GTTGERPFSDIITSVRYWVIHSITIPALFIAGWLFVSTGLAYDVFGTPRPDSYYAQEQRSIPLVTDRFEAKQQVETFLEQ
LK
;
E,e
6 'polypeptide(L)' SYPIFTVRWVAVHTLAVPTIFFLGAIAAMQFIQR F,f
7 'polypeptide(L)' ARRTWLGDILRPLNSEYGKVAPGWGTTPLMAVFMGLFLVFLLIILEIYNSTLILDGVNVSWKALG H,h
8 'polypeptide(L)' (FME)ETLKITVYIVVTFFVLLFVFGFLSGDPARNPKRKD I,i
9 'polypeptide(L)' GGRIPLWIVATVAGMGVIVIVGLFFYGAYAGLGSSL J,j
10 'polypeptide(L)' KLPEAYAIFDPLVDVLPVIPVLFLALAFVWQAAVGFR K,k
11 'polypeptide(L)' MEPNPNRQPVELNRTSLYLGLLLILVLALLFSSYFFN L,l
12 'polypeptide(L)' (FME)EVNQLGLIATALFVLVPSVFLIILYVQTESQQ M,m
13 'polypeptide(L)'
;QTLTYDDIVGTGLANKCPTLDDTARGAYPIDSSQTYRIARLCLQPTTFLVKEEPKNKRQEAEFVPTKLVTRETTSLDQIQ
GELKVNSDGSLTFVEEDGIDFQPVTVQMAGGERIPLLFTVKNLVASTQPNVTSITTSTDFKGEFNVPSYRTANFLDPKGR
GLASGYDSAIALPQAKEEELARANVKRFSLTKGQISLNVAKVDGRTGEIAGTFESEQLSDDDMGAHEPHEVKIQGVFYAS
IEPA
;
O,o
14 'polypeptide(L)' (FME)ETITYVFIFACIIALFFFAIFFREPPRIT T,t
15 'polypeptide(L)'
;ELVNVVDEKLGTAYGEKIDLNNTNIAAFIQYRGLYPTLAKLIVKNAPYESVEDVLNIPGLTERQKQILRENLEHFTVTEV
ETALVEGGDRYNNGLYK
;
U,u
16 'polypeptide(L)'
;AELTPEVLTVPLNSEGKTITLTEKQYLEGKRLFQYACASCHVGGITKTNPSLDLRTETLALATPPRDNIEGLVDYMKNPT
TYDGEQEIAEVHPSLRSADIFPKMRNLTEKDLVAIAGHILVEPKILGDKWGGGKVYY
;
V,v
17 'polypeptide(L)' EVIAQLTMIAMIGIAGPMIIFLLAVRRGNL Y,y
18 'polypeptide(L)' TITPSLKGFFIGLLSGAVVLGLTFAVLIAISQIDKVQR X,x
19 'polypeptide(L)' MTILFQLALAALVILSFVMVIGVPVAYASPQDWDRSKQLIFLGSGLWIALVLVVGVLNFFVV Z,z
20 'polypeptide(L)' DWRVLVVLLPVLLAAGWAVRNILPYAVKQVQKLL R,r
#
# COMPACT_ATOMS: atom_id res chain seq x y z
N ALA A 1 56.73 8.82 -27.05
CA ALA A 1 56.97 8.87 -25.61
C ALA A 1 56.65 10.26 -25.07
N ASN A 2 56.31 11.19 -25.98
CA ASN A 2 55.99 12.57 -25.64
C ASN A 2 54.52 12.73 -25.23
N LEU A 3 54.26 13.72 -24.37
CA LEU A 3 53.02 13.73 -23.59
C LEU A 3 51.79 13.84 -24.48
N TRP A 4 51.76 14.82 -25.37
CA TRP A 4 50.62 14.91 -26.26
C TRP A 4 50.45 13.62 -27.03
N GLU A 5 51.55 12.99 -27.43
CA GLU A 5 51.41 11.78 -28.23
C GLU A 5 50.83 10.63 -27.41
N ARG A 6 51.18 10.55 -26.12
CA ARG A 6 50.59 9.50 -25.29
C ARG A 6 49.09 9.74 -25.08
N PHE A 7 48.70 10.99 -24.84
CA PHE A 7 47.29 11.34 -24.70
C PHE A 7 46.51 10.99 -25.96
N CYS A 8 47.00 11.43 -27.11
CA CYS A 8 46.42 11.09 -28.41
C CYS A 8 46.22 9.60 -28.62
N ASN A 9 47.07 8.78 -28.02
CA ASN A 9 46.98 7.34 -28.21
C ASN A 9 45.92 6.75 -27.31
N TRP A 10 45.82 7.28 -26.11
CA TRP A 10 44.72 6.91 -25.24
C TRP A 10 43.38 7.36 -25.86
N VAL A 11 43.32 8.56 -26.47
CA VAL A 11 42.03 9.03 -27.00
C VAL A 11 41.54 8.06 -28.07
N THR A 12 42.44 7.66 -28.98
CA THR A 12 42.08 6.82 -30.12
C THR A 12 42.32 5.35 -29.86
N SER A 13 42.59 4.95 -28.62
CA SER A 13 42.89 3.57 -28.35
C SER A 13 41.67 2.70 -28.65
N THR A 14 41.90 1.66 -29.44
CA THR A 14 40.90 0.64 -29.63
C THR A 14 40.82 -0.30 -28.45
N ASP A 15 41.52 0.00 -27.35
CA ASP A 15 41.53 -0.89 -26.20
C ASP A 15 40.66 -0.42 -25.05
N ASN A 16 40.19 0.83 -25.08
CA ASN A 16 39.22 1.28 -24.09
C ASN A 16 37.89 0.54 -24.25
N ARG A 17 37.35 0.07 -23.11
CA ARG A 17 36.06 -0.63 -23.09
C ARG A 17 35.00 0.12 -23.88
N LEU A 18 34.92 1.41 -23.69
CA LEU A 18 34.17 2.25 -24.59
C LEU A 18 35.16 3.15 -25.33
N TYR A 19 34.98 3.26 -26.65
CA TYR A 19 35.87 4.10 -27.45
C TYR A 19 35.59 5.57 -27.25
N VAL A 20 36.65 6.35 -27.07
CA VAL A 20 36.56 7.80 -27.01
C VAL A 20 36.67 8.43 -28.39
N GLY A 21 37.89 8.64 -28.88
CA GLY A 21 38.10 9.32 -30.15
C GLY A 21 37.93 10.83 -30.03
N TRP A 22 38.35 11.53 -31.09
CA TRP A 22 38.30 12.99 -31.11
C TRP A 22 36.87 13.51 -31.13
N PHE A 23 35.95 12.80 -31.82
CA PHE A 23 34.53 13.13 -31.68
C PHE A 23 34.00 12.85 -30.28
N GLY A 24 34.48 11.80 -29.63
CA GLY A 24 34.06 11.52 -28.27
C GLY A 24 34.50 12.59 -27.30
N VAL A 25 35.55 13.30 -27.65
CA VAL A 25 36.08 14.36 -26.81
C VAL A 25 35.06 15.48 -26.65
N ILE A 26 34.24 15.75 -27.69
CA ILE A 26 33.14 16.73 -27.57
C ILE A 26 31.86 16.09 -27.02
N MET A 27 31.53 14.85 -27.44
CA MET A 27 30.23 14.23 -27.14
C MET A 27 30.04 13.95 -25.65
N ILE A 28 31.06 13.44 -25.00
CA ILE A 28 30.91 13.07 -23.61
C ILE A 28 30.54 14.26 -22.77
N PRO A 29 31.21 15.39 -22.85
CA PRO A 29 30.79 16.50 -21.99
C PRO A 29 29.40 16.96 -22.34
N THR A 30 29.10 17.14 -23.64
CA THR A 30 27.81 17.68 -24.03
C THR A 30 26.66 16.72 -23.69
N LEU A 31 26.88 15.39 -23.79
CA LEU A 31 25.82 14.45 -23.43
C LEU A 31 25.66 14.33 -21.92
N LEU A 32 26.70 14.54 -21.13
CA LEU A 32 26.48 14.58 -19.71
C LEU A 32 25.77 15.86 -19.32
N ALA A 33 26.07 16.97 -19.99
CA ALA A 33 25.43 18.22 -19.62
C ALA A 33 23.95 18.17 -19.91
N ALA A 34 23.59 17.63 -21.08
CA ALA A 34 22.20 17.50 -21.48
C ALA A 34 21.50 16.49 -20.60
N THR A 35 22.16 15.38 -20.32
CA THR A 35 21.54 14.35 -19.54
C THR A 35 21.34 14.79 -18.10
N ILE A 36 22.37 15.38 -17.47
CA ILE A 36 22.18 15.78 -16.08
C ILE A 36 21.11 16.84 -15.99
N CYS A 37 21.05 17.76 -16.95
CA CYS A 37 20.05 18.82 -16.83
C CYS A 37 18.66 18.25 -17.08
N PHE A 38 18.53 17.36 -18.07
CA PHE A 38 17.24 16.76 -18.31
C PHE A 38 16.71 16.07 -17.05
N VAL A 39 17.55 15.28 -16.38
CA VAL A 39 17.05 14.48 -15.28
C VAL A 39 16.54 15.36 -14.18
N ILE A 40 17.27 16.43 -13.87
CA ILE A 40 16.85 17.35 -12.81
C ILE A 40 15.59 18.11 -13.22
N ALA A 41 15.55 18.66 -14.43
CA ALA A 41 14.37 19.36 -14.88
C ALA A 41 13.13 18.47 -14.80
N PHE A 42 13.22 17.25 -15.35
CA PHE A 42 12.04 16.38 -15.43
C PHE A 42 11.46 16.15 -14.05
N ILE A 43 12.32 15.95 -13.05
CA ILE A 43 11.88 15.70 -11.69
C ILE A 43 11.45 17.02 -11.01
N ALA A 44 12.23 18.10 -11.17
CA ALA A 44 12.01 19.23 -10.25
C ALA A 44 11.91 20.64 -10.83
N ALA A 45 11.75 20.83 -12.12
CA ALA A 45 11.65 22.19 -12.63
C ALA A 45 10.29 22.79 -12.29
N PRO A 46 10.23 24.07 -11.90
CA PRO A 46 8.93 24.73 -11.81
C PRO A 46 8.32 24.97 -13.18
N PRO A 47 7.08 25.38 -13.21
CA PRO A 47 6.38 25.49 -14.49
C PRO A 47 6.99 26.55 -15.39
N VAL A 48 6.72 26.42 -16.70
CA VAL A 48 7.41 27.19 -17.72
C VAL A 48 6.40 27.89 -18.60
N ASP A 49 6.60 29.21 -18.88
CA ASP A 49 5.65 29.96 -19.71
C ASP A 49 5.98 29.80 -21.20
N ILE A 50 5.76 28.59 -21.70
CA ILE A 50 6.11 28.20 -23.06
C ILE A 50 5.56 29.17 -24.09
N ASP A 51 4.31 29.62 -23.93
CA ASP A 51 3.64 30.34 -24.99
C ASP A 51 3.77 31.84 -24.84
N GLY A 52 4.48 32.31 -23.81
CA GLY A 52 4.87 33.71 -23.68
C GLY A 52 3.71 34.56 -23.24
N ILE A 53 2.67 33.95 -22.64
CA ILE A 53 1.44 34.65 -22.31
C ILE A 53 1.24 34.59 -20.81
N ARG A 54 2.35 34.45 -20.09
CA ARG A 54 2.33 34.39 -18.64
C ARG A 54 1.28 33.39 -18.19
N GLU A 55 1.34 32.18 -18.78
CA GLU A 55 0.43 31.08 -18.49
C GLU A 55 1.29 29.84 -18.40
N PRO A 56 1.93 29.63 -17.28
CA PRO A 56 2.97 28.60 -17.24
C PRO A 56 2.40 27.20 -17.15
N VAL A 57 3.13 26.27 -17.75
CA VAL A 57 2.70 24.90 -17.90
C VAL A 57 3.59 24.05 -17.01
N SER A 58 2.97 23.25 -16.14
CA SER A 58 3.75 22.41 -15.23
C SER A 58 4.16 21.14 -15.94
N GLY A 59 5.45 20.80 -15.85
CA GLY A 59 5.98 19.64 -16.54
C GLY A 59 6.70 18.64 -15.67
N SER A 60 7.16 19.01 -14.47
CA SER A 60 7.96 18.12 -13.65
C SER A 60 7.11 17.26 -12.70
N LEU A 61 7.77 16.24 -12.14
CA LEU A 61 7.10 15.31 -11.23
C LEU A 61 6.71 15.97 -9.92
N LEU A 62 7.62 16.73 -9.28
CA LEU A 62 7.25 17.30 -7.99
C LEU A 62 6.14 18.33 -8.12
N TYR A 63 5.82 18.80 -9.33
CA TYR A 63 4.73 19.74 -9.54
C TYR A 63 3.44 19.11 -10.08
N GLY A 64 3.18 17.85 -9.75
CA GLY A 64 1.93 17.24 -10.11
C GLY A 64 1.90 16.40 -11.36
N ASN A 65 3.04 15.98 -11.88
CA ASN A 65 3.05 15.20 -13.10
C ASN A 65 3.44 13.76 -12.81
N ASN A 66 3.08 12.87 -13.73
CA ASN A 66 3.51 11.48 -13.73
C ASN A 66 4.42 11.25 -14.95
N ILE A 67 4.79 9.99 -15.18
CA ILE A 67 5.76 9.68 -16.23
C ILE A 67 5.18 9.99 -17.58
N ILE A 68 3.87 9.92 -17.72
CA ILE A 68 3.26 10.07 -19.02
C ILE A 68 3.01 11.53 -19.36
N THR A 69 2.68 12.35 -18.37
CA THR A 69 2.37 13.75 -18.63
C THR A 69 3.56 14.69 -18.46
N GLY A 70 4.65 14.24 -17.85
CA GLY A 70 5.76 15.11 -17.62
C GLY A 70 6.54 15.44 -18.88
N ALA A 71 7.24 16.57 -18.80
CA ALA A 71 8.06 17.08 -19.89
C ALA A 71 8.98 18.19 -19.40
N VAL A 72 10.12 18.33 -20.08
CA VAL A 72 10.85 19.59 -20.00
C VAL A 72 10.23 20.50 -21.05
N VAL A 73 9.69 21.62 -20.59
CA VAL A 73 8.81 22.45 -21.41
C VAL A 73 9.65 23.38 -22.29
N PRO A 74 9.33 23.51 -23.59
CA PRO A 74 10.00 24.48 -24.48
C PRO A 74 10.06 25.90 -23.95
N SER A 75 11.08 26.65 -24.40
CA SER A 75 11.34 27.99 -23.90
C SER A 75 10.30 28.98 -24.40
N SER A 76 10.23 30.13 -23.75
CA SER A 76 9.08 31.00 -23.90
C SER A 76 9.08 31.67 -25.25
N ASN A 77 7.86 31.87 -25.78
CA ASN A 77 7.67 32.49 -27.08
C ASN A 77 8.11 33.95 -27.06
N ALA A 78 8.21 34.57 -25.87
CA ALA A 78 8.77 35.93 -25.79
C ALA A 78 10.23 35.96 -26.25
N ILE A 79 10.96 34.85 -26.06
CA ILE A 79 12.35 34.69 -26.49
C ILE A 79 12.47 34.38 -28.01
N GLY A 80 11.47 33.74 -28.62
CA GLY A 80 11.54 33.39 -30.04
C GLY A 80 12.73 32.49 -30.30
N LEU A 81 13.61 32.89 -31.23
CA LEU A 81 14.83 32.16 -31.53
C LEU A 81 16.06 32.74 -30.83
N HIS A 82 15.86 33.71 -29.95
CA HIS A 82 16.98 34.30 -29.24
C HIS A 82 17.68 33.27 -28.36
N PHE A 83 19.00 33.37 -28.35
CA PHE A 83 19.85 32.59 -27.46
C PHE A 83 19.63 33.00 -26.01
N TYR A 84 19.51 32.02 -25.12
CA TYR A 84 19.15 32.26 -23.71
C TYR A 84 19.95 31.33 -22.83
N PRO A 85 21.25 31.51 -22.75
CA PRO A 85 22.03 30.79 -21.75
C PRO A 85 21.67 31.25 -20.35
N ILE A 86 22.10 30.46 -19.36
CA ILE A 86 21.96 30.86 -17.97
C ILE A 86 22.46 32.28 -17.71
N TRP A 87 23.60 32.65 -18.29
CA TRP A 87 24.20 33.94 -17.95
C TRP A 87 23.51 35.13 -18.56
N GLU A 88 22.47 34.93 -19.37
CA GLU A 88 21.70 36.05 -19.87
C GLU A 88 20.51 36.37 -19.00
N ALA A 89 20.28 35.62 -17.93
CA ALA A 89 19.14 35.79 -17.04
C ALA A 89 19.56 36.53 -15.78
N ALA A 90 18.70 37.44 -15.34
CA ALA A 90 18.86 38.08 -14.03
C ALA A 90 19.06 37.06 -12.92
N SER A 91 18.47 35.89 -13.06
CA SER A 91 18.61 34.90 -12.01
C SER A 91 18.13 33.55 -12.52
N LEU A 92 18.59 32.50 -11.85
CA LEU A 92 18.12 31.15 -12.15
C LEU A 92 16.60 31.11 -12.11
N ASP A 93 15.97 31.86 -11.21
CA ASP A 93 14.52 31.80 -11.10
C ASP A 93 13.84 32.30 -12.38
N GLU A 94 14.34 33.40 -12.94
CA GLU A 94 13.92 33.85 -14.26
C GLU A 94 14.20 32.80 -15.34
N TRP A 95 15.42 32.30 -15.39
CA TRP A 95 15.76 31.28 -16.37
C TRP A 95 14.81 30.10 -16.36
N LEU A 96 14.35 29.70 -15.18
CA LEU A 96 13.45 28.55 -15.07
C LEU A 96 12.02 28.87 -15.55
N TYR A 97 11.47 30.02 -15.14
CA TYR A 97 10.15 30.46 -15.62
C TYR A 97 10.13 30.53 -17.14
N ASN A 98 11.18 31.06 -17.76
CA ASN A 98 11.16 31.31 -19.20
C ASN A 98 11.54 30.08 -20.05
N GLY A 99 11.78 28.94 -19.42
CA GLY A 99 12.08 27.74 -20.15
C GLY A 99 13.52 27.59 -20.55
N GLY A 100 14.44 28.22 -19.79
CA GLY A 100 15.85 28.09 -20.05
C GLY A 100 16.41 26.68 -20.19
N PRO A 101 15.98 25.73 -19.35
CA PRO A 101 16.57 24.40 -19.41
C PRO A 101 16.37 23.67 -20.75
N TYR A 102 15.27 23.93 -21.43
CA TYR A 102 15.07 23.31 -22.73
C TYR A 102 16.20 23.62 -23.68
N GLN A 103 16.53 24.92 -23.82
CA GLN A 103 17.59 25.33 -24.72
C GLN A 103 18.91 24.64 -24.39
N LEU A 104 19.28 24.65 -23.12
CA LEU A 104 20.48 23.96 -22.71
C LEU A 104 20.49 22.50 -23.16
N ILE A 105 19.39 21.78 -22.89
CA ILE A 105 19.35 20.35 -23.17
C ILE A 105 19.46 20.10 -24.67
N ILE A 106 18.66 20.80 -25.47
CA ILE A 106 18.61 20.41 -26.88
C ILE A 106 19.91 20.77 -27.58
N PHE A 107 20.56 21.87 -27.20
CA PHE A 107 21.79 22.26 -27.88
C PHE A 107 22.92 21.28 -27.56
N HIS A 108 23.09 20.95 -26.29
CA HIS A 108 24.11 19.97 -25.96
C HIS A 108 23.81 18.63 -26.60
N PHE A 109 22.54 18.24 -26.60
CA PHE A 109 22.14 16.97 -27.20
C PHE A 109 22.47 16.93 -28.68
N LEU A 110 21.94 17.88 -29.46
CA LEU A 110 22.21 17.82 -30.89
C LEU A 110 23.70 17.80 -31.16
N LEU A 111 24.46 18.57 -30.39
CA LEU A 111 25.89 18.55 -30.57
C LEU A 111 26.42 17.14 -30.39
N GLY A 112 26.18 16.55 -29.21
CA GLY A 112 26.74 15.25 -28.91
C GLY A 112 26.18 14.13 -29.73
N ALA A 113 24.98 14.29 -30.23
CA ALA A 113 24.47 13.28 -31.15
C ALA A 113 25.09 13.41 -32.52
N SER A 114 25.37 14.65 -32.95
CA SER A 114 26.21 14.87 -34.14
C SER A 114 27.59 14.24 -33.98
N CYS A 115 28.18 14.33 -32.80
CA CYS A 115 29.47 13.71 -32.58
C CYS A 115 29.33 12.22 -32.42
N TYR A 116 28.18 11.79 -31.95
CA TYR A 116 27.91 10.38 -31.89
C TYR A 116 28.01 9.76 -33.25
N MET A 117 27.48 10.46 -34.26
CA MET A 117 27.54 9.93 -35.61
C MET A 117 28.98 9.91 -36.08
N GLY A 118 29.71 11.03 -35.86
CA GLY A 118 31.12 11.07 -36.17
C GLY A 118 31.90 9.93 -35.56
N ARG A 119 31.65 9.64 -34.29
CA ARG A 119 32.28 8.54 -33.57
C ARG A 119 32.01 7.20 -34.23
N GLN A 120 30.84 7.02 -34.85
CA GLN A 120 30.59 5.80 -35.62
C GLN A 120 31.52 5.69 -36.82
N TRP A 121 31.76 6.80 -37.53
CA TRP A 121 32.80 6.77 -38.55
C TRP A 121 34.16 6.50 -37.91
N GLU A 122 34.50 7.22 -36.86
CA GLU A 122 35.88 7.18 -36.40
C GLU A 122 36.30 5.77 -36.03
N LEU A 123 35.53 5.11 -35.17
CA LEU A 123 35.95 3.79 -34.72
C LEU A 123 35.93 2.79 -35.86
N SER A 124 35.04 2.98 -36.85
CA SER A 124 35.02 2.09 -38.00
C SER A 124 36.35 2.17 -38.75
N TYR A 125 36.92 3.36 -38.81
CA TYR A 125 38.19 3.53 -39.48
C TYR A 125 39.31 2.86 -38.70
N ARG A 126 39.26 2.91 -37.36
CA ARG A 126 40.30 2.33 -36.51
C ARG A 126 40.23 0.81 -36.40
N LEU A 127 39.12 0.17 -36.82
CA LEU A 127 39.03 -1.28 -36.82
C LEU A 127 39.15 -1.87 -38.22
N GLY A 128 39.21 -1.05 -39.25
CA GLY A 128 39.35 -1.58 -40.59
C GLY A 128 38.04 -2.08 -41.14
N MET A 129 36.95 -1.42 -40.78
CA MET A 129 35.63 -1.70 -41.32
C MET A 129 35.32 -0.80 -42.50
N ARG A 130 34.25 -1.15 -43.19
CA ARG A 130 33.63 -0.21 -44.11
C ARG A 130 32.90 0.85 -43.31
N PRO A 131 32.66 2.05 -43.90
CA PRO A 131 32.50 3.26 -43.07
C PRO A 131 31.08 3.74 -42.80
N TRP A 132 30.11 3.10 -43.42
CA TRP A 132 28.84 3.74 -43.69
C TRP A 132 27.75 3.47 -42.68
N ILE A 133 28.05 2.79 -41.57
CA ILE A 133 27.03 2.67 -40.53
C ILE A 133 26.54 4.04 -40.12
N CYS A 134 27.45 5.03 -40.08
CA CYS A 134 27.06 6.38 -39.64
C CYS A 134 26.04 7.01 -40.59
N VAL A 135 26.10 6.66 -41.89
CA VAL A 135 25.08 7.09 -42.83
C VAL A 135 23.70 6.61 -42.42
N ALA A 136 23.61 5.37 -41.92
CA ALA A 136 22.34 4.82 -41.47
C ALA A 136 21.77 5.62 -40.30
N TYR A 137 22.62 5.90 -39.31
CA TYR A 137 22.21 6.66 -38.12
C TYR A 137 21.85 8.09 -38.48
N SER A 138 22.29 8.58 -39.63
CA SER A 138 21.95 9.95 -39.98
C SER A 138 20.46 10.12 -40.27
N ALA A 139 19.73 9.01 -40.52
CA ALA A 139 18.29 9.15 -40.75
C ALA A 139 17.58 9.52 -39.48
N PRO A 140 17.75 8.79 -38.35
CA PRO A 140 17.20 9.28 -37.08
C PRO A 140 17.77 10.61 -36.66
N LEU A 141 19.09 10.80 -36.72
CA LEU A 141 19.64 12.07 -36.27
C LEU A 141 19.03 13.23 -37.04
N ALA A 142 18.80 13.08 -38.34
CA ALA A 142 18.16 14.13 -39.10
C ALA A 142 16.76 14.42 -38.60
N SER A 143 16.07 13.36 -38.15
CA SER A 143 14.73 13.53 -37.60
C SER A 143 14.75 14.38 -36.33
N ALA A 144 15.76 14.20 -35.49
CA ALA A 144 15.82 14.97 -34.25
C ALA A 144 16.15 16.44 -34.53
N PHE A 145 17.03 16.70 -35.50
CA PHE A 145 17.30 18.06 -35.93
C PHE A 145 16.03 18.73 -36.42
N ALA A 146 15.17 17.95 -37.05
CA ALA A 146 13.96 18.52 -37.62
C ALA A 146 13.01 19.04 -36.55
N VAL A 147 12.77 18.26 -35.48
CA VAL A 147 11.75 18.65 -34.52
C VAL A 147 12.30 19.54 -33.43
N PHE A 148 13.61 19.51 -33.19
CA PHE A 148 14.20 20.38 -32.18
C PHE A 148 14.82 21.67 -32.74
N LEU A 149 15.23 21.74 -34.02
CA LEU A 149 15.94 22.95 -34.50
C LEU A 149 15.28 23.53 -35.75
N ILE A 150 15.12 22.72 -36.78
CA ILE A 150 14.64 23.20 -38.07
C ILE A 150 13.21 23.71 -37.96
N TYR A 151 12.31 22.92 -37.38
CA TYR A 151 10.93 23.36 -37.34
C TYR A 151 10.87 24.66 -36.54
N PRO A 152 11.56 24.80 -35.41
CA PRO A 152 11.57 26.08 -34.70
C PRO A 152 12.14 27.25 -35.50
N ILE A 153 13.08 27.02 -36.41
CA ILE A 153 13.64 28.15 -37.13
C ILE A 153 12.61 28.76 -38.07
N GLY A 154 11.97 27.92 -38.88
CA GLY A 154 11.04 28.46 -39.86
C GLY A 154 9.74 28.96 -39.25
N GLN A 155 9.35 28.40 -38.11
CA GLN A 155 8.19 28.94 -37.41
C GLN A 155 8.54 30.10 -36.48
N GLY A 156 9.81 30.35 -36.23
CA GLY A 156 10.20 31.54 -35.52
C GLY A 156 10.39 31.37 -34.04
N SER A 157 10.27 30.16 -33.50
CA SER A 157 10.30 30.09 -32.04
C SER A 157 10.71 28.70 -31.53
N PHE A 158 11.49 28.71 -30.45
CA PHE A 158 11.75 27.41 -29.87
C PHE A 158 10.55 26.86 -29.12
N SER A 159 9.55 27.70 -28.84
CA SER A 159 8.28 27.31 -28.25
C SER A 159 7.44 26.38 -29.12
N ASP A 160 7.80 26.18 -30.40
CA ASP A 160 7.12 25.22 -31.26
C ASP A 160 8.03 24.07 -31.65
N GLY A 161 9.19 23.96 -31.02
CA GLY A 161 9.92 22.70 -31.02
C GLY A 161 9.24 21.69 -30.12
N MET A 162 9.55 20.42 -30.35
CA MET A 162 8.92 19.31 -29.62
C MET A 162 9.27 19.32 -28.13
N PRO A 163 8.28 19.31 -27.23
CA PRO A 163 8.55 19.07 -25.82
C PRO A 163 9.31 17.77 -25.62
N LEU A 164 10.13 17.74 -24.57
CA LEU A 164 10.80 16.52 -24.16
C LEU A 164 9.87 15.87 -23.16
N GLY A 165 8.86 15.16 -23.68
CA GLY A 165 7.87 14.53 -22.84
C GLY A 165 6.91 13.71 -23.67
N ILE A 166 6.28 12.76 -23.01
CA ILE A 166 5.46 11.77 -23.70
C ILE A 166 4.15 12.41 -24.20
N SER A 167 3.39 13.08 -23.33
CA SER A 167 2.21 13.83 -23.76
C SER A 167 2.55 15.09 -24.60
N GLY A 168 3.66 15.79 -24.24
CA GLY A 168 4.11 16.92 -25.06
C GLY A 168 4.46 16.53 -26.48
N THR A 169 5.07 15.37 -26.67
CA THR A 169 5.21 14.81 -28.00
C THR A 169 3.87 14.74 -28.72
N PHE A 170 2.84 14.16 -28.06
CA PHE A 170 1.52 14.09 -28.66
C PHE A 170 0.93 15.49 -28.91
N ASN A 171 1.13 16.44 -27.99
CA ASN A 171 0.69 17.80 -28.27
C ASN A 171 1.32 18.30 -29.58
N PHE A 172 2.62 18.13 -29.70
CA PHE A 172 3.32 18.56 -30.90
C PHE A 172 2.72 17.93 -32.16
N MET A 173 2.42 16.62 -32.14
CA MET A 173 2.00 16.01 -33.40
C MET A 173 0.54 16.30 -33.74
N ILE A 174 -0.28 16.59 -32.76
CA ILE A 174 -1.63 17.05 -33.06
C ILE A 174 -1.58 18.40 -33.76
N VAL A 175 -0.89 19.38 -33.17
CA VAL A 175 -0.85 20.75 -33.69
C VAL A 175 -0.26 20.79 -35.08
N PHE A 176 0.74 19.94 -35.35
CA PHE A 176 1.38 19.87 -36.66
C PHE A 176 0.39 19.48 -37.73
N GLN A 177 -0.58 18.63 -37.38
CA GLN A 177 -1.56 18.16 -38.36
C GLN A 177 -2.58 19.25 -38.68
N ALA A 178 -3.10 19.93 -37.66
CA ALA A 178 -3.94 21.09 -37.89
C ALA A 178 -3.28 22.16 -38.73
N GLU A 179 -1.97 22.36 -38.58
CA GLU A 179 -1.32 23.47 -39.30
C GLU A 179 -0.68 23.07 -40.62
N HIS A 180 -0.42 21.80 -40.87
CA HIS A 180 0.30 21.44 -42.07
C HIS A 180 -0.31 20.31 -42.86
N ASN A 181 -1.41 19.69 -42.39
CA ASN A 181 -1.97 18.44 -42.94
C ASN A 181 -0.85 17.43 -43.26
N ILE A 182 -0.10 17.05 -42.22
CA ILE A 182 1.06 16.22 -42.48
C ILE A 182 0.67 14.82 -43.01
N LEU A 183 -0.53 14.32 -42.68
CA LEU A 183 -0.94 12.99 -43.12
C LEU A 183 -1.07 12.94 -44.65
N MET A 184 -1.67 13.97 -45.25
CA MET A 184 -1.74 14.21 -46.68
C MET A 184 -0.43 14.67 -47.28
N HIS A 185 0.62 14.64 -46.60
CA HIS A 185 1.88 15.01 -47.20
C HIS A 185 2.61 13.77 -47.65
N PRO A 186 3.10 13.73 -48.89
CA PRO A 186 3.73 12.51 -49.39
C PRO A 186 4.95 12.07 -48.64
N PHE A 187 5.70 13.00 -48.03
CA PHE A 187 6.95 12.61 -47.40
C PHE A 187 6.66 11.92 -46.07
N HIS A 188 5.57 12.29 -45.41
CA HIS A 188 5.16 11.54 -44.22
C HIS A 188 4.61 10.17 -44.60
N GLN A 189 3.99 10.05 -45.80
CA GLN A 189 3.49 8.77 -46.27
C GLN A 189 4.63 7.82 -46.56
N LEU A 190 5.77 8.36 -46.99
CA LEU A 190 6.96 7.53 -47.22
C LEU A 190 7.64 7.18 -45.92
N GLY A 191 7.47 7.99 -44.89
CA GLY A 191 8.07 7.66 -43.62
C GLY A 191 7.34 6.49 -43.00
N VAL A 192 6.01 6.51 -43.09
CA VAL A 192 5.19 5.36 -42.73
C VAL A 192 5.60 4.14 -43.54
N ALA A 193 5.68 4.28 -44.87
CA ALA A 193 6.13 3.20 -45.73
C ALA A 193 7.50 2.70 -45.28
N GLY A 194 8.35 3.61 -44.80
CA GLY A 194 9.66 3.19 -44.37
C GLY A 194 9.61 2.44 -43.06
N VAL A 195 8.69 2.82 -42.20
CA VAL A 195 8.66 2.37 -40.84
C VAL A 195 7.77 1.14 -40.66
N PHE A 196 6.64 1.07 -41.37
CA PHE A 196 5.94 -0.21 -41.54
C PHE A 196 6.82 -1.20 -42.33
N GLY A 197 7.37 -0.76 -43.46
CA GLY A 197 8.17 -1.67 -44.27
C GLY A 197 9.35 -2.20 -43.50
N GLY A 198 10.00 -1.34 -42.71
CA GLY A 198 11.09 -1.78 -41.87
C GLY A 198 10.68 -2.85 -40.89
N ALA A 199 9.56 -2.64 -40.19
CA ALA A 199 9.10 -3.65 -39.21
C ALA A 199 8.73 -4.97 -39.89
N LEU A 200 8.14 -4.90 -41.08
CA LEU A 200 7.79 -6.10 -41.83
C LEU A 200 9.05 -6.86 -42.23
N PHE A 201 10.04 -6.15 -42.81
CA PHE A 201 11.27 -6.79 -43.24
C PHE A 201 12.10 -7.30 -42.08
N CYS A 202 12.01 -6.63 -40.94
CA CYS A 202 12.65 -7.12 -39.72
C CYS A 202 12.03 -8.48 -39.34
N ALA A 203 10.71 -8.57 -39.40
CA ALA A 203 10.05 -9.83 -39.05
C ALA A 203 10.29 -10.89 -40.11
N MET A 204 10.22 -10.48 -41.39
CA MET A 204 10.45 -11.42 -42.48
C MET A 204 11.85 -12.02 -42.40
N HIS A 205 12.87 -11.16 -42.26
CA HIS A 205 14.25 -11.63 -42.18
C HIS A 205 14.48 -12.46 -40.93
N GLY A 206 13.94 -12.01 -39.81
CA GLY A 206 14.09 -12.78 -38.58
C GLY A 206 13.37 -14.11 -38.61
N SER A 207 12.16 -14.14 -39.17
CA SER A 207 11.47 -15.44 -39.26
C SER A 207 12.16 -16.36 -40.27
N LEU A 208 12.74 -15.82 -41.37
CA LEU A 208 13.27 -16.68 -42.44
C LEU A 208 14.60 -17.29 -42.06
N VAL A 209 15.47 -16.51 -41.44
CA VAL A 209 16.66 -17.08 -40.86
C VAL A 209 16.29 -18.07 -39.78
N THR A 210 15.32 -17.72 -38.92
CA THR A 210 14.94 -18.59 -37.81
C THR A 210 14.32 -19.90 -38.32
N SER A 211 13.62 -19.83 -39.46
CA SER A 211 13.02 -21.02 -40.07
C SER A 211 14.05 -22.00 -40.64
N SER A 212 15.27 -21.55 -40.94
CA SER A 212 16.25 -22.38 -41.64
C SER A 212 17.50 -22.63 -40.79
N LEU A 213 17.37 -22.57 -39.48
CA LEU A 213 18.46 -22.98 -38.62
C LEU A 213 18.76 -24.45 -38.87
N ILE A 214 20.02 -24.75 -38.99
CA ILE A 214 20.48 -26.11 -39.14
C ILE A 214 20.49 -26.78 -37.77
N ARG A 215 20.01 -28.02 -37.73
CA ARG A 215 19.85 -28.70 -36.46
C ARG A 215 21.20 -28.91 -35.81
N GLU A 216 21.32 -28.45 -34.58
CA GLU A 216 22.58 -28.51 -33.87
C GLU A 216 22.35 -28.72 -32.40
N THR A 217 21.10 -28.85 -31.99
CA THR A 217 20.69 -28.95 -30.61
C THR A 217 19.62 -30.03 -30.49
N THR A 218 19.35 -30.41 -29.26
CA THR A 218 18.25 -31.31 -28.95
C THR A 218 17.01 -30.55 -28.49
N GLU A 219 15.92 -31.30 -28.34
CA GLU A 219 14.63 -30.73 -28.00
C GLU A 219 14.67 -30.04 -26.65
N THR A 220 15.61 -30.41 -25.80
CA THR A 220 15.68 -29.83 -24.46
C THR A 220 16.61 -28.62 -24.37
N GLU A 221 17.03 -28.03 -25.48
CA GLU A 221 17.90 -26.87 -25.36
C GLU A 221 17.56 -25.78 -26.37
N SER A 222 17.81 -24.55 -25.95
CA SER A 222 17.78 -23.40 -26.84
C SER A 222 18.60 -23.66 -28.10
N ALA A 223 17.93 -23.62 -29.24
CA ALA A 223 18.63 -23.71 -30.51
C ALA A 223 19.72 -22.66 -30.59
N ASN A 224 19.55 -21.52 -29.89
CA ASN A 224 20.53 -20.45 -29.88
C ASN A 224 21.92 -20.95 -29.53
N TYR A 225 22.01 -21.99 -28.69
CA TYR A 225 23.27 -22.65 -28.38
C TYR A 225 23.85 -23.41 -29.56
N GLY A 226 23.14 -23.49 -30.68
CA GLY A 226 23.70 -24.08 -31.89
C GLY A 226 24.72 -23.19 -32.57
N TYR A 227 24.72 -21.89 -32.27
CA TYR A 227 25.71 -20.97 -32.79
C TYR A 227 26.74 -20.70 -31.69
N LYS A 228 28.03 -20.77 -32.04
CA LYS A 228 29.10 -20.34 -31.17
C LYS A 228 29.74 -19.09 -31.79
N PHE A 229 29.83 -18.04 -31.00
CA PHE A 229 30.45 -16.76 -31.36
C PHE A 229 31.79 -16.94 -32.07
N GLY A 230 31.85 -16.48 -33.32
CA GLY A 230 33.08 -16.54 -34.06
C GLY A 230 33.26 -17.78 -34.87
N GLN A 231 32.23 -18.60 -34.99
CA GLN A 231 32.32 -19.77 -35.84
C GLN A 231 32.43 -19.35 -37.30
N GLU A 232 33.15 -20.15 -38.05
CA GLU A 232 33.41 -19.78 -39.42
C GLU A 232 32.20 -20.08 -40.29
N GLU A 233 31.50 -21.19 -40.05
CA GLU A 233 30.37 -21.56 -40.90
C GLU A 233 29.17 -20.69 -40.61
N GLU A 234 28.33 -20.49 -41.62
CA GLU A 234 27.03 -19.89 -41.40
C GLU A 234 26.14 -20.88 -40.63
N THR A 235 25.11 -20.34 -39.99
CA THR A 235 24.31 -21.07 -39.04
C THR A 235 22.90 -21.34 -39.58
N TYR A 236 22.56 -20.82 -40.76
CA TYR A 236 21.35 -21.21 -41.45
C TYR A 236 21.62 -21.56 -42.91
N ASN A 237 20.65 -22.24 -43.50
CA ASN A 237 20.67 -22.62 -44.91
C ASN A 237 19.85 -21.59 -45.69
N ILE A 238 20.54 -20.68 -46.41
CA ILE A 238 19.85 -19.62 -47.17
C ILE A 238 19.20 -20.20 -48.44
N VAL A 239 19.82 -21.22 -49.06
CA VAL A 239 19.21 -21.87 -50.21
C VAL A 239 17.83 -22.40 -49.85
N ALA A 240 17.72 -23.02 -48.68
CA ALA A 240 16.44 -23.51 -48.19
C ALA A 240 15.47 -22.38 -47.88
N ALA A 241 15.99 -21.27 -47.36
CA ALA A 241 15.16 -20.09 -47.12
C ALA A 241 14.68 -19.48 -48.43
N HIS A 242 15.58 -19.29 -49.39
CA HIS A 242 15.19 -18.86 -50.73
C HIS A 242 14.14 -19.82 -51.29
N GLY A 243 14.40 -21.12 -51.17
CA GLY A 243 13.46 -22.12 -51.67
C GLY A 243 12.07 -22.02 -51.08
N TYR A 244 11.96 -21.62 -49.80
CA TYR A 244 10.64 -21.45 -49.19
C TYR A 244 9.98 -20.15 -49.64
N PHE A 245 10.67 -19.00 -49.44
CA PHE A 245 10.04 -17.72 -49.74
C PHE A 245 9.83 -17.53 -51.24
N GLY A 246 10.73 -18.07 -52.06
CA GLY A 246 10.49 -18.09 -53.47
C GLY A 246 9.15 -18.72 -53.81
N ARG A 247 8.80 -19.82 -53.11
CA ARG A 247 7.57 -20.50 -53.47
C ARG A 247 6.35 -19.86 -52.81
N LEU A 248 6.55 -19.26 -51.65
CA LEU A 248 5.47 -18.50 -51.04
C LEU A 248 5.02 -17.34 -51.91
N ILE A 249 5.91 -16.78 -52.73
CA ILE A 249 5.55 -15.71 -53.66
C ILE A 249 5.74 -16.21 -55.09
N PHE A 250 6.91 -15.90 -55.68
CA PHE A 250 7.48 -16.62 -56.82
C PHE A 250 8.99 -16.45 -56.77
N GLN A 251 9.70 -17.32 -57.50
CA GLN A 251 11.15 -17.50 -57.31
C GLN A 251 11.91 -16.20 -57.35
N TYR A 252 11.49 -15.27 -58.22
CA TYR A 252 12.33 -14.12 -58.51
C TYR A 252 12.03 -12.92 -57.63
N ALA A 253 10.99 -12.96 -56.80
CA ALA A 253 10.75 -11.93 -55.80
C ALA A 253 11.48 -12.21 -54.50
N SER A 254 12.37 -13.20 -54.49
CA SER A 254 13.11 -13.61 -53.29
C SER A 254 14.60 -13.55 -53.59
N PHE A 255 15.36 -13.26 -52.54
CA PHE A 255 16.80 -13.10 -52.62
C PHE A 255 17.54 -14.41 -52.48
N ASN A 256 18.56 -14.61 -53.30
CA ASN A 256 19.48 -15.70 -53.10
C ASN A 256 20.86 -15.19 -52.74
N ASN A 257 21.07 -13.87 -52.69
CA ASN A 257 22.36 -13.27 -52.35
C ASN A 257 22.22 -12.47 -51.06
N SER A 258 23.02 -12.83 -50.05
CA SER A 258 22.85 -12.26 -48.72
C SER A 258 23.22 -10.80 -48.68
N ARG A 259 24.20 -10.38 -49.51
CA ARG A 259 24.65 -8.99 -49.52
C ARG A 259 23.58 -8.05 -50.05
N SER A 260 22.91 -8.41 -51.14
CA SER A 260 21.80 -7.59 -51.61
C SER A 260 20.69 -7.53 -50.58
N LEU A 261 20.46 -8.67 -49.91
CA LEU A 261 19.39 -8.76 -48.93
C LEU A 261 19.66 -7.83 -47.76
N HIS A 262 20.87 -7.93 -47.18
CA HIS A 262 21.13 -7.07 -46.02
C HIS A 262 21.23 -5.61 -46.40
N PHE A 263 21.72 -5.26 -47.61
CA PHE A 263 21.70 -3.86 -48.03
C PHE A 263 20.28 -3.36 -48.25
N PHE A 264 19.41 -4.24 -48.75
CA PHE A 264 18.00 -3.91 -48.83
C PHE A 264 17.43 -3.58 -47.47
N LEU A 265 17.68 -4.42 -46.48
CA LEU A 265 17.19 -4.11 -45.13
C LEU A 265 17.71 -2.75 -44.66
N ALA A 266 18.94 -2.41 -45.00
CA ALA A 266 19.49 -1.14 -44.55
C ALA A 266 18.79 0.02 -45.22
N ALA A 267 18.62 -0.07 -46.54
CA ALA A 267 18.26 1.08 -47.36
C ALA A 267 16.82 1.50 -47.16
N TRP A 268 15.93 0.52 -47.10
CA TRP A 268 14.50 0.81 -47.09
C TRP A 268 14.08 1.72 -45.93
N PRO A 269 14.35 1.38 -44.67
CA PRO A 269 13.91 2.26 -43.57
C PRO A 269 14.76 3.53 -43.48
N VAL A 270 16.00 3.47 -43.93
CA VAL A 270 16.81 4.65 -43.90
C VAL A 270 16.23 5.68 -44.88
N VAL A 271 15.96 5.25 -46.11
CA VAL A 271 15.52 6.22 -47.09
C VAL A 271 14.18 6.80 -46.66
N GLY A 272 13.26 5.94 -46.27
CA GLY A 272 11.95 6.41 -45.90
C GLY A 272 12.01 7.42 -44.78
N VAL A 273 12.91 7.23 -43.84
CA VAL A 273 13.05 8.17 -42.75
C VAL A 273 13.86 9.44 -43.15
N TRP A 274 14.78 9.37 -44.11
CA TRP A 274 15.22 10.62 -44.71
C TRP A 274 14.02 11.45 -45.17
N PHE A 275 13.08 10.83 -45.89
CA PHE A 275 11.98 11.61 -46.42
C PHE A 275 11.11 12.17 -45.31
N THR A 276 10.78 11.38 -44.29
CA THR A 276 9.87 11.92 -43.28
C THR A 276 10.56 13.02 -42.48
N ALA A 277 11.88 12.92 -42.34
CA ALA A 277 12.63 14.01 -41.75
C ALA A 277 12.68 15.22 -42.67
N LEU A 278 12.80 14.99 -43.98
CA LEU A 278 12.69 16.10 -44.92
C LEU A 278 11.30 16.70 -44.90
N GLY A 279 10.27 15.86 -44.71
CA GLY A 279 8.91 16.38 -44.63
C GLY A 279 8.76 17.36 -43.48
N ILE A 280 9.28 17.02 -42.31
CA ILE A 280 9.20 17.92 -41.17
C ILE A 280 10.04 19.16 -41.44
N SER A 281 11.21 18.96 -42.04
CA SER A 281 12.09 20.07 -42.35
C SER A 281 11.47 21.03 -43.36
N THR A 282 10.65 20.51 -44.31
CA THR A 282 10.11 21.40 -45.31
C THR A 282 8.75 21.94 -44.93
N MET A 283 8.01 21.26 -44.06
CA MET A 283 6.80 21.86 -43.55
C MET A 283 7.11 22.96 -42.54
N ALA A 284 8.38 23.03 -42.10
CA ALA A 284 8.89 24.17 -41.34
C ALA A 284 8.81 25.47 -42.15
N PHE A 285 8.90 25.37 -43.48
CA PHE A 285 8.65 26.53 -44.31
C PHE A 285 7.27 26.45 -44.94
N ASN A 286 6.36 25.71 -44.31
CA ASN A 286 4.93 25.80 -44.59
C ASN A 286 4.61 25.43 -46.03
N LEU A 287 5.33 24.46 -46.57
CA LEU A 287 4.94 23.83 -47.83
C LEU A 287 4.20 22.58 -47.38
N ASN A 288 2.89 22.70 -47.30
CA ASN A 288 2.09 21.73 -46.54
C ASN A 288 1.58 20.56 -47.42
N GLY A 289 0.96 19.60 -46.75
CA GLY A 289 0.37 18.47 -47.44
C GLY A 289 -0.76 18.89 -48.36
N PHE A 290 -1.09 17.98 -49.26
CA PHE A 290 -2.09 18.25 -50.26
C PHE A 290 -3.36 18.76 -49.63
N ASN A 291 -3.95 19.78 -50.25
CA ASN A 291 -5.24 20.30 -49.81
C ASN A 291 -6.30 20.07 -50.88
N PHE A 292 -7.25 19.16 -50.61
CA PHE A 292 -8.40 18.93 -51.49
C PHE A 292 -9.71 19.33 -50.80
N ASN A 293 -9.67 20.34 -49.95
CA ASN A 293 -10.90 20.84 -49.35
C ASN A 293 -11.78 21.49 -50.43
N HIS A 294 -12.96 20.88 -50.66
CA HIS A 294 -13.97 21.31 -51.63
C HIS A 294 -13.51 21.09 -53.08
N SER A 295 -12.57 20.19 -53.32
CA SER A 295 -12.17 19.91 -54.68
C SER A 295 -13.28 19.30 -55.55
N VAL A 296 -14.33 18.75 -54.95
CA VAL A 296 -15.39 18.07 -55.70
C VAL A 296 -16.67 18.86 -55.54
N ILE A 297 -17.29 19.21 -56.67
CA ILE A 297 -18.59 19.90 -56.66
C ILE A 297 -19.52 19.34 -57.75
N ASP A 298 -20.82 19.60 -57.58
CA ASP A 298 -21.77 19.08 -58.56
C ASP A 298 -22.08 20.14 -59.62
N ALA A 299 -23.00 19.80 -60.52
CA ALA A 299 -23.34 20.64 -61.65
C ALA A 299 -23.91 21.98 -61.19
N LYS A 300 -24.76 21.98 -60.16
CA LYS A 300 -25.19 23.25 -59.61
C LYS A 300 -24.01 24.01 -59.01
N GLY A 301 -23.02 23.31 -58.47
CA GLY A 301 -21.94 23.93 -57.76
C GLY A 301 -21.94 23.69 -56.27
N ASN A 302 -22.75 22.73 -55.78
CA ASN A 302 -22.70 22.28 -54.40
C ASN A 302 -21.34 21.62 -54.12
N VAL A 303 -20.88 21.74 -52.86
CA VAL A 303 -19.76 20.92 -52.40
C VAL A 303 -20.26 19.49 -52.18
N ILE A 304 -19.49 18.54 -52.68
CA ILE A 304 -19.72 17.15 -52.42
C ILE A 304 -18.54 16.67 -51.61
N ASN A 305 -18.77 16.43 -50.32
CA ASN A 305 -17.66 16.09 -49.44
C ASN A 305 -16.98 14.81 -49.87
N THR A 306 -15.68 14.74 -49.62
CA THR A 306 -14.90 13.52 -49.60
C THR A 306 -14.40 13.27 -48.17
N TRP A 307 -13.64 12.19 -48.00
CA TRP A 307 -12.92 12.00 -46.75
C TRP A 307 -11.92 13.13 -46.46
N ALA A 308 -11.31 13.74 -47.48
CA ALA A 308 -10.47 14.91 -47.19
C ALA A 308 -11.24 15.99 -46.43
N ASP A 309 -12.49 16.25 -46.78
CA ASP A 309 -13.19 17.30 -46.04
C ASP A 309 -13.45 16.88 -44.59
N ILE A 310 -13.68 15.60 -44.36
CA ILE A 310 -13.86 15.13 -43.00
C ILE A 310 -12.60 15.39 -42.17
N ILE A 311 -11.45 14.93 -42.69
CA ILE A 311 -10.13 15.25 -42.16
C ILE A 311 -10.08 16.74 -41.82
N ASN A 312 -10.46 17.59 -42.78
CA ASN A 312 -10.38 19.01 -42.55
C ASN A 312 -11.21 19.45 -41.34
N ARG A 313 -12.38 18.84 -41.15
CA ARG A 313 -13.18 19.19 -39.97
C ARG A 313 -12.44 18.85 -38.69
N ALA A 314 -11.90 17.64 -38.60
CA ALA A 314 -11.07 17.30 -37.46
C ALA A 314 -9.91 18.30 -37.30
N ASN A 315 -9.20 18.58 -38.40
CA ASN A 315 -8.14 19.59 -38.38
C ASN A 315 -8.61 20.91 -37.80
N LEU A 316 -9.84 21.33 -38.12
CA LEU A 316 -10.35 22.61 -37.66
C LEU A 316 -10.52 22.61 -36.15
N GLY A 317 -11.08 21.51 -35.62
CA GLY A 317 -11.25 21.37 -34.19
C GLY A 317 -9.97 21.47 -33.41
N MET A 318 -8.88 21.01 -34.01
CA MET A 318 -7.53 21.23 -33.49
C MET A 318 -7.11 22.69 -33.59
N GLU A 319 -7.27 23.29 -34.78
CA GLU A 319 -6.87 24.66 -34.99
C GLU A 319 -7.49 25.56 -33.91
N VAL A 320 -8.81 25.47 -33.72
CA VAL A 320 -9.48 26.51 -32.95
C VAL A 320 -9.21 26.34 -31.47
N MET A 321 -8.71 25.21 -31.03
CA MET A 321 -8.57 24.99 -29.60
C MET A 321 -7.15 25.16 -29.11
N HIS A 322 -6.19 24.87 -29.96
CA HIS A 322 -4.80 24.84 -29.53
C HIS A 322 -4.38 26.23 -29.10
N GLU A 323 -3.52 26.26 -28.08
CA GLU A 323 -3.07 27.50 -27.42
C GLU A 323 -4.21 28.52 -27.38
N ARG A 324 -5.29 28.12 -26.71
CA ARG A 324 -6.57 28.83 -26.74
C ARG A 324 -6.52 30.31 -26.34
N ASN A 325 -5.50 30.75 -25.59
CA ASN A 325 -5.43 32.13 -25.12
C ASN A 325 -4.40 32.96 -25.87
N ALA A 326 -3.67 32.41 -26.83
CA ALA A 326 -2.44 33.04 -27.30
C ALA A 326 -2.57 33.79 -28.61
N HIS A 327 -3.77 33.87 -29.17
CA HIS A 327 -4.02 34.40 -30.49
C HIS A 327 -4.99 35.56 -30.40
N ASN A 328 -4.58 36.73 -30.90
CA ASN A 328 -5.44 37.91 -30.83
C ASN A 328 -6.04 38.28 -32.17
N PHE A 329 -5.59 37.66 -33.25
CA PHE A 329 -5.97 37.99 -34.61
C PHE A 329 -6.37 36.75 -35.38
N PRO A 330 -7.12 36.89 -36.48
CA PRO A 330 -7.85 35.74 -37.04
C PRO A 330 -7.01 34.64 -37.66
N LEU A 331 -5.78 34.88 -38.02
CA LEU A 331 -4.97 33.85 -38.67
C LEU A 331 -3.84 33.43 -37.75
N ASP A 332 -3.54 32.14 -37.71
CA ASP A 332 -2.40 31.65 -37.00
C ASP A 332 -1.38 31.45 -38.11
N LEU A 333 -0.51 32.44 -38.27
CA LEU A 333 0.46 32.43 -39.35
C LEU A 333 1.82 31.88 -38.93
N ALA A 334 1.95 31.42 -37.68
CA ALA A 334 3.13 30.71 -37.29
C ALA A 334 2.96 30.06 -35.92
N GLY B 1 20.58 -26.90 -20.19
CA GLY B 1 19.41 -27.09 -19.35
C GLY B 1 18.16 -26.57 -20.03
N LEU B 2 17.00 -26.90 -19.48
CA LEU B 2 15.79 -26.37 -20.05
C LEU B 2 15.79 -24.85 -19.94
N PRO B 3 15.42 -24.14 -20.99
CA PRO B 3 15.09 -22.72 -20.83
C PRO B 3 13.85 -22.55 -19.98
N TRP B 4 13.71 -21.34 -19.42
CA TRP B 4 12.62 -21.09 -18.48
C TRP B 4 11.26 -21.36 -19.13
N TYR B 5 11.15 -21.04 -20.42
CA TYR B 5 9.87 -21.06 -21.12
C TYR B 5 9.43 -22.47 -21.51
N ARG B 6 10.25 -23.46 -21.16
CA ARG B 6 10.00 -24.88 -21.42
C ARG B 6 9.97 -25.74 -20.16
N VAL B 7 9.87 -25.16 -18.96
CA VAL B 7 9.96 -26.04 -17.78
C VAL B 7 8.86 -27.11 -17.78
N HIS B 8 7.64 -26.79 -18.21
CA HIS B 8 6.55 -27.74 -17.98
C HIS B 8 6.47 -28.82 -19.06
N THR B 9 7.48 -28.88 -19.95
CA THR B 9 7.54 -29.93 -20.94
C THR B 9 7.90 -31.27 -20.31
N VAL B 10 8.30 -31.28 -19.05
CA VAL B 10 8.65 -32.52 -18.39
C VAL B 10 7.44 -33.43 -18.19
N LEU B 11 6.23 -32.91 -18.36
CA LEU B 11 5.04 -33.71 -18.19
C LEU B 11 4.60 -34.45 -19.44
N ILE B 12 5.24 -34.23 -20.59
CA ILE B 12 4.72 -34.69 -21.89
C ILE B 12 4.66 -36.22 -21.98
N ASN B 13 5.57 -36.92 -21.33
CA ASN B 13 5.56 -38.37 -21.31
C ASN B 13 5.51 -38.91 -19.90
N ASP B 14 4.77 -38.23 -19.02
CA ASP B 14 4.62 -38.65 -17.63
C ASP B 14 3.15 -38.50 -17.25
N PRO B 15 2.32 -39.45 -17.65
CA PRO B 15 0.85 -39.26 -17.48
C PRO B 15 0.42 -38.97 -16.04
N GLY B 16 1.08 -39.56 -15.04
CA GLY B 16 0.69 -39.31 -13.66
C GLY B 16 0.96 -37.89 -13.20
N ARG B 17 2.17 -37.40 -13.44
CA ARG B 17 2.46 -36.03 -13.06
C ARG B 17 1.68 -35.06 -13.93
N LEU B 18 1.29 -35.48 -15.15
CA LEU B 18 0.36 -34.65 -15.91
C LEU B 18 -0.96 -34.57 -15.19
N ILE B 19 -1.45 -35.69 -14.67
CA ILE B 19 -2.70 -35.69 -13.91
C ILE B 19 -2.51 -34.89 -12.63
N ALA B 20 -1.32 -34.95 -12.02
CA ALA B 20 -1.07 -34.18 -10.80
C ALA B 20 -1.05 -32.68 -11.05
N ALA B 21 -0.48 -32.23 -12.16
CA ALA B 21 -0.51 -30.81 -12.50
C ALA B 21 -1.94 -30.38 -12.85
N HIS B 22 -2.67 -31.18 -13.63
CA HIS B 22 -4.06 -30.87 -13.92
C HIS B 22 -4.90 -30.83 -12.67
N LEU B 23 -4.60 -31.68 -11.68
CA LEU B 23 -5.37 -31.63 -10.44
C LEU B 23 -5.07 -30.34 -9.67
N MET B 24 -3.81 -29.92 -9.68
CA MET B 24 -3.45 -28.70 -8.98
C MET B 24 -4.05 -27.46 -9.63
N HIS B 25 -4.08 -27.42 -10.95
CA HIS B 25 -4.76 -26.32 -11.64
C HIS B 25 -6.24 -26.27 -11.24
N THR B 26 -6.89 -27.42 -11.26
CA THR B 26 -8.29 -27.50 -10.85
C THR B 26 -8.46 -27.04 -9.41
N ALA B 27 -7.62 -27.55 -8.51
CA ALA B 27 -7.66 -27.09 -7.13
C ALA B 27 -7.53 -25.57 -7.02
N LEU B 28 -6.59 -24.96 -7.78
CA LEU B 28 -6.42 -23.51 -7.70
C LEU B 28 -7.63 -22.78 -8.25
N VAL B 29 -8.27 -23.31 -9.29
CA VAL B 29 -9.41 -22.62 -9.89
C VAL B 29 -10.63 -22.70 -8.99
N ALA B 30 -10.92 -23.88 -8.41
CA ALA B 30 -11.98 -23.98 -7.41
C ALA B 30 -11.65 -23.14 -6.19
N GLY B 31 -10.38 -23.12 -5.78
CA GLY B 31 -9.97 -22.25 -4.69
C GLY B 31 -10.37 -20.80 -4.95
N TRP B 32 -9.97 -20.28 -6.12
CA TRP B 32 -10.29 -18.92 -6.53
C TRP B 32 -11.81 -18.63 -6.45
N ALA B 33 -12.64 -19.51 -7.03
CA ALA B 33 -14.08 -19.33 -6.98
C ALA B 33 -14.54 -19.11 -5.55
N GLY B 34 -14.08 -19.97 -4.64
CA GLY B 34 -14.44 -19.85 -3.24
C GLY B 34 -14.06 -18.52 -2.62
N SER B 35 -12.83 -18.06 -2.88
CA SER B 35 -12.31 -16.83 -2.26
C SER B 35 -12.97 -15.59 -2.84
N MET B 36 -13.20 -15.59 -4.17
CA MET B 36 -13.89 -14.48 -4.81
C MET B 36 -15.30 -14.32 -4.24
N ALA B 37 -15.98 -15.45 -4.02
CA ALA B 37 -17.34 -15.41 -3.51
C ALA B 37 -17.37 -14.85 -2.10
N LEU B 38 -16.39 -15.24 -1.28
CA LEU B 38 -16.37 -14.78 0.11
C LEU B 38 -16.04 -13.30 0.21
N TYR B 39 -15.11 -12.83 -0.61
CA TYR B 39 -14.83 -11.41 -0.70
C TYR B 39 -16.07 -10.64 -1.16
N GLU B 40 -16.77 -11.18 -2.16
CA GLU B 40 -17.99 -10.54 -2.64
C GLU B 40 -19.04 -10.51 -1.54
N LEU B 41 -19.25 -11.64 -0.86
CA LEU B 41 -20.21 -11.66 0.24
C LEU B 41 -19.85 -10.69 1.36
N ALA B 42 -18.56 -10.60 1.71
CA ALA B 42 -18.09 -9.63 2.69
C ALA B 42 -18.29 -8.19 2.27
N THR B 43 -18.48 -7.90 0.97
CA THR B 43 -18.69 -6.55 0.50
C THR B 43 -20.06 -6.30 -0.12
N PHE B 44 -20.94 -7.29 -0.23
CA PHE B 44 -22.19 -7.03 -0.92
C PHE B 44 -23.18 -6.37 0.04
N ASP B 45 -23.86 -5.37 -0.46
CA ASP B 45 -24.95 -4.75 0.26
C ASP B 45 -26.27 -5.22 -0.35
N PRO B 46 -27.06 -6.03 0.34
CA PRO B 46 -28.33 -6.51 -0.23
C PRO B 46 -29.57 -5.69 0.12
N SER B 47 -29.43 -4.49 0.68
CA SER B 47 -30.59 -3.73 1.15
C SER B 47 -31.41 -3.03 0.07
N ASP B 48 -31.00 -3.01 -1.20
CA ASP B 48 -31.74 -2.29 -2.25
C ASP B 48 -31.46 -2.88 -3.63
N PRO B 49 -32.22 -3.89 -4.04
CA PRO B 49 -32.02 -4.46 -5.37
C PRO B 49 -32.60 -3.65 -6.51
N VAL B 50 -33.04 -2.44 -6.24
CA VAL B 50 -33.65 -1.56 -7.23
C VAL B 50 -32.58 -0.60 -7.72
N LEU B 51 -32.09 0.25 -6.83
CA LEU B 51 -31.07 1.23 -7.18
C LEU B 51 -29.66 0.83 -6.75
N ASN B 52 -29.49 -0.34 -6.15
CA ASN B 52 -28.14 -0.76 -5.83
C ASN B 52 -28.05 -2.27 -6.02
N PRO B 53 -28.40 -2.75 -7.21
CA PRO B 53 -28.22 -4.17 -7.52
C PRO B 53 -26.75 -4.60 -7.53
N MET B 54 -26.56 -5.91 -7.60
CA MET B 54 -25.21 -6.48 -7.60
C MET B 54 -24.32 -5.88 -8.67
N TRP B 55 -24.87 -5.49 -9.84
CA TRP B 55 -24.05 -5.12 -11.00
C TRP B 55 -23.50 -3.70 -10.89
N ARG B 56 -24.06 -2.89 -9.99
CA ARG B 56 -23.50 -1.59 -9.65
C ARG B 56 -22.40 -1.71 -8.62
N GLN B 57 -22.32 -2.85 -7.97
CA GLN B 57 -21.47 -3.06 -6.82
C GLN B 57 -20.20 -3.83 -7.16
N GLY B 58 -19.93 -4.02 -8.44
CA GLY B 58 -18.73 -4.71 -8.87
C GLY B 58 -18.74 -6.20 -8.59
N MET B 59 -19.91 -6.83 -8.61
CA MET B 59 -20.03 -8.26 -8.32
C MET B 59 -19.77 -9.09 -9.58
N PHE B 60 -18.85 -10.02 -9.50
CA PHE B 60 -18.44 -10.74 -10.69
C PHE B 60 -18.97 -12.18 -10.68
N VAL B 61 -18.94 -12.88 -9.53
CA VAL B 61 -19.40 -14.27 -9.46
C VAL B 61 -20.77 -14.43 -8.83
N LEU B 62 -21.14 -13.55 -7.88
CA LEU B 62 -22.53 -13.54 -7.42
C LEU B 62 -23.52 -13.81 -8.54
N PRO B 63 -23.50 -13.02 -9.62
CA PRO B 63 -24.54 -13.18 -10.65
C PRO B 63 -24.55 -14.53 -11.34
N PHE B 64 -23.44 -15.28 -11.33
CA PHE B 64 -23.45 -16.61 -11.93
C PHE B 64 -24.03 -17.63 -10.98
N MET B 65 -23.87 -17.43 -9.67
CA MET B 65 -24.56 -18.27 -8.72
C MET B 65 -26.05 -18.01 -8.80
N ALA B 66 -26.45 -16.74 -8.91
CA ALA B 66 -27.87 -16.45 -9.00
C ALA B 66 -28.46 -16.97 -10.30
N ARG B 67 -27.65 -17.10 -11.35
CA ARG B 67 -28.18 -17.42 -12.65
C ARG B 67 -28.67 -18.85 -12.68
N LEU B 68 -28.02 -19.73 -11.92
CA LEU B 68 -28.43 -21.12 -11.81
C LEU B 68 -29.29 -21.44 -10.58
N GLY B 69 -29.68 -20.46 -9.78
CA GLY B 69 -30.66 -20.66 -8.73
C GLY B 69 -30.20 -20.46 -7.29
N VAL B 70 -28.96 -20.14 -7.00
CA VAL B 70 -28.52 -19.77 -5.65
C VAL B 70 -28.80 -18.29 -5.42
N THR B 71 -29.82 -17.96 -4.64
CA THR B 71 -30.28 -16.59 -4.49
C THR B 71 -30.26 -16.04 -3.07
N GLY B 72 -29.77 -16.80 -2.10
CA GLY B 72 -30.02 -16.50 -0.71
C GLY B 72 -28.79 -16.72 0.13
N SER B 73 -28.84 -16.11 1.31
CA SER B 73 -27.74 -16.11 2.26
C SER B 73 -28.22 -16.71 3.56
N TRP B 74 -27.33 -17.45 4.22
CA TRP B 74 -27.65 -17.89 5.56
C TRP B 74 -27.99 -16.72 6.47
N SER B 75 -27.63 -15.49 6.08
CA SER B 75 -27.92 -14.32 6.89
C SER B 75 -29.38 -13.93 6.82
N GLY B 76 -30.17 -14.62 6.00
CA GLY B 76 -31.60 -14.37 5.87
C GLY B 76 -32.00 -13.55 4.65
N TRP B 77 -31.09 -12.80 4.03
CA TRP B 77 -31.46 -12.05 2.84
C TRP B 77 -31.41 -12.94 1.59
N SER B 78 -32.22 -12.58 0.60
CA SER B 78 -32.03 -13.06 -0.78
C SER B 78 -31.94 -11.84 -1.67
N ILE B 79 -31.48 -12.08 -2.91
CA ILE B 79 -31.18 -10.98 -3.84
C ILE B 79 -32.44 -10.45 -4.49
N THR B 80 -33.56 -11.12 -4.28
CA THR B 80 -34.81 -10.61 -4.76
C THR B 80 -35.40 -9.61 -3.80
N GLY B 81 -34.85 -9.51 -2.62
CA GLY B 81 -35.39 -8.64 -1.62
C GLY B 81 -36.26 -9.31 -0.60
N GLU B 82 -36.60 -10.59 -0.78
CA GLU B 82 -37.37 -11.24 0.25
C GLU B 82 -36.53 -11.34 1.53
N THR B 83 -37.16 -11.00 2.64
CA THR B 83 -36.59 -11.18 3.96
C THR B 83 -37.33 -12.32 4.66
N GLY B 84 -36.61 -13.11 5.43
CA GLY B 84 -37.21 -14.20 6.14
C GLY B 84 -36.94 -15.57 5.55
N ILE B 85 -36.25 -15.64 4.41
CA ILE B 85 -36.09 -16.89 3.69
C ILE B 85 -35.18 -17.81 4.48
N ASP B 86 -34.93 -18.99 3.92
CA ASP B 86 -34.01 -19.99 4.44
C ASP B 86 -33.59 -20.89 3.29
N PRO B 87 -32.38 -20.75 2.78
CA PRO B 87 -32.02 -21.42 1.53
C PRO B 87 -31.51 -22.84 1.65
N GLY B 88 -31.45 -23.39 2.85
CA GLY B 88 -30.83 -24.68 3.00
C GLY B 88 -29.32 -24.55 2.88
N PHE B 89 -28.67 -25.68 2.68
CA PHE B 89 -27.23 -25.61 2.60
C PHE B 89 -26.73 -24.85 1.37
N TRP B 90 -27.50 -24.80 0.28
CA TRP B 90 -27.01 -24.28 -1.01
C TRP B 90 -27.30 -22.77 -1.12
N SER B 91 -26.75 -22.08 -0.15
CA SER B 91 -26.71 -20.64 -0.08
C SER B 91 -25.45 -20.19 -0.77
N PHE B 92 -25.32 -18.87 -0.93
CA PHE B 92 -24.08 -18.30 -1.46
C PHE B 92 -22.89 -18.79 -0.65
N GLU B 93 -23.02 -18.73 0.67
CA GLU B 93 -21.93 -19.17 1.53
C GLU B 93 -21.65 -20.66 1.38
N GLY B 94 -22.70 -21.49 1.26
CA GLY B 94 -22.46 -22.92 1.12
C GLY B 94 -21.81 -23.30 -0.18
N VAL B 95 -22.16 -22.60 -1.27
CA VAL B 95 -21.47 -22.78 -2.54
C VAL B 95 -19.99 -22.49 -2.38
N ALA B 96 -19.66 -21.42 -1.66
CA ALA B 96 -18.27 -21.03 -1.46
C ALA B 96 -17.49 -22.07 -0.67
N LEU B 97 -18.07 -22.54 0.43
CA LEU B 97 -17.43 -23.57 1.24
C LEU B 97 -17.17 -24.83 0.43
N ALA B 98 -18.19 -25.30 -0.29
CA ALA B 98 -18.04 -26.43 -1.17
C ALA B 98 -16.81 -26.28 -2.05
N HIS B 99 -16.70 -25.16 -2.74
CA HIS B 99 -15.59 -25.05 -3.69
C HIS B 99 -14.23 -25.07 -2.98
N ILE B 100 -14.18 -24.61 -1.75
CA ILE B 100 -12.94 -24.64 -0.98
C ILE B 100 -12.61 -26.05 -0.48
N VAL B 101 -13.60 -26.79 0.04
CA VAL B 101 -13.36 -28.19 0.37
C VAL B 101 -12.90 -28.91 -0.86
N LEU B 102 -13.50 -28.58 -1.99
CA LEU B 102 -13.10 -29.24 -3.22
C LEU B 102 -11.65 -28.90 -3.51
N SER B 103 -11.30 -27.64 -3.34
CA SER B 103 -9.94 -27.21 -3.63
C SER B 103 -8.96 -28.00 -2.79
N GLY B 104 -9.34 -28.25 -1.53
CA GLY B 104 -8.46 -28.95 -0.60
C GLY B 104 -8.35 -30.43 -0.91
N LEU B 105 -9.48 -31.06 -1.28
CA LEU B 105 -9.42 -32.46 -1.63
C LEU B 105 -8.68 -32.65 -2.93
N LEU B 106 -8.78 -31.70 -3.84
CA LEU B 106 -8.04 -31.83 -5.10
C LEU B 106 -6.54 -31.70 -4.86
N PHE B 107 -6.17 -30.89 -3.90
CA PHE B 107 -4.76 -30.65 -3.60
C PHE B 107 -4.08 -31.93 -3.10
N LEU B 108 -4.78 -32.67 -2.22
CA LEU B 108 -4.24 -33.94 -1.73
C LEU B 108 -4.09 -34.95 -2.85
N ALA B 109 -5.11 -35.07 -3.68
CA ALA B 109 -5.07 -36.04 -4.77
C ALA B 109 -3.84 -35.80 -5.65
N ALA B 110 -3.47 -34.55 -5.81
CA ALA B 110 -2.34 -34.19 -6.65
C ALA B 110 -1.04 -34.64 -6.03
N CYS B 111 -0.93 -34.52 -4.70
CA CYS B 111 0.24 -35.02 -4.01
C CYS B 111 0.41 -36.51 -4.28
N TRP B 112 -0.70 -37.25 -4.29
CA TRP B 112 -0.64 -38.69 -4.45
C TRP B 112 -0.21 -39.06 -5.87
N HIS B 113 -0.75 -38.37 -6.86
CA HIS B 113 -0.38 -38.72 -8.22
C HIS B 113 1.04 -38.29 -8.58
N TRP B 114 1.50 -37.13 -8.09
CA TRP B 114 2.91 -36.76 -8.31
C TRP B 114 3.83 -37.81 -7.72
N VAL B 115 3.54 -38.31 -6.53
CA VAL B 115 4.45 -39.28 -5.93
C VAL B 115 4.35 -40.64 -6.60
N TYR B 116 3.17 -41.08 -6.95
CA TYR B 116 2.97 -42.39 -7.55
C TYR B 116 2.65 -42.24 -9.01
N TRP B 117 3.64 -41.71 -9.71
CA TRP B 117 3.52 -41.43 -11.11
C TRP B 117 3.60 -42.72 -11.93
N ASP B 118 4.34 -43.71 -11.41
CA ASP B 118 4.65 -44.93 -12.15
C ASP B 118 3.55 -45.97 -11.96
N LEU B 119 2.35 -45.64 -12.44
CA LEU B 119 1.23 -46.56 -12.43
C LEU B 119 1.25 -47.38 -13.70
N GLU B 120 1.26 -48.70 -13.55
CA GLU B 120 1.11 -49.67 -14.62
C GLU B 120 0.01 -49.25 -15.58
N LEU B 121 -1.09 -48.70 -15.07
CA LEU B 121 -2.17 -48.26 -15.93
C LEU B 121 -1.68 -47.43 -17.11
N PHE B 122 -0.63 -46.64 -16.91
CA PHE B 122 -0.16 -45.69 -17.91
C PHE B 122 0.83 -46.31 -18.88
N ARG B 123 1.09 -47.62 -18.77
CA ARG B 123 2.10 -48.29 -19.58
C ARG B 123 1.47 -49.13 -20.68
N ASP B 124 2.03 -49.04 -21.88
CA ASP B 124 1.57 -49.85 -22.97
C ASP B 124 1.95 -51.30 -22.72
N PRO B 125 1.00 -52.23 -22.62
CA PRO B 125 1.35 -53.60 -22.21
C PRO B 125 2.30 -54.31 -23.16
N ARG B 126 2.19 -54.06 -24.47
CA ARG B 126 3.17 -54.62 -25.39
C ARG B 126 4.56 -54.11 -25.07
N THR B 127 4.81 -52.81 -25.28
CA THR B 127 6.14 -52.23 -25.31
C THR B 127 6.69 -51.77 -23.94
N GLY B 128 5.85 -51.65 -22.91
CA GLY B 128 6.32 -51.17 -21.60
C GLY B 128 6.49 -49.66 -21.47
N GLU B 129 6.10 -48.92 -22.46
CA GLU B 129 6.33 -47.51 -22.62
C GLU B 129 5.13 -46.71 -22.16
N PRO B 130 5.33 -45.53 -21.60
CA PRO B 130 4.19 -44.69 -21.27
C PRO B 130 3.42 -44.43 -22.54
N ALA B 131 2.12 -44.54 -22.46
CA ALA B 131 1.31 -44.45 -23.67
C ALA B 131 -0.13 -44.17 -23.28
N LEU B 132 -0.72 -43.16 -23.90
CA LEU B 132 -2.12 -42.83 -23.71
C LEU B 132 -2.83 -43.05 -25.02
N ASP B 133 -3.88 -43.88 -24.99
CA ASP B 133 -4.74 -44.11 -26.14
C ASP B 133 -5.74 -42.95 -26.19
N LEU B 134 -5.32 -41.87 -26.85
CA LEU B 134 -6.14 -40.65 -26.87
C LEU B 134 -7.45 -40.82 -27.63
N PRO B 135 -7.52 -41.60 -28.70
CA PRO B 135 -8.83 -41.77 -29.36
C PRO B 135 -9.89 -42.34 -28.43
N LYS B 136 -9.53 -43.35 -27.62
CA LYS B 136 -10.54 -43.93 -26.75
C LYS B 136 -10.83 -42.99 -25.59
N MET B 137 -9.80 -42.30 -25.11
CA MET B 137 -10.02 -41.32 -24.08
C MET B 137 -11.00 -40.26 -24.56
N PHE B 138 -10.90 -39.85 -25.81
CA PHE B 138 -11.86 -38.86 -26.28
C PHE B 138 -13.29 -39.40 -26.15
N GLY B 139 -13.51 -40.64 -26.58
CA GLY B 139 -14.86 -41.19 -26.56
C GLY B 139 -15.41 -41.32 -25.16
N ILE B 140 -14.55 -41.66 -24.19
CA ILE B 140 -14.96 -41.77 -22.80
C ILE B 140 -15.34 -40.40 -22.24
N HIS B 141 -14.49 -39.42 -22.42
CA HIS B 141 -14.76 -38.11 -21.86
C HIS B 141 -15.96 -37.50 -22.54
N LEU B 142 -16.01 -37.61 -23.88
CA LEU B 142 -17.15 -37.10 -24.65
C LEU B 142 -18.46 -37.67 -24.14
N PHE B 143 -18.47 -38.97 -23.83
CA PHE B 143 -19.67 -39.66 -23.36
C PHE B 143 -20.10 -39.14 -21.99
N LEU B 144 -19.13 -38.96 -21.08
CA LEU B 144 -19.38 -38.24 -19.83
C LEU B 144 -19.88 -36.83 -20.05
N ALA B 145 -19.32 -36.13 -21.02
CA ALA B 145 -19.75 -34.76 -21.23
C ALA B 145 -21.20 -34.73 -21.69
N GLY B 146 -21.62 -35.74 -22.45
CA GLY B 146 -23.00 -35.80 -22.91
C GLY B 146 -23.98 -36.16 -21.80
N LEU B 147 -23.61 -37.13 -20.96
CA LEU B 147 -24.42 -37.43 -19.80
C LEU B 147 -24.69 -36.20 -18.96
N LEU B 148 -23.63 -35.42 -18.71
CA LEU B 148 -23.76 -34.25 -17.84
CA LEU B 148 -23.77 -34.24 -17.84
C LEU B 148 -24.52 -33.14 -18.55
N CYS B 149 -24.20 -32.90 -19.81
CA CYS B 149 -24.93 -31.91 -20.58
C CYS B 149 -26.40 -32.32 -20.67
N PHE B 150 -26.64 -33.62 -20.86
CA PHE B 150 -28.02 -34.09 -20.85
C PHE B 150 -28.68 -33.87 -19.50
N GLY B 151 -28.06 -34.36 -18.43
CA GLY B 151 -28.70 -34.29 -17.15
C GLY B 151 -28.94 -32.87 -16.71
N PHE B 152 -27.97 -31.98 -17.01
CA PHE B 152 -28.08 -30.59 -16.60
C PHE B 152 -29.29 -29.96 -17.24
N GLY B 153 -29.44 -30.12 -18.54
CA GLY B 153 -30.67 -29.72 -19.20
C GLY B 153 -31.90 -30.47 -18.71
N ALA B 154 -31.81 -31.79 -18.61
CA ALA B 154 -33.02 -32.58 -18.33
C ALA B 154 -33.58 -32.34 -16.93
N PHE B 155 -32.73 -32.04 -15.95
CA PHE B 155 -33.15 -32.00 -14.56
C PHE B 155 -33.00 -30.64 -13.90
N HIS B 156 -31.83 -30.00 -14.04
CA HIS B 156 -31.61 -28.75 -13.33
C HIS B 156 -32.46 -27.64 -13.93
N LEU B 157 -32.43 -27.53 -15.26
CA LEU B 157 -33.09 -26.41 -15.92
C LEU B 157 -34.60 -26.56 -15.96
N THR B 158 -35.11 -27.78 -16.13
CA THR B 158 -36.56 -27.98 -16.09
C THR B 158 -37.13 -27.70 -14.72
N GLY B 159 -36.40 -27.94 -13.64
CA GLY B 159 -36.99 -28.05 -12.33
C GLY B 159 -37.46 -29.47 -11.97
N LEU B 160 -37.31 -30.42 -12.93
CA LEU B 160 -37.58 -31.83 -12.71
C LEU B 160 -36.90 -32.34 -11.46
N PHE B 161 -35.61 -32.15 -11.38
CA PHE B 161 -34.86 -32.35 -10.17
C PHE B 161 -33.82 -31.19 -10.10
N GLY B 162 -34.31 -29.99 -9.72
CA GLY B 162 -33.47 -28.84 -9.56
C GLY B 162 -34.21 -27.52 -9.66
N PRO B 163 -33.46 -26.39 -9.61
CA PRO B 163 -34.10 -25.08 -9.35
C PRO B 163 -34.52 -24.30 -10.57
N GLY B 164 -34.00 -24.66 -11.73
CA GLY B 164 -34.28 -23.87 -12.93
C GLY B 164 -33.16 -22.88 -13.19
N MET B 165 -33.49 -21.72 -13.80
CA MET B 165 -32.55 -20.65 -14.10
C MET B 165 -33.22 -19.28 -13.98
N TRP B 166 -32.39 -18.23 -13.94
CA TRP B 166 -32.92 -16.87 -13.90
C TRP B 166 -33.64 -16.53 -15.22
N VAL B 167 -34.89 -16.09 -15.10
CA VAL B 167 -35.66 -15.55 -16.21
C VAL B 167 -36.24 -14.23 -15.76
N SER B 168 -36.72 -13.48 -16.71
CA SER B 168 -37.26 -12.16 -16.42
C SER B 168 -38.08 -11.74 -17.60
N ASP B 169 -38.77 -10.66 -17.44
CA ASP B 169 -39.50 -10.04 -18.52
C ASP B 169 -38.57 -9.20 -19.41
N PRO B 170 -39.07 -8.69 -20.53
CA PRO B 170 -38.18 -7.99 -21.47
C PRO B 170 -37.53 -6.75 -20.90
N TYR B 171 -38.06 -6.16 -19.83
CA TYR B 171 -37.49 -4.94 -19.26
C TYR B 171 -36.81 -5.17 -17.92
N GLY B 172 -36.28 -6.36 -17.69
CA GLY B 172 -35.60 -6.72 -16.46
C GLY B 172 -36.18 -6.17 -15.17
N LEU B 173 -37.47 -6.38 -14.90
CA LEU B 173 -38.05 -5.82 -13.68
C LEU B 173 -38.47 -6.85 -12.63
N THR B 174 -38.78 -8.09 -13.03
CA THR B 174 -39.36 -9.10 -12.15
C THR B 174 -38.65 -10.42 -12.30
N GLY B 175 -37.33 -10.38 -12.31
CA GLY B 175 -36.58 -11.60 -12.54
C GLY B 175 -36.67 -12.53 -11.35
N SER B 176 -36.36 -13.79 -11.62
CA SER B 176 -36.42 -14.78 -10.57
C SER B 176 -35.93 -16.08 -11.17
N VAL B 177 -35.59 -17.03 -10.28
CA VAL B 177 -35.28 -18.39 -10.72
C VAL B 177 -36.59 -19.15 -10.90
N GLN B 178 -36.84 -19.62 -12.11
CA GLN B 178 -38.01 -20.43 -12.43
C GLN B 178 -37.57 -21.62 -13.26
N PRO B 179 -38.24 -22.78 -13.11
CA PRO B 179 -38.09 -23.84 -14.10
C PRO B 179 -38.50 -23.38 -15.47
N VAL B 180 -37.86 -23.95 -16.48
CA VAL B 180 -38.11 -23.60 -17.89
C VAL B 180 -38.44 -24.86 -18.69
N ALA B 181 -39.51 -24.81 -19.44
CA ALA B 181 -39.77 -25.89 -20.37
C ALA B 181 -38.98 -25.70 -21.66
N PRO B 182 -38.54 -26.80 -22.26
CA PRO B 182 -37.85 -26.72 -23.55
C PRO B 182 -38.72 -26.11 -24.63
N GLU B 183 -38.05 -25.50 -25.62
CA GLU B 183 -38.67 -25.02 -26.84
C GLU B 183 -38.05 -25.81 -27.98
N TRP B 184 -38.86 -26.57 -28.69
CA TRP B 184 -38.37 -27.55 -29.62
C TRP B 184 -38.42 -27.07 -31.03
N GLY B 185 -39.13 -25.98 -31.26
CA GLY B 185 -39.29 -25.46 -32.58
C GLY B 185 -38.17 -24.53 -32.98
N PRO B 186 -38.40 -23.81 -34.08
CA PRO B 186 -37.35 -22.92 -34.58
C PRO B 186 -36.94 -21.80 -33.62
N ASP B 187 -37.89 -21.27 -32.81
CA ASP B 187 -37.62 -20.19 -31.90
C ASP B 187 -36.78 -20.64 -30.70
N GLY B 188 -36.53 -21.93 -30.56
CA GLY B 188 -35.51 -22.30 -29.60
C GLY B 188 -34.10 -21.87 -29.98
N PHE B 189 -33.87 -21.41 -31.20
CA PHE B 189 -32.55 -20.93 -31.60
C PHE B 189 -32.47 -19.40 -31.52
N ASN B 190 -33.54 -18.75 -31.13
CA ASN B 190 -33.51 -17.35 -30.76
C ASN B 190 -32.70 -17.22 -29.47
N PRO B 191 -31.57 -16.51 -29.46
CA PRO B 191 -30.83 -16.33 -28.20
C PRO B 191 -31.66 -15.71 -27.07
N TYR B 192 -32.76 -15.03 -27.36
CA TYR B 192 -33.48 -14.39 -26.28
C TYR B 192 -34.59 -15.29 -25.71
N ASN B 193 -34.64 -16.56 -26.12
CA ASN B 193 -35.63 -17.53 -25.63
C ASN B 193 -34.96 -18.52 -24.70
N PRO B 194 -35.34 -18.60 -23.41
CA PRO B 194 -34.64 -19.50 -22.48
C PRO B 194 -35.01 -20.96 -22.62
N GLY B 195 -36.15 -21.28 -23.22
CA GLY B 195 -36.50 -22.67 -23.45
C GLY B 195 -35.63 -23.33 -24.48
N GLY B 196 -35.02 -22.52 -25.36
CA GLY B 196 -34.04 -23.04 -26.30
C GLY B 196 -32.77 -23.49 -25.62
N VAL B 197 -32.46 -22.89 -24.45
CA VAL B 197 -31.29 -23.30 -23.67
C VAL B 197 -31.52 -24.67 -23.06
N VAL B 198 -32.76 -24.92 -22.66
CA VAL B 198 -33.13 -26.24 -22.19
C VAL B 198 -33.08 -27.24 -23.34
N ALA B 199 -33.76 -26.94 -24.45
CA ALA B 199 -33.76 -27.87 -25.56
C ALA B 199 -32.34 -28.21 -25.98
N HIS B 200 -31.49 -27.17 -26.10
CA HIS B 200 -30.11 -27.35 -26.55
C HIS B 200 -29.40 -28.42 -25.74
N HIS B 201 -29.52 -28.37 -24.43
CA HIS B 201 -28.69 -29.25 -23.59
C HIS B 201 -29.19 -30.67 -23.60
N ILE B 202 -30.52 -30.84 -23.69
CA ILE B 202 -31.08 -32.18 -23.82
C ILE B 202 -30.66 -32.77 -25.15
N ALA B 203 -30.72 -31.96 -26.22
CA ALA B 203 -30.51 -32.50 -27.55
C ALA B 203 -29.03 -32.76 -27.81
N ALA B 204 -28.20 -31.79 -27.44
CA ALA B 204 -26.76 -31.96 -27.57
C ALA B 204 -26.27 -33.03 -26.60
N GLY B 205 -26.93 -33.17 -25.45
CA GLY B 205 -26.51 -34.21 -24.53
C GLY B 205 -26.59 -35.60 -25.13
N ILE B 206 -27.64 -35.87 -25.90
CA ILE B 206 -27.82 -37.17 -26.53
C ILE B 206 -26.81 -37.36 -27.65
N VAL B 207 -26.63 -36.33 -28.49
CA VAL B 207 -25.63 -36.36 -29.56
C VAL B 207 -24.25 -36.69 -29.00
N GLY B 208 -23.87 -36.05 -27.89
CA GLY B 208 -22.62 -36.41 -27.23
C GLY B 208 -22.57 -37.80 -26.63
N ILE B 209 -23.69 -38.30 -26.10
CA ILE B 209 -23.71 -39.70 -25.69
C ILE B 209 -23.46 -40.61 -26.89
N ILE B 210 -24.20 -40.39 -27.97
CA ILE B 210 -24.08 -41.23 -29.16
C ILE B 210 -22.68 -41.16 -29.76
N ALA B 211 -22.20 -39.93 -30.03
CA ALA B 211 -20.86 -39.75 -30.55
C ALA B 211 -19.81 -40.28 -29.58
N GLY B 212 -20.01 -40.03 -28.29
CA GLY B 212 -19.15 -40.65 -27.30
C GLY B 212 -19.03 -42.14 -27.57
N LEU B 213 -20.19 -42.79 -27.67
CA LEU B 213 -20.25 -44.22 -27.96
C LEU B 213 -19.50 -44.57 -29.24
N PHE B 214 -19.77 -43.83 -30.33
CA PHE B 214 -18.99 -44.01 -31.55
C PHE B 214 -17.49 -43.92 -31.31
N HIS B 215 -17.04 -42.96 -30.50
CA HIS B 215 -15.61 -42.70 -30.37
C HIS B 215 -14.92 -43.68 -29.43
N ILE B 216 -15.68 -44.38 -28.60
CA ILE B 216 -15.09 -45.46 -27.82
C ILE B 216 -14.95 -46.72 -28.66
N LEU B 217 -15.94 -47.01 -29.51
CA LEU B 217 -15.98 -48.26 -30.26
C LEU B 217 -15.23 -48.22 -31.59
N VAL B 218 -15.25 -47.13 -32.34
CA VAL B 218 -14.70 -47.09 -33.68
C VAL B 218 -13.30 -46.49 -33.64
N ARG B 219 -12.31 -47.20 -34.18
CA ARG B 219 -10.96 -46.67 -34.26
C ARG B 219 -10.84 -45.58 -35.33
N PRO B 220 -9.91 -44.64 -35.17
CA PRO B 220 -9.71 -43.64 -36.20
C PRO B 220 -9.18 -44.27 -37.47
N PRO B 221 -9.52 -43.71 -38.63
CA PRO B 221 -8.87 -44.10 -39.87
C PRO B 221 -7.38 -43.82 -39.84
N GLN B 222 -6.62 -44.69 -40.52
CA GLN B 222 -5.17 -44.54 -40.65
C GLN B 222 -4.78 -43.21 -41.28
N ARG B 223 -5.53 -42.77 -42.28
CA ARG B 223 -5.24 -41.50 -42.91
C ARG B 223 -5.28 -40.38 -41.88
N LEU B 224 -6.29 -40.34 -41.01
CA LEU B 224 -6.45 -39.22 -40.10
C LEU B 224 -5.46 -39.31 -38.94
N TYR B 225 -5.37 -40.48 -38.30
CA TYR B 225 -4.32 -40.72 -37.32
C TYR B 225 -2.95 -40.21 -37.78
N LYS B 226 -2.58 -40.37 -39.06
CA LYS B 226 -1.26 -39.94 -39.52
C LYS B 226 -1.24 -38.44 -39.72
N ALA B 227 -2.28 -37.92 -40.38
CA ALA B 227 -2.38 -36.50 -40.67
C ALA B 227 -2.42 -35.63 -39.41
N LEU B 228 -3.16 -36.07 -38.39
CA LEU B 228 -3.30 -35.30 -37.16
C LEU B 228 -2.41 -35.81 -36.02
N ARG B 229 -1.36 -36.57 -36.31
CA ARG B 229 -0.40 -37.04 -35.30
C ARG B 229 -1.10 -37.41 -33.98
N MET B 230 -2.00 -38.39 -34.06
CA MET B 230 -2.87 -38.77 -32.95
C MET B 230 -2.15 -39.64 -31.94
N GLY B 231 -0.86 -39.94 -32.17
CA GLY B 231 -0.05 -40.50 -31.12
C GLY B 231 0.58 -39.44 -30.26
N ASN B 232 0.29 -38.18 -30.59
CA ASN B 232 1.00 -37.02 -30.08
C ASN B 232 0.04 -36.20 -29.26
N ILE B 233 0.25 -36.14 -27.96
CA ILE B 233 -0.70 -35.45 -27.11
C ILE B 233 -0.74 -33.96 -27.38
N GLU B 234 0.25 -33.44 -28.11
CA GLU B 234 0.21 -32.04 -28.42
C GLU B 234 -0.82 -31.69 -29.49
N THR B 235 -1.21 -32.64 -30.34
CA THR B 235 -2.32 -32.37 -31.26
C THR B 235 -3.62 -32.10 -30.49
N VAL B 236 -3.81 -32.76 -29.35
CA VAL B 236 -5.04 -32.59 -28.58
C VAL B 236 -5.06 -31.19 -27.96
N LEU B 237 -3.91 -30.76 -27.45
CA LEU B 237 -3.73 -29.37 -27.01
C LEU B 237 -3.96 -28.36 -28.14
N SER B 238 -3.47 -28.61 -29.36
CA SER B 238 -3.70 -27.65 -30.44
CA SER B 238 -3.70 -27.67 -30.44
C SER B 238 -5.19 -27.49 -30.69
N SER B 239 -5.90 -28.61 -30.89
CA SER B 239 -7.33 -28.53 -31.19
C SER B 239 -8.13 -28.13 -29.94
N SER B 240 -7.68 -28.53 -28.76
CA SER B 240 -8.38 -28.13 -27.54
C SER B 240 -8.33 -26.63 -27.34
N ILE B 241 -7.19 -25.99 -27.66
CA ILE B 241 -7.12 -24.54 -27.54
C ILE B 241 -8.03 -23.90 -28.56
N ALA B 242 -7.99 -24.38 -29.80
CA ALA B 242 -8.85 -23.79 -30.82
C ALA B 242 -10.30 -23.80 -30.37
N ALA B 243 -10.75 -24.91 -29.75
CA ALA B 243 -12.12 -24.99 -29.24
C ALA B 243 -12.38 -23.98 -28.15
N VAL B 244 -11.44 -23.82 -27.23
CA VAL B 244 -11.64 -22.87 -26.16
C VAL B 244 -11.73 -21.43 -26.66
N PHE B 245 -10.97 -21.08 -27.69
CA PHE B 245 -11.11 -19.70 -28.14
C PHE B 245 -12.37 -19.49 -28.97
N PHE B 246 -12.77 -20.49 -29.77
CA PHE B 246 -14.11 -20.47 -30.37
C PHE B 246 -15.17 -20.12 -29.35
N ALA B 247 -15.16 -20.82 -28.20
CA ALA B 247 -16.15 -20.63 -27.15
C ALA B 247 -15.97 -19.32 -26.38
N ALA B 248 -14.72 -18.81 -26.25
CA ALA B 248 -14.55 -17.54 -25.57
C ALA B 248 -15.05 -16.37 -26.42
N PHE B 249 -14.89 -16.43 -27.75
CA PHE B 249 -15.51 -15.40 -28.58
C PHE B 249 -17.04 -15.40 -28.42
N VAL B 250 -17.65 -16.59 -28.41
CA VAL B 250 -19.11 -16.68 -28.30
C VAL B 250 -19.60 -16.09 -26.98
N VAL B 251 -19.04 -16.54 -25.85
CA VAL B 251 -19.57 -15.99 -24.60
C VAL B 251 -19.29 -14.49 -24.50
N ALA B 252 -18.18 -13.99 -25.08
CA ALA B 252 -17.95 -12.57 -25.17
C ALA B 252 -19.10 -11.85 -25.89
N GLY B 253 -19.45 -12.33 -27.07
CA GLY B 253 -20.47 -11.65 -27.85
C GLY B 253 -21.87 -11.68 -27.22
N THR B 254 -22.26 -12.82 -26.61
CA THR B 254 -23.61 -12.89 -26.05
C THR B 254 -23.69 -11.99 -24.81
N MET B 255 -22.59 -11.87 -24.08
CA MET B 255 -22.51 -10.87 -23.00
C MET B 255 -22.67 -9.45 -23.53
N TRP B 256 -22.10 -9.15 -24.69
CA TRP B 256 -22.13 -7.77 -25.13
C TRP B 256 -23.47 -7.42 -25.77
N TYR B 257 -23.98 -8.29 -26.65
CA TYR B 257 -25.28 -8.08 -27.26
C TYR B 257 -26.39 -8.48 -26.31
N GLY B 258 -26.17 -9.53 -25.53
CA GLY B 258 -27.18 -9.99 -24.60
C GLY B 258 -27.96 -11.17 -25.12
N SER B 259 -28.24 -12.10 -24.24
CA SER B 259 -29.01 -13.28 -24.55
C SER B 259 -29.82 -13.66 -23.33
N ALA B 260 -30.55 -14.77 -23.45
CA ALA B 260 -31.35 -15.27 -22.35
C ALA B 260 -30.50 -15.68 -21.16
N THR B 261 -29.20 -15.89 -21.37
CA THR B 261 -28.33 -16.24 -20.26
C THR B 261 -27.47 -15.10 -19.75
N THR B 262 -27.68 -13.87 -20.20
CA THR B 262 -27.00 -12.71 -19.63
C THR B 262 -28.02 -11.66 -19.22
N PRO B 263 -28.89 -11.99 -18.28
CA PRO B 263 -30.00 -11.09 -17.97
C PRO B 263 -29.54 -9.76 -17.36
N ILE B 264 -30.36 -8.72 -17.57
CA ILE B 264 -29.86 -7.40 -17.21
C ILE B 264 -29.95 -7.15 -15.72
N GLU B 265 -30.68 -8.00 -14.97
CA GLU B 265 -30.71 -7.77 -13.53
C GLU B 265 -29.48 -8.34 -12.87
N LEU B 266 -28.77 -9.22 -13.54
CA LEU B 266 -27.56 -9.78 -12.99
C LEU B 266 -26.33 -9.10 -13.52
N PHE B 267 -26.36 -8.73 -14.78
CA PHE B 267 -25.16 -8.18 -15.39
C PHE B 267 -25.28 -6.71 -15.72
N GLY B 268 -26.47 -6.11 -15.62
CA GLY B 268 -26.67 -4.75 -16.08
C GLY B 268 -27.14 -4.69 -17.53
N PRO B 269 -27.48 -3.50 -18.00
CA PRO B 269 -27.92 -3.36 -19.38
C PRO B 269 -26.78 -3.44 -20.37
N THR B 270 -27.17 -3.42 -21.64
CA THR B 270 -26.25 -3.42 -22.76
C THR B 270 -26.09 -1.98 -23.24
N ARG B 271 -25.01 -1.72 -23.99
CA ARG B 271 -24.89 -0.43 -24.65
C ARG B 271 -26.02 -0.26 -25.66
N TYR B 272 -26.43 -1.34 -26.34
CA TYR B 272 -27.41 -1.21 -27.42
C TYR B 272 -28.75 -0.78 -26.87
N GLN B 273 -29.06 -1.16 -25.64
CA GLN B 273 -30.29 -0.67 -25.04
C GLN B 273 -30.27 0.84 -24.85
N TRP B 274 -29.09 1.48 -24.78
CA TRP B 274 -29.01 2.94 -24.79
C TRP B 274 -29.03 3.51 -26.21
N ASP B 275 -28.36 2.85 -27.14
CA ASP B 275 -28.38 3.35 -28.50
C ASP B 275 -29.80 3.51 -28.97
N SER B 276 -30.65 2.54 -28.67
CA SER B 276 -31.97 2.47 -29.26
C SER B 276 -33.05 2.97 -28.33
N SER B 277 -32.70 3.77 -27.31
CA SER B 277 -33.66 4.27 -26.33
C SER B 277 -34.67 3.22 -25.90
N TYR B 278 -34.22 1.98 -25.75
CA TYR B 278 -35.12 0.86 -25.48
C TYR B 278 -35.99 1.12 -24.25
N PHE B 279 -35.37 1.50 -23.11
CA PHE B 279 -36.14 1.72 -21.89
C PHE B 279 -36.99 2.99 -21.99
N GLN B 280 -36.54 3.97 -22.79
CA GLN B 280 -37.27 5.22 -22.91
C GLN B 280 -38.56 5.04 -23.70
N GLN B 281 -38.52 4.28 -24.80
CA GLN B 281 -39.73 3.95 -25.54
C GLN B 281 -40.79 3.41 -24.62
N GLU B 282 -40.41 2.42 -23.82
CA GLU B 282 -41.33 1.75 -22.92
C GLU B 282 -41.84 2.69 -21.82
N ILE B 283 -40.98 3.53 -21.25
CA ILE B 283 -41.43 4.53 -20.30
C ILE B 283 -42.47 5.44 -20.95
N ASN B 284 -42.22 5.89 -22.17
CA ASN B 284 -43.14 6.79 -22.83
C ASN B 284 -44.46 6.08 -23.14
N ARG B 285 -44.37 4.82 -23.58
CA ARG B 285 -45.57 4.00 -23.78
C ARG B 285 -46.48 4.05 -22.55
N ARG B 286 -45.91 4.03 -21.34
CA ARG B 286 -46.69 3.97 -20.11
C ARG B 286 -47.25 5.31 -19.69
N VAL B 287 -46.50 6.39 -19.90
CA VAL B 287 -46.98 7.71 -19.55
C VAL B 287 -48.12 8.12 -20.48
N GLN B 288 -48.07 7.68 -21.74
CA GLN B 288 -49.15 7.99 -22.67
C GLN B 288 -50.37 7.15 -22.37
N ALA B 289 -50.14 5.90 -21.95
CA ALA B 289 -51.23 5.01 -21.60
C ALA B 289 -51.86 5.44 -20.28
N SER B 290 -51.04 5.78 -19.29
CA SER B 290 -51.60 6.39 -18.09
C SER B 290 -52.49 7.55 -18.47
N LEU B 291 -52.07 8.35 -19.46
CA LEU B 291 -52.64 9.67 -19.68
C LEU B 291 -53.90 9.60 -20.51
N ALA B 292 -53.83 8.94 -21.67
CA ALA B 292 -55.06 8.65 -22.42
C ALA B 292 -56.12 8.09 -21.48
N SER B 293 -55.73 7.21 -20.57
CA SER B 293 -56.57 6.71 -19.50
C SER B 293 -56.85 7.75 -18.41
N GLY B 294 -56.77 9.03 -18.75
CA GLY B 294 -57.18 10.08 -17.83
C GLY B 294 -56.37 10.31 -16.56
N ALA B 295 -55.05 10.18 -16.63
CA ALA B 295 -54.21 10.54 -15.50
C ALA B 295 -53.62 11.91 -15.76
N THR B 296 -53.15 12.55 -14.69
CA THR B 296 -52.42 13.80 -14.83
C THR B 296 -50.96 13.49 -15.13
N LEU B 297 -50.21 14.55 -15.44
CA LEU B 297 -48.76 14.44 -15.57
C LEU B 297 -48.17 13.84 -14.30
N GLU B 298 -48.40 14.51 -13.17
CA GLU B 298 -47.86 14.02 -11.90
CA GLU B 298 -47.87 14.04 -11.90
C GLU B 298 -48.19 12.56 -11.69
N GLU B 299 -49.40 12.13 -12.04
CA GLU B 299 -49.78 10.74 -11.84
C GLU B 299 -49.10 9.81 -12.83
N ALA B 300 -49.15 10.14 -14.13
CA ALA B 300 -48.52 9.29 -15.14
C ALA B 300 -47.05 9.03 -14.85
N TRP B 301 -46.29 10.06 -14.45
CA TRP B 301 -44.88 9.90 -14.12
C TRP B 301 -44.69 9.25 -12.76
N SER B 302 -45.43 9.71 -11.75
CA SER B 302 -45.34 9.05 -10.46
C SER B 302 -45.63 7.57 -10.59
N ALA B 303 -46.32 7.16 -11.65
CA ALA B 303 -46.65 5.75 -11.90
C ALA B 303 -45.49 4.95 -12.42
N ILE B 304 -44.29 5.52 -12.50
CA ILE B 304 -43.17 4.89 -13.19
C ILE B 304 -42.28 4.23 -12.14
N PRO B 305 -42.10 2.92 -12.18
CA PRO B 305 -41.22 2.29 -11.20
C PRO B 305 -39.82 2.82 -11.38
N GLU B 306 -39.16 3.13 -10.26
CA GLU B 306 -37.82 3.67 -10.29
C GLU B 306 -36.88 2.73 -11.00
N LYS B 307 -37.06 1.41 -10.81
CA LYS B 307 -36.14 0.44 -11.40
C LYS B 307 -36.07 0.62 -12.90
N LEU B 308 -37.20 0.92 -13.51
CA LEU B 308 -37.28 1.14 -14.94
C LEU B 308 -36.59 2.45 -15.36
N ALA B 309 -36.82 3.53 -14.60
CA ALA B 309 -36.15 4.77 -14.93
C ALA B 309 -34.63 4.70 -14.74
N PHE B 310 -34.15 3.77 -13.92
CA PHE B 310 -32.72 3.67 -13.63
C PHE B 310 -31.99 3.01 -14.77
N TYR B 311 -32.72 2.29 -15.60
CA TYR B 311 -32.14 1.73 -16.80
C TYR B 311 -31.93 2.81 -17.85
N ASP B 312 -32.70 3.88 -17.77
CA ASP B 312 -32.76 4.89 -18.81
C ASP B 312 -31.78 6.01 -18.48
N TYR B 313 -30.54 5.61 -18.22
CA TYR B 313 -29.51 6.46 -17.63
C TYR B 313 -28.15 5.96 -18.11
N ILE B 314 -27.38 6.85 -18.73
CA ILE B 314 -26.14 6.46 -19.39
C ILE B 314 -25.09 5.98 -18.40
N GLY B 315 -25.20 6.35 -17.12
CA GLY B 315 -24.31 5.85 -16.10
C GLY B 315 -24.28 4.35 -15.95
N ASN B 316 -25.32 3.66 -16.39
CA ASN B 316 -25.39 2.20 -16.35
C ASN B 316 -25.13 1.59 -17.71
N ASN B 317 -24.92 2.42 -18.72
CA ASN B 317 -24.45 1.96 -20.00
C ASN B 317 -23.04 1.41 -19.84
N PRO B 318 -22.80 0.14 -20.19
CA PRO B 318 -21.47 -0.44 -20.05
C PRO B 318 -20.42 0.16 -20.96
N ALA B 319 -20.78 1.00 -21.93
CA ALA B 319 -19.77 1.55 -22.84
C ALA B 319 -19.38 2.99 -22.48
N LYS B 320 -19.61 3.38 -21.23
CA LYS B 320 -19.18 4.67 -20.72
C LYS B 320 -18.02 4.56 -19.76
N GLY B 321 -17.40 3.38 -19.62
CA GLY B 321 -16.30 3.20 -18.69
C GLY B 321 -14.96 3.59 -19.26
N GLY B 322 -13.93 3.18 -18.52
CA GLY B 322 -12.55 3.47 -18.87
C GLY B 322 -11.67 2.41 -18.27
N LEU B 323 -10.56 2.13 -18.95
CA LEU B 323 -9.78 0.90 -18.72
C LEU B 323 -9.17 0.86 -17.33
N PHE B 324 -8.68 2.00 -16.85
CA PHE B 324 -8.04 2.05 -15.55
C PHE B 324 -8.87 2.76 -14.53
N ARG B 325 -10.12 3.06 -14.85
CA ARG B 325 -11.12 3.46 -13.87
C ARG B 325 -11.63 2.21 -13.18
N THR B 326 -11.16 1.95 -11.97
CA THR B 326 -11.37 0.66 -11.32
C THR B 326 -12.53 0.70 -10.34
N GLY B 327 -12.93 -0.50 -9.95
CA GLY B 327 -13.93 -0.71 -8.93
C GLY B 327 -15.34 -0.74 -9.48
N PRO B 328 -16.27 -0.59 -8.59
CA PRO B 328 -17.67 -0.69 -8.96
C PRO B 328 -18.15 0.60 -9.61
N MET B 329 -19.31 0.52 -10.24
CA MET B 329 -19.90 1.73 -10.81
C MET B 329 -20.21 2.72 -9.72
N ASN B 330 -20.44 2.25 -8.49
CA ASN B 330 -20.77 3.15 -7.38
C ASN B 330 -19.61 4.06 -7.00
N LYS B 331 -18.36 3.66 -7.28
CA LYS B 331 -17.18 4.48 -7.02
C LYS B 331 -17.10 5.72 -7.92
N GLY B 332 -17.93 5.77 -8.96
CA GLY B 332 -17.82 6.80 -9.95
C GLY B 332 -18.91 7.82 -9.74
N ASP B 333 -20.13 7.52 -10.19
CA ASP B 333 -21.22 8.45 -10.00
C ASP B 333 -21.84 8.38 -8.61
N GLY B 334 -21.45 7.41 -7.78
CA GLY B 334 -21.97 7.28 -6.44
C GLY B 334 -23.00 6.19 -6.32
N ILE B 335 -23.57 6.07 -5.11
CA ILE B 335 -24.66 5.14 -4.85
C ILE B 335 -26.00 5.82 -5.11
N ALA B 336 -26.78 5.27 -6.03
CA ALA B 336 -28.09 5.79 -6.31
C ALA B 336 -29.00 5.63 -5.09
N GLN B 337 -29.88 6.59 -4.91
CA GLN B 337 -30.65 6.72 -3.68
C GLN B 337 -32.12 6.86 -4.01
N ALA B 338 -32.41 7.78 -4.93
CA ALA B 338 -33.77 8.09 -5.32
C ALA B 338 -33.77 8.63 -6.74
N TRP B 339 -34.91 8.41 -7.40
CA TRP B 339 -35.29 9.10 -8.61
C TRP B 339 -35.85 10.49 -8.29
N LYS B 340 -35.34 11.52 -8.98
CA LYS B 340 -35.74 12.89 -8.75
C LYS B 340 -37.01 13.28 -9.47
N GLY B 341 -37.42 12.47 -10.44
CA GLY B 341 -38.55 12.77 -11.28
C GLY B 341 -38.10 12.96 -12.71
N HIS B 342 -39.08 12.95 -13.60
CA HIS B 342 -38.82 13.21 -15.00
C HIS B 342 -38.86 14.70 -15.27
N ALA B 343 -37.77 15.22 -15.85
CA ALA B 343 -37.59 16.66 -16.01
C ALA B 343 -38.21 17.17 -17.31
N VAL B 344 -38.90 18.31 -17.25
CA VAL B 344 -39.59 18.87 -18.41
C VAL B 344 -39.20 20.33 -18.64
N PHE B 345 -38.70 20.63 -19.83
CA PHE B 345 -38.22 21.95 -20.17
C PHE B 345 -39.22 22.65 -21.06
N ARG B 346 -39.53 23.86 -20.71
CA ARG B 346 -40.35 24.70 -21.56
C ARG B 346 -39.63 26.04 -21.73
N ASN B 347 -39.70 26.59 -22.94
CA ASN B 347 -39.18 27.93 -23.17
C ASN B 347 -40.21 28.95 -22.71
N LYS B 348 -39.92 30.23 -22.97
CA LYS B 348 -40.81 31.28 -22.50
C LYS B 348 -42.14 31.25 -23.23
N GLU B 349 -42.19 30.66 -24.42
CA GLU B 349 -43.44 30.50 -25.12
C GLU B 349 -44.28 29.35 -24.58
N GLY B 350 -43.69 28.41 -23.86
CA GLY B 350 -44.38 27.24 -23.37
C GLY B 350 -44.21 26.01 -24.24
N GLU B 351 -43.34 26.06 -25.25
CA GLU B 351 -43.03 24.84 -25.97
C GLU B 351 -42.32 23.87 -25.05
N GLU B 352 -42.72 22.60 -25.11
CA GLU B 352 -41.91 21.57 -24.49
C GLU B 352 -40.60 21.42 -25.25
N LEU B 353 -39.50 21.31 -24.50
CA LEU B 353 -38.17 21.21 -25.08
C LEU B 353 -37.44 19.97 -24.57
N PHE B 354 -36.60 19.42 -25.43
CA PHE B 354 -36.00 18.11 -25.25
C PHE B 354 -34.49 18.19 -25.25
N VAL B 355 -33.88 17.82 -24.13
CA VAL B 355 -32.41 17.77 -24.08
C VAL B 355 -31.91 16.63 -24.97
N ARG B 356 -31.00 16.94 -25.89
CA ARG B 356 -30.44 15.91 -26.77
C ARG B 356 -29.50 15.02 -25.99
N ARG B 357 -29.67 13.72 -26.11
CA ARG B 357 -28.96 12.81 -25.22
C ARG B 357 -27.52 12.57 -25.68
N MET B 358 -26.66 12.32 -24.68
CA MET B 358 -25.26 12.06 -24.94
C MET B 358 -25.10 10.69 -25.60
N PRO B 359 -24.27 10.56 -26.65
CA PRO B 359 -24.01 9.22 -27.19
C PRO B 359 -22.82 8.59 -26.50
N ALA B 360 -22.86 7.25 -26.49
CA ALA B 360 -21.88 6.45 -25.77
C ALA B 360 -20.46 6.84 -26.16
N PHE B 361 -20.28 7.36 -27.39
CA PHE B 361 -18.94 7.68 -27.93
C PHE B 361 -18.26 8.85 -27.21
N PHE B 362 -19.02 9.75 -26.61
CA PHE B 362 -18.56 11.06 -26.25
C PHE B 362 -18.30 11.16 -24.75
N GLU B 363 -17.03 11.38 -24.37
CA GLU B 363 -16.72 11.67 -22.96
C GLU B 363 -17.42 12.93 -22.48
N SER B 364 -17.61 13.91 -23.36
CA SER B 364 -18.23 15.18 -23.04
C SER B 364 -19.17 15.54 -24.17
N PHE B 365 -20.21 16.30 -23.85
CA PHE B 365 -21.20 16.56 -24.84
C PHE B 365 -21.90 17.87 -24.55
N PRO B 366 -22.28 18.63 -25.56
CA PRO B 366 -22.90 19.93 -25.34
C PRO B 366 -24.35 19.78 -24.89
N VAL B 367 -24.88 20.88 -24.37
CA VAL B 367 -26.26 20.94 -23.88
C VAL B 367 -27.11 21.68 -24.91
N ILE B 368 -27.97 20.94 -25.63
CA ILE B 368 -28.73 21.48 -26.76
C ILE B 368 -30.19 21.05 -26.61
N LEU B 369 -31.10 22.00 -26.66
CA LEU B 369 -32.50 21.68 -26.50
C LEU B 369 -33.19 21.81 -27.83
N THR B 370 -34.13 20.93 -28.07
CA THR B 370 -34.83 20.88 -29.33
C THR B 370 -36.32 20.78 -29.06
N ASP B 371 -37.08 21.10 -30.09
CA ASP B 371 -38.53 20.92 -30.03
C ASP B 371 -38.88 19.55 -30.61
N LYS B 372 -40.16 19.19 -30.56
CA LYS B 372 -40.50 17.82 -30.96
C LYS B 372 -40.10 17.54 -32.39
N ASN B 373 -39.80 18.59 -33.15
CA ASN B 373 -39.46 18.53 -34.57
C ASN B 373 -37.95 18.49 -34.82
N GLY B 374 -37.11 18.56 -33.80
CA GLY B 374 -35.68 18.58 -34.03
C GLY B 374 -35.09 19.97 -34.23
N VAL B 375 -35.88 21.00 -34.12
CA VAL B 375 -35.44 22.38 -34.29
C VAL B 375 -34.87 22.89 -32.97
N VAL B 376 -33.64 23.40 -33.03
CA VAL B 376 -32.92 23.85 -31.85
C VAL B 376 -33.56 25.13 -31.35
N LYS B 377 -33.88 25.18 -30.06
CA LYS B 377 -34.46 26.37 -29.50
C LYS B 377 -33.72 26.89 -28.26
N ALA B 378 -32.67 26.22 -27.80
CA ALA B 378 -31.93 26.69 -26.63
C ALA B 378 -30.64 25.88 -26.49
N ASP B 379 -29.71 26.42 -25.76
CA ASP B 379 -28.47 25.69 -25.53
C ASP B 379 -27.75 26.36 -24.39
N ILE B 380 -26.63 25.77 -24.02
CA ILE B 380 -25.70 26.42 -23.11
C ILE B 380 -24.51 26.85 -23.96
N PRO B 381 -24.34 28.14 -24.22
CA PRO B 381 -23.32 28.58 -25.17
C PRO B 381 -21.93 28.50 -24.60
N PHE B 382 -20.98 28.23 -25.50
CA PHE B 382 -19.55 28.37 -25.21
C PHE B 382 -19.13 29.82 -25.35
N ARG B 383 -19.15 30.37 -26.57
CA ARG B 383 -18.88 31.79 -26.76
C ARG B 383 -20.16 32.55 -26.46
N ARG B 384 -20.05 33.54 -25.57
CA ARG B 384 -21.23 34.26 -25.13
C ARG B 384 -21.60 35.46 -25.98
N ALA B 385 -20.65 36.02 -26.73
CA ALA B 385 -20.85 37.36 -27.28
C ALA B 385 -21.88 37.37 -28.40
N GLU B 386 -21.84 36.39 -29.29
CA GLU B 386 -22.85 36.35 -30.34
C GLU B 386 -23.93 35.30 -30.04
N SER B 387 -24.15 34.99 -28.76
CA SER B 387 -25.07 33.92 -28.43
C SER B 387 -26.50 34.35 -28.63
N LYS B 388 -27.31 33.45 -29.16
CA LYS B 388 -28.71 33.75 -29.38
C LYS B 388 -29.67 32.70 -28.82
N TYR B 389 -29.19 31.60 -28.24
CA TYR B 389 -30.08 30.55 -27.73
C TYR B 389 -29.93 30.32 -26.24
N SER B 390 -29.30 31.24 -25.52
CA SER B 390 -29.03 31.01 -24.11
C SER B 390 -30.32 30.77 -23.35
N PHE B 391 -30.23 29.95 -22.31
CA PHE B 391 -31.37 29.72 -21.44
C PHE B 391 -31.89 31.06 -20.92
N GLU B 392 -30.99 32.01 -20.70
CA GLU B 392 -31.40 33.34 -20.24
C GLU B 392 -32.26 34.02 -21.30
N GLN B 393 -31.84 33.96 -22.55
CA GLN B 393 -32.58 34.67 -23.58
C GLN B 393 -33.91 33.99 -23.86
N GLN B 394 -33.95 32.66 -23.82
CA GLN B 394 -35.13 31.88 -24.15
C GLN B 394 -36.04 31.65 -22.95
N GLY B 395 -35.60 31.96 -21.75
CA GLY B 395 -36.44 31.75 -20.56
C GLY B 395 -36.78 30.30 -20.31
N VAL B 396 -35.84 29.39 -20.54
CA VAL B 396 -36.06 27.97 -20.30
C VAL B 396 -36.35 27.74 -18.82
N THR B 397 -37.33 26.87 -18.54
CA THR B 397 -37.65 26.40 -17.19
C THR B 397 -37.60 24.88 -17.16
N VAL B 398 -37.48 24.32 -15.96
CA VAL B 398 -37.65 22.88 -15.79
C VAL B 398 -38.73 22.65 -14.73
N SER B 399 -39.69 21.79 -15.08
CA SER B 399 -40.66 21.24 -14.14
C SER B 399 -40.43 19.74 -14.00
N PHE B 400 -40.63 19.22 -12.80
CA PHE B 400 -40.43 17.81 -12.50
C PHE B 400 -41.76 17.12 -12.20
N TYR B 401 -41.95 15.95 -12.79
CA TYR B 401 -43.12 15.11 -12.56
C TYR B 401 -42.66 13.73 -12.17
N GLY B 402 -43.24 13.19 -11.09
CA GLY B 402 -42.81 11.93 -10.53
C GLY B 402 -41.62 12.13 -9.61
N GLY B 403 -41.26 11.07 -8.91
CA GLY B 403 -40.03 11.08 -8.16
C GLY B 403 -40.04 12.10 -7.03
N GLU B 404 -38.83 12.34 -6.50
CA GLU B 404 -38.67 13.15 -5.31
C GLU B 404 -39.05 14.61 -5.53
N LEU B 405 -38.89 15.12 -6.76
CA LEU B 405 -39.16 16.51 -7.06
C LEU B 405 -40.53 16.71 -7.68
N ASN B 406 -41.43 15.75 -7.53
CA ASN B 406 -42.66 15.77 -8.32
C ASN B 406 -43.48 17.03 -8.06
N GLY B 407 -43.82 17.71 -9.14
CA GLY B 407 -44.62 18.91 -9.06
C GLY B 407 -43.86 20.18 -8.76
N GLN B 408 -42.52 20.14 -8.78
CA GLN B 408 -41.69 21.31 -8.57
C GLN B 408 -41.20 21.89 -9.89
N THR B 409 -41.27 23.23 -10.02
CA THR B 409 -40.74 23.97 -11.15
C THR B 409 -39.64 24.94 -10.69
N PHE B 410 -38.56 25.00 -11.46
CA PHE B 410 -37.49 25.96 -11.24
C PHE B 410 -37.34 26.85 -12.46
N THR B 411 -36.92 28.08 -12.22
CA THR B 411 -36.82 29.07 -13.28
C THR B 411 -35.54 29.87 -13.24
N ASP B 412 -34.77 29.83 -12.18
CA ASP B 412 -33.55 30.60 -12.13
C ASP B 412 -32.46 29.92 -12.96
N PRO B 413 -31.90 30.62 -13.96
CA PRO B 413 -31.17 29.95 -15.04
C PRO B 413 -30.07 29.03 -14.56
N PRO B 414 -29.34 29.38 -13.53
CA PRO B 414 -28.26 28.47 -13.10
C PRO B 414 -28.78 27.12 -12.66
N THR B 415 -29.90 27.08 -11.92
CA THR B 415 -30.48 25.81 -11.53
C THR B 415 -31.01 25.07 -12.74
N VAL B 416 -31.70 25.77 -13.64
CA VAL B 416 -32.22 25.14 -14.83
C VAL B 416 -31.09 24.53 -15.63
N LYS B 417 -30.04 25.31 -15.87
CA LYS B 417 -28.89 24.79 -16.58
C LYS B 417 -28.33 23.56 -15.89
N SER B 418 -28.39 23.56 -14.56
CA SER B 418 -27.87 22.42 -13.83
C SER B 418 -28.60 21.13 -14.21
N TYR B 419 -29.94 21.16 -14.23
CA TYR B 419 -30.66 19.92 -14.58
C TYR B 419 -30.55 19.61 -16.05
N ALA B 420 -30.48 20.65 -16.88
CA ALA B 420 -30.20 20.45 -18.29
C ALA B 420 -28.95 19.61 -18.48
N ARG B 421 -27.92 19.85 -17.66
CA ARG B 421 -26.64 19.16 -17.82
C ARG B 421 -26.74 17.69 -17.45
N LYS B 422 -27.54 17.39 -16.44
CA LYS B 422 -27.78 16.01 -16.12
C LYS B 422 -28.74 15.38 -17.09
N ALA B 423 -29.65 16.17 -17.68
CA ALA B 423 -30.67 15.60 -18.56
C ALA B 423 -30.07 14.89 -19.74
N ILE B 424 -28.80 15.16 -20.05
CA ILE B 424 -28.17 14.54 -21.20
C ILE B 424 -27.75 13.13 -20.92
N PHE B 425 -27.72 12.77 -19.65
CA PHE B 425 -27.46 11.43 -19.18
C PHE B 425 -28.70 10.56 -19.16
N GLY B 426 -29.86 11.10 -19.52
CA GLY B 426 -31.10 10.39 -19.34
C GLY B 426 -31.84 10.90 -18.10
N GLU B 427 -32.43 9.96 -17.37
CA GLU B 427 -33.22 10.26 -16.18
C GLU B 427 -32.30 10.67 -15.04
N ILE B 428 -32.84 11.44 -14.10
CA ILE B 428 -32.03 12.21 -13.18
C ILE B 428 -32.17 11.62 -11.78
N PHE B 429 -31.03 11.22 -11.20
CA PHE B 429 -31.03 10.54 -9.94
C PHE B 429 -30.21 11.31 -8.90
N GLU B 430 -30.52 11.05 -7.64
CA GLU B 430 -29.77 11.59 -6.52
C GLU B 430 -28.83 10.49 -6.04
N PHE B 431 -27.56 10.84 -5.88
CA PHE B 431 -26.50 9.89 -5.61
C PHE B 431 -25.86 10.20 -4.27
N ASP B 432 -25.43 9.14 -3.61
CA ASP B 432 -24.57 9.25 -2.45
C ASP B 432 -23.14 9.19 -2.91
N THR B 433 -22.40 10.26 -2.69
CA THR B 433 -21.03 10.36 -3.16
C THR B 433 -20.02 10.36 -2.03
N GLU B 434 -20.47 10.57 -0.80
CA GLU B 434 -19.55 10.58 0.33
C GLU B 434 -19.15 9.16 0.70
N THR B 435 -20.12 8.25 0.66
CA THR B 435 -19.97 6.94 1.29
C THR B 435 -18.82 6.17 0.69
N LEU B 436 -18.69 6.18 -0.64
CA LEU B 436 -17.56 5.54 -1.31
C LEU B 436 -16.50 6.54 -1.76
N ASN B 437 -16.51 7.74 -1.18
CA ASN B 437 -15.91 8.92 -1.78
C ASN B 437 -15.83 8.79 -3.29
N SER B 438 -16.95 9.01 -3.95
CA SER B 438 -17.02 8.89 -5.40
C SER B 438 -16.42 10.13 -6.10
N ASP B 439 -15.72 9.88 -7.19
CA ASP B 439 -14.99 10.87 -7.91
C ASP B 439 -15.73 11.40 -9.10
N GLY B 440 -16.89 10.84 -9.41
CA GLY B 440 -17.80 11.40 -10.38
C GLY B 440 -17.55 10.96 -11.79
N ILE B 441 -16.76 9.91 -12.00
CA ILE B 441 -16.41 9.50 -13.36
C ILE B 441 -16.99 8.10 -13.60
N PHE B 442 -17.57 7.91 -14.78
CA PHE B 442 -18.29 6.68 -15.05
C PHE B 442 -17.32 5.53 -15.20
N ARG B 443 -17.70 4.41 -14.57
CA ARG B 443 -17.10 3.10 -14.71
C ARG B 443 -17.97 2.20 -15.55
N THR B 444 -17.39 1.09 -15.97
CA THR B 444 -18.17 0.11 -16.71
C THR B 444 -18.76 -0.93 -15.78
N SER B 445 -19.61 -1.77 -16.36
CA SER B 445 -20.34 -2.78 -15.65
C SER B 445 -19.64 -4.11 -15.77
N PRO B 446 -20.01 -5.08 -14.92
CA PRO B 446 -19.52 -6.47 -15.09
C PRO B 446 -19.77 -6.99 -16.47
N ARG B 447 -20.87 -6.57 -17.10
CA ARG B 447 -21.10 -6.92 -18.50
C ARG B 447 -19.91 -6.47 -19.35
N GLY B 448 -19.46 -5.23 -19.11
CA GLY B 448 -18.31 -4.70 -19.84
C GLY B 448 -17.03 -5.41 -19.50
N TRP B 449 -16.78 -5.63 -18.19
CA TRP B 449 -15.50 -6.21 -17.80
C TRP B 449 -15.39 -7.65 -18.27
N PHE B 450 -16.51 -8.36 -18.36
CA PHE B 450 -16.44 -9.78 -18.73
C PHE B 450 -16.21 -9.91 -20.23
N THR B 451 -16.88 -9.07 -21.01
CA THR B 451 -16.66 -9.11 -22.44
C THR B 451 -15.20 -8.81 -22.77
N PHE B 452 -14.68 -7.73 -22.17
CA PHE B 452 -13.31 -7.31 -22.39
C PHE B 452 -12.34 -8.46 -22.11
N ALA B 453 -12.48 -9.12 -20.96
CA ALA B 453 -11.51 -10.15 -20.62
C ALA B 453 -11.61 -11.35 -21.55
N HIS B 454 -12.80 -11.75 -21.92
CA HIS B 454 -12.89 -12.98 -22.65
C HIS B 454 -12.57 -12.74 -24.11
N ALA B 455 -12.81 -11.53 -24.60
CA ALA B 455 -12.44 -11.25 -25.98
C ALA B 455 -10.92 -11.16 -26.10
N VAL B 456 -10.27 -10.55 -25.12
CA VAL B 456 -8.83 -10.54 -25.08
C VAL B 456 -8.24 -11.95 -24.95
N PHE B 457 -8.70 -12.71 -23.95
CA PHE B 457 -8.12 -14.03 -23.73
C PHE B 457 -8.25 -14.90 -24.97
N ALA B 458 -9.39 -14.80 -25.65
CA ALA B 458 -9.65 -15.62 -26.83
C ALA B 458 -8.65 -15.31 -27.95
N LEU B 459 -8.48 -14.04 -28.24
CA LEU B 459 -7.46 -13.61 -29.19
C LEU B 459 -6.09 -14.17 -28.82
N LEU B 460 -5.74 -14.13 -27.55
CA LEU B 460 -4.42 -14.63 -27.16
C LEU B 460 -4.35 -16.13 -27.37
N PHE B 461 -5.50 -16.83 -27.27
CA PHE B 461 -5.48 -18.28 -27.37
C PHE B 461 -5.41 -18.72 -28.82
N PHE B 462 -5.86 -17.84 -29.74
CA PHE B 462 -5.60 -18.07 -31.14
C PHE B 462 -4.12 -18.31 -31.44
N PHE B 463 -3.24 -17.48 -30.87
CA PHE B 463 -1.81 -17.67 -31.00
C PHE B 463 -1.34 -18.98 -30.36
N GLY B 464 -1.93 -19.36 -29.22
CA GLY B 464 -1.64 -20.67 -28.65
C GLY B 464 -2.07 -21.81 -29.55
N HIS B 465 -3.21 -21.69 -30.22
CA HIS B 465 -3.58 -22.65 -31.25
C HIS B 465 -2.51 -22.70 -32.33
N ILE B 466 -2.07 -21.53 -32.80
CA ILE B 466 -1.09 -21.54 -33.88
C ILE B 466 0.24 -22.09 -33.40
N TRP B 467 0.68 -21.73 -32.20
CA TRP B 467 1.98 -22.22 -31.76
C TRP B 467 1.95 -23.74 -31.62
N HIS B 468 1.01 -24.27 -30.83
CA HIS B 468 1.06 -25.68 -30.56
C HIS B 468 0.64 -26.51 -31.75
N GLY B 469 -0.11 -25.93 -32.69
CA GLY B 469 -0.43 -26.63 -33.92
C GLY B 469 0.79 -26.81 -34.79
N ALA B 470 1.54 -25.73 -34.99
CA ALA B 470 2.81 -25.80 -35.69
C ALA B 470 3.72 -26.84 -35.05
N ARG B 471 3.78 -26.87 -33.72
CA ARG B 471 4.67 -27.81 -33.04
C ARG B 471 4.25 -29.26 -33.23
N THR B 472 2.97 -29.50 -33.44
CA THR B 472 2.56 -30.88 -33.74
C THR B 472 2.96 -31.27 -35.17
N LEU B 473 2.71 -30.39 -36.13
CA LEU B 473 2.89 -30.77 -37.52
C LEU B 473 4.33 -30.75 -37.94
N PHE B 474 5.17 -29.99 -37.23
CA PHE B 474 6.58 -29.84 -37.55
C PHE B 474 7.45 -30.29 -36.40
N ARG B 475 7.00 -31.27 -35.66
CA ARG B 475 7.77 -31.71 -34.51
C ARG B 475 9.15 -32.15 -34.95
N ASP B 476 9.24 -32.78 -36.12
CA ASP B 476 10.46 -33.37 -36.64
C ASP B 476 11.57 -32.37 -36.94
N VAL B 477 11.29 -31.07 -36.97
CA VAL B 477 12.32 -30.07 -37.24
C VAL B 477 12.35 -28.97 -36.19
N PHE B 478 11.69 -29.21 -35.05
N PHE B 478 11.70 -29.12 -35.06
CA PHE B 478 11.59 -28.23 -33.97
CA PHE B 478 11.65 -27.92 -34.24
C PHE B 478 12.95 -27.65 -33.62
C PHE B 478 12.95 -27.65 -33.47
N SER B 479 13.97 -28.51 -33.61
CA SER B 479 15.33 -28.15 -33.24
C SER B 479 16.17 -27.68 -34.43
N GLY B 480 15.63 -27.67 -35.63
CA GLY B 480 16.43 -27.35 -36.81
C GLY B 480 16.09 -28.20 -38.02
N ILE B 481 16.40 -27.66 -39.19
CA ILE B 481 16.22 -28.37 -40.44
C ILE B 481 17.32 -29.41 -40.63
N ASP B 482 17.12 -30.32 -41.56
CA ASP B 482 18.09 -31.38 -41.76
C ASP B 482 19.44 -30.84 -42.23
N PRO B 483 20.53 -31.10 -41.50
CA PRO B 483 21.82 -30.56 -41.92
C PRO B 483 22.31 -31.09 -43.24
N GLU B 484 21.66 -32.11 -43.79
CA GLU B 484 22.00 -32.63 -45.11
C GLU B 484 20.85 -32.47 -46.10
N LEU B 485 19.98 -31.49 -45.86
CA LEU B 485 19.15 -30.96 -46.94
C LEU B 485 20.07 -30.58 -48.11
N SER B 486 19.61 -30.83 -49.32
CA SER B 486 20.46 -30.59 -50.47
C SER B 486 19.75 -29.70 -51.48
N PRO B 487 20.48 -28.83 -52.18
CA PRO B 487 19.85 -27.78 -52.99
C PRO B 487 19.05 -28.28 -54.17
N GLU B 488 18.96 -29.60 -54.33
CA GLU B 488 18.14 -30.18 -55.38
C GLU B 488 16.68 -30.27 -54.96
N GLN B 489 16.46 -30.51 -53.67
CA GLN B 489 15.12 -30.57 -53.11
C GLN B 489 14.46 -29.20 -53.00
N VAL B 490 15.21 -28.12 -53.26
CA VAL B 490 14.81 -26.77 -52.88
C VAL B 490 14.99 -25.85 -54.07
N GLU B 491 15.96 -26.16 -54.93
CA GLU B 491 15.98 -25.53 -56.24
C GLU B 491 14.73 -25.90 -57.02
N TRP B 492 14.49 -25.14 -58.08
CA TRP B 492 13.22 -25.23 -58.81
C TRP B 492 13.32 -26.23 -59.95
N GLY B 493 12.20 -26.91 -60.19
CA GLY B 493 12.04 -27.81 -61.31
C GLY B 493 12.65 -29.18 -61.14
N PHE B 494 13.49 -29.37 -60.12
CA PHE B 494 14.11 -30.67 -59.89
C PHE B 494 13.06 -31.75 -59.71
N TYR B 495 12.02 -31.46 -58.98
CA TYR B 495 10.94 -32.40 -58.71
C TYR B 495 9.65 -31.87 -59.31
N GLN B 496 8.92 -32.74 -60.02
CA GLN B 496 7.61 -32.33 -60.50
C GLN B 496 6.69 -31.94 -59.34
N LYS B 497 6.71 -32.70 -58.25
CA LYS B 497 5.90 -32.41 -57.07
C LYS B 497 6.84 -32.00 -55.94
N VAL B 498 6.56 -30.84 -55.34
CA VAL B 498 7.43 -30.24 -54.34
C VAL B 498 7.58 -31.17 -53.13
N GLY B 499 8.81 -31.41 -52.74
CA GLY B 499 9.08 -32.17 -51.53
C GLY B 499 8.67 -33.63 -51.60
N ASP B 500 9.05 -34.28 -52.69
CA ASP B 500 8.61 -35.64 -52.95
C ASP B 500 9.54 -36.20 -54.03
N VAL B 501 10.60 -36.88 -53.58
CA VAL B 501 11.71 -37.21 -54.48
C VAL B 501 11.34 -38.23 -55.53
N THR B 502 10.16 -38.80 -55.47
CA THR B 502 9.77 -39.81 -56.43
C THR B 502 9.37 -39.22 -57.77
N THR B 503 9.43 -37.89 -57.92
CA THR B 503 8.91 -37.20 -59.09
C THR B 503 10.03 -36.41 -59.81
N ARG B 504 11.27 -36.87 -59.64
CA ARG B 504 12.42 -36.32 -60.33
C ARG B 504 12.24 -36.45 -61.85
N ARG B 505 13.05 -35.70 -62.61
CA ARG B 505 12.87 -35.63 -64.05
C ARG B 505 14.09 -36.20 -64.79
N GLY C 10 36.85 -1.45 -61.46
CA GLY C 10 35.98 -2.57 -61.12
C GLY C 10 34.68 -2.15 -60.46
N PHE C 11 33.81 -1.48 -61.22
CA PHE C 11 32.57 -0.91 -60.71
C PHE C 11 31.38 -1.41 -61.51
N ALA C 12 30.23 -1.51 -60.85
CA ALA C 12 28.97 -1.87 -61.48
C ALA C 12 28.39 -0.70 -62.27
N TRP C 13 27.39 -1.00 -63.10
CA TRP C 13 26.80 0.00 -63.97
C TRP C 13 26.15 1.14 -63.17
N TRP C 14 25.64 0.84 -61.98
CA TRP C 14 24.97 1.83 -61.15
C TRP C 14 25.95 2.72 -60.39
N ALA C 15 27.25 2.37 -60.36
CA ALA C 15 28.31 3.33 -60.00
C ALA C 15 29.24 3.57 -61.20
N GLY C 16 28.65 3.61 -62.40
CA GLY C 16 29.45 3.66 -63.61
C GLY C 16 30.27 4.92 -63.72
N ASN C 17 29.72 6.06 -63.27
CA ASN C 17 30.51 7.27 -63.36
C ASN C 17 31.80 7.23 -62.53
N ALA C 18 31.99 6.24 -61.63
CA ALA C 18 33.24 6.07 -60.89
C ALA C 18 34.37 5.53 -61.76
N ARG C 19 34.05 5.09 -62.98
CA ARG C 19 35.05 4.64 -63.91
C ARG C 19 35.83 5.81 -64.50
N LEU C 20 35.40 7.05 -64.25
CA LEU C 20 36.01 8.25 -64.81
C LEU C 20 37.07 8.89 -63.91
N ILE C 21 37.35 8.30 -62.74
CA ILE C 21 38.27 8.92 -61.79
C ILE C 21 39.61 9.21 -62.46
N ASN C 22 40.25 8.19 -63.03
CA ASN C 22 41.57 8.37 -63.62
C ASN C 22 41.52 8.45 -65.14
N LEU C 23 40.47 9.06 -65.69
CA LEU C 23 40.33 9.33 -67.13
C LEU C 23 40.07 10.82 -67.30
N SER C 24 41.15 11.61 -67.28
CA SER C 24 41.02 13.07 -67.21
C SER C 24 40.32 13.66 -68.44
N GLY C 25 40.38 12.99 -69.60
CA GLY C 25 39.74 13.51 -70.79
C GLY C 25 38.23 13.34 -70.86
N LYS C 26 37.78 12.12 -70.53
CA LYS C 26 36.34 11.85 -70.48
C LYS C 26 35.70 12.55 -69.28
N LEU C 27 36.43 12.67 -68.20
CA LEU C 27 35.91 13.39 -67.06
C LEU C 27 35.77 14.88 -67.33
N LEU C 28 36.62 15.44 -68.20
CA LEU C 28 36.48 16.85 -68.51
C LEU C 28 35.21 17.08 -69.31
N GLY C 29 34.89 16.15 -70.20
CA GLY C 29 33.66 16.25 -70.96
C GLY C 29 32.44 16.12 -70.08
N ALA C 30 32.53 15.30 -69.03
CA ALA C 30 31.42 15.11 -68.10
C ALA C 30 31.12 16.40 -67.37
N HIS C 31 32.15 17.05 -66.85
CA HIS C 31 31.98 18.31 -66.14
C HIS C 31 31.40 19.38 -67.06
N VAL C 32 31.82 19.39 -68.33
CA VAL C 32 31.47 20.50 -69.21
C VAL C 32 30.07 20.31 -69.79
N ALA C 33 29.77 19.08 -70.21
CA ALA C 33 28.39 18.74 -70.58
C ALA C 33 27.42 18.93 -69.41
N HIS C 34 27.86 18.65 -68.20
CA HIS C 34 27.02 18.99 -67.06
C HIS C 34 26.89 20.49 -66.86
N ALA C 35 27.98 21.25 -67.08
CA ALA C 35 27.89 22.71 -67.07
C ALA C 35 26.87 23.21 -68.09
N GLY C 36 26.72 22.50 -69.22
CA GLY C 36 25.76 22.91 -70.23
C GLY C 36 24.31 22.72 -69.78
N LEU C 37 24.03 21.62 -69.08
CA LEU C 37 22.69 21.44 -68.50
C LEU C 37 22.34 22.58 -67.56
N ILE C 38 23.29 23.06 -66.77
CA ILE C 38 23.02 24.14 -65.84
C ILE C 38 22.67 25.41 -66.60
N VAL C 39 23.51 25.78 -67.57
CA VAL C 39 23.25 27.01 -68.31
C VAL C 39 21.96 26.87 -69.12
N PHE C 40 21.74 25.69 -69.71
CA PHE C 40 20.48 25.40 -70.40
C PHE C 40 19.26 25.67 -69.54
N TRP C 41 19.19 25.07 -68.35
CA TRP C 41 18.03 25.29 -67.49
C TRP C 41 17.89 26.78 -67.16
N ALA C 42 19.00 27.47 -66.87
CA ALA C 42 18.94 28.88 -66.52
C ALA C 42 18.31 29.69 -67.65
N GLY C 43 18.65 29.35 -68.88
CA GLY C 43 18.10 30.06 -70.01
C GLY C 43 16.67 29.70 -70.29
N ALA C 44 16.42 28.39 -70.49
CA ALA C 44 15.07 27.93 -70.79
C ALA C 44 14.09 28.33 -69.70
N MET C 45 14.52 28.30 -68.45
CA MET C 45 13.59 28.61 -67.37
C MET C 45 13.18 30.07 -67.42
N THR C 46 14.14 30.94 -67.67
CA THR C 46 13.85 32.38 -67.75
C THR C 46 12.87 32.67 -68.88
N LEU C 47 13.03 31.99 -70.02
CA LEU C 47 12.09 32.12 -71.13
C LEU C 47 10.74 31.53 -70.79
N PHE C 48 10.72 30.45 -70.02
CA PHE C 48 9.44 29.97 -69.53
C PHE C 48 8.76 31.04 -68.68
N GLU C 49 9.52 31.69 -67.80
CA GLU C 49 8.88 32.59 -66.84
C GLU C 49 8.32 33.81 -67.56
N LEU C 50 9.12 34.38 -68.48
CA LEU C 50 8.69 35.56 -69.24
C LEU C 50 7.47 35.27 -70.09
N ALA C 51 7.50 34.18 -70.87
CA ALA C 51 6.33 33.81 -71.65
C ALA C 51 5.06 33.82 -70.80
N HIS C 52 5.17 33.38 -69.54
CA HIS C 52 4.02 33.31 -68.66
C HIS C 52 3.83 34.58 -67.85
N PHE C 53 4.79 35.49 -67.88
CA PHE C 53 4.73 36.66 -67.03
C PHE C 53 3.61 37.58 -67.45
N ILE C 54 2.90 38.11 -66.46
CA ILE C 54 1.93 39.18 -66.62
C ILE C 54 2.36 40.34 -65.71
N PRO C 55 2.75 41.49 -66.28
CA PRO C 55 3.17 42.65 -65.46
C PRO C 55 2.20 43.11 -64.40
N GLU C 56 0.89 43.11 -64.69
CA GLU C 56 -0.11 43.58 -63.72
C GLU C 56 0.12 42.99 -62.33
N LYS C 57 0.37 41.66 -62.28
CA LYS C 57 0.46 40.82 -61.11
C LYS C 57 1.85 40.87 -60.48
N PRO C 58 1.92 40.85 -59.15
CA PRO C 58 3.22 40.73 -58.50
C PRO C 58 3.88 39.43 -58.88
N MET C 59 5.21 39.43 -58.85
CA MET C 59 5.94 38.24 -59.25
C MET C 59 5.65 37.05 -58.32
N TYR C 60 5.42 37.30 -57.03
CA TYR C 60 5.23 36.20 -56.08
C TYR C 60 3.85 35.53 -56.24
N GLU C 61 2.90 36.16 -56.95
CA GLU C 61 1.68 35.49 -57.36
C GLU C 61 1.84 34.65 -58.62
N GLN C 62 3.05 34.51 -59.18
CA GLN C 62 3.23 33.87 -60.47
C GLN C 62 4.30 32.77 -60.52
N GLY C 63 4.75 32.26 -59.38
CA GLY C 63 5.66 31.13 -59.40
C GLY C 63 7.01 31.43 -60.01
N LEU C 64 7.51 32.64 -59.84
CA LEU C 64 8.74 33.03 -60.49
C LEU C 64 9.90 32.96 -59.51
N ILE C 65 11.04 32.48 -59.99
CA ILE C 65 12.23 32.47 -59.15
C ILE C 65 13.46 33.07 -59.82
N LEU C 66 13.43 33.24 -61.14
CA LEU C 66 14.59 33.74 -61.85
C LEU C 66 14.44 35.20 -62.22
N ILE C 67 13.26 35.62 -62.63
CA ILE C 67 13.04 37.04 -62.85
C ILE C 67 13.34 37.84 -61.59
N PRO C 68 12.84 37.46 -60.40
CA PRO C 68 13.27 38.16 -59.18
C PRO C 68 14.78 38.28 -59.00
N HIS C 69 15.58 37.32 -59.48
CA HIS C 69 17.02 37.46 -59.38
C HIS C 69 17.51 38.55 -60.31
N ILE C 70 16.89 38.67 -61.50
CA ILE C 70 17.34 39.66 -62.48
C ILE C 70 16.88 41.06 -62.08
N ALA C 71 15.61 41.17 -61.70
CA ALA C 71 15.05 42.41 -61.18
C ALA C 71 15.89 42.98 -60.04
N THR C 72 16.37 42.10 -59.18
CA THR C 72 17.10 42.52 -58.00
C THR C 72 18.42 43.15 -58.42
N LEU C 73 19.02 42.66 -59.49
CA LEU C 73 20.20 43.26 -60.06
C LEU C 73 19.95 44.63 -60.69
N GLY C 74 18.68 45.01 -60.93
CA GLY C 74 18.37 46.34 -61.42
C GLY C 74 17.86 46.42 -62.83
N TRP C 75 17.70 45.31 -63.53
CA TRP C 75 17.21 45.35 -64.89
C TRP C 75 15.71 45.16 -64.91
N GLY C 76 15.05 45.94 -65.78
CA GLY C 76 13.65 45.76 -66.05
C GLY C 76 12.71 46.37 -65.04
N VAL C 77 13.23 47.01 -64.02
CA VAL C 77 12.40 47.45 -62.92
C VAL C 77 12.67 48.92 -62.68
N GLY C 78 11.65 49.61 -62.15
CA GLY C 78 11.82 50.95 -61.65
C GLY C 78 11.32 51.08 -60.22
N PRO C 79 10.89 52.28 -59.83
CA PRO C 79 10.46 52.48 -58.46
C PRO C 79 9.30 51.56 -58.11
N GLY C 80 9.40 50.99 -56.90
CA GLY C 80 8.44 50.07 -56.40
C GLY C 80 8.55 48.69 -56.95
N GLY C 81 9.56 48.41 -57.75
CA GLY C 81 9.62 47.09 -58.35
C GLY C 81 8.68 46.95 -59.52
N GLU C 82 7.99 48.03 -59.88
CA GLU C 82 7.25 48.09 -61.13
C GLU C 82 8.12 47.64 -62.29
N VAL C 83 7.66 46.63 -63.02
CA VAL C 83 8.41 46.14 -64.16
C VAL C 83 8.20 47.06 -65.33
N VAL C 84 9.29 47.66 -65.82
CA VAL C 84 9.22 48.64 -66.89
C VAL C 84 9.59 48.04 -68.25
N ASP C 85 10.57 47.15 -68.32
CA ASP C 85 11.03 46.62 -69.60
C ASP C 85 11.36 45.15 -69.39
N THR C 86 10.65 44.27 -70.12
CA THR C 86 10.87 42.83 -70.13
C THR C 86 12.05 42.39 -70.98
N PHE C 87 12.71 43.30 -71.70
CA PHE C 87 13.74 42.86 -72.62
C PHE C 87 14.96 42.32 -71.88
N PRO C 88 15.49 42.98 -70.87
CA PRO C 88 16.63 42.39 -70.15
C PRO C 88 16.34 40.98 -69.67
N PHE C 89 15.07 40.66 -69.38
CA PHE C 89 14.76 39.28 -69.03
C PHE C 89 14.97 38.37 -70.24
N PHE C 90 14.31 38.70 -71.36
CA PHE C 90 14.48 37.91 -72.58
C PHE C 90 15.96 37.70 -72.94
N VAL C 91 16.76 38.77 -72.87
CA VAL C 91 18.16 38.65 -73.26
C VAL C 91 18.91 37.66 -72.37
N VAL C 92 18.69 37.75 -71.05
CA VAL C 92 19.38 36.83 -70.16
C VAL C 92 19.07 35.38 -70.52
N GLY C 93 17.82 35.11 -70.88
CA GLY C 93 17.48 33.76 -71.31
C GLY C 93 18.25 33.29 -72.53
N VAL C 94 18.10 34.04 -73.63
CA VAL C 94 18.68 33.62 -74.91
C VAL C 94 20.17 33.34 -74.73
N VAL C 95 20.90 34.33 -74.22
CA VAL C 95 22.35 34.23 -74.18
C VAL C 95 22.78 33.02 -73.37
N HIS C 96 22.13 32.76 -72.25
CA HIS C 96 22.41 31.52 -71.52
C HIS C 96 22.11 30.30 -72.40
N LEU C 97 20.90 30.21 -72.94
CA LEU C 97 20.51 29.07 -73.76
C LEU C 97 21.48 28.84 -74.91
N ILE C 98 21.87 29.92 -75.61
CA ILE C 98 22.78 29.82 -76.74
C ILE C 98 24.11 29.25 -76.26
N SER C 99 24.56 29.69 -75.09
CA SER C 99 25.86 29.33 -74.55
C SER C 99 25.95 27.87 -74.11
N SER C 100 24.82 27.16 -74.01
CA SER C 100 24.88 25.77 -73.54
C SER C 100 25.15 24.81 -74.68
N ALA C 101 24.82 25.20 -75.90
CA ALA C 101 25.20 24.44 -77.09
C ALA C 101 26.72 24.42 -77.25
N VAL C 102 27.35 25.55 -76.94
CA VAL C 102 28.79 25.62 -76.90
C VAL C 102 29.33 24.66 -75.84
N LEU C 103 28.79 24.74 -74.62
CA LEU C 103 29.19 23.81 -73.56
C LEU C 103 28.74 22.38 -73.85
N GLY C 104 27.50 22.23 -74.32
CA GLY C 104 27.09 20.97 -74.89
C GLY C 104 28.12 20.43 -75.86
N PHE C 105 28.45 21.22 -76.87
CA PHE C 105 29.40 20.77 -77.89
C PHE C 105 30.73 20.37 -77.27
N GLY C 106 31.26 21.19 -76.35
CA GLY C 106 32.52 20.84 -75.72
C GLY C 106 32.46 19.54 -74.94
N GLY C 107 31.37 19.32 -74.20
CA GLY C 107 31.28 18.13 -73.37
C GLY C 107 31.08 16.83 -74.13
N VAL C 108 30.17 16.82 -75.13
CA VAL C 108 30.03 15.61 -75.93
C VAL C 108 31.36 15.29 -76.61
N TYR C 109 32.06 16.32 -77.08
CA TYR C 109 33.32 16.10 -77.77
C TYR C 109 34.34 15.42 -76.86
N HIS C 110 34.61 16.01 -75.69
CA HIS C 110 35.57 15.43 -74.76
C HIS C 110 35.09 14.11 -74.13
N ALA C 111 33.77 13.83 -74.05
CA ALA C 111 33.32 12.55 -73.43
C ALA C 111 33.39 11.37 -74.39
N ILE C 112 33.47 11.62 -75.68
CA ILE C 112 33.17 10.63 -76.68
C ILE C 112 34.32 10.54 -77.67
N ARG C 113 34.65 11.68 -78.27
CA ARG C 113 35.63 11.71 -79.34
C ARG C 113 36.97 12.27 -78.91
N GLY C 114 37.01 13.27 -78.03
CA GLY C 114 38.27 13.78 -77.55
C GLY C 114 39.14 12.66 -76.97
N PRO C 115 40.34 13.00 -76.50
CA PRO C 115 41.19 11.99 -75.88
C PRO C 115 40.66 11.54 -74.53
N GLU C 116 40.92 10.27 -74.19
CA GLU C 116 40.42 9.71 -72.94
C GLU C 116 41.14 10.31 -71.74
N THR C 117 42.47 10.30 -71.78
CA THR C 117 43.28 10.96 -70.78
C THR C 117 44.00 12.16 -71.38
N LEU C 118 44.26 13.13 -70.53
CA LEU C 118 44.88 14.38 -70.96
C LEU C 118 46.39 14.37 -70.82
N GLU C 119 46.96 13.63 -69.86
CA GLU C 119 48.33 13.94 -69.48
C GLU C 119 49.30 13.65 -70.62
N GLU C 120 48.87 12.87 -71.62
CA GLU C 120 49.71 12.58 -72.78
C GLU C 120 49.67 13.71 -73.80
N TYR C 121 48.49 14.29 -74.06
CA TYR C 121 48.38 15.38 -75.03
C TYR C 121 49.18 16.60 -74.59
N SER C 122 48.97 17.05 -73.35
CA SER C 122 49.60 18.26 -72.85
C SER C 122 49.83 18.14 -71.36
N SER C 123 51.04 18.47 -70.93
CA SER C 123 51.37 18.45 -69.51
C SER C 123 50.68 19.56 -68.75
N PHE C 124 50.03 20.49 -69.43
CA PHE C 124 49.38 21.60 -68.75
C PHE C 124 48.03 21.17 -68.22
N PHE C 125 47.20 20.61 -69.11
CA PHE C 125 45.82 20.30 -68.80
C PHE C 125 45.65 18.96 -68.12
N GLY C 126 46.61 18.05 -68.26
CA GLY C 126 46.57 16.82 -67.54
C GLY C 126 46.92 17.00 -66.07
N TYR C 127 46.34 16.14 -65.24
CA TYR C 127 46.55 16.15 -63.80
C TYR C 127 46.51 14.74 -63.23
N ASP C 128 47.20 14.56 -62.11
CA ASP C 128 47.10 13.37 -61.28
C ASP C 128 46.53 13.79 -59.94
N TRP C 129 45.51 13.08 -59.48
CA TRP C 129 44.88 13.47 -58.23
C TRP C 129 45.90 13.63 -57.09
N LYS C 130 46.98 12.87 -57.10
CA LYS C 130 47.93 12.93 -55.99
C LYS C 130 49.00 13.98 -56.19
N ASP C 131 48.94 14.74 -57.28
CA ASP C 131 49.90 15.81 -57.51
C ASP C 131 49.42 17.01 -56.71
N LYS C 132 49.97 17.14 -55.51
CA LYS C 132 49.52 18.18 -54.61
C LYS C 132 49.73 19.57 -55.20
N ASN C 133 50.83 19.77 -55.90
CA ASN C 133 51.06 21.08 -56.50
C ASN C 133 50.07 21.33 -57.64
N LYS C 134 50.04 20.44 -58.61
CA LYS C 134 49.12 20.59 -59.72
C LYS C 134 47.72 20.93 -59.23
N MET C 135 47.20 20.16 -58.25
CA MET C 135 45.85 20.41 -57.73
C MET C 135 45.70 21.81 -57.17
N THR C 136 46.59 22.22 -56.26
CA THR C 136 46.54 23.60 -55.74
C THR C 136 46.56 24.64 -56.86
N THR C 137 47.19 24.33 -58.00
CA THR C 137 47.20 25.27 -59.10
C THR C 137 45.81 25.44 -59.69
N ILE C 138 45.15 24.33 -60.04
CA ILE C 138 43.77 24.39 -60.51
C ILE C 138 42.85 25.00 -59.47
N LEU C 139 43.09 24.71 -58.17
CA LEU C 139 42.41 25.45 -57.12
C LEU C 139 42.56 26.95 -57.33
N GLY C 140 43.78 27.39 -57.66
CA GLY C 140 44.11 28.82 -57.71
C GLY C 140 43.51 29.55 -58.89
N PHE C 141 43.56 28.94 -60.07
CA PHE C 141 42.83 29.45 -61.24
C PHE C 141 41.36 29.70 -60.93
N HIS C 142 40.72 28.74 -60.27
CA HIS C 142 39.30 28.87 -60.06
C HIS C 142 38.99 29.92 -59.03
N LEU C 143 39.86 30.09 -58.04
CA LEU C 143 39.68 31.17 -57.10
C LEU C 143 39.68 32.52 -57.81
N ILE C 144 40.58 32.72 -58.75
CA ILE C 144 40.64 34.01 -59.43
C ILE C 144 39.36 34.22 -60.22
N VAL C 145 38.88 33.16 -60.87
CA VAL C 145 37.61 33.23 -61.58
C VAL C 145 36.53 33.69 -60.63
N LEU C 146 36.28 32.91 -59.57
CA LEU C 146 35.35 33.34 -58.54
C LEU C 146 35.64 34.78 -58.08
N GLY C 147 36.91 35.09 -57.81
CA GLY C 147 37.28 36.46 -57.48
C GLY C 147 36.81 37.46 -58.51
N ILE C 148 37.11 37.17 -59.79
CA ILE C 148 36.60 38.00 -60.88
C ILE C 148 35.09 38.12 -60.80
N GLY C 149 34.43 37.00 -60.52
CA GLY C 149 32.98 36.97 -60.56
C GLY C 149 32.36 37.87 -59.51
N ALA C 150 32.90 37.86 -58.31
CA ALA C 150 32.33 38.70 -57.28
C ALA C 150 32.55 40.18 -57.59
N LEU C 151 33.52 40.52 -58.42
CA LEU C 151 33.72 41.93 -58.73
C LEU C 151 32.80 42.35 -59.83
N LEU C 152 32.44 41.40 -60.69
CA LEU C 152 31.39 41.64 -61.68
C LEU C 152 30.16 42.25 -61.05
N LEU C 153 29.83 41.84 -59.81
CA LEU C 153 28.62 42.34 -59.19
C LEU C 153 28.86 43.70 -58.60
N VAL C 154 30.08 43.89 -58.08
CA VAL C 154 30.54 45.19 -57.64
C VAL C 154 30.45 46.19 -58.79
N ALA C 155 30.97 45.77 -59.97
CA ALA C 155 31.00 46.63 -61.15
C ALA C 155 29.61 47.11 -61.52
N LYS C 156 28.63 46.19 -61.52
CA LYS C 156 27.24 46.51 -61.82
C LYS C 156 26.71 47.53 -60.83
N ALA C 157 26.95 47.31 -59.54
CA ALA C 157 26.34 48.17 -58.53
C ALA C 157 26.86 49.58 -58.69
N MET C 158 28.14 49.71 -59.00
CA MET C 158 28.86 50.97 -58.92
C MET C 158 28.95 51.66 -60.27
N PHE C 159 29.08 50.90 -61.36
CA PHE C 159 29.40 51.47 -62.65
C PHE C 159 28.43 51.13 -63.78
N PHE C 160 27.42 50.29 -63.56
CA PHE C 160 26.46 49.97 -64.62
C PHE C 160 25.02 49.93 -64.12
N GLY C 161 24.59 50.97 -63.44
CA GLY C 161 23.18 51.11 -63.15
C GLY C 161 22.82 50.80 -61.73
N GLY C 162 23.73 50.23 -60.97
CA GLY C 162 23.36 49.90 -59.61
C GLY C 162 22.45 48.69 -59.48
N LEU C 163 21.71 48.67 -58.37
CA LEU C 163 20.85 47.55 -57.98
C LEU C 163 19.57 48.09 -57.41
N TYR C 164 18.57 47.20 -57.37
CA TYR C 164 17.30 47.51 -56.75
C TYR C 164 17.51 47.60 -55.25
N ASP C 165 16.97 48.66 -54.64
CA ASP C 165 17.11 48.94 -53.23
C ASP C 165 15.70 49.08 -52.64
N THR C 166 15.24 48.03 -51.95
CA THR C 166 13.94 48.07 -51.30
C THR C 166 13.90 49.11 -50.19
N TRP C 167 15.06 49.48 -49.65
CA TRP C 167 15.16 50.54 -48.63
C TRP C 167 15.29 51.93 -49.22
N ALA C 168 15.43 52.05 -50.53
CA ALA C 168 15.42 53.38 -51.12
C ALA C 168 14.19 54.12 -50.60
N PRO C 169 14.27 55.44 -50.41
CA PRO C 169 13.11 56.19 -49.90
C PRO C 169 12.12 56.47 -51.03
N GLY C 170 10.87 56.06 -50.82
CA GLY C 170 9.87 56.09 -51.87
C GLY C 170 9.33 54.73 -52.26
N GLY C 171 9.73 53.64 -51.61
CA GLY C 171 9.18 52.33 -51.90
C GLY C 171 10.17 51.45 -52.60
N GLY C 172 11.36 51.95 -52.85
CA GLY C 172 12.36 51.15 -53.51
C GLY C 172 12.57 51.60 -54.93
N ASP C 173 13.76 51.36 -55.43
CA ASP C 173 14.17 52.03 -56.64
C ASP C 173 15.54 51.49 -56.95
N VAL C 174 15.95 51.59 -58.20
CA VAL C 174 17.29 51.19 -58.57
C VAL C 174 18.25 52.31 -58.24
N ARG C 175 19.33 51.98 -57.56
CA ARG C 175 20.19 53.00 -56.97
C ARG C 175 21.64 52.58 -57.22
N VAL C 176 22.49 53.56 -57.54
CA VAL C 176 23.91 53.31 -57.76
C VAL C 176 24.65 53.41 -56.44
N ILE C 177 25.62 52.52 -56.21
CA ILE C 177 26.25 52.38 -54.89
C ILE C 177 27.61 53.07 -54.99
N THR C 178 27.65 54.29 -54.54
CA THR C 178 28.84 55.09 -54.70
C THR C 178 29.78 54.99 -53.51
N ASN C 179 29.33 54.40 -52.41
CA ASN C 179 30.16 54.27 -51.21
C ASN C 179 30.03 52.89 -50.59
N PRO C 180 30.51 51.88 -51.30
CA PRO C 180 30.71 50.57 -50.67
C PRO C 180 31.41 50.68 -49.32
N THR C 181 30.86 49.97 -48.34
CA THR C 181 31.49 49.86 -47.04
C THR C 181 32.82 49.15 -47.15
N LEU C 182 33.91 49.81 -46.72
CA LEU C 182 35.21 49.15 -46.69
C LEU C 182 35.68 48.85 -45.27
N ASP C 183 35.09 49.50 -44.28
CA ASP C 183 35.51 49.26 -42.91
C ASP C 183 35.40 47.78 -42.54
N PRO C 184 36.52 47.09 -42.34
CA PRO C 184 36.44 45.65 -42.04
C PRO C 184 35.80 45.34 -40.69
N ARG C 185 35.71 46.31 -39.80
CA ARG C 185 34.96 46.08 -38.58
C ARG C 185 33.50 45.80 -38.86
N VAL C 186 32.95 46.40 -39.92
CA VAL C 186 31.58 46.08 -40.35
C VAL C 186 31.55 44.79 -41.15
N ILE C 187 32.37 44.73 -42.19
CA ILE C 187 32.36 43.58 -43.09
C ILE C 187 32.59 42.30 -42.30
N PHE C 188 33.67 42.24 -41.52
CA PHE C 188 33.95 41.03 -40.75
C PHE C 188 33.17 41.00 -39.45
N GLY C 189 32.69 42.14 -38.98
CA GLY C 189 31.67 42.17 -37.96
C GLY C 189 30.58 41.12 -38.18
N TYR C 190 30.00 41.09 -39.39
CA TYR C 190 28.89 40.16 -39.69
C TYR C 190 29.24 38.70 -39.42
N LEU C 191 30.44 38.26 -39.82
CA LEU C 191 30.86 36.88 -39.61
C LEU C 191 30.87 36.44 -38.15
N LEU C 192 30.92 37.39 -37.22
CA LEU C 192 31.06 37.09 -35.81
C LEU C 192 29.82 37.35 -35.00
N LYS C 193 28.80 38.02 -35.56
CA LYS C 193 27.51 38.05 -34.91
C LYS C 193 27.00 36.62 -34.74
N SER C 194 26.23 36.41 -33.67
CA SER C 194 25.53 35.14 -33.43
C SER C 194 24.54 34.80 -34.53
N PRO C 195 24.43 33.54 -34.93
CA PRO C 195 23.33 33.11 -35.78
C PRO C 195 21.96 33.09 -35.09
N PHE C 196 21.86 33.54 -33.86
CA PHE C 196 20.61 33.43 -33.16
C PHE C 196 19.77 34.68 -33.38
N GLY C 197 18.61 34.71 -32.76
CA GLY C 197 17.63 35.72 -33.08
C GLY C 197 18.01 37.08 -32.55
N GLY C 198 17.60 38.09 -33.30
CA GLY C 198 18.13 39.43 -33.17
C GLY C 198 19.56 39.65 -33.67
N GLU C 199 20.31 38.61 -33.97
CA GLU C 199 21.66 38.77 -34.47
C GLU C 199 21.73 38.29 -35.92
N GLY C 200 21.59 36.98 -36.14
CA GLY C 200 21.37 36.44 -37.45
C GLY C 200 22.57 36.36 -38.34
N TRP C 201 23.77 36.46 -37.78
CA TRP C 201 24.98 36.19 -38.52
C TRP C 201 24.91 37.02 -39.80
N ILE C 202 25.34 36.48 -40.93
CA ILE C 202 25.39 37.24 -42.17
C ILE C 202 24.03 37.47 -42.82
N VAL C 203 23.01 36.65 -42.48
CA VAL C 203 21.65 36.83 -42.98
C VAL C 203 21.06 38.21 -42.60
N SER C 204 21.54 38.81 -41.54
CA SER C 204 20.98 40.09 -41.15
C SER C 204 21.44 41.29 -41.98
N VAL C 205 22.27 41.14 -43.04
CA VAL C 205 22.75 42.31 -43.83
C VAL C 205 21.59 43.06 -44.47
N ASN C 206 21.52 44.38 -44.24
CA ASN C 206 20.26 45.09 -44.49
C ASN C 206 20.46 46.38 -45.27
N ASN C 207 21.43 46.41 -46.18
CA ASN C 207 21.72 47.64 -46.92
C ASN C 207 22.78 47.31 -47.98
N LEU C 208 22.62 47.93 -49.15
CA LEU C 208 23.46 47.55 -50.29
C LEU C 208 24.93 47.98 -50.14
N GLU C 209 25.23 49.09 -49.46
CA GLU C 209 26.63 49.42 -49.24
C GLU C 209 27.40 48.24 -48.65
N ASP C 210 26.84 47.58 -47.62
CA ASP C 210 27.55 46.46 -47.01
C ASP C 210 27.62 45.26 -47.94
N VAL C 211 26.59 45.05 -48.75
CA VAL C 211 26.59 43.95 -49.71
C VAL C 211 27.67 44.17 -50.76
N VAL C 212 27.80 45.41 -51.28
CA VAL C 212 28.80 45.70 -52.29
C VAL C 212 30.21 45.67 -51.70
N GLY C 213 30.36 46.22 -50.48
CA GLY C 213 31.67 46.27 -49.87
C GLY C 213 32.23 44.89 -49.57
N GLY C 214 31.37 43.97 -49.13
CA GLY C 214 31.81 42.61 -48.85
C GLY C 214 32.23 41.86 -50.08
N HIS C 215 31.66 42.20 -51.23
CA HIS C 215 32.08 41.59 -52.49
C HIS C 215 33.43 42.13 -52.96
N ILE C 216 33.78 43.36 -52.58
CA ILE C 216 35.12 43.88 -52.85
C ILE C 216 36.14 43.08 -52.05
N TRP C 217 35.82 42.81 -50.78
CA TRP C 217 36.74 42.04 -49.95
C TRP C 217 36.90 40.62 -50.48
N ILE C 218 35.79 39.96 -50.81
CA ILE C 218 35.84 38.57 -51.20
C ILE C 218 36.56 38.41 -52.53
N GLY C 219 36.24 39.28 -53.49
CA GLY C 219 37.02 39.31 -54.71
C GLY C 219 38.51 39.45 -54.50
N LEU C 220 38.91 40.37 -53.63
CA LEU C 220 40.34 40.53 -53.41
C LEU C 220 40.92 39.33 -52.68
N ILE C 221 40.17 38.80 -51.73
CA ILE C 221 40.62 37.62 -51.00
C ILE C 221 40.78 36.44 -51.94
N CYS C 222 39.82 36.26 -52.84
CA CYS C 222 39.85 35.11 -53.75
C CYS C 222 41.01 35.21 -54.71
N ILE C 223 41.33 36.41 -55.18
CA ILE C 223 42.47 36.55 -56.08
C ILE C 223 43.75 36.40 -55.30
N ALA C 224 43.85 37.09 -54.17
CA ALA C 224 45.00 36.89 -53.32
C ALA C 224 45.27 35.40 -53.15
N GLY C 225 44.22 34.66 -52.75
CA GLY C 225 44.36 33.22 -52.49
C GLY C 225 44.53 32.40 -53.74
N GLY C 226 43.86 32.78 -54.83
CA GLY C 226 44.20 32.18 -56.10
C GLY C 226 45.69 32.22 -56.36
N ILE C 227 46.34 33.37 -56.06
CA ILE C 227 47.77 33.55 -56.36
C ILE C 227 48.61 32.75 -55.38
N TRP C 228 48.38 32.95 -54.09
CA TRP C 228 48.97 32.08 -53.09
C TRP C 228 48.98 30.62 -53.53
N HIS C 229 47.83 30.10 -53.94
CA HIS C 229 47.75 28.66 -54.14
C HIS C 229 48.43 28.22 -55.42
N ILE C 230 48.58 29.12 -56.38
CA ILE C 230 49.43 28.79 -57.51
C ILE C 230 50.90 28.80 -57.11
N LEU C 231 51.33 29.78 -56.31
CA LEU C 231 52.73 29.90 -55.95
C LEU C 231 53.19 28.88 -54.91
N THR C 232 52.31 28.16 -54.24
CA THR C 232 52.73 27.31 -53.13
C THR C 232 52.36 25.86 -53.35
N THR C 233 52.88 25.03 -52.46
CA THR C 233 52.45 23.68 -52.19
C THR C 233 52.09 23.55 -50.72
N PRO C 234 51.15 22.65 -50.40
CA PRO C 234 50.74 22.46 -49.01
C PRO C 234 51.90 22.23 -48.05
N PHE C 235 51.81 22.86 -46.89
CA PHE C 235 52.78 22.59 -45.84
C PHE C 235 52.48 21.26 -45.19
N GLY C 236 53.48 20.74 -44.49
CA GLY C 236 53.41 19.38 -43.98
C GLY C 236 52.24 19.11 -43.06
N TRP C 237 51.83 20.08 -42.25
CA TRP C 237 50.71 19.86 -41.34
C TRP C 237 49.41 19.65 -42.10
N ALA C 238 49.27 20.28 -43.28
CA ALA C 238 48.16 19.97 -44.17
C ALA C 238 48.39 18.66 -44.89
N ARG C 239 49.62 18.40 -45.34
CA ARG C 239 49.90 17.12 -46.00
C ARG C 239 49.50 15.94 -45.14
N ARG C 240 49.61 16.05 -43.82
CA ARG C 240 49.37 14.94 -42.93
C ARG C 240 47.92 14.85 -42.44
N ALA C 241 47.13 15.89 -42.60
CA ALA C 241 45.82 15.91 -42.00
C ALA C 241 44.70 15.60 -42.98
N PHE C 242 45.02 15.53 -44.26
CA PHE C 242 44.05 15.40 -45.33
C PHE C 242 44.30 14.10 -46.07
N ILE C 243 43.22 13.56 -46.67
CA ILE C 243 43.34 12.52 -47.70
C ILE C 243 43.47 13.21 -49.06
N TRP C 244 44.31 12.65 -49.92
CA TRP C 244 44.67 13.26 -51.18
C TRP C 244 44.27 12.36 -52.34
N SER C 245 43.00 12.47 -52.73
CA SER C 245 42.50 11.63 -53.80
C SER C 245 41.30 12.32 -54.38
N GLY C 246 40.92 11.86 -55.57
CA GLY C 246 39.80 12.48 -56.24
C GLY C 246 38.54 12.41 -55.41
N GLU C 247 38.28 11.25 -54.79
CA GLU C 247 37.07 11.10 -54.02
C GLU C 247 37.17 11.95 -52.76
N ALA C 248 38.35 12.05 -52.18
CA ALA C 248 38.48 12.93 -51.03
C ALA C 248 38.11 14.37 -51.40
N TYR C 249 38.56 14.87 -52.56
CA TYR C 249 38.27 16.27 -52.91
C TYR C 249 36.80 16.48 -53.21
N LEU C 250 36.15 15.50 -53.83
CA LEU C 250 34.70 15.55 -53.99
C LEU C 250 33.98 15.73 -52.65
N SER C 251 34.37 14.98 -51.65
CA SER C 251 33.65 15.04 -50.40
C SER C 251 33.91 16.34 -49.63
N TYR C 252 35.10 16.97 -49.80
CA TYR C 252 35.29 18.30 -49.24
C TYR C 252 34.29 19.30 -49.83
N SER C 253 34.13 19.29 -51.16
CA SER C 253 33.19 20.18 -51.81
C SER C 253 31.76 19.80 -51.51
N LEU C 254 31.50 18.52 -51.23
CA LEU C 254 30.14 18.12 -50.92
C LEU C 254 29.71 18.72 -49.60
N GLY C 255 30.57 18.65 -48.59
CA GLY C 255 30.25 19.33 -47.35
C GLY C 255 30.13 20.82 -47.53
N ALA C 256 31.03 21.41 -48.32
CA ALA C 256 30.99 22.85 -48.55
C ALA C 256 29.71 23.28 -49.23
N LEU C 257 29.29 22.56 -50.24
CA LEU C 257 28.01 22.91 -50.87
C LEU C 257 26.87 22.66 -49.92
N SER C 258 27.01 21.67 -49.04
CA SER C 258 25.95 21.40 -48.08
C SER C 258 25.77 22.59 -47.15
N MET C 259 26.88 23.08 -46.64
CA MET C 259 26.87 24.25 -45.80
C MET C 259 26.27 25.44 -46.51
N MET C 260 26.71 25.66 -47.73
CA MET C 260 26.22 26.83 -48.44
C MET C 260 24.72 26.72 -48.63
N GLY C 261 24.22 25.52 -48.91
CA GLY C 261 22.80 25.36 -49.19
C GLY C 261 21.93 25.66 -48.00
N PHE C 262 22.37 25.28 -46.80
CA PHE C 262 21.62 25.57 -45.59
C PHE C 262 21.53 27.07 -45.36
N ILE C 263 22.62 27.80 -45.63
CA ILE C 263 22.64 29.25 -45.48
C ILE C 263 21.67 29.90 -46.47
N ALA C 264 21.77 29.53 -47.75
CA ALA C 264 20.83 30.04 -48.73
C ALA C 264 19.41 29.88 -48.22
N THR C 265 19.14 28.72 -47.62
CA THR C 265 17.80 28.38 -47.15
C THR C 265 17.27 29.44 -46.19
N CYS C 266 18.08 29.79 -45.18
CA CYS C 266 17.73 30.83 -44.23
C CYS C 266 17.79 32.22 -44.84
N PHE C 267 18.72 32.43 -45.77
CA PHE C 267 18.81 33.75 -46.39
C PHE C 267 17.49 34.13 -47.02
N VAL C 268 16.95 33.22 -47.85
CA VAL C 268 15.70 33.54 -48.54
C VAL C 268 14.52 33.50 -47.58
N TRP C 269 14.66 32.81 -46.47
CA TRP C 269 13.55 32.77 -45.53
C TRP C 269 13.46 34.03 -44.67
N PHE C 270 14.59 34.61 -44.30
CA PHE C 270 14.62 35.75 -43.40
C PHE C 270 14.90 37.09 -44.05
N ASN C 271 15.79 37.14 -45.07
CA ASN C 271 16.35 38.41 -45.57
C ASN C 271 15.40 39.06 -46.56
N ASN C 272 15.07 40.32 -46.34
CA ASN C 272 14.22 41.06 -47.28
C ASN C 272 14.96 42.22 -47.97
N THR C 273 16.28 42.30 -47.85
CA THR C 273 17.13 43.21 -48.64
C THR C 273 17.53 42.65 -50.01
N VAL C 274 18.38 41.61 -50.00
CA VAL C 274 18.83 40.96 -51.24
C VAL C 274 17.81 39.97 -51.82
N TYR C 275 16.75 39.66 -51.09
CA TYR C 275 15.57 39.02 -51.65
C TYR C 275 14.43 39.99 -51.35
N PRO C 276 14.29 41.03 -52.13
CA PRO C 276 13.29 42.04 -51.76
C PRO C 276 11.90 41.44 -51.86
N SER C 277 11.04 41.89 -50.95
CA SER C 277 9.72 41.33 -50.77
C SER C 277 8.75 41.83 -51.83
N GLU C 278 9.13 42.92 -52.50
CA GLU C 278 8.44 43.37 -53.70
C GLU C 278 8.32 42.24 -54.70
N PHE C 279 9.37 41.42 -54.78
CA PHE C 279 9.58 40.44 -55.84
C PHE C 279 9.29 39.03 -55.37
N TYR C 280 9.85 38.66 -54.22
CA TYR C 280 9.72 37.34 -53.68
C TYR C 280 8.51 37.19 -52.77
N GLY C 281 7.85 38.29 -52.41
CA GLY C 281 6.81 38.25 -51.39
C GLY C 281 7.36 38.39 -49.99
N PRO C 282 6.47 38.53 -49.03
CA PRO C 282 6.92 38.83 -47.66
C PRO C 282 7.49 37.61 -46.98
N THR C 283 8.42 37.87 -46.07
CA THR C 283 8.89 36.79 -45.22
C THR C 283 7.80 36.36 -44.26
N GLY C 284 8.02 35.19 -43.66
CA GLY C 284 7.13 34.67 -42.65
C GLY C 284 6.94 35.66 -41.53
N PRO C 285 8.05 36.19 -40.97
CA PRO C 285 7.92 37.23 -39.93
C PRO C 285 7.24 38.48 -40.43
N GLU C 286 7.67 38.98 -41.61
CA GLU C 286 7.02 40.12 -42.24
C GLU C 286 5.50 39.96 -42.23
N ALA C 287 5.00 38.85 -42.77
CA ALA C 287 3.57 38.63 -42.89
C ALA C 287 2.89 38.66 -41.52
N SER C 288 3.54 38.07 -40.52
CA SER C 288 2.97 38.00 -39.19
C SER C 288 2.92 39.37 -38.55
N GLN C 289 4.00 40.17 -38.72
CA GLN C 289 3.96 41.57 -38.29
C GLN C 289 2.84 42.33 -39.00
N ALA C 290 2.64 42.02 -40.28
CA ALA C 290 1.71 42.76 -41.12
C ALA C 290 0.27 42.55 -40.66
N GLN C 291 -0.09 41.32 -40.30
CA GLN C 291 -1.43 41.11 -39.77
C GLN C 291 -1.64 41.90 -38.48
N ALA C 292 -0.65 41.90 -37.59
CA ALA C 292 -0.83 42.67 -36.37
C ALA C 292 -1.02 44.17 -36.68
N MET C 293 -0.21 44.70 -37.60
CA MET C 293 -0.42 46.08 -38.06
C MET C 293 -1.84 46.29 -38.58
N THR C 294 -2.27 45.43 -39.51
CA THR C 294 -3.59 45.55 -40.17
C THR C 294 -4.72 45.77 -39.16
N PHE C 295 -4.81 44.95 -38.08
CA PHE C 295 -5.90 45.13 -37.13
C PHE C 295 -5.65 46.22 -36.09
N LEU C 296 -4.40 46.51 -35.77
CA LEU C 296 -4.11 47.78 -35.12
C LEU C 296 -4.73 48.95 -35.90
N ILE C 297 -4.36 49.10 -37.17
CA ILE C 297 -4.88 50.19 -37.99
C ILE C 297 -6.40 50.21 -38.00
N ARG C 298 -7.01 49.06 -38.30
CA ARG C 298 -8.47 48.97 -38.34
C ARG C 298 -9.11 49.27 -36.99
N ASP C 299 -8.56 48.72 -35.92
CA ASP C 299 -9.20 48.94 -34.65
C ASP C 299 -9.00 50.37 -34.18
N GLN C 300 -7.84 50.97 -34.49
CA GLN C 300 -7.64 52.37 -34.11
C GLN C 300 -8.59 53.29 -34.85
N LYS C 301 -8.81 53.04 -36.15
CA LYS C 301 -9.76 53.84 -36.90
C LYS C 301 -11.16 53.80 -36.33
N LEU C 302 -11.49 52.77 -35.56
CA LEU C 302 -12.80 52.64 -34.95
C LEU C 302 -12.91 53.34 -33.61
N GLY C 303 -11.81 53.88 -33.08
CA GLY C 303 -11.78 54.44 -31.75
C GLY C 303 -10.94 53.70 -30.71
N ALA C 304 -10.37 52.55 -31.05
CA ALA C 304 -9.62 51.80 -30.03
C ALA C 304 -8.33 52.56 -29.69
N ASN C 305 -8.04 52.67 -28.40
CA ASN C 305 -6.74 53.18 -27.93
C ASN C 305 -5.82 52.00 -27.78
N VAL C 306 -5.03 51.77 -28.83
CA VAL C 306 -4.30 50.52 -28.98
C VAL C 306 -3.19 50.40 -27.95
N GLY C 307 -2.65 51.52 -27.49
CA GLY C 307 -1.63 51.44 -26.48
C GLY C 307 -2.15 50.96 -25.15
N SER C 308 -3.38 51.32 -24.81
CA SER C 308 -3.92 51.00 -23.49
C SER C 308 -4.86 49.79 -23.50
N ALA C 309 -4.90 49.03 -24.59
CA ALA C 309 -5.90 47.96 -24.69
C ALA C 309 -5.27 46.68 -24.16
N GLN C 310 -5.67 46.30 -22.95
CA GLN C 310 -5.25 45.05 -22.32
C GLN C 310 -5.96 43.87 -22.98
N GLY C 311 -5.17 42.87 -23.37
CA GLY C 311 -5.66 41.68 -24.00
C GLY C 311 -5.97 40.59 -22.99
N PRO C 312 -6.48 39.47 -23.47
CA PRO C 312 -7.00 38.45 -22.54
C PRO C 312 -6.01 38.04 -21.47
N THR C 313 -4.75 37.86 -21.84
CA THR C 313 -3.78 37.32 -20.89
C THR C 313 -3.30 38.34 -19.86
N GLY C 314 -3.66 39.61 -19.99
CA GLY C 314 -2.99 40.68 -19.29
C GLY C 314 -1.95 41.42 -20.13
N LEU C 315 -1.40 40.77 -21.17
CA LEU C 315 -0.51 41.43 -22.10
C LEU C 315 -1.30 42.32 -23.04
N GLY C 316 -0.64 43.33 -23.60
CA GLY C 316 -1.35 44.24 -24.48
C GLY C 316 -1.92 43.48 -25.66
N LYS C 317 -3.12 43.86 -26.10
CA LYS C 317 -3.73 43.19 -27.23
C LYS C 317 -3.01 43.57 -28.53
N TYR C 318 -2.66 44.85 -28.68
CA TYR C 318 -1.95 45.27 -29.87
C TYR C 318 -0.46 45.46 -29.62
N LEU C 319 -0.06 45.92 -28.46
CA LEU C 319 1.31 46.34 -28.26
C LEU C 319 1.75 45.85 -26.90
N MET C 320 2.97 45.35 -26.85
CA MET C 320 3.56 44.90 -25.60
C MET C 320 5.06 45.22 -25.63
N ARG C 321 5.78 44.79 -24.60
CA ARG C 321 7.23 44.91 -24.55
C ARG C 321 7.93 43.58 -24.81
N SER C 322 9.09 43.70 -25.44
CA SER C 322 9.99 42.59 -25.59
C SER C 322 10.69 42.36 -24.27
N PRO C 323 11.47 41.29 -24.16
CA PRO C 323 12.25 41.06 -22.92
C PRO C 323 13.37 42.07 -22.66
N THR C 324 13.88 42.77 -23.69
CA THR C 324 14.81 43.87 -23.42
C THR C 324 14.12 45.23 -23.47
N GLY C 325 12.81 45.24 -23.53
CA GLY C 325 12.03 46.43 -23.26
C GLY C 325 11.41 47.09 -24.47
N GLU C 326 11.91 46.82 -25.68
CA GLU C 326 11.41 47.52 -26.85
C GLU C 326 9.89 47.34 -27.02
N ILE C 327 9.21 48.37 -27.49
CA ILE C 327 7.79 48.22 -27.78
C ILE C 327 7.66 47.52 -29.10
N ILE C 328 6.74 46.55 -29.13
CA ILE C 328 6.60 45.56 -30.18
C ILE C 328 5.13 45.20 -30.33
N PHE C 329 4.80 44.54 -31.44
CA PHE C 329 3.45 44.04 -31.69
C PHE C 329 3.08 42.90 -30.75
N GLY C 330 1.79 42.85 -30.37
CA GLY C 330 1.28 41.83 -29.49
C GLY C 330 0.70 40.62 -30.21
N GLY C 331 0.28 39.62 -29.40
CA GLY C 331 -0.14 38.36 -29.93
C GLY C 331 1.04 37.46 -30.21
N GLU C 332 0.81 36.42 -31.01
CA GLU C 332 1.83 35.39 -31.20
C GLU C 332 3.05 35.94 -31.92
N THR C 333 2.89 37.05 -32.66
CA THR C 333 3.97 37.69 -33.42
C THR C 333 5.04 38.34 -32.54
N MET C 334 4.86 38.26 -31.23
CA MET C 334 5.87 38.73 -30.29
C MET C 334 7.19 38.06 -30.54
N ARG C 335 7.17 36.84 -31.14
CA ARG C 335 8.37 36.09 -31.50
C ARG C 335 9.12 36.70 -32.66
N PHE C 336 8.44 37.50 -33.50
CA PHE C 336 9.01 38.12 -34.70
C PHE C 336 9.40 39.57 -34.50
N TRP C 337 9.70 40.00 -33.28
CA TRP C 337 9.89 41.44 -33.11
C TRP C 337 11.21 41.92 -33.69
N ASP C 338 12.14 40.99 -34.06
CA ASP C 338 13.41 41.32 -34.71
C ASP C 338 13.21 41.69 -36.16
N PHE C 339 11.99 41.64 -36.69
CA PHE C 339 11.80 41.90 -38.12
C PHE C 339 11.95 43.38 -38.37
N ARG C 340 12.58 43.73 -39.46
CA ARG C 340 12.69 45.11 -39.90
C ARG C 340 12.39 45.19 -41.39
N GLY C 341 11.52 46.08 -41.74
CA GLY C 341 11.16 46.22 -43.14
C GLY C 341 10.77 47.64 -43.47
N PRO C 342 10.98 48.02 -44.73
CA PRO C 342 10.84 49.44 -45.10
C PRO C 342 9.47 49.99 -44.82
N TRP C 343 8.42 49.17 -44.89
CA TRP C 343 7.07 49.67 -44.61
C TRP C 343 6.81 49.86 -43.12
N LEU C 344 7.65 49.30 -42.25
CA LEU C 344 7.42 49.34 -40.81
C LEU C 344 8.33 50.31 -40.10
N GLU C 345 9.60 50.39 -40.53
CA GLU C 345 10.59 51.24 -39.87
C GLU C 345 10.17 52.68 -39.69
N PRO C 346 9.28 53.25 -40.49
CA PRO C 346 8.91 54.64 -40.22
C PRO C 346 8.22 54.84 -38.90
N LEU C 347 7.73 53.79 -38.28
CA LEU C 347 6.96 53.93 -37.06
C LEU C 347 7.82 53.73 -35.83
N ARG C 348 9.07 53.38 -36.02
CA ARG C 348 9.92 52.99 -34.91
C ARG C 348 10.61 54.22 -34.33
N GLY C 349 10.38 54.47 -33.06
CA GLY C 349 11.26 55.29 -32.27
C GLY C 349 12.38 54.47 -31.67
N PRO C 350 13.15 55.09 -30.78
CA PRO C 350 14.28 54.38 -30.16
C PRO C 350 13.93 53.50 -28.98
N ASN C 351 12.72 53.64 -28.43
CA ASN C 351 12.08 52.70 -27.51
C ASN C 351 11.33 51.60 -28.26
N GLY C 352 11.48 51.52 -29.56
CA GLY C 352 10.62 50.70 -30.40
C GLY C 352 9.47 51.49 -31.00
N LEU C 353 8.43 50.76 -31.39
CA LEU C 353 7.27 51.36 -32.03
C LEU C 353 6.77 52.54 -31.21
N ASP C 354 6.52 53.67 -31.89
CA ASP C 354 6.18 54.93 -31.26
C ASP C 354 4.68 55.17 -31.32
N LEU C 355 4.07 55.38 -30.16
CA LEU C 355 2.62 55.38 -30.09
C LEU C 355 2.02 56.62 -30.72
N ASN C 356 2.69 57.77 -30.66
CA ASN C 356 2.16 58.96 -31.32
C ASN C 356 2.27 58.85 -32.84
N LYS C 357 3.37 58.30 -33.32
CA LYS C 357 3.47 58.01 -34.75
C LYS C 357 2.33 57.11 -35.19
N ILE C 358 1.99 56.13 -34.36
CA ILE C 358 0.95 55.19 -34.70
C ILE C 358 -0.39 55.90 -34.72
N LYS C 359 -0.66 56.70 -33.70
CA LYS C 359 -1.92 57.41 -33.66
C LYS C 359 -2.09 58.30 -34.87
N ASN C 360 -0.98 58.87 -35.37
CA ASN C 360 -1.03 60.04 -36.25
C ASN C 360 -0.36 59.92 -37.62
N ASP C 361 0.56 59.01 -37.85
CA ASP C 361 1.39 59.12 -39.04
C ASP C 361 1.37 57.89 -39.92
N ILE C 362 0.40 57.01 -39.75
CA ILE C 362 0.30 55.88 -40.66
C ILE C 362 -0.33 56.39 -41.93
N GLN C 363 0.29 56.08 -43.03
CA GLN C 363 -0.11 56.48 -44.37
C GLN C 363 -0.83 55.34 -45.06
N PRO C 364 -1.67 55.64 -46.08
CA PRO C 364 -2.39 54.56 -46.76
C PRO C 364 -1.50 53.57 -47.45
N TRP C 365 -0.37 54.00 -47.99
CA TRP C 365 0.53 53.05 -48.62
C TRP C 365 0.99 51.99 -47.65
N GLN C 366 1.16 52.34 -46.37
CA GLN C 366 1.55 51.36 -45.35
C GLN C 366 0.38 50.46 -44.99
N GLU C 367 -0.81 51.05 -44.90
CA GLU C 367 -2.01 50.24 -44.78
C GLU C 367 -2.11 49.21 -45.93
N ARG C 368 -1.95 49.66 -47.19
CA ARG C 368 -2.04 48.73 -48.32
C ARG C 368 -0.98 47.63 -48.20
N ARG C 369 0.27 48.03 -47.95
CA ARG C 369 1.37 47.08 -47.91
C ARG C 369 1.09 45.98 -46.91
N ALA C 370 0.57 46.34 -45.74
CA ALA C 370 0.39 45.37 -44.67
C ALA C 370 -0.73 44.40 -45.02
N ALA C 371 -1.89 44.92 -45.44
CA ALA C 371 -2.97 44.08 -45.94
C ALA C 371 -2.48 43.13 -47.00
N GLU C 372 -1.61 43.60 -47.90
CA GLU C 372 -1.13 42.74 -48.97
C GLU C 372 -0.24 41.64 -48.42
N TYR C 373 0.75 42.00 -47.63
CA TYR C 373 1.74 41.02 -47.19
C TYR C 373 1.10 39.99 -46.26
N MET C 374 0.11 40.41 -45.49
CA MET C 374 -0.63 39.51 -44.62
C MET C 374 -1.43 38.45 -45.40
N THR C 375 -1.97 38.82 -46.56
CA THR C 375 -2.73 37.92 -47.42
C THR C 375 -1.84 37.22 -48.46
N HIS C 376 -0.55 37.23 -48.23
CA HIS C 376 0.44 36.65 -49.12
C HIS C 376 1.55 36.05 -48.27
N ALA C 377 1.14 35.51 -47.12
CA ALA C 377 2.06 34.87 -46.20
C ALA C 377 2.53 33.53 -46.76
N PRO C 378 3.80 33.18 -46.56
CA PRO C 378 4.34 31.96 -47.19
C PRO C 378 3.81 30.68 -46.57
N LEU C 379 2.51 30.45 -46.74
CA LEU C 379 1.83 29.24 -46.30
C LEU C 379 1.06 28.67 -47.48
N GLY C 380 1.16 27.35 -47.69
CA GLY C 380 0.47 26.75 -48.81
C GLY C 380 0.64 25.26 -48.94
N SER C 381 -0.37 24.64 -49.54
CA SER C 381 -0.35 23.22 -49.86
C SER C 381 0.63 22.91 -51.00
N LEU C 382 0.99 21.63 -51.08
CA LEU C 382 1.89 21.17 -52.13
C LEU C 382 1.31 21.46 -53.50
N ASN C 383 0.02 21.11 -53.69
CA ASN C 383 -0.71 21.43 -54.93
C ASN C 383 -1.07 22.98 -55.04
N SER C 384 -0.46 23.76 -54.16
CA SER C 384 -0.45 25.21 -54.23
C SER C 384 -1.84 25.79 -54.04
N VAL C 385 -2.42 25.47 -52.90
CA VAL C 385 -3.60 26.15 -52.42
C VAL C 385 -3.14 27.06 -51.30
N GLY C 386 -3.39 28.35 -51.48
CA GLY C 386 -2.84 29.33 -50.56
C GLY C 386 -3.55 29.28 -49.23
N GLY C 387 -2.76 29.20 -48.18
CA GLY C 387 -3.09 29.67 -46.87
C GLY C 387 -2.82 28.58 -45.89
N VAL C 388 -3.47 28.72 -44.73
CA VAL C 388 -3.44 27.69 -43.68
C VAL C 388 -4.00 26.36 -44.21
N ALA C 389 -3.62 25.27 -43.55
CA ALA C 389 -4.01 23.94 -44.02
C ALA C 389 -5.54 23.76 -44.13
N THR C 390 -6.29 24.41 -43.27
CA THR C 390 -7.73 24.31 -43.22
C THR C 390 -8.45 25.14 -44.29
N GLU C 391 -7.70 25.91 -45.07
CA GLU C 391 -8.31 26.84 -45.99
C GLU C 391 -8.96 26.09 -47.14
N ILE C 392 -10.05 26.65 -47.65
CA ILE C 392 -10.68 26.03 -48.81
C ILE C 392 -9.89 26.37 -50.06
N ASN C 393 -10.24 25.71 -51.16
CA ASN C 393 -9.73 26.02 -52.48
C ASN C 393 -10.27 27.37 -52.93
N SER C 394 -9.49 28.02 -53.82
CA SER C 394 -9.77 29.33 -54.42
C SER C 394 -8.47 29.99 -54.82
N VAL C 395 -7.58 30.17 -53.86
CA VAL C 395 -6.36 30.95 -54.03
C VAL C 395 -5.25 29.98 -54.42
N ASN C 396 -4.67 30.21 -55.60
CA ASN C 396 -3.59 29.41 -56.16
C ASN C 396 -2.26 30.13 -55.93
N PHE C 397 -1.56 29.79 -54.85
CA PHE C 397 -0.39 30.57 -54.46
C PHE C 397 0.42 29.76 -53.46
N VAL C 398 1.72 29.63 -53.75
CA VAL C 398 2.73 29.24 -52.76
C VAL C 398 3.92 30.19 -52.96
N SER C 399 4.30 30.87 -51.88
CA SER C 399 5.37 31.85 -51.94
C SER C 399 6.62 31.26 -52.58
N PRO C 400 7.27 31.99 -53.49
CA PRO C 400 8.59 31.57 -53.95
C PRO C 400 9.53 31.30 -52.79
N ARG C 401 9.35 32.00 -51.66
CA ARG C 401 10.29 31.80 -50.55
C ARG C 401 10.19 30.39 -49.96
N SER C 402 8.97 29.84 -49.83
CA SER C 402 8.81 28.43 -49.44
C SER C 402 9.41 27.51 -50.49
N TRP C 403 9.13 27.77 -51.76
CA TRP C 403 9.71 26.94 -52.82
C TRP C 403 11.23 26.96 -52.78
N LEU C 404 11.84 28.13 -52.59
CA LEU C 404 13.31 28.20 -52.55
C LEU C 404 13.86 27.73 -51.21
N ALA C 405 13.15 27.97 -50.11
CA ALA C 405 13.63 27.52 -48.80
C ALA C 405 13.63 26.00 -48.69
N THR C 406 12.51 25.34 -49.06
CA THR C 406 12.41 23.89 -48.93
C THR C 406 13.33 23.17 -49.91
N SER C 407 13.32 23.62 -51.17
CA SER C 407 14.10 22.90 -52.15
C SER C 407 15.55 22.88 -51.75
N HIS C 408 16.06 23.98 -51.21
CA HIS C 408 17.48 24.08 -50.91
C HIS C 408 17.83 23.43 -49.59
N PHE C 409 16.89 23.34 -48.66
CA PHE C 409 17.13 22.51 -47.50
C PHE C 409 17.31 21.06 -47.89
N VAL C 410 16.45 20.57 -48.80
CA VAL C 410 16.45 19.17 -49.21
C VAL C 410 17.78 18.80 -49.84
N LEU C 411 18.22 19.62 -50.78
CA LEU C 411 19.47 19.36 -51.47
C LEU C 411 20.66 19.49 -50.50
N ALA C 412 20.65 20.52 -49.65
CA ALA C 412 21.76 20.64 -48.72
C ALA C 412 21.87 19.37 -47.89
N PHE C 413 20.72 18.84 -47.44
CA PHE C 413 20.75 17.62 -46.62
C PHE C 413 21.37 16.45 -47.39
N PHE C 414 20.92 16.22 -48.61
CA PHE C 414 21.46 15.09 -49.34
C PHE C 414 22.94 15.30 -49.61
N PHE C 415 23.36 16.54 -49.90
CA PHE C 415 24.78 16.77 -50.10
C PHE C 415 25.60 16.51 -48.84
N LEU C 416 25.01 16.69 -47.66
CA LEU C 416 25.69 16.31 -46.43
C LEU C 416 25.81 14.79 -46.33
N VAL C 417 24.72 14.07 -46.65
CA VAL C 417 24.78 12.61 -46.74
C VAL C 417 25.85 12.22 -47.75
N GLY C 418 25.91 12.94 -48.88
CA GLY C 418 26.94 12.68 -49.86
C GLY C 418 28.33 12.92 -49.32
N HIS C 419 28.50 13.96 -48.50
CA HIS C 419 29.81 14.26 -47.92
C HIS C 419 30.30 13.11 -47.06
N LEU C 420 29.41 12.62 -46.16
CA LEU C 420 29.74 11.52 -45.27
C LEU C 420 30.03 10.26 -46.06
N TRP C 421 29.12 9.90 -46.95
CA TRP C 421 29.34 8.74 -47.82
C TRP C 421 30.70 8.82 -48.50
N HIS C 422 30.95 9.90 -49.22
CA HIS C 422 32.21 9.99 -49.93
C HIS C 422 33.40 10.25 -49.01
N ALA C 423 33.19 10.92 -47.89
CA ALA C 423 34.30 11.13 -46.98
C ALA C 423 34.77 9.80 -46.41
N GLY C 424 33.82 9.00 -45.91
CA GLY C 424 34.19 7.73 -45.33
C GLY C 424 34.72 6.76 -46.35
N ARG C 425 34.10 6.69 -47.52
CA ARG C 425 34.64 5.84 -48.55
C ARG C 425 36.08 6.21 -48.89
N ALA C 426 36.33 7.50 -49.11
CA ALA C 426 37.67 8.00 -49.37
C ALA C 426 38.69 7.52 -48.33
N ARG C 427 38.41 7.74 -47.04
CA ARG C 427 39.28 7.23 -45.98
C ARG C 427 39.52 5.71 -46.09
N ALA C 428 38.45 4.93 -46.27
CA ALA C 428 38.63 3.48 -46.36
C ALA C 428 39.49 3.09 -47.55
N ALA C 429 39.16 3.63 -48.71
CA ALA C 429 39.92 3.35 -49.93
C ALA C 429 41.39 3.67 -49.76
N ALA C 430 41.70 4.79 -49.12
CA ALA C 430 43.08 5.21 -48.93
C ALA C 430 43.82 4.34 -47.91
N ALA C 431 43.13 3.81 -46.90
CA ALA C 431 43.81 2.91 -45.99
C ALA C 431 43.85 1.48 -46.48
N GLY C 432 43.10 1.17 -47.52
CA GLY C 432 43.12 -0.15 -48.13
C GLY C 432 42.03 -1.15 -47.72
N PHE C 433 40.88 -0.72 -47.21
CA PHE C 433 39.85 -1.69 -46.85
C PHE C 433 38.47 -1.25 -47.28
N GLU C 434 38.35 -0.47 -48.36
CA GLU C 434 37.01 -0.15 -48.82
C GLU C 434 36.26 -1.39 -49.28
N LYS C 435 36.96 -2.45 -49.66
CA LYS C 435 36.30 -3.60 -50.29
C LYS C 435 35.93 -4.71 -49.30
N GLY C 436 36.33 -4.59 -48.04
CA GLY C 436 36.06 -5.58 -47.03
C GLY C 436 37.30 -5.96 -46.23
N ILE C 437 37.03 -6.78 -45.21
CA ILE C 437 38.01 -7.21 -44.22
C ILE C 437 38.77 -8.43 -44.76
N ASP C 438 40.10 -8.33 -44.80
CA ASP C 438 40.96 -9.46 -45.13
C ASP C 438 40.81 -10.57 -44.10
N ARG C 439 40.27 -11.72 -44.52
CA ARG C 439 40.04 -12.81 -43.57
C ARG C 439 41.33 -13.28 -42.92
N GLU C 440 42.46 -13.23 -43.64
CA GLU C 440 43.72 -13.70 -43.08
C GLU C 440 44.40 -12.69 -42.18
N SER C 441 43.95 -11.42 -42.17
CA SER C 441 44.49 -10.39 -41.28
C SER C 441 43.33 -9.53 -40.76
N GLU C 442 42.50 -10.11 -39.91
CA GLU C 442 41.40 -9.35 -39.33
C GLU C 442 41.94 -8.51 -38.17
N PRO C 443 41.90 -7.18 -38.27
CA PRO C 443 42.54 -6.37 -37.20
C PRO C 443 42.07 -6.73 -35.80
N VAL C 444 40.76 -6.92 -35.65
CA VAL C 444 40.18 -7.24 -34.34
C VAL C 444 40.68 -8.57 -33.82
N LEU C 445 40.81 -9.59 -34.68
CA LEU C 445 41.34 -10.86 -34.19
C LEU C 445 42.76 -10.73 -33.63
N SER C 446 43.49 -9.66 -33.95
CA SER C 446 44.82 -9.41 -33.44
C SER C 446 44.85 -8.45 -32.27
N MET C 447 43.73 -8.05 -31.78
CA MET C 447 43.67 -7.22 -30.61
C MET C 447 43.31 -8.04 -29.41
N PRO C 448 43.52 -7.50 -28.23
CA PRO C 448 43.08 -8.18 -27.00
C PRO C 448 41.59 -8.00 -26.79
N SER C 449 41.01 -8.93 -26.03
CA SER C 449 39.58 -8.84 -25.80
C SER C 449 39.28 -7.69 -24.85
N LEU C 450 38.09 -7.11 -25.00
CA LEU C 450 37.70 -5.98 -24.19
C LEU C 450 37.53 -6.35 -22.74
N ASP C 451 37.35 -7.63 -22.47
CA ASP C 451 37.02 -8.08 -21.14
C ASP C 451 37.04 -9.59 -21.16
N ARG D 1 -3.83 -44.92 -54.61
CA ARG D 1 -3.64 -44.21 -55.87
C ARG D 1 -4.98 -43.67 -56.36
N GLY D 2 -5.72 -43.08 -55.42
CA GLY D 2 -7.05 -42.61 -55.66
C GLY D 2 -7.10 -41.14 -56.03
N TRP D 3 -8.33 -40.68 -56.29
CA TRP D 3 -8.54 -39.34 -56.84
C TRP D 3 -8.00 -38.24 -55.93
N PHE D 4 -8.10 -38.41 -54.61
CA PHE D 4 -7.52 -37.44 -53.69
C PHE D 4 -6.01 -37.36 -53.88
N ASP D 5 -5.35 -38.51 -53.92
CA ASP D 5 -3.91 -38.47 -54.04
C ASP D 5 -3.47 -37.93 -55.39
N ILE D 6 -4.30 -38.11 -56.41
CA ILE D 6 -4.05 -37.55 -57.73
C ILE D 6 -4.17 -36.04 -57.67
N LEU D 7 -5.21 -35.52 -57.01
CA LEU D 7 -5.38 -34.08 -56.95
C LEU D 7 -4.29 -33.43 -56.09
N ASP D 8 -3.97 -34.04 -54.93
CA ASP D 8 -2.85 -33.58 -54.14
C ASP D 8 -1.62 -33.42 -55.00
N ASP D 9 -1.38 -34.41 -55.86
CA ASP D 9 -0.23 -34.41 -56.77
C ASP D 9 -0.23 -33.15 -57.64
N TRP D 10 -1.37 -32.81 -58.18
CA TRP D 10 -1.42 -31.74 -59.14
C TRP D 10 -1.34 -30.38 -58.45
N LEU D 11 -2.00 -30.24 -57.29
CA LEU D 11 -1.93 -29.00 -56.50
C LEU D 11 -0.53 -28.71 -56.02
N LYS D 12 0.27 -29.74 -55.75
CA LYS D 12 1.56 -29.55 -55.11
C LYS D 12 2.71 -29.55 -56.11
N ARG D 13 2.40 -29.42 -57.39
CA ARG D 13 3.44 -29.36 -58.40
C ARG D 13 4.25 -28.06 -58.32
N ASP D 14 5.52 -28.16 -58.65
CA ASP D 14 6.46 -27.05 -58.64
C ASP D 14 6.31 -26.19 -59.91
N ARG D 15 5.79 -24.98 -59.75
CA ARG D 15 5.51 -24.17 -60.93
C ARG D 15 5.66 -22.71 -60.54
N PHE D 16 5.54 -21.82 -61.54
CA PHE D 16 5.88 -20.42 -61.32
C PHE D 16 5.15 -19.84 -60.11
N VAL D 17 3.88 -20.23 -59.94
CA VAL D 17 3.15 -20.00 -58.69
C VAL D 17 2.64 -21.32 -58.15
N PHE D 18 3.28 -21.80 -57.10
CA PHE D 18 2.76 -22.91 -56.32
C PHE D 18 1.30 -22.64 -55.95
N VAL D 19 0.49 -23.72 -55.83
CA VAL D 19 -0.96 -23.59 -55.66
C VAL D 19 -1.36 -24.19 -54.31
N GLY D 20 -1.17 -25.52 -54.17
CA GLY D 20 -1.41 -26.22 -52.93
C GLY D 20 -2.89 -26.37 -52.62
N TRP D 21 -3.19 -27.10 -51.55
CA TRP D 21 -4.56 -27.12 -51.04
C TRP D 21 -5.02 -25.74 -50.56
N SER D 22 -4.10 -24.96 -49.96
CA SER D 22 -4.45 -23.63 -49.43
C SER D 22 -4.77 -22.63 -50.54
N GLY D 23 -4.18 -22.82 -51.72
CA GLY D 23 -4.51 -21.97 -52.84
C GLY D 23 -5.98 -21.95 -53.14
N ILE D 24 -6.70 -23.01 -52.75
CA ILE D 24 -8.12 -23.14 -53.05
C ILE D 24 -8.97 -22.15 -52.23
N LEU D 25 -8.58 -21.92 -50.97
CA LEU D 25 -9.16 -20.82 -50.18
C LEU D 25 -8.55 -19.46 -50.56
N LEU D 26 -7.22 -19.41 -50.68
CA LEU D 26 -6.49 -18.14 -50.78
C LEU D 26 -6.80 -17.39 -52.08
N PHE D 27 -6.58 -18.03 -53.20
CA PHE D 27 -6.62 -17.30 -54.46
C PHE D 27 -8.00 -16.72 -54.79
N PRO D 28 -9.09 -17.47 -54.74
CA PRO D 28 -10.39 -16.80 -54.94
C PRO D 28 -10.57 -15.62 -54.00
N CYS D 29 -10.19 -15.76 -52.74
CA CYS D 29 -10.53 -14.69 -51.80
C CYS D 29 -9.60 -13.50 -51.94
N ALA D 30 -8.30 -13.75 -52.07
CA ALA D 30 -7.35 -12.66 -52.29
C ALA D 30 -7.71 -11.88 -53.56
N TYR D 31 -8.06 -12.57 -54.64
CA TYR D 31 -8.42 -11.89 -55.87
C TYR D 31 -9.72 -11.11 -55.71
N LEU D 32 -10.68 -11.62 -54.94
CA LEU D 32 -11.96 -10.91 -54.80
C LEU D 32 -11.85 -9.69 -53.89
N ALA D 33 -11.13 -9.82 -52.77
CA ALA D 33 -10.94 -8.67 -51.89
C ALA D 33 -10.25 -7.53 -52.62
N LEU D 34 -9.37 -7.88 -53.56
CA LEU D 34 -8.61 -6.89 -54.29
C LEU D 34 -9.42 -6.32 -55.44
N GLY D 35 -10.15 -7.18 -56.16
CA GLY D 35 -11.06 -6.69 -57.16
C GLY D 35 -12.15 -5.83 -56.56
N GLY D 36 -12.65 -6.22 -55.38
CA GLY D 36 -13.65 -5.42 -54.72
C GLY D 36 -13.17 -4.01 -54.50
N TRP D 37 -11.95 -3.88 -53.97
CA TRP D 37 -11.42 -2.56 -53.67
C TRP D 37 -11.21 -1.73 -54.94
N LEU D 38 -10.52 -2.30 -55.93
CA LEU D 38 -10.32 -1.59 -57.19
C LEU D 38 -11.64 -1.23 -57.85
N THR D 39 -12.60 -2.15 -57.82
CA THR D 39 -13.91 -1.86 -58.42
C THR D 39 -14.60 -0.69 -57.74
N GLY D 40 -14.72 -0.74 -56.42
CA GLY D 40 -15.42 0.33 -55.72
C GLY D 40 -14.70 1.66 -55.77
N THR D 41 -13.37 1.64 -55.72
CA THR D 41 -12.67 2.93 -55.70
C THR D 41 -12.74 3.60 -57.06
N THR D 42 -12.93 2.83 -58.13
CA THR D 42 -13.06 3.40 -59.47
C THR D 42 -14.48 3.88 -59.75
N PHE D 43 -15.51 3.09 -59.40
CA PHE D 43 -16.87 3.38 -59.82
C PHE D 43 -17.86 3.73 -58.71
N VAL D 44 -17.63 3.38 -57.45
CA VAL D 44 -18.73 3.35 -56.47
C VAL D 44 -18.68 4.51 -55.49
N THR D 45 -19.86 5.05 -55.19
CA THR D 45 -20.07 6.23 -54.35
C THR D 45 -20.18 5.84 -52.88
N SER D 46 -20.14 6.88 -52.04
CA SER D 46 -20.47 6.77 -50.63
C SER D 46 -21.63 7.68 -50.26
N TRP D 47 -22.38 8.12 -51.27
CA TRP D 47 -23.36 9.20 -51.06
C TRP D 47 -24.44 8.78 -50.07
N TYR D 48 -25.00 7.56 -50.23
CA TYR D 48 -26.14 7.14 -49.44
C TYR D 48 -25.75 6.56 -48.09
N THR D 49 -24.54 6.04 -47.97
CA THR D 49 -24.14 5.56 -46.66
C THR D 49 -23.50 6.68 -45.85
N HIS D 50 -22.83 7.63 -46.50
CA HIS D 50 -21.98 8.58 -45.81
C HIS D 50 -22.20 10.03 -46.17
N GLY D 51 -22.86 10.34 -47.28
CA GLY D 51 -22.84 11.72 -47.73
C GLY D 51 -21.53 12.16 -48.35
N LEU D 52 -20.70 11.21 -48.77
CA LEU D 52 -19.37 11.41 -49.32
C LEU D 52 -19.29 10.85 -50.73
N ALA D 53 -18.43 11.49 -51.56
CA ALA D 53 -17.98 10.94 -52.83
C ALA D 53 -16.70 10.18 -52.56
N SER D 54 -16.46 9.10 -53.35
CA SER D 54 -15.36 8.20 -53.02
C SER D 54 -14.85 7.38 -54.20
N SER D 55 -15.16 7.72 -55.45
CA SER D 55 -14.64 6.96 -56.57
C SER D 55 -13.94 7.89 -57.56
N TYR D 56 -13.11 7.30 -58.42
CA TYR D 56 -12.51 8.07 -59.51
C TYR D 56 -13.59 8.66 -60.41
N LEU D 57 -14.65 7.88 -60.67
CA LEU D 57 -15.74 8.30 -61.54
C LEU D 57 -16.37 9.58 -61.04
N GLU D 58 -16.41 9.75 -59.74
CA GLU D 58 -16.99 10.92 -59.13
C GLU D 58 -16.02 12.09 -59.04
N GLY D 59 -14.75 11.92 -59.40
CA GLY D 59 -13.81 13.05 -59.32
C GLY D 59 -12.80 13.00 -58.20
N CYS D 60 -12.78 11.94 -57.39
CA CYS D 60 -11.78 11.78 -56.36
C CYS D 60 -10.48 11.26 -56.95
N ASN D 61 -9.37 11.60 -56.32
CA ASN D 61 -8.06 11.09 -56.66
C ASN D 61 -7.73 9.89 -55.76
N PHE D 62 -6.55 9.32 -56.00
CA PHE D 62 -6.13 8.13 -55.27
C PHE D 62 -6.05 8.36 -53.77
N LEU D 63 -5.78 9.59 -53.32
CA LEU D 63 -5.72 9.83 -51.89
C LEU D 63 -7.10 9.87 -51.24
N THR D 64 -8.14 10.28 -51.96
CA THR D 64 -9.46 10.48 -51.36
C THR D 64 -10.44 9.36 -51.71
N VAL D 65 -10.08 8.51 -52.64
CA VAL D 65 -10.92 7.41 -53.04
C VAL D 65 -10.94 6.35 -51.93
N ALA D 66 -12.06 5.62 -51.82
CA ALA D 66 -12.24 4.65 -50.74
C ALA D 66 -13.48 3.80 -50.98
N VAL D 67 -13.43 2.56 -50.52
CA VAL D 67 -14.62 1.75 -50.31
C VAL D 67 -15.05 1.98 -48.87
N SER D 68 -16.15 2.71 -48.68
CA SER D 68 -16.60 3.11 -47.35
C SER D 68 -17.52 2.08 -46.71
N THR D 69 -17.63 2.18 -45.38
CA THR D 69 -18.49 1.31 -44.58
C THR D 69 -19.99 1.56 -44.81
N PRO D 70 -20.83 0.57 -44.54
CA PRO D 70 -22.29 0.73 -44.70
C PRO D 70 -22.85 1.77 -43.75
N ALA D 71 -24.07 2.24 -44.05
CA ALA D 71 -24.71 3.17 -43.13
C ALA D 71 -24.91 2.54 -41.75
N ASN D 72 -24.79 3.37 -40.72
CA ASN D 72 -25.00 2.94 -39.34
C ASN D 72 -26.32 2.22 -39.13
N SER D 73 -27.30 2.46 -39.99
CA SER D 73 -28.59 1.81 -39.94
C SER D 73 -28.51 0.31 -40.28
N MET D 74 -27.41 -0.15 -40.86
CA MET D 74 -27.29 -1.56 -41.16
C MET D 74 -26.83 -2.39 -39.94
N GLY D 75 -26.48 -1.76 -38.82
CA GLY D 75 -26.00 -2.54 -37.72
C GLY D 75 -24.85 -3.39 -38.20
N HIS D 76 -24.77 -4.61 -37.68
CA HIS D 76 -23.72 -5.51 -38.09
C HIS D 76 -24.18 -6.48 -39.18
N SER D 77 -25.21 -6.13 -39.93
CA SER D 77 -25.68 -6.99 -40.99
C SER D 77 -24.53 -7.51 -41.85
N LEU D 78 -24.53 -8.80 -42.11
CA LEU D 78 -23.57 -9.34 -43.06
C LEU D 78 -23.61 -8.64 -44.41
N LEU D 79 -24.73 -7.98 -44.74
CA LEU D 79 -25.04 -7.48 -46.09
C LEU D 79 -24.66 -8.47 -47.20
N LEU D 80 -25.21 -9.68 -47.12
CA LEU D 80 -25.08 -10.60 -48.25
C LEU D 80 -25.85 -10.06 -49.45
N LEU D 81 -25.29 -10.30 -50.64
CA LEU D 81 -25.93 -9.85 -51.86
C LEU D 81 -27.38 -10.32 -51.93
N TRP D 82 -27.62 -11.54 -51.44
CA TRP D 82 -28.90 -12.23 -51.58
C TRP D 82 -29.80 -12.07 -50.36
N GLY D 83 -29.42 -11.18 -49.44
CA GLY D 83 -30.02 -11.09 -48.13
C GLY D 83 -31.12 -10.06 -48.10
N PRO D 84 -31.72 -9.93 -46.91
CA PRO D 84 -32.89 -9.08 -46.76
C PRO D 84 -32.69 -7.63 -47.07
N GLU D 85 -31.46 -7.14 -47.02
CA GLU D 85 -31.26 -5.70 -47.20
C GLU D 85 -31.19 -5.34 -48.68
N ALA D 86 -30.37 -6.03 -49.45
CA ALA D 86 -30.24 -5.73 -50.86
C ALA D 86 -31.07 -6.65 -51.74
N GLN D 87 -31.53 -7.79 -51.23
CA GLN D 87 -32.54 -8.55 -51.94
C GLN D 87 -32.08 -8.95 -53.35
N GLY D 88 -30.75 -9.06 -53.57
CA GLY D 88 -30.17 -9.50 -54.81
C GLY D 88 -29.94 -8.43 -55.84
N ASP D 89 -30.30 -7.18 -55.57
CA ASP D 89 -30.12 -6.10 -56.53
C ASP D 89 -28.70 -5.61 -56.42
N PHE D 90 -27.84 -5.98 -57.38
CA PHE D 90 -26.42 -5.65 -57.27
C PHE D 90 -26.21 -4.14 -57.12
N THR D 91 -27.09 -3.36 -57.71
CA THR D 91 -26.94 -1.93 -57.67
C THR D 91 -27.24 -1.41 -56.28
N ARG D 92 -28.32 -1.88 -55.68
CA ARG D 92 -28.63 -1.43 -54.33
C ARG D 92 -27.60 -1.92 -53.31
N TRP D 93 -27.09 -3.14 -53.50
CA TRP D 93 -26.06 -3.68 -52.65
C TRP D 93 -24.86 -2.73 -52.55
N CYS D 94 -24.35 -2.30 -53.71
CA CYS D 94 -23.25 -1.36 -53.78
C CYS D 94 -23.58 -0.08 -53.04
N GLN D 95 -24.80 0.41 -53.20
CA GLN D 95 -25.14 1.69 -52.61
C GLN D 95 -25.36 1.59 -51.12
N LEU D 96 -25.55 0.39 -50.59
CA LEU D 96 -25.74 0.21 -49.16
C LEU D 96 -24.43 -0.12 -48.45
N GLY D 97 -23.34 -0.20 -49.20
CA GLY D 97 -22.06 -0.54 -48.65
C GLY D 97 -21.77 -2.02 -48.64
N GLY D 98 -22.49 -2.81 -49.47
CA GLY D 98 -22.25 -4.23 -49.52
C GLY D 98 -20.82 -4.59 -49.92
N LEU D 99 -20.13 -3.68 -50.61
CA LEU D 99 -18.77 -4.01 -50.94
C LEU D 99 -17.85 -3.90 -49.74
N TRP D 100 -18.23 -3.14 -48.71
CA TRP D 100 -17.41 -3.16 -47.50
C TRP D 100 -17.32 -4.56 -46.89
N THR D 101 -18.47 -5.24 -46.74
CA THR D 101 -18.42 -6.53 -46.06
C THR D 101 -17.80 -7.57 -46.96
N PHE D 102 -17.97 -7.40 -48.28
CA PHE D 102 -17.40 -8.31 -49.25
C PHE D 102 -15.91 -8.31 -49.14
N ILE D 103 -15.32 -7.09 -49.16
CA ILE D 103 -13.88 -6.96 -49.07
C ILE D 103 -13.39 -7.48 -47.73
N ALA D 104 -14.05 -7.08 -46.65
CA ALA D 104 -13.54 -7.44 -45.32
C ALA D 104 -13.62 -8.95 -45.04
N LEU D 105 -14.68 -9.63 -45.49
CA LEU D 105 -14.83 -11.08 -45.27
C LEU D 105 -13.96 -11.92 -46.20
N HIS D 106 -13.98 -11.67 -47.52
CA HIS D 106 -13.06 -12.38 -48.39
C HIS D 106 -11.61 -12.07 -47.97
N GLY D 107 -11.35 -10.84 -47.58
CA GLY D 107 -10.03 -10.52 -47.05
C GLY D 107 -9.68 -11.36 -45.85
N ALA D 108 -10.58 -11.40 -44.88
CA ALA D 108 -10.35 -12.23 -43.70
C ALA D 108 -10.07 -13.70 -44.05
N PHE D 109 -10.78 -14.26 -45.04
CA PHE D 109 -10.51 -15.66 -45.42
C PHE D 109 -9.29 -15.82 -46.28
N GLY D 110 -8.96 -14.78 -47.06
CA GLY D 110 -7.69 -14.76 -47.76
C GLY D 110 -6.51 -14.78 -46.81
N LEU D 111 -6.63 -14.07 -45.71
CA LEU D 111 -5.50 -14.03 -44.79
C LEU D 111 -5.27 -15.39 -44.17
N ILE D 112 -6.36 -16.08 -43.82
CA ILE D 112 -6.28 -17.47 -43.40
C ILE D 112 -5.62 -18.30 -44.48
N GLY D 113 -6.10 -18.14 -45.71
CA GLY D 113 -5.49 -18.86 -46.83
C GLY D 113 -3.99 -18.67 -46.85
N PHE D 114 -3.55 -17.42 -46.66
CA PHE D 114 -2.13 -17.11 -46.80
C PHE D 114 -1.32 -17.74 -45.68
N MET D 115 -1.85 -17.70 -44.46
CA MET D 115 -1.12 -18.31 -43.36
C MET D 115 -1.08 -19.81 -43.52
N LEU D 116 -2.10 -20.41 -44.12
CA LEU D 116 -2.06 -21.85 -44.41
C LEU D 116 -1.09 -22.14 -45.52
N ARG D 117 -1.07 -21.28 -46.56
CA ARG D 117 -0.02 -21.34 -47.56
C ARG D 117 1.38 -21.38 -46.95
N GLN D 118 1.68 -20.45 -46.03
CA GLN D 118 2.99 -20.48 -45.38
C GLN D 118 3.18 -21.78 -44.66
N PHE D 119 2.11 -22.33 -44.08
CA PHE D 119 2.22 -23.62 -43.42
C PHE D 119 2.50 -24.70 -44.45
N GLU D 120 1.80 -24.65 -45.58
CA GLU D 120 1.89 -25.73 -46.55
C GLU D 120 3.26 -25.70 -47.23
N ILE D 121 3.74 -24.51 -47.62
CA ILE D 121 5.02 -24.52 -48.32
C ILE D 121 6.16 -24.86 -47.36
N ALA D 122 6.00 -24.51 -46.08
CA ALA D 122 7.07 -24.81 -45.12
C ALA D 122 7.15 -26.31 -44.84
N ARG D 123 6.00 -27.00 -44.77
CA ARG D 123 6.05 -28.44 -44.56
C ARG D 123 6.65 -29.16 -45.76
N LEU D 124 6.22 -28.78 -46.96
CA LEU D 124 6.68 -29.47 -48.16
C LEU D 124 8.17 -29.24 -48.40
N VAL D 125 8.75 -28.17 -47.86
CA VAL D 125 10.16 -27.88 -48.06
C VAL D 125 11.05 -28.29 -46.88
N GLY D 126 10.49 -28.51 -45.71
CA GLY D 126 11.27 -28.99 -44.60
C GLY D 126 11.93 -27.94 -43.76
N VAL D 127 11.33 -26.75 -43.67
CA VAL D 127 11.81 -25.70 -42.80
C VAL D 127 10.88 -25.62 -41.61
N ARG D 128 11.29 -24.87 -40.63
CA ARG D 128 10.43 -24.63 -39.49
C ARG D 128 9.44 -23.51 -39.82
N PRO D 129 8.24 -23.52 -39.23
CA PRO D 129 7.17 -22.63 -39.71
C PRO D 129 7.08 -21.29 -39.00
N TYR D 130 8.23 -20.66 -38.71
CA TYR D 130 8.23 -19.41 -37.95
C TYR D 130 7.80 -18.20 -38.77
N ASN D 131 7.89 -18.26 -40.10
CA ASN D 131 7.32 -17.20 -40.93
C ASN D 131 5.80 -17.19 -40.78
N ALA D 132 5.17 -18.38 -40.84
CA ALA D 132 3.74 -18.50 -40.59
C ALA D 132 3.38 -17.93 -39.24
N ILE D 133 4.11 -18.34 -38.23
CA ILE D 133 3.83 -17.83 -36.90
C ILE D 133 3.96 -16.32 -36.86
N ALA D 134 5.05 -15.77 -37.43
CA ALA D 134 5.20 -14.29 -37.43
C ALA D 134 4.00 -13.59 -38.06
N PHE D 135 3.38 -14.19 -39.09
CA PHE D 135 2.23 -13.59 -39.77
C PHE D 135 0.98 -13.56 -38.90
N SER D 136 1.03 -14.17 -37.71
CA SER D 136 -0.09 -14.05 -36.80
C SER D 136 -0.30 -12.61 -36.37
N ALA D 137 0.75 -11.79 -36.42
CA ALA D 137 0.62 -10.42 -35.94
C ALA D 137 -0.19 -9.59 -36.91
N PRO D 138 0.10 -9.57 -38.20
CA PRO D 138 -0.84 -9.00 -39.18
C PRO D 138 -2.29 -9.48 -39.02
N ILE D 139 -2.52 -10.75 -38.76
CA ILE D 139 -3.89 -11.23 -38.68
C ILE D 139 -4.58 -10.58 -37.49
N ALA D 140 -3.93 -10.60 -36.33
CA ALA D 140 -4.54 -10.05 -35.12
C ALA D 140 -4.87 -8.56 -35.29
N VAL D 141 -4.01 -7.80 -35.97
CA VAL D 141 -4.33 -6.40 -36.23
C VAL D 141 -5.55 -6.34 -37.12
N PHE D 142 -5.56 -7.12 -38.18
CA PHE D 142 -6.68 -7.04 -39.10
C PHE D 142 -7.98 -7.30 -38.39
N VAL D 143 -8.06 -8.43 -37.64
CA VAL D 143 -9.34 -8.86 -37.10
C VAL D 143 -9.75 -7.92 -35.99
N SER D 144 -8.78 -7.44 -35.21
CA SER D 144 -9.21 -6.58 -34.11
C SER D 144 -9.72 -5.25 -34.64
N VAL D 145 -9.06 -4.69 -35.67
CA VAL D 145 -9.41 -3.35 -36.14
C VAL D 145 -10.66 -3.40 -36.99
N PHE D 146 -10.67 -4.24 -38.01
CA PHE D 146 -11.79 -4.24 -38.96
C PHE D 146 -13.01 -5.05 -38.49
N LEU D 147 -12.83 -6.10 -37.66
CA LEU D 147 -13.97 -6.89 -37.18
C LEU D 147 -14.37 -6.58 -35.74
N ILE D 148 -13.49 -6.84 -34.79
CA ILE D 148 -13.91 -6.77 -33.39
C ILE D 148 -14.34 -5.35 -33.01
N TYR D 149 -13.55 -4.30 -33.41
CA TYR D 149 -13.85 -2.93 -33.04
C TYR D 149 -15.30 -2.56 -33.39
N PRO D 150 -15.73 -2.60 -34.66
CA PRO D 150 -17.09 -2.17 -34.94
C PRO D 150 -18.15 -3.14 -34.39
N LEU D 151 -17.81 -4.41 -34.17
CA LEU D 151 -18.74 -5.31 -33.50
C LEU D 151 -19.02 -4.91 -32.07
N GLY D 152 -18.04 -4.27 -31.39
CA GLY D 152 -18.31 -3.72 -30.07
C GLY D 152 -19.06 -2.44 -30.14
N GLN D 153 -19.09 -1.84 -31.31
CA GLN D 153 -19.67 -0.54 -31.49
C GLN D 153 -21.07 -0.69 -32.02
N SER D 154 -21.71 0.42 -32.34
CA SER D 154 -23.08 0.35 -32.81
C SER D 154 -23.19 -0.28 -34.19
N SER D 155 -22.14 -0.22 -35.04
CA SER D 155 -22.28 -0.72 -36.41
C SER D 155 -20.94 -0.74 -37.15
N TRP D 156 -20.94 -1.42 -38.32
CA TRP D 156 -19.79 -1.41 -39.21
C TRP D 156 -19.40 -0.01 -39.61
N PHE D 157 -20.34 0.91 -39.54
CA PHE D 157 -20.12 2.25 -40.05
C PHE D 157 -18.89 2.85 -39.43
N PHE D 158 -18.53 2.38 -38.23
CA PHE D 158 -17.45 2.92 -37.44
C PHE D 158 -16.19 2.09 -37.52
N ALA D 159 -16.11 1.14 -38.43
CA ALA D 159 -14.80 0.55 -38.72
C ALA D 159 -14.04 1.48 -39.65
N PRO D 160 -12.81 1.10 -40.04
CA PRO D 160 -12.09 1.84 -41.08
C PRO D 160 -12.71 1.57 -42.45
N SER D 161 -12.94 2.65 -43.21
CA SER D 161 -13.20 2.53 -44.63
C SER D 161 -11.89 2.24 -45.36
N PHE D 162 -12.00 1.53 -46.49
CA PHE D 162 -10.80 1.08 -47.19
C PHE D 162 -10.35 2.17 -48.16
N GLY D 163 -9.41 3.01 -47.74
CA GLY D 163 -8.99 4.15 -48.52
C GLY D 163 -7.99 5.01 -47.79
N VAL D 164 -7.11 5.70 -48.53
CA VAL D 164 -5.97 6.38 -47.92
C VAL D 164 -6.42 7.48 -46.97
N ALA D 165 -7.13 8.45 -47.49
CA ALA D 165 -7.57 9.54 -46.63
C ALA D 165 -8.54 9.03 -45.57
N ALA D 166 -9.37 8.02 -45.93
CA ALA D 166 -10.39 7.51 -45.01
C ALA D 166 -9.75 6.90 -43.77
N ILE D 167 -8.62 6.23 -43.94
CA ILE D 167 -7.86 5.72 -42.81
C ILE D 167 -7.23 6.86 -42.02
N PHE D 168 -6.81 7.94 -42.71
CA PHE D 168 -6.41 9.15 -41.99
C PHE D 168 -7.54 9.63 -41.07
N ARG D 169 -8.73 9.84 -41.63
CA ARG D 169 -9.85 10.18 -40.76
C ARG D 169 -9.98 9.23 -39.55
N PHE D 170 -9.76 7.94 -39.75
CA PHE D 170 -9.88 6.98 -38.63
C PHE D 170 -8.81 7.24 -37.55
N LEU D 171 -7.60 7.60 -37.94
CA LEU D 171 -6.56 7.92 -36.96
C LEU D 171 -6.98 9.10 -36.09
N LEU D 172 -7.59 10.11 -36.69
CA LEU D 172 -8.00 11.26 -35.93
C LEU D 172 -9.25 10.97 -35.11
N PHE D 173 -10.14 10.10 -35.60
CA PHE D 173 -11.25 9.67 -34.75
C PHE D 173 -10.73 9.12 -33.43
N PHE D 174 -9.73 8.24 -33.49
CA PHE D 174 -9.26 7.58 -32.29
C PHE D 174 -8.56 8.54 -31.34
N GLN D 175 -7.92 9.60 -31.87
CA GLN D 175 -7.37 10.63 -30.98
C GLN D 175 -8.46 11.37 -30.26
N GLY D 176 -9.41 11.92 -31.00
CA GLY D 176 -10.40 12.77 -30.39
C GLY D 176 -11.34 12.02 -29.46
N PHE D 177 -11.73 10.82 -29.84
CA PHE D 177 -12.73 10.04 -29.13
C PHE D 177 -12.13 9.07 -28.12
N HIS D 178 -11.08 8.36 -28.51
CA HIS D 178 -10.49 7.37 -27.63
C HIS D 178 -9.24 7.85 -26.89
N ASN D 179 -8.69 9.00 -27.27
CA ASN D 179 -7.39 9.45 -26.76
C ASN D 179 -6.39 8.32 -26.82
N TRP D 180 -6.36 7.66 -27.98
CA TRP D 180 -5.57 6.43 -28.20
C TRP D 180 -4.07 6.62 -28.00
N THR D 181 -3.55 7.86 -28.12
CA THR D 181 -2.12 8.04 -27.96
C THR D 181 -1.70 7.77 -26.52
N LEU D 182 -2.60 8.02 -25.57
CA LEU D 182 -2.38 7.81 -24.15
C LEU D 182 -2.35 6.33 -23.75
N ASN D 183 -2.69 5.41 -24.65
CA ASN D 183 -3.01 4.06 -24.27
C ASN D 183 -1.76 3.20 -24.22
N PRO D 184 -1.45 2.59 -23.09
CA PRO D 184 -0.18 1.87 -23.02
C PRO D 184 -0.12 0.65 -23.99
N PHE D 185 -1.21 0.21 -24.61
CA PHE D 185 -1.03 -0.84 -25.59
C PHE D 185 -0.60 -0.28 -26.95
N HIS D 186 -1.06 0.92 -27.31
CA HIS D 186 -0.58 1.54 -28.55
C HIS D 186 0.91 1.88 -28.43
N MET D 187 1.32 2.38 -27.27
CA MET D 187 2.70 2.75 -27.06
C MET D 187 3.61 1.53 -27.22
N MET D 188 3.16 0.36 -26.78
CA MET D 188 4.02 -0.80 -26.95
C MET D 188 4.05 -1.20 -28.41
N GLY D 189 2.90 -1.05 -29.09
CA GLY D 189 2.89 -1.26 -30.52
C GLY D 189 3.86 -0.35 -31.23
N VAL D 190 3.79 0.94 -30.89
CA VAL D 190 4.73 1.94 -31.41
C VAL D 190 6.18 1.52 -31.14
N ALA D 191 6.48 1.12 -29.91
CA ALA D 191 7.84 0.67 -29.64
C ALA D 191 8.20 -0.53 -30.50
N GLY D 192 7.23 -1.42 -30.72
CA GLY D 192 7.45 -2.58 -31.58
C GLY D 192 7.72 -2.22 -33.03
N VAL D 193 6.93 -1.29 -33.59
CA VAL D 193 7.06 -0.97 -35.02
C VAL D 193 8.38 -0.25 -35.28
N LEU D 194 8.67 0.81 -34.51
CA LEU D 194 9.91 1.56 -34.60
C LEU D 194 11.10 0.74 -34.15
N GLY D 195 10.92 -0.04 -33.08
CA GLY D 195 11.96 -0.96 -32.70
C GLY D 195 12.36 -1.84 -33.86
N GLY D 196 11.38 -2.26 -34.66
CA GLY D 196 11.66 -3.14 -35.78
C GLY D 196 12.41 -2.43 -36.91
N ALA D 197 11.87 -1.29 -37.35
CA ALA D 197 12.56 -0.46 -38.35
C ALA D 197 13.97 -0.15 -37.90
N LEU D 198 14.15 0.11 -36.60
CA LEU D 198 15.50 0.32 -36.12
C LEU D 198 16.32 -0.93 -36.30
N LEU D 199 15.78 -2.07 -35.86
CA LEU D 199 16.51 -3.31 -36.01
C LEU D 199 16.79 -3.60 -37.48
N CYS D 200 15.82 -3.28 -38.33
CA CYS D 200 15.98 -3.52 -39.75
C CYS D 200 17.22 -2.80 -40.28
N ALA D 201 17.27 -1.46 -40.13
CA ALA D 201 18.38 -0.68 -40.67
C ALA D 201 19.69 -0.98 -39.95
N ILE D 202 19.66 -1.15 -38.64
CA ILE D 202 20.94 -1.34 -37.95
C ILE D 202 21.56 -2.70 -38.27
N HIS D 203 20.74 -3.74 -38.42
CA HIS D 203 21.31 -5.04 -38.80
C HIS D 203 21.78 -5.04 -40.26
N GLY D 204 21.02 -4.38 -41.17
CA GLY D 204 21.45 -4.33 -42.57
C GLY D 204 22.74 -3.55 -42.77
N ALA D 205 22.90 -2.43 -42.06
CA ALA D 205 24.11 -1.65 -42.25
C ALA D 205 25.31 -2.33 -41.61
N THR D 206 25.11 -3.00 -40.46
CA THR D 206 26.22 -3.70 -39.84
C THR D 206 26.77 -4.80 -40.74
N VAL D 207 25.88 -5.59 -41.34
CA VAL D 207 26.38 -6.64 -42.24
C VAL D 207 27.16 -6.02 -43.39
N GLU D 208 26.61 -5.00 -44.02
CA GLU D 208 27.26 -4.37 -45.15
C GLU D 208 28.56 -3.64 -44.79
N ASN D 209 28.85 -3.39 -43.51
CA ASN D 209 30.11 -2.72 -43.17
C ASN D 209 31.01 -3.57 -42.30
N THR D 210 30.77 -4.88 -42.26
CA THR D 210 31.73 -5.82 -41.69
C THR D 210 31.96 -6.97 -42.65
N LEU D 211 31.71 -6.71 -43.93
CA LEU D 211 31.93 -7.69 -44.97
C LEU D 211 33.38 -8.12 -45.02
N PHE D 212 33.59 -9.37 -45.40
CA PHE D 212 34.90 -9.90 -45.70
C PHE D 212 35.23 -9.55 -47.13
N GLN D 213 36.49 -9.18 -47.38
CA GLN D 213 36.91 -8.99 -48.76
C GLN D 213 37.07 -10.34 -49.44
N ASP D 214 36.11 -10.70 -50.29
CA ASP D 214 36.09 -11.99 -50.97
C ASP D 214 36.29 -11.91 -52.48
N GLY D 215 36.19 -10.71 -53.06
CA GLY D 215 36.51 -10.51 -54.46
C GLY D 215 37.32 -9.23 -54.63
N GLU D 216 37.71 -8.95 -55.89
CA GLU D 216 38.60 -7.84 -56.17
C GLU D 216 37.86 -6.57 -56.51
N GLY D 217 36.58 -6.64 -56.81
CA GLY D 217 35.87 -5.51 -57.33
C GLY D 217 35.31 -4.56 -56.27
N ALA D 218 35.14 -3.30 -56.66
CA ALA D 218 34.57 -2.31 -55.78
C ALA D 218 33.10 -2.59 -55.42
N SER D 219 32.38 -3.36 -56.25
CA SER D 219 31.02 -3.77 -55.94
C SER D 219 31.09 -5.11 -55.22
N THR D 220 30.82 -5.06 -53.91
CA THR D 220 30.98 -6.14 -52.96
C THR D 220 29.87 -7.18 -53.03
N PHE D 221 28.83 -6.94 -53.86
CA PHE D 221 27.72 -7.87 -54.02
C PHE D 221 28.13 -9.11 -54.82
N ARG D 222 28.92 -8.93 -55.87
CA ARG D 222 29.35 -10.01 -56.74
C ARG D 222 30.04 -11.13 -55.99
N ALA D 223 30.63 -10.85 -54.82
CA ALA D 223 31.46 -11.81 -54.14
C ALA D 223 30.75 -12.52 -52.98
N PHE D 224 29.45 -12.76 -53.10
CA PHE D 224 28.75 -13.73 -52.27
C PHE D 224 28.28 -14.85 -53.17
N ASN D 225 28.30 -16.07 -52.64
CA ASN D 225 27.85 -17.26 -53.33
C ASN D 225 26.78 -17.97 -52.50
N PRO D 226 25.55 -18.16 -53.01
CA PRO D 226 24.45 -18.62 -52.14
C PRO D 226 24.70 -19.96 -51.48
N THR D 227 25.60 -20.76 -52.04
CA THR D 227 25.99 -22.04 -51.48
C THR D 227 27.24 -21.97 -50.61
N GLN D 228 27.91 -20.83 -50.52
CA GLN D 228 29.06 -20.76 -49.62
C GLN D 228 28.61 -21.11 -48.21
N ALA D 229 29.46 -21.88 -47.51
CA ALA D 229 29.20 -22.18 -46.11
C ALA D 229 29.82 -21.17 -45.18
N GLU D 230 30.63 -20.25 -45.70
CA GLU D 230 31.36 -19.27 -44.89
C GLU D 230 30.50 -18.05 -44.60
N GLU D 231 30.51 -17.61 -43.35
CA GLU D 231 29.81 -16.37 -43.00
C GLU D 231 30.36 -15.24 -43.85
N THR D 232 29.49 -14.35 -44.32
CA THR D 232 29.95 -13.39 -45.28
C THR D 232 30.38 -12.08 -44.65
N TYR D 233 30.08 -11.88 -43.37
CA TYR D 233 30.59 -10.77 -42.59
C TYR D 233 31.20 -11.31 -41.31
N SER D 234 32.06 -10.51 -40.69
CA SER D 234 32.63 -10.87 -39.40
C SER D 234 31.67 -10.52 -38.26
N MET D 235 31.06 -11.54 -37.67
CA MET D 235 30.34 -11.34 -36.44
C MET D 235 31.25 -10.79 -35.35
N VAL D 236 32.51 -11.19 -35.37
CA VAL D 236 33.45 -10.78 -34.34
C VAL D 236 33.75 -9.28 -34.44
N THR D 237 34.07 -8.77 -35.64
CA THR D 237 34.36 -7.35 -35.70
C THR D 237 33.11 -6.54 -35.42
N ALA D 238 31.96 -6.93 -35.99
CA ALA D 238 30.69 -6.28 -35.67
C ALA D 238 30.40 -6.24 -34.16
N ASN D 239 30.73 -7.30 -33.43
CA ASN D 239 30.52 -7.31 -31.99
C ASN D 239 31.41 -6.29 -31.29
N ARG D 240 32.69 -6.24 -31.66
CA ARG D 240 33.59 -5.31 -30.98
C ARG D 240 33.20 -3.87 -31.23
N PHE D 241 32.77 -3.56 -32.45
CA PHE D 241 32.27 -2.23 -32.77
C PHE D 241 31.13 -1.83 -31.86
N TRP D 242 30.07 -2.62 -31.85
CA TRP D 242 28.88 -2.20 -31.12
C TRP D 242 29.11 -2.22 -29.63
N SER D 243 29.98 -3.11 -29.14
CA SER D 243 30.37 -3.10 -27.72
C SER D 243 31.00 -1.78 -27.34
N GLN D 244 31.89 -1.26 -28.20
CA GLN D 244 32.68 -0.08 -27.92
C GLN D 244 31.95 1.23 -28.23
N ILE D 245 31.09 1.24 -29.25
CA ILE D 245 30.19 2.37 -29.51
C ILE D 245 29.03 2.42 -28.50
N PHE D 246 28.38 1.29 -28.22
CA PHE D 246 27.10 1.30 -27.52
C PHE D 246 27.11 0.65 -26.15
N GLY D 247 28.13 -0.13 -25.80
CA GLY D 247 28.24 -0.72 -24.48
C GLY D 247 27.90 -2.19 -24.48
N ILE D 248 26.83 -2.55 -25.19
CA ILE D 248 26.49 -3.95 -25.40
C ILE D 248 26.37 -4.18 -26.90
N ALA D 249 26.41 -5.45 -27.28
CA ALA D 249 26.25 -5.85 -28.67
C ALA D 249 25.86 -7.33 -28.71
N PHE D 250 25.35 -7.78 -29.85
CA PHE D 250 25.02 -9.18 -30.01
C PHE D 250 26.27 -10.02 -30.13
N SER D 251 26.21 -11.27 -29.59
CA SER D 251 27.24 -12.30 -29.78
C SER D 251 26.70 -13.56 -30.44
N ASN D 252 25.38 -13.71 -30.50
CA ASN D 252 24.70 -14.91 -30.97
C ASN D 252 23.86 -14.56 -32.19
N LYS D 253 24.17 -15.19 -33.32
CA LYS D 253 23.46 -14.89 -34.57
C LYS D 253 22.02 -15.38 -34.53
N ARG D 254 21.80 -16.51 -33.85
CA ARG D 254 20.44 -17.04 -33.70
C ARG D 254 19.60 -16.13 -32.80
N TRP D 255 20.13 -15.69 -31.66
CA TRP D 255 19.33 -14.79 -30.82
C TRP D 255 19.02 -13.51 -31.59
N LEU D 256 19.99 -12.98 -32.31
CA LEU D 256 19.76 -11.78 -33.08
C LEU D 256 18.56 -11.96 -34.02
N HIS D 257 18.57 -13.01 -34.82
CA HIS D 257 17.51 -13.07 -35.82
C HIS D 257 16.17 -13.43 -35.20
N PHE D 258 16.18 -14.19 -34.11
CA PHE D 258 14.95 -14.41 -33.37
C PHE D 258 14.38 -13.12 -32.75
N PHE D 259 15.27 -12.28 -32.21
CA PHE D 259 14.85 -10.97 -31.70
C PHE D 259 14.24 -10.12 -32.81
N MET D 260 14.78 -10.20 -34.01
CA MET D 260 14.16 -9.48 -35.12
C MET D 260 12.76 -9.97 -35.42
N LEU D 261 12.50 -11.27 -35.23
CA LEU D 261 11.14 -11.77 -35.33
C LEU D 261 10.30 -11.26 -34.16
N PHE D 262 10.84 -11.37 -32.94
CA PHE D 262 10.06 -11.11 -31.74
C PHE D 262 9.54 -9.67 -31.74
N VAL D 263 10.42 -8.67 -31.92
CA VAL D 263 10.06 -7.29 -31.59
C VAL D 263 8.85 -6.80 -32.37
N PRO D 264 8.84 -6.82 -33.68
CA PRO D 264 7.67 -6.28 -34.39
C PRO D 264 6.40 -7.12 -34.20
N VAL D 265 6.54 -8.43 -34.12
CA VAL D 265 5.38 -9.29 -33.94
C VAL D 265 4.69 -9.02 -32.63
N THR D 266 5.48 -8.73 -31.61
CA THR D 266 4.93 -8.47 -30.29
C THR D 266 4.24 -7.12 -30.22
N GLY D 267 4.85 -6.11 -30.81
CA GLY D 267 4.22 -4.80 -30.75
C GLY D 267 2.86 -4.79 -31.41
N LEU D 268 2.75 -5.43 -32.58
CA LEU D 268 1.43 -5.47 -33.21
C LEU D 268 0.43 -6.20 -32.33
N TRP D 269 0.86 -7.29 -31.68
CA TRP D 269 -0.06 -8.04 -30.83
C TRP D 269 -0.55 -7.18 -29.68
N MET D 270 0.35 -6.38 -29.09
CA MET D 270 -0.07 -5.51 -28.01
C MET D 270 -1.09 -4.48 -28.49
N SER D 271 -0.85 -3.84 -29.65
CA SER D 271 -1.82 -2.85 -30.10
C SER D 271 -3.19 -3.47 -30.35
N ALA D 272 -3.22 -4.68 -30.96
CA ALA D 272 -4.47 -5.42 -31.18
C ALA D 272 -5.29 -5.52 -29.90
N ILE D 273 -4.63 -5.91 -28.79
CA ILE D 273 -5.27 -5.94 -27.47
C ILE D 273 -5.88 -4.59 -27.13
N GLY D 274 -5.11 -3.53 -27.35
CA GLY D 274 -5.59 -2.19 -27.03
C GLY D 274 -6.85 -1.82 -27.80
N VAL D 275 -6.89 -2.16 -29.09
CA VAL D 275 -8.09 -1.90 -29.91
C VAL D 275 -9.29 -2.69 -29.39
N VAL D 276 -9.05 -3.87 -28.86
CA VAL D 276 -10.14 -4.66 -28.35
C VAL D 276 -10.81 -3.94 -27.19
N GLY D 277 -9.98 -3.33 -26.32
CA GLY D 277 -10.56 -2.51 -25.26
C GLY D 277 -11.41 -1.40 -25.83
N LEU D 278 -10.93 -0.79 -26.94
CA LEU D 278 -11.64 0.33 -27.55
C LEU D 278 -12.95 -0.11 -28.18
N ALA D 279 -13.07 -1.38 -28.60
CA ALA D 279 -14.33 -1.91 -29.09
C ALA D 279 -15.45 -1.58 -28.13
N LEU D 280 -15.14 -1.61 -26.85
CA LEU D 280 -16.10 -1.39 -25.77
C LEU D 280 -16.03 0.02 -25.17
N ASN D 281 -15.28 0.94 -25.80
CA ASN D 281 -15.02 2.25 -25.22
C ASN D 281 -14.31 2.11 -23.89
N LEU D 282 -13.55 1.05 -23.73
CA LEU D 282 -12.71 0.90 -22.55
C LEU D 282 -11.37 1.55 -22.89
N ARG D 283 -11.34 2.87 -22.72
CA ARG D 283 -10.22 3.70 -23.13
C ARG D 283 -9.26 3.92 -21.98
N SER D 284 -8.03 4.28 -22.32
CA SER D 284 -7.17 4.95 -21.34
C SER D 284 -7.22 6.46 -21.63
N TYR D 285 -8.37 7.04 -21.31
CA TYR D 285 -8.66 8.40 -21.71
C TYR D 285 -8.10 9.43 -20.73
N ASP D 286 -8.25 9.18 -19.43
CA ASP D 286 -8.03 10.18 -18.42
C ASP D 286 -7.10 9.64 -17.33
N PHE D 287 -6.47 10.59 -16.64
CA PHE D 287 -5.82 10.38 -15.35
C PHE D 287 -6.69 11.07 -14.30
N ILE D 288 -7.19 10.31 -13.33
CA ILE D 288 -8.20 10.89 -12.45
C ILE D 288 -7.56 11.93 -11.56
N SER D 289 -6.34 11.64 -11.11
CA SER D 289 -5.67 12.55 -10.21
C SER D 289 -5.47 13.91 -10.86
N GLN D 290 -5.12 13.91 -12.15
CA GLN D 290 -5.04 15.14 -12.95
C GLN D 290 -6.36 15.93 -12.94
N GLU D 291 -7.49 15.23 -13.09
CA GLU D 291 -8.74 15.94 -13.32
C GLU D 291 -9.22 16.62 -12.05
N ILE D 292 -8.98 15.99 -10.92
CA ILE D 292 -9.37 16.53 -9.63
C ILE D 292 -8.53 17.77 -9.28
N ARG D 293 -7.19 17.72 -9.44
CA ARG D 293 -6.41 18.95 -9.30
C ARG D 293 -6.91 20.03 -10.26
N ALA D 294 -7.06 19.71 -11.55
CA ALA D 294 -7.40 20.75 -12.52
C ALA D 294 -8.76 21.37 -12.22
N ALA D 295 -9.74 20.56 -11.81
CA ALA D 295 -11.06 21.09 -11.45
C ALA D 295 -10.94 22.11 -10.34
N GLU D 296 -10.15 21.79 -9.32
CA GLU D 296 -10.07 22.64 -8.15
C GLU D 296 -9.11 23.80 -8.30
N ASP D 297 -8.14 23.73 -9.22
CA ASP D 297 -6.94 24.58 -9.22
C ASP D 297 -6.78 25.08 -10.65
N PRO D 298 -7.42 26.20 -10.98
CA PRO D 298 -7.38 26.70 -12.35
C PRO D 298 -6.00 27.26 -12.79
N GLU D 299 -4.98 27.27 -11.95
CA GLU D 299 -3.65 27.56 -12.45
C GLU D 299 -2.86 26.31 -12.81
N PHE D 300 -3.42 25.12 -12.60
CA PHE D 300 -2.70 23.88 -12.86
C PHE D 300 -2.94 23.48 -14.31
N GLU D 301 -1.87 23.47 -15.12
CA GLU D 301 -1.94 23.08 -16.53
C GLU D 301 -0.77 22.18 -16.92
N THR D 302 -1.10 21.12 -17.67
CA THR D 302 -0.10 20.17 -18.14
C THR D 302 -0.35 19.89 -19.59
N PHE D 303 0.60 19.24 -20.22
CA PHE D 303 0.35 18.78 -21.57
C PHE D 303 -0.81 17.80 -21.63
N TYR D 304 -1.07 17.08 -20.53
CA TYR D 304 -2.24 16.20 -20.50
C TYR D 304 -3.53 17.01 -20.64
N THR D 305 -3.68 18.10 -19.88
CA THR D 305 -4.91 18.88 -19.99
C THR D 305 -4.99 19.62 -21.32
N LYS D 306 -3.82 20.00 -21.89
CA LYS D 306 -3.84 20.67 -23.17
C LYS D 306 -4.39 19.76 -24.25
N ASN D 307 -3.97 18.50 -24.27
CA ASN D 307 -4.38 17.65 -25.38
C ASN D 307 -5.87 17.29 -25.30
N LEU D 308 -6.49 17.31 -24.10
CA LEU D 308 -7.91 17.03 -24.02
C LEU D 308 -8.76 18.21 -24.49
N LEU D 309 -8.23 19.44 -24.43
CA LEU D 309 -8.89 20.52 -25.14
C LEU D 309 -8.89 20.26 -26.64
N LEU D 310 -7.76 19.79 -27.17
CA LEU D 310 -7.66 19.53 -28.60
C LEU D 310 -8.60 18.41 -29.03
N ASN D 311 -8.71 17.37 -28.20
CA ASN D 311 -9.70 16.31 -28.42
C ASN D 311 -11.12 16.88 -28.41
N GLU D 312 -11.38 17.78 -27.48
CA GLU D 312 -12.70 18.41 -27.39
C GLU D 312 -13.01 19.19 -28.66
N GLY D 313 -11.99 19.83 -29.25
CA GLY D 313 -12.22 20.55 -30.50
C GLY D 313 -12.54 19.61 -31.65
N ILE D 314 -11.76 18.54 -31.74
CA ILE D 314 -11.96 17.50 -32.74
C ILE D 314 -13.37 16.92 -32.68
N ARG D 315 -13.80 16.50 -31.49
CA ARG D 315 -15.12 15.87 -31.43
C ARG D 315 -16.21 16.81 -31.94
N ALA D 316 -16.19 18.09 -31.52
CA ALA D 316 -17.36 18.94 -31.78
C ALA D 316 -17.40 19.37 -33.22
N TRP D 317 -16.22 19.60 -33.81
CA TRP D 317 -16.10 20.15 -35.15
C TRP D 317 -16.26 19.09 -36.22
N MET D 318 -15.94 17.81 -35.94
CA MET D 318 -16.10 16.77 -36.94
C MET D 318 -17.37 15.92 -36.78
N ALA D 319 -18.00 15.86 -35.60
CA ALA D 319 -19.09 14.90 -35.38
C ALA D 319 -20.24 15.04 -36.37
N PRO D 320 -20.76 16.25 -36.64
CA PRO D 320 -21.94 16.34 -37.51
C PRO D 320 -21.73 15.76 -38.90
N GLN D 321 -20.59 16.05 -39.54
CA GLN D 321 -20.32 15.56 -40.87
C GLN D 321 -19.83 14.12 -40.86
N ASP D 322 -19.12 13.69 -39.84
CA ASP D 322 -18.59 12.32 -39.81
C ASP D 322 -19.62 11.29 -39.33
N GLN D 323 -20.74 11.74 -38.75
CA GLN D 323 -21.82 10.87 -38.31
C GLN D 323 -23.15 11.47 -38.74
N PRO D 324 -23.44 11.54 -40.06
CA PRO D 324 -24.69 12.20 -40.49
C PRO D 324 -25.95 11.57 -39.90
N HIS D 325 -25.92 10.29 -39.60
CA HIS D 325 -27.11 9.64 -39.09
C HIS D 325 -27.51 10.13 -37.70
N GLU D 326 -26.67 10.88 -37.00
CA GLU D 326 -27.09 11.38 -35.69
C GLU D 326 -27.78 12.75 -35.78
N ASN D 327 -28.02 13.26 -36.99
CA ASN D 327 -28.38 14.65 -37.25
C ASN D 327 -27.97 15.59 -36.13
N PHE D 328 -26.67 15.73 -35.92
CA PHE D 328 -26.20 16.69 -34.94
C PHE D 328 -26.38 18.08 -35.52
N VAL D 329 -26.82 19.02 -34.70
CA VAL D 329 -26.81 20.43 -35.08
C VAL D 329 -26.20 21.22 -33.94
N PHE D 330 -24.99 21.70 -34.14
CA PHE D 330 -24.27 22.49 -33.14
C PHE D 330 -24.31 23.95 -33.58
N PRO D 331 -25.20 24.77 -33.05
CA PRO D 331 -25.17 26.19 -33.42
C PRO D 331 -23.82 26.76 -33.02
N GLU D 332 -23.36 27.73 -33.83
CA GLU D 332 -22.08 28.41 -33.68
C GLU D 332 -21.71 28.66 -32.25
N GLU D 333 -22.64 29.27 -31.52
CA GLU D 333 -22.39 29.71 -30.16
C GLU D 333 -22.03 28.56 -29.21
N VAL D 334 -22.17 27.29 -29.60
CA VAL D 334 -21.81 26.19 -28.72
C VAL D 334 -20.51 25.49 -29.10
N LEU D 335 -19.88 25.83 -30.22
CA LEU D 335 -18.62 25.18 -30.61
C LEU D 335 -17.49 25.65 -29.70
N PRO D 336 -16.69 24.75 -29.16
CA PRO D 336 -15.52 25.21 -28.39
C PRO D 336 -14.48 25.86 -29.32
N ARG D 337 -13.92 26.97 -28.86
CA ARG D 337 -13.06 27.83 -29.68
C ARG D 337 -12.23 28.65 -28.72
N GLY D 338 -10.92 28.58 -28.90
CA GLY D 338 -10.02 29.54 -28.28
C GLY D 338 -10.23 30.94 -28.84
N ASN D 339 -9.49 31.88 -28.25
CA ASN D 339 -9.62 33.29 -28.62
C ASN D 339 -9.26 33.51 -30.09
N ALA D 340 -10.11 34.27 -30.81
CA ALA D 340 -9.85 34.78 -32.16
C ALA D 340 -10.01 33.74 -33.24
N LEU D 341 -9.48 32.55 -33.06
CA LEU D 341 -9.59 31.52 -34.09
C LEU D 341 -10.98 30.86 -34.16
N THR E 2 13.11 -22.18 -64.90
CA THR E 2 13.58 -23.26 -64.05
C THR E 2 12.38 -24.18 -63.67
N THR E 3 11.13 -23.78 -64.00
CA THR E 3 9.97 -24.67 -63.80
C THR E 3 9.18 -24.98 -65.07
N GLY E 4 9.67 -24.62 -66.26
CA GLY E 4 9.15 -25.20 -67.49
C GLY E 4 8.15 -24.35 -68.24
N GLU E 5 7.67 -23.25 -67.65
CA GLU E 5 6.95 -22.25 -68.45
C GLU E 5 7.92 -21.55 -69.39
N ARG E 6 7.36 -20.70 -70.32
CA ARG E 6 8.22 -19.94 -71.24
C ARG E 6 8.68 -18.63 -70.60
N PRO E 7 9.99 -18.36 -70.62
CA PRO E 7 10.51 -17.14 -69.98
C PRO E 7 9.84 -15.85 -70.44
N PHE E 8 9.61 -14.95 -69.48
CA PHE E 8 8.90 -13.71 -69.77
C PHE E 8 9.61 -12.88 -70.82
N SER E 9 10.93 -12.76 -70.71
CA SER E 9 11.65 -11.87 -71.61
C SER E 9 11.63 -12.39 -73.04
N ASP E 10 11.60 -13.70 -73.23
CA ASP E 10 11.45 -14.26 -74.56
C ASP E 10 10.05 -14.12 -75.13
N ILE E 11 9.04 -13.81 -74.31
CA ILE E 11 7.67 -13.67 -74.82
C ILE E 11 7.45 -12.26 -75.35
N ILE E 12 7.86 -11.25 -74.60
CA ILE E 12 7.51 -9.87 -74.92
C ILE E 12 8.45 -9.22 -75.92
N THR E 13 9.53 -9.88 -76.30
CA THR E 13 10.24 -9.53 -77.52
C THR E 13 9.77 -10.36 -78.71
N SER E 14 9.04 -11.45 -78.48
CA SER E 14 8.60 -12.33 -79.56
C SER E 14 7.57 -11.65 -80.46
N VAL E 15 7.64 -11.96 -81.75
CA VAL E 15 6.81 -11.25 -82.71
C VAL E 15 5.37 -11.72 -82.63
N ARG E 16 5.16 -13.04 -82.45
CA ARG E 16 3.81 -13.56 -82.29
C ARG E 16 3.13 -12.95 -81.07
N TYR E 17 3.89 -12.64 -80.01
CA TYR E 17 3.29 -12.01 -78.83
C TYR E 17 2.68 -10.65 -79.18
N TRP E 18 3.51 -9.76 -79.73
CA TRP E 18 3.05 -8.42 -80.04
C TRP E 18 2.03 -8.39 -81.17
N VAL E 19 1.98 -9.43 -81.98
CA VAL E 19 0.94 -9.50 -83.00
C VAL E 19 -0.44 -9.57 -82.36
N ILE E 20 -0.58 -10.41 -81.35
CA ILE E 20 -1.90 -10.53 -80.73
CA ILE E 20 -1.87 -10.55 -80.69
C ILE E 20 -2.16 -9.33 -79.82
N HIS E 21 -1.13 -8.80 -79.17
CA HIS E 21 -1.37 -7.88 -78.06
C HIS E 21 -1.54 -6.45 -78.47
N SER E 22 -0.96 -6.04 -79.58
CA SER E 22 -1.28 -4.74 -80.13
C SER E 22 -2.74 -4.62 -80.54
N ILE E 23 -3.49 -5.72 -80.50
CA ILE E 23 -4.95 -5.69 -80.66
C ILE E 23 -5.66 -5.81 -79.33
N THR E 24 -5.22 -6.74 -78.48
CA THR E 24 -5.95 -7.03 -77.24
C THR E 24 -5.82 -5.87 -76.26
N ILE E 25 -4.61 -5.39 -76.07
CA ILE E 25 -4.38 -4.27 -75.17
C ILE E 25 -5.20 -3.03 -75.56
N PRO E 26 -5.16 -2.54 -76.80
CA PRO E 26 -5.99 -1.36 -77.10
C PRO E 26 -7.47 -1.67 -77.18
N ALA E 27 -7.85 -2.88 -77.57
CA ALA E 27 -9.27 -3.19 -77.57
C ALA E 27 -9.82 -3.09 -76.14
N LEU E 28 -9.04 -3.57 -75.17
CA LEU E 28 -9.45 -3.49 -73.76
C LEU E 28 -9.49 -2.04 -73.28
N PHE E 29 -8.44 -1.26 -73.62
CA PHE E 29 -8.42 0.16 -73.25
C PHE E 29 -9.62 0.89 -73.81
N ILE E 30 -10.13 0.45 -74.95
CA ILE E 30 -11.28 1.12 -75.54
C ILE E 30 -12.59 0.64 -74.92
N ALA E 31 -12.75 -0.67 -74.77
CA ALA E 31 -13.86 -1.23 -74.01
C ALA E 31 -14.09 -0.44 -72.70
N GLY E 32 -13.04 -0.34 -71.89
CA GLY E 32 -13.17 0.37 -70.63
C GLY E 32 -13.54 1.83 -70.82
N TRP E 33 -13.01 2.46 -71.86
CA TRP E 33 -13.46 3.80 -72.20
C TRP E 33 -14.98 3.83 -72.41
N LEU E 34 -15.46 3.00 -73.34
CA LEU E 34 -16.87 3.06 -73.68
C LEU E 34 -17.72 2.81 -72.45
N PHE E 35 -17.22 1.99 -71.53
CA PHE E 35 -17.94 1.75 -70.29
C PHE E 35 -18.27 3.05 -69.57
N VAL E 36 -17.32 4.00 -69.57
CA VAL E 36 -17.57 5.31 -68.97
C VAL E 36 -18.30 6.22 -69.95
N SER E 37 -17.86 6.27 -71.20
CA SER E 37 -18.37 7.31 -72.10
C SER E 37 -19.84 7.10 -72.42
N THR E 38 -20.30 5.85 -72.49
CA THR E 38 -21.69 5.54 -72.75
C THR E 38 -22.60 5.83 -71.55
N GLY E 39 -22.03 6.05 -70.37
CA GLY E 39 -22.82 6.26 -69.16
C GLY E 39 -23.25 4.98 -68.48
N LEU E 40 -22.83 3.83 -68.99
CA LEU E 40 -23.24 2.54 -68.44
C LEU E 40 -22.74 2.39 -67.00
N ALA E 41 -21.45 2.68 -66.77
CA ALA E 41 -20.88 2.53 -65.44
C ALA E 41 -21.73 3.23 -64.40
N TYR E 42 -22.26 4.41 -64.74
CA TYR E 42 -23.14 5.10 -63.81
C TYR E 42 -24.32 4.23 -63.47
N ASP E 43 -24.87 3.49 -64.45
CA ASP E 43 -26.10 2.76 -64.17
C ASP E 43 -25.83 1.40 -63.53
N VAL E 44 -24.74 0.73 -63.86
CA VAL E 44 -24.45 -0.55 -63.22
C VAL E 44 -24.33 -0.39 -61.71
N PHE E 45 -23.71 0.68 -61.27
CA PHE E 45 -23.26 0.81 -59.89
C PHE E 45 -24.14 1.72 -59.06
N GLY E 46 -24.96 2.53 -59.70
CA GLY E 46 -25.80 3.46 -58.99
C GLY E 46 -25.10 4.72 -58.60
N THR E 47 -23.97 5.00 -59.22
CA THR E 47 -23.18 6.15 -58.83
C THR E 47 -23.85 7.42 -59.34
N PRO E 48 -24.04 8.43 -58.49
CA PRO E 48 -24.69 9.67 -58.94
C PRO E 48 -23.87 10.43 -59.96
N ARG E 49 -24.59 10.95 -60.94
CA ARG E 49 -24.09 11.84 -61.95
C ARG E 49 -23.92 13.22 -61.36
N PRO E 50 -23.13 14.07 -62.01
CA PRO E 50 -22.95 15.41 -61.48
C PRO E 50 -24.26 16.16 -61.25
N ASP E 51 -25.30 15.84 -62.02
CA ASP E 51 -26.54 16.59 -61.87
C ASP E 51 -27.53 15.94 -60.91
N SER E 52 -27.19 14.80 -60.31
CA SER E 52 -28.15 14.03 -59.52
C SER E 52 -27.61 13.67 -58.12
N TYR E 53 -26.88 14.56 -57.46
CA TYR E 53 -26.59 14.40 -56.03
C TYR E 53 -27.71 14.99 -55.20
N TYR E 54 -28.04 16.25 -55.43
CA TYR E 54 -29.20 16.88 -54.82
C TYR E 54 -30.21 17.22 -55.89
N ALA E 55 -31.44 17.36 -55.44
CA ALA E 55 -32.50 17.92 -56.23
C ALA E 55 -32.46 19.44 -56.08
N GLN E 56 -32.97 20.14 -57.09
CA GLN E 56 -32.58 21.52 -57.34
C GLN E 56 -32.45 22.37 -56.06
N GLU E 57 -33.54 22.53 -55.33
CA GLU E 57 -33.57 23.39 -54.16
C GLU E 57 -33.29 22.63 -52.86
N GLN E 58 -32.64 21.49 -52.95
CA GLN E 58 -32.41 20.61 -51.81
C GLN E 58 -30.98 20.73 -51.31
N ARG E 59 -30.81 20.52 -50.02
CA ARG E 59 -29.47 20.46 -49.45
C ARG E 59 -29.33 19.33 -48.42
N SER E 60 -30.25 18.37 -48.41
CA SER E 60 -30.19 17.21 -47.52
C SER E 60 -29.47 16.06 -48.20
N ILE E 61 -28.80 15.24 -47.40
CA ILE E 61 -28.28 13.99 -47.94
C ILE E 61 -29.43 12.99 -47.98
N PRO E 62 -29.51 12.17 -49.00
CA PRO E 62 -30.37 10.98 -48.99
C PRO E 62 -29.64 9.84 -48.28
N LEU E 63 -29.44 10.05 -46.98
CA LEU E 63 -28.80 9.06 -46.14
C LEU E 63 -29.77 7.90 -45.89
N VAL E 64 -29.29 6.67 -46.09
CA VAL E 64 -30.07 5.50 -45.75
C VAL E 64 -30.16 5.40 -44.23
N THR E 65 -31.34 5.04 -43.75
CA THR E 65 -31.60 5.14 -42.31
C THR E 65 -32.43 4.01 -41.76
N ASP E 66 -32.82 3.04 -42.57
CA ASP E 66 -33.56 1.88 -42.15
C ASP E 66 -32.88 0.67 -42.77
N ARG E 67 -32.93 -0.46 -42.06
CA ARG E 67 -32.18 -1.62 -42.49
C ARG E 67 -32.93 -2.42 -43.55
N PHE E 68 -34.19 -2.73 -43.29
CA PHE E 68 -34.94 -3.63 -44.16
C PHE E 68 -35.80 -2.89 -45.18
N GLU E 69 -35.90 -1.58 -45.08
CA GLU E 69 -36.52 -0.73 -46.07
C GLU E 69 -35.50 0.08 -46.86
N ALA E 70 -34.21 -0.23 -46.71
CA ALA E 70 -33.17 0.61 -47.29
C ALA E 70 -33.27 0.65 -48.82
N LYS E 71 -33.47 -0.52 -49.45
CA LYS E 71 -33.75 -0.59 -50.87
C LYS E 71 -34.82 0.41 -51.27
N GLN E 72 -35.96 0.37 -50.58
CA GLN E 72 -37.05 1.27 -50.90
C GLN E 72 -36.65 2.73 -50.70
N GLN E 73 -35.86 3.01 -49.66
CA GLN E 73 -35.43 4.39 -49.39
C GLN E 73 -34.68 4.98 -50.58
N VAL E 74 -33.58 4.35 -50.99
CA VAL E 74 -32.78 4.99 -52.04
C VAL E 74 -33.62 5.11 -53.30
N GLU E 75 -34.57 4.18 -53.50
CA GLU E 75 -35.44 4.26 -54.66
C GLU E 75 -36.34 5.47 -54.58
N THR E 76 -36.83 5.79 -53.38
CA THR E 76 -37.68 6.96 -53.20
C THR E 76 -36.91 8.22 -53.48
N PHE E 77 -35.68 8.30 -52.98
CA PHE E 77 -34.85 9.47 -53.22
C PHE E 77 -34.62 9.65 -54.71
N LEU E 78 -34.47 8.54 -55.44
CA LEU E 78 -34.21 8.60 -56.87
C LEU E 78 -35.41 9.05 -57.69
N GLU E 79 -36.65 8.76 -57.25
CA GLU E 79 -37.81 9.31 -57.94
C GLU E 79 -38.04 10.79 -57.64
N GLN E 80 -37.47 11.29 -56.55
CA GLN E 80 -37.50 12.72 -56.26
C GLN E 80 -36.57 13.53 -57.17
N LEU E 81 -35.72 12.85 -57.93
CA LEU E 81 -34.99 13.48 -59.02
C LEU E 81 -35.75 13.41 -60.34
N LYS E 82 -36.72 12.51 -60.47
CA LYS E 82 -37.62 12.48 -61.62
C LYS E 82 -38.77 13.46 -61.37
N SER F 1 10.07 -25.78 -76.85
CA SER F 1 8.89 -26.64 -76.81
C SER F 1 8.14 -26.39 -75.51
N TYR F 2 7.83 -25.09 -75.23
CA TYR F 2 7.06 -24.71 -74.05
C TYR F 2 5.57 -24.80 -74.32
N PRO F 3 4.75 -24.89 -73.28
CA PRO F 3 3.31 -24.70 -73.44
C PRO F 3 2.98 -23.21 -73.49
N ILE F 4 1.84 -22.91 -74.09
CA ILE F 4 1.31 -21.54 -74.12
C ILE F 4 0.43 -21.27 -72.92
N PHE F 5 -0.50 -22.18 -72.65
CA PHE F 5 -1.50 -22.00 -71.62
C PHE F 5 -1.12 -22.78 -70.38
N THR F 6 -0.89 -22.04 -69.30
CA THR F 6 -0.51 -22.59 -68.02
C THR F 6 -1.26 -21.85 -66.93
N VAL F 7 -1.34 -22.50 -65.77
CA VAL F 7 -1.68 -21.82 -64.52
C VAL F 7 -1.09 -20.41 -64.52
N ARG F 8 0.21 -20.29 -64.84
CA ARG F 8 0.83 -18.98 -64.88
C ARG F 8 0.08 -18.05 -65.84
N TRP F 9 -0.07 -18.49 -67.09
CA TRP F 9 -0.84 -17.75 -68.08
C TRP F 9 -2.12 -17.19 -67.46
N VAL F 10 -2.81 -18.05 -66.68
CA VAL F 10 -4.12 -17.69 -66.16
C VAL F 10 -4.02 -16.58 -65.12
N ALA F 11 -3.10 -16.74 -64.15
CA ALA F 11 -2.89 -15.72 -63.12
C ALA F 11 -2.57 -14.37 -63.74
N VAL F 12 -1.59 -14.37 -64.65
CA VAL F 12 -1.17 -13.18 -65.38
C VAL F 12 -2.37 -12.49 -66.01
N HIS F 13 -3.15 -13.24 -66.79
CA HIS F 13 -4.27 -12.62 -67.50
C HIS F 13 -5.43 -12.24 -66.58
N THR F 14 -5.59 -12.97 -65.47
CA THR F 14 -6.55 -12.61 -64.46
C THR F 14 -6.36 -11.17 -63.98
N LEU F 15 -5.11 -10.73 -63.86
CA LEU F 15 -4.81 -9.36 -63.44
C LEU F 15 -4.61 -8.40 -64.59
N ALA F 16 -3.88 -8.81 -65.63
CA ALA F 16 -3.59 -7.92 -66.75
C ALA F 16 -4.87 -7.43 -67.41
N VAL F 17 -5.76 -8.36 -67.75
CA VAL F 17 -6.90 -8.01 -68.59
C VAL F 17 -7.72 -6.91 -67.93
N PRO F 18 -8.23 -7.08 -66.71
CA PRO F 18 -9.05 -6.01 -66.12
C PRO F 18 -8.24 -4.80 -65.69
N THR F 19 -6.91 -4.92 -65.62
CA THR F 19 -6.10 -3.73 -65.40
C THR F 19 -6.24 -2.73 -66.54
N ILE F 20 -6.16 -3.19 -67.80
CA ILE F 20 -6.28 -2.29 -68.95
C ILE F 20 -7.71 -1.78 -69.09
N PHE F 21 -8.69 -2.67 -69.02
CA PHE F 21 -10.07 -2.20 -69.04
C PHE F 21 -10.23 -1.00 -68.13
N PHE F 22 -9.77 -1.15 -66.89
CA PHE F 22 -9.86 -0.07 -65.90
C PHE F 22 -9.07 1.16 -66.32
N LEU F 23 -7.82 0.98 -66.72
CA LEU F 23 -7.04 2.12 -67.18
C LEU F 23 -7.71 2.87 -68.32
N GLY F 24 -8.61 2.22 -69.08
CA GLY F 24 -9.35 2.89 -70.12
C GLY F 24 -10.57 3.66 -69.64
N ALA F 25 -11.33 3.06 -68.73
CA ALA F 25 -12.41 3.79 -68.08
C ALA F 25 -11.87 5.00 -67.33
N ILE F 26 -10.78 4.82 -66.58
CA ILE F 26 -10.28 5.93 -65.81
C ILE F 26 -9.75 7.03 -66.73
N ALA F 27 -9.15 6.64 -67.85
CA ALA F 27 -8.75 7.61 -68.87
C ALA F 27 -9.93 8.47 -69.32
N ALA F 28 -11.02 7.81 -69.75
CA ALA F 28 -12.26 8.51 -70.12
C ALA F 28 -12.70 9.52 -69.07
N MET F 29 -12.42 9.23 -67.80
CA MET F 29 -12.95 10.04 -66.71
C MET F 29 -12.31 11.42 -66.67
N GLN F 30 -11.04 11.56 -67.12
CA GLN F 30 -10.39 12.86 -67.05
C GLN F 30 -11.11 13.89 -67.88
N PHE F 31 -11.98 13.44 -68.78
CA PHE F 31 -12.70 14.33 -69.68
C PHE F 31 -14.13 14.57 -69.27
N ILE F 32 -14.66 13.83 -68.29
CA ILE F 32 -15.95 14.17 -67.70
C ILE F 32 -15.86 15.57 -67.12
N GLN F 33 -16.97 16.30 -67.19
CA GLN F 33 -17.02 17.68 -66.72
C GLN F 33 -18.42 17.95 -66.18
N ARG F 34 -18.53 18.98 -65.34
CA ARG F 34 -19.75 19.15 -64.54
C ARG F 34 -20.74 20.16 -65.12
N ALA G 1 6.42 -51.16 -12.83
CA ALA G 1 5.51 -50.06 -12.54
C ALA G 1 4.47 -50.55 -11.56
N ARG G 2 3.67 -49.66 -10.99
CA ARG G 2 2.85 -49.99 -9.82
C ARG G 2 1.46 -50.49 -10.22
N ARG G 3 1.11 -51.69 -9.80
CA ARG G 3 -0.22 -52.23 -10.04
C ARG G 3 -1.13 -51.77 -8.92
N THR G 4 -2.35 -51.45 -9.28
CA THR G 4 -3.33 -51.13 -8.28
C THR G 4 -4.67 -51.69 -8.76
N TRP G 5 -5.47 -52.14 -7.80
CA TRP G 5 -6.82 -52.60 -8.06
C TRP G 5 -7.54 -51.78 -9.12
N LEU G 6 -7.63 -50.46 -8.92
CA LEU G 6 -8.31 -49.60 -9.91
C LEU G 6 -7.58 -49.58 -11.24
N GLY G 7 -6.25 -49.64 -11.21
CA GLY G 7 -5.50 -49.75 -12.45
C GLY G 7 -5.86 -50.99 -13.22
N ASP G 8 -5.94 -52.13 -12.52
CA ASP G 8 -6.27 -53.39 -13.20
C ASP G 8 -7.65 -53.31 -13.81
N ILE G 9 -8.58 -52.64 -13.13
CA ILE G 9 -9.94 -52.46 -13.64
C ILE G 9 -9.97 -51.59 -14.90
N LEU G 10 -9.30 -50.42 -14.88
CA LEU G 10 -9.34 -49.51 -16.01
C LEU G 10 -8.41 -49.95 -17.13
N ARG G 11 -7.61 -50.98 -16.85
CA ARG G 11 -6.56 -51.45 -17.75
C ARG G 11 -6.95 -51.53 -19.22
N PRO G 12 -8.08 -52.11 -19.61
CA PRO G 12 -8.35 -52.23 -21.06
C PRO G 12 -8.75 -50.94 -21.73
N LEU G 13 -9.00 -49.87 -20.98
CA LEU G 13 -9.37 -48.63 -21.64
C LEU G 13 -8.15 -47.90 -22.19
N ASN G 14 -6.98 -48.17 -21.60
CA ASN G 14 -5.72 -47.69 -22.13
C ASN G 14 -4.88 -48.86 -22.64
N SER G 15 -5.37 -49.56 -23.65
CA SER G 15 -4.79 -50.81 -24.07
C SER G 15 -4.59 -50.90 -25.57
N GLU G 16 -5.17 -50.01 -26.34
CA GLU G 16 -5.14 -50.07 -27.81
C GLU G 16 -4.43 -48.86 -28.44
N TYR G 17 -3.32 -48.42 -27.85
CA TYR G 17 -2.58 -47.32 -28.42
C TYR G 17 -2.13 -47.67 -29.83
N GLY G 18 -2.28 -46.72 -30.75
CA GLY G 18 -1.87 -46.93 -32.11
C GLY G 18 -2.77 -47.77 -32.97
N LYS G 19 -3.89 -48.29 -32.47
CA LYS G 19 -4.76 -49.08 -33.32
C LYS G 19 -5.58 -48.16 -34.21
N VAL G 20 -5.62 -48.47 -35.50
CA VAL G 20 -6.35 -47.68 -36.48
C VAL G 20 -7.23 -48.57 -37.34
N ALA G 21 -8.33 -47.98 -37.83
CA ALA G 21 -9.05 -48.55 -38.94
C ALA G 21 -8.21 -48.41 -40.22
N PRO G 22 -8.46 -49.22 -41.23
CA PRO G 22 -7.59 -49.19 -42.40
C PRO G 22 -7.94 -48.00 -43.26
N GLY G 23 -6.90 -47.47 -43.93
CA GLY G 23 -7.11 -46.52 -45.01
C GLY G 23 -7.93 -45.34 -44.57
N TRP G 24 -8.99 -45.06 -45.35
CA TRP G 24 -9.82 -43.89 -45.10
C TRP G 24 -10.89 -44.13 -44.04
N GLY G 25 -11.40 -45.36 -43.89
CA GLY G 25 -12.42 -45.59 -42.89
C GLY G 25 -13.65 -44.70 -43.05
N THR G 26 -14.13 -44.20 -41.92
CA THR G 26 -15.38 -43.46 -41.83
C THR G 26 -15.25 -42.02 -42.24
N THR G 27 -14.08 -41.62 -42.74
CA THR G 27 -13.89 -40.22 -43.13
C THR G 27 -14.98 -39.66 -44.04
N PRO G 28 -15.47 -40.37 -45.05
CA PRO G 28 -16.54 -39.76 -45.86
C PRO G 28 -17.75 -39.43 -45.03
N LEU G 29 -18.05 -40.27 -44.03
CA LEU G 29 -19.22 -40.05 -43.18
C LEU G 29 -19.03 -38.84 -42.29
N MET G 30 -17.91 -38.82 -41.55
CA MET G 30 -17.52 -37.66 -40.74
C MET G 30 -17.74 -36.37 -41.51
N ALA G 31 -17.22 -36.32 -42.74
CA ALA G 31 -17.40 -35.20 -43.65
C ALA G 31 -18.86 -34.80 -43.84
N VAL G 32 -19.77 -35.76 -43.88
CA VAL G 32 -21.18 -35.41 -43.98
C VAL G 32 -21.62 -34.65 -42.74
N PHE G 33 -21.44 -35.25 -41.56
CA PHE G 33 -21.82 -34.55 -40.34
C PHE G 33 -21.19 -33.16 -40.29
N MET G 34 -19.92 -33.04 -40.69
CA MET G 34 -19.26 -31.75 -40.76
C MET G 34 -20.03 -30.77 -41.64
N GLY G 35 -20.41 -31.22 -42.84
CA GLY G 35 -21.14 -30.32 -43.74
C GLY G 35 -22.46 -29.86 -43.16
N LEU G 36 -23.14 -30.76 -42.44
CA LEU G 36 -24.43 -30.46 -41.84
C LEU G 36 -24.28 -29.45 -40.74
N PHE G 37 -23.35 -29.73 -39.84
CA PHE G 37 -23.12 -28.89 -38.69
C PHE G 37 -22.77 -27.45 -39.10
N LEU G 38 -21.97 -27.28 -40.17
CA LEU G 38 -21.67 -25.95 -40.71
C LEU G 38 -22.94 -25.22 -41.15
N VAL G 39 -23.79 -25.89 -41.95
CA VAL G 39 -24.99 -25.20 -42.43
C VAL G 39 -25.86 -24.88 -41.26
N PHE G 40 -25.86 -25.75 -40.29
CA PHE G 40 -26.63 -25.47 -39.12
C PHE G 40 -26.07 -24.26 -38.36
N LEU G 41 -24.74 -24.14 -38.28
CA LEU G 41 -24.16 -22.94 -37.66
C LEU G 41 -24.39 -21.68 -38.47
N LEU G 42 -24.42 -21.76 -39.81
CA LEU G 42 -24.84 -20.61 -40.63
C LEU G 42 -26.21 -20.09 -40.23
N ILE G 43 -27.17 -21.01 -40.12
CA ILE G 43 -28.55 -20.65 -39.77
C ILE G 43 -28.60 -19.95 -38.42
N ILE G 44 -27.89 -20.51 -37.44
CA ILE G 44 -27.87 -19.92 -36.12
C ILE G 44 -27.27 -18.52 -36.17
N LEU G 45 -26.20 -18.35 -36.95
CA LEU G 45 -25.53 -17.06 -37.04
C LEU G 45 -26.43 -16.06 -37.74
N GLU G 46 -27.04 -16.46 -38.84
CA GLU G 46 -27.85 -15.52 -39.61
C GLU G 46 -29.17 -15.21 -38.91
N ILE G 47 -29.62 -16.06 -37.99
CA ILE G 47 -30.76 -15.69 -37.18
C ILE G 47 -30.37 -14.61 -36.18
N TYR G 48 -29.31 -14.86 -35.41
CA TYR G 48 -28.76 -13.84 -34.51
C TYR G 48 -28.53 -12.54 -35.25
N ASN G 49 -27.94 -12.60 -36.44
CA ASN G 49 -27.56 -11.43 -37.22
C ASN G 49 -28.73 -10.72 -37.91
N SER G 50 -29.90 -11.36 -38.01
CA SER G 50 -31.07 -10.83 -38.71
C SER G 50 -30.95 -10.82 -40.23
N THR G 51 -30.03 -11.60 -40.83
CA THR G 51 -30.15 -11.86 -42.25
C THR G 51 -31.01 -13.08 -42.53
N LEU G 52 -31.18 -13.98 -41.56
CA LEU G 52 -32.30 -14.94 -41.59
C LEU G 52 -33.45 -14.43 -40.73
N ILE G 53 -34.63 -14.35 -41.32
CA ILE G 53 -35.84 -13.89 -40.64
C ILE G 53 -36.90 -14.99 -40.75
N LEU G 54 -37.38 -15.48 -39.60
CA LEU G 54 -38.30 -16.61 -39.55
C LEU G 54 -39.56 -16.23 -38.82
N ASP G 55 -40.68 -16.83 -39.24
CA ASP G 55 -41.95 -16.55 -38.61
C ASP G 55 -41.92 -16.97 -37.15
N GLY G 56 -42.49 -16.14 -36.30
CA GLY G 56 -42.52 -16.43 -34.89
C GLY G 56 -41.17 -16.54 -34.23
N VAL G 57 -40.12 -15.94 -34.83
CA VAL G 57 -38.80 -15.86 -34.20
C VAL G 57 -38.42 -14.40 -34.04
N ASN G 58 -38.87 -13.82 -32.95
CA ASN G 58 -38.75 -12.40 -32.69
C ASN G 58 -37.45 -12.24 -31.90
N VAL G 59 -36.37 -11.94 -32.61
CA VAL G 59 -35.03 -11.91 -32.04
C VAL G 59 -34.80 -10.59 -31.32
N SER G 60 -35.18 -10.55 -30.05
CA SER G 60 -35.25 -9.34 -29.24
C SER G 60 -35.50 -9.71 -27.78
N TRP G 61 -35.12 -8.80 -26.88
CA TRP G 61 -35.57 -8.90 -25.49
C TRP G 61 -37.08 -9.14 -25.40
N LYS G 62 -37.85 -8.50 -26.30
CA LYS G 62 -39.31 -8.58 -26.25
C LYS G 62 -39.80 -10.00 -26.45
N ALA G 63 -38.91 -10.94 -26.77
CA ALA G 63 -39.24 -12.35 -26.85
C ALA G 63 -39.09 -13.09 -25.53
N LEU G 64 -39.23 -12.38 -24.39
CA LEU G 64 -39.33 -13.01 -23.08
C LEU G 64 -40.69 -12.76 -22.42
N GLY G 65 -41.69 -12.35 -23.21
CA GLY G 65 -43.00 -12.01 -22.66
C GLY G 65 -44.13 -12.72 -23.39
N GLU H 2 28.66 36.14 -14.51
CA GLU H 2 29.81 36.42 -15.36
C GLU H 2 30.94 35.45 -15.08
N THR H 3 31.13 35.09 -13.82
CA THR H 3 32.08 34.03 -13.52
C THR H 3 31.71 32.76 -14.27
N LEU H 4 30.40 32.46 -14.35
CA LEU H 4 29.92 31.32 -15.13
C LEU H 4 30.21 31.49 -16.63
N LYS H 5 29.85 32.63 -17.20
CA LYS H 5 30.10 32.86 -18.62
C LYS H 5 31.55 32.58 -18.95
N ILE H 6 32.46 33.23 -18.24
CA ILE H 6 33.88 33.01 -18.48
C ILE H 6 34.18 31.53 -18.43
N THR H 7 33.78 30.86 -17.35
CA THR H 7 34.08 29.44 -17.18
C THR H 7 33.60 28.64 -18.37
N VAL H 8 32.34 28.83 -18.79
CA VAL H 8 31.82 27.99 -19.87
C VAL H 8 32.65 28.25 -21.12
N TYR H 9 32.97 29.52 -21.38
CA TYR H 9 33.81 29.87 -22.52
C TYR H 9 35.16 29.16 -22.48
N ILE H 10 35.72 29.00 -21.30
CA ILE H 10 37.03 28.37 -21.18
C ILE H 10 36.93 26.88 -21.39
N VAL H 11 35.91 26.25 -20.82
CA VAL H 11 35.68 24.81 -20.98
C VAL H 11 35.49 24.49 -22.45
N VAL H 12 34.65 25.26 -23.12
CA VAL H 12 34.30 25.00 -24.51
C VAL H 12 35.52 25.19 -25.40
N THR H 13 36.18 26.33 -25.26
CA THR H 13 37.38 26.57 -26.05
C THR H 13 38.37 25.44 -25.89
N PHE H 14 38.49 24.90 -24.68
CA PHE H 14 39.51 23.91 -24.42
C PHE H 14 39.18 22.58 -25.09
N PHE H 15 37.90 22.19 -25.07
CA PHE H 15 37.52 20.97 -25.75
C PHE H 15 37.58 21.11 -27.26
N VAL H 16 37.30 22.29 -27.78
CA VAL H 16 37.34 22.44 -29.22
C VAL H 16 38.77 22.47 -29.76
N LEU H 17 39.72 23.04 -29.02
CA LEU H 17 41.11 22.92 -29.47
C LEU H 17 41.59 21.48 -29.37
N LEU H 18 41.23 20.79 -28.29
CA LEU H 18 41.47 19.35 -28.21
C LEU H 18 41.09 18.68 -29.51
N PHE H 19 39.86 18.94 -29.92
CA PHE H 19 39.30 18.31 -31.10
C PHE H 19 40.13 18.65 -32.36
N VAL H 20 40.29 19.95 -32.62
CA VAL H 20 40.98 20.43 -33.82
C VAL H 20 42.41 19.93 -33.84
N PHE H 21 43.16 20.21 -32.79
CA PHE H 21 44.54 19.73 -32.78
C PHE H 21 44.62 18.21 -32.80
N GLY H 22 43.67 17.53 -32.13
CA GLY H 22 43.65 16.07 -32.17
C GLY H 22 43.56 15.48 -33.57
N PHE H 23 42.67 16.01 -34.41
CA PHE H 23 42.61 15.56 -35.80
C PHE H 23 43.76 16.05 -36.64
N LEU H 24 44.47 17.08 -36.21
CA LEU H 24 45.64 17.51 -36.96
C LEU H 24 46.83 16.64 -36.62
N SER H 25 46.75 15.90 -35.53
CA SER H 25 47.90 15.13 -35.14
C SER H 25 47.95 13.77 -35.84
N GLY H 26 47.80 13.75 -37.15
CA GLY H 26 48.09 12.57 -37.94
C GLY H 26 46.96 11.54 -37.95
N ASP H 27 45.73 12.00 -38.14
CA ASP H 27 44.62 11.06 -38.07
C ASP H 27 44.57 10.06 -39.21
N PRO H 28 44.84 10.45 -40.45
CA PRO H 28 44.76 9.45 -41.52
C PRO H 28 45.59 8.25 -41.20
N ALA H 29 46.76 8.46 -40.57
CA ALA H 29 47.68 7.38 -40.25
C ALA H 29 47.21 6.46 -39.12
N ARG H 30 46.20 6.82 -38.32
CA ARG H 30 45.76 5.98 -37.21
C ARG H 30 44.62 5.07 -37.67
N ASN H 31 45.00 4.06 -38.45
CA ASN H 31 44.19 2.96 -38.94
C ASN H 31 45.00 1.67 -38.86
N PRO H 32 44.41 0.50 -39.13
CA PRO H 32 45.13 -0.76 -38.92
C PRO H 32 45.97 -1.28 -40.10
N LYS H 33 45.78 -0.77 -41.33
CA LYS H 33 46.44 -1.34 -42.51
C LYS H 33 47.60 -0.48 -43.01
N ARG H 34 47.33 0.72 -43.50
CA ARG H 34 48.34 1.55 -44.18
C ARG H 34 48.49 2.88 -43.44
N LYS H 35 49.65 3.08 -42.83
CA LYS H 35 49.93 4.26 -42.03
C LYS H 35 50.68 5.30 -42.86
N ASP H 36 50.05 6.45 -43.10
CA ASP H 36 50.72 7.65 -43.64
C ASP H 36 49.76 8.84 -43.83
N GLY I 1 10.86 -14.54 -82.17
CA GLY I 1 11.37 -15.35 -81.07
C GLY I 1 12.19 -14.58 -80.04
N GLY I 2 12.97 -13.62 -80.53
CA GLY I 2 13.68 -12.63 -79.75
C GLY I 2 13.89 -11.42 -80.62
N ARG I 3 12.95 -11.23 -81.56
CA ARG I 3 13.15 -10.35 -82.69
C ARG I 3 13.18 -8.87 -82.28
N ILE I 4 12.43 -8.49 -81.25
CA ILE I 4 12.45 -7.09 -80.80
C ILE I 4 13.57 -6.94 -79.77
N PRO I 5 14.45 -5.95 -79.88
CA PRO I 5 15.41 -5.75 -78.79
C PRO I 5 14.64 -5.30 -77.57
N LEU I 6 15.01 -5.86 -76.41
CA LEU I 6 14.23 -5.59 -75.23
C LEU I 6 14.30 -4.12 -74.84
N TRP I 7 15.48 -3.50 -74.96
CA TRP I 7 15.55 -2.08 -74.65
C TRP I 7 14.44 -1.32 -75.33
N ILE I 8 14.03 -1.74 -76.54
CA ILE I 8 12.99 -1.03 -77.28
C ILE I 8 11.65 -1.18 -76.59
N VAL I 9 11.27 -2.43 -76.26
CA VAL I 9 10.00 -2.67 -75.55
C VAL I 9 9.92 -1.77 -74.30
N ALA I 10 11.07 -1.59 -73.63
CA ALA I 10 11.15 -0.84 -72.38
C ALA I 10 10.97 0.66 -72.58
N THR I 11 11.48 1.22 -73.67
CA THR I 11 11.32 2.66 -73.84
C THR I 11 9.88 3.00 -74.25
N VAL I 12 9.29 2.17 -75.10
CA VAL I 12 7.89 2.37 -75.52
C VAL I 12 6.94 2.17 -74.34
N ALA I 13 7.04 1.01 -73.70
CA ALA I 13 6.29 0.77 -72.47
C ALA I 13 6.45 1.92 -71.48
N GLY I 14 7.70 2.26 -71.16
CA GLY I 14 7.95 3.37 -70.26
C GLY I 14 7.25 4.65 -70.69
N MET I 15 7.41 5.04 -71.94
CA MET I 15 6.70 6.21 -72.40
C MET I 15 5.20 6.01 -72.28
N GLY I 16 4.73 4.78 -72.38
CA GLY I 16 3.31 4.54 -72.31
C GLY I 16 2.71 4.88 -70.96
N VAL I 17 3.36 4.44 -69.88
CA VAL I 17 2.97 4.88 -68.54
C VAL I 17 3.02 6.41 -68.43
N ILE I 18 4.18 6.99 -68.76
CA ILE I 18 4.36 8.44 -68.64
C ILE I 18 3.15 9.14 -69.21
N VAL I 19 2.66 8.65 -70.35
CA VAL I 19 1.52 9.29 -70.99
C VAL I 19 0.29 9.20 -70.09
N ILE I 20 -0.06 7.98 -69.69
CA ILE I 20 -1.32 7.78 -69.00
C ILE I 20 -1.31 8.47 -67.63
N VAL I 21 -0.18 8.44 -66.92
CA VAL I 21 -0.10 9.13 -65.64
C VAL I 21 -0.28 10.64 -65.81
N GLY I 22 0.36 11.22 -66.84
CA GLY I 22 0.19 12.63 -67.11
C GLY I 22 -1.22 13.01 -67.49
N LEU I 23 -1.96 12.08 -68.11
CA LEU I 23 -3.40 12.26 -68.25
C LEU I 23 -4.04 12.39 -66.88
N PHE I 24 -3.79 11.43 -66.01
CA PHE I 24 -4.41 11.45 -64.68
C PHE I 24 -4.06 12.72 -63.92
N PHE I 25 -2.86 13.25 -64.12
CA PHE I 25 -2.47 14.50 -63.44
C PHE I 25 -3.08 15.75 -64.10
N TYR I 26 -3.19 15.78 -65.43
CA TYR I 26 -3.86 16.88 -66.10
C TYR I 26 -5.31 17.00 -65.62
N GLY I 27 -5.95 15.85 -65.37
CA GLY I 27 -7.34 15.85 -64.95
C GLY I 27 -7.59 16.32 -63.54
N ALA I 28 -6.60 16.24 -62.65
CA ALA I 28 -6.70 16.92 -61.36
C ALA I 28 -6.89 18.42 -61.52
N TYR I 29 -6.44 19.00 -62.63
CA TYR I 29 -6.65 20.42 -62.90
C TYR I 29 -7.89 20.71 -63.75
N ALA I 30 -8.43 19.73 -64.50
CA ALA I 30 -9.60 19.94 -65.37
C ALA I 30 -10.79 19.08 -64.93
N GLY I 31 -11.99 19.64 -65.06
CA GLY I 31 -13.19 18.83 -64.93
C GLY I 31 -13.52 18.45 -63.50
N LEU I 32 -14.00 17.22 -63.27
CA LEU I 32 -14.33 16.77 -61.91
C LEU I 32 -13.07 16.74 -61.05
N GLY I 33 -13.19 17.25 -59.84
CA GLY I 33 -12.10 17.18 -58.89
C GLY I 33 -11.12 18.34 -58.93
N SER I 34 -11.38 19.36 -59.74
CA SER I 34 -10.46 20.47 -59.94
C SER I 34 -10.72 21.65 -59.01
N SER I 35 -11.87 21.66 -58.33
CA SER I 35 -12.34 22.71 -57.42
C SER I 35 -13.08 23.78 -58.21
N LEU I 36 -13.31 23.55 -59.49
CA LEU I 36 -13.87 24.59 -60.36
C LEU I 36 -15.24 24.25 -60.90
N LYS J 1 4.67 37.75 -71.29
CA LYS J 1 4.71 37.15 -72.62
C LYS J 1 6.00 37.54 -73.37
N LEU J 2 6.39 36.72 -74.35
CA LEU J 2 7.57 37.01 -75.15
C LEU J 2 7.32 38.21 -76.08
N PRO J 3 8.39 38.75 -76.67
CA PRO J 3 8.24 39.72 -77.75
C PRO J 3 7.46 39.15 -78.93
N GLU J 4 6.97 40.07 -79.79
CA GLU J 4 5.99 39.70 -80.80
C GLU J 4 6.61 38.87 -81.92
N ALA J 5 7.87 39.15 -82.28
CA ALA J 5 8.54 38.38 -83.32
C ALA J 5 8.85 36.94 -82.92
N TYR J 6 8.85 36.64 -81.63
CA TYR J 6 9.08 35.28 -81.16
C TYR J 6 7.80 34.58 -80.71
N ALA J 7 6.69 35.33 -80.60
CA ALA J 7 5.34 34.80 -80.65
C ALA J 7 5.29 33.35 -81.11
N ILE J 8 6.00 33.07 -82.19
CA ILE J 8 5.87 31.78 -82.87
C ILE J 8 6.17 30.64 -81.92
N PHE J 9 7.21 30.78 -81.09
CA PHE J 9 7.68 29.67 -80.27
C PHE J 9 7.08 29.66 -78.86
N ASP J 10 6.01 30.41 -78.61
CA ASP J 10 5.38 30.43 -77.29
C ASP J 10 5.22 29.02 -76.75
N PRO J 11 4.93 28.02 -77.59
CA PRO J 11 4.70 26.68 -77.04
C PRO J 11 5.91 25.74 -77.11
N LEU J 12 6.90 26.03 -77.94
CA LEU J 12 8.19 25.37 -77.78
C LEU J 12 8.85 25.76 -76.47
N VAL J 13 8.53 26.95 -75.96
CA VAL J 13 9.17 27.45 -74.76
C VAL J 13 8.59 26.79 -73.51
N ASP J 14 7.28 26.51 -73.52
CA ASP J 14 6.62 25.84 -72.39
C ASP J 14 7.23 24.47 -72.12
N VAL J 15 7.96 23.88 -73.06
CA VAL J 15 8.54 22.54 -72.90
C VAL J 15 10.04 22.59 -72.63
N LEU J 16 10.74 23.59 -73.15
CA LEU J 16 12.19 23.67 -73.01
C LEU J 16 12.68 23.33 -71.61
N PRO J 17 12.07 23.83 -70.53
CA PRO J 17 12.64 23.61 -69.19
C PRO J 17 12.61 22.16 -68.71
N VAL J 18 11.83 21.28 -69.35
CA VAL J 18 11.89 19.87 -69.01
C VAL J 18 13.04 19.15 -69.70
N ILE J 19 13.69 19.76 -70.69
CA ILE J 19 14.63 19.01 -71.53
C ILE J 19 15.79 18.46 -70.72
N PRO J 20 16.31 19.16 -69.71
CA PRO J 20 17.35 18.55 -68.87
C PRO J 20 16.92 17.25 -68.21
N VAL J 21 15.66 17.14 -67.77
CA VAL J 21 15.16 15.85 -67.28
C VAL J 21 15.40 14.77 -68.33
N LEU J 22 15.15 15.08 -69.60
CA LEU J 22 15.21 14.02 -70.60
C LEU J 22 16.59 13.42 -70.70
N PHE J 23 17.66 14.19 -70.37
CA PHE J 23 19.01 13.62 -70.45
C PHE J 23 19.18 12.51 -69.41
N LEU J 24 18.61 12.69 -68.21
CA LEU J 24 18.64 11.62 -67.22
C LEU J 24 17.92 10.38 -67.73
N ALA J 25 16.69 10.56 -68.26
CA ALA J 25 15.95 9.46 -68.87
C ALA J 25 16.79 8.79 -69.96
N LEU J 26 17.37 9.61 -70.86
CA LEU J 26 18.22 9.10 -71.94
C LEU J 26 19.30 8.16 -71.44
N ALA J 27 19.84 8.45 -70.26
CA ALA J 27 20.88 7.59 -69.68
C ALA J 27 20.41 6.16 -69.50
N PHE J 28 19.11 5.93 -69.26
CA PHE J 28 18.61 4.58 -69.02
C PHE J 28 18.17 3.89 -70.31
N VAL J 29 17.79 4.65 -71.33
CA VAL J 29 17.71 4.09 -72.68
C VAL J 29 19.08 3.59 -73.13
N TRP J 30 20.14 4.38 -72.93
CA TRP J 30 21.47 3.93 -73.35
C TRP J 30 21.86 2.66 -72.63
N GLN J 31 21.81 2.67 -71.30
CA GLN J 31 22.29 1.50 -70.59
C GLN J 31 21.47 0.26 -70.93
N ALA J 32 20.15 0.42 -71.20
CA ALA J 32 19.32 -0.70 -71.66
C ALA J 32 19.77 -1.19 -73.03
N ALA J 33 20.17 -0.25 -73.88
CA ALA J 33 20.76 -0.58 -75.17
C ALA J 33 22.05 -1.42 -75.03
N VAL J 34 22.83 -1.20 -73.98
CA VAL J 34 24.11 -1.89 -73.83
C VAL J 34 24.04 -3.04 -72.82
N GLY J 35 22.90 -3.24 -72.17
CA GLY J 35 22.75 -4.32 -71.21
C GLY J 35 23.30 -4.10 -69.82
N PHE J 36 23.13 -2.90 -69.27
CA PHE J 36 23.57 -2.53 -67.93
C PHE J 36 24.92 -3.17 -67.58
N ARG J 37 25.95 -2.78 -68.34
CA ARG J 37 27.27 -3.37 -68.22
CA ARG J 37 27.28 -3.37 -68.20
C ARG J 37 28.16 -2.52 -67.30
N MET K 1 10.11 -48.34 -5.85
CA MET K 1 9.69 -47.48 -6.98
C MET K 1 10.85 -46.57 -7.39
N GLU K 2 11.04 -46.44 -8.60
CA GLU K 2 12.26 -45.74 -8.98
C GLU K 2 12.06 -44.22 -9.01
N PRO K 3 13.12 -43.47 -8.71
CA PRO K 3 13.09 -42.02 -8.90
C PRO K 3 12.80 -41.59 -10.34
N ASN K 4 12.11 -40.47 -10.46
CA ASN K 4 11.44 -40.11 -11.68
C ASN K 4 12.46 -39.71 -12.74
N PRO K 5 12.46 -40.36 -13.91
CA PRO K 5 13.51 -40.10 -14.92
C PRO K 5 13.23 -38.89 -15.80
N ASN K 6 12.14 -38.18 -15.59
CA ASN K 6 11.76 -37.08 -16.47
C ASN K 6 12.29 -35.73 -15.99
N ARG K 7 12.86 -35.66 -14.79
CA ARG K 7 13.46 -34.42 -14.28
C ARG K 7 14.57 -33.90 -15.18
N GLN K 8 14.55 -32.59 -15.46
CA GLN K 8 15.65 -31.88 -16.09
C GLN K 8 16.07 -30.64 -15.32
N PRO K 9 17.29 -30.16 -15.50
CA PRO K 9 17.67 -28.87 -14.93
C PRO K 9 17.15 -27.73 -15.78
N VAL K 10 17.08 -26.58 -15.11
CA VAL K 10 16.65 -25.31 -15.65
C VAL K 10 17.82 -24.33 -15.64
N GLU K 11 17.83 -23.49 -16.67
CA GLU K 11 18.90 -22.55 -16.87
C GLU K 11 18.36 -21.17 -17.20
N LEU K 12 18.96 -20.16 -16.59
CA LEU K 12 18.78 -18.77 -17.02
C LEU K 12 20.15 -18.12 -17.00
N ASN K 13 20.69 -17.80 -18.18
CA ASN K 13 22.01 -17.17 -18.22
C ASN K 13 21.92 -15.71 -17.79
N ARG K 14 23.09 -15.07 -17.76
CA ARG K 14 23.20 -13.71 -17.26
C ARG K 14 22.65 -12.67 -18.23
N THR K 15 22.84 -12.87 -19.53
CA THR K 15 22.19 -11.97 -20.48
C THR K 15 20.68 -12.07 -20.37
N SER K 16 20.16 -13.28 -20.20
CA SER K 16 18.72 -13.43 -20.12
C SER K 16 18.19 -12.80 -18.84
N LEU K 17 18.98 -12.83 -17.78
CA LEU K 17 18.61 -12.08 -16.58
C LEU K 17 18.51 -10.58 -16.88
N TYR K 18 19.56 -10.00 -17.50
CA TYR K 18 19.56 -8.57 -17.79
C TYR K 18 18.39 -8.20 -18.68
N LEU K 19 18.15 -9.00 -19.73
CA LEU K 19 17.00 -8.76 -20.59
C LEU K 19 15.70 -8.83 -19.81
N GLY K 20 15.56 -9.83 -18.92
CA GLY K 20 14.33 -9.96 -18.19
C GLY K 20 14.10 -8.78 -17.26
N LEU K 21 15.14 -8.41 -16.51
CA LEU K 21 15.01 -7.29 -15.59
C LEU K 21 14.68 -6.02 -16.36
N LEU K 22 15.39 -5.77 -17.45
CA LEU K 22 15.07 -4.58 -18.22
C LEU K 22 13.61 -4.59 -18.62
N LEU K 23 13.12 -5.75 -19.03
CA LEU K 23 11.73 -5.81 -19.46
C LEU K 23 10.79 -5.47 -18.31
N ILE K 24 10.98 -6.09 -17.17
CA ILE K 24 10.10 -5.82 -16.03
C ILE K 24 10.18 -4.36 -15.58
N LEU K 25 11.40 -3.80 -15.51
CA LEU K 25 11.53 -2.44 -15.05
C LEU K 25 10.88 -1.47 -16.02
N VAL K 26 11.08 -1.65 -17.32
CA VAL K 26 10.44 -0.74 -18.25
C VAL K 26 8.91 -0.90 -18.23
N LEU K 27 8.42 -2.14 -18.22
CA LEU K 27 7.00 -2.38 -18.00
C LEU K 27 6.48 -1.67 -16.73
N ALA K 28 7.17 -1.83 -15.61
CA ALA K 28 6.76 -1.15 -14.37
C ALA K 28 6.66 0.36 -14.57
N LEU K 29 7.63 0.95 -15.28
CA LEU K 29 7.72 2.38 -15.48
C LEU K 29 6.68 2.89 -16.47
N LEU K 30 6.26 2.05 -17.45
CA LEU K 30 5.15 2.41 -18.36
C LEU K 30 3.80 2.36 -17.64
N PHE K 31 3.55 1.27 -16.87
CA PHE K 31 2.24 1.13 -16.23
C PHE K 31 2.09 1.86 -14.91
N SER K 32 3.18 2.11 -14.16
CA SER K 32 3.07 2.75 -12.85
C SER K 32 2.11 3.93 -12.86
N SER K 33 2.12 4.72 -13.93
CA SER K 33 1.26 5.90 -13.98
C SER K 33 -0.21 5.48 -14.02
N TYR K 34 -0.51 4.39 -14.72
CA TYR K 34 -1.91 4.01 -14.88
C TYR K 34 -2.44 3.38 -13.60
N PHE K 35 -1.59 2.66 -12.88
CA PHE K 35 -1.92 2.15 -11.55
C PHE K 35 -2.20 3.28 -10.57
N PHE K 36 -1.48 4.40 -10.66
CA PHE K 36 -1.78 5.51 -9.77
C PHE K 36 -2.93 6.34 -10.31
N ASN K 37 -3.07 6.45 -11.61
CA ASN K 37 -4.21 7.12 -12.17
C ASN K 37 -4.35 8.51 -11.54
N GLU L 2 -4.43 13.40 -5.53
CA GLU L 2 -5.40 12.38 -5.07
C GLU L 2 -5.36 11.09 -5.93
N VAL L 3 -4.36 10.27 -5.65
CA VAL L 3 -3.99 9.12 -6.46
C VAL L 3 -4.42 7.82 -5.76
N ASN L 4 -4.55 6.76 -6.57
CA ASN L 4 -4.93 5.41 -6.16
C ASN L 4 -3.90 4.79 -5.22
N GLN L 5 -4.32 4.48 -3.97
CA GLN L 5 -3.40 4.01 -2.93
C GLN L 5 -2.91 2.58 -3.15
N LEU L 6 -3.65 1.76 -3.87
CA LEU L 6 -3.10 0.47 -4.22
C LEU L 6 -2.09 0.58 -5.34
N GLY L 7 -2.01 1.74 -5.99
CA GLY L 7 -1.00 1.94 -7.00
C GLY L 7 0.37 1.53 -6.51
N LEU L 8 0.66 1.78 -5.24
CA LEU L 8 2.00 1.54 -4.71
C LEU L 8 2.26 0.07 -4.48
N ILE L 9 1.32 -0.63 -3.82
CA ILE L 9 1.47 -2.07 -3.63
C ILE L 9 1.47 -2.76 -4.98
N ALA L 10 0.65 -2.27 -5.89
CA ALA L 10 0.58 -2.85 -7.21
C ALA L 10 1.94 -2.75 -7.91
N THR L 11 2.54 -1.54 -7.94
CA THR L 11 3.79 -1.37 -8.65
C THR L 11 4.88 -2.21 -8.02
N ALA L 12 4.96 -2.20 -6.70
CA ALA L 12 5.99 -2.97 -6.01
C ALA L 12 5.90 -4.47 -6.32
N LEU L 13 4.70 -5.03 -6.32
CA LEU L 13 4.57 -6.45 -6.60
C LEU L 13 4.81 -6.74 -8.07
N PHE L 14 4.29 -5.87 -8.95
CA PHE L 14 4.55 -5.96 -10.36
C PHE L 14 6.05 -6.05 -10.62
N VAL L 15 6.85 -5.25 -9.91
CA VAL L 15 8.30 -5.27 -10.08
C VAL L 15 8.92 -6.48 -9.35
N LEU L 16 8.64 -6.63 -8.07
CA LEU L 16 9.38 -7.59 -7.24
C LEU L 16 9.24 -9.03 -7.74
N VAL L 17 8.04 -9.44 -8.12
CA VAL L 17 7.78 -10.88 -8.13
C VAL L 17 8.40 -11.49 -9.38
N PRO L 18 8.14 -10.95 -10.54
CA PRO L 18 8.88 -11.44 -11.71
C PRO L 18 10.40 -11.29 -11.55
N SER L 19 10.86 -10.26 -10.87
CA SER L 19 12.30 -10.08 -10.72
C SER L 19 12.90 -11.18 -9.85
N VAL L 20 12.34 -11.37 -8.67
CA VAL L 20 12.84 -12.43 -7.82
C VAL L 20 12.84 -13.75 -8.56
N PHE L 21 11.83 -13.99 -9.37
CA PHE L 21 11.79 -15.22 -10.13
C PHE L 21 13.05 -15.34 -10.99
N LEU L 22 13.37 -14.29 -11.75
CA LEU L 22 14.49 -14.35 -12.67
C LEU L 22 15.77 -14.55 -11.90
N ILE L 23 15.91 -13.86 -10.75
CA ILE L 23 17.12 -13.97 -9.96
C ILE L 23 17.30 -15.38 -9.45
N ILE L 24 16.21 -15.98 -8.95
CA ILE L 24 16.31 -17.30 -8.35
C ILE L 24 16.83 -18.29 -9.34
N LEU L 25 16.35 -18.21 -10.57
CA LEU L 25 16.79 -19.13 -11.62
C LEU L 25 18.18 -18.83 -12.11
N TYR L 26 18.62 -17.56 -12.03
CA TYR L 26 19.96 -17.21 -12.45
C TYR L 26 20.99 -17.73 -11.48
N VAL L 27 20.76 -17.48 -10.18
CA VAL L 27 21.78 -17.81 -9.20
C VAL L 27 22.00 -19.31 -9.13
N GLN L 28 20.92 -20.09 -9.25
CA GLN L 28 21.09 -21.54 -9.27
C GLN L 28 21.65 -22.02 -10.61
N THR L 29 21.53 -21.25 -11.68
CA THR L 29 22.30 -21.58 -12.87
C THR L 29 23.81 -21.45 -12.63
N GLU L 30 24.24 -20.40 -11.92
CA GLU L 30 25.68 -20.20 -11.68
C GLU L 30 26.26 -21.26 -10.74
N SER L 31 25.45 -21.77 -9.79
CA SER L 31 25.88 -22.76 -8.81
C SER L 31 26.14 -24.13 -9.41
N GLN L 32 25.80 -24.35 -10.68
CA GLN L 32 26.01 -25.65 -11.29
C GLN L 32 27.47 -25.84 -11.73
N GLN L 33 27.96 -24.99 -12.64
CA GLN L 33 29.39 -24.99 -13.01
C GLN L 33 30.27 -24.32 -11.94
N GLN M 1 21.97 65.53 -30.72
CA GLN M 1 22.47 64.30 -30.10
C GLN M 1 21.36 63.55 -29.34
N THR M 2 20.81 62.55 -30.01
CA THR M 2 19.96 61.54 -29.36
C THR M 2 20.44 60.17 -29.80
N LEU M 3 19.82 59.12 -29.24
CA LEU M 3 20.10 57.74 -29.61
C LEU M 3 19.08 57.25 -30.62
N THR M 4 19.45 56.19 -31.34
CA THR M 4 18.56 55.52 -32.27
C THR M 4 18.22 54.10 -31.82
N TYR M 5 17.06 53.62 -32.25
CA TYR M 5 16.62 52.25 -32.02
C TYR M 5 17.77 51.26 -32.09
N ASP M 6 18.62 51.38 -33.11
CA ASP M 6 19.64 50.36 -33.24
C ASP M 6 20.73 50.50 -32.19
N ASP M 7 20.90 51.70 -31.63
CA ASP M 7 21.79 51.85 -30.47
C ASP M 7 21.23 51.14 -29.25
N ILE M 8 19.90 51.09 -29.14
CA ILE M 8 19.19 50.63 -27.96
C ILE M 8 18.81 49.16 -28.03
N VAL M 9 18.54 48.63 -29.22
CA VAL M 9 17.83 47.36 -29.30
C VAL M 9 18.69 46.28 -28.67
N GLY M 10 18.20 45.70 -27.59
CA GLY M 10 18.92 44.67 -26.90
C GLY M 10 19.64 45.14 -25.65
N THR M 11 19.85 46.44 -25.51
CA THR M 11 20.53 46.97 -24.33
C THR M 11 19.74 46.73 -23.05
N GLY M 12 18.41 46.77 -23.09
CA GLY M 12 17.64 47.02 -21.88
C GLY M 12 17.22 48.46 -21.64
N LEU M 13 17.81 49.43 -22.33
CA LEU M 13 17.53 50.83 -22.07
C LEU M 13 16.12 51.21 -22.48
N ALA M 14 15.52 50.41 -23.37
CA ALA M 14 14.13 50.64 -23.76
C ALA M 14 13.19 50.53 -22.56
N ASN M 15 13.51 49.72 -21.56
CA ASN M 15 12.67 49.66 -20.38
C ASN M 15 12.96 50.77 -19.35
N LYS M 16 13.94 51.63 -19.59
CA LYS M 16 14.33 52.65 -18.62
C LYS M 16 13.70 53.99 -18.95
N CYS M 17 13.24 54.68 -17.92
CA CYS M 17 12.67 56.00 -18.14
C CYS M 17 13.79 57.03 -18.29
N PRO M 18 13.54 58.09 -19.05
CA PRO M 18 14.55 59.14 -19.19
C PRO M 18 14.89 59.83 -17.88
N THR M 19 16.08 60.38 -17.83
CA THR M 19 16.63 60.91 -16.59
C THR M 19 16.87 62.40 -16.75
N LEU M 20 16.97 63.09 -15.62
CA LEU M 20 17.27 64.52 -15.59
C LEU M 20 18.63 64.77 -14.93
N ASP M 21 19.46 65.60 -15.57
CA ASP M 21 20.69 66.10 -14.98
C ASP M 21 20.50 66.36 -13.49
N ASP M 22 21.49 66.01 -12.70
CA ASP M 22 21.51 66.41 -11.29
C ASP M 22 21.73 67.92 -11.09
N THR M 23 21.88 68.70 -12.17
CA THR M 23 21.85 70.15 -12.02
C THR M 23 20.40 70.65 -11.85
N ALA M 24 19.45 70.01 -12.54
CA ALA M 24 18.07 70.50 -12.63
C ALA M 24 17.41 70.54 -11.28
N ARG M 25 17.50 71.69 -10.60
CA ARG M 25 16.90 71.93 -9.30
C ARG M 25 16.06 73.18 -9.35
N GLY M 26 15.70 73.62 -10.53
CA GLY M 26 14.89 74.80 -10.64
C GLY M 26 13.46 74.56 -10.26
N ALA M 27 12.58 75.23 -10.99
CA ALA M 27 11.16 75.16 -10.73
C ALA M 27 10.45 75.57 -12.01
N TYR M 28 9.24 75.07 -12.20
CA TYR M 28 8.43 75.35 -13.40
C TYR M 28 7.15 76.02 -12.95
N PRO M 29 6.91 77.29 -13.29
CA PRO M 29 5.72 77.98 -12.77
C PRO M 29 4.47 77.76 -13.62
N ILE M 30 3.33 77.95 -12.96
CA ILE M 30 2.03 77.58 -13.50
C ILE M 30 1.21 78.85 -13.62
N ASP M 31 0.78 79.17 -14.85
CA ASP M 31 -0.17 80.26 -15.03
C ASP M 31 -1.57 79.71 -14.80
N SER M 32 -2.19 80.07 -13.69
CA SER M 32 -3.53 79.56 -13.42
C SER M 32 -4.47 79.77 -14.59
N SER M 33 -4.13 80.70 -15.48
CA SER M 33 -4.96 81.06 -16.62
C SER M 33 -4.53 80.40 -17.91
N GLN M 34 -3.51 79.57 -17.88
CA GLN M 34 -3.12 78.74 -19.02
C GLN M 34 -3.58 77.31 -18.75
N THR M 35 -3.54 76.48 -19.80
CA THR M 35 -3.85 75.08 -19.63
C THR M 35 -2.61 74.27 -19.97
N TYR M 36 -2.57 73.06 -19.42
CA TYR M 36 -1.35 72.29 -19.47
C TYR M 36 -1.68 70.83 -19.54
N ARG M 37 -0.92 70.11 -20.34
CA ARG M 37 -1.04 68.67 -20.48
C ARG M 37 0.30 68.03 -20.21
N ILE M 38 0.26 66.78 -19.77
CA ILE M 38 1.44 65.95 -19.65
C ILE M 38 1.59 65.19 -20.95
N ALA M 39 2.73 65.34 -21.59
CA ALA M 39 2.95 64.80 -22.91
C ALA M 39 3.47 63.37 -22.81
N ARG M 40 4.41 63.15 -21.90
CA ARG M 40 4.97 61.83 -21.66
C ARG M 40 5.08 61.69 -20.16
N LEU M 41 4.41 60.68 -19.62
CA LEU M 41 4.65 60.23 -18.27
C LEU M 41 5.23 58.81 -18.35
N CYS M 42 6.37 58.60 -17.69
CA CYS M 42 7.12 57.38 -17.77
C CYS M 42 7.43 56.95 -16.36
N LEU M 43 7.07 55.70 -16.04
CA LEU M 43 7.11 55.18 -14.69
C LEU M 43 7.88 53.89 -14.77
N GLN M 44 8.96 53.81 -13.99
CA GLN M 44 9.93 52.72 -14.11
C GLN M 44 10.09 52.06 -12.75
N PRO M 45 9.57 50.85 -12.55
CA PRO M 45 9.72 50.19 -11.25
C PRO M 45 11.13 49.66 -11.02
N THR M 46 11.59 49.76 -9.77
CA THR M 46 12.86 49.17 -9.34
C THR M 46 12.68 48.08 -8.31
N THR M 47 11.59 48.09 -7.57
CA THR M 47 11.42 47.23 -6.42
C THR M 47 10.01 46.69 -6.35
N PHE M 48 9.87 45.42 -5.93
CA PHE M 48 8.57 44.77 -5.79
C PHE M 48 8.50 44.08 -4.44
N LEU M 49 7.48 44.42 -3.66
CA LEU M 49 7.35 43.94 -2.28
C LEU M 49 5.96 43.39 -2.08
N VAL M 50 5.88 42.21 -1.47
CA VAL M 50 4.63 41.49 -1.32
C VAL M 50 4.36 41.33 0.17
N LYS M 51 3.14 41.66 0.59
CA LYS M 51 2.72 41.52 1.98
C LYS M 51 2.50 40.05 2.31
N GLU M 52 3.08 39.60 3.41
CA GLU M 52 2.87 38.21 3.83
C GLU M 52 1.56 38.08 4.62
N GLU M 53 1.19 36.82 4.91
CA GLU M 53 -0.11 36.50 5.51
C GLU M 53 0.12 35.87 6.88
N PRO M 54 -0.03 36.64 7.99
CA PRO M 54 0.58 36.24 9.28
C PRO M 54 -0.12 35.16 10.10
N LYS M 55 -0.99 34.35 9.49
CA LYS M 55 -1.57 33.18 10.16
C LYS M 55 -2.37 33.51 11.42
N ASN M 56 -1.77 34.19 12.42
CA ASN M 56 -2.47 34.55 13.65
C ASN M 56 -3.05 35.96 13.54
N LYS M 57 -3.59 36.49 14.63
CA LYS M 57 -4.27 37.78 14.59
C LYS M 57 -3.26 38.92 14.75
N ARG M 58 -2.99 39.35 15.99
CA ARG M 58 -2.16 40.53 16.24
C ARG M 58 -0.72 40.21 15.81
N GLN M 59 -0.47 40.36 14.50
CA GLN M 59 0.89 40.29 13.97
C GLN M 59 1.06 41.19 12.75
N GLU M 60 0.00 41.37 11.94
CA GLU M 60 0.02 42.20 10.74
C GLU M 60 1.34 42.01 10.02
N ALA M 61 1.38 41.15 9.01
CA ALA M 61 2.64 40.73 8.44
C ALA M 61 3.29 41.87 7.66
N GLU M 62 4.51 41.61 7.22
CA GLU M 62 5.38 42.64 6.66
C GLU M 62 5.44 42.54 5.15
N PHE M 63 5.96 43.60 4.54
CA PHE M 63 6.29 43.58 3.12
C PHE M 63 7.66 42.94 2.96
N VAL M 64 7.67 41.75 2.36
CA VAL M 64 8.90 41.04 2.05
C VAL M 64 9.26 41.32 0.58
N PRO M 65 10.49 41.11 0.18
CA PRO M 65 10.90 41.46 -1.19
C PRO M 65 10.92 40.26 -2.12
N THR M 66 10.98 40.49 -3.44
CA THR M 66 10.71 39.47 -4.44
C THR M 66 11.71 39.52 -5.61
N LYS M 67 11.76 38.39 -6.33
CA LYS M 67 12.48 38.21 -7.58
C LYS M 67 11.56 38.41 -8.77
N LEU M 68 12.00 39.19 -9.73
CA LEU M 68 11.27 39.39 -10.97
C LEU M 68 11.67 38.31 -11.96
N VAL M 69 10.69 37.73 -12.68
CA VAL M 69 11.01 36.58 -13.53
C VAL M 69 10.52 36.81 -14.96
N THR M 70 10.03 38.02 -15.23
CA THR M 70 9.44 38.36 -16.51
C THR M 70 10.27 39.40 -17.24
N ARG M 71 11.48 39.68 -16.76
CA ARG M 71 12.48 40.47 -17.50
C ARG M 71 12.11 41.94 -17.58
N GLU M 72 12.72 42.67 -18.53
CA GLU M 72 12.60 44.12 -18.64
C GLU M 72 11.34 44.49 -19.44
N THR M 73 10.20 44.23 -18.82
CA THR M 73 8.91 44.33 -19.46
C THR M 73 7.94 45.09 -18.57
N THR M 74 8.47 45.94 -17.73
CA THR M 74 7.79 46.37 -16.52
C THR M 74 7.30 47.80 -16.54
N SER M 75 7.82 48.65 -17.43
CA SER M 75 7.68 50.11 -17.32
C SER M 75 6.48 50.64 -18.07
N LEU M 76 5.84 51.65 -17.50
CA LEU M 76 4.72 52.35 -18.13
C LEU M 76 5.29 53.61 -18.77
N ASP M 77 4.78 53.98 -19.95
CA ASP M 77 5.35 55.08 -20.71
C ASP M 77 4.32 55.60 -21.69
N GLN M 78 4.70 56.67 -22.40
CA GLN M 78 3.83 57.32 -23.38
C GLN M 78 2.48 57.69 -22.77
N ILE M 79 2.44 57.96 -21.47
CA ILE M 79 1.20 58.29 -20.80
C ILE M 79 0.93 59.79 -20.91
N GLN M 80 -0.26 60.17 -21.38
CA GLN M 80 -0.68 61.56 -21.44
C GLN M 80 -1.95 61.82 -20.64
N GLY M 81 -2.17 63.10 -20.37
CA GLY M 81 -3.35 63.49 -19.63
C GLY M 81 -3.42 64.99 -19.50
N GLU M 82 -4.61 65.45 -19.09
CA GLU M 82 -4.78 66.84 -18.70
C GLU M 82 -3.99 67.16 -17.43
N LEU M 83 -3.59 68.43 -17.29
CA LEU M 83 -3.06 68.95 -16.03
C LEU M 83 -3.84 70.18 -15.64
N LYS M 84 -4.93 70.00 -14.88
CA LYS M 84 -5.82 71.06 -14.43
C LYS M 84 -5.21 71.90 -13.31
N VAL M 85 -5.70 73.14 -13.20
CA VAL M 85 -5.49 73.98 -12.02
C VAL M 85 -6.85 74.14 -11.35
N ASN M 86 -7.03 73.55 -10.19
CA ASN M 86 -8.33 73.64 -9.55
C ASN M 86 -8.45 75.01 -8.89
N SER M 87 -9.59 75.26 -8.23
CA SER M 87 -9.84 76.59 -7.66
C SER M 87 -8.76 77.01 -6.68
N ASP M 88 -8.37 76.13 -5.75
CA ASP M 88 -7.45 76.49 -4.68
C ASP M 88 -5.98 76.38 -5.07
N GLY M 89 -5.70 76.23 -6.36
CA GLY M 89 -4.34 76.26 -6.86
C GLY M 89 -3.66 74.93 -6.95
N SER M 90 -4.26 73.88 -6.39
CA SER M 90 -3.79 72.53 -6.63
C SER M 90 -3.83 72.22 -8.12
N LEU M 91 -2.92 71.36 -8.54
CA LEU M 91 -2.95 70.78 -9.87
C LEU M 91 -3.46 69.35 -9.77
N THR M 92 -4.26 68.96 -10.75
CA THR M 92 -4.78 67.61 -10.88
C THR M 92 -4.40 67.10 -12.26
N PHE M 93 -3.76 65.95 -12.29
CA PHE M 93 -3.48 65.27 -13.54
C PHE M 93 -4.49 64.16 -13.71
N VAL M 94 -5.10 64.10 -14.89
CA VAL M 94 -6.08 63.09 -15.28
C VAL M 94 -5.49 62.28 -16.43
N GLU M 95 -5.11 61.04 -16.17
CA GLU M 95 -4.65 60.18 -17.25
C GLU M 95 -5.72 60.10 -18.34
N GLU M 96 -5.25 60.08 -19.57
CA GLU M 96 -6.12 59.79 -20.70
C GLU M 96 -5.83 58.41 -21.29
N ASP M 97 -4.56 58.17 -21.58
CA ASP M 97 -4.18 57.13 -22.50
C ASP M 97 -2.66 56.96 -22.39
N GLY M 98 -2.20 55.85 -22.90
CA GLY M 98 -0.80 55.52 -22.78
C GLY M 98 -0.70 54.03 -22.62
N ILE M 99 0.54 53.54 -22.67
CA ILE M 99 0.85 52.19 -22.22
C ILE M 99 0.94 52.20 -20.71
N ASP M 100 -0.19 51.96 -20.06
CA ASP M 100 -0.40 52.20 -18.65
C ASP M 100 -0.61 50.92 -17.84
N PHE M 101 -0.31 49.75 -18.41
CA PHE M 101 -0.33 48.46 -17.70
C PHE M 101 0.84 47.61 -18.19
N GLN M 102 1.33 46.75 -17.31
CA GLN M 102 2.32 45.80 -17.69
C GLN M 102 1.96 44.65 -16.76
N PRO M 103 1.75 43.45 -17.28
CA PRO M 103 1.75 42.29 -16.42
C PRO M 103 3.14 42.01 -15.89
N VAL M 104 3.19 41.63 -14.62
CA VAL M 104 4.44 41.33 -13.94
C VAL M 104 4.23 40.09 -13.10
N THR M 105 5.20 39.18 -13.08
CA THR M 105 5.19 38.14 -12.05
C THR M 105 6.52 38.13 -11.31
N VAL M 106 6.40 38.14 -9.99
CA VAL M 106 7.51 38.12 -9.07
C VAL M 106 7.38 36.82 -8.28
N GLN M 107 8.50 36.31 -7.77
CA GLN M 107 8.50 35.03 -7.07
C GLN M 107 9.00 35.29 -5.66
N MET M 108 8.22 34.88 -4.67
CA MET M 108 8.63 35.02 -3.30
C MET M 108 9.54 33.88 -2.90
N ALA M 109 10.20 34.05 -1.75
CA ALA M 109 10.91 32.94 -1.14
C ALA M 109 9.93 31.79 -0.96
N GLY M 110 10.32 30.59 -1.40
CA GLY M 110 9.49 29.42 -1.26
C GLY M 110 8.98 28.87 -2.56
N GLY M 111 8.90 29.68 -3.62
CA GLY M 111 8.45 29.24 -4.93
C GLY M 111 7.21 29.98 -5.41
N GLU M 112 6.39 30.47 -4.50
CA GLU M 112 5.11 31.01 -4.93
C GLU M 112 5.32 32.17 -5.90
N ARG M 113 4.78 32.00 -7.12
CA ARG M 113 4.72 33.02 -8.16
C ARG M 113 3.56 33.93 -7.86
N ILE M 114 3.80 35.24 -7.84
CA ILE M 114 2.77 36.24 -7.65
C ILE M 114 2.67 37.05 -8.95
N PRO M 115 1.59 36.92 -9.73
CA PRO M 115 1.39 37.80 -10.87
C PRO M 115 0.59 39.03 -10.45
N LEU M 116 0.75 40.08 -11.25
CA LEU M 116 0.12 41.35 -10.93
C LEU M 116 0.09 42.21 -12.19
N LEU M 117 -0.96 43.01 -12.30
CA LEU M 117 -1.11 43.96 -13.37
C LEU M 117 -0.73 45.33 -12.83
N PHE M 118 0.55 45.70 -13.06
CA PHE M 118 1.10 47.01 -12.70
C PHE M 118 0.53 48.10 -13.60
N THR M 119 -0.21 49.03 -13.03
CA THR M 119 -1.00 49.93 -13.87
C THR M 119 -1.18 51.27 -13.16
N VAL M 120 -1.44 52.31 -13.95
CA VAL M 120 -1.94 53.57 -13.43
C VAL M 120 -3.21 53.97 -14.16
N LYS M 121 -4.10 52.99 -14.41
CA LYS M 121 -5.20 53.19 -15.32
C LYS M 121 -6.25 54.06 -14.67
N ASN M 122 -6.68 55.07 -15.40
CA ASN M 122 -7.70 55.98 -14.93
C ASN M 122 -7.19 56.77 -13.73
N LEU M 123 -5.91 57.09 -13.77
CA LEU M 123 -5.27 57.79 -12.66
C LEU M 123 -5.63 59.27 -12.59
N VAL M 124 -6.00 59.71 -11.39
CA VAL M 124 -6.18 61.10 -11.01
C VAL M 124 -5.22 61.35 -9.85
N ALA M 125 -4.30 62.30 -10.03
CA ALA M 125 -3.36 62.64 -8.97
C ALA M 125 -3.28 64.15 -8.81
N SER M 126 -3.44 64.59 -7.58
CA SER M 126 -3.51 65.99 -7.22
C SER M 126 -2.30 66.36 -6.36
N THR M 127 -2.06 67.67 -6.20
CA THR M 127 -1.01 68.19 -5.34
C THR M 127 -1.68 68.78 -4.10
N GLN M 128 -0.88 69.42 -3.26
CA GLN M 128 -1.47 70.29 -2.24
C GLN M 128 -1.94 71.58 -2.89
N PRO M 129 -2.68 72.40 -2.17
CA PRO M 129 -3.18 73.65 -2.75
C PRO M 129 -2.07 74.68 -2.92
N ASN M 130 -2.36 75.72 -3.69
CA ASN M 130 -1.47 76.89 -3.81
C ASN M 130 -0.09 76.53 -4.36
N VAL M 131 -0.06 75.79 -5.46
CA VAL M 131 1.23 75.39 -6.03
C VAL M 131 1.93 76.63 -6.59
N THR M 132 1.47 77.13 -7.74
CA THR M 132 2.06 78.25 -8.47
C THR M 132 3.41 77.90 -9.11
N SER M 133 4.07 76.82 -8.66
CA SER M 133 5.32 76.39 -9.26
C SER M 133 5.61 74.96 -8.83
N ILE M 134 5.85 74.08 -9.81
CA ILE M 134 6.29 72.71 -9.58
C ILE M 134 7.78 72.72 -9.22
N THR M 135 8.11 72.27 -8.01
CA THR M 135 9.45 72.37 -7.45
C THR M 135 9.91 71.00 -6.96
N THR M 136 11.20 70.92 -6.63
CA THR M 136 11.79 69.72 -6.00
C THR M 136 11.26 69.44 -4.53
N SER M 137 10.19 70.07 -4.11
CA SER M 137 9.45 69.61 -2.93
C SER M 137 8.01 69.21 -3.25
N THR M 138 7.58 69.19 -4.51
CA THR M 138 6.21 68.85 -4.87
C THR M 138 5.89 67.37 -4.75
N ASP M 139 4.69 67.08 -4.26
CA ASP M 139 4.15 65.72 -4.18
C ASP M 139 2.79 65.65 -4.87
N PHE M 140 2.63 64.67 -5.74
CA PHE M 140 1.34 64.25 -6.27
C PHE M 140 0.85 63.00 -5.56
N LYS M 141 -0.42 63.00 -5.16
CA LYS M 141 -1.04 61.81 -4.59
C LYS M 141 -2.37 61.59 -5.29
N GLY M 142 -2.73 60.32 -5.47
CA GLY M 142 -3.88 60.04 -6.29
C GLY M 142 -4.13 58.56 -6.35
N GLU M 143 -5.11 58.19 -7.17
CA GLU M 143 -5.57 56.81 -7.19
C GLU M 143 -5.99 56.42 -8.59
N PHE M 144 -5.94 55.11 -8.85
CA PHE M 144 -6.10 54.54 -10.17
C PHE M 144 -6.87 53.22 -10.08
N ASN M 145 -7.16 52.65 -11.24
CA ASN M 145 -7.97 51.44 -11.34
C ASN M 145 -7.12 50.21 -11.64
N VAL M 146 -7.51 49.12 -11.03
CA VAL M 146 -6.80 47.87 -11.23
C VAL M 146 -7.83 46.85 -11.73
N PRO M 147 -8.07 46.76 -13.02
CA PRO M 147 -8.95 45.69 -13.51
C PRO M 147 -8.30 44.33 -13.30
N SER M 148 -9.08 43.33 -13.65
CA SER M 148 -8.66 41.94 -13.62
C SER M 148 -7.41 41.70 -14.46
N TYR M 149 -6.54 40.83 -13.96
CA TYR M 149 -5.33 40.45 -14.69
C TYR M 149 -5.67 39.76 -16.01
N ARG M 150 -6.52 38.76 -15.98
CA ARG M 150 -7.08 38.21 -17.19
C ARG M 150 -8.35 38.98 -17.55
N THR M 151 -8.62 39.13 -18.85
CA THR M 151 -9.87 39.77 -19.26
C THR M 151 -10.89 38.67 -19.56
N ALA M 152 -12.06 39.06 -20.10
CA ALA M 152 -13.24 38.20 -20.06
C ALA M 152 -13.09 36.94 -20.91
N ASN M 153 -12.25 36.97 -21.94
CA ASN M 153 -12.12 35.83 -22.83
C ASN M 153 -11.15 34.75 -22.32
N PHE M 154 -10.39 35.00 -21.25
CA PHE M 154 -9.39 34.03 -20.81
C PHE M 154 -10.02 32.69 -20.40
N LEU M 155 -9.51 31.63 -20.99
CA LEU M 155 -9.93 30.26 -20.71
C LEU M 155 -8.93 29.62 -19.79
N ASP M 156 -9.41 29.03 -18.73
CA ASP M 156 -8.53 28.29 -17.83
C ASP M 156 -8.14 26.94 -18.46
N PRO M 157 -7.26 26.18 -17.81
CA PRO M 157 -6.74 24.95 -18.44
C PRO M 157 -7.80 23.87 -18.71
N LYS M 158 -8.98 23.95 -18.13
CA LYS M 158 -10.04 23.01 -18.49
C LYS M 158 -11.13 23.66 -19.35
N GLY M 159 -10.86 24.82 -19.92
CA GLY M 159 -11.79 25.44 -20.85
C GLY M 159 -12.81 26.36 -20.23
N ARG M 160 -12.66 26.67 -18.95
CA ARG M 160 -13.63 27.44 -18.20
C ARG M 160 -13.30 28.93 -18.31
N GLY M 161 -14.32 29.73 -18.54
CA GLY M 161 -14.16 31.15 -18.67
C GLY M 161 -15.40 31.92 -18.31
N LEU M 162 -15.35 33.21 -18.55
CA LEU M 162 -16.47 34.06 -18.17
C LEU M 162 -17.32 34.42 -19.38
N ALA M 163 -16.73 35.03 -20.41
CA ALA M 163 -17.44 35.38 -21.62
C ALA M 163 -17.25 34.34 -22.69
N SER M 164 -16.58 33.24 -22.33
CA SER M 164 -16.38 32.09 -23.19
C SER M 164 -16.11 30.90 -22.28
N GLY M 165 -16.04 29.74 -22.87
CA GLY M 165 -15.64 28.57 -22.14
C GLY M 165 -16.82 27.82 -21.53
N TYR M 166 -16.47 26.66 -20.92
CA TYR M 166 -17.37 25.77 -20.19
C TYR M 166 -17.83 26.38 -18.86
N ASP M 167 -19.05 26.02 -18.42
CA ASP M 167 -19.55 26.39 -17.10
C ASP M 167 -19.43 25.27 -16.04
N SER M 168 -18.67 24.23 -16.30
CA SER M 168 -18.66 23.12 -15.37
C SER M 168 -17.35 22.37 -15.50
N ALA M 169 -17.14 21.46 -14.54
CA ALA M 169 -16.00 20.55 -14.54
C ALA M 169 -16.37 19.34 -15.39
N ILE M 170 -16.21 19.49 -16.70
CA ILE M 170 -16.67 18.43 -17.61
C ILE M 170 -15.88 17.14 -17.47
N ALA M 171 -14.66 17.16 -16.92
CA ALA M 171 -13.95 15.91 -16.75
C ALA M 171 -14.51 15.08 -15.60
N LEU M 172 -15.38 15.66 -14.77
CA LEU M 172 -15.98 15.00 -13.61
C LEU M 172 -17.49 15.09 -13.75
N PRO M 173 -18.07 14.36 -14.71
CA PRO M 173 -19.48 14.58 -15.09
C PRO M 173 -20.52 14.40 -14.00
N GLN M 174 -20.32 13.51 -13.04
CA GLN M 174 -21.33 13.35 -12.01
C GLN M 174 -20.76 13.63 -10.64
N ALA M 175 -19.78 14.54 -10.60
CA ALA M 175 -19.25 15.05 -9.34
C ALA M 175 -20.15 16.17 -8.83
N LYS M 176 -20.28 16.26 -7.50
CA LYS M 176 -21.09 17.31 -6.90
C LYS M 176 -20.38 18.64 -7.06
N GLU M 177 -21.05 19.58 -7.75
CA GLU M 177 -20.42 20.81 -8.23
C GLU M 177 -20.25 21.87 -7.15
N GLU M 178 -21.01 21.79 -6.06
CA GLU M 178 -20.98 22.82 -5.04
C GLU M 178 -19.57 23.12 -4.55
N GLU M 179 -18.72 22.09 -4.46
CA GLU M 179 -17.32 22.32 -4.07
C GLU M 179 -16.60 23.22 -5.07
N LEU M 180 -16.83 22.98 -6.36
CA LEU M 180 -16.07 23.61 -7.42
C LEU M 180 -16.72 24.88 -7.92
N ALA M 181 -17.82 25.33 -7.31
CA ALA M 181 -18.45 26.57 -7.75
C ALA M 181 -17.45 27.71 -7.93
N ARG M 182 -16.49 27.82 -7.01
CA ARG M 182 -15.56 28.94 -7.01
C ARG M 182 -14.64 28.90 -8.22
N ALA M 183 -14.26 27.70 -8.66
CA ALA M 183 -13.44 27.53 -9.85
C ALA M 183 -14.24 27.44 -11.12
N ASN M 184 -15.53 27.17 -11.03
CA ASN M 184 -16.36 27.06 -12.23
C ASN M 184 -16.88 28.41 -12.65
N VAL M 185 -17.28 29.24 -11.69
CA VAL M 185 -17.75 30.59 -11.96
C VAL M 185 -16.57 31.55 -11.88
N LYS M 186 -16.27 32.22 -12.97
CA LYS M 186 -15.23 33.24 -12.98
C LYS M 186 -15.80 34.63 -12.64
N ARG M 187 -14.96 35.43 -11.97
CA ARG M 187 -15.38 36.76 -11.56
C ARG M 187 -14.39 37.81 -12.04
N PHE M 188 -14.90 38.93 -12.48
CA PHE M 188 -14.08 40.01 -13.00
C PHE M 188 -14.02 41.08 -11.93
N SER M 189 -12.94 41.05 -11.17
CA SER M 189 -12.62 42.03 -10.16
C SER M 189 -12.24 43.37 -10.79
N LEU M 190 -12.44 44.42 -10.00
CA LEU M 190 -12.00 45.76 -10.37
C LEU M 190 -11.78 46.51 -9.07
N THR M 191 -10.53 46.76 -8.74
CA THR M 191 -10.12 47.28 -7.44
C THR M 191 -9.50 48.66 -7.66
N LYS M 192 -9.10 49.30 -6.58
CA LYS M 192 -8.41 50.59 -6.70
C LYS M 192 -7.03 50.49 -6.11
N GLY M 193 -6.13 51.30 -6.64
CA GLY M 193 -4.81 51.45 -6.08
C GLY M 193 -4.52 52.90 -5.76
N GLN M 194 -3.31 53.16 -5.27
CA GLN M 194 -2.92 54.46 -4.75
C GLN M 194 -1.46 54.72 -5.06
N ILE M 195 -1.15 55.99 -5.35
CA ILE M 195 0.21 56.32 -5.75
C ILE M 195 0.59 57.69 -5.22
N SER M 196 1.85 57.79 -4.81
CA SER M 196 2.52 59.03 -4.44
C SER M 196 3.65 59.23 -5.44
N LEU M 197 3.72 60.42 -6.00
CA LEU M 197 4.77 60.77 -6.94
C LEU M 197 5.48 62.00 -6.40
N ASN M 198 6.71 61.80 -5.98
CA ASN M 198 7.51 62.86 -5.38
C ASN M 198 8.44 63.42 -6.44
N VAL M 199 8.34 64.73 -6.66
CA VAL M 199 9.26 65.41 -7.58
C VAL M 199 10.56 65.74 -6.87
N ALA M 200 11.68 65.44 -7.52
CA ALA M 200 12.97 65.79 -6.97
C ALA M 200 13.92 66.41 -7.98
N LYS M 201 13.47 66.64 -9.20
CA LYS M 201 14.31 67.18 -10.24
C LYS M 201 13.40 67.93 -11.19
N VAL M 202 13.79 69.14 -11.60
CA VAL M 202 12.96 69.98 -12.44
C VAL M 202 13.87 70.77 -13.37
N ASP M 203 13.73 70.56 -14.67
CA ASP M 203 14.32 71.46 -15.63
C ASP M 203 13.25 72.50 -15.95
N GLY M 204 13.45 73.71 -15.42
CA GLY M 204 12.55 74.83 -15.68
C GLY M 204 12.63 75.36 -17.10
N ARG M 205 13.74 75.13 -17.81
CA ARG M 205 13.80 75.53 -19.21
C ARG M 205 12.80 74.73 -20.04
N THR M 206 12.77 73.41 -19.83
CA THR M 206 12.08 72.49 -20.72
C THR M 206 10.78 71.93 -20.19
N GLY M 207 10.48 72.07 -18.90
CA GLY M 207 9.28 71.46 -18.38
C GLY M 207 9.39 69.98 -18.11
N GLU M 208 10.58 69.42 -18.11
CA GLU M 208 10.76 68.04 -17.72
C GLU M 208 10.84 67.96 -16.20
N ILE M 209 10.36 66.85 -15.64
CA ILE M 209 10.48 66.61 -14.22
C ILE M 209 10.73 65.11 -13.97
N ALA M 210 11.22 64.82 -12.77
CA ALA M 210 11.58 63.45 -12.51
C ALA M 210 11.64 63.26 -11.00
N GLY M 211 11.47 62.02 -10.61
CA GLY M 211 11.52 61.69 -9.20
C GLY M 211 11.23 60.22 -8.94
N THR M 212 10.47 59.99 -7.88
CA THR M 212 10.30 58.70 -7.24
C THR M 212 8.82 58.50 -7.06
N PHE M 213 8.39 57.24 -7.04
CA PHE M 213 7.00 56.93 -6.84
C PHE M 213 6.90 55.69 -5.98
N GLU M 214 5.74 55.58 -5.33
CA GLU M 214 5.35 54.42 -4.53
C GLU M 214 3.87 54.17 -4.79
N SER M 215 3.52 52.99 -5.31
CA SER M 215 2.12 52.65 -5.43
C SER M 215 1.82 51.37 -4.66
N GLU M 216 0.56 51.22 -4.33
CA GLU M 216 0.08 50.06 -3.60
C GLU M 216 -1.16 49.59 -4.31
N GLN M 217 -1.19 48.31 -4.67
CA GLN M 217 -2.31 47.72 -5.36
C GLN M 217 -2.42 46.23 -5.00
N LEU M 218 -3.37 45.54 -5.67
CA LEU M 218 -3.61 44.13 -5.50
C LEU M 218 -3.07 43.34 -6.70
N SER M 219 -2.65 42.12 -6.39
CA SER M 219 -2.18 41.14 -7.36
C SER M 219 -3.38 40.43 -8.04
N ASP M 220 -3.03 39.47 -8.89
CA ASP M 220 -4.01 38.68 -9.62
C ASP M 220 -4.78 37.79 -8.66
N ASP M 221 -6.11 37.75 -8.83
CA ASP M 221 -6.96 36.81 -8.08
C ASP M 221 -7.44 35.64 -8.96
N ASP M 222 -6.90 35.51 -10.17
CA ASP M 222 -7.19 34.36 -11.04
C ASP M 222 -8.70 34.21 -11.22
N MET M 223 -9.36 35.37 -11.44
CA MET M 223 -10.76 35.44 -11.80
C MET M 223 -11.63 34.78 -10.72
N GLY M 224 -11.37 35.18 -9.50
CA GLY M 224 -12.10 34.68 -8.36
C GLY M 224 -11.46 33.52 -7.64
N ALA M 225 -10.62 32.74 -8.33
CA ALA M 225 -10.12 31.49 -7.80
C ALA M 225 -9.58 31.60 -6.37
N HIS M 226 -8.72 32.58 -6.11
CA HIS M 226 -8.06 32.67 -4.81
C HIS M 226 -8.04 34.11 -4.34
N GLU M 227 -7.51 34.34 -3.16
CA GLU M 227 -7.49 35.71 -2.67
CA GLU M 227 -7.48 35.71 -2.67
C GLU M 227 -6.21 36.43 -3.14
N PRO M 228 -6.29 37.72 -3.44
CA PRO M 228 -5.08 38.42 -3.88
C PRO M 228 -4.11 38.69 -2.75
N HIS M 229 -2.90 38.99 -3.15
CA HIS M 229 -1.92 39.53 -2.24
C HIS M 229 -1.90 41.03 -2.40
N GLU M 230 -1.27 41.69 -1.45
CA GLU M 230 -1.09 43.14 -1.45
C GLU M 230 0.31 43.44 -1.97
N VAL M 231 0.42 44.44 -2.82
CA VAL M 231 1.69 44.71 -3.49
C VAL M 231 2.07 46.18 -3.35
N LYS M 232 3.31 46.41 -2.92
CA LYS M 232 3.89 47.74 -2.89
C LYS M 232 4.96 47.79 -3.98
N ILE M 233 4.86 48.78 -4.88
CA ILE M 233 5.83 49.00 -5.96
C ILE M 233 6.52 50.33 -5.72
N GLN M 234 7.86 50.33 -5.82
CA GLN M 234 8.68 51.55 -5.81
C GLN M 234 9.41 51.69 -7.14
N GLY M 235 9.63 52.92 -7.54
CA GLY M 235 10.46 53.16 -8.69
C GLY M 235 10.73 54.62 -8.88
N VAL M 236 11.07 54.95 -10.13
CA VAL M 236 11.39 56.30 -10.55
C VAL M 236 10.47 56.70 -11.70
N PHE M 237 10.27 58.01 -11.85
CA PHE M 237 9.41 58.48 -12.92
C PHE M 237 10.03 59.70 -13.57
N TYR M 238 9.49 59.99 -14.75
CA TYR M 238 9.86 61.11 -15.58
C TYR M 238 8.61 61.57 -16.32
N ALA M 239 8.38 62.88 -16.35
CA ALA M 239 7.28 63.44 -17.12
C ALA M 239 7.73 64.74 -17.78
N SER M 240 7.06 65.06 -18.87
CA SER M 240 7.26 66.32 -19.57
C SER M 240 5.95 67.09 -19.67
N ILE M 241 6.02 68.39 -19.50
CA ILE M 241 4.85 69.24 -19.53
C ILE M 241 4.91 70.18 -20.72
N GLU M 242 3.72 70.50 -21.24
CA GLU M 242 3.59 71.36 -22.37
C GLU M 242 2.43 72.30 -22.04
N PRO M 243 2.58 73.61 -22.27
CA PRO M 243 1.39 74.44 -22.39
C PRO M 243 0.47 73.83 -23.43
N ALA M 244 -0.76 73.50 -23.05
CA ALA M 244 -1.72 72.95 -24.00
C ALA M 244 -2.09 73.98 -25.02
N GLU N 2 4.21 8.82 -5.21
CA GLU N 2 4.21 8.54 -6.63
C GLU N 2 5.54 9.00 -7.19
N THR N 3 5.96 10.21 -6.85
CA THR N 3 7.24 10.70 -7.33
C THR N 3 8.34 9.70 -6.97
N ILE N 4 8.38 9.29 -5.69
CA ILE N 4 9.42 8.39 -5.25
C ILE N 4 9.41 7.10 -6.07
N THR N 5 8.21 6.55 -6.32
CA THR N 5 8.16 5.28 -7.05
C THR N 5 8.73 5.46 -8.45
N TYR N 6 8.36 6.52 -9.13
CA TYR N 6 8.88 6.72 -10.47
C TYR N 6 10.40 6.84 -10.49
N VAL N 7 10.98 7.55 -9.53
CA VAL N 7 12.42 7.78 -9.59
C VAL N 7 13.21 6.53 -9.24
N PHE N 8 12.65 5.71 -8.37
CA PHE N 8 13.33 4.48 -7.97
C PHE N 8 13.46 3.49 -9.12
N ILE N 9 12.41 3.36 -9.93
CA ILE N 9 12.48 2.47 -11.07
C ILE N 9 13.50 2.97 -12.07
N PHE N 10 13.41 4.26 -12.39
CA PHE N 10 14.35 4.87 -13.31
C PHE N 10 15.78 4.66 -12.83
N ALA N 11 16.06 5.02 -11.57
CA ALA N 11 17.36 4.76 -10.96
C ALA N 11 17.85 3.31 -11.15
N CYS N 12 16.96 2.34 -10.91
CA CYS N 12 17.31 0.92 -11.07
C CYS N 12 17.71 0.59 -12.50
N ILE N 13 16.98 1.11 -13.48
CA ILE N 13 17.35 0.88 -14.86
C ILE N 13 18.76 1.40 -15.14
N ILE N 14 19.13 2.55 -14.55
CA ILE N 14 20.47 3.08 -14.79
C ILE N 14 21.51 2.16 -14.19
N ALA N 15 21.20 1.59 -13.04
CA ALA N 15 22.15 0.66 -12.45
C ALA N 15 22.20 -0.66 -13.22
N LEU N 16 21.08 -1.11 -13.73
CA LEU N 16 21.11 -2.29 -14.59
C LEU N 16 21.98 -2.02 -15.83
N PHE N 17 21.79 -0.87 -16.48
CA PHE N 17 22.71 -0.42 -17.52
C PHE N 17 24.14 -0.64 -17.13
N PHE N 18 24.48 -0.22 -15.92
CA PHE N 18 25.86 -0.31 -15.48
C PHE N 18 26.36 -1.75 -15.47
N PHE N 19 25.57 -2.67 -14.91
CA PHE N 19 26.02 -4.06 -14.84
C PHE N 19 25.96 -4.76 -16.18
N ALA N 20 24.97 -4.44 -16.98
CA ALA N 20 24.89 -5.05 -18.30
C ALA N 20 26.12 -4.74 -19.14
N ILE N 21 26.79 -3.62 -18.90
CA ILE N 21 27.92 -3.20 -19.74
C ILE N 21 29.25 -3.65 -19.14
N PHE N 22 29.53 -3.25 -17.92
CA PHE N 22 30.80 -3.60 -17.32
C PHE N 22 30.80 -5.00 -16.72
N PHE N 23 29.64 -5.59 -16.49
CA PHE N 23 29.61 -6.91 -15.92
C PHE N 23 28.77 -7.84 -16.78
N ARG N 24 28.96 -7.75 -18.09
CA ARG N 24 28.40 -8.69 -19.02
C ARG N 24 29.16 -9.99 -18.95
N GLU N 25 28.50 -11.07 -19.33
CA GLU N 25 29.27 -12.27 -19.65
C GLU N 25 30.10 -11.94 -20.89
N PRO N 26 31.40 -12.12 -20.86
CA PRO N 26 32.23 -11.66 -21.96
C PRO N 26 32.16 -12.62 -23.11
N PRO N 27 31.95 -12.14 -24.33
CA PRO N 27 31.89 -13.05 -25.47
C PRO N 27 33.27 -13.62 -25.76
N ARG N 28 33.30 -14.91 -26.08
CA ARG N 28 34.54 -15.65 -26.32
C ARG N 28 34.44 -16.44 -27.63
N ILE N 29 35.57 -16.60 -28.31
CA ILE N 29 35.58 -17.06 -29.70
C ILE N 29 35.73 -18.58 -29.81
N THR N 30 35.28 -19.10 -30.98
CA THR N 30 35.24 -20.51 -31.41
C THR N 30 35.16 -21.48 -30.25
N GLU O 1 -24.70 32.80 -5.08
CA GLU O 1 -23.92 33.97 -4.69
C GLU O 1 -22.82 34.25 -5.71
N LEU O 2 -22.24 33.18 -6.24
CA LEU O 2 -21.29 33.27 -7.33
C LEU O 2 -22.08 33.18 -8.63
N VAL O 3 -22.06 34.26 -9.40
CA VAL O 3 -22.82 34.40 -10.63
C VAL O 3 -21.83 34.65 -11.76
N ASN O 4 -22.18 34.20 -12.96
CA ASN O 4 -21.52 34.67 -14.19
C ASN O 4 -22.30 35.88 -14.67
N VAL O 5 -21.69 37.06 -14.54
CA VAL O 5 -22.33 38.35 -14.87
C VAL O 5 -22.67 38.46 -16.35
N VAL O 6 -21.97 37.74 -17.22
CA VAL O 6 -22.24 37.82 -18.64
C VAL O 6 -23.49 37.03 -18.99
N ASP O 7 -23.60 35.79 -18.50
CA ASP O 7 -24.84 35.03 -18.65
C ASP O 7 -26.05 35.82 -18.12
N GLU O 8 -25.94 36.33 -16.89
CA GLU O 8 -27.01 37.14 -16.30
C GLU O 8 -27.43 38.31 -17.19
N LYS O 9 -26.47 38.91 -17.91
CA LYS O 9 -26.75 39.99 -18.86
C LYS O 9 -27.45 39.51 -20.12
N LEU O 10 -27.24 38.26 -20.54
CA LEU O 10 -28.06 37.67 -21.60
C LEU O 10 -29.55 37.62 -21.25
N GLY O 11 -29.90 37.67 -19.96
CA GLY O 11 -31.30 37.75 -19.58
C GLY O 11 -31.74 39.17 -19.28
N THR O 12 -31.14 40.16 -19.93
CA THR O 12 -31.68 41.52 -19.96
C THR O 12 -31.92 41.92 -21.41
N ALA O 13 -32.38 43.16 -21.55
CA ALA O 13 -32.46 43.81 -22.85
C ALA O 13 -31.16 43.67 -23.62
N TYR O 14 -30.03 43.61 -22.92
CA TYR O 14 -28.74 43.33 -23.57
C TYR O 14 -28.85 42.14 -24.52
N GLY O 15 -29.59 41.12 -24.12
CA GLY O 15 -29.77 39.92 -24.92
C GLY O 15 -30.78 40.04 -26.05
N GLU O 16 -31.36 41.23 -26.30
CA GLU O 16 -32.34 41.36 -27.39
C GLU O 16 -32.03 42.56 -28.28
N LYS O 17 -31.41 43.60 -27.73
CA LYS O 17 -31.13 44.82 -28.47
C LYS O 17 -29.65 45.17 -28.40
N ILE O 18 -29.21 46.08 -29.28
CA ILE O 18 -27.87 46.64 -29.18
C ILE O 18 -27.82 47.52 -27.92
N ASP O 19 -27.00 47.14 -26.93
CA ASP O 19 -26.90 47.88 -25.67
C ASP O 19 -25.86 49.00 -25.84
N LEU O 20 -26.29 50.27 -25.79
CA LEU O 20 -25.35 51.33 -26.14
C LEU O 20 -24.25 51.49 -25.11
N ASN O 21 -24.37 50.85 -23.95
CA ASN O 21 -23.35 50.94 -22.93
C ASN O 21 -22.41 49.75 -22.91
N ASN O 22 -22.73 48.65 -23.63
CA ASN O 22 -21.99 47.40 -23.47
C ASN O 22 -21.68 46.66 -24.75
N THR O 23 -22.42 46.83 -25.85
CA THR O 23 -22.29 45.90 -26.96
C THR O 23 -21.07 46.19 -27.84
N ASN O 24 -20.44 45.14 -28.31
CA ASN O 24 -19.34 45.32 -29.23
C ASN O 24 -19.80 46.09 -30.47
N ILE O 25 -18.82 46.78 -31.07
CA ILE O 25 -19.09 47.76 -32.09
C ILE O 25 -19.57 47.06 -33.35
N ALA O 26 -19.14 45.82 -33.56
CA ALA O 26 -19.58 45.04 -34.71
C ALA O 26 -21.09 44.86 -34.80
N ALA O 27 -21.83 45.05 -33.69
CA ALA O 27 -23.28 44.94 -33.75
C ALA O 27 -23.88 46.02 -34.63
N PHE O 28 -23.29 47.21 -34.67
CA PHE O 28 -24.00 48.29 -35.33
C PHE O 28 -24.08 48.08 -36.84
N ILE O 29 -23.37 47.07 -37.36
CA ILE O 29 -23.49 46.64 -38.74
C ILE O 29 -24.85 46.02 -39.09
N GLN O 30 -25.70 45.68 -38.11
CA GLN O 30 -26.93 44.98 -38.51
C GLN O 30 -28.04 45.92 -38.96
N TYR O 31 -27.81 47.23 -38.96
CA TYR O 31 -28.83 48.20 -39.35
C TYR O 31 -28.17 49.30 -40.16
N ARG O 32 -28.85 49.75 -41.21
CA ARG O 32 -28.18 50.54 -42.23
C ARG O 32 -27.84 51.94 -41.72
N GLY O 33 -26.73 52.48 -42.24
CA GLY O 33 -26.31 53.83 -41.94
C GLY O 33 -25.50 54.02 -40.68
N LEU O 34 -25.25 52.96 -39.90
CA LEU O 34 -24.74 53.11 -38.55
C LEU O 34 -23.27 52.77 -38.38
N TYR O 35 -22.68 52.03 -39.29
CA TYR O 35 -21.31 51.64 -39.14
C TYR O 35 -20.52 52.08 -40.37
N PRO O 36 -19.30 52.60 -40.21
CA PRO O 36 -18.49 52.77 -38.99
C PRO O 36 -18.67 54.07 -38.23
N THR O 37 -19.28 55.07 -38.85
CA THR O 37 -19.18 56.45 -38.38
C THR O 37 -19.99 56.72 -37.10
N LEU O 38 -21.31 56.60 -37.18
CA LEU O 38 -22.15 56.76 -36.01
C LEU O 38 -21.77 55.77 -34.91
N ALA O 39 -21.41 54.55 -35.30
CA ALA O 39 -21.05 53.54 -34.32
C ALA O 39 -19.81 53.96 -33.54
N LYS O 40 -18.75 54.34 -34.26
CA LYS O 40 -17.55 54.86 -33.63
C LYS O 40 -17.93 55.93 -32.63
N LEU O 41 -18.82 56.84 -33.02
CA LEU O 41 -19.19 57.93 -32.13
C LEU O 41 -19.98 57.45 -30.93
N ILE O 42 -20.85 56.44 -31.11
CA ILE O 42 -21.66 56.00 -30.00
C ILE O 42 -20.77 55.35 -28.96
N VAL O 43 -19.75 54.60 -29.40
CA VAL O 43 -18.93 53.88 -28.43
C VAL O 43 -18.07 54.87 -27.64
N LYS O 44 -17.53 55.88 -28.32
CA LYS O 44 -16.69 56.87 -27.65
C LYS O 44 -17.45 57.61 -26.56
N ASN O 45 -18.66 58.05 -26.85
CA ASN O 45 -19.36 58.94 -25.93
C ASN O 45 -20.19 58.19 -24.90
N ALA O 46 -20.10 56.87 -24.88
CA ALA O 46 -20.80 56.11 -23.87
C ALA O 46 -20.15 56.36 -22.51
N PRO O 47 -20.86 56.10 -21.40
CA PRO O 47 -22.20 55.52 -21.30
C PRO O 47 -23.33 56.53 -21.40
N TYR O 48 -24.57 56.02 -21.38
CA TYR O 48 -25.77 56.80 -21.57
C TYR O 48 -26.80 56.45 -20.51
N GLU O 49 -27.53 57.48 -20.03
CA GLU O 49 -28.60 57.28 -19.07
C GLU O 49 -29.85 56.72 -19.73
N SER O 50 -30.12 57.13 -20.96
CA SER O 50 -31.34 56.76 -21.68
C SER O 50 -30.98 56.50 -23.14
N VAL O 51 -31.87 55.83 -23.87
CA VAL O 51 -31.59 55.64 -25.29
C VAL O 51 -31.54 56.96 -26.00
N GLU O 52 -32.39 57.89 -25.59
CA GLU O 52 -32.51 59.16 -26.30
C GLU O 52 -31.28 60.04 -26.09
N ASP O 53 -30.47 59.79 -25.04
CA ASP O 53 -29.26 60.56 -24.84
C ASP O 53 -28.33 60.60 -26.05
N VAL O 54 -28.43 59.66 -26.99
CA VAL O 54 -27.50 59.74 -28.10
C VAL O 54 -27.85 60.85 -29.06
N LEU O 55 -29.09 61.33 -29.06
CA LEU O 55 -29.44 62.47 -29.89
C LEU O 55 -28.79 63.75 -29.43
N ASN O 56 -28.08 63.71 -28.30
CA ASN O 56 -27.43 64.87 -27.73
C ASN O 56 -25.93 64.87 -27.97
N ILE O 57 -25.44 64.03 -28.86
CA ILE O 57 -23.98 63.93 -29.07
C ILE O 57 -23.50 65.14 -29.86
N PRO O 58 -22.47 65.85 -29.40
CA PRO O 58 -22.01 67.03 -30.15
C PRO O 58 -21.35 66.63 -31.45
N GLY O 59 -21.65 67.39 -32.50
CA GLY O 59 -21.11 67.13 -33.81
C GLY O 59 -22.08 66.51 -34.78
N LEU O 60 -23.28 66.16 -34.34
CA LEU O 60 -24.22 65.47 -35.20
C LEU O 60 -24.76 66.39 -36.29
N THR O 61 -24.69 65.90 -37.53
CA THR O 61 -25.43 66.46 -38.64
C THR O 61 -26.88 65.94 -38.65
N GLU O 62 -27.80 66.80 -39.07
CA GLU O 62 -29.22 66.42 -39.06
C GLU O 62 -29.48 65.10 -39.76
N ARG O 63 -28.69 64.76 -40.79
CA ARG O 63 -28.85 63.43 -41.40
C ARG O 63 -28.56 62.35 -40.37
N GLN O 64 -27.57 62.58 -39.53
CA GLN O 64 -27.22 61.60 -38.51
C GLN O 64 -28.30 61.51 -37.45
N LYS O 65 -28.81 62.66 -37.00
CA LYS O 65 -29.96 62.61 -36.10
C LYS O 65 -31.13 61.88 -36.74
N GLN O 66 -31.31 62.02 -38.05
CA GLN O 66 -32.35 61.24 -38.72
C GLN O 66 -32.12 59.74 -38.50
N ILE O 67 -30.90 59.25 -38.82
CA ILE O 67 -30.66 57.81 -38.78
C ILE O 67 -30.83 57.26 -37.37
N LEU O 68 -30.45 58.01 -36.34
CA LEU O 68 -30.56 57.49 -34.98
C LEU O 68 -32.02 57.38 -34.57
N ARG O 69 -32.78 58.47 -34.72
CA ARG O 69 -34.23 58.39 -34.57
C ARG O 69 -34.82 57.19 -35.30
N GLU O 70 -34.42 56.97 -36.55
CA GLU O 70 -34.89 55.82 -37.30
C GLU O 70 -34.66 54.49 -36.58
N ASN O 71 -33.79 54.43 -35.58
CA ASN O 71 -33.30 53.16 -35.05
C ASN O 71 -33.37 53.04 -33.54
N LEU O 72 -33.89 54.05 -32.83
CA LEU O 72 -33.81 54.05 -31.38
C LEU O 72 -34.50 52.83 -30.80
N GLU O 73 -35.48 52.28 -31.52
CA GLU O 73 -36.22 51.12 -31.07
C GLU O 73 -35.37 49.85 -31.13
N HIS O 74 -34.24 49.88 -31.85
CA HIS O 74 -33.27 48.81 -31.82
C HIS O 74 -32.23 48.96 -30.72
N PHE O 75 -32.29 50.03 -29.94
CA PHE O 75 -31.33 50.31 -28.91
C PHE O 75 -31.92 50.07 -27.53
N THR O 76 -31.02 49.93 -26.56
CA THR O 76 -31.37 49.95 -25.15
C THR O 76 -30.13 50.41 -24.43
N VAL O 77 -30.29 50.66 -23.14
CA VAL O 77 -29.19 50.93 -22.23
C VAL O 77 -29.42 50.09 -21.00
N THR O 78 -28.44 49.29 -20.62
CA THR O 78 -28.37 48.71 -19.28
C THR O 78 -27.11 49.25 -18.59
N GLU O 79 -26.93 48.90 -17.33
CA GLU O 79 -25.75 49.33 -16.60
C GLU O 79 -24.50 48.81 -17.29
N VAL O 80 -23.43 49.57 -17.20
CA VAL O 80 -22.14 49.08 -17.69
C VAL O 80 -21.74 47.81 -16.96
N GLU O 81 -21.50 46.76 -17.71
CA GLU O 81 -20.82 45.58 -17.19
C GLU O 81 -19.31 45.70 -17.43
N THR O 82 -18.56 45.87 -16.34
CA THR O 82 -17.09 45.96 -16.43
C THR O 82 -16.48 44.86 -17.31
N ALA O 83 -16.86 43.59 -17.11
CA ALA O 83 -16.28 42.49 -17.90
C ALA O 83 -16.44 42.71 -19.39
N LEU O 84 -17.45 43.49 -19.82
CA LEU O 84 -17.71 43.67 -21.24
C LEU O 84 -17.05 44.90 -21.87
N VAL O 85 -16.46 45.80 -21.08
CA VAL O 85 -15.99 47.08 -21.62
C VAL O 85 -14.50 47.34 -21.36
N GLU O 86 -13.98 46.81 -20.24
CA GLU O 86 -12.54 46.68 -20.04
C GLU O 86 -11.87 45.94 -21.19
N GLY O 87 -10.58 46.20 -21.38
CA GLY O 87 -9.78 45.51 -22.38
C GLY O 87 -9.93 46.02 -23.79
N GLY O 88 -10.60 47.16 -23.97
CA GLY O 88 -10.97 47.62 -25.29
C GLY O 88 -11.90 46.66 -25.98
N ASP O 89 -12.70 45.92 -25.19
CA ASP O 89 -13.48 44.81 -25.74
C ASP O 89 -14.71 45.26 -26.52
N ARG O 90 -15.06 46.54 -26.46
CA ARG O 90 -16.10 47.07 -27.33
C ARG O 90 -15.60 47.37 -28.73
N TYR O 91 -14.30 47.41 -28.94
CA TYR O 91 -13.80 47.57 -30.29
C TYR O 91 -13.43 46.24 -30.89
N ASN O 92 -12.93 45.32 -30.07
CA ASN O 92 -12.50 44.01 -30.55
C ASN O 92 -12.67 43.02 -29.42
N ASN O 93 -13.66 42.14 -29.52
CA ASN O 93 -13.93 41.19 -28.43
C ASN O 93 -13.40 39.79 -28.73
N GLY O 94 -12.48 39.66 -29.67
CA GLY O 94 -11.91 38.37 -29.94
C GLY O 94 -12.70 37.52 -30.88
N LEU O 95 -13.81 38.02 -31.40
CA LEU O 95 -14.68 37.25 -32.27
C LEU O 95 -14.47 37.73 -33.68
N TYR O 96 -14.26 36.81 -34.60
CA TYR O 96 -14.12 37.21 -35.98
C TYR O 96 -15.20 36.47 -36.80
N LYS O 97 -14.83 35.41 -37.49
CA LYS O 97 -15.81 34.53 -38.09
C LYS O 97 -15.70 33.14 -37.47
N ALA P 1 -29.15 18.37 -59.24
CA ALA P 1 -29.13 19.85 -59.30
C ALA P 1 -28.21 20.36 -60.40
N GLU P 2 -28.55 21.49 -61.02
CA GLU P 2 -27.65 22.05 -62.03
C GLU P 2 -27.80 23.58 -62.10
N LEU P 3 -26.88 24.19 -62.85
CA LEU P 3 -26.86 25.64 -62.92
C LEU P 3 -28.02 26.10 -63.78
N THR P 4 -29.17 26.34 -63.16
CA THR P 4 -30.36 26.71 -63.92
C THR P 4 -30.33 28.19 -64.12
N PRO P 5 -31.27 28.76 -64.86
CA PRO P 5 -31.26 30.20 -65.09
C PRO P 5 -31.94 30.96 -63.98
N GLU P 6 -32.87 30.33 -63.30
CA GLU P 6 -33.26 30.83 -61.98
C GLU P 6 -32.00 31.26 -61.24
N VAL P 7 -31.13 30.31 -60.90
CA VAL P 7 -30.11 30.65 -59.94
C VAL P 7 -29.25 31.74 -60.52
N LEU P 8 -29.27 31.89 -61.87
CA LEU P 8 -28.47 32.86 -62.60
C LEU P 8 -29.21 34.15 -62.85
N THR P 9 -30.43 34.27 -62.35
CA THR P 9 -31.18 35.51 -62.41
C THR P 9 -30.86 36.29 -61.14
N VAL P 10 -30.42 37.52 -61.30
CA VAL P 10 -29.99 38.36 -60.18
C VAL P 10 -30.51 39.76 -60.40
N PRO P 11 -30.83 40.48 -59.31
CA PRO P 11 -31.28 41.87 -59.48
C PRO P 11 -30.20 42.73 -60.12
N LEU P 12 -30.63 43.60 -61.01
CA LEU P 12 -29.77 44.54 -61.70
C LEU P 12 -29.62 45.84 -60.91
N ASN P 13 -30.71 46.36 -60.40
CA ASN P 13 -30.70 47.61 -59.67
C ASN P 13 -31.76 47.52 -58.59
N SER P 14 -31.78 48.53 -57.72
CA SER P 14 -32.72 48.52 -56.62
C SER P 14 -34.16 48.72 -57.06
N GLU P 15 -34.39 49.28 -58.24
CA GLU P 15 -35.76 49.36 -58.72
C GLU P 15 -36.44 48.00 -58.63
N GLY P 16 -35.68 46.93 -58.86
CA GLY P 16 -36.20 45.57 -58.85
C GLY P 16 -36.06 44.84 -60.16
N LYS P 17 -35.56 45.48 -61.22
CA LYS P 17 -35.30 44.74 -62.45
C LYS P 17 -34.28 43.64 -62.18
N THR P 18 -34.25 42.68 -63.07
CA THR P 18 -33.41 41.51 -62.91
C THR P 18 -32.67 41.29 -64.19
N ILE P 19 -31.70 40.39 -64.11
CA ILE P 19 -30.89 40.04 -65.26
C ILE P 19 -30.42 38.62 -65.04
N THR P 20 -30.28 37.89 -66.14
CA THR P 20 -30.03 36.47 -66.09
C THR P 20 -28.72 36.20 -66.80
N LEU P 21 -27.71 35.86 -66.03
CA LEU P 21 -26.41 35.56 -66.63
C LEU P 21 -26.44 34.26 -67.40
N THR P 22 -25.46 34.14 -68.27
CA THR P 22 -25.07 32.87 -68.86
C THR P 22 -24.22 32.08 -67.86
N GLU P 23 -24.24 30.76 -68.03
CA GLU P 23 -23.25 29.93 -67.37
C GLU P 23 -21.85 30.50 -67.63
N LYS P 24 -21.61 30.95 -68.86
CA LYS P 24 -20.28 31.44 -69.22
C LYS P 24 -19.95 32.72 -68.48
N GLN P 25 -20.94 33.58 -68.23
CA GLN P 25 -20.69 34.78 -67.45
C GLN P 25 -20.46 34.44 -65.99
N TYR P 26 -21.25 33.51 -65.44
CA TYR P 26 -21.06 33.05 -64.08
C TYR P 26 -19.62 32.59 -63.84
N LEU P 27 -19.11 31.75 -64.75
CA LEU P 27 -17.76 31.21 -64.68
C LEU P 27 -16.70 32.24 -65.07
N GLU P 28 -17.09 33.22 -65.88
CA GLU P 28 -16.22 34.37 -66.09
C GLU P 28 -15.94 35.07 -64.77
N GLY P 29 -17.00 35.48 -64.06
CA GLY P 29 -16.83 36.13 -62.77
C GLY P 29 -16.06 35.29 -61.75
N LYS P 30 -16.36 33.99 -61.69
CA LYS P 30 -15.60 33.13 -60.78
C LYS P 30 -14.11 33.22 -61.10
N ARG P 31 -13.76 33.23 -62.37
CA ARG P 31 -12.36 33.34 -62.73
C ARG P 31 -11.81 34.70 -62.34
N LEU P 32 -12.54 35.78 -62.63
CA LEU P 32 -12.03 37.10 -62.34
C LEU P 32 -12.00 37.36 -60.84
N PHE P 33 -12.89 36.70 -60.09
CA PHE P 33 -12.94 36.90 -58.65
C PHE P 33 -11.76 36.23 -57.97
N GLN P 34 -11.32 35.10 -58.49
CA GLN P 34 -10.12 34.51 -57.96
C GLN P 34 -8.89 35.30 -58.38
N TYR P 35 -8.94 36.00 -59.51
CA TYR P 35 -7.78 36.79 -59.94
C TYR P 35 -7.62 38.10 -59.13
N ALA P 36 -8.70 38.85 -58.94
CA ALA P 36 -8.63 40.18 -58.39
C ALA P 36 -8.98 40.27 -56.90
N CYS P 37 -9.74 39.31 -56.37
CA CYS P 37 -10.46 39.54 -55.12
C CYS P 37 -10.23 38.50 -54.03
N ALA P 38 -10.04 37.23 -54.41
CA ALA P 38 -10.09 36.11 -53.47
C ALA P 38 -8.94 36.07 -52.46
N SER P 39 -7.80 36.69 -52.75
CA SER P 39 -6.73 36.78 -51.76
C SER P 39 -7.22 37.38 -50.44
N CYS P 40 -8.28 38.17 -50.49
CA CYS P 40 -8.92 38.71 -49.29
C CYS P 40 -10.32 38.20 -49.04
N HIS P 41 -11.04 37.81 -50.10
CA HIS P 41 -12.46 37.54 -50.03
C HIS P 41 -12.84 36.07 -50.30
N VAL P 42 -11.89 35.13 -50.29
CA VAL P 42 -12.21 33.71 -50.43
C VAL P 42 -13.44 33.32 -49.61
N GLY P 43 -14.34 32.54 -50.21
CA GLY P 43 -15.52 32.06 -49.50
C GLY P 43 -16.54 33.15 -49.18
N GLY P 44 -16.31 34.36 -49.65
CA GLY P 44 -17.18 35.46 -49.34
C GLY P 44 -16.97 36.10 -47.98
N ILE P 45 -15.83 35.84 -47.33
CA ILE P 45 -15.46 36.58 -46.13
C ILE P 45 -14.50 37.68 -46.54
N THR P 46 -14.00 38.44 -45.56
CA THR P 46 -12.99 39.50 -45.73
C THR P 46 -11.93 39.33 -44.66
N LYS P 47 -10.81 38.70 -45.03
CA LYS P 47 -9.73 38.41 -44.09
C LYS P 47 -9.15 39.63 -43.37
N THR P 48 -9.17 40.82 -43.97
CA THR P 48 -8.62 42.00 -43.29
C THR P 48 -9.65 42.85 -42.59
N ASN P 49 -10.93 42.51 -42.71
CA ASN P 49 -11.95 43.07 -41.84
C ASN P 49 -13.08 42.05 -41.74
N PRO P 50 -12.91 41.00 -40.95
CA PRO P 50 -13.96 39.98 -40.87
C PRO P 50 -15.33 40.52 -40.51
N SER P 51 -15.45 41.75 -40.02
CA SER P 51 -16.76 42.27 -39.66
C SER P 51 -17.63 42.55 -40.89
N LEU P 52 -17.07 42.75 -42.07
CA LEU P 52 -17.87 42.96 -43.27
C LEU P 52 -17.71 41.77 -44.22
N ASP P 53 -18.82 41.22 -44.68
CA ASP P 53 -18.74 40.05 -45.56
C ASP P 53 -19.53 40.32 -46.85
N LEU P 54 -19.57 39.35 -47.75
CA LEU P 54 -20.31 39.50 -48.99
C LEU P 54 -21.57 38.63 -49.04
N ARG P 55 -22.13 38.27 -47.88
CA ARG P 55 -23.49 37.73 -47.84
C ARG P 55 -24.47 38.76 -48.42
N THR P 56 -25.45 38.26 -49.16
CA THR P 56 -26.40 39.16 -49.79
C THR P 56 -27.11 40.03 -48.75
N GLU P 57 -27.29 39.52 -47.55
CA GLU P 57 -28.07 40.29 -46.60
C GLU P 57 -27.24 41.36 -45.95
N THR P 58 -25.92 41.21 -45.94
CA THR P 58 -25.04 42.29 -45.51
C THR P 58 -24.96 43.38 -46.58
N LEU P 59 -24.99 42.97 -47.84
CA LEU P 59 -24.86 43.90 -48.96
C LEU P 59 -26.11 44.73 -49.12
N ALA P 60 -27.27 44.08 -48.98
CA ALA P 60 -28.52 44.80 -49.04
C ALA P 60 -28.59 45.91 -48.01
N LEU P 61 -27.82 45.79 -46.93
CA LEU P 61 -27.85 46.76 -45.84
C LEU P 61 -26.76 47.81 -45.91
N ALA P 62 -25.85 47.70 -46.87
CA ALA P 62 -24.88 48.75 -47.09
C ALA P 62 -25.57 50.03 -47.57
N THR P 63 -24.86 51.13 -47.46
CA THR P 63 -25.33 52.42 -47.95
C THR P 63 -24.31 52.91 -48.95
N PRO P 64 -24.66 53.01 -50.24
CA PRO P 64 -25.89 52.57 -50.93
C PRO P 64 -26.05 51.03 -51.01
N PRO P 65 -27.27 50.53 -51.22
CA PRO P 65 -27.45 49.08 -51.31
C PRO P 65 -26.52 48.50 -52.36
N ARG P 66 -25.96 47.33 -52.05
CA ARG P 66 -24.99 46.69 -52.92
C ARG P 66 -25.44 45.27 -53.27
N ASP P 67 -26.69 44.96 -53.03
CA ASP P 67 -27.20 43.63 -53.35
C ASP P 67 -27.62 43.52 -54.82
N ASN P 68 -26.99 44.28 -55.73
CA ASN P 68 -27.45 44.29 -57.10
C ASN P 68 -26.29 44.70 -58.00
N ILE P 69 -26.47 44.45 -59.30
CA ILE P 69 -25.37 44.62 -60.24
C ILE P 69 -24.90 46.06 -60.26
N GLU P 70 -25.83 47.01 -60.30
CA GLU P 70 -25.41 48.41 -60.42
C GLU P 70 -24.59 48.81 -59.20
N GLY P 71 -25.08 48.44 -58.00
CA GLY P 71 -24.39 48.76 -56.77
C GLY P 71 -23.05 48.07 -56.66
N LEU P 72 -22.96 46.82 -57.12
CA LEU P 72 -21.67 46.15 -57.13
C LEU P 72 -20.72 46.75 -58.16
N VAL P 73 -21.18 46.92 -59.40
CA VAL P 73 -20.35 47.55 -60.44
C VAL P 73 -19.87 48.91 -59.97
N ASP P 74 -20.73 49.67 -59.30
CA ASP P 74 -20.31 50.97 -58.80
C ASP P 74 -19.28 50.86 -57.70
N TYR P 75 -19.48 49.90 -56.77
CA TYR P 75 -18.52 49.73 -55.67
C TYR P 75 -17.14 49.41 -56.20
N MET P 76 -17.07 48.62 -57.28
CA MET P 76 -15.76 48.30 -57.83
C MET P 76 -15.14 49.49 -58.53
N LYS P 77 -15.89 50.56 -58.76
CA LYS P 77 -15.37 51.75 -59.40
C LYS P 77 -14.98 52.78 -58.36
N ASN P 78 -15.74 52.89 -57.28
CA ASN P 78 -15.59 53.99 -56.33
C ASN P 78 -16.04 53.50 -54.95
N PRO P 79 -15.28 52.59 -54.35
CA PRO P 79 -15.72 52.00 -53.08
C PRO P 79 -15.97 53.03 -51.98
N THR P 80 -16.95 52.73 -51.14
CA THR P 80 -17.16 53.49 -49.93
C THR P 80 -17.14 52.57 -48.72
N THR P 81 -17.39 53.19 -47.57
CA THR P 81 -17.62 52.48 -46.32
C THR P 81 -19.08 52.01 -46.26
N TYR P 82 -19.34 51.11 -45.31
CA TYR P 82 -20.65 50.51 -45.16
C TYR P 82 -21.75 51.57 -45.03
N ASP P 83 -21.47 52.69 -44.34
CA ASP P 83 -22.47 53.74 -44.25
C ASP P 83 -22.44 54.69 -45.44
N GLY P 84 -21.41 54.63 -46.27
CA GLY P 84 -21.39 55.39 -47.51
C GLY P 84 -20.69 56.72 -47.38
N GLU P 85 -20.05 56.98 -46.25
CA GLU P 85 -19.64 58.31 -45.85
C GLU P 85 -18.21 58.67 -46.25
N GLN P 86 -17.36 57.70 -46.55
CA GLN P 86 -16.02 58.06 -46.97
C GLN P 86 -15.56 57.16 -48.10
N GLU P 87 -15.04 57.76 -49.16
CA GLU P 87 -14.52 56.99 -50.28
C GLU P 87 -13.23 56.31 -49.86
N ILE P 88 -13.06 55.05 -50.23
CA ILE P 88 -11.93 54.28 -49.73
C ILE P 88 -11.14 53.68 -50.89
N ALA P 89 -11.16 54.37 -52.04
CA ALA P 89 -10.34 53.96 -53.17
C ALA P 89 -8.85 53.79 -52.83
N GLU P 90 -8.37 54.43 -51.77
CA GLU P 90 -6.95 54.45 -51.47
C GLU P 90 -6.49 53.17 -50.84
N VAL P 91 -7.41 52.39 -50.28
CA VAL P 91 -7.06 51.19 -49.51
C VAL P 91 -7.82 49.95 -49.95
N HIS P 92 -8.80 50.12 -50.85
CA HIS P 92 -9.52 49.04 -51.47
C HIS P 92 -9.32 49.06 -52.98
N PRO P 93 -8.97 47.94 -53.61
CA PRO P 93 -8.88 47.93 -55.08
C PRO P 93 -10.15 48.42 -55.75
N SER P 94 -9.97 49.15 -56.83
CA SER P 94 -11.07 49.78 -57.55
C SER P 94 -10.47 50.33 -58.82
N LEU P 95 -11.32 50.50 -59.85
CA LEU P 95 -10.89 51.14 -61.08
C LEU P 95 -10.34 52.54 -60.78
N ARG P 96 -11.05 53.31 -59.97
CA ARG P 96 -10.54 54.59 -59.52
C ARG P 96 -9.11 54.48 -58.97
N SER P 97 -8.72 53.34 -58.40
CA SER P 97 -7.39 53.17 -57.82
C SER P 97 -6.52 52.16 -58.57
N ALA P 98 -6.67 52.03 -59.89
CA ALA P 98 -5.87 51.03 -60.62
C ALA P 98 -4.40 51.40 -60.74
N ASP P 99 -4.07 52.67 -60.49
CA ASP P 99 -2.67 53.07 -60.34
C ASP P 99 -1.99 52.30 -59.23
N ILE P 100 -2.63 52.23 -58.06
CA ILE P 100 -2.02 51.55 -56.93
C ILE P 100 -2.41 50.08 -56.83
N PHE P 101 -3.47 49.66 -57.53
CA PHE P 101 -3.86 48.25 -57.56
C PHE P 101 -3.80 47.80 -59.00
N PRO P 102 -2.68 47.22 -59.44
CA PRO P 102 -2.46 46.99 -60.87
C PRO P 102 -3.27 45.85 -61.45
N LYS P 103 -3.84 44.99 -60.62
CA LYS P 103 -4.67 43.92 -61.17
C LYS P 103 -5.97 44.46 -61.74
N MET P 104 -6.40 45.64 -61.28
CA MET P 104 -7.65 46.25 -61.71
C MET P 104 -7.50 47.00 -63.01
N ARG P 105 -6.33 46.98 -63.61
CA ARG P 105 -6.09 47.78 -64.81
C ARG P 105 -6.78 47.18 -66.04
N ASN P 106 -6.60 45.90 -66.31
CA ASN P 106 -7.17 45.32 -67.52
C ASN P 106 -8.57 44.73 -67.30
N LEU P 107 -9.36 45.29 -66.38
CA LEU P 107 -10.77 44.93 -66.20
C LEU P 107 -11.65 45.88 -66.99
N THR P 108 -12.28 45.34 -68.02
CA THR P 108 -13.30 46.01 -68.82
C THR P 108 -14.64 46.03 -68.06
N GLU P 109 -15.59 46.76 -68.64
CA GLU P 109 -16.86 46.95 -67.97
C GLU P 109 -17.62 45.62 -67.83
N LYS P 110 -17.55 44.77 -68.85
CA LYS P 110 -18.28 43.52 -68.75
C LYS P 110 -17.64 42.59 -67.71
N ASP P 111 -16.31 42.60 -67.58
CA ASP P 111 -15.66 41.88 -66.50
C ASP P 111 -16.27 42.27 -65.15
N LEU P 112 -16.62 43.55 -64.99
CA LEU P 112 -17.20 43.97 -63.72
C LEU P 112 -18.55 43.30 -63.46
N VAL P 113 -19.34 43.07 -64.50
CA VAL P 113 -20.64 42.48 -64.27
C VAL P 113 -20.49 41.01 -63.91
N ALA P 114 -19.62 40.31 -64.66
CA ALA P 114 -19.27 38.92 -64.38
C ALA P 114 -18.92 38.72 -62.90
N ILE P 115 -18.04 39.57 -62.38
CA ILE P 115 -17.63 39.52 -60.98
C ILE P 115 -18.81 39.81 -60.05
N ALA P 116 -19.48 40.95 -60.24
CA ALA P 116 -20.69 41.22 -59.49
C ALA P 116 -21.70 40.08 -59.55
N GLY P 117 -21.81 39.41 -60.70
CA GLY P 117 -22.85 38.45 -60.81
C GLY P 117 -22.44 37.19 -60.10
N HIS P 118 -21.18 36.79 -60.28
CA HIS P 118 -20.69 35.64 -59.52
C HIS P 118 -21.03 35.78 -58.06
N ILE P 119 -20.85 36.99 -57.53
CA ILE P 119 -21.04 37.25 -56.12
C ILE P 119 -22.51 37.13 -55.73
N LEU P 120 -23.43 37.49 -56.62
CA LEU P 120 -24.82 37.39 -56.26
C LEU P 120 -25.37 35.98 -56.45
N VAL P 121 -24.76 35.18 -57.35
CA VAL P 121 -25.15 33.80 -57.57
C VAL P 121 -24.63 32.88 -56.47
N GLU P 122 -23.35 33.00 -56.12
CA GLU P 122 -22.77 32.05 -55.17
C GLU P 122 -23.57 31.88 -53.87
N PRO P 123 -24.10 32.91 -53.25
CA PRO P 123 -24.92 32.65 -52.05
C PRO P 123 -26.13 31.78 -52.37
N LYS P 124 -26.65 31.83 -53.60
CA LYS P 124 -27.79 31.01 -54.00
C LYS P 124 -27.42 29.53 -54.10
N ILE P 125 -26.14 29.21 -54.26
CA ILE P 125 -25.68 27.86 -54.45
C ILE P 125 -25.14 27.26 -53.16
N LEU P 126 -24.36 28.02 -52.42
CA LEU P 126 -23.56 27.48 -51.34
C LEU P 126 -24.23 27.62 -49.99
N GLY P 127 -25.25 28.45 -49.90
CA GLY P 127 -25.93 28.63 -48.67
C GLY P 127 -25.12 29.46 -47.72
N ASP P 128 -25.22 29.09 -46.43
CA ASP P 128 -24.50 29.80 -45.37
C ASP P 128 -23.00 29.68 -45.52
N LYS P 129 -22.52 28.72 -46.32
CA LYS P 129 -21.10 28.62 -46.58
C LYS P 129 -20.55 29.96 -47.07
N TRP P 130 -21.26 30.58 -48.00
CA TRP P 130 -20.83 31.86 -48.53
C TRP P 130 -20.88 32.90 -47.40
N GLY P 131 -19.71 33.40 -47.03
CA GLY P 131 -19.59 34.35 -45.96
C GLY P 131 -19.67 33.77 -44.57
N GLY P 132 -19.78 32.45 -44.42
CA GLY P 132 -19.91 31.86 -43.11
C GLY P 132 -18.60 31.64 -42.38
N GLY P 133 -17.49 31.45 -43.11
CA GLY P 133 -16.23 31.17 -42.47
C GLY P 133 -16.00 29.69 -42.22
N LYS P 134 -14.89 29.43 -41.55
CA LYS P 134 -14.46 28.07 -41.25
C LYS P 134 -15.51 27.20 -40.56
N VAL P 135 -16.51 27.81 -39.92
CA VAL P 135 -17.49 27.00 -39.21
C VAL P 135 -18.21 26.09 -40.21
N TYR P 136 -18.30 26.53 -41.47
CA TYR P 136 -19.06 25.82 -42.49
C TYR P 136 -18.19 25.19 -43.54
N TYR P 137 -16.86 25.25 -43.41
CA TYR P 137 -15.97 24.60 -44.39
C TYR P 137 -16.26 23.12 -44.46
N ALA Q 4 -0.09 24.20 -79.46
CA ALA Q 4 0.58 23.31 -80.39
C ALA Q 4 1.76 22.58 -79.73
N GLN Q 5 1.49 21.71 -78.75
CA GLN Q 5 2.52 21.04 -77.96
C GLN Q 5 2.64 19.54 -78.30
N LEU Q 6 2.56 19.22 -79.61
CA LEU Q 6 3.25 18.09 -80.23
C LEU Q 6 3.82 18.46 -81.60
N THR Q 7 3.42 19.60 -82.17
CA THR Q 7 4.06 20.17 -83.36
C THR Q 7 5.56 20.38 -83.20
N MET Q 8 6.07 20.37 -81.95
CA MET Q 8 7.50 20.61 -81.70
C MET Q 8 8.11 19.70 -80.63
N ILE Q 9 7.37 19.27 -79.61
CA ILE Q 9 7.96 18.42 -78.57
C ILE Q 9 8.13 16.99 -79.07
N ALA Q 10 7.18 16.49 -79.85
CA ALA Q 10 7.22 15.11 -80.33
C ALA Q 10 8.65 14.80 -80.76
N MET Q 11 9.27 15.79 -81.38
CA MET Q 11 10.60 15.62 -81.96
C MET Q 11 11.68 15.63 -80.88
N ILE Q 12 11.57 16.51 -79.89
CA ILE Q 12 12.57 16.57 -78.83
C ILE Q 12 12.62 15.24 -78.08
N GLY Q 13 11.43 14.70 -77.74
CA GLY Q 13 11.39 13.45 -77.02
C GLY Q 13 11.92 12.29 -77.84
N ILE Q 14 11.75 12.35 -79.15
CA ILE Q 14 12.27 11.33 -80.05
C ILE Q 14 13.74 11.52 -80.36
N ALA Q 15 14.24 12.75 -80.22
CA ALA Q 15 15.61 13.04 -80.54
C ALA Q 15 16.56 12.07 -79.84
N GLY Q 16 16.43 11.96 -78.53
CA GLY Q 16 17.36 11.18 -77.77
C GLY Q 16 17.33 9.70 -78.08
N PRO Q 17 16.17 9.05 -77.94
CA PRO Q 17 16.13 7.60 -78.21
C PRO Q 17 16.56 7.26 -79.63
N MET Q 18 16.37 8.19 -80.56
CA MET Q 18 16.79 7.95 -81.94
C MET Q 18 18.31 7.93 -82.09
N ILE Q 19 19.04 8.70 -81.28
CA ILE Q 19 20.49 8.64 -81.35
C ILE Q 19 20.97 7.25 -80.95
N ILE Q 20 20.35 6.66 -79.90
CA ILE Q 20 20.70 5.31 -79.46
C ILE Q 20 20.30 4.30 -80.53
N PHE Q 21 19.14 4.49 -81.18
CA PHE Q 21 18.71 3.56 -82.21
C PHE Q 21 19.50 3.67 -83.50
N LEU Q 22 20.23 4.76 -83.73
CA LEU Q 22 21.05 4.89 -84.93
C LEU Q 22 22.47 4.37 -84.72
N LEU Q 23 23.14 4.77 -83.63
CA LEU Q 23 24.45 4.22 -83.30
C LEU Q 23 24.38 2.71 -83.16
N ALA Q 24 23.42 2.23 -82.37
CA ALA Q 24 22.99 0.86 -82.50
C ALA Q 24 22.24 0.72 -83.81
N VAL Q 25 22.53 -0.35 -84.55
CA VAL Q 25 22.08 -0.53 -85.94
C VAL Q 25 23.12 0.12 -86.88
N ARG Q 26 24.23 0.58 -86.31
CA ARG Q 26 25.40 1.01 -87.08
C ARG Q 26 26.69 0.68 -86.32
N ARG Q 27 26.62 -0.31 -85.45
CA ARG Q 27 27.61 -0.61 -84.42
C ARG Q 27 28.56 0.56 -84.10
N GLY Q 28 28.08 1.49 -83.28
CA GLY Q 28 28.91 2.59 -82.79
C GLY Q 28 29.53 2.28 -81.44
N ASN Q 29 30.26 3.28 -80.91
CA ASN Q 29 30.98 3.13 -79.64
C ASN Q 29 30.10 3.36 -78.42
N LEU Q 30 28.86 2.85 -78.43
CA LEU Q 30 28.06 2.76 -77.22
C LEU Q 30 28.78 1.90 -76.17
N THR R 1 -43.21 -18.99 -41.91
CA THR R 1 -43.28 -20.21 -42.73
C THR R 1 -42.05 -20.32 -43.63
N ILE R 2 -42.24 -20.06 -44.92
CA ILE R 2 -41.13 -19.93 -45.88
C ILE R 2 -41.01 -18.45 -46.21
N THR R 3 -40.07 -17.76 -45.56
CA THR R 3 -39.97 -16.32 -45.70
C THR R 3 -39.01 -15.96 -46.83
N PRO R 4 -39.14 -14.75 -47.40
CA PRO R 4 -38.11 -14.25 -48.32
C PRO R 4 -36.68 -14.54 -47.89
N SER R 5 -36.31 -14.21 -46.64
CA SER R 5 -34.92 -14.39 -46.25
C SER R 5 -34.52 -15.86 -46.23
N LEU R 6 -35.47 -16.76 -46.03
CA LEU R 6 -35.21 -18.19 -46.09
C LEU R 6 -35.07 -18.65 -47.52
N LYS R 7 -35.91 -18.12 -48.41
CA LYS R 7 -35.68 -18.32 -49.84
C LYS R 7 -34.26 -17.90 -50.20
N GLY R 8 -33.85 -16.70 -49.79
CA GLY R 8 -32.49 -16.22 -50.08
C GLY R 8 -31.40 -17.08 -49.46
N PHE R 9 -31.60 -17.53 -48.22
CA PHE R 9 -30.64 -18.45 -47.62
C PHE R 9 -30.32 -19.62 -48.54
N PHE R 10 -31.34 -20.26 -49.09
CA PHE R 10 -31.12 -21.41 -49.95
C PHE R 10 -30.46 -21.01 -51.27
N ILE R 11 -30.76 -19.81 -51.78
CA ILE R 11 -30.05 -19.29 -52.95
C ILE R 11 -28.56 -19.21 -52.68
N GLY R 12 -28.19 -18.51 -51.59
CA GLY R 12 -26.80 -18.46 -51.18
C GLY R 12 -26.22 -19.84 -50.94
N LEU R 13 -26.93 -20.66 -50.18
CA LEU R 13 -26.45 -22.00 -49.90
C LEU R 13 -26.18 -22.77 -51.19
N LEU R 14 -27.14 -22.74 -52.12
CA LEU R 14 -26.98 -23.48 -53.37
C LEU R 14 -25.95 -22.86 -54.31
N SER R 15 -25.78 -21.54 -54.29
CA SER R 15 -24.75 -20.93 -55.12
C SER R 15 -23.35 -21.32 -54.64
N GLY R 16 -23.10 -21.22 -53.32
CA GLY R 16 -21.84 -21.70 -52.79
C GLY R 16 -21.54 -23.13 -53.20
N ALA R 17 -22.56 -23.96 -53.31
CA ALA R 17 -22.37 -25.34 -53.70
C ALA R 17 -21.85 -25.45 -55.13
N VAL R 18 -22.52 -24.76 -56.05
CA VAL R 18 -22.13 -24.73 -57.46
C VAL R 18 -20.66 -24.41 -57.62
N VAL R 19 -20.28 -23.22 -57.13
CA VAL R 19 -18.93 -22.68 -57.19
C VAL R 19 -17.93 -23.67 -56.66
N LEU R 20 -18.23 -24.29 -55.50
CA LEU R 20 -17.30 -25.28 -54.95
C LEU R 20 -17.26 -26.52 -55.80
N GLY R 21 -18.45 -27.03 -56.17
CA GLY R 21 -18.56 -28.20 -56.99
C GLY R 21 -17.87 -28.05 -58.33
N LEU R 22 -18.33 -27.06 -59.09
CA LEU R 22 -17.71 -26.76 -60.37
C LEU R 22 -16.20 -26.63 -60.23
N THR R 23 -15.75 -25.89 -59.21
CA THR R 23 -14.33 -25.70 -58.98
C THR R 23 -13.61 -27.03 -58.80
N PHE R 24 -14.17 -27.93 -57.98
CA PHE R 24 -13.50 -29.21 -57.77
C PHE R 24 -13.70 -30.17 -58.93
N ALA R 25 -14.82 -30.07 -59.66
CA ALA R 25 -14.92 -30.77 -60.94
C ALA R 25 -13.71 -30.43 -61.82
N VAL R 26 -13.53 -29.14 -62.11
CA VAL R 26 -12.40 -28.74 -62.95
C VAL R 26 -11.12 -29.32 -62.41
N LEU R 27 -10.88 -29.18 -61.11
CA LEU R 27 -9.59 -29.56 -60.56
C LEU R 27 -9.35 -31.06 -60.61
N ILE R 28 -10.38 -31.89 -60.44
CA ILE R 28 -10.14 -33.32 -60.57
C ILE R 28 -9.75 -33.65 -62.01
N ALA R 29 -10.49 -33.10 -62.96
CA ALA R 29 -10.17 -33.29 -64.38
C ALA R 29 -8.71 -33.03 -64.69
N ILE R 30 -8.23 -31.84 -64.38
CA ILE R 30 -6.88 -31.45 -64.79
C ILE R 30 -5.85 -32.38 -64.15
N SER R 31 -6.06 -32.74 -62.87
CA SER R 31 -5.13 -33.60 -62.18
C SER R 31 -5.04 -34.96 -62.84
N GLN R 32 -6.14 -35.37 -63.50
CA GLN R 32 -6.20 -36.65 -64.21
C GLN R 32 -5.51 -36.60 -65.57
N ILE R 33 -5.65 -35.50 -66.29
CA ILE R 33 -5.02 -35.38 -67.59
C ILE R 33 -3.52 -35.19 -67.47
N ASP R 34 -3.08 -34.42 -66.47
CA ASP R 34 -1.68 -34.00 -66.37
C ASP R 34 -1.16 -34.54 -65.06
N LYS R 35 -0.82 -35.83 -65.08
CA LYS R 35 -0.26 -36.51 -63.92
C LYS R 35 1.24 -36.40 -63.93
N VAL R 36 1.82 -36.58 -62.77
CA VAL R 36 3.28 -36.60 -62.67
C VAL R 36 3.75 -38.01 -62.97
N GLN R 37 4.89 -38.12 -63.68
CA GLN R 37 5.39 -39.39 -64.19
C GLN R 37 5.60 -40.41 -63.08
N ARG R 38 6.72 -40.32 -62.38
CA ARG R 38 6.92 -41.21 -61.26
C ARG R 38 7.17 -42.65 -61.74
N MET S 1 12.83 43.90 -93.66
CA MET S 1 13.72 42.71 -93.50
C MET S 1 13.14 41.63 -92.55
N THR S 2 11.83 41.67 -92.27
CA THR S 2 11.22 40.57 -91.52
C THR S 2 11.46 39.25 -92.23
N ILE S 3 11.46 39.29 -93.57
CA ILE S 3 11.49 38.06 -94.35
C ILE S 3 12.80 37.33 -94.12
N LEU S 4 13.89 38.06 -93.94
CA LEU S 4 15.21 37.47 -93.68
C LEU S 4 15.45 37.15 -92.21
N PHE S 5 14.70 37.75 -91.28
CA PHE S 5 14.77 37.36 -89.88
C PHE S 5 14.00 36.07 -89.61
N GLN S 6 12.71 36.04 -89.97
CA GLN S 6 11.88 34.83 -89.85
C GLN S 6 12.48 33.69 -90.66
N LEU S 7 13.56 33.94 -91.36
CA LEU S 7 14.22 32.88 -92.11
C LEU S 7 15.51 32.40 -91.44
N ALA S 8 16.44 33.31 -91.18
CA ALA S 8 17.63 32.94 -90.44
C ALA S 8 17.28 32.16 -89.19
N LEU S 9 16.15 32.50 -88.57
CA LEU S 9 15.74 31.88 -87.32
C LEU S 9 15.18 30.48 -87.56
N ALA S 10 14.29 30.34 -88.53
CA ALA S 10 13.87 29.02 -88.98
C ALA S 10 15.08 28.12 -89.21
N ALA S 11 16.03 28.60 -90.01
CA ALA S 11 17.24 27.85 -90.33
C ALA S 11 18.04 27.49 -89.08
N LEU S 12 18.12 28.41 -88.11
CA LEU S 12 18.83 28.08 -86.88
C LEU S 12 18.27 26.80 -86.26
N VAL S 13 16.96 26.76 -86.02
CA VAL S 13 16.37 25.61 -85.32
C VAL S 13 16.63 24.32 -86.08
N ILE S 14 16.51 24.37 -87.40
CA ILE S 14 16.77 23.18 -88.23
C ILE S 14 18.21 22.73 -88.07
N LEU S 15 19.15 23.64 -88.29
CA LEU S 15 20.53 23.33 -87.98
C LEU S 15 20.64 22.67 -86.59
N SER S 16 19.94 23.24 -85.60
CA SER S 16 20.13 22.80 -84.24
C SER S 16 19.68 21.36 -84.05
N PHE S 17 18.51 21.03 -84.60
CA PHE S 17 18.00 19.67 -84.51
C PHE S 17 18.92 18.69 -85.22
N VAL S 18 19.47 19.11 -86.35
CA VAL S 18 20.31 18.25 -87.17
C VAL S 18 21.65 17.96 -86.50
N MET S 19 22.13 18.84 -85.67
CA MET S 19 23.41 18.61 -85.02
C MET S 19 23.26 17.99 -83.65
N VAL S 20 22.12 18.16 -82.98
CA VAL S 20 21.84 17.40 -81.77
C VAL S 20 21.86 15.90 -82.07
N ILE S 21 21.34 15.51 -83.24
CA ILE S 21 21.42 14.13 -83.72
C ILE S 21 22.72 13.86 -84.48
N GLY S 22 23.19 14.83 -85.23
CA GLY S 22 24.31 14.57 -86.11
C GLY S 22 25.62 14.39 -85.38
N VAL S 23 25.99 15.39 -84.57
CA VAL S 23 27.29 15.34 -83.90
C VAL S 23 27.46 14.06 -83.08
N PRO S 24 26.52 13.66 -82.22
CA PRO S 24 26.76 12.44 -81.43
C PRO S 24 26.84 11.18 -82.27
N VAL S 25 26.13 11.11 -83.37
CA VAL S 25 26.31 9.91 -84.17
C VAL S 25 27.58 9.98 -84.99
N ALA S 26 28.04 11.17 -85.35
CA ALA S 26 29.33 11.30 -86.05
C ALA S 26 30.51 11.05 -85.11
N TYR S 27 30.41 11.51 -83.85
CA TYR S 27 31.51 11.35 -82.90
C TYR S 27 31.68 9.91 -82.43
N ALA S 28 30.67 9.06 -82.65
CA ALA S 28 30.70 7.69 -82.16
C ALA S 28 30.88 6.65 -83.24
N SER S 29 30.59 6.97 -84.50
CA SER S 29 30.82 6.09 -85.63
C SER S 29 32.18 6.36 -86.25
N PRO S 30 33.24 5.68 -85.81
CA PRO S 30 34.57 5.96 -86.34
C PRO S 30 34.72 5.59 -87.80
N GLN S 31 33.72 4.92 -88.38
CA GLN S 31 33.66 4.71 -89.83
C GLN S 31 34.19 5.94 -90.53
N ASP S 32 33.50 7.05 -90.34
CA ASP S 32 33.95 8.34 -90.87
C ASP S 32 33.77 9.37 -89.76
N TRP S 33 34.78 9.45 -88.90
CA TRP S 33 35.09 10.70 -88.24
C TRP S 33 35.89 11.62 -89.17
N ASP S 34 36.04 11.27 -90.45
CA ASP S 34 36.86 12.03 -91.39
C ASP S 34 36.02 12.94 -92.28
N ARG S 35 35.23 12.37 -93.20
CA ARG S 35 34.19 13.17 -93.87
C ARG S 35 33.37 13.91 -92.84
N SER S 36 33.09 13.24 -91.71
CA SER S 36 32.34 13.89 -90.65
C SER S 36 33.04 15.17 -90.17
N LYS S 37 34.36 15.12 -89.93
CA LYS S 37 35.01 16.33 -89.46
C LYS S 37 34.88 17.46 -90.46
N GLN S 38 34.77 17.13 -91.75
CA GLN S 38 34.47 18.16 -92.74
C GLN S 38 33.04 18.68 -92.56
N LEU S 39 32.11 17.79 -92.18
CA LEU S 39 30.71 18.18 -92.07
C LEU S 39 30.47 19.05 -90.85
N ILE S 40 30.77 18.54 -89.65
CA ILE S 40 30.34 19.25 -88.45
C ILE S 40 31.16 20.52 -88.25
N PHE S 41 32.35 20.62 -88.87
CA PHE S 41 33.16 21.82 -88.73
C PHE S 41 32.51 22.99 -89.44
N LEU S 42 31.93 22.75 -90.61
CA LEU S 42 31.18 23.79 -91.29
C LEU S 42 29.88 24.08 -90.56
N GLY S 43 29.17 23.01 -90.17
CA GLY S 43 27.90 23.18 -89.46
C GLY S 43 28.03 24.01 -88.19
N SER S 44 29.06 23.74 -87.39
CA SER S 44 29.34 24.60 -86.25
C SER S 44 29.50 26.04 -86.71
N GLY S 45 30.32 26.26 -87.74
CA GLY S 45 30.53 27.61 -88.25
C GLY S 45 29.25 28.24 -88.76
N LEU S 46 28.38 27.44 -89.37
CA LEU S 46 27.14 27.98 -89.90
C LEU S 46 26.12 28.27 -88.79
N TRP S 47 26.08 27.41 -87.78
CA TRP S 47 25.34 27.72 -86.56
C TRP S 47 25.82 29.03 -85.98
N ILE S 48 27.13 29.13 -85.70
CA ILE S 48 27.70 30.34 -85.10
C ILE S 48 27.20 31.57 -85.82
N ALA S 49 27.35 31.58 -87.15
CA ALA S 49 26.99 32.73 -87.96
C ALA S 49 25.49 32.92 -88.03
N LEU S 50 24.74 31.82 -88.11
CA LEU S 50 23.29 31.90 -88.01
C LEU S 50 22.86 32.61 -86.73
N VAL S 51 23.39 32.16 -85.58
CA VAL S 51 23.06 32.80 -84.31
C VAL S 51 23.31 34.30 -84.38
N LEU S 52 24.43 34.70 -84.97
CA LEU S 52 24.80 36.11 -84.99
C LEU S 52 23.89 36.93 -85.90
N VAL S 53 23.27 36.30 -86.90
CA VAL S 53 22.35 37.01 -87.80
C VAL S 53 21.05 37.32 -87.08
N VAL S 54 20.40 36.31 -86.53
CA VAL S 54 19.32 36.56 -85.61
C VAL S 54 19.88 37.32 -84.44
N GLY S 55 19.21 38.39 -84.06
CA GLY S 55 19.80 39.16 -82.99
C GLY S 55 20.48 40.40 -83.49
N VAL S 56 21.17 40.31 -84.63
CA VAL S 56 21.32 41.49 -85.47
C VAL S 56 19.95 41.88 -86.05
N LEU S 57 19.37 40.98 -86.82
CA LEU S 57 18.05 41.22 -87.36
C LEU S 57 17.04 41.53 -86.26
N ASN S 58 17.18 40.91 -85.09
CA ASN S 58 16.23 41.04 -83.99
C ASN S 58 15.81 42.48 -83.80
N PHE S 59 16.68 43.40 -84.18
CA PHE S 59 16.43 44.79 -83.91
C PHE S 59 15.63 45.48 -85.01
N PHE S 60 15.74 45.00 -86.23
CA PHE S 60 14.95 45.62 -87.30
C PHE S 60 13.51 45.13 -87.29
N VAL S 61 13.23 44.01 -86.61
CA VAL S 61 11.85 43.57 -86.36
C VAL S 61 11.32 44.01 -84.99
N VAL S 62 12.16 44.60 -84.15
CA VAL S 62 11.88 44.82 -82.71
C VAL S 62 11.10 43.62 -82.16
N ASP T 1 -29.12 -3.33 -72.27
CA ASP T 1 -29.41 -2.30 -73.27
C ASP T 1 -28.28 -2.27 -74.29
N TRP T 2 -28.30 -1.27 -75.17
CA TRP T 2 -27.35 -1.21 -76.28
C TRP T 2 -25.94 -0.81 -75.86
N ARG T 3 -25.79 -0.06 -74.75
CA ARG T 3 -24.45 0.37 -74.34
C ARG T 3 -23.55 -0.81 -74.06
N VAL T 4 -24.15 -1.95 -73.68
CA VAL T 4 -23.41 -3.12 -73.23
C VAL T 4 -22.70 -3.78 -74.39
N LEU T 5 -23.36 -3.85 -75.55
CA LEU T 5 -22.71 -4.43 -76.71
C LEU T 5 -21.57 -3.55 -77.18
N VAL T 6 -21.79 -2.23 -77.18
CA VAL T 6 -20.73 -1.26 -77.45
C VAL T 6 -19.49 -1.69 -76.66
N VAL T 7 -19.58 -1.68 -75.33
CA VAL T 7 -18.45 -2.03 -74.46
C VAL T 7 -17.86 -3.38 -74.86
N LEU T 8 -18.72 -4.38 -75.12
CA LEU T 8 -18.26 -5.76 -75.23
C LEU T 8 -17.60 -6.10 -76.56
N LEU T 9 -17.87 -5.34 -77.61
CA LEU T 9 -17.36 -5.73 -78.91
C LEU T 9 -15.83 -5.82 -78.95
N PRO T 10 -15.07 -4.80 -78.52
CA PRO T 10 -13.61 -4.92 -78.63
C PRO T 10 -13.05 -6.14 -77.91
N VAL T 11 -13.60 -6.49 -76.75
CA VAL T 11 -13.07 -7.65 -76.05
C VAL T 11 -13.22 -8.89 -76.91
N LEU T 12 -14.36 -9.04 -77.61
CA LEU T 12 -14.60 -10.21 -78.46
C LEU T 12 -13.58 -10.31 -79.60
N LEU T 13 -13.30 -9.19 -80.25
CA LEU T 13 -12.35 -9.22 -81.35
C LEU T 13 -10.96 -9.50 -80.83
N ALA T 14 -10.59 -8.87 -79.71
CA ALA T 14 -9.35 -9.24 -79.06
C ALA T 14 -9.30 -10.75 -78.82
N ALA T 15 -10.45 -11.35 -78.49
CA ALA T 15 -10.50 -12.80 -78.30
C ALA T 15 -10.36 -13.52 -79.62
N GLY T 16 -11.18 -13.14 -80.61
CA GLY T 16 -11.08 -13.76 -81.92
C GLY T 16 -9.74 -13.56 -82.59
N TRP T 17 -9.12 -12.39 -82.41
CA TRP T 17 -7.83 -12.12 -83.04
C TRP T 17 -6.72 -12.95 -82.40
N ALA T 18 -6.68 -12.97 -81.07
CA ALA T 18 -5.79 -13.87 -80.36
C ALA T 18 -6.17 -15.33 -80.58
N VAL T 19 -7.47 -15.61 -80.72
CA VAL T 19 -7.89 -16.98 -80.99
C VAL T 19 -7.26 -17.48 -82.28
N ARG T 20 -7.53 -16.80 -83.38
CA ARG T 20 -7.08 -17.29 -84.68
C ARG T 20 -5.55 -17.27 -84.78
N ASN T 21 -4.89 -16.27 -84.19
CA ASN T 21 -3.44 -16.18 -84.30
C ASN T 21 -2.73 -17.30 -83.56
N ILE T 22 -3.30 -17.79 -82.45
CA ILE T 22 -2.60 -18.77 -81.62
C ILE T 22 -3.07 -20.21 -81.87
N LEU T 23 -4.17 -20.40 -82.61
CA LEU T 23 -4.81 -21.70 -82.70
C LEU T 23 -3.85 -22.84 -83.08
N PRO T 24 -3.09 -22.76 -84.16
CA PRO T 24 -2.19 -23.89 -84.50
C PRO T 24 -1.29 -24.32 -83.36
N TYR T 25 -0.62 -23.38 -82.70
CA TYR T 25 0.33 -23.75 -81.65
C TYR T 25 -0.37 -24.29 -80.41
N ALA T 26 -1.60 -23.85 -80.15
CA ALA T 26 -2.35 -24.34 -79.00
C ALA T 26 -2.78 -25.78 -79.14
N VAL T 27 -2.87 -26.29 -80.38
CA VAL T 27 -3.32 -27.66 -80.59
C VAL T 27 -2.21 -28.66 -80.28
N LYS T 28 -0.97 -28.34 -80.66
CA LYS T 28 0.15 -29.21 -80.37
C LYS T 28 0.27 -29.48 -78.87
N GLN T 29 -0.12 -28.51 -78.04
CA GLN T 29 0.04 -28.65 -76.59
C GLN T 29 -0.96 -29.64 -76.02
N VAL T 30 -2.16 -29.68 -76.59
CA VAL T 30 -3.19 -30.59 -76.13
C VAL T 30 -2.89 -32.02 -76.59
N GLN T 31 -2.48 -32.21 -77.84
CA GLN T 31 -1.97 -33.49 -78.30
C GLN T 31 -0.88 -34.00 -77.36
N LYS T 32 0.11 -33.15 -77.08
CA LYS T 32 1.25 -33.56 -76.27
C LYS T 32 0.80 -34.08 -74.91
N LEU T 33 -0.21 -33.44 -74.29
CA LEU T 33 -0.83 -34.04 -73.12
C LEU T 33 -1.40 -35.41 -73.51
N LEU T 34 -0.51 -36.40 -73.70
CA LEU T 34 -0.82 -37.73 -74.21
C LEU T 34 -1.78 -37.67 -75.40
N ALA U 1 -5.47 -61.73 8.07
CA ALA U 1 -6.37 -62.64 8.78
C ALA U 1 -7.84 -62.23 8.57
N ASN U 2 -8.52 -61.76 9.63
CA ASN U 2 -9.86 -61.20 9.51
C ASN U 2 -9.82 -59.67 9.53
N LEU U 3 -10.99 -59.06 9.32
CA LEU U 3 -11.04 -57.61 9.11
C LEU U 3 -10.65 -56.88 10.37
N TRP U 4 -11.34 -57.16 11.50
CA TRP U 4 -11.05 -56.41 12.72
C TRP U 4 -9.57 -56.39 13.05
N GLU U 5 -8.84 -57.47 12.75
CA GLU U 5 -7.43 -57.56 13.11
C GLU U 5 -6.54 -56.81 12.13
N ARG U 6 -6.82 -56.87 10.83
CA ARG U 6 -6.06 -56.08 9.86
C ARG U 6 -6.15 -54.59 10.20
N PHE U 7 -7.30 -54.18 10.69
CA PHE U 7 -7.52 -52.79 11.07
C PHE U 7 -6.83 -52.47 12.37
N CYS U 8 -6.92 -53.38 13.34
CA CYS U 8 -6.22 -53.20 14.61
C CYS U 8 -4.73 -53.07 14.39
N ASN U 9 -4.20 -53.76 13.39
CA ASN U 9 -2.77 -53.73 13.11
C ASN U 9 -2.39 -52.46 12.37
N TRP U 10 -3.31 -51.93 11.56
CA TRP U 10 -3.10 -50.64 10.94
C TRP U 10 -3.12 -49.54 11.98
N VAL U 11 -4.01 -49.66 12.98
CA VAL U 11 -4.19 -48.59 13.94
C VAL U 11 -2.94 -48.46 14.80
N THR U 12 -2.43 -49.60 15.27
CA THR U 12 -1.26 -49.68 16.13
C THR U 12 0.02 -49.84 15.33
N SER U 13 -0.03 -49.59 14.02
CA SER U 13 1.14 -49.69 13.17
C SER U 13 2.21 -48.67 13.51
N THR U 14 3.45 -49.14 13.62
CA THR U 14 4.60 -48.29 13.85
C THR U 14 5.26 -47.84 12.57
N ASP U 15 4.59 -48.04 11.42
CA ASP U 15 5.09 -47.63 10.13
C ASP U 15 4.28 -46.50 9.51
N ASN U 16 3.22 -46.05 10.16
CA ASN U 16 2.52 -44.86 9.71
C ASN U 16 3.36 -43.61 9.99
N ARG U 17 3.41 -42.70 9.00
CA ARG U 17 4.20 -41.47 9.13
C ARG U 17 3.88 -40.77 10.42
N LEU U 18 2.58 -40.71 10.74
CA LEU U 18 2.07 -40.26 12.02
C LEU U 18 1.42 -41.43 12.75
N TYR U 19 1.86 -41.71 13.96
CA TYR U 19 1.23 -42.81 14.70
C TYR U 19 -0.23 -42.53 14.96
N VAL U 20 -1.09 -43.53 14.75
CA VAL U 20 -2.50 -43.39 15.10
C VAL U 20 -2.72 -43.93 16.51
N GLY U 21 -2.89 -45.25 16.68
CA GLY U 21 -3.15 -45.80 18.01
C GLY U 21 -4.61 -45.64 18.45
N TRP U 22 -4.93 -46.26 19.58
CA TRP U 22 -6.32 -46.22 20.05
C TRP U 22 -6.63 -44.85 20.64
N PHE U 23 -5.72 -44.30 21.43
CA PHE U 23 -5.88 -42.90 21.83
C PHE U 23 -5.99 -42.03 20.59
N GLY U 24 -5.28 -42.38 19.53
CA GLY U 24 -5.35 -41.55 18.34
C GLY U 24 -6.68 -41.59 17.66
N VAL U 25 -7.47 -42.63 17.96
CA VAL U 25 -8.77 -42.78 17.33
C VAL U 25 -9.76 -41.77 17.89
N ILE U 26 -9.61 -41.44 19.19
CA ILE U 26 -10.40 -40.39 19.82
C ILE U 26 -9.79 -39.02 19.55
N MET U 27 -8.45 -38.93 19.54
CA MET U 27 -7.75 -37.65 19.45
C MET U 27 -8.04 -36.92 18.14
N ILE U 28 -7.90 -37.62 17.01
CA ILE U 28 -7.95 -37.00 15.70
C ILE U 28 -9.28 -36.29 15.46
N PRO U 29 -10.43 -36.95 15.55
CA PRO U 29 -11.69 -36.27 15.24
C PRO U 29 -12.00 -35.09 16.16
N THR U 30 -11.60 -35.16 17.43
CA THR U 30 -11.90 -34.09 18.38
C THR U 30 -11.02 -32.86 18.20
N LEU U 31 -9.73 -33.06 17.92
CA LEU U 31 -8.88 -31.95 17.54
C LEU U 31 -9.37 -31.32 16.25
N LEU U 32 -9.72 -32.16 15.28
CA LEU U 32 -10.22 -31.62 14.02
C LEU U 32 -11.46 -30.77 14.24
N ALA U 33 -12.42 -31.23 15.04
CA ALA U 33 -13.60 -30.42 15.33
C ALA U 33 -13.22 -29.12 16.06
N ALA U 34 -12.39 -29.21 17.10
CA ALA U 34 -11.99 -28.01 17.84
C ALA U 34 -11.28 -27.01 16.92
N THR U 35 -10.39 -27.50 16.06
CA THR U 35 -9.55 -26.61 15.27
C THR U 35 -10.37 -25.90 14.21
N ILE U 36 -11.27 -26.64 13.57
CA ILE U 36 -12.10 -26.07 12.51
C ILE U 36 -13.08 -25.06 13.09
N CYS U 37 -13.64 -25.34 14.26
CA CYS U 37 -14.59 -24.39 14.83
C CYS U 37 -13.85 -23.14 15.25
N PHE U 38 -12.66 -23.32 15.83
CA PHE U 38 -11.86 -22.19 16.30
C PHE U 38 -11.41 -21.28 15.15
N VAL U 39 -10.97 -21.84 14.02
CA VAL U 39 -10.50 -21.01 12.92
C VAL U 39 -11.67 -20.21 12.36
N ILE U 40 -12.85 -20.83 12.24
CA ILE U 40 -14.01 -20.14 11.69
C ILE U 40 -14.54 -19.06 12.63
N ALA U 41 -14.53 -19.31 13.94
CA ALA U 41 -15.04 -18.34 14.90
C ALA U 41 -14.07 -17.15 15.05
N PHE U 42 -12.78 -17.43 15.25
CA PHE U 42 -11.79 -16.36 15.31
C PHE U 42 -11.98 -15.35 14.17
N ILE U 43 -12.27 -15.85 12.97
CA ILE U 43 -12.34 -15.03 11.77
C ILE U 43 -13.70 -14.36 11.64
N ALA U 44 -14.79 -15.11 11.93
CA ALA U 44 -16.13 -14.72 11.51
C ALA U 44 -17.22 -14.73 12.58
N ALA U 45 -16.99 -15.26 13.77
CA ALA U 45 -18.04 -15.31 14.78
C ALA U 45 -18.56 -13.92 15.10
N PRO U 46 -19.86 -13.72 15.18
CA PRO U 46 -20.38 -12.45 15.60
C PRO U 46 -20.21 -12.23 17.09
N PRO U 47 -20.64 -11.11 17.61
CA PRO U 47 -20.37 -10.81 19.02
C PRO U 47 -21.11 -11.72 19.98
N VAL U 48 -20.52 -11.87 21.16
CA VAL U 48 -20.87 -12.89 22.14
C VAL U 48 -21.13 -12.21 23.47
N ASP U 49 -22.30 -12.46 24.07
CA ASP U 49 -22.62 -11.82 25.35
C ASP U 49 -22.00 -12.64 26.46
N ILE U 50 -20.76 -12.29 26.83
CA ILE U 50 -19.98 -13.13 27.73
C ILE U 50 -20.49 -13.05 29.17
N ASP U 51 -20.90 -11.87 29.65
CA ASP U 51 -21.22 -11.73 31.08
C ASP U 51 -22.72 -11.80 31.37
N GLY U 52 -23.54 -12.25 30.39
CA GLY U 52 -24.94 -12.44 30.63
C GLY U 52 -25.74 -11.17 30.75
N ILE U 53 -25.16 -10.02 30.41
CA ILE U 53 -25.84 -8.75 30.62
C ILE U 53 -26.25 -8.10 29.30
N ARG U 54 -26.37 -8.90 28.23
CA ARG U 54 -26.77 -8.37 26.92
C ARG U 54 -25.82 -7.24 26.48
N GLU U 55 -24.53 -7.50 26.62
CA GLU U 55 -23.50 -6.54 26.30
C GLU U 55 -22.45 -7.27 25.48
N PRO U 56 -22.77 -7.57 24.23
CA PRO U 56 -21.91 -8.49 23.46
C PRO U 56 -20.52 -7.93 23.20
N VAL U 57 -19.53 -8.82 23.32
CA VAL U 57 -18.12 -8.55 23.10
C VAL U 57 -17.72 -9.13 21.75
N SER U 58 -17.23 -8.28 20.87
CA SER U 58 -16.75 -8.69 19.55
C SER U 58 -15.36 -9.29 19.66
N GLY U 59 -15.18 -10.52 19.17
CA GLY U 59 -13.88 -11.15 19.21
C GLY U 59 -13.28 -11.53 17.86
N SER U 60 -13.96 -11.27 16.75
CA SER U 60 -13.53 -11.84 15.48
C SER U 60 -12.98 -10.78 14.50
N LEU U 61 -12.01 -11.20 13.70
CA LEU U 61 -11.37 -10.32 12.73
C LEU U 61 -12.35 -9.53 11.87
N LEU U 62 -13.42 -10.16 11.36
CA LEU U 62 -14.33 -9.43 10.50
C LEU U 62 -15.18 -8.42 11.24
N TYR U 63 -15.29 -8.53 12.56
CA TYR U 63 -16.00 -7.55 13.36
C TYR U 63 -15.06 -6.60 14.07
N GLY U 64 -13.96 -6.24 13.45
CA GLY U 64 -13.16 -5.14 13.93
C GLY U 64 -11.97 -5.51 14.78
N ASN U 65 -11.56 -6.76 14.80
CA ASN U 65 -10.45 -7.19 15.62
C ASN U 65 -9.22 -7.37 14.76
N ASN U 66 -8.08 -7.41 15.42
CA ASN U 66 -6.86 -7.89 14.79
C ASN U 66 -6.36 -9.14 15.53
N ILE U 67 -5.20 -9.63 15.12
CA ILE U 67 -4.66 -10.85 15.69
C ILE U 67 -4.51 -10.73 17.19
N ILE U 68 -4.20 -9.54 17.67
CA ILE U 68 -3.93 -9.36 19.08
C ILE U 68 -5.18 -9.06 19.90
N THR U 69 -6.19 -8.44 19.30
CA THR U 69 -7.40 -8.19 20.05
C THR U 69 -8.44 -9.29 19.89
N GLY U 70 -8.34 -10.11 18.86
CA GLY U 70 -9.36 -11.10 18.64
C GLY U 70 -9.34 -12.26 19.62
N ALA U 71 -10.47 -12.95 19.65
CA ALA U 71 -10.59 -14.13 20.50
C ALA U 71 -11.89 -14.83 20.20
N VAL U 72 -11.93 -16.12 20.55
CA VAL U 72 -13.19 -16.81 20.69
C VAL U 72 -13.65 -16.59 22.11
N VAL U 73 -14.87 -16.07 22.25
CA VAL U 73 -15.30 -15.51 23.52
C VAL U 73 -16.01 -16.55 24.39
N PRO U 74 -15.68 -16.65 25.69
CA PRO U 74 -16.40 -17.60 26.57
C PRO U 74 -17.92 -17.46 26.51
N SER U 75 -18.60 -18.59 26.69
CA SER U 75 -20.07 -18.59 26.71
C SER U 75 -20.62 -17.78 27.89
N SER U 76 -21.89 -17.38 27.74
CA SER U 76 -22.54 -16.42 28.62
C SER U 76 -22.67 -16.88 30.07
N ASN U 77 -22.67 -15.91 30.99
CA ASN U 77 -22.87 -16.24 32.39
C ASN U 77 -24.29 -16.77 32.65
N ALA U 78 -25.24 -16.40 31.80
CA ALA U 78 -26.61 -16.87 31.96
C ALA U 78 -26.67 -18.38 31.82
N ILE U 79 -25.73 -18.95 31.03
CA ILE U 79 -25.57 -20.40 30.93
C ILE U 79 -24.90 -20.96 32.18
N GLY U 80 -23.92 -20.24 32.75
CA GLY U 80 -23.18 -20.74 33.89
C GLY U 80 -22.44 -22.01 33.54
N LEU U 81 -22.85 -23.15 34.13
CA LEU U 81 -22.22 -24.45 33.88
C LEU U 81 -23.10 -25.42 33.09
N HIS U 82 -24.24 -24.98 32.57
CA HIS U 82 -25.10 -25.86 31.82
C HIS U 82 -24.44 -26.29 30.50
N PHE U 83 -24.67 -27.52 30.08
CA PHE U 83 -24.22 -28.01 28.79
C PHE U 83 -24.99 -27.26 27.70
N TYR U 84 -24.31 -26.84 26.64
CA TYR U 84 -24.95 -26.04 25.58
C TYR U 84 -24.47 -26.48 24.21
N PRO U 85 -24.71 -27.73 23.84
CA PRO U 85 -24.44 -28.16 22.46
C PRO U 85 -25.28 -27.32 21.51
N ILE U 86 -24.88 -27.35 20.25
CA ILE U 86 -25.67 -26.72 19.21
C ILE U 86 -27.12 -27.20 19.27
N TRP U 87 -27.33 -28.51 19.56
CA TRP U 87 -28.69 -29.00 19.42
C TRP U 87 -29.63 -28.43 20.48
N GLU U 88 -29.08 -27.86 21.55
CA GLU U 88 -29.85 -27.26 22.62
C GLU U 88 -30.32 -25.87 22.30
N ALA U 89 -29.85 -25.28 21.21
CA ALA U 89 -30.21 -23.93 20.84
C ALA U 89 -31.37 -23.99 19.87
N ALA U 90 -32.14 -22.91 19.85
CA ALA U 90 -33.19 -22.81 18.85
C ALA U 90 -32.66 -22.44 17.46
N SER U 91 -31.43 -21.96 17.34
CA SER U 91 -30.90 -21.56 16.04
C SER U 91 -29.39 -21.37 16.17
N LEU U 92 -28.66 -21.54 15.07
CA LEU U 92 -27.23 -21.20 15.15
C LEU U 92 -27.06 -19.76 15.62
N ASP U 93 -28.01 -18.90 15.26
CA ASP U 93 -27.97 -17.50 15.63
C ASP U 93 -28.01 -17.32 17.14
N GLU U 94 -28.90 -18.04 17.83
CA GLU U 94 -28.88 -18.00 19.29
C GLU U 94 -27.59 -18.55 19.83
N TRP U 95 -27.23 -19.75 19.41
CA TRP U 95 -25.99 -20.37 19.83
C TRP U 95 -24.80 -19.42 19.68
N LEU U 96 -24.67 -18.74 18.53
CA LEU U 96 -23.52 -17.84 18.35
C LEU U 96 -23.58 -16.71 19.35
N TYR U 97 -24.76 -16.14 19.53
CA TYR U 97 -24.94 -15.06 20.48
C TYR U 97 -24.46 -15.45 21.88
N ASN U 98 -24.83 -16.64 22.34
CA ASN U 98 -24.64 -16.99 23.74
C ASN U 98 -23.32 -17.69 23.97
N GLY U 99 -22.54 -17.92 22.93
CA GLY U 99 -21.15 -18.27 23.09
C GLY U 99 -20.86 -19.73 22.91
N GLY U 100 -21.70 -20.46 22.18
CA GLY U 100 -21.59 -21.88 22.04
C GLY U 100 -20.27 -22.36 21.45
N PRO U 101 -19.73 -21.68 20.45
CA PRO U 101 -18.47 -22.17 19.89
C PRO U 101 -17.42 -22.36 20.97
N TYR U 102 -17.42 -21.53 22.00
CA TYR U 102 -16.43 -21.67 23.06
C TYR U 102 -16.53 -23.03 23.76
N GLN U 103 -17.77 -23.48 24.07
CA GLN U 103 -17.98 -24.78 24.73
C GLN U 103 -17.63 -25.93 23.80
N LEU U 104 -18.00 -25.82 22.53
CA LEU U 104 -17.67 -26.85 21.56
C LEU U 104 -16.16 -27.01 21.46
N ILE U 105 -15.46 -25.86 21.39
CA ILE U 105 -14.04 -25.88 21.16
C ILE U 105 -13.31 -26.45 22.38
N ILE U 106 -13.65 -26.00 23.59
CA ILE U 106 -12.80 -26.41 24.71
C ILE U 106 -13.01 -27.86 25.13
N PHE U 107 -14.21 -28.42 24.92
CA PHE U 107 -14.41 -29.83 25.26
C PHE U 107 -13.74 -30.73 24.25
N HIS U 108 -13.90 -30.44 22.95
CA HIS U 108 -13.22 -31.28 21.96
C HIS U 108 -11.71 -31.19 22.13
N PHE U 109 -11.22 -30.03 22.60
CA PHE U 109 -9.78 -29.83 22.74
C PHE U 109 -9.25 -30.52 23.98
N LEU U 110 -9.90 -30.28 25.13
CA LEU U 110 -9.50 -30.95 26.35
C LEU U 110 -9.52 -32.44 26.15
N LEU U 111 -10.57 -32.94 25.51
CA LEU U 111 -10.61 -34.37 25.24
C LEU U 111 -9.45 -34.79 24.35
N GLY U 112 -9.27 -34.12 23.21
CA GLY U 112 -8.25 -34.53 22.25
C GLY U 112 -6.84 -34.40 22.79
N ALA U 113 -6.62 -33.41 23.68
CA ALA U 113 -5.31 -33.22 24.31
C ALA U 113 -5.02 -34.25 25.40
N SER U 114 -6.04 -34.70 26.13
CA SER U 114 -5.85 -35.82 27.07
C SER U 114 -5.47 -37.11 26.34
N CYS U 115 -5.98 -37.29 25.12
CA CYS U 115 -5.60 -38.47 24.34
C CYS U 115 -4.26 -38.28 23.65
N TYR U 116 -3.91 -37.04 23.31
CA TYR U 116 -2.52 -36.78 22.96
C TYR U 116 -1.60 -37.36 24.01
N MET U 117 -1.90 -37.09 25.28
CA MET U 117 -1.06 -37.57 26.37
C MET U 117 -0.98 -39.09 26.33
N GLY U 118 -2.13 -39.77 26.23
CA GLY U 118 -2.10 -41.22 26.19
C GLY U 118 -1.37 -41.76 24.98
N ARG U 119 -1.46 -41.04 23.87
CA ARG U 119 -0.75 -41.45 22.65
C ARG U 119 0.75 -41.45 22.86
N GLN U 120 1.26 -40.47 23.58
CA GLN U 120 2.67 -40.46 23.90
C GLN U 120 3.08 -41.71 24.65
N TRP U 121 2.27 -42.14 25.64
CA TRP U 121 2.50 -43.44 26.25
C TRP U 121 2.39 -44.56 25.20
N GLU U 122 1.34 -44.52 24.39
CA GLU U 122 1.04 -45.68 23.55
C GLU U 122 2.17 -45.95 22.57
N LEU U 123 2.72 -44.91 21.94
CA LEU U 123 3.77 -45.18 20.95
C LEU U 123 5.08 -45.53 21.60
N SER U 124 5.29 -45.11 22.86
CA SER U 124 6.50 -45.50 23.56
C SER U 124 6.45 -47.00 23.89
N TYR U 125 5.25 -47.55 24.12
CA TYR U 125 5.12 -48.99 24.37
C TYR U 125 5.39 -49.81 23.11
N ARG U 126 4.84 -49.39 21.95
CA ARG U 126 5.16 -50.05 20.70
C ARG U 126 6.63 -49.89 20.30
N LEU U 127 7.34 -48.90 20.83
CA LEU U 127 8.72 -48.70 20.42
C LEU U 127 9.73 -49.26 21.41
N GLY U 128 9.28 -49.80 22.53
CA GLY U 128 10.21 -50.38 23.47
C GLY U 128 10.89 -49.37 24.34
N MET U 129 10.27 -48.21 24.53
CA MET U 129 10.84 -47.11 25.28
C MET U 129 10.38 -47.09 26.72
N ARG U 130 11.08 -46.29 27.52
CA ARG U 130 10.60 -45.98 28.84
C ARG U 130 9.43 -45.02 28.71
N PRO U 131 8.47 -45.06 29.62
CA PRO U 131 7.10 -44.61 29.30
C PRO U 131 6.74 -43.20 29.74
N TRP U 132 7.64 -42.42 30.35
CA TRP U 132 7.26 -41.29 31.20
C TRP U 132 7.27 -39.93 30.52
N ILE U 133 7.54 -39.86 29.21
CA ILE U 133 7.36 -38.59 28.50
C ILE U 133 5.97 -38.03 28.80
N CYS U 134 4.94 -38.84 28.61
CA CYS U 134 3.57 -38.40 28.87
C CYS U 134 3.42 -37.77 30.25
N VAL U 135 4.22 -38.19 31.22
CA VAL U 135 4.16 -37.57 32.53
C VAL U 135 4.57 -36.11 32.45
N ALA U 136 5.60 -35.82 31.64
CA ALA U 136 6.04 -34.44 31.50
C ALA U 136 4.95 -33.61 30.87
N TYR U 137 4.34 -34.12 29.80
CA TYR U 137 3.30 -33.37 29.12
C TYR U 137 2.12 -33.10 30.05
N SER U 138 1.93 -33.95 31.08
CA SER U 138 0.83 -33.72 32.01
C SER U 138 0.92 -32.38 32.73
N ALA U 139 2.10 -31.73 32.74
CA ALA U 139 2.19 -30.45 33.42
C ALA U 139 1.52 -29.34 32.61
N PRO U 140 1.79 -29.24 31.29
CA PRO U 140 0.98 -28.31 30.47
C PRO U 140 -0.48 -28.71 30.36
N LEU U 141 -0.77 -30.00 30.21
CA LEU U 141 -2.17 -30.46 30.13
C LEU U 141 -2.93 -30.01 31.35
N ALA U 142 -2.35 -30.25 32.53
CA ALA U 142 -3.02 -29.94 33.78
C ALA U 142 -3.29 -28.45 33.89
N SER U 143 -2.31 -27.63 33.44
CA SER U 143 -2.48 -26.18 33.38
C SER U 143 -3.64 -25.77 32.50
N ALA U 144 -3.82 -26.45 31.36
CA ALA U 144 -4.96 -26.16 30.50
C ALA U 144 -6.28 -26.56 31.12
N PHE U 145 -6.34 -27.71 31.80
CA PHE U 145 -7.58 -28.06 32.48
C PHE U 145 -7.92 -26.99 33.51
N ALA U 146 -6.90 -26.44 34.17
CA ALA U 146 -7.15 -25.41 35.18
C ALA U 146 -7.87 -24.21 34.63
N VAL U 147 -7.38 -23.60 33.55
CA VAL U 147 -8.02 -22.33 33.16
C VAL U 147 -9.29 -22.57 32.38
N PHE U 148 -9.45 -23.73 31.78
CA PHE U 148 -10.60 -24.00 30.92
C PHE U 148 -11.69 -24.83 31.60
N LEU U 149 -11.36 -25.62 32.61
CA LEU U 149 -12.32 -26.49 33.28
C LEU U 149 -12.44 -26.21 34.77
N ILE U 150 -11.34 -26.29 35.52
CA ILE U 150 -11.43 -26.31 36.97
C ILE U 150 -11.89 -24.96 37.48
N TYR U 151 -11.33 -23.87 36.92
CA TYR U 151 -11.61 -22.54 37.42
C TYR U 151 -13.07 -22.18 37.15
N PRO U 152 -13.61 -22.47 35.96
CA PRO U 152 -15.06 -22.31 35.76
C PRO U 152 -15.92 -23.10 36.73
N ILE U 153 -15.51 -24.31 37.08
CA ILE U 153 -16.30 -25.10 38.03
C ILE U 153 -16.39 -24.41 39.38
N GLY U 154 -15.25 -24.00 39.92
CA GLY U 154 -15.26 -23.43 41.25
C GLY U 154 -15.99 -22.12 41.27
N GLN U 155 -15.99 -21.41 40.16
CA GLN U 155 -16.59 -20.09 40.13
C GLN U 155 -17.96 -20.11 39.51
N GLY U 156 -18.42 -21.29 39.07
CA GLY U 156 -19.79 -21.49 38.63
C GLY U 156 -20.12 -20.98 37.25
N SER U 157 -19.16 -20.92 36.33
CA SER U 157 -19.50 -20.45 35.00
C SER U 157 -18.31 -20.48 34.06
N PHE U 158 -18.58 -20.98 32.86
CA PHE U 158 -17.59 -20.98 31.80
C PHE U 158 -17.34 -19.56 31.29
N SER U 159 -18.26 -18.64 31.58
CA SER U 159 -18.02 -17.21 31.34
C SER U 159 -16.76 -16.67 32.03
N ASP U 160 -16.28 -17.32 33.10
CA ASP U 160 -15.04 -16.97 33.78
C ASP U 160 -13.87 -17.90 33.44
N GLY U 161 -13.99 -18.75 32.45
CA GLY U 161 -12.84 -19.44 31.93
C GLY U 161 -11.99 -18.49 31.12
N MET U 162 -10.79 -18.96 30.78
CA MET U 162 -9.86 -18.15 30.01
C MET U 162 -10.36 -18.02 28.59
N PRO U 163 -10.38 -16.80 28.02
CA PRO U 163 -10.74 -16.64 26.62
C PRO U 163 -9.67 -17.19 25.67
N LEU U 164 -10.13 -17.49 24.46
CA LEU U 164 -9.25 -18.03 23.43
C LEU U 164 -8.78 -16.85 22.59
N GLY U 165 -7.82 -16.11 23.15
CA GLY U 165 -7.33 -14.88 22.55
C GLY U 165 -6.13 -14.32 23.29
N ILE U 166 -5.35 -13.55 22.55
CA ILE U 166 -4.14 -12.93 23.10
C ILE U 166 -4.52 -11.89 24.15
N SER U 167 -5.33 -10.91 23.77
CA SER U 167 -5.78 -9.90 24.74
C SER U 167 -6.70 -10.51 25.78
N GLY U 168 -7.61 -11.38 25.35
CA GLY U 168 -8.47 -12.07 26.33
C GLY U 168 -7.69 -12.79 27.43
N THR U 169 -6.53 -13.35 27.09
CA THR U 169 -5.70 -13.99 28.11
C THR U 169 -5.26 -12.96 29.15
N PHE U 170 -4.75 -11.79 28.71
CA PHE U 170 -4.40 -10.73 29.65
C PHE U 170 -5.60 -10.34 30.51
N ASN U 171 -6.78 -10.22 29.90
CA ASN U 171 -7.96 -9.86 30.68
C ASN U 171 -8.12 -10.80 31.86
N PHE U 172 -8.00 -12.11 31.57
CA PHE U 172 -8.15 -13.15 32.57
C PHE U 172 -7.09 -13.07 33.67
N MET U 173 -5.84 -12.78 33.30
CA MET U 173 -4.78 -12.65 34.30
C MET U 173 -5.04 -11.49 35.23
N ILE U 174 -5.48 -10.36 34.70
CA ILE U 174 -5.62 -9.18 35.55
C ILE U 174 -6.75 -9.36 36.56
N VAL U 175 -7.87 -9.90 36.08
CA VAL U 175 -9.01 -10.14 36.96
C VAL U 175 -8.67 -11.20 38.00
N PHE U 176 -7.84 -12.19 37.63
CA PHE U 176 -7.37 -13.16 38.59
C PHE U 176 -6.57 -12.51 39.73
N GLN U 177 -5.82 -11.45 39.42
CA GLN U 177 -4.93 -10.86 40.42
C GLN U 177 -5.75 -10.10 41.43
N ALA U 178 -6.72 -9.34 40.94
CA ALA U 178 -7.63 -8.60 41.81
C ALA U 178 -8.47 -9.50 42.69
N GLU U 179 -8.87 -10.67 42.19
CA GLU U 179 -9.84 -11.46 42.92
C GLU U 179 -9.19 -12.52 43.81
N HIS U 180 -7.90 -12.81 43.59
CA HIS U 180 -7.20 -13.85 44.32
C HIS U 180 -5.79 -13.50 44.80
N ASN U 181 -5.19 -12.40 44.34
CA ASN U 181 -3.81 -12.04 44.67
C ASN U 181 -2.87 -13.20 44.38
N ILE U 182 -2.93 -13.64 43.12
CA ILE U 182 -2.13 -14.76 42.68
C ILE U 182 -0.63 -14.46 42.83
N LEU U 183 -0.21 -13.22 42.62
CA LEU U 183 1.21 -12.90 42.80
C LEU U 183 1.67 -13.22 44.21
N MET U 184 0.82 -12.95 45.21
CA MET U 184 1.14 -13.37 46.58
C MET U 184 0.83 -14.87 46.87
N HIS U 185 0.57 -15.69 45.90
CA HIS U 185 0.37 -17.12 46.20
C HIS U 185 1.68 -17.91 46.02
N PRO U 186 2.04 -18.76 46.98
CA PRO U 186 3.28 -19.54 46.82
C PRO U 186 3.29 -20.49 45.64
N PHE U 187 2.14 -21.00 45.21
CA PHE U 187 2.16 -21.99 44.13
C PHE U 187 2.53 -21.34 42.80
N HIS U 188 2.11 -20.09 42.61
CA HIS U 188 2.50 -19.35 41.43
C HIS U 188 3.93 -18.85 41.52
N GLN U 189 4.40 -18.52 42.72
CA GLN U 189 5.82 -18.26 42.92
C GLN U 189 6.61 -19.50 42.56
N LEU U 190 6.08 -20.68 42.87
CA LEU U 190 6.71 -21.92 42.47
C LEU U 190 6.66 -22.11 40.98
N GLY U 191 5.61 -21.58 40.33
CA GLY U 191 5.53 -21.65 38.88
C GLY U 191 6.55 -20.76 38.17
N VAL U 192 6.82 -19.56 38.71
CA VAL U 192 7.80 -18.65 38.10
C VAL U 192 9.20 -19.24 38.24
N ALA U 193 9.59 -19.57 39.46
CA ALA U 193 10.79 -20.38 39.63
C ALA U 193 10.77 -21.57 38.68
N GLY U 194 9.58 -22.13 38.42
CA GLY U 194 9.47 -23.21 37.46
C GLY U 194 10.06 -22.85 36.10
N VAL U 195 9.64 -21.72 35.54
CA VAL U 195 9.90 -21.41 34.14
C VAL U 195 11.10 -20.47 33.96
N PHE U 196 11.33 -19.50 34.84
CA PHE U 196 12.64 -18.86 34.87
C PHE U 196 13.74 -19.90 34.99
N GLY U 197 13.56 -20.83 35.93
CA GLY U 197 14.59 -21.81 36.20
C GLY U 197 14.76 -22.77 35.05
N GLY U 198 13.63 -23.13 34.42
CA GLY U 198 13.71 -23.96 33.22
C GLY U 198 14.48 -23.27 32.11
N ALA U 199 14.15 -22.00 31.82
CA ALA U 199 14.86 -21.28 30.76
C ALA U 199 16.35 -21.12 31.09
N LEU U 200 16.64 -20.74 32.33
CA LEU U 200 18.01 -20.75 32.83
C LEU U 200 18.74 -22.04 32.49
N PHE U 201 18.26 -23.16 33.03
CA PHE U 201 18.90 -24.45 32.82
C PHE U 201 18.92 -24.86 31.36
N CYS U 202 17.93 -24.40 30.58
CA CYS U 202 17.93 -24.56 29.13
C CYS U 202 19.11 -23.81 28.49
N ALA U 203 19.22 -22.50 28.74
CA ALA U 203 20.36 -21.76 28.25
C ALA U 203 21.68 -22.38 28.76
N MET U 204 21.73 -22.80 30.04
CA MET U 204 22.93 -23.40 30.60
C MET U 204 23.29 -24.74 29.94
N HIS U 205 22.34 -25.66 29.86
CA HIS U 205 22.68 -26.97 29.30
C HIS U 205 23.14 -26.85 27.86
N GLY U 206 22.39 -26.10 27.04
CA GLY U 206 22.83 -25.83 25.71
C GLY U 206 24.20 -25.15 25.70
N SER U 207 24.33 -24.01 26.39
CA SER U 207 25.60 -23.29 26.36
C SER U 207 26.77 -24.19 26.78
N LEU U 208 26.55 -25.13 27.69
CA LEU U 208 27.68 -25.92 28.17
C LEU U 208 27.99 -27.09 27.28
N VAL U 209 26.99 -27.62 26.57
CA VAL U 209 27.24 -28.66 25.58
C VAL U 209 27.83 -28.05 24.30
N THR U 210 27.33 -26.90 23.89
CA THR U 210 27.89 -26.22 22.73
C THR U 210 29.32 -25.77 23.01
N SER U 211 29.64 -25.43 24.26
CA SER U 211 31.01 -25.05 24.62
C SER U 211 31.99 -26.21 24.50
N SER U 212 31.51 -27.44 24.58
CA SER U 212 32.39 -28.60 24.70
C SER U 212 32.29 -29.52 23.50
N LEU U 213 31.77 -29.01 22.38
CA LEU U 213 31.79 -29.69 21.10
C LEU U 213 33.22 -30.03 20.67
N ILE U 214 33.40 -31.23 20.08
CA ILE U 214 34.70 -31.71 19.64
C ILE U 214 35.00 -31.20 18.25
N ARG U 215 36.18 -30.64 18.07
CA ARG U 215 36.55 -30.13 16.76
C ARG U 215 36.41 -31.26 15.76
N GLU U 216 35.46 -31.10 14.85
CA GLU U 216 35.17 -32.10 13.82
C GLU U 216 35.10 -31.46 12.43
N THR U 217 35.26 -30.15 12.33
CA THR U 217 35.01 -29.35 11.15
C THR U 217 36.10 -28.29 11.05
N THR U 218 36.13 -27.57 9.95
CA THR U 218 36.97 -26.39 9.81
C THR U 218 36.14 -25.13 10.06
N GLU U 219 36.83 -23.99 10.09
CA GLU U 219 36.17 -22.74 10.46
C GLU U 219 35.17 -22.25 9.40
N THR U 220 35.05 -22.90 8.25
CA THR U 220 34.14 -22.45 7.20
C THR U 220 32.84 -23.23 7.16
N GLU U 221 32.71 -24.26 7.96
CA GLU U 221 31.54 -25.10 7.92
C GLU U 221 30.85 -24.93 9.27
N SER U 222 29.52 -25.11 9.25
CA SER U 222 28.79 -25.18 10.51
C SER U 222 29.39 -26.27 11.37
N ALA U 223 29.56 -25.97 12.66
CA ALA U 223 29.94 -27.01 13.61
C ALA U 223 28.98 -28.17 13.56
N ASN U 224 27.72 -27.91 13.18
CA ASN U 224 26.65 -28.90 13.25
C ASN U 224 26.95 -30.13 12.40
N TYR U 225 27.74 -30.00 11.33
CA TYR U 225 28.05 -31.19 10.54
C TYR U 225 29.11 -32.08 11.21
N GLY U 226 29.65 -31.68 12.35
CA GLY U 226 30.49 -32.57 13.13
C GLY U 226 29.74 -33.70 13.79
N TYR U 227 28.42 -33.61 13.81
CA TYR U 227 27.57 -34.71 14.25
C TYR U 227 26.87 -35.31 13.03
N LYS U 228 26.84 -36.64 13.00
CA LYS U 228 26.04 -37.38 12.04
C LYS U 228 25.06 -38.23 12.83
N PHE U 229 23.92 -38.49 12.23
CA PHE U 229 22.76 -39.02 12.92
C PHE U 229 22.90 -40.52 13.20
N GLY U 230 22.58 -40.89 14.43
CA GLY U 230 22.71 -42.26 14.88
C GLY U 230 24.13 -42.68 15.11
N GLN U 231 25.08 -41.76 14.99
CA GLN U 231 26.47 -42.08 15.26
C GLN U 231 26.60 -42.72 16.64
N GLU U 232 27.56 -43.65 16.76
CA GLU U 232 27.69 -44.42 17.99
C GLU U 232 28.21 -43.56 19.13
N GLU U 233 29.12 -42.62 18.84
CA GLU U 233 29.87 -41.89 19.85
C GLU U 233 29.25 -40.53 20.16
N GLU U 234 29.81 -39.88 21.20
CA GLU U 234 29.37 -38.58 21.65
C GLU U 234 30.13 -37.46 20.92
N THR U 235 29.50 -36.29 20.86
CA THR U 235 30.03 -35.14 20.14
C THR U 235 30.48 -34.01 21.05
N TYR U 236 30.56 -34.26 22.34
CA TYR U 236 31.08 -33.25 23.25
C TYR U 236 31.75 -33.98 24.39
N ASN U 237 32.68 -33.30 25.02
CA ASN U 237 33.42 -33.85 26.14
C ASN U 237 32.72 -33.38 27.39
N ILE U 238 31.94 -34.27 28.01
CA ILE U 238 31.22 -33.89 29.23
C ILE U 238 32.21 -33.66 30.36
N VAL U 239 33.26 -34.47 30.43
CA VAL U 239 34.34 -34.24 31.39
C VAL U 239 34.85 -32.80 31.27
N ALA U 240 34.89 -32.28 30.05
CA ALA U 240 35.39 -30.92 29.84
C ALA U 240 34.36 -29.89 30.30
N ALA U 241 33.07 -30.17 30.09
CA ALA U 241 32.04 -29.24 30.56
C ALA U 241 31.96 -29.21 32.09
N HIS U 242 32.07 -30.39 32.73
CA HIS U 242 32.15 -30.45 34.20
C HIS U 242 33.34 -29.66 34.72
N GLY U 243 34.51 -29.84 34.11
CA GLY U 243 35.70 -29.10 34.51
C GLY U 243 35.53 -27.60 34.41
N TYR U 244 34.85 -27.11 33.34
CA TYR U 244 34.54 -25.69 33.22
C TYR U 244 33.52 -25.23 34.26
N PHE U 245 32.38 -25.94 34.36
CA PHE U 245 31.30 -25.46 35.21
C PHE U 245 31.58 -25.74 36.67
N GLY U 246 32.15 -26.93 36.96
CA GLY U 246 32.67 -27.24 38.27
C GLY U 246 33.63 -26.20 38.80
N ARG U 247 34.29 -25.46 37.92
CA ARG U 247 35.11 -24.35 38.38
C ARG U 247 34.41 -23.01 38.35
N LEU U 248 33.47 -22.80 37.44
CA LEU U 248 32.64 -21.60 37.50
C LEU U 248 32.07 -21.41 38.91
N ILE U 249 31.77 -22.51 39.61
CA ILE U 249 31.11 -22.44 40.91
C ILE U 249 31.95 -23.20 41.95
N PHE U 250 31.66 -24.47 42.13
CA PHE U 250 32.59 -25.37 42.78
C PHE U 250 32.25 -26.77 42.29
N GLN U 251 33.13 -27.72 42.61
CA GLN U 251 33.16 -28.99 41.88
C GLN U 251 31.86 -29.79 42.02
N TYR U 252 31.18 -29.67 43.16
CA TYR U 252 30.05 -30.57 43.41
C TYR U 252 28.72 -29.91 43.13
N ALA U 253 28.73 -28.64 42.87
CA ALA U 253 27.59 -28.02 42.26
C ALA U 253 27.50 -28.36 40.87
N SER U 254 28.36 -29.22 40.37
CA SER U 254 28.36 -29.53 38.94
C SER U 254 28.08 -31.01 38.75
N PHE U 255 27.19 -31.29 37.79
CA PHE U 255 26.81 -32.65 37.44
C PHE U 255 27.90 -33.28 36.58
N ASN U 256 28.21 -34.53 36.87
CA ASN U 256 29.11 -35.30 36.00
C ASN U 256 28.48 -36.59 35.52
N ASN U 257 27.27 -36.89 35.96
CA ASN U 257 26.48 -38.01 35.47
C ASN U 257 25.49 -37.47 34.44
N SER U 258 25.56 -37.99 33.22
CA SER U 258 24.65 -37.53 32.18
C SER U 258 23.20 -37.80 32.56
N ARG U 259 22.94 -38.96 33.18
CA ARG U 259 21.59 -39.34 33.51
C ARG U 259 21.04 -38.46 34.62
N SER U 260 21.82 -38.23 35.65
CA SER U 260 21.35 -37.34 36.70
C SER U 260 21.06 -35.96 36.14
N LEU U 261 21.87 -35.51 35.18
CA LEU U 261 21.79 -34.14 34.65
C LEU U 261 20.48 -33.94 33.89
N HIS U 262 20.08 -34.92 33.07
CA HIS U 262 18.86 -34.76 32.29
C HIS U 262 17.61 -34.97 33.13
N PHE U 263 17.63 -35.89 34.08
CA PHE U 263 16.45 -36.02 34.93
C PHE U 263 16.20 -34.73 35.69
N PHE U 264 17.28 -34.03 36.06
CA PHE U 264 17.13 -32.73 36.70
C PHE U 264 16.40 -31.78 35.76
N LEU U 265 16.82 -31.73 34.48
CA LEU U 265 16.19 -30.84 33.51
C LEU U 265 14.73 -31.18 33.29
N ALA U 266 14.36 -32.46 33.40
CA ALA U 266 12.95 -32.79 33.25
C ALA U 266 12.14 -32.36 34.46
N ALA U 267 12.70 -32.58 35.65
CA ALA U 267 11.93 -32.51 36.87
C ALA U 267 11.62 -31.08 37.28
N TRP U 268 12.57 -30.16 37.12
CA TRP U 268 12.41 -28.80 37.59
C TRP U 268 11.17 -28.13 37.00
N PRO U 269 11.13 -27.86 35.70
CA PRO U 269 9.95 -27.17 35.17
C PRO U 269 8.68 -27.97 35.31
N VAL U 270 8.74 -29.31 35.22
CA VAL U 270 7.52 -30.10 35.35
C VAL U 270 6.88 -29.87 36.72
N VAL U 271 7.68 -29.94 37.78
CA VAL U 271 7.14 -29.81 39.13
C VAL U 271 6.61 -28.40 39.33
N GLY U 272 7.44 -27.41 38.98
CA GLY U 272 7.00 -26.05 39.15
C GLY U 272 5.69 -25.81 38.47
N VAL U 273 5.57 -26.31 37.23
CA VAL U 273 4.36 -26.08 36.48
C VAL U 273 3.19 -26.87 37.08
N TRP U 274 3.45 -28.07 37.61
CA TRP U 274 2.46 -28.74 38.43
C TRP U 274 2.01 -27.82 39.54
N PHE U 275 2.94 -27.16 40.20
CA PHE U 275 2.47 -26.32 41.30
C PHE U 275 1.64 -25.14 40.81
N THR U 276 2.03 -24.50 39.73
CA THR U 276 1.24 -23.33 39.36
C THR U 276 -0.13 -23.75 38.84
N ALA U 277 -0.22 -24.89 38.19
CA ALA U 277 -1.55 -25.36 37.80
C ALA U 277 -2.36 -25.85 39.00
N LEU U 278 -1.70 -26.49 39.96
CA LEU U 278 -2.35 -26.78 41.24
C LEU U 278 -2.81 -25.50 41.89
N GLY U 279 -2.09 -24.42 41.69
CA GLY U 279 -2.44 -23.16 42.32
C GLY U 279 -3.63 -22.50 41.66
N ILE U 280 -3.70 -22.54 40.33
CA ILE U 280 -4.92 -22.07 39.67
C ILE U 280 -6.09 -22.96 40.10
N SER U 281 -5.83 -24.25 40.30
CA SER U 281 -6.94 -25.17 40.55
C SER U 281 -7.45 -25.04 41.97
N THR U 282 -6.62 -24.62 42.92
CA THR U 282 -7.11 -24.38 44.27
C THR U 282 -7.62 -22.96 44.48
N MET U 283 -7.13 -21.97 43.74
CA MET U 283 -7.81 -20.68 43.77
C MET U 283 -9.15 -20.75 43.07
N ALA U 284 -9.38 -21.78 42.25
CA ALA U 284 -10.74 -22.02 41.78
C ALA U 284 -11.70 -22.12 42.96
N PHE U 285 -11.24 -22.62 44.09
CA PHE U 285 -12.08 -22.66 45.29
C PHE U 285 -11.74 -21.57 46.30
N ASN U 286 -11.33 -20.39 45.81
CA ASN U 286 -11.18 -19.17 46.62
C ASN U 286 -10.27 -19.37 47.84
N LEU U 287 -9.31 -20.28 47.75
CA LEU U 287 -8.20 -20.33 48.70
C LEU U 287 -7.08 -19.52 48.08
N ASN U 288 -7.00 -18.27 48.49
CA ASN U 288 -6.29 -17.26 47.73
C ASN U 288 -4.93 -16.95 48.30
N GLY U 289 -4.25 -16.00 47.65
CA GLY U 289 -2.90 -15.63 48.02
C GLY U 289 -2.84 -14.89 49.34
N PHE U 290 -1.68 -14.96 49.97
CA PHE U 290 -1.41 -14.29 51.22
C PHE U 290 -1.97 -12.88 51.26
N ASN U 291 -2.50 -12.51 52.42
CA ASN U 291 -3.11 -11.21 52.64
C ASN U 291 -2.45 -10.55 53.83
N PHE U 292 -1.55 -9.59 53.54
CA PHE U 292 -0.90 -8.81 54.58
C PHE U 292 -1.33 -7.33 54.52
N ASN U 293 -2.57 -7.06 54.08
CA ASN U 293 -3.09 -5.70 54.09
C ASN U 293 -3.32 -5.22 55.52
N HIS U 294 -2.75 -4.05 55.85
CA HIS U 294 -2.75 -3.47 57.20
C HIS U 294 -2.19 -4.46 58.21
N SER U 295 -1.18 -5.19 57.82
CA SER U 295 -0.51 -6.06 58.76
C SER U 295 0.53 -5.37 59.64
N VAL U 296 1.00 -4.16 59.31
CA VAL U 296 1.96 -3.46 60.16
C VAL U 296 1.32 -2.19 60.69
N ILE U 297 1.36 -2.04 62.02
CA ILE U 297 0.83 -0.87 62.72
C ILE U 297 1.75 -0.43 63.85
N ASP U 298 1.63 0.84 64.22
CA ASP U 298 2.56 1.49 65.13
C ASP U 298 2.01 1.43 66.57
N ALA U 299 2.69 2.13 67.48
CA ALA U 299 2.27 2.09 68.88
C ALA U 299 0.82 2.51 69.05
N LYS U 300 0.41 3.59 68.37
CA LYS U 300 -0.95 4.11 68.51
C LYS U 300 -2.00 3.27 67.79
N GLY U 301 -1.64 2.62 66.68
CA GLY U 301 -2.60 1.96 65.83
C GLY U 301 -2.62 2.41 64.39
N ASN U 302 -1.86 3.45 64.01
CA ASN U 302 -1.80 3.85 62.60
C ASN U 302 -1.31 2.71 61.74
N VAL U 303 -1.85 2.63 60.52
CA VAL U 303 -1.39 1.68 59.51
C VAL U 303 -0.08 2.18 58.90
N ILE U 304 0.96 1.36 59.02
CA ILE U 304 2.21 1.60 58.31
C ILE U 304 2.19 0.69 57.07
N ASN U 305 1.92 1.29 55.92
CA ASN U 305 1.86 0.52 54.69
C ASN U 305 3.17 -0.22 54.42
N THR U 306 3.04 -1.36 53.82
CA THR U 306 4.14 -2.08 53.21
C THR U 306 3.88 -2.15 51.72
N TRP U 307 4.80 -2.79 51.02
CA TRP U 307 4.60 -3.04 49.62
C TRP U 307 3.33 -3.88 49.36
N ALA U 308 2.90 -4.69 50.33
CA ALA U 308 1.67 -5.46 50.12
C ALA U 308 0.48 -4.54 50.05
N ASP U 309 0.54 -3.45 50.78
CA ASP U 309 -0.55 -2.50 50.75
C ASP U 309 -0.61 -1.76 49.42
N ILE U 310 0.57 -1.50 48.80
CA ILE U 310 0.56 -0.89 47.49
C ILE U 310 -0.05 -1.86 46.49
N ILE U 311 0.32 -3.16 46.59
CA ILE U 311 -0.25 -4.16 45.68
C ILE U 311 -1.77 -4.14 45.74
N ASN U 312 -2.33 -4.05 46.95
CA ASN U 312 -3.77 -4.02 47.16
C ASN U 312 -4.46 -2.80 46.55
N ARG U 313 -3.75 -1.68 46.42
CA ARG U 313 -4.35 -0.55 45.71
C ARG U 313 -4.47 -0.84 44.23
N ALA U 314 -3.48 -1.55 43.68
CA ALA U 314 -3.56 -1.98 42.29
C ALA U 314 -4.73 -2.94 42.09
N ASN U 315 -4.70 -4.05 42.83
CA ASN U 315 -5.78 -5.04 42.94
C ASN U 315 -7.14 -4.37 43.06
N LEU U 316 -7.23 -3.35 43.91
CA LEU U 316 -8.50 -2.64 44.09
C LEU U 316 -8.96 -1.92 42.82
N GLY U 317 -8.04 -1.32 42.05
CA GLY U 317 -8.45 -0.66 40.82
C GLY U 317 -8.92 -1.64 39.77
N MET U 318 -8.26 -2.80 39.67
CA MET U 318 -8.78 -3.85 38.82
C MET U 318 -10.13 -4.31 39.32
N GLU U 319 -10.24 -4.53 40.65
CA GLU U 319 -11.49 -4.99 41.24
C GLU U 319 -12.68 -4.13 40.81
N VAL U 320 -12.60 -2.81 41.02
CA VAL U 320 -13.77 -1.97 40.85
C VAL U 320 -14.10 -1.69 39.40
N MET U 321 -13.17 -1.86 38.49
CA MET U 321 -13.46 -1.58 37.09
C MET U 321 -13.89 -2.81 36.30
N HIS U 322 -13.43 -4.02 36.64
CA HIS U 322 -13.76 -5.19 35.85
C HIS U 322 -15.27 -5.43 35.78
N GLU U 323 -15.72 -5.91 34.63
CA GLU U 323 -17.12 -6.20 34.37
C GLU U 323 -18.00 -5.11 35.00
N ARG U 324 -17.82 -3.90 34.47
CA ARG U 324 -18.28 -2.67 35.09
C ARG U 324 -19.80 -2.57 35.19
N ASN U 325 -20.54 -3.24 34.31
CA ASN U 325 -21.99 -3.19 34.37
C ASN U 325 -22.62 -4.45 34.95
N ALA U 326 -21.83 -5.36 35.50
CA ALA U 326 -22.29 -6.70 35.86
C ALA U 326 -22.58 -6.90 37.33
N HIS U 327 -22.32 -5.93 38.21
CA HIS U 327 -22.48 -6.14 39.64
C HIS U 327 -23.56 -5.20 40.17
N ASN U 328 -24.55 -5.76 40.86
CA ASN U 328 -25.62 -4.99 41.45
C ASN U 328 -25.46 -4.84 42.97
N PHE U 329 -24.62 -5.66 43.58
CA PHE U 329 -24.50 -5.76 45.02
C PHE U 329 -23.05 -5.73 45.45
N PRO U 330 -22.78 -5.32 46.69
CA PRO U 330 -21.45 -4.78 46.99
C PRO U 330 -20.30 -5.79 47.01
N LEU U 331 -20.53 -7.09 47.07
CA LEU U 331 -19.44 -8.05 47.01
C LEU U 331 -19.45 -8.83 45.71
N ASP U 332 -18.26 -9.26 45.28
CA ASP U 332 -18.09 -9.99 44.02
C ASP U 332 -17.65 -11.37 44.47
N LEU U 333 -18.64 -12.18 44.81
CA LEU U 333 -18.49 -13.44 45.51
C LEU U 333 -18.23 -14.62 44.59
N ALA U 334 -18.26 -14.40 43.29
CA ALA U 334 -17.75 -15.38 42.36
C ALA U 334 -17.40 -14.65 41.13
N GLY V 1 29.10 -25.70 2.38
CA GLY V 1 29.85 -24.46 2.27
C GLY V 1 29.59 -23.54 3.46
N LEU V 2 29.64 -22.27 3.21
CA LEU V 2 29.57 -21.32 4.30
C LEU V 2 28.14 -21.20 4.78
N PRO V 3 27.93 -21.09 6.09
CA PRO V 3 26.61 -20.72 6.59
C PRO V 3 26.23 -19.33 6.09
N TRP V 4 24.93 -19.11 5.93
CA TRP V 4 24.50 -17.79 5.52
C TRP V 4 25.09 -16.71 6.43
N TYR V 5 25.18 -16.99 7.75
CA TYR V 5 25.56 -15.96 8.72
C TYR V 5 27.07 -15.69 8.74
N ARG V 6 27.86 -16.41 7.96
CA ARG V 6 29.31 -16.18 7.88
C ARG V 6 29.76 -15.62 6.53
N VAL V 7 28.86 -15.10 5.69
CA VAL V 7 29.25 -14.93 4.30
C VAL V 7 30.38 -13.92 4.19
N HIS V 8 30.34 -12.85 4.99
CA HIS V 8 31.24 -11.70 4.81
C HIS V 8 32.67 -11.96 5.35
N THR V 9 32.97 -13.20 5.77
CA THR V 9 34.27 -13.57 6.28
C THR V 9 35.32 -13.71 5.19
N VAL V 10 34.91 -13.93 3.95
CA VAL V 10 35.82 -13.95 2.80
C VAL V 10 36.75 -12.72 2.73
N LEU V 11 36.40 -11.63 3.42
CA LEU V 11 37.19 -10.41 3.35
C LEU V 11 38.33 -10.38 4.37
N ILE V 12 38.42 -11.33 5.28
CA ILE V 12 39.33 -11.21 6.44
C ILE V 12 40.79 -11.20 6.02
N ASN V 13 41.13 -11.87 4.92
CA ASN V 13 42.49 -12.01 4.42
C ASN V 13 42.59 -11.40 3.04
N ASP V 14 41.76 -10.40 2.79
CA ASP V 14 41.67 -9.74 1.48
C ASP V 14 41.53 -8.24 1.74
N PRO V 15 42.61 -7.58 2.13
CA PRO V 15 42.54 -6.12 2.35
C PRO V 15 41.98 -5.35 1.16
N GLY V 16 42.23 -5.77 -0.09
CA GLY V 16 41.68 -5.06 -1.24
C GLY V 16 40.17 -4.98 -1.17
N ARG V 17 39.53 -6.13 -1.03
CA ARG V 17 38.07 -6.19 -1.11
C ARG V 17 37.39 -5.74 0.18
N LEU V 18 38.12 -5.76 1.29
CA LEU V 18 37.61 -5.14 2.51
C LEU V 18 37.42 -3.65 2.31
N ILE V 19 38.46 -2.99 1.78
CA ILE V 19 38.35 -1.57 1.45
C ILE V 19 37.16 -1.37 0.55
N ALA V 20 36.99 -2.27 -0.41
CA ALA V 20 35.90 -2.13 -1.36
C ALA V 20 34.54 -2.19 -0.68
N ALA V 21 34.40 -3.12 0.28
CA ALA V 21 33.15 -3.20 1.04
C ALA V 21 32.98 -1.94 1.86
N HIS V 22 34.03 -1.50 2.55
CA HIS V 22 33.92 -0.30 3.36
C HIS V 22 33.57 0.94 2.56
N LEU V 23 34.10 1.06 1.34
CA LEU V 23 33.74 2.15 0.45
C LEU V 23 32.27 2.05 0.06
N MET V 24 31.78 0.82 -0.18
CA MET V 24 30.39 0.64 -0.54
C MET V 24 29.47 0.98 0.62
N HIS V 25 29.84 0.61 1.83
CA HIS V 25 29.05 0.99 2.99
C HIS V 25 29.02 2.50 3.14
N THR V 26 30.13 3.17 2.85
CA THR V 26 30.17 4.62 2.95
C THR V 26 29.29 5.26 1.88
N ALA V 27 29.26 4.70 0.69
CA ALA V 27 28.41 5.27 -0.34
C ALA V 27 26.95 5.18 0.08
N LEU V 28 26.57 4.05 0.69
CA LEU V 28 25.18 3.89 1.13
C LEU V 28 24.82 4.90 2.21
N VAL V 29 25.72 5.15 3.18
CA VAL V 29 25.40 6.12 4.22
C VAL V 29 25.25 7.52 3.64
N ALA V 30 26.23 7.96 2.84
CA ALA V 30 26.16 9.31 2.26
C ALA V 30 24.92 9.46 1.41
N GLY V 31 24.64 8.44 0.58
CA GLY V 31 23.44 8.44 -0.22
C GLY V 31 22.17 8.53 0.63
N TRP V 32 22.14 7.82 1.76
CA TRP V 32 21.00 7.95 2.65
C TRP V 32 20.87 9.38 3.19
N ALA V 33 21.98 9.97 3.64
CA ALA V 33 21.97 11.37 4.06
C ALA V 33 21.38 12.28 2.99
N GLY V 34 21.90 12.19 1.76
CA GLY V 34 21.34 12.98 0.68
C GLY V 34 19.89 12.67 0.41
N SER V 35 19.54 11.38 0.40
CA SER V 35 18.13 11.00 0.25
C SER V 35 17.26 11.62 1.33
N MET V 36 17.57 11.32 2.59
CA MET V 36 16.76 11.81 3.70
C MET V 36 16.50 13.31 3.56
N ALA V 37 17.56 14.09 3.33
CA ALA V 37 17.39 15.53 3.34
C ALA V 37 16.51 16.01 2.20
N LEU V 38 16.60 15.37 1.03
CA LEU V 38 15.71 15.72 -0.08
C LEU V 38 14.26 15.48 0.29
N TYR V 39 13.96 14.30 0.86
CA TYR V 39 12.62 14.00 1.36
C TYR V 39 12.14 15.09 2.30
N GLU V 40 12.94 15.40 3.32
CA GLU V 40 12.55 16.43 4.27
C GLU V 40 12.42 17.81 3.62
N LEU V 41 13.21 18.14 2.59
CA LEU V 41 12.98 19.44 1.98
C LEU V 41 11.66 19.48 1.22
N ALA V 42 11.24 18.37 0.64
CA ALA V 42 9.99 18.30 -0.11
C ALA V 42 8.76 18.23 0.77
N THR V 43 8.93 18.08 2.08
CA THR V 43 7.83 18.01 3.03
C THR V 43 7.85 19.11 4.08
N PHE V 44 8.94 19.87 4.21
CA PHE V 44 9.05 20.88 5.27
C PHE V 44 8.22 22.10 4.93
N ASP V 45 7.57 22.65 5.95
CA ASP V 45 6.81 23.89 5.81
C ASP V 45 7.56 24.97 6.58
N PRO V 46 8.18 25.93 5.91
CA PRO V 46 9.08 26.89 6.59
C PRO V 46 8.39 28.15 7.07
N SER V 47 7.08 28.20 6.95
CA SER V 47 6.28 29.40 7.09
C SER V 47 6.04 29.79 8.53
N ASP V 48 6.31 28.93 9.50
CA ASP V 48 6.01 29.23 10.89
C ASP V 48 7.01 28.60 11.83
N PRO V 49 8.09 29.29 12.15
CA PRO V 49 9.05 28.71 13.09
C PRO V 49 8.64 28.88 14.54
N VAL V 50 7.63 29.69 14.82
CA VAL V 50 7.05 29.77 16.17
C VAL V 50 6.23 28.53 16.50
N LEU V 51 5.09 28.38 15.87
CA LEU V 51 4.17 27.32 16.23
C LEU V 51 4.35 26.07 15.38
N ASN V 52 5.10 26.14 14.28
CA ASN V 52 5.34 24.98 13.42
C ASN V 52 6.82 24.81 13.09
N PRO V 53 7.67 24.71 14.11
CA PRO V 53 9.10 24.51 13.88
C PRO V 53 9.42 23.10 13.39
N MET V 54 10.66 22.91 12.96
CA MET V 54 11.06 21.65 12.32
C MET V 54 10.77 20.43 13.19
N TRP V 55 10.97 20.53 14.50
CA TRP V 55 10.83 19.36 15.36
C TRP V 55 9.37 18.90 15.48
N ARG V 56 8.39 19.74 15.13
CA ARG V 56 7.01 19.33 15.07
C ARG V 56 6.67 18.59 13.79
N GLN V 57 7.50 18.73 12.75
CA GLN V 57 7.20 18.18 11.44
C GLN V 57 7.93 16.86 11.19
N GLY V 58 8.48 16.26 12.23
CA GLY V 58 9.15 14.99 12.09
C GLY V 58 10.47 15.05 11.35
N MET V 59 11.11 16.22 11.33
CA MET V 59 12.34 16.40 10.59
C MET V 59 13.51 15.86 11.42
N PHE V 60 14.23 14.93 10.83
CA PHE V 60 15.28 14.22 11.55
C PHE V 60 16.68 14.75 11.24
N VAL V 61 16.98 15.00 9.96
CA VAL V 61 18.33 15.41 9.53
C VAL V 61 18.41 16.91 9.35
N LEU V 62 17.28 17.55 9.07
CA LEU V 62 17.26 19.01 8.99
C LEU V 62 17.93 19.65 10.20
N PRO V 63 17.69 19.22 11.44
CA PRO V 63 18.40 19.82 12.57
C PRO V 63 19.90 19.52 12.59
N PHE V 64 20.40 18.43 12.03
CA PHE V 64 21.84 18.25 12.13
C PHE V 64 22.61 19.18 11.20
N MET V 65 21.99 19.59 10.11
CA MET V 65 22.56 20.63 9.27
C MET V 65 22.46 21.99 9.97
N ALA V 66 21.30 22.31 10.54
CA ALA V 66 21.14 23.56 11.26
C ALA V 66 22.13 23.66 12.42
N ARG V 67 22.40 22.55 13.10
CA ARG V 67 23.22 22.62 14.30
C ARG V 67 24.59 23.24 13.99
N LEU V 68 25.13 22.95 12.81
CA LEU V 68 26.47 23.42 12.48
C LEU V 68 26.50 24.54 11.47
N GLY V 69 25.42 25.30 11.31
CA GLY V 69 25.48 26.50 10.51
C GLY V 69 24.69 26.52 9.21
N VAL V 70 24.21 25.39 8.70
CA VAL V 70 23.39 25.40 7.49
C VAL V 70 21.97 25.74 7.88
N THR V 71 21.49 26.90 7.46
CA THR V 71 20.20 27.42 7.86
C THR V 71 19.29 27.88 6.73
N GLY V 72 19.74 27.90 5.47
CA GLY V 72 18.97 28.51 4.42
C GLY V 72 18.82 27.60 3.21
N SER V 73 17.77 27.88 2.46
CA SER V 73 17.42 27.11 1.28
C SER V 73 17.64 27.98 0.06
N TRP V 74 17.83 27.32 -1.07
CA TRP V 74 17.98 28.03 -2.32
C TRP V 74 16.69 28.74 -2.73
N SER V 75 15.53 28.30 -2.22
CA SER V 75 14.28 28.99 -2.48
C SER V 75 14.08 30.22 -1.59
N GLY V 76 15.09 30.63 -0.82
CA GLY V 76 15.08 31.96 -0.23
C GLY V 76 14.56 32.06 1.19
N TRP V 77 14.23 30.95 1.84
CA TRP V 77 13.81 31.00 3.22
C TRP V 77 14.95 30.48 4.08
N SER V 78 14.92 30.86 5.35
CA SER V 78 15.80 30.32 6.38
C SER V 78 14.96 29.80 7.54
N ILE V 79 15.49 28.81 8.26
CA ILE V 79 14.74 28.24 9.38
C ILE V 79 14.51 29.30 10.44
N THR V 80 15.41 30.29 10.53
CA THR V 80 15.24 31.39 11.46
C THR V 80 14.07 32.31 11.08
N GLY V 81 13.48 32.18 9.91
CA GLY V 81 12.33 32.97 9.53
C GLY V 81 12.60 34.05 8.50
N GLU V 82 13.85 34.42 8.26
CA GLU V 82 14.10 35.55 7.37
C GLU V 82 13.80 35.20 5.92
N THR V 83 13.08 36.11 5.26
CA THR V 83 12.71 35.98 3.86
C THR V 83 13.78 36.62 2.99
N GLY V 84 13.88 36.15 1.76
CA GLY V 84 14.91 36.62 0.84
C GLY V 84 16.34 36.64 1.39
N ILE V 85 17.04 35.52 1.27
CA ILE V 85 18.37 35.36 1.87
C ILE V 85 19.22 34.57 0.87
N ASP V 86 20.49 34.94 0.75
CA ASP V 86 21.35 34.27 -0.22
C ASP V 86 22.26 33.33 0.51
N PRO V 87 22.00 32.02 0.50
CA PRO V 87 22.86 31.09 1.23
C PRO V 87 24.11 30.69 0.47
N GLY V 88 24.24 31.06 -0.80
CA GLY V 88 25.34 30.49 -1.52
C GLY V 88 25.14 28.99 -1.69
N PHE V 89 26.23 28.32 -2.05
CA PHE V 89 26.10 26.91 -2.37
C PHE V 89 25.61 26.12 -1.18
N TRP V 90 26.19 26.35 0.01
CA TRP V 90 25.96 25.46 1.15
C TRP V 90 24.60 25.75 1.82
N SER V 91 23.55 25.51 1.06
CA SER V 91 22.21 25.46 1.58
C SER V 91 21.85 24.01 1.91
N PHE V 92 20.59 23.82 2.36
CA PHE V 92 20.09 22.47 2.57
C PHE V 92 20.17 21.67 1.28
N GLU V 93 19.75 22.30 0.19
CA GLU V 93 19.85 21.68 -1.12
C GLU V 93 21.28 21.30 -1.46
N GLY V 94 22.24 22.22 -1.30
CA GLY V 94 23.60 21.96 -1.72
C GLY V 94 24.30 20.86 -0.92
N VAL V 95 24.01 20.80 0.38
CA VAL V 95 24.60 19.76 1.23
C VAL V 95 24.12 18.40 0.79
N ALA V 96 22.80 18.28 0.58
CA ALA V 96 22.25 17.04 0.04
C ALA V 96 23.00 16.68 -1.23
N LEU V 97 23.02 17.60 -2.21
CA LEU V 97 23.69 17.37 -3.50
C LEU V 97 25.07 16.77 -3.32
N ALA V 98 25.85 17.37 -2.44
CA ALA V 98 27.22 16.94 -2.29
C ALA V 98 27.28 15.54 -1.70
N HIS V 99 26.31 15.18 -0.87
CA HIS V 99 26.33 13.82 -0.35
C HIS V 99 26.03 12.81 -1.46
N ILE V 100 25.16 13.15 -2.41
CA ILE V 100 24.90 12.28 -3.56
C ILE V 100 26.14 12.11 -4.44
N VAL V 101 26.75 13.21 -4.89
CA VAL V 101 28.01 13.11 -5.63
C VAL V 101 29.01 12.27 -4.85
N LEU V 102 29.15 12.56 -3.56
CA LEU V 102 30.09 11.80 -2.76
C LEU V 102 29.79 10.32 -2.82
N SER V 103 28.51 9.98 -2.63
CA SER V 103 28.08 8.61 -2.79
C SER V 103 28.44 8.09 -4.18
N GLY V 104 28.22 8.93 -5.20
CA GLY V 104 28.52 8.50 -6.55
C GLY V 104 29.97 8.11 -6.71
N LEU V 105 30.87 8.99 -6.27
CA LEU V 105 32.30 8.74 -6.48
C LEU V 105 32.77 7.53 -5.68
N LEU V 106 32.24 7.38 -4.47
CA LEU V 106 32.60 6.25 -3.62
C LEU V 106 32.14 4.92 -4.21
N PHE V 107 30.96 4.91 -4.83
CA PHE V 107 30.48 3.70 -5.53
C PHE V 107 31.48 3.28 -6.60
N LEU V 108 32.01 4.23 -7.36
CA LEU V 108 33.02 3.88 -8.36
C LEU V 108 34.32 3.40 -7.73
N ALA V 109 34.81 4.11 -6.70
CA ALA V 109 36.02 3.65 -6.00
C ALA V 109 35.90 2.19 -5.58
N ALA V 110 34.72 1.79 -5.10
CA ALA V 110 34.49 0.42 -4.68
C ALA V 110 34.71 -0.57 -5.82
N CYS V 111 34.19 -0.26 -7.01
CA CYS V 111 34.39 -1.16 -8.15
C CYS V 111 35.88 -1.34 -8.47
N TRP V 112 36.67 -0.26 -8.41
CA TRP V 112 38.09 -0.37 -8.73
C TRP V 112 38.79 -1.23 -7.70
N HIS V 113 38.58 -0.93 -6.42
CA HIS V 113 39.23 -1.71 -5.40
C HIS V 113 38.74 -3.16 -5.34
N TRP V 114 37.50 -3.43 -5.74
CA TRP V 114 37.09 -4.84 -5.83
C TRP V 114 37.77 -5.57 -6.99
N VAL V 115 37.88 -4.93 -8.15
CA VAL V 115 38.48 -5.58 -9.31
C VAL V 115 39.98 -5.79 -9.10
N TYR V 116 40.67 -4.73 -8.68
CA TYR V 116 42.13 -4.74 -8.54
C TYR V 116 42.42 -4.91 -7.05
N TRP V 117 42.02 -6.10 -6.58
CA TRP V 117 42.14 -6.51 -5.19
C TRP V 117 43.55 -6.94 -4.83
N ASP V 118 44.35 -7.38 -5.81
CA ASP V 118 45.70 -7.91 -5.56
C ASP V 118 46.78 -6.83 -5.70
N LEU V 119 46.66 -5.79 -4.88
CA LEU V 119 47.69 -4.76 -4.86
C LEU V 119 48.87 -5.22 -4.01
N GLU V 120 50.08 -4.94 -4.48
CA GLU V 120 51.27 -5.41 -3.79
C GLU V 120 51.44 -4.73 -2.45
N LEU V 121 50.86 -3.53 -2.27
CA LEU V 121 50.84 -2.85 -0.99
C LEU V 121 50.41 -3.76 0.17
N PHE V 122 49.46 -4.66 -0.08
CA PHE V 122 48.82 -5.37 1.00
C PHE V 122 49.59 -6.60 1.42
N ARG V 123 50.61 -6.97 0.67
CA ARG V 123 51.33 -8.23 0.89
C ARG V 123 52.60 -7.98 1.66
N ASP V 124 52.71 -8.61 2.84
CA ASP V 124 53.86 -8.41 3.73
C ASP V 124 55.13 -8.78 2.97
N PRO V 125 56.08 -7.84 2.80
CA PRO V 125 57.23 -8.14 1.93
C PRO V 125 58.01 -9.36 2.40
N ARG V 126 58.05 -9.60 3.71
CA ARG V 126 58.69 -10.78 4.27
C ARG V 126 58.12 -12.02 3.61
N THR V 127 56.92 -12.40 4.04
CA THR V 127 56.34 -13.68 3.69
C THR V 127 55.56 -13.65 2.38
N GLY V 128 55.15 -12.48 1.89
CA GLY V 128 54.25 -12.43 0.75
C GLY V 128 52.82 -12.85 1.06
N GLU V 129 52.47 -13.05 2.32
CA GLU V 129 51.09 -13.19 2.66
C GLU V 129 50.46 -11.80 2.75
N PRO V 130 49.15 -11.68 2.51
CA PRO V 130 48.47 -10.43 2.88
C PRO V 130 48.76 -10.13 4.33
N ALA V 131 48.96 -8.85 4.64
CA ALA V 131 49.13 -8.50 6.04
C ALA V 131 49.03 -7.00 6.19
N LEU V 132 48.41 -6.59 7.29
CA LEU V 132 48.17 -5.20 7.62
C LEU V 132 48.83 -4.87 8.96
N ASP V 133 49.78 -3.97 8.93
CA ASP V 133 50.44 -3.51 10.17
C ASP V 133 49.49 -2.52 10.86
N LEU V 134 48.59 -3.09 11.64
CA LEU V 134 47.46 -2.39 12.27
C LEU V 134 47.87 -1.39 13.35
N PRO V 135 48.94 -1.68 14.09
CA PRO V 135 49.46 -0.67 15.03
C PRO V 135 49.88 0.62 14.34
N LYS V 136 50.53 0.52 13.17
CA LYS V 136 50.91 1.68 12.38
C LYS V 136 49.70 2.34 11.71
N MET V 137 48.76 1.54 11.17
CA MET V 137 47.52 2.14 10.67
C MET V 137 46.81 2.95 11.75
N PHE V 138 46.86 2.45 13.00
CA PHE V 138 46.13 3.13 14.05
C PHE V 138 46.75 4.49 14.36
N GLY V 139 48.07 4.58 14.39
CA GLY V 139 48.74 5.89 14.54
C GLY V 139 48.38 6.87 13.44
N ILE V 140 48.47 6.42 12.19
CA ILE V 140 48.08 7.24 11.03
C ILE V 140 46.64 7.74 11.17
N HIS V 141 45.69 6.81 11.24
CA HIS V 141 44.30 7.24 11.34
C HIS V 141 44.08 8.10 12.60
N LEU V 142 44.83 7.88 13.67
CA LEU V 142 44.60 8.68 14.87
C LEU V 142 45.18 10.08 14.71
N PHE V 143 46.37 10.18 14.11
CA PHE V 143 46.90 11.47 13.72
C PHE V 143 45.90 12.25 12.87
N LEU V 144 45.28 11.58 11.88
CA LEU V 144 44.31 12.25 11.00
C LEU V 144 43.10 12.75 11.76
N ALA V 145 42.56 11.92 12.67
CA ALA V 145 41.38 12.32 13.43
C ALA V 145 41.70 13.49 14.31
N GLY V 146 42.89 13.47 14.91
CA GLY V 146 43.41 14.63 15.63
C GLY V 146 43.40 15.94 14.84
N LEU V 147 44.13 15.99 13.73
CA LEU V 147 44.07 17.16 12.85
C LEU V 147 42.64 17.57 12.56
N LEU V 148 41.80 16.62 12.14
CA LEU V 148 40.44 16.96 11.75
C LEU V 148 39.70 17.54 12.93
N CYS V 149 39.81 16.87 14.07
CA CYS V 149 39.16 17.32 15.28
C CYS V 149 39.71 18.69 15.71
N PHE V 150 41.03 18.84 15.71
CA PHE V 150 41.61 20.15 16.04
C PHE V 150 41.05 21.24 15.15
N GLY V 151 41.16 21.07 13.83
CA GLY V 151 40.72 22.11 12.92
C GLY V 151 39.20 22.33 12.85
N PHE V 152 38.41 21.33 13.19
CA PHE V 152 36.97 21.59 13.33
C PHE V 152 36.73 22.51 14.53
N GLY V 153 37.45 22.30 15.63
CA GLY V 153 37.30 23.18 16.77
C GLY V 153 37.95 24.55 16.59
N ALA V 154 39.12 24.57 15.93
CA ALA V 154 39.89 25.81 15.81
C ALA V 154 39.24 26.76 14.82
N PHE V 155 38.60 26.24 13.77
CA PHE V 155 38.12 27.09 12.68
C PHE V 155 36.61 27.10 12.50
N HIS V 156 35.96 25.95 12.36
CA HIS V 156 34.53 25.95 12.11
C HIS V 156 33.75 26.55 13.28
N LEU V 157 34.08 26.14 14.52
CA LEU V 157 33.25 26.56 15.65
C LEU V 157 33.60 27.98 16.11
N THR V 158 34.90 28.31 16.21
CA THR V 158 35.30 29.66 16.58
C THR V 158 34.82 30.67 15.56
N GLY V 159 34.80 30.28 14.28
CA GLY V 159 34.43 31.20 13.23
C GLY V 159 35.59 31.96 12.58
N LEU V 160 36.83 31.72 13.03
CA LEU V 160 38.02 32.10 12.29
C LEU V 160 37.85 31.84 10.80
N PHE V 161 37.29 30.68 10.48
CA PHE V 161 37.09 30.27 9.10
C PHE V 161 35.97 29.25 9.06
N GLY V 162 34.75 29.74 9.05
CA GLY V 162 33.59 28.90 9.12
C GLY V 162 32.52 29.51 10.01
N PRO V 163 31.37 28.84 10.11
CA PRO V 163 30.14 29.53 10.50
C PRO V 163 29.79 29.54 12.00
N GLY V 164 30.50 28.86 12.87
CA GLY V 164 30.06 28.78 14.26
C GLY V 164 29.14 27.60 14.53
N MET V 165 28.19 27.76 15.45
CA MET V 165 27.26 26.68 15.80
C MET V 165 25.98 27.27 16.38
N TRP V 166 24.94 26.43 16.41
CA TRP V 166 23.66 26.89 16.93
C TRP V 166 23.83 27.15 18.41
N VAL V 167 23.45 28.34 18.82
CA VAL V 167 23.46 28.73 20.23
C VAL V 167 22.16 29.46 20.45
N SER V 168 21.61 29.30 21.66
CA SER V 168 20.37 29.98 21.99
C SER V 168 20.40 30.42 23.43
N ASP V 169 19.39 31.22 23.79
CA ASP V 169 19.12 31.53 25.17
C ASP V 169 18.52 30.35 25.92
N PRO V 170 18.46 30.43 27.25
CA PRO V 170 18.06 29.26 28.06
C PRO V 170 16.60 28.83 27.88
N TYR V 171 15.76 29.62 27.23
CA TYR V 171 14.37 29.24 27.00
C TYR V 171 14.07 29.01 25.52
N GLY V 172 15.10 28.78 24.71
CA GLY V 172 14.95 28.39 23.33
C GLY V 172 14.15 29.37 22.50
N LEU V 173 14.28 30.64 22.82
CA LEU V 173 13.54 31.71 22.18
C LEU V 173 14.32 32.47 21.10
N THR V 174 15.65 32.47 21.12
CA THR V 174 16.40 33.34 20.22
C THR V 174 17.54 32.61 19.53
N GLY V 175 17.41 31.31 19.37
CA GLY V 175 18.51 30.56 18.77
C GLY V 175 19.00 31.12 17.46
N SER V 176 20.24 30.76 17.09
CA SER V 176 20.87 31.21 15.85
C SER V 176 22.26 30.62 15.78
N VAL V 177 22.89 30.78 14.62
CA VAL V 177 24.26 30.33 14.45
C VAL V 177 25.17 31.51 14.73
N GLN V 178 26.13 31.30 15.64
CA GLN V 178 27.08 32.27 16.13
C GLN V 178 28.41 31.56 16.23
N PRO V 179 29.52 32.27 16.15
CA PRO V 179 30.80 31.67 16.53
C PRO V 179 30.89 31.57 18.03
N VAL V 180 31.72 30.65 18.49
CA VAL V 180 31.88 30.40 19.91
C VAL V 180 33.34 30.44 20.27
N ALA V 181 33.65 31.23 21.23
CA ALA V 181 34.96 31.33 21.85
C ALA V 181 35.15 30.18 22.84
N PRO V 182 36.31 29.55 22.90
CA PRO V 182 36.45 28.43 23.84
C PRO V 182 36.42 28.90 25.30
N GLU V 183 35.99 27.99 26.17
CA GLU V 183 35.95 28.18 27.60
C GLU V 183 36.93 27.16 28.16
N TRP V 184 38.04 27.66 28.68
CA TRP V 184 39.09 26.80 29.21
C TRP V 184 38.96 26.60 30.69
N GLY V 185 38.01 27.28 31.30
CA GLY V 185 37.72 27.11 32.70
C GLY V 185 37.25 25.71 33.03
N PRO V 186 36.90 25.51 34.28
CA PRO V 186 36.15 24.31 34.63
C PRO V 186 34.72 24.35 34.12
N ASP V 187 34.20 25.51 33.71
CA ASP V 187 32.89 25.50 33.09
C ASP V 187 32.93 24.90 31.69
N GLY V 188 34.10 24.68 31.13
CA GLY V 188 34.15 23.94 29.89
C GLY V 188 33.47 22.60 30.03
N PHE V 189 33.52 22.01 31.22
CA PHE V 189 33.01 20.68 31.45
C PHE V 189 31.52 20.64 31.76
N ASN V 190 30.85 21.80 31.72
CA ASN V 190 29.45 21.95 31.93
C ASN V 190 28.74 21.62 30.62
N PRO V 191 27.92 20.54 30.58
CA PRO V 191 27.32 20.11 29.29
C PRO V 191 26.52 21.21 28.62
N TYR V 192 26.07 22.19 29.40
CA TYR V 192 25.21 23.26 28.90
C TYR V 192 26.00 24.52 28.54
N ASN V 193 27.33 24.43 28.49
CA ASN V 193 28.16 25.59 28.14
C ASN V 193 28.83 25.33 26.81
N PRO V 194 28.45 26.07 25.76
CA PRO V 194 28.96 25.72 24.41
C PRO V 194 30.42 26.05 24.20
N GLY V 195 30.99 27.03 24.88
CA GLY V 195 32.42 27.22 24.82
C GLY V 195 33.21 26.00 25.26
N GLY V 196 32.56 25.07 25.96
CA GLY V 196 33.20 23.81 26.28
C GLY V 196 33.38 22.92 25.08
N VAL V 197 32.46 23.00 24.11
CA VAL V 197 32.55 22.19 22.89
C VAL V 197 33.73 22.64 22.04
N VAL V 198 34.00 23.95 22.00
CA VAL V 198 35.18 24.45 21.31
C VAL V 198 36.43 23.96 22.02
N ALA V 199 36.58 24.35 23.28
CA ALA V 199 37.73 23.92 24.06
C ALA V 199 38.00 22.44 23.87
N HIS V 200 36.96 21.60 24.03
CA HIS V 200 37.12 20.17 23.94
C HIS V 200 37.81 19.78 22.64
N HIS V 201 37.36 20.35 21.52
CA HIS V 201 37.88 19.88 20.23
C HIS V 201 39.28 20.40 19.96
N ILE V 202 39.61 21.60 20.44
CA ILE V 202 40.99 22.07 20.33
C ILE V 202 41.92 21.18 21.15
N ALA V 203 41.57 20.96 22.42
CA ALA V 203 42.44 20.19 23.32
C ALA V 203 42.50 18.72 22.93
N ALA V 204 41.32 18.10 22.80
CA ALA V 204 41.26 16.72 22.34
C ALA V 204 42.03 16.62 21.03
N GLY V 205 41.74 17.51 20.08
CA GLY V 205 42.51 17.59 18.84
C GLY V 205 44.03 17.44 18.97
N ILE V 206 44.63 18.33 19.76
CA ILE V 206 46.08 18.29 19.93
C ILE V 206 46.52 16.95 20.50
N VAL V 207 45.91 16.53 21.62
CA VAL V 207 46.20 15.21 22.20
C VAL V 207 46.12 14.08 21.16
N GLY V 208 45.08 14.08 20.35
CA GLY V 208 45.05 13.12 19.26
C GLY V 208 46.24 13.25 18.34
N ILE V 209 46.59 14.50 17.97
CA ILE V 209 47.75 14.73 17.12
C ILE V 209 48.97 14.06 17.75
N ILE V 210 49.09 14.20 19.06
CA ILE V 210 50.31 13.77 19.71
C ILE V 210 50.30 12.27 19.90
N ALA V 211 49.18 11.73 20.40
CA ALA V 211 49.08 10.27 20.52
C ALA V 211 49.19 9.62 19.15
N GLY V 212 48.66 10.30 18.12
CA GLY V 212 48.94 9.89 16.77
C GLY V 212 50.42 9.67 16.55
N LEU V 213 51.23 10.71 16.77
CA LEU V 213 52.66 10.60 16.49
C LEU V 213 53.29 9.49 17.32
N PHE V 214 52.91 9.39 18.61
CA PHE V 214 53.41 8.28 19.41
C PHE V 214 53.04 6.94 18.80
N HIS V 215 51.80 6.80 18.35
CA HIS V 215 51.40 5.48 17.89
C HIS V 215 51.98 5.14 16.53
N ILE V 216 52.48 6.14 15.78
CA ILE V 216 53.23 5.83 14.55
C ILE V 216 54.68 5.46 14.83
N LEU V 217 55.27 6.03 15.88
CA LEU V 217 56.71 5.94 16.05
C LEU V 217 57.17 4.75 16.88
N VAL V 218 56.34 4.20 17.74
CA VAL V 218 56.83 3.22 18.71
C VAL V 218 55.95 1.98 18.67
N ARG V 219 56.57 0.82 18.64
CA ARG V 219 55.80 -0.38 18.51
C ARG V 219 55.14 -0.71 19.83
N PRO V 220 54.09 -1.51 19.79
CA PRO V 220 53.49 -1.97 21.02
C PRO V 220 54.39 -3.07 21.65
N PRO V 221 54.35 -3.19 22.98
CA PRO V 221 55.21 -4.22 23.60
C PRO V 221 54.70 -5.62 23.33
N GLN V 222 55.64 -6.54 23.11
CA GLN V 222 55.40 -7.98 23.05
C GLN V 222 54.28 -8.43 24.00
N ARG V 223 54.38 -8.07 25.28
CA ARG V 223 53.33 -8.45 26.24
C ARG V 223 51.95 -8.11 25.71
N LEU V 224 51.76 -6.87 25.22
CA LEU V 224 50.44 -6.40 24.83
C LEU V 224 50.02 -6.92 23.45
N TYR V 225 50.96 -7.07 22.51
CA TYR V 225 50.63 -7.61 21.20
C TYR V 225 50.18 -9.07 21.31
N LYS V 226 50.77 -9.86 22.23
CA LYS V 226 50.27 -11.21 22.46
C LYS V 226 48.86 -11.19 23.06
N ALA V 227 48.71 -10.49 24.18
CA ALA V 227 47.48 -10.57 24.96
C ALA V 227 46.28 -10.14 24.14
N LEU V 228 46.43 -9.12 23.31
CA LEU V 228 45.32 -8.51 22.57
C LEU V 228 45.30 -8.93 21.11
N ARG V 229 45.99 -10.00 20.76
CA ARG V 229 45.98 -10.62 19.42
C ARG V 229 46.01 -9.58 18.31
N MET V 230 47.04 -8.74 18.34
CA MET V 230 47.14 -7.62 17.41
C MET V 230 47.50 -8.03 15.97
N GLY V 231 47.90 -9.28 15.73
CA GLY V 231 47.99 -9.82 14.38
C GLY V 231 46.68 -10.27 13.74
N ASN V 232 45.56 -9.99 14.43
CA ASN V 232 44.26 -10.51 14.08
C ASN V 232 43.26 -9.36 14.03
N ILE V 233 42.77 -9.09 12.82
CA ILE V 233 42.00 -7.88 12.62
C ILE V 233 40.68 -7.90 13.38
N GLU V 234 40.18 -9.07 13.79
CA GLU V 234 38.93 -9.06 14.55
C GLU V 234 39.13 -8.49 15.96
N THR V 235 40.36 -8.42 16.46
CA THR V 235 40.55 -7.69 17.69
C THR V 235 40.15 -6.21 17.55
N VAL V 236 40.40 -5.60 16.38
CA VAL V 236 40.10 -4.18 16.18
C VAL V 236 38.60 -3.99 16.07
N LEU V 237 37.92 -4.93 15.40
CA LEU V 237 36.45 -4.86 15.31
C LEU V 237 35.83 -4.91 16.69
N SER V 238 36.37 -5.77 17.56
CA SER V 238 35.90 -5.92 18.92
C SER V 238 36.09 -4.66 19.75
N SER V 239 37.29 -4.10 19.72
CA SER V 239 37.54 -2.85 20.44
C SER V 239 36.83 -1.66 19.77
N SER V 240 36.69 -1.68 18.46
CA SER V 240 36.00 -0.56 17.81
C SER V 240 34.50 -0.58 18.11
N ILE V 241 33.90 -1.79 18.13
CA ILE V 241 32.48 -1.92 18.46
C ILE V 241 32.28 -1.43 19.88
N ALA V 242 33.27 -1.66 20.75
CA ALA V 242 33.11 -1.28 22.14
C ALA V 242 33.09 0.24 22.29
N ALA V 243 33.81 0.94 21.41
CA ALA V 243 33.90 2.39 21.52
C ALA V 243 32.70 3.03 20.86
N VAL V 244 32.20 2.36 19.84
CA VAL V 244 30.95 2.78 19.19
C VAL V 244 29.81 2.80 20.20
N PHE V 245 29.65 1.72 20.97
CA PHE V 245 28.48 1.70 21.86
C PHE V 245 28.70 2.59 23.10
N PHE V 246 29.92 2.69 23.60
CA PHE V 246 30.23 3.79 24.51
C PHE V 246 29.74 5.12 23.95
N ALA V 247 30.15 5.44 22.72
CA ALA V 247 29.73 6.69 22.08
C ALA V 247 28.21 6.79 21.96
N ALA V 248 27.52 5.68 21.69
CA ALA V 248 26.08 5.75 21.46
C ALA V 248 25.28 5.91 22.75
N PHE V 249 25.73 5.32 23.84
CA PHE V 249 25.08 5.60 25.11
C PHE V 249 25.25 7.08 25.50
N VAL V 250 26.40 7.69 25.20
CA VAL V 250 26.56 9.09 25.60
C VAL V 250 25.67 9.99 24.76
N VAL V 251 25.62 9.77 23.46
CA VAL V 251 24.81 10.64 22.63
C VAL V 251 23.30 10.50 22.93
N ALA V 252 22.85 9.37 23.47
CA ALA V 252 21.45 9.22 23.88
C ALA V 252 21.15 9.98 25.16
N GLY V 253 22.00 9.80 26.17
CA GLY V 253 21.89 10.59 27.38
C GLY V 253 21.80 12.08 27.09
N THR V 254 22.82 12.63 26.39
CA THR V 254 22.84 14.08 26.20
C THR V 254 21.63 14.56 25.42
N MET V 255 21.11 13.73 24.51
CA MET V 255 19.87 14.06 23.81
C MET V 255 18.66 13.98 24.74
N TRP V 256 18.66 13.07 25.71
CA TRP V 256 17.47 13.00 26.54
C TRP V 256 17.49 14.07 27.63
N TYR V 257 18.67 14.36 28.19
CA TYR V 257 18.78 15.34 29.26
C TYR V 257 18.97 16.76 28.77
N GLY V 258 19.38 16.93 27.51
CA GLY V 258 19.80 18.22 27.03
C GLY V 258 21.27 18.45 27.26
N SER V 259 21.90 19.02 26.25
CA SER V 259 23.20 19.63 26.33
C SER V 259 23.19 20.81 25.38
N ALA V 260 24.32 21.52 25.31
CA ALA V 260 24.43 22.62 24.35
C ALA V 260 24.43 22.14 22.89
N THR V 261 24.62 20.83 22.65
CA THR V 261 24.63 20.28 21.31
C THR V 261 23.30 19.70 20.89
N THR V 262 22.31 19.76 21.78
CA THR V 262 20.96 19.28 21.49
C THR V 262 19.93 20.37 21.81
N PRO V 263 20.02 21.52 21.17
CA PRO V 263 19.16 22.65 21.56
C PRO V 263 17.68 22.43 21.28
N ILE V 264 16.83 23.09 22.05
CA ILE V 264 15.41 22.73 22.01
C ILE V 264 14.70 23.33 20.80
N GLU V 265 15.32 24.28 20.09
CA GLU V 265 14.75 24.78 18.85
C GLU V 265 15.03 23.90 17.66
N LEU V 266 15.94 22.94 17.78
CA LEU V 266 16.17 21.96 16.73
C LEU V 266 15.53 20.60 17.04
N PHE V 267 15.46 20.21 18.31
CA PHE V 267 14.97 18.88 18.66
C PHE V 267 13.75 18.85 19.55
N GLY V 268 13.40 19.96 20.19
CA GLY V 268 12.22 20.03 21.00
C GLY V 268 12.56 20.02 22.47
N PRO V 269 11.63 20.41 23.30
CA PRO V 269 11.92 20.46 24.72
C PRO V 269 12.31 19.08 25.19
N THR V 270 12.67 18.96 26.47
CA THR V 270 12.93 17.70 27.16
C THR V 270 11.76 17.39 28.08
N ARG V 271 11.66 16.15 28.54
CA ARG V 271 10.62 15.80 29.49
C ARG V 271 10.84 16.46 30.85
N TYR V 272 12.10 16.67 31.22
CA TYR V 272 12.46 17.33 32.48
C TYR V 272 11.99 18.79 32.53
N GLN V 273 11.97 19.48 31.40
CA GLN V 273 11.34 20.79 31.38
C GLN V 273 9.83 20.72 31.70
N TRP V 274 9.15 19.64 31.32
CA TRP V 274 7.77 19.53 31.77
C TRP V 274 7.71 19.14 33.25
N ASP V 275 8.54 18.18 33.65
CA ASP V 275 8.51 17.66 35.02
C ASP V 275 8.81 18.72 36.06
N SER V 276 9.53 19.76 35.69
CA SER V 276 9.90 20.80 36.63
C SER V 276 9.21 22.13 36.36
N SER V 277 8.28 22.17 35.43
CA SER V 277 7.61 23.42 35.12
C SER V 277 8.63 24.51 34.81
N TYR V 278 9.67 24.11 34.09
CA TYR V 278 10.76 25.04 33.77
C TYR V 278 10.24 26.24 33.00
N PHE V 279 9.39 26.00 31.97
CA PHE V 279 8.81 27.09 31.21
C PHE V 279 7.65 27.76 31.94
N GLN V 280 7.00 27.07 32.86
CA GLN V 280 5.86 27.70 33.50
C GLN V 280 6.32 28.74 34.50
N GLN V 281 7.42 28.46 35.21
CA GLN V 281 8.02 29.45 36.10
C GLN V 281 8.46 30.70 35.35
N GLU V 282 9.26 30.54 34.29
CA GLU V 282 9.69 31.71 33.55
C GLU V 282 8.51 32.53 33.04
N ILE V 283 7.42 31.87 32.61
CA ILE V 283 6.24 32.64 32.19
C ILE V 283 5.68 33.40 33.38
N ASN V 284 5.60 32.75 34.55
CA ASN V 284 5.02 33.38 35.72
C ASN V 284 5.85 34.57 36.16
N ARG V 285 7.17 34.41 36.17
CA ARG V 285 8.09 35.49 36.48
C ARG V 285 7.81 36.71 35.59
N ARG V 286 7.77 36.51 34.27
CA ARG V 286 7.58 37.66 33.39
C ARG V 286 6.24 38.32 33.64
N VAL V 287 5.22 37.54 34.01
CA VAL V 287 3.91 38.12 34.27
C VAL V 287 3.94 38.91 35.58
N GLN V 288 4.43 38.29 36.67
CA GLN V 288 4.52 39.02 37.94
C GLN V 288 5.40 40.25 37.83
N ALA V 289 6.35 40.26 36.90
CA ALA V 289 7.07 41.49 36.59
C ALA V 289 6.10 42.55 36.10
N SER V 290 5.35 42.24 35.03
CA SER V 290 4.45 43.23 34.45
C SER V 290 3.52 43.83 35.52
N LEU V 291 3.06 43.01 36.45
CA LEU V 291 2.12 43.50 37.44
C LEU V 291 2.80 44.32 38.54
N ALA V 292 4.13 44.25 38.65
CA ALA V 292 4.85 45.17 39.49
C ALA V 292 5.05 46.53 38.82
N SER V 293 5.08 46.55 37.49
CA SER V 293 5.21 47.78 36.70
C SER V 293 3.86 48.21 36.17
N GLY V 294 2.84 48.19 37.02
CA GLY V 294 1.50 48.56 36.64
C GLY V 294 1.04 48.17 35.24
N ALA V 295 0.71 46.89 35.07
CA ALA V 295 0.04 46.45 33.87
C ALA V 295 -1.14 45.59 34.30
N THR V 296 -2.15 45.55 33.46
CA THR V 296 -3.32 44.76 33.76
C THR V 296 -3.06 43.30 33.42
N LEU V 297 -3.92 42.41 33.95
CA LEU V 297 -3.80 41.00 33.62
C LEU V 297 -3.65 40.85 32.14
N GLU V 298 -4.58 41.48 31.42
CA GLU V 298 -4.61 41.38 29.97
C GLU V 298 -3.30 41.81 29.35
N GLU V 299 -2.68 42.86 29.89
CA GLU V 299 -1.45 43.37 29.26
C GLU V 299 -0.25 42.53 29.64
N ALA V 300 -0.25 41.95 30.84
CA ALA V 300 0.89 41.15 31.26
C ALA V 300 0.92 39.79 30.56
N TRP V 301 -0.25 39.17 30.35
CA TRP V 301 -0.30 37.91 29.61
C TRP V 301 -0.26 38.13 28.12
N SER V 302 -0.75 39.28 27.64
CA SER V 302 -0.58 39.63 26.24
C SER V 302 0.89 39.82 25.86
N ALA V 303 1.75 40.13 26.82
CA ALA V 303 3.18 40.28 26.57
C ALA V 303 3.97 38.98 26.67
N ILE V 304 3.31 37.84 26.80
CA ILE V 304 4.03 36.56 26.77
C ILE V 304 4.07 36.06 25.34
N PRO V 305 5.25 35.77 24.81
CA PRO V 305 5.32 35.30 23.42
C PRO V 305 4.72 33.91 23.25
N GLU V 306 3.98 33.72 22.15
CA GLU V 306 3.46 32.41 21.82
C GLU V 306 4.56 31.36 21.95
N LYS V 307 5.73 31.63 21.40
CA LYS V 307 6.78 30.62 21.32
C LYS V 307 7.13 30.12 22.69
N LEU V 308 7.06 30.99 23.70
CA LEU V 308 7.35 30.56 25.06
C LEU V 308 6.17 29.77 25.63
N ALA V 309 4.95 30.21 25.39
CA ALA V 309 3.80 29.48 25.91
C ALA V 309 3.68 28.10 25.26
N PHE V 310 4.02 27.99 23.96
CA PHE V 310 4.00 26.70 23.26
C PHE V 310 4.91 25.69 23.92
N TYR V 311 6.05 26.12 24.45
CA TYR V 311 6.92 25.20 25.16
C TYR V 311 6.22 24.63 26.39
N ASP V 312 5.33 25.40 27.01
CA ASP V 312 4.68 24.94 28.23
C ASP V 312 3.42 24.13 27.97
N TYR V 313 3.53 23.09 27.14
CA TYR V 313 2.39 22.30 26.65
C TYR V 313 2.83 20.85 26.50
N ILE V 314 2.11 19.94 27.15
CA ILE V 314 2.58 18.56 27.23
C ILE V 314 2.55 17.87 25.88
N GLY V 315 1.73 18.30 24.94
CA GLY V 315 1.85 17.78 23.61
C GLY V 315 3.23 17.90 22.99
N ASN V 316 4.13 18.71 23.54
CA ASN V 316 5.51 18.79 23.04
C ASN V 316 6.51 18.13 23.98
N ASN V 317 6.06 17.46 25.03
CA ASN V 317 6.92 16.69 25.90
C ASN V 317 7.22 15.35 25.23
N PRO V 318 8.48 15.02 24.95
CA PRO V 318 8.78 13.82 24.15
C PRO V 318 8.40 12.51 24.83
N ALA V 319 7.99 12.52 26.09
CA ALA V 319 7.67 11.30 26.80
C ALA V 319 6.18 11.03 26.79
N LYS V 320 5.43 11.69 25.91
CA LYS V 320 4.00 11.49 25.84
C LYS V 320 3.58 10.63 24.67
N GLY V 321 4.50 9.98 23.98
CA GLY V 321 4.20 9.32 22.74
C GLY V 321 4.08 7.81 22.83
N GLY V 322 4.22 7.18 21.67
CA GLY V 322 3.89 5.77 21.54
C GLY V 322 4.72 5.19 20.44
N LEU V 323 5.01 3.88 20.57
CA LEU V 323 6.02 3.22 19.74
C LEU V 323 5.55 3.04 18.28
N PHE V 324 4.27 2.74 18.09
CA PHE V 324 3.66 2.54 16.79
C PHE V 324 2.74 3.70 16.44
N ARG V 325 2.91 4.81 17.11
CA ARG V 325 2.21 6.03 16.77
C ARG V 325 3.19 6.84 15.90
N THR V 326 3.00 6.73 14.58
CA THR V 326 4.03 7.12 13.61
C THR V 326 3.91 8.58 13.14
N GLY V 327 5.06 9.15 12.85
CA GLY V 327 5.12 10.36 12.05
C GLY V 327 5.34 11.60 12.88
N PRO V 328 4.96 12.72 12.31
CA PRO V 328 5.24 14.00 12.97
C PRO V 328 4.21 14.30 14.06
N MET V 329 4.64 15.13 15.02
CA MET V 329 3.73 15.51 16.09
C MET V 329 2.45 16.13 15.53
N ASN V 330 2.55 16.85 14.41
CA ASN V 330 1.36 17.49 13.85
C ASN V 330 0.28 16.49 13.48
N LYS V 331 0.63 15.23 13.31
CA LYS V 331 -0.34 14.21 12.98
C LYS V 331 -1.18 13.82 14.20
N GLY V 332 -0.76 14.23 15.40
CA GLY V 332 -1.36 13.92 16.67
C GLY V 332 -2.34 14.99 17.07
N ASP V 333 -1.89 15.97 17.87
CA ASP V 333 -2.71 17.12 18.24
C ASP V 333 -3.02 18.05 17.07
N GLY V 334 -2.32 17.93 15.94
CA GLY V 334 -2.54 18.83 14.82
C GLY V 334 -1.43 19.85 14.68
N ILE V 335 -1.55 20.65 13.62
CA ILE V 335 -0.65 21.78 13.36
C ILE V 335 -1.05 22.96 14.23
N ALA V 336 -0.23 23.31 15.21
CA ALA V 336 -0.61 24.42 16.10
C ALA V 336 -0.76 25.74 15.34
N GLN V 337 -1.81 26.50 15.69
CA GLN V 337 -2.13 27.75 14.99
C GLN V 337 -2.08 28.99 15.86
N ALA V 338 -2.63 28.98 17.06
CA ALA V 338 -2.56 30.18 17.89
C ALA V 338 -2.57 29.83 19.36
N TRP V 339 -1.94 30.68 20.15
CA TRP V 339 -2.18 30.66 21.59
C TRP V 339 -3.64 31.05 21.82
N LYS V 340 -4.36 30.23 22.57
CA LYS V 340 -5.72 30.64 22.91
C LYS V 340 -5.75 31.63 24.06
N GLY V 341 -4.66 31.76 24.79
CA GLY V 341 -4.68 32.61 25.94
C GLY V 341 -4.53 31.82 27.21
N HIS V 342 -4.05 32.49 28.23
CA HIS V 342 -3.88 31.80 29.49
C HIS V 342 -5.20 31.78 30.20
N ALA V 343 -5.60 30.59 30.65
CA ALA V 343 -6.91 30.34 31.24
C ALA V 343 -6.81 30.53 32.74
N VAL V 344 -7.75 31.30 33.28
CA VAL V 344 -7.89 31.46 34.73
C VAL V 344 -9.27 30.99 35.11
N PHE V 345 -9.30 30.09 36.07
CA PHE V 345 -10.52 29.51 36.62
C PHE V 345 -10.70 30.09 38.02
N ARG V 346 -11.91 30.56 38.32
CA ARG V 346 -12.26 30.92 39.68
C ARG V 346 -13.59 30.28 40.03
N ASN V 347 -13.83 30.06 41.32
CA ASN V 347 -15.12 29.53 41.73
C ASN V 347 -16.13 30.67 41.95
N LYS V 348 -17.35 30.31 42.33
CA LYS V 348 -18.41 31.29 42.55
C LYS V 348 -18.04 32.33 43.60
N GLU V 349 -17.06 32.05 44.45
CA GLU V 349 -16.58 33.04 45.41
C GLU V 349 -15.44 33.91 44.87
N GLY V 350 -15.04 33.77 43.60
CA GLY V 350 -13.97 34.57 43.03
C GLY V 350 -12.57 34.09 43.32
N GLU V 351 -12.38 33.21 44.32
CA GLU V 351 -11.09 32.60 44.54
C GLU V 351 -10.60 31.91 43.26
N GLU V 352 -9.37 32.19 42.88
CA GLU V 352 -8.82 31.58 41.68
C GLU V 352 -8.39 30.15 41.98
N LEU V 353 -8.60 29.27 40.99
CA LEU V 353 -8.34 27.84 41.09
C LEU V 353 -7.44 27.37 39.96
N PHE V 354 -6.76 26.25 40.22
CA PHE V 354 -5.65 25.78 39.41
C PHE V 354 -5.81 24.31 39.03
N VAL V 355 -6.05 24.04 37.75
CA VAL V 355 -5.98 22.69 37.22
C VAL V 355 -4.64 22.04 37.54
N ARG V 356 -4.70 20.94 38.30
CA ARG V 356 -3.59 20.01 38.47
C ARG V 356 -3.22 19.43 37.12
N ARG V 357 -1.91 19.36 36.83
CA ARG V 357 -1.44 19.11 35.47
C ARG V 357 -1.11 17.64 35.33
N MET V 358 -1.32 17.16 34.11
CA MET V 358 -1.07 15.77 33.80
C MET V 358 0.41 15.46 33.96
N PRO V 359 0.76 14.40 34.67
CA PRO V 359 2.16 13.93 34.66
C PRO V 359 2.38 13.01 33.46
N ALA V 360 3.65 12.94 33.05
CA ALA V 360 4.01 12.20 31.84
C ALA V 360 3.55 10.73 31.92
N PHE V 361 3.56 10.14 33.10
CA PHE V 361 3.24 8.73 33.24
C PHE V 361 1.84 8.38 32.73
N PHE V 362 0.91 9.30 32.82
CA PHE V 362 -0.51 9.01 32.70
C PHE V 362 -1.01 9.21 31.28
N GLU V 363 -1.52 8.14 30.67
CA GLU V 363 -2.24 8.28 29.41
C GLU V 363 -3.48 9.14 29.59
N SER V 364 -4.00 9.17 30.80
CA SER V 364 -5.24 9.86 31.08
C SER V 364 -5.17 10.29 32.53
N PHE V 365 -5.92 11.34 32.85
CA PHE V 365 -5.75 12.01 34.13
C PHE V 365 -7.04 12.74 34.42
N PRO V 366 -7.49 12.78 35.66
CA PRO V 366 -8.73 13.47 35.98
C PRO V 366 -8.56 14.97 36.07
N VAL V 367 -9.70 15.67 36.05
CA VAL V 367 -9.74 17.13 36.12
C VAL V 367 -9.96 17.54 37.58
N ILE V 368 -8.90 18.04 38.21
CA ILE V 368 -8.94 18.43 39.61
C ILE V 368 -8.33 19.82 39.77
N LEU V 369 -9.11 20.72 40.38
CA LEU V 369 -8.76 22.11 40.56
C LEU V 369 -8.63 22.35 42.05
N THR V 370 -7.50 22.90 42.45
CA THR V 370 -7.21 23.22 43.83
C THR V 370 -7.03 24.73 43.96
N ASP V 371 -6.94 25.19 45.20
CA ASP V 371 -6.68 26.59 45.50
C ASP V 371 -5.20 26.79 45.75
N LYS V 372 -4.79 28.06 45.86
CA LYS V 372 -3.37 28.39 45.92
C LYS V 372 -2.63 27.49 46.92
N ASN V 373 -3.36 26.88 47.86
CA ASN V 373 -2.78 26.00 48.85
C ASN V 373 -2.76 24.54 48.43
N GLY V 374 -3.72 24.11 47.62
CA GLY V 374 -3.81 22.72 47.22
C GLY V 374 -5.06 22.04 47.69
N VAL V 375 -5.81 22.65 48.59
CA VAL V 375 -7.12 22.12 48.95
C VAL V 375 -7.91 21.96 47.66
N VAL V 376 -8.31 20.72 47.37
CA VAL V 376 -9.19 20.47 46.23
C VAL V 376 -10.44 21.32 46.37
N LYS V 377 -10.87 21.95 45.29
CA LYS V 377 -11.99 22.87 45.36
C LYS V 377 -13.02 22.54 44.28
N ALA V 378 -12.57 21.98 43.15
CA ALA V 378 -13.54 21.56 42.16
C ALA V 378 -12.94 20.42 41.36
N ASP V 379 -13.82 19.62 40.76
CA ASP V 379 -13.39 18.51 39.93
C ASP V 379 -14.52 18.23 38.95
N ILE V 380 -14.25 17.30 38.05
CA ILE V 380 -15.30 16.74 37.21
C ILE V 380 -15.50 15.29 37.69
N PRO V 381 -16.66 14.96 38.24
CA PRO V 381 -16.78 13.67 38.90
C PRO V 381 -17.11 12.56 37.90
N PHE V 382 -16.78 11.35 38.34
CA PHE V 382 -17.16 10.08 37.70
C PHE V 382 -18.55 9.69 38.17
N ARG V 383 -18.68 9.22 39.41
CA ARG V 383 -20.02 9.02 39.96
C ARG V 383 -20.62 10.36 40.32
N ARG V 384 -21.74 10.71 39.67
CA ARG V 384 -22.39 11.96 39.98
C ARG V 384 -23.22 11.94 41.26
N ALA V 385 -23.56 10.77 41.81
CA ALA V 385 -24.65 10.69 42.78
C ALA V 385 -24.31 11.37 44.12
N GLU V 386 -23.09 11.18 44.62
CA GLU V 386 -22.66 11.84 45.85
C GLU V 386 -21.59 12.91 45.58
N SER V 387 -21.52 13.42 44.36
CA SER V 387 -20.50 14.41 44.06
C SER V 387 -20.76 15.70 44.82
N LYS V 388 -19.71 16.30 45.35
CA LYS V 388 -19.86 17.52 46.09
C LYS V 388 -19.00 18.66 45.56
N TYR V 389 -18.19 18.41 44.52
CA TYR V 389 -17.24 19.37 43.98
C TYR V 389 -17.50 19.73 42.52
N SER V 390 -18.62 19.31 41.93
CA SER V 390 -18.84 19.51 40.52
C SER V 390 -18.79 21.01 40.18
N PHE V 391 -18.51 21.29 38.91
CA PHE V 391 -18.42 22.68 38.47
C PHE V 391 -19.75 23.39 38.63
N GLU V 392 -20.82 22.68 38.34
CA GLU V 392 -22.17 23.19 38.57
C GLU V 392 -22.32 23.62 40.02
N GLN V 393 -21.91 22.77 40.94
CA GLN V 393 -22.12 23.02 42.35
C GLN V 393 -21.27 24.21 42.80
N GLN V 394 -20.09 24.36 42.20
CA GLN V 394 -19.15 25.36 42.65
C GLN V 394 -19.18 26.62 41.79
N GLY V 395 -20.01 26.63 40.74
CA GLY V 395 -20.03 27.73 39.80
C GLY V 395 -18.66 28.22 39.40
N VAL V 396 -17.85 27.35 38.77
CA VAL V 396 -16.54 27.81 38.33
C VAL V 396 -16.66 28.31 36.91
N THR V 397 -15.73 29.18 36.55
CA THR V 397 -15.79 30.03 35.38
C THR V 397 -14.39 30.05 34.82
N VAL V 398 -14.28 30.38 33.53
CA VAL V 398 -12.99 30.53 32.88
C VAL V 398 -12.93 31.92 32.27
N SER V 399 -11.92 32.69 32.65
CA SER V 399 -11.59 33.92 31.97
C SER V 399 -10.24 33.78 31.32
N PHE V 400 -10.10 34.29 30.09
CA PHE V 400 -8.84 34.16 29.35
C PHE V 400 -8.07 35.48 29.25
N TYR V 401 -6.74 35.40 29.32
CA TYR V 401 -5.88 36.57 29.20
C TYR V 401 -4.73 36.26 28.26
N GLY V 402 -4.50 37.15 27.29
CA GLY V 402 -3.62 36.84 26.19
C GLY V 402 -4.28 36.03 25.06
N GLY V 403 -3.50 35.82 24.00
CA GLY V 403 -3.91 35.04 22.85
C GLY V 403 -5.30 35.35 22.31
N GLU V 404 -5.82 34.44 21.50
CA GLU V 404 -7.11 34.66 20.81
C GLU V 404 -8.22 35.10 21.76
N LEU V 405 -8.33 34.47 22.94
CA LEU V 405 -9.49 34.64 23.81
C LEU V 405 -9.35 35.81 24.80
N ASN V 406 -8.32 36.65 24.66
CA ASN V 406 -8.00 37.64 25.70
C ASN V 406 -9.19 38.52 26.08
N GLY V 407 -9.47 38.60 27.37
CA GLY V 407 -10.68 39.26 27.87
C GLY V 407 -11.95 38.42 27.90
N GLN V 408 -11.98 37.22 27.30
CA GLN V 408 -13.25 36.52 27.25
C GLN V 408 -13.48 35.74 28.54
N THR V 409 -14.75 35.53 28.85
CA THR V 409 -15.13 34.74 30.01
C THR V 409 -16.28 33.82 29.61
N PHE V 410 -16.18 32.56 29.99
CA PHE V 410 -17.28 31.63 29.81
C PHE V 410 -17.78 31.13 31.16
N THR V 411 -19.07 30.89 31.23
CA THR V 411 -19.71 30.58 32.51
C THR V 411 -20.58 29.33 32.48
N ASP V 412 -20.96 28.82 31.30
CA ASP V 412 -21.75 27.61 31.33
C ASP V 412 -20.85 26.39 31.48
N PRO V 413 -21.27 25.40 32.27
CA PRO V 413 -20.35 24.34 32.73
C PRO V 413 -19.76 23.54 31.58
N PRO V 414 -20.53 23.19 30.57
CA PRO V 414 -19.95 22.39 29.48
C PRO V 414 -18.75 23.05 28.81
N THR V 415 -18.77 24.37 28.59
CA THR V 415 -17.62 25.01 28.01
C THR V 415 -16.46 25.10 28.99
N VAL V 416 -16.76 25.54 30.20
CA VAL V 416 -15.71 25.60 31.20
C VAL V 416 -15.06 24.24 31.41
N LYS V 417 -15.81 23.17 31.17
CA LYS V 417 -15.30 21.81 31.35
C LYS V 417 -14.29 21.42 30.27
N SER V 418 -14.53 21.83 29.03
CA SER V 418 -13.59 21.46 27.98
C SER V 418 -12.28 22.26 28.02
N TYR V 419 -12.31 23.56 28.36
CA TYR V 419 -11.02 24.21 28.65
C TYR V 419 -10.39 23.65 29.92
N ALA V 420 -11.18 23.15 30.87
CA ALA V 420 -10.60 22.46 32.02
C ALA V 420 -9.88 21.17 31.61
N ARG V 421 -10.37 20.47 30.59
CA ARG V 421 -9.70 19.24 30.20
C ARG V 421 -8.44 19.49 29.38
N LYS V 422 -8.27 20.69 28.84
CA LYS V 422 -7.03 21.03 28.15
C LYS V 422 -6.03 21.72 29.06
N ALA V 423 -6.50 22.31 30.15
CA ALA V 423 -5.59 22.90 31.10
C ALA V 423 -4.71 21.87 31.80
N ILE V 424 -5.07 20.59 31.77
CA ILE V 424 -4.17 19.60 32.34
C ILE V 424 -2.94 19.41 31.46
N PHE V 425 -2.99 19.90 30.22
CA PHE V 425 -1.90 19.82 29.27
C PHE V 425 -1.03 21.07 29.30
N GLY V 426 -1.38 22.08 30.10
CA GLY V 426 -0.70 23.35 30.13
C GLY V 426 -1.43 24.38 29.29
N GLU V 427 -0.69 25.17 28.53
CA GLU V 427 -1.29 26.29 27.82
C GLU V 427 -2.08 25.78 26.62
N ILE V 428 -3.15 26.50 26.29
CA ILE V 428 -4.18 26.00 25.38
C ILE V 428 -4.00 26.68 24.03
N PHE V 429 -3.88 25.87 22.98
CA PHE V 429 -3.63 26.36 21.64
C PHE V 429 -4.72 25.88 20.70
N GLU V 430 -4.91 26.71 19.67
CA GLU V 430 -5.73 26.35 18.53
C GLU V 430 -4.92 25.43 17.66
N PHE V 431 -5.55 24.39 17.16
CA PHE V 431 -4.88 23.44 16.31
C PHE V 431 -5.65 23.31 15.02
N ASP V 432 -4.92 23.01 13.96
CA ASP V 432 -5.48 22.57 12.70
C ASP V 432 -5.31 21.06 12.66
N THR V 433 -6.43 20.33 12.64
CA THR V 433 -6.41 18.88 12.63
C THR V 433 -6.98 18.32 11.34
N GLU V 434 -7.44 19.18 10.45
CA GLU V 434 -7.97 18.68 9.18
C GLU V 434 -6.87 18.48 8.16
N THR V 435 -5.87 19.38 8.10
CA THR V 435 -4.89 19.30 7.02
C THR V 435 -4.24 17.92 7.00
N LEU V 436 -3.77 17.45 8.15
CA LEU V 436 -3.05 16.19 8.21
C LEU V 436 -3.94 15.03 8.58
N ASN V 437 -5.23 15.25 8.70
CA ASN V 437 -6.15 14.28 9.27
C ASN V 437 -5.59 13.73 10.59
N SER V 438 -5.34 14.65 11.51
CA SER V 438 -4.80 14.31 12.82
C SER V 438 -5.84 13.55 13.62
N ASP V 439 -5.37 12.56 14.38
CA ASP V 439 -6.20 11.68 15.16
C ASP V 439 -6.28 12.05 16.65
N GLY V 440 -5.54 13.04 17.11
CA GLY V 440 -5.72 13.53 18.48
C GLY V 440 -4.94 12.83 19.56
N ILE V 441 -4.03 11.91 19.16
CA ILE V 441 -3.21 11.12 20.09
C ILE V 441 -1.76 11.58 20.00
N PHE V 442 -1.13 11.75 21.15
CA PHE V 442 0.18 12.37 21.21
C PHE V 442 1.22 11.47 20.54
N ARG V 443 2.23 12.12 19.96
CA ARG V 443 3.37 11.47 19.35
C ARG V 443 4.63 12.01 19.98
N THR V 444 5.72 11.30 19.75
CA THR V 444 6.98 11.76 20.29
C THR V 444 7.72 12.63 19.28
N SER V 445 8.69 13.37 19.79
CA SER V 445 9.46 14.27 18.96
C SER V 445 10.73 13.59 18.47
N PRO V 446 11.53 14.26 17.63
CA PRO V 446 12.75 13.62 17.16
C PRO V 446 13.74 13.38 18.28
N ARG V 447 13.70 14.19 19.33
CA ARG V 447 14.53 13.94 20.50
C ARG V 447 14.22 12.57 21.07
N GLY V 448 12.93 12.21 21.09
CA GLY V 448 12.55 10.91 21.56
C GLY V 448 13.02 9.82 20.63
N TRP V 449 12.77 10.00 19.32
CA TRP V 449 13.08 8.96 18.35
C TRP V 449 14.58 8.74 18.21
N PHE V 450 15.38 9.82 18.28
CA PHE V 450 16.83 9.67 18.29
C PHE V 450 17.27 8.88 19.51
N THR V 451 16.82 9.29 20.71
CA THR V 451 17.23 8.62 21.95
C THR V 451 16.91 7.14 21.88
N PHE V 452 15.69 6.79 21.49
CA PHE V 452 15.33 5.37 21.47
C PHE V 452 16.20 4.60 20.49
N ALA V 453 16.48 5.18 19.35
CA ALA V 453 17.19 4.39 18.36
C ALA V 453 18.58 4.10 18.86
N HIS V 454 19.21 5.12 19.47
CA HIS V 454 20.62 5.00 19.80
C HIS V 454 20.81 4.21 21.07
N ALA V 455 19.85 4.21 21.97
CA ALA V 455 20.03 3.39 23.18
C ALA V 455 19.82 1.92 22.85
N VAL V 456 18.85 1.65 21.97
CA VAL V 456 18.68 0.30 21.48
C VAL V 456 19.89 -0.16 20.70
N PHE V 457 20.42 0.65 19.79
CA PHE V 457 21.61 0.21 19.08
C PHE V 457 22.77 -0.02 20.03
N ALA V 458 23.00 0.90 20.97
CA ALA V 458 24.13 0.70 21.87
C ALA V 458 24.02 -0.63 22.61
N LEU V 459 22.82 -0.98 23.10
CA LEU V 459 22.63 -2.28 23.74
C LEU V 459 23.00 -3.42 22.82
N LEU V 460 22.44 -3.44 21.60
CA LEU V 460 22.81 -4.50 20.65
C LEU V 460 24.30 -4.55 20.38
N PHE V 461 24.93 -3.39 20.21
CA PHE V 461 26.35 -3.38 19.88
C PHE V 461 27.18 -3.93 21.04
N PHE V 462 26.72 -3.77 22.28
CA PHE V 462 27.36 -4.48 23.38
C PHE V 462 27.47 -5.96 23.09
N PHE V 463 26.46 -6.54 22.40
CA PHE V 463 26.51 -7.97 22.15
C PHE V 463 27.49 -8.31 21.03
N GLY V 464 27.65 -7.42 20.04
CA GLY V 464 28.71 -7.58 19.05
C GLY V 464 30.12 -7.44 19.62
N HIS V 465 30.30 -6.58 20.61
CA HIS V 465 31.59 -6.53 21.31
C HIS V 465 31.88 -7.84 22.00
N ILE V 466 30.91 -8.38 22.73
CA ILE V 466 31.15 -9.65 23.41
C ILE V 466 31.39 -10.74 22.40
N TRP V 467 30.67 -10.69 21.29
CA TRP V 467 30.78 -11.81 20.37
C TRP V 467 32.12 -11.79 19.67
N HIS V 468 32.51 -10.61 19.18
CA HIS V 468 33.75 -10.49 18.42
C HIS V 468 34.95 -10.45 19.35
N GLY V 469 34.81 -9.88 20.55
CA GLY V 469 35.86 -10.02 21.54
C GLY V 469 36.16 -11.48 21.86
N ALA V 470 35.11 -12.31 21.95
CA ALA V 470 35.29 -13.73 22.28
C ALA V 470 35.96 -14.51 21.16
N ARG V 471 35.56 -14.28 19.90
CA ARG V 471 36.13 -15.03 18.78
C ARG V 471 37.59 -14.67 18.55
N THR V 472 37.99 -13.45 18.92
CA THR V 472 39.39 -13.11 18.87
C THR V 472 40.17 -14.04 19.79
N LEU V 473 39.88 -13.95 21.10
CA LEU V 473 40.70 -14.59 22.11
C LEU V 473 40.51 -16.10 22.19
N PHE V 474 39.46 -16.63 21.58
CA PHE V 474 39.26 -18.07 21.48
C PHE V 474 39.33 -18.56 20.04
N ARG V 475 40.14 -17.90 19.20
CA ARG V 475 40.15 -18.31 17.80
C ARG V 475 40.57 -19.76 17.66
N ASP V 476 41.45 -20.25 18.54
CA ASP V 476 41.99 -21.58 18.39
C ASP V 476 40.93 -22.68 18.49
N VAL V 477 39.82 -22.43 19.20
CA VAL V 477 38.79 -23.45 19.37
C VAL V 477 37.43 -23.00 18.85
N PHE V 478 37.39 -22.01 17.95
CA PHE V 478 36.13 -21.63 17.31
C PHE V 478 35.40 -22.84 16.68
N SER V 479 36.13 -23.75 16.02
CA SER V 479 35.56 -24.91 15.36
C SER V 479 35.40 -26.10 16.28
N GLY V 480 35.87 -25.99 17.51
CA GLY V 480 35.71 -27.06 18.48
C GLY V 480 36.92 -27.27 19.39
N ILE V 481 36.75 -28.09 20.46
CA ILE V 481 37.83 -28.35 21.40
C ILE V 481 38.73 -29.47 20.87
N ASP V 482 39.97 -29.48 21.36
CA ASP V 482 40.95 -30.42 20.84
C ASP V 482 40.44 -31.84 21.04
N PRO V 483 40.41 -32.67 19.99
CA PRO V 483 39.79 -33.99 20.15
C PRO V 483 40.59 -34.91 21.06
N GLU V 484 41.89 -34.67 21.21
CA GLU V 484 42.75 -35.52 22.03
C GLU V 484 43.14 -34.78 23.32
N LEU V 485 42.14 -34.37 24.10
CA LEU V 485 42.31 -33.57 25.32
C LEU V 485 42.07 -34.46 26.54
N SER V 486 42.96 -34.37 27.57
CA SER V 486 42.99 -35.35 28.67
C SER V 486 42.40 -34.81 29.96
N PRO V 487 41.93 -35.69 30.84
CA PRO V 487 41.31 -35.20 32.10
C PRO V 487 42.30 -34.56 33.07
N GLU V 488 43.55 -35.03 33.16
CA GLU V 488 44.52 -34.35 34.02
C GLU V 488 44.48 -32.85 33.76
N GLN V 489 44.31 -32.47 32.50
CA GLN V 489 44.11 -31.07 32.14
C GLN V 489 42.95 -30.44 32.92
N VAL V 490 41.80 -31.13 33.00
CA VAL V 490 40.59 -30.51 33.51
C VAL V 490 40.26 -30.98 34.93
N GLU V 491 40.66 -32.19 35.29
CA GLU V 491 40.31 -32.68 36.61
C GLU V 491 41.03 -31.85 37.67
N TRP V 492 40.57 -31.98 38.91
CA TRP V 492 41.09 -31.19 40.01
C TRP V 492 42.28 -31.90 40.64
N GLY V 493 43.33 -31.11 40.91
CA GLY V 493 44.44 -31.52 41.74
C GLY V 493 45.71 -31.88 40.98
N PHE V 494 45.57 -32.40 39.77
CA PHE V 494 46.75 -32.75 38.98
C PHE V 494 47.69 -31.56 38.82
N TYR V 495 47.15 -30.40 38.41
CA TYR V 495 47.93 -29.18 38.20
C TYR V 495 47.66 -28.18 39.31
N GLN V 496 48.71 -27.47 39.73
CA GLN V 496 48.55 -26.43 40.75
C GLN V 496 48.06 -25.13 40.15
N LYS V 497 48.39 -24.89 38.90
CA LYS V 497 47.89 -23.76 38.15
C LYS V 497 46.96 -24.31 37.08
N VAL V 498 45.70 -23.92 37.15
CA VAL V 498 44.69 -24.37 36.20
C VAL V 498 45.20 -24.13 34.78
N GLY V 499 45.29 -25.19 33.99
CA GLY V 499 45.70 -25.09 32.60
C GLY V 499 47.19 -25.26 32.37
N ASP V 500 48.01 -24.78 33.29
CA ASP V 500 49.47 -24.73 33.13
C ASP V 500 50.05 -26.11 33.42
N VAL V 501 50.37 -26.84 32.34
CA VAL V 501 50.86 -28.20 32.47
C VAL V 501 52.17 -28.26 33.25
N THR V 502 52.96 -27.19 33.18
CA THR V 502 54.27 -27.18 33.83
C THR V 502 54.15 -27.28 35.35
N THR V 503 52.93 -27.36 35.89
CA THR V 503 52.71 -27.33 37.33
C THR V 503 52.27 -28.69 37.89
N ARG V 504 52.63 -29.77 37.22
CA ARG V 504 52.24 -31.11 37.67
C ARG V 504 52.54 -31.30 39.16
N ARG V 505 51.66 -32.04 39.84
CA ARG V 505 51.82 -32.35 41.27
C ARG V 505 51.41 -31.16 42.13
N ALA W 1 21.25 -56.97 54.22
CA ALA W 1 21.51 -57.80 53.06
C ALA W 1 20.28 -58.63 52.67
N THR W 2 19.23 -58.59 53.51
CA THR W 2 17.92 -59.20 53.17
C THR W 2 17.15 -58.16 52.35
N ASN W 3 17.30 -58.26 51.02
CA ASN W 3 17.11 -57.10 50.16
C ASN W 3 17.77 -55.94 50.89
N ARG W 4 17.09 -54.83 51.10
CA ARG W 4 17.51 -53.84 52.09
C ARG W 4 18.73 -53.03 51.69
N ASP W 5 19.30 -53.24 50.50
CA ASP W 5 20.41 -52.44 50.01
C ASP W 5 20.28 -52.40 48.49
N GLN W 6 20.93 -51.41 47.85
CA GLN W 6 20.72 -51.23 46.41
C GLN W 6 21.32 -52.35 45.60
N GLU W 7 22.33 -53.02 46.13
CA GLU W 7 23.15 -53.94 45.36
C GLU W 7 22.61 -55.36 45.37
N SER W 8 21.42 -55.59 45.94
CA SER W 8 20.80 -56.91 45.97
C SER W 8 19.36 -56.83 45.47
N SER W 9 18.62 -55.83 45.96
CA SER W 9 17.28 -55.56 45.48
C SER W 9 17.27 -54.76 44.18
N GLY W 10 18.39 -54.13 43.82
CA GLY W 10 18.45 -53.34 42.60
C GLY W 10 17.68 -52.04 42.63
N PHE W 11 17.19 -51.60 43.80
CA PHE W 11 16.55 -50.30 43.97
C PHE W 11 17.34 -49.43 44.95
N ALA W 12 17.37 -48.14 44.68
CA ALA W 12 18.12 -47.21 45.52
C ALA W 12 17.32 -46.82 46.75
N TRP W 13 18.00 -46.21 47.71
CA TRP W 13 17.37 -45.82 48.97
C TRP W 13 16.07 -45.05 48.71
N TRP W 14 16.14 -44.05 47.81
CA TRP W 14 15.01 -43.17 47.53
C TRP W 14 13.83 -43.90 46.86
N ALA W 15 14.03 -45.12 46.37
CA ALA W 15 12.93 -45.97 45.93
C ALA W 15 12.91 -47.28 46.70
N GLY W 16 13.12 -47.19 48.03
CA GLY W 16 13.38 -48.37 48.84
C GLY W 16 12.17 -49.22 49.15
N ASN W 17 10.98 -48.63 49.21
CA ASN W 17 9.81 -49.45 49.46
C ASN W 17 9.53 -50.38 48.31
N ALA W 18 10.05 -50.07 47.13
CA ALA W 18 10.01 -51.05 46.06
C ALA W 18 10.92 -52.25 46.36
N ARG W 19 11.66 -52.25 47.47
CA ARG W 19 12.35 -53.45 47.93
C ARG W 19 11.41 -54.47 48.56
N LEU W 20 10.13 -54.12 48.79
CA LEU W 20 9.16 -54.99 49.46
C LEU W 20 8.18 -55.66 48.50
N ILE W 21 8.46 -55.72 47.20
CA ILE W 21 7.42 -56.21 46.31
C ILE W 21 7.17 -57.70 46.50
N ASN W 22 8.21 -58.47 46.86
CA ASN W 22 8.06 -59.92 47.04
C ASN W 22 8.43 -60.36 48.43
N LEU W 23 8.25 -59.48 49.41
CA LEU W 23 8.38 -59.79 50.81
C LEU W 23 6.97 -59.53 51.35
N SER W 24 6.13 -60.57 51.32
CA SER W 24 4.72 -60.39 51.63
C SER W 24 4.49 -60.13 53.12
N GLY W 25 5.34 -60.63 53.99
CA GLY W 25 5.16 -60.31 55.39
C GLY W 25 5.62 -58.92 55.80
N LYS W 26 6.79 -58.50 55.29
CA LYS W 26 7.22 -57.11 55.51
C LYS W 26 6.25 -56.13 54.86
N LEU W 27 5.75 -56.48 53.68
CA LEU W 27 4.76 -55.63 53.03
C LEU W 27 3.50 -55.50 53.88
N LEU W 28 3.08 -56.59 54.53
CA LEU W 28 1.91 -56.55 55.41
C LEU W 28 2.12 -55.56 56.55
N GLY W 29 3.29 -55.62 57.20
CA GLY W 29 3.61 -54.68 58.27
C GLY W 29 3.50 -53.22 57.86
N ALA W 30 3.92 -52.91 56.63
CA ALA W 30 3.88 -51.53 56.14
C ALA W 30 2.46 -51.00 56.05
N HIS W 31 1.55 -51.82 55.52
CA HIS W 31 0.17 -51.39 55.34
C HIS W 31 -0.54 -51.22 56.68
N VAL W 32 -0.42 -52.21 57.57
CA VAL W 32 -1.07 -52.10 58.88
C VAL W 32 -0.53 -50.89 59.66
N ALA W 33 0.80 -50.70 59.65
CA ALA W 33 1.38 -49.55 60.34
C ALA W 33 0.88 -48.25 59.75
N HIS W 34 0.78 -48.19 58.42
CA HIS W 34 0.20 -47.02 57.77
C HIS W 34 -1.28 -46.86 58.12
N ALA W 35 -2.06 -47.93 58.08
CA ALA W 35 -3.37 -47.91 58.72
C ALA W 35 -3.28 -47.34 60.14
N GLY W 36 -2.35 -47.87 60.93
CA GLY W 36 -2.02 -47.24 62.20
C GLY W 36 -1.93 -45.73 62.19
N LEU W 37 -1.26 -45.17 61.15
CA LEU W 37 -1.08 -43.72 61.06
C LEU W 37 -2.38 -43.03 60.71
N ILE W 38 -3.21 -43.67 59.89
CA ILE W 38 -4.50 -43.08 59.51
C ILE W 38 -5.45 -43.05 60.70
N VAL W 39 -5.50 -44.12 61.47
CA VAL W 39 -6.42 -44.14 62.59
C VAL W 39 -5.92 -43.22 63.69
N PHE W 40 -4.61 -43.15 63.90
CA PHE W 40 -4.04 -42.12 64.77
C PHE W 40 -4.51 -40.72 64.39
N TRP W 41 -4.39 -40.37 63.10
CA TRP W 41 -4.77 -39.02 62.72
C TRP W 41 -6.24 -38.75 63.03
N ALA W 42 -7.14 -39.68 62.65
CA ALA W 42 -8.54 -39.48 62.99
C ALA W 42 -8.69 -39.24 64.48
N GLY W 43 -7.87 -39.90 65.28
CA GLY W 43 -7.94 -39.78 66.72
C GLY W 43 -7.36 -38.49 67.24
N ALA W 44 -6.08 -38.26 66.99
CA ALA W 44 -5.45 -37.02 67.46
C ALA W 44 -6.27 -35.80 67.06
N MET W 45 -6.67 -35.74 65.80
CA MET W 45 -7.28 -34.52 65.28
C MET W 45 -8.64 -34.25 65.92
N THR W 46 -9.49 -35.28 66.02
CA THR W 46 -10.79 -35.10 66.67
C THR W 46 -10.63 -34.49 68.07
N LEU W 47 -9.65 -34.98 68.82
CA LEU W 47 -9.46 -34.48 70.17
C LEU W 47 -8.90 -33.08 70.15
N PHE W 48 -8.00 -32.81 69.19
CA PHE W 48 -7.54 -31.43 69.01
C PHE W 48 -8.71 -30.52 68.74
N GLU W 49 -9.60 -30.93 67.83
CA GLU W 49 -10.75 -30.09 67.53
C GLU W 49 -11.60 -29.91 68.78
N LEU W 50 -11.75 -30.96 69.58
CA LEU W 50 -12.62 -30.86 70.74
C LEU W 50 -12.07 -29.86 71.74
N ALA W 51 -10.76 -29.98 72.05
CA ALA W 51 -10.11 -29.02 72.95
C ALA W 51 -10.33 -27.58 72.52
N HIS W 52 -10.30 -27.31 71.22
CA HIS W 52 -10.39 -25.98 70.66
C HIS W 52 -11.82 -25.55 70.42
N PHE W 53 -12.77 -26.48 70.54
CA PHE W 53 -14.17 -26.21 70.21
C PHE W 53 -14.87 -25.31 71.22
N ILE W 54 -15.75 -24.46 70.70
CA ILE W 54 -16.54 -23.54 71.51
C ILE W 54 -17.94 -23.57 70.94
N PRO W 55 -18.90 -24.24 71.61
CA PRO W 55 -20.23 -24.44 70.99
C PRO W 55 -20.98 -23.17 70.65
N GLU W 56 -20.61 -22.01 71.23
CA GLU W 56 -21.28 -20.76 70.91
C GLU W 56 -21.06 -20.32 69.48
N LYS W 57 -19.90 -20.61 68.90
CA LYS W 57 -19.48 -20.28 67.53
C LYS W 57 -19.89 -21.38 66.54
N PRO W 58 -20.35 -21.01 65.33
CA PRO W 58 -20.64 -22.02 64.31
C PRO W 58 -19.42 -22.90 64.08
N MET W 59 -19.67 -24.19 63.84
CA MET W 59 -18.57 -25.12 63.57
C MET W 59 -17.64 -24.58 62.52
N TYR W 60 -18.18 -23.87 61.50
CA TYR W 60 -17.42 -23.42 60.35
C TYR W 60 -16.60 -22.16 60.60
N GLU W 61 -16.87 -21.40 61.65
CA GLU W 61 -15.98 -20.31 62.07
C GLU W 61 -14.80 -20.79 62.89
N GLN W 62 -14.54 -22.11 63.01
CA GLN W 62 -13.52 -22.59 63.93
C GLN W 62 -12.52 -23.57 63.34
N GLY W 63 -12.53 -23.77 62.02
CA GLY W 63 -11.53 -24.62 61.40
C GLY W 63 -11.69 -26.10 61.68
N LEU W 64 -12.92 -26.57 61.75
CA LEU W 64 -13.21 -27.97 62.04
C LEU W 64 -13.63 -28.70 60.77
N ILE W 65 -12.98 -29.82 60.51
CA ILE W 65 -13.37 -30.68 59.42
C ILE W 65 -13.92 -32.01 59.90
N LEU W 66 -13.54 -32.48 61.08
CA LEU W 66 -13.88 -33.83 61.50
C LEU W 66 -15.13 -33.87 62.37
N ILE W 67 -15.26 -32.96 63.32
CA ILE W 67 -16.48 -32.89 64.13
C ILE W 67 -17.71 -32.76 63.26
N PRO W 68 -17.72 -31.98 62.17
CA PRO W 68 -18.92 -31.94 61.33
C PRO W 68 -19.22 -33.26 60.64
N HIS W 69 -18.24 -34.11 60.38
CA HIS W 69 -18.54 -35.45 59.88
C HIS W 69 -19.30 -36.27 60.92
N ILE W 70 -19.00 -36.06 62.20
CA ILE W 70 -19.69 -36.78 63.27
C ILE W 70 -21.07 -36.20 63.48
N ALA W 71 -21.17 -34.87 63.49
CA ALA W 71 -22.47 -34.21 63.62
C ALA W 71 -23.44 -34.63 62.52
N THR W 72 -22.96 -34.71 61.27
CA THR W 72 -23.80 -35.17 60.14
C THR W 72 -24.41 -36.53 60.42
N LEU W 73 -23.70 -37.37 61.14
CA LEU W 73 -24.21 -38.70 61.43
C LEU W 73 -25.11 -38.75 62.68
N GLY W 74 -25.64 -37.62 63.17
CA GLY W 74 -26.66 -37.62 64.21
C GLY W 74 -26.19 -37.58 65.66
N TRP W 75 -24.91 -37.81 65.94
CA TRP W 75 -24.43 -37.72 67.31
C TRP W 75 -24.06 -36.30 67.70
N GLY W 76 -24.34 -35.93 68.94
CA GLY W 76 -23.82 -34.74 69.52
C GLY W 76 -24.67 -33.49 69.31
N VAL W 77 -25.68 -33.54 68.44
CA VAL W 77 -26.28 -32.32 67.92
C VAL W 77 -27.81 -32.39 67.95
N GLY W 78 -28.43 -31.20 67.97
CA GLY W 78 -29.88 -31.11 68.04
C GLY W 78 -30.49 -30.24 66.96
N PRO W 79 -31.75 -29.81 67.16
CA PRO W 79 -32.39 -28.92 66.20
C PRO W 79 -31.56 -27.69 65.87
N GLY W 80 -31.56 -27.34 64.58
CA GLY W 80 -30.73 -26.33 64.00
C GLY W 80 -29.27 -26.68 63.92
N GLY W 81 -28.89 -27.89 64.28
CA GLY W 81 -27.48 -28.21 64.36
C GLY W 81 -26.79 -27.68 65.60
N GLU W 82 -27.54 -27.16 66.56
CA GLU W 82 -26.98 -26.76 67.84
C GLU W 82 -26.27 -27.95 68.48
N VAL W 83 -25.12 -27.69 69.10
CA VAL W 83 -24.44 -28.75 69.84
C VAL W 83 -25.06 -28.87 71.23
N VAL W 84 -25.37 -30.10 71.63
CA VAL W 84 -26.06 -30.37 72.88
C VAL W 84 -25.36 -31.40 73.74
N ASP W 85 -24.47 -32.23 73.22
CA ASP W 85 -23.58 -33.06 74.04
C ASP W 85 -22.29 -33.26 73.27
N THR W 86 -21.15 -32.90 73.87
CA THR W 86 -19.87 -33.12 73.21
C THR W 86 -19.35 -34.51 73.42
N PHE W 87 -19.77 -35.19 74.48
CA PHE W 87 -19.13 -36.45 74.83
C PHE W 87 -19.03 -37.39 73.63
N PRO W 88 -20.06 -37.53 72.78
CA PRO W 88 -19.90 -38.42 71.61
C PRO W 88 -18.70 -38.07 70.76
N PHE W 89 -18.36 -36.79 70.55
CA PHE W 89 -17.13 -36.48 69.81
C PHE W 89 -15.93 -37.04 70.54
N PHE W 90 -15.83 -36.77 71.84
CA PHE W 90 -14.73 -37.28 72.64
C PHE W 90 -14.54 -38.79 72.46
N VAL W 91 -15.65 -39.53 72.34
CA VAL W 91 -15.57 -40.98 72.27
C VAL W 91 -14.95 -41.43 70.96
N VAL W 92 -15.39 -40.82 69.86
CA VAL W 92 -14.82 -41.13 68.56
C VAL W 92 -13.31 -40.97 68.63
N GLY W 93 -12.85 -39.87 69.23
CA GLY W 93 -11.42 -39.57 69.27
C GLY W 93 -10.62 -40.62 70.05
N VAL W 94 -11.04 -40.92 71.28
CA VAL W 94 -10.27 -41.84 72.12
C VAL W 94 -10.23 -43.23 71.49
N VAL W 95 -11.36 -43.71 70.98
CA VAL W 95 -11.43 -45.07 70.48
C VAL W 95 -10.49 -45.23 69.28
N HIS W 96 -10.59 -44.31 68.31
CA HIS W 96 -9.66 -44.31 67.18
C HIS W 96 -8.19 -44.30 67.64
N LEU W 97 -7.83 -43.34 68.51
CA LEU W 97 -6.44 -43.22 68.95
C LEU W 97 -5.94 -44.44 69.72
N ILE W 98 -6.77 -44.98 70.62
CA ILE W 98 -6.47 -46.26 71.28
C ILE W 98 -6.29 -47.38 70.26
N SER W 99 -7.26 -47.51 69.33
CA SER W 99 -7.13 -48.51 68.27
C SER W 99 -5.85 -48.32 67.47
N SER W 100 -5.37 -47.09 67.35
CA SER W 100 -4.23 -46.86 66.47
C SER W 100 -2.96 -47.53 66.98
N ALA W 101 -2.91 -47.78 68.30
CA ALA W 101 -1.79 -48.46 68.95
C ALA W 101 -1.81 -49.96 68.71
N VAL W 102 -2.99 -50.56 68.63
CA VAL W 102 -3.02 -51.98 68.32
C VAL W 102 -2.70 -52.17 66.84
N LEU W 103 -3.24 -51.29 66.00
CA LEU W 103 -2.87 -51.26 64.60
C LEU W 103 -1.39 -50.93 64.43
N GLY W 104 -0.91 -49.89 65.10
CA GLY W 104 0.51 -49.59 65.10
C GLY W 104 1.33 -50.76 65.60
N PHE W 105 0.92 -51.35 66.72
CA PHE W 105 1.67 -52.45 67.28
C PHE W 105 1.76 -53.62 66.30
N GLY W 106 0.69 -53.87 65.56
CA GLY W 106 0.67 -55.05 64.73
C GLY W 106 1.50 -54.87 63.50
N GLY W 107 1.53 -53.64 62.97
CA GLY W 107 2.31 -53.39 61.77
C GLY W 107 3.80 -53.43 62.03
N VAL W 108 4.25 -52.81 63.13
CA VAL W 108 5.68 -52.84 63.43
C VAL W 108 6.13 -54.24 63.84
N TYR W 109 5.24 -55.06 64.39
CA TYR W 109 5.56 -56.47 64.55
C TYR W 109 5.90 -57.11 63.20
N HIS W 110 4.94 -57.05 62.26
CA HIS W 110 5.09 -57.72 60.98
C HIS W 110 6.25 -57.17 60.17
N ALA W 111 6.55 -55.87 60.27
CA ALA W 111 7.56 -55.28 59.41
C ALA W 111 8.97 -55.69 59.83
N ILE W 112 9.15 -55.99 61.11
CA ILE W 112 10.44 -56.23 61.73
C ILE W 112 10.56 -57.70 62.13
N ARG W 113 9.84 -58.07 63.19
CA ARG W 113 9.99 -59.38 63.79
C ARG W 113 9.36 -60.48 62.93
N GLY W 114 8.16 -60.27 62.43
CA GLY W 114 7.46 -61.30 61.71
C GLY W 114 8.23 -61.83 60.52
N PRO W 115 7.70 -62.88 59.88
CA PRO W 115 8.29 -63.38 58.62
C PRO W 115 8.34 -62.31 57.55
N GLU W 116 9.49 -62.21 56.87
CA GLU W 116 9.59 -61.35 55.70
C GLU W 116 8.60 -61.77 54.63
N THR W 117 8.56 -63.06 54.32
CA THR W 117 7.58 -63.64 53.42
C THR W 117 6.63 -64.54 54.19
N LEU W 118 5.38 -64.57 53.73
CA LEU W 118 4.29 -65.32 54.37
C LEU W 118 3.97 -66.65 53.71
N GLU W 119 4.50 -66.91 52.53
CA GLU W 119 4.01 -68.04 51.73
C GLU W 119 4.58 -69.38 52.17
N GLU W 120 5.57 -69.38 53.07
CA GLU W 120 6.03 -70.62 53.68
C GLU W 120 5.30 -70.92 54.97
N TYR W 121 4.89 -69.86 55.68
CA TYR W 121 4.30 -70.00 57.00
C TYR W 121 2.83 -70.45 56.94
N SER W 122 2.04 -69.93 55.99
CA SER W 122 0.67 -70.41 55.82
C SER W 122 0.21 -70.16 54.40
N SER W 123 -0.29 -71.20 53.76
CA SER W 123 -0.66 -71.12 52.36
C SER W 123 -1.88 -70.26 52.09
N PHE W 124 -2.47 -69.67 53.12
CA PHE W 124 -3.69 -68.88 53.00
C PHE W 124 -3.41 -67.39 52.98
N PHE W 125 -2.51 -66.94 53.86
CA PHE W 125 -2.20 -65.53 53.97
C PHE W 125 -1.13 -65.11 52.96
N GLY W 126 -0.15 -65.97 52.69
CA GLY W 126 0.82 -65.67 51.66
C GLY W 126 0.19 -65.72 50.29
N TYR W 127 0.75 -64.95 49.36
CA TYR W 127 0.21 -64.79 48.02
C TYR W 127 1.34 -64.56 47.01
N ASP W 128 1.05 -64.92 45.76
CA ASP W 128 1.85 -64.48 44.65
C ASP W 128 1.04 -63.50 43.82
N TRP W 129 1.69 -62.39 43.43
CA TRP W 129 1.05 -61.34 42.63
C TRP W 129 0.43 -61.90 41.37
N LYS W 130 1.04 -62.94 40.80
CA LYS W 130 0.58 -63.49 39.53
C LYS W 130 -0.49 -64.57 39.68
N ASP W 131 -0.91 -64.89 40.90
CA ASP W 131 -1.96 -65.88 41.14
C ASP W 131 -3.31 -65.20 40.89
N LYS W 132 -3.84 -65.32 39.68
CA LYS W 132 -5.09 -64.63 39.37
C LYS W 132 -6.23 -65.10 40.24
N ASN W 133 -6.11 -66.25 40.91
CA ASN W 133 -7.18 -66.71 41.79
C ASN W 133 -7.05 -66.14 43.19
N LYS W 134 -5.83 -66.25 43.75
CA LYS W 134 -5.57 -65.65 45.07
C LYS W 134 -5.91 -64.16 45.08
N MET W 135 -5.62 -63.45 44.00
CA MET W 135 -5.85 -62.01 43.99
C MET W 135 -7.35 -61.68 43.97
N THR W 136 -8.14 -62.34 43.10
CA THR W 136 -9.59 -62.12 43.16
C THR W 136 -10.17 -62.52 44.52
N THR W 137 -9.52 -63.45 45.23
CA THR W 137 -10.05 -63.85 46.54
C THR W 137 -9.87 -62.73 47.58
N ILE W 138 -8.65 -62.18 47.70
CA ILE W 138 -8.45 -61.02 48.57
C ILE W 138 -9.46 -59.92 48.24
N LEU W 139 -9.54 -59.55 46.96
CA LEU W 139 -10.49 -58.55 46.50
C LEU W 139 -11.89 -58.91 46.94
N GLY W 140 -12.24 -60.19 46.82
CA GLY W 140 -13.57 -60.64 47.23
C GLY W 140 -13.85 -60.38 48.70
N PHE W 141 -12.88 -60.70 49.57
CA PHE W 141 -13.02 -60.43 51.00
C PHE W 141 -13.12 -58.95 51.27
N HIS W 142 -12.27 -58.16 50.62
CA HIS W 142 -12.36 -56.74 50.85
C HIS W 142 -13.66 -56.17 50.28
N LEU W 143 -14.11 -56.64 49.12
CA LEU W 143 -15.45 -56.22 48.71
C LEU W 143 -16.49 -56.39 49.82
N ILE W 144 -16.46 -57.53 50.53
CA ILE W 144 -17.49 -57.81 51.54
C ILE W 144 -17.35 -56.87 52.74
N VAL W 145 -16.13 -56.74 53.24
CA VAL W 145 -15.86 -55.75 54.28
C VAL W 145 -16.42 -54.38 53.92
N LEU W 146 -16.34 -54.00 52.64
CA LEU W 146 -16.86 -52.69 52.23
C LEU W 146 -18.37 -52.68 52.20
N GLY W 147 -18.99 -53.78 51.76
CA GLY W 147 -20.45 -53.84 51.71
C GLY W 147 -21.02 -53.79 53.11
N ILE W 148 -20.39 -54.49 54.04
CA ILE W 148 -20.77 -54.39 55.44
C ILE W 148 -20.69 -52.94 55.90
N GLY W 149 -19.67 -52.22 55.45
CA GLY W 149 -19.49 -50.85 55.93
C GLY W 149 -20.59 -49.93 55.46
N ALA W 150 -20.95 -50.04 54.18
CA ALA W 150 -22.11 -49.35 53.66
C ALA W 150 -23.34 -49.67 54.49
N LEU W 151 -23.47 -50.92 54.94
CA LEU W 151 -24.67 -51.32 55.68
C LEU W 151 -24.63 -50.82 57.10
N LEU W 152 -23.44 -50.50 57.63
CA LEU W 152 -23.34 -49.85 58.93
C LEU W 152 -23.94 -48.46 58.91
N LEU W 153 -23.70 -47.72 57.84
CA LEU W 153 -24.31 -46.41 57.73
C LEU W 153 -25.83 -46.54 57.70
N VAL W 154 -26.35 -47.45 56.88
CA VAL W 154 -27.79 -47.73 56.89
C VAL W 154 -28.25 -48.04 58.32
N ALA W 155 -27.55 -48.97 58.98
CA ALA W 155 -27.84 -49.34 60.37
C ALA W 155 -27.99 -48.13 61.26
N LYS W 156 -27.14 -47.12 61.07
CA LYS W 156 -27.21 -45.88 61.86
C LYS W 156 -28.47 -45.11 61.52
N ALA W 157 -28.83 -45.08 60.23
CA ALA W 157 -29.88 -44.19 59.76
C ALA W 157 -31.25 -44.71 60.17
N MET W 158 -31.46 -46.01 60.02
CA MET W 158 -32.77 -46.65 60.17
C MET W 158 -33.01 -47.22 61.54
N PHE W 159 -31.93 -47.62 62.24
CA PHE W 159 -32.04 -48.37 63.48
C PHE W 159 -31.27 -47.81 64.69
N PHE W 160 -30.44 -46.77 64.54
CA PHE W 160 -29.57 -46.36 65.66
C PHE W 160 -29.48 -44.83 65.79
N GLY W 161 -30.60 -44.14 65.59
CA GLY W 161 -30.71 -42.72 65.87
C GLY W 161 -30.86 -41.80 64.69
N GLY W 162 -30.73 -42.29 63.45
CA GLY W 162 -30.85 -41.42 62.30
C GLY W 162 -29.65 -40.50 62.06
N LEU W 163 -29.91 -39.55 61.15
CA LEU W 163 -28.89 -38.69 60.57
C LEU W 163 -29.33 -37.25 60.67
N TYR W 164 -28.39 -36.31 60.60
CA TYR W 164 -28.81 -34.91 60.56
C TYR W 164 -29.43 -34.62 59.21
N ASP W 165 -30.64 -34.09 59.22
CA ASP W 165 -31.37 -33.76 58.01
C ASP W 165 -31.48 -32.24 57.93
N THR W 166 -30.60 -31.61 57.17
CA THR W 166 -30.72 -30.19 56.95
C THR W 166 -32.11 -29.84 56.40
N TRP W 167 -32.70 -30.72 55.59
CA TRP W 167 -33.99 -30.41 54.98
C TRP W 167 -35.16 -30.67 55.90
N ALA W 168 -34.92 -31.26 57.08
CA ALA W 168 -36.00 -31.52 58.02
C ALA W 168 -36.65 -30.21 58.41
N PRO W 169 -37.96 -30.16 58.51
CA PRO W 169 -38.63 -28.87 58.80
C PRO W 169 -38.24 -28.34 60.16
N GLY W 170 -38.56 -27.06 60.38
CA GLY W 170 -38.06 -26.37 61.55
C GLY W 170 -36.56 -26.32 61.71
N GLY W 171 -35.85 -25.85 60.66
CA GLY W 171 -34.43 -25.54 60.71
C GLY W 171 -33.48 -26.71 60.54
N GLY W 172 -33.99 -27.95 60.53
CA GLY W 172 -33.14 -29.11 60.51
C GLY W 172 -33.03 -29.76 61.88
N ASP W 173 -32.95 -31.08 61.88
CA ASP W 173 -32.96 -31.86 63.11
C ASP W 173 -32.55 -33.27 62.74
N VAL W 174 -32.10 -34.03 63.75
CA VAL W 174 -31.77 -35.43 63.49
C VAL W 174 -33.06 -36.26 63.28
N ARG W 175 -32.95 -37.34 62.50
CA ARG W 175 -34.16 -38.02 62.05
C ARG W 175 -33.84 -39.41 61.53
N VAL W 176 -34.60 -40.39 62.02
CA VAL W 176 -34.53 -41.77 61.56
C VAL W 176 -35.16 -41.89 60.17
N ILE W 177 -34.59 -42.78 59.36
CA ILE W 177 -35.09 -43.07 58.02
C ILE W 177 -35.84 -44.39 58.07
N THR W 178 -37.07 -44.37 57.58
CA THR W 178 -37.90 -45.55 57.58
C THR W 178 -38.36 -45.94 56.19
N ASN W 179 -38.24 -45.05 55.22
CA ASN W 179 -38.53 -45.35 53.83
C ASN W 179 -37.34 -44.97 52.96
N PRO W 180 -36.25 -45.71 53.10
CA PRO W 180 -35.20 -45.63 52.11
C PRO W 180 -35.75 -45.86 50.71
N THR W 181 -35.09 -45.28 49.75
CA THR W 181 -35.47 -45.47 48.35
C THR W 181 -34.78 -46.70 47.78
N LEU W 182 -35.56 -47.59 47.17
CA LEU W 182 -35.03 -48.79 46.57
C LEU W 182 -35.36 -48.86 45.10
N ASP W 183 -36.33 -48.09 44.65
CA ASP W 183 -36.56 -47.99 43.22
C ASP W 183 -35.20 -47.71 42.62
N PRO W 184 -34.63 -48.63 41.83
CA PRO W 184 -33.35 -48.35 41.17
C PRO W 184 -33.49 -47.39 39.99
N ARG W 185 -34.73 -47.11 39.57
CA ARG W 185 -34.99 -46.04 38.62
C ARG W 185 -34.53 -44.72 39.20
N VAL W 186 -34.70 -44.54 40.52
CA VAL W 186 -34.09 -43.41 41.20
C VAL W 186 -32.64 -43.72 41.49
N ILE W 187 -32.37 -44.84 42.17
CA ILE W 187 -31.04 -45.00 42.73
C ILE W 187 -29.98 -44.92 41.66
N PHE W 188 -30.19 -45.60 40.52
CA PHE W 188 -29.23 -45.58 39.43
C PHE W 188 -29.55 -44.50 38.41
N GLY W 189 -30.65 -43.75 38.60
CA GLY W 189 -30.88 -42.58 37.79
C GLY W 189 -29.86 -41.49 38.07
N TYR W 190 -29.40 -41.39 39.31
CA TYR W 190 -28.35 -40.43 39.64
C TYR W 190 -27.09 -40.69 38.82
N LEU W 191 -26.83 -41.93 38.43
CA LEU W 191 -25.63 -42.26 37.69
C LEU W 191 -25.74 -41.93 36.23
N LEU W 192 -26.91 -41.64 35.74
CA LEU W 192 -27.06 -41.31 34.34
C LEU W 192 -27.39 -39.85 34.13
N LYS W 193 -27.46 -39.06 35.20
CA LYS W 193 -27.52 -37.62 35.03
C LYS W 193 -26.19 -37.08 34.48
N SER W 194 -26.30 -36.07 33.63
CA SER W 194 -25.15 -35.29 33.18
C SER W 194 -24.47 -34.57 34.36
N PRO W 195 -23.15 -34.49 34.41
CA PRO W 195 -22.49 -33.71 35.46
C PRO W 195 -22.49 -32.22 35.20
N PHE W 196 -23.20 -31.75 34.18
CA PHE W 196 -23.16 -30.35 33.82
C PHE W 196 -24.20 -29.59 34.62
N GLY W 197 -24.18 -28.27 34.46
CA GLY W 197 -24.96 -27.40 35.30
C GLY W 197 -26.44 -27.75 35.30
N GLY W 198 -27.04 -27.66 36.47
CA GLY W 198 -28.44 -28.02 36.64
C GLY W 198 -28.74 -29.50 36.83
N GLU W 199 -27.74 -30.38 36.84
CA GLU W 199 -27.95 -31.82 36.96
C GLU W 199 -26.95 -32.39 37.95
N GLY W 200 -25.67 -32.15 37.69
CA GLY W 200 -24.63 -32.47 38.64
C GLY W 200 -24.50 -33.92 39.01
N TRP W 201 -24.94 -34.84 38.16
CA TRP W 201 -24.64 -36.28 38.33
C TRP W 201 -25.02 -36.67 39.76
N ILE W 202 -24.15 -37.34 40.51
CA ILE W 202 -24.55 -37.88 41.80
C ILE W 202 -24.34 -36.89 42.93
N VAL W 203 -23.64 -35.78 42.66
CA VAL W 203 -23.47 -34.70 43.62
C VAL W 203 -24.79 -34.02 43.93
N SER W 204 -25.79 -34.30 43.12
CA SER W 204 -27.08 -33.67 43.29
C SER W 204 -28.00 -34.39 44.27
N VAL W 205 -27.59 -35.51 44.87
CA VAL W 205 -28.48 -36.21 45.81
C VAL W 205 -28.80 -35.30 47.00
N ASN W 206 -30.11 -35.15 47.29
CA ASN W 206 -30.52 -34.00 48.11
C ASN W 206 -31.55 -34.40 49.14
N ASN W 207 -31.61 -35.67 49.49
CA ASN W 207 -32.49 -36.13 50.54
C ASN W 207 -31.91 -37.42 51.09
N LEU W 208 -32.07 -37.61 52.39
CA LEU W 208 -31.44 -38.74 53.06
C LEU W 208 -32.06 -40.08 52.69
N GLU W 209 -33.32 -40.10 52.25
CA GLU W 209 -33.90 -41.32 51.73
C GLU W 209 -33.01 -41.89 50.62
N ASP W 210 -32.77 -41.08 49.56
CA ASP W 210 -31.95 -41.58 48.45
C ASP W 210 -30.56 -41.97 48.92
N VAL W 211 -30.04 -41.27 49.92
CA VAL W 211 -28.71 -41.60 50.41
C VAL W 211 -28.70 -42.94 51.11
N VAL W 212 -29.67 -43.16 52.04
CA VAL W 212 -29.79 -44.49 52.66
C VAL W 212 -30.11 -45.53 51.60
N GLY W 213 -31.04 -45.22 50.73
CA GLY W 213 -31.29 -46.06 49.58
C GLY W 213 -30.06 -46.57 48.87
N GLY W 214 -29.20 -45.68 48.40
CA GLY W 214 -28.10 -46.16 47.59
C GLY W 214 -27.05 -46.88 48.41
N HIS W 215 -27.04 -46.69 49.73
CA HIS W 215 -26.10 -47.42 50.55
C HIS W 215 -26.55 -48.85 50.82
N ILE W 216 -27.85 -49.12 50.73
CA ILE W 216 -28.33 -50.50 50.66
C ILE W 216 -27.84 -51.16 49.36
N TRP W 217 -28.04 -50.49 48.23
CA TRP W 217 -27.68 -51.09 46.93
C TRP W 217 -26.20 -51.39 46.86
N ILE W 218 -25.38 -50.43 47.25
CA ILE W 218 -23.92 -50.59 47.22
C ILE W 218 -23.46 -51.66 48.21
N GLY W 219 -24.03 -51.67 49.42
CA GLY W 219 -23.73 -52.75 50.36
C GLY W 219 -24.05 -54.12 49.81
N LEU W 220 -25.22 -54.26 49.19
CA LEU W 220 -25.63 -55.56 48.68
C LEU W 220 -24.88 -55.92 47.42
N ILE W 221 -24.39 -54.91 46.71
CA ILE W 221 -23.60 -55.14 45.50
C ILE W 221 -22.19 -55.53 45.86
N CYS W 222 -21.59 -54.82 46.81
CA CYS W 222 -20.25 -55.13 47.25
C CYS W 222 -20.15 -56.51 47.87
N ILE W 223 -21.24 -57.02 48.44
CA ILE W 223 -21.14 -58.34 49.04
C ILE W 223 -21.28 -59.42 47.98
N ALA W 224 -22.19 -59.20 47.02
CA ALA W 224 -22.31 -60.14 45.93
C ALA W 224 -21.02 -60.25 45.12
N GLY W 225 -20.45 -59.10 44.72
CA GLY W 225 -19.17 -59.13 44.05
C GLY W 225 -18.12 -59.87 44.84
N GLY W 226 -17.98 -59.53 46.11
CA GLY W 226 -17.03 -60.23 46.94
C GLY W 226 -17.18 -61.74 46.85
N ILE W 227 -18.41 -62.21 46.71
CA ILE W 227 -18.67 -63.64 46.62
C ILE W 227 -18.21 -64.09 45.26
N TRP W 228 -18.94 -63.60 44.26
CA TRP W 228 -18.59 -63.76 42.86
C TRP W 228 -17.11 -63.98 42.68
N HIS W 229 -16.31 -63.04 43.18
CA HIS W 229 -14.87 -63.03 42.91
C HIS W 229 -14.17 -64.09 43.71
N ILE W 230 -14.54 -64.26 44.99
CA ILE W 230 -14.03 -65.37 45.77
C ILE W 230 -14.30 -66.71 45.09
N LEU W 231 -15.44 -66.85 44.41
CA LEU W 231 -15.79 -68.12 43.80
C LEU W 231 -15.28 -68.29 42.38
N THR W 232 -14.89 -67.21 41.68
CA THR W 232 -14.56 -67.32 40.27
C THR W 232 -13.08 -67.06 40.03
N THR W 233 -12.69 -67.22 38.77
CA THR W 233 -11.44 -66.74 38.22
C THR W 233 -11.70 -65.95 36.95
N PRO W 234 -10.83 -64.99 36.62
CA PRO W 234 -11.10 -64.11 35.48
C PRO W 234 -11.15 -64.84 34.13
N PHE W 235 -12.03 -64.35 33.26
CA PHE W 235 -12.28 -64.98 31.98
C PHE W 235 -11.17 -64.68 31.00
N GLY W 236 -11.23 -65.38 29.87
CA GLY W 236 -10.26 -65.17 28.81
C GLY W 236 -10.09 -63.72 28.44
N TRP W 237 -11.20 -63.02 28.23
CA TRP W 237 -11.08 -61.66 27.73
C TRP W 237 -10.38 -60.72 28.72
N ALA W 238 -10.53 -60.95 30.04
CA ALA W 238 -9.91 -60.08 31.02
C ALA W 238 -8.42 -60.36 31.17
N ARG W 239 -8.00 -61.60 30.97
CA ARG W 239 -6.59 -61.92 31.10
C ARG W 239 -5.79 -61.26 30.00
N ARG W 240 -6.35 -61.19 28.80
CA ARG W 240 -5.65 -60.62 27.68
C ARG W 240 -5.60 -59.10 27.71
N ALA W 241 -6.39 -58.48 28.57
CA ALA W 241 -6.54 -57.04 28.59
C ALA W 241 -5.68 -56.38 29.65
N PHE W 242 -5.27 -57.11 30.67
CA PHE W 242 -4.68 -56.50 31.85
C PHE W 242 -3.24 -56.94 32.03
N ILE W 243 -2.50 -56.09 32.70
CA ILE W 243 -1.20 -56.45 33.24
C ILE W 243 -1.46 -56.98 34.63
N TRP W 244 -0.87 -58.12 34.95
CA TRP W 244 -1.11 -58.80 36.23
C TRP W 244 0.18 -58.75 37.05
N SER W 245 0.33 -57.70 37.85
CA SER W 245 1.55 -57.51 38.62
C SER W 245 1.23 -56.73 39.88
N GLY W 246 2.18 -56.75 40.83
CA GLY W 246 2.08 -55.88 41.99
C GLY W 246 1.88 -54.41 41.63
N GLU W 247 2.66 -53.94 40.66
CA GLU W 247 2.62 -52.52 40.36
C GLU W 247 1.37 -52.13 39.61
N ALA W 248 0.89 -52.99 38.69
CA ALA W 248 -0.30 -52.63 37.91
C ALA W 248 -1.56 -52.62 38.77
N TYR W 249 -1.68 -53.56 39.71
CA TYR W 249 -2.78 -53.45 40.66
C TYR W 249 -2.72 -52.12 41.39
N LEU W 250 -1.50 -51.67 41.72
CA LEU W 250 -1.29 -50.38 42.36
C LEU W 250 -1.75 -49.23 41.48
N SER W 251 -1.34 -49.24 40.20
CA SER W 251 -1.77 -48.19 39.30
C SER W 251 -3.29 -48.17 39.14
N TYR W 252 -3.93 -49.35 39.07
CA TYR W 252 -5.38 -49.36 38.97
C TYR W 252 -6.01 -48.65 40.17
N SER W 253 -5.46 -48.85 41.37
CA SER W 253 -6.08 -48.27 42.54
C SER W 253 -5.76 -46.80 42.64
N LEU W 254 -4.57 -46.41 42.19
CA LEU W 254 -4.25 -44.99 42.10
C LEU W 254 -5.20 -44.27 41.15
N GLY W 255 -5.45 -44.87 39.98
CA GLY W 255 -6.48 -44.38 39.10
C GLY W 255 -7.84 -44.23 39.76
N ALA W 256 -8.35 -45.30 40.39
CA ALA W 256 -9.61 -45.24 41.12
C ALA W 256 -9.63 -44.11 42.15
N LEU W 257 -8.61 -44.05 43.02
CA LEU W 257 -8.62 -43.03 44.08
C LEU W 257 -8.55 -41.65 43.51
N SER W 258 -7.87 -41.48 42.38
CA SER W 258 -7.84 -40.16 41.77
C SER W 258 -9.26 -39.71 41.43
N MET W 259 -9.97 -40.56 40.68
CA MET W 259 -11.35 -40.28 40.33
C MET W 259 -12.16 -39.90 41.56
N MET W 260 -11.88 -40.54 42.70
CA MET W 260 -12.73 -40.37 43.85
C MET W 260 -12.45 -39.08 44.57
N GLY W 261 -11.18 -38.66 44.62
CA GLY W 261 -10.85 -37.39 45.25
C GLY W 261 -11.45 -36.22 44.48
N PHE W 262 -11.48 -36.33 43.15
CA PHE W 262 -12.12 -35.35 42.29
C PHE W 262 -13.61 -35.26 42.59
N ILE W 263 -14.29 -36.40 42.68
CA ILE W 263 -15.70 -36.41 43.05
C ILE W 263 -15.87 -35.83 44.45
N ALA W 264 -15.04 -36.27 45.40
CA ALA W 264 -15.12 -35.71 46.74
C ALA W 264 -14.98 -34.20 46.69
N THR W 265 -13.99 -33.70 45.93
CA THR W 265 -13.81 -32.27 45.76
C THR W 265 -15.11 -31.60 45.39
N CYS W 266 -15.79 -32.15 44.38
CA CYS W 266 -17.03 -31.53 43.91
C CYS W 266 -18.22 -31.75 44.85
N PHE W 267 -18.24 -32.86 45.58
CA PHE W 267 -19.25 -33.07 46.57
C PHE W 267 -19.24 -31.98 47.64
N VAL W 268 -18.09 -31.75 48.26
CA VAL W 268 -18.04 -30.80 49.35
C VAL W 268 -18.21 -29.35 48.90
N TRP W 269 -18.02 -29.04 47.61
CA TRP W 269 -18.17 -27.67 47.13
C TRP W 269 -19.64 -27.37 46.76
N PHE W 270 -20.34 -28.30 46.13
CA PHE W 270 -21.68 -27.99 45.69
C PHE W 270 -22.82 -28.50 46.57
N ASN W 271 -22.61 -29.48 47.43
CA ASN W 271 -23.70 -30.27 48.03
C ASN W 271 -23.94 -29.87 49.47
N ASN W 272 -25.15 -29.41 49.78
CA ASN W 272 -25.44 -28.99 51.13
C ASN W 272 -26.42 -29.93 51.84
N THR W 273 -26.47 -31.19 51.42
CA THR W 273 -27.30 -32.20 52.06
C THR W 273 -26.48 -33.08 53.02
N VAL W 274 -25.53 -33.83 52.48
CA VAL W 274 -24.56 -34.56 53.30
C VAL W 274 -23.38 -33.69 53.75
N TYR W 275 -23.33 -32.46 53.30
CA TYR W 275 -22.42 -31.47 53.85
C TYR W 275 -23.32 -30.31 54.26
N PRO W 276 -23.98 -30.42 55.41
CA PRO W 276 -24.89 -29.33 55.82
C PRO W 276 -24.11 -28.05 56.06
N SER W 277 -24.69 -26.95 55.61
CA SER W 277 -24.08 -25.65 55.78
C SER W 277 -24.12 -25.17 57.24
N GLU W 278 -25.07 -25.69 58.03
CA GLU W 278 -25.04 -25.52 59.48
C GLU W 278 -23.71 -25.92 60.09
N PHE W 279 -23.06 -26.90 59.49
CA PHE W 279 -21.81 -27.47 59.98
C PHE W 279 -20.60 -27.00 59.23
N TYR W 280 -20.72 -26.80 57.90
CA TYR W 280 -19.59 -26.61 57.01
C TYR W 280 -19.55 -25.21 56.42
N GLY W 281 -20.51 -24.37 56.76
CA GLY W 281 -20.62 -23.05 56.19
C GLY W 281 -21.31 -23.17 54.85
N PRO W 282 -21.75 -22.05 54.30
CA PRO W 282 -22.46 -22.09 53.01
C PRO W 282 -21.57 -22.48 51.84
N THR W 283 -22.24 -23.00 50.80
CA THR W 283 -21.55 -23.25 49.55
C THR W 283 -21.36 -21.93 48.84
N GLY W 284 -20.42 -21.90 47.92
CA GLY W 284 -20.13 -20.69 47.19
C GLY W 284 -21.36 -20.14 46.48
N PRO W 285 -22.14 -21.01 45.80
CA PRO W 285 -23.43 -20.55 45.23
C PRO W 285 -24.40 -20.07 46.31
N GLU W 286 -24.44 -20.80 47.43
CA GLU W 286 -25.34 -20.45 48.52
C GLU W 286 -25.04 -19.04 49.05
N ALA W 287 -23.76 -18.71 49.24
CA ALA W 287 -23.40 -17.37 49.69
C ALA W 287 -23.75 -16.34 48.64
N SER W 288 -23.41 -16.61 47.38
CA SER W 288 -23.74 -15.63 46.34
C SER W 288 -25.24 -15.43 46.23
N GLN W 289 -26.05 -16.50 46.37
CA GLN W 289 -27.51 -16.33 46.33
C GLN W 289 -28.00 -15.55 47.55
N ALA W 290 -27.47 -15.89 48.74
CA ALA W 290 -27.86 -15.25 49.99
C ALA W 290 -27.61 -13.74 49.98
N GLN W 291 -26.58 -13.27 49.25
CA GLN W 291 -26.31 -11.83 49.10
C GLN W 291 -27.45 -11.11 48.38
N ALA W 292 -27.95 -11.68 47.31
CA ALA W 292 -29.10 -11.10 46.61
C ALA W 292 -30.34 -11.08 47.49
N MET W 293 -30.54 -12.12 48.27
CA MET W 293 -31.72 -12.15 49.12
C MET W 293 -31.64 -11.03 50.13
N THR W 294 -30.50 -10.93 50.82
CA THR W 294 -30.23 -9.84 51.75
C THR W 294 -30.70 -8.48 51.24
N PHE W 295 -30.20 -8.05 50.05
CA PHE W 295 -30.49 -6.73 49.50
C PHE W 295 -31.85 -6.62 48.84
N LEU W 296 -32.47 -7.74 48.44
CA LEU W 296 -33.90 -7.65 48.12
C LEU W 296 -34.70 -7.28 49.36
N ILE W 297 -34.42 -7.97 50.48
CA ILE W 297 -35.15 -7.76 51.72
C ILE W 297 -35.05 -6.32 52.18
N ARG W 298 -33.83 -5.83 52.31
CA ARG W 298 -33.59 -4.47 52.77
C ARG W 298 -34.27 -3.44 51.88
N ASP W 299 -34.09 -3.56 50.58
CA ASP W 299 -34.64 -2.58 49.68
C ASP W 299 -36.16 -2.67 49.72
N GLN W 300 -36.69 -3.90 49.80
CA GLN W 300 -38.13 -4.02 49.89
C GLN W 300 -38.63 -3.38 51.18
N LYS W 301 -37.90 -3.53 52.26
CA LYS W 301 -38.31 -2.85 53.47
C LYS W 301 -38.36 -1.34 53.23
N LEU W 302 -37.40 -0.79 52.48
CA LEU W 302 -37.40 0.65 52.27
C LEU W 302 -38.53 1.12 51.38
N GLY W 303 -39.17 0.21 50.66
CA GLY W 303 -40.24 0.59 49.74
C GLY W 303 -40.05 0.19 48.29
N ALA W 304 -38.94 -0.47 47.92
CA ALA W 304 -38.74 -0.92 46.54
C ALA W 304 -39.74 -2.00 46.10
N ASN W 305 -40.28 -1.82 44.91
CA ASN W 305 -41.02 -2.83 44.18
C ASN W 305 -40.01 -3.69 43.43
N VAL W 306 -39.56 -4.77 44.07
CA VAL W 306 -38.39 -5.48 43.57
C VAL W 306 -38.66 -6.25 42.28
N GLY W 307 -39.91 -6.43 41.88
CA GLY W 307 -40.19 -7.23 40.70
C GLY W 307 -40.11 -6.42 39.44
N SER W 308 -40.26 -5.10 39.59
CA SER W 308 -40.26 -4.20 38.45
C SER W 308 -39.02 -3.32 38.40
N ALA W 309 -38.00 -3.58 39.21
CA ALA W 309 -36.83 -2.73 39.24
C ALA W 309 -35.90 -3.18 38.14
N GLN W 310 -35.90 -2.37 37.08
CA GLN W 310 -34.91 -2.43 36.02
C GLN W 310 -33.52 -2.00 36.53
N GLY W 311 -32.54 -2.89 36.44
CA GLY W 311 -31.18 -2.50 36.68
C GLY W 311 -30.51 -1.83 35.48
N PRO W 312 -29.23 -1.52 35.63
CA PRO W 312 -28.54 -0.70 34.62
C PRO W 312 -28.46 -1.33 33.24
N THR W 313 -28.38 -2.65 33.16
CA THR W 313 -28.24 -3.32 31.88
C THR W 313 -29.57 -3.53 31.16
N GLY W 314 -30.69 -3.20 31.79
CA GLY W 314 -32.00 -3.63 31.32
C GLY W 314 -32.51 -4.90 32.00
N LEU W 315 -31.60 -5.74 32.54
CA LEU W 315 -32.02 -6.87 33.36
C LEU W 315 -32.52 -6.43 34.73
N GLY W 316 -33.45 -7.20 35.28
CA GLY W 316 -33.96 -6.92 36.62
C GLY W 316 -32.90 -6.78 37.69
N LYS W 317 -32.94 -5.70 38.46
CA LYS W 317 -31.91 -5.48 39.49
C LYS W 317 -31.89 -6.63 40.48
N TYR W 318 -33.08 -7.12 40.82
CA TYR W 318 -33.29 -8.14 41.83
C TYR W 318 -33.76 -9.48 41.27
N LEU W 319 -34.53 -9.48 40.19
CA LEU W 319 -35.17 -10.68 39.67
C LEU W 319 -35.13 -10.65 38.17
N MET W 320 -34.84 -11.82 37.60
CA MET W 320 -34.78 -12.01 36.16
C MET W 320 -35.13 -13.48 35.86
N ARG W 321 -35.17 -13.82 34.59
CA ARG W 321 -35.46 -15.17 34.16
C ARG W 321 -34.17 -15.87 33.82
N SER W 322 -34.10 -17.12 34.16
CA SER W 322 -33.04 -17.97 33.65
C SER W 322 -33.30 -18.24 32.17
N PRO W 323 -32.45 -18.99 31.48
CA PRO W 323 -32.69 -19.23 30.05
C PRO W 323 -33.82 -20.21 29.76
N THR W 324 -34.33 -20.98 30.75
CA THR W 324 -35.57 -21.72 30.51
C THR W 324 -36.81 -21.06 31.16
N GLY W 325 -36.67 -19.81 31.69
CA GLY W 325 -37.79 -18.96 32.07
C GLY W 325 -37.98 -18.81 33.56
N GLU W 326 -37.36 -19.65 34.37
CA GLU W 326 -37.58 -19.60 35.79
C GLU W 326 -37.17 -18.26 36.35
N ILE W 327 -37.93 -17.78 37.33
CA ILE W 327 -37.59 -16.53 38.00
C ILE W 327 -36.46 -16.82 38.96
N ILE W 328 -35.42 -15.98 38.88
CA ILE W 328 -34.19 -16.20 39.64
C ILE W 328 -33.64 -14.86 40.12
N PHE W 329 -32.77 -14.96 41.10
CA PHE W 329 -32.10 -13.75 41.57
C PHE W 329 -31.23 -13.14 40.47
N GLY W 330 -31.17 -11.80 40.45
CA GLY W 330 -30.43 -11.07 39.43
C GLY W 330 -28.98 -10.77 39.79
N GLY W 331 -28.34 -10.03 38.91
CA GLY W 331 -26.92 -9.81 39.04
C GLY W 331 -26.10 -11.01 38.62
N GLU W 332 -24.82 -10.98 39.00
CA GLU W 332 -23.90 -12.03 38.59
C GLU W 332 -24.32 -13.41 39.09
N THR W 333 -25.10 -13.50 40.19
CA THR W 333 -25.56 -14.78 40.76
C THR W 333 -26.52 -15.55 39.83
N MET W 334 -26.86 -14.97 38.68
CA MET W 334 -27.63 -15.67 37.65
C MET W 334 -26.98 -16.99 37.26
N ARG W 335 -25.64 -17.08 37.32
CA ARG W 335 -24.99 -18.37 37.07
C ARG W 335 -25.39 -19.44 38.09
N PHE W 336 -25.89 -19.03 39.25
CA PHE W 336 -26.04 -19.89 40.41
C PHE W 336 -27.49 -20.27 40.68
N TRP W 337 -28.42 -20.02 39.74
CA TRP W 337 -29.83 -20.25 40.01
C TRP W 337 -30.17 -21.71 40.24
N ASP W 338 -29.22 -22.62 40.05
CA ASP W 338 -29.44 -24.04 40.30
C ASP W 338 -29.35 -24.32 41.78
N PHE W 339 -28.91 -23.35 42.56
CA PHE W 339 -28.81 -23.57 44.00
C PHE W 339 -30.16 -23.98 44.59
N ARG W 340 -30.11 -24.86 45.59
CA ARG W 340 -31.28 -25.26 46.33
C ARG W 340 -30.90 -25.45 47.78
N GLY W 341 -31.60 -24.76 48.66
CA GLY W 341 -31.28 -24.83 50.06
C GLY W 341 -32.51 -24.61 50.92
N PRO W 342 -32.54 -25.21 52.12
CA PRO W 342 -33.79 -25.17 52.91
C PRO W 342 -34.20 -23.76 53.31
N TRP W 343 -33.28 -22.82 53.34
CA TRP W 343 -33.66 -21.47 53.73
C TRP W 343 -34.35 -20.72 52.59
N LEU W 344 -34.33 -21.27 51.38
CA LEU W 344 -34.76 -20.52 50.23
C LEU W 344 -35.94 -21.18 49.52
N GLU W 345 -35.98 -22.51 49.52
CA GLU W 345 -37.05 -23.28 48.88
C GLU W 345 -38.45 -22.81 49.27
N PRO W 346 -38.67 -22.31 50.50
CA PRO W 346 -39.98 -21.75 50.85
C PRO W 346 -40.54 -20.71 49.89
N LEU W 347 -39.70 -19.89 49.32
CA LEU W 347 -40.22 -18.81 48.51
C LEU W 347 -40.39 -19.21 47.06
N ARG W 348 -40.31 -20.49 46.77
CA ARG W 348 -40.28 -20.93 45.37
C ARG W 348 -41.63 -21.55 45.03
N GLY W 349 -42.16 -21.11 43.90
CA GLY W 349 -43.40 -21.59 43.36
C GLY W 349 -43.09 -22.44 42.15
N PRO W 350 -44.06 -22.60 41.23
CA PRO W 350 -43.84 -23.47 40.07
C PRO W 350 -42.97 -22.87 38.98
N ASN W 351 -43.06 -21.55 38.81
CA ASN W 351 -42.29 -20.85 37.80
C ASN W 351 -41.07 -20.19 38.37
N GLY W 352 -40.59 -20.67 39.53
CA GLY W 352 -39.44 -20.09 40.20
C GLY W 352 -39.83 -19.31 41.44
N LEU W 353 -39.04 -18.32 41.81
CA LEU W 353 -39.36 -17.50 42.96
C LEU W 353 -40.72 -16.84 42.78
N ASP W 354 -41.52 -16.85 43.85
CA ASP W 354 -42.87 -16.28 43.85
C ASP W 354 -42.80 -14.86 44.37
N LEU W 355 -43.28 -13.91 43.56
CA LEU W 355 -43.16 -12.52 43.99
C LEU W 355 -44.10 -12.24 45.15
N ASN W 356 -45.25 -12.91 45.18
CA ASN W 356 -46.19 -12.73 46.26
C ASN W 356 -45.61 -13.23 47.57
N LYS W 357 -44.85 -14.33 47.50
CA LYS W 357 -44.22 -14.85 48.70
C LYS W 357 -43.09 -13.95 49.13
N ILE W 358 -42.40 -13.36 48.16
CA ILE W 358 -41.34 -12.40 48.48
C ILE W 358 -41.92 -11.18 49.17
N LYS W 359 -43.04 -10.69 48.65
CA LYS W 359 -43.68 -9.55 49.28
C LYS W 359 -44.19 -9.88 50.66
N ASN W 360 -44.60 -11.13 50.92
CA ASN W 360 -45.37 -11.41 52.15
C ASN W 360 -44.78 -12.41 53.15
N ASP W 361 -43.92 -13.34 52.74
CA ASP W 361 -43.71 -14.55 53.54
C ASP W 361 -42.27 -14.75 54.00
N ILE W 362 -41.41 -13.75 53.80
CA ILE W 362 -40.01 -13.85 54.22
C ILE W 362 -39.98 -13.74 55.73
N GLN W 363 -39.60 -14.82 56.41
CA GLN W 363 -39.51 -14.83 57.84
C GLN W 363 -38.17 -14.26 58.33
N PRO W 364 -38.11 -13.82 59.59
CA PRO W 364 -36.84 -13.30 60.08
C PRO W 364 -35.75 -14.34 60.09
N TRP W 365 -36.07 -15.62 60.32
CA TRP W 365 -35.00 -16.60 60.36
C TRP W 365 -34.28 -16.68 59.03
N GLN W 366 -34.98 -16.36 57.93
CA GLN W 366 -34.38 -16.38 56.60
C GLN W 366 -33.51 -15.17 56.35
N GLU W 367 -33.99 -14.00 56.79
CA GLU W 367 -33.13 -12.82 56.80
C GLU W 367 -31.86 -13.09 57.59
N ARG W 368 -31.95 -13.83 58.69
CA ARG W 368 -30.77 -14.11 59.49
C ARG W 368 -29.87 -15.12 58.80
N ARG W 369 -30.44 -16.24 58.33
CA ARG W 369 -29.65 -17.22 57.61
CA ARG W 369 -29.63 -17.22 57.62
C ARG W 369 -28.97 -16.57 56.40
N ALA W 370 -29.74 -15.77 55.67
CA ALA W 370 -29.22 -15.17 54.44
C ALA W 370 -28.05 -14.22 54.72
N ALA W 371 -28.14 -13.43 55.79
CA ALA W 371 -27.05 -12.52 56.15
C ALA W 371 -25.84 -13.28 56.72
N GLU W 372 -26.07 -14.22 57.62
CA GLU W 372 -25.01 -15.10 58.13
C GLU W 372 -24.27 -15.76 56.97
N TYR W 373 -25.00 -16.23 55.96
CA TYR W 373 -24.34 -17.04 54.94
C TYR W 373 -23.54 -16.19 53.96
N MET W 374 -24.01 -14.96 53.66
CA MET W 374 -23.28 -14.08 52.74
C MET W 374 -22.02 -13.52 53.37
N THR W 375 -22.02 -13.31 54.69
CA THR W 375 -20.85 -12.92 55.44
C THR W 375 -19.98 -14.09 55.86
N HIS W 376 -20.21 -15.29 55.34
CA HIS W 376 -19.36 -16.45 55.59
C HIS W 376 -19.09 -17.19 54.29
N ALA W 377 -19.14 -16.46 53.19
CA ALA W 377 -18.94 -17.04 51.87
C ALA W 377 -17.56 -17.68 51.78
N PRO W 378 -17.43 -18.83 51.12
CA PRO W 378 -16.13 -19.49 51.14
C PRO W 378 -15.07 -18.75 50.33
N LEU W 379 -14.66 -17.56 50.77
CA LEU W 379 -13.55 -16.79 50.20
C LEU W 379 -12.61 -16.37 51.31
N GLY W 380 -11.32 -16.51 51.06
CA GLY W 380 -10.35 -16.07 52.04
C GLY W 380 -8.94 -16.43 51.63
N SER W 381 -8.01 -15.95 52.42
CA SER W 381 -6.61 -16.07 52.02
C SER W 381 -5.93 -17.23 52.73
N LEU W 382 -4.77 -17.61 52.20
CA LEU W 382 -4.03 -18.76 52.69
C LEU W 382 -3.63 -18.60 54.15
N ASN W 383 -3.32 -17.38 54.57
CA ASN W 383 -3.12 -17.09 55.97
C ASN W 383 -4.43 -16.78 56.67
N SER W 384 -5.56 -17.17 56.08
CA SER W 384 -6.87 -17.21 56.73
C SER W 384 -7.43 -15.85 57.06
N VAL W 385 -6.98 -14.79 56.40
CA VAL W 385 -7.83 -13.59 56.37
C VAL W 385 -9.03 -13.88 55.50
N GLY W 386 -10.21 -13.65 56.04
CA GLY W 386 -11.42 -13.97 55.37
C GLY W 386 -11.87 -12.82 54.51
N GLY W 387 -12.33 -13.16 53.31
CA GLY W 387 -13.04 -12.30 52.39
C GLY W 387 -12.40 -12.36 51.03
N VAL W 388 -12.70 -11.34 50.22
CA VAL W 388 -12.06 -11.13 48.93
C VAL W 388 -10.59 -10.78 49.17
N ALA W 389 -9.82 -10.77 48.08
CA ALA W 389 -8.38 -10.57 48.18
C ALA W 389 -8.03 -9.16 48.64
N THR W 390 -8.87 -8.17 48.31
CA THR W 390 -8.68 -6.78 48.68
C THR W 390 -9.17 -6.45 50.09
N GLU W 391 -9.54 -7.44 50.88
CA GLU W 391 -10.01 -7.19 52.24
C GLU W 391 -8.84 -6.90 53.19
N ILE W 392 -9.10 -6.01 54.18
CA ILE W 392 -8.13 -5.74 55.24
C ILE W 392 -8.22 -6.85 56.29
N ASN W 393 -7.10 -7.16 56.93
CA ASN W 393 -7.06 -8.03 58.12
C ASN W 393 -8.09 -7.60 59.15
N SER W 394 -8.48 -8.53 60.03
CA SER W 394 -9.59 -8.40 60.98
C SER W 394 -10.26 -9.75 61.22
N VAL W 395 -10.86 -10.31 60.16
CA VAL W 395 -11.69 -11.51 60.22
C VAL W 395 -10.84 -12.73 59.86
N ASN W 396 -10.64 -13.64 60.82
CA ASN W 396 -9.86 -14.88 60.70
C ASN W 396 -10.75 -16.05 60.30
N PHE W 397 -10.86 -16.34 58.99
CA PHE W 397 -11.84 -17.29 58.45
C PHE W 397 -11.45 -17.80 57.07
N VAL W 398 -11.38 -19.13 56.93
CA VAL W 398 -11.45 -19.77 55.62
C VAL W 398 -12.40 -20.95 55.74
N SER W 399 -13.40 -20.98 54.88
CA SER W 399 -14.47 -21.98 54.99
C SER W 399 -13.94 -23.40 54.91
N PRO W 400 -14.40 -24.32 55.79
CA PRO W 400 -14.10 -25.77 55.58
C PRO W 400 -14.31 -26.31 54.16
N ARG W 401 -15.29 -25.80 53.41
CA ARG W 401 -15.48 -26.19 52.03
C ARG W 401 -14.25 -25.89 51.17
N SER W 402 -13.65 -24.68 51.31
CA SER W 402 -12.38 -24.38 50.63
C SER W 402 -11.25 -25.28 51.10
N TRP W 403 -11.12 -25.48 52.43
CA TRP W 403 -9.99 -26.27 52.92
C TRP W 403 -10.06 -27.70 52.40
N LEU W 404 -11.28 -28.24 52.31
CA LEU W 404 -11.46 -29.63 51.97
C LEU W 404 -11.42 -29.85 50.46
N ALA W 405 -11.99 -28.93 49.69
CA ALA W 405 -11.99 -29.10 48.24
C ALA W 405 -10.60 -28.82 47.66
N THR W 406 -9.93 -27.78 48.13
CA THR W 406 -8.58 -27.53 47.65
C THR W 406 -7.67 -28.71 47.97
N SER W 407 -7.66 -29.14 49.21
CA SER W 407 -6.72 -30.17 49.59
C SER W 407 -6.98 -31.47 48.85
N HIS W 408 -8.23 -31.76 48.50
CA HIS W 408 -8.55 -33.01 47.85
C HIS W 408 -8.44 -32.93 46.33
N PHE W 409 -8.36 -31.74 45.75
CA PHE W 409 -8.02 -31.65 44.34
C PHE W 409 -6.56 -31.97 44.10
N VAL W 410 -5.69 -31.25 44.81
CA VAL W 410 -4.25 -31.48 44.92
C VAL W 410 -3.93 -32.96 45.05
N LEU W 411 -4.54 -33.63 46.04
CA LEU W 411 -4.34 -35.07 46.25
C LEU W 411 -4.82 -35.89 45.06
N ALA W 412 -6.03 -35.62 44.59
CA ALA W 412 -6.52 -36.32 43.41
C ALA W 412 -5.60 -36.15 42.21
N PHE W 413 -5.09 -34.93 41.98
CA PHE W 413 -4.24 -34.71 40.81
C PHE W 413 -2.95 -35.50 40.93
N PHE W 414 -2.30 -35.43 42.09
CA PHE W 414 -1.05 -36.16 42.24
C PHE W 414 -1.25 -37.67 42.22
N PHE W 415 -2.45 -38.17 42.53
CA PHE W 415 -2.67 -39.61 42.39
C PHE W 415 -2.97 -40.03 40.96
N LEU W 416 -3.56 -39.16 40.16
CA LEU W 416 -3.61 -39.41 38.74
C LEU W 416 -2.20 -39.49 38.12
N VAL W 417 -1.30 -38.57 38.52
CA VAL W 417 0.09 -38.64 38.07
C VAL W 417 0.72 -39.95 38.53
N GLY W 418 0.42 -40.35 39.77
CA GLY W 418 0.79 -41.69 40.23
C GLY W 418 0.36 -42.77 39.27
N HIS W 419 -0.92 -42.77 38.87
CA HIS W 419 -1.41 -43.78 37.94
C HIS W 419 -0.53 -43.88 36.73
N LEU W 420 -0.39 -42.76 36.01
CA LEU W 420 0.36 -42.79 34.76
C LEU W 420 1.78 -43.27 34.99
N TRP W 421 2.44 -42.79 36.05
CA TRP W 421 3.78 -43.28 36.37
C TRP W 421 3.80 -44.79 36.52
N HIS W 422 2.93 -45.35 37.38
CA HIS W 422 3.04 -46.76 37.71
C HIS W 422 2.40 -47.67 36.65
N ALA W 423 1.33 -47.21 36.01
CA ALA W 423 0.75 -47.97 34.91
C ALA W 423 1.77 -48.18 33.80
N GLY W 424 2.37 -47.09 33.31
CA GLY W 424 3.36 -47.20 32.26
C GLY W 424 4.55 -48.03 32.68
N ARG W 425 5.05 -47.80 33.91
CA ARG W 425 6.13 -48.65 34.38
C ARG W 425 5.72 -50.10 34.38
N ALA W 426 4.49 -50.41 34.84
CA ALA W 426 4.07 -51.82 34.92
C ALA W 426 3.99 -52.47 33.53
N ARG W 427 3.62 -51.71 32.50
CA ARG W 427 3.61 -52.26 31.15
C ARG W 427 5.03 -52.50 30.65
N ALA W 428 5.85 -51.45 30.74
CA ALA W 428 7.27 -51.55 30.40
C ALA W 428 7.94 -52.74 31.09
N ALA W 429 7.66 -52.92 32.36
CA ALA W 429 8.36 -53.97 33.08
C ALA W 429 7.91 -55.35 32.59
N ALA W 430 6.62 -55.56 32.42
CA ALA W 430 6.13 -56.84 31.94
C ALA W 430 6.55 -57.11 30.52
N ALA W 431 6.93 -56.08 29.76
CA ALA W 431 7.47 -56.33 28.44
C ALA W 431 8.98 -56.52 28.47
N GLY W 432 9.64 -56.13 29.56
CA GLY W 432 11.08 -56.24 29.67
C GLY W 432 11.91 -55.11 29.07
N PHE W 433 11.49 -53.86 29.19
CA PHE W 433 12.30 -52.72 28.80
C PHE W 433 12.03 -51.54 29.71
N GLU W 434 11.86 -51.81 31.00
CA GLU W 434 11.73 -50.74 31.95
C GLU W 434 13.07 -50.13 32.33
N LYS W 435 14.19 -50.79 32.02
CA LYS W 435 15.51 -50.34 32.40
C LYS W 435 16.27 -49.71 31.24
N GLY W 436 15.59 -49.50 30.11
CA GLY W 436 16.20 -48.96 28.92
C GLY W 436 16.08 -49.93 27.75
N ILE W 437 16.62 -49.46 26.59
CA ILE W 437 16.60 -50.12 25.29
C ILE W 437 17.80 -51.05 25.16
N ASP W 438 17.59 -52.24 24.58
CA ASP W 438 18.65 -53.22 24.41
C ASP W 438 19.48 -52.83 23.20
N ARG W 439 20.73 -52.43 23.44
CA ARG W 439 21.58 -51.92 22.37
C ARG W 439 21.67 -52.90 21.21
N GLU W 440 21.79 -54.20 21.52
CA GLU W 440 21.92 -55.29 20.56
C GLU W 440 20.63 -55.58 19.80
N SER W 441 19.52 -55.02 20.23
CA SER W 441 18.25 -55.39 19.62
C SER W 441 17.35 -54.16 19.48
N GLU W 442 17.95 -52.98 19.28
CA GLU W 442 17.18 -51.76 19.37
C GLU W 442 16.00 -51.84 18.41
N PRO W 443 14.78 -52.05 18.90
CA PRO W 443 13.65 -52.31 17.99
C PRO W 443 13.57 -51.38 16.79
N VAL W 444 13.68 -50.06 16.99
CA VAL W 444 13.55 -49.09 15.90
C VAL W 444 14.47 -49.45 14.73
N LEU W 445 15.59 -50.11 14.99
CA LEU W 445 16.50 -50.43 13.92
C LEU W 445 15.97 -51.48 12.97
N SER W 446 14.97 -52.26 13.39
CA SER W 446 14.40 -53.29 12.54
C SER W 446 13.18 -52.80 11.79
N MET W 447 12.87 -51.54 11.96
CA MET W 447 11.72 -50.85 11.40
C MET W 447 12.11 -50.15 10.12
N PRO W 448 11.24 -50.13 9.12
CA PRO W 448 11.52 -49.32 7.93
C PRO W 448 11.44 -47.84 8.26
N SER W 449 12.26 -47.05 7.56
CA SER W 449 12.22 -45.61 7.76
C SER W 449 10.86 -45.02 7.38
N LEU W 450 10.49 -43.94 8.05
CA LEU W 450 9.24 -43.25 7.74
C LEU W 450 9.29 -42.54 6.40
N ASP W 451 10.47 -42.36 5.84
CA ASP W 451 10.61 -41.78 4.52
C ASP W 451 12.01 -42.02 3.98
N ARG X 1 61.08 -14.70 36.60
CA ARG X 1 59.64 -14.42 36.67
C ARG X 1 59.32 -13.10 37.36
N GLY X 2 58.65 -12.20 36.63
CA GLY X 2 58.25 -10.93 37.21
C GLY X 2 57.23 -11.08 38.33
N TRP X 3 57.00 -9.98 39.03
CA TRP X 3 56.04 -9.97 40.12
C TRP X 3 54.60 -10.12 39.63
N PHE X 4 54.33 -9.67 38.40
CA PHE X 4 53.03 -9.89 37.78
C PHE X 4 52.80 -11.37 37.52
N ASP X 5 53.82 -12.05 37.00
CA ASP X 5 53.68 -13.44 36.59
C ASP X 5 53.57 -14.35 37.79
N ILE X 6 54.11 -13.92 38.93
CA ILE X 6 53.96 -14.65 40.19
C ILE X 6 52.55 -14.49 40.75
N LEU X 7 52.01 -13.26 40.74
CA LEU X 7 50.65 -13.02 41.19
C LEU X 7 49.61 -13.65 40.26
N ASP X 8 49.92 -13.74 38.96
CA ASP X 8 49.12 -14.53 38.05
C ASP X 8 49.13 -16.00 38.45
N ASP X 9 50.32 -16.54 38.74
CA ASP X 9 50.42 -17.94 39.18
C ASP X 9 49.46 -18.23 40.33
N TRP X 10 49.36 -17.31 41.27
CA TRP X 10 48.62 -17.63 42.48
C TRP X 10 47.12 -17.46 42.27
N LEU X 11 46.70 -16.42 41.55
CA LEU X 11 45.28 -16.20 41.31
C LEU X 11 44.67 -17.34 40.52
N LYS X 12 45.46 -17.96 39.65
CA LYS X 12 44.94 -18.99 38.79
C LYS X 12 45.27 -20.38 39.34
N ARG X 13 45.43 -20.48 40.66
CA ARG X 13 45.68 -21.74 41.32
C ARG X 13 44.41 -22.59 41.39
N ASP X 14 44.57 -23.90 41.17
CA ASP X 14 43.46 -24.83 41.30
C ASP X 14 43.12 -24.96 42.78
N ARG X 15 41.99 -24.39 43.19
CA ARG X 15 41.53 -24.50 44.56
C ARG X 15 40.03 -24.77 44.56
N PHE X 16 39.48 -25.00 45.76
CA PHE X 16 38.07 -25.36 45.87
C PHE X 16 37.18 -24.29 45.25
N VAL X 17 37.58 -23.01 45.40
CA VAL X 17 36.90 -21.87 44.82
C VAL X 17 37.91 -21.09 44.01
N PHE X 18 37.80 -21.17 42.69
CA PHE X 18 38.71 -20.48 41.80
C PHE X 18 38.55 -18.96 41.94
N VAL X 19 39.67 -18.24 41.87
CA VAL X 19 39.72 -16.80 42.14
C VAL X 19 39.89 -16.04 40.84
N GLY X 20 41.10 -16.05 40.29
CA GLY X 20 41.39 -15.40 39.03
C GLY X 20 41.56 -13.89 39.17
N TRP X 21 42.03 -13.28 38.09
CA TRP X 21 42.03 -11.83 38.04
C TRP X 21 40.62 -11.31 38.19
N SER X 22 39.65 -11.96 37.53
CA SER X 22 38.26 -11.51 37.60
C SER X 22 37.74 -11.61 39.03
N GLY X 23 38.29 -12.55 39.83
CA GLY X 23 37.89 -12.65 41.21
C GLY X 23 37.97 -11.32 41.91
N ILE X 24 38.98 -10.52 41.57
CA ILE X 24 39.27 -9.27 42.25
C ILE X 24 38.18 -8.24 42.00
N LEU X 25 37.46 -8.36 40.92
CA LEU X 25 36.26 -7.56 40.70
C LEU X 25 35.01 -8.27 41.26
N LEU X 26 34.92 -9.59 41.10
CA LEU X 26 33.67 -10.32 41.33
C LEU X 26 33.31 -10.44 42.81
N PHE X 27 34.18 -11.10 43.60
CA PHE X 27 33.88 -11.42 45.00
C PHE X 27 33.60 -10.19 45.85
N PRO X 28 34.35 -9.08 45.74
CA PRO X 28 34.05 -7.93 46.58
C PRO X 28 32.71 -7.30 46.25
N CYS X 29 32.39 -7.25 44.96
CA CYS X 29 31.20 -6.54 44.51
C CYS X 29 29.95 -7.39 44.76
N ALA X 30 30.05 -8.72 44.61
CA ALA X 30 28.88 -9.58 44.81
C ALA X 30 28.58 -9.75 46.28
N TYR X 31 29.59 -10.07 47.08
CA TYR X 31 29.41 -10.03 48.52
C TYR X 31 28.70 -8.74 48.97
N LEU X 32 29.11 -7.56 48.46
CA LEU X 32 28.55 -6.32 49.00
C LEU X 32 27.14 -6.04 48.50
N ALA X 33 26.85 -6.34 47.23
CA ALA X 33 25.46 -6.31 46.76
C ALA X 33 24.58 -7.17 47.66
N LEU X 34 24.92 -8.46 47.72
CA LEU X 34 24.36 -9.42 48.64
C LEU X 34 24.18 -8.87 50.03
N GLY X 35 25.28 -8.43 50.64
CA GLY X 35 25.25 -8.01 52.03
C GLY X 35 24.40 -6.79 52.24
N GLY X 36 24.48 -5.82 51.32
CA GLY X 36 23.63 -4.66 51.43
C GLY X 36 22.16 -5.03 51.31
N TRP X 37 21.86 -6.06 50.51
CA TRP X 37 20.47 -6.52 50.43
C TRP X 37 20.01 -7.13 51.77
N LEU X 38 20.72 -8.13 52.25
CA LEU X 38 20.40 -8.72 53.55
C LEU X 38 20.34 -7.62 54.61
N THR X 39 21.41 -6.86 54.74
CA THR X 39 21.42 -5.82 55.77
C THR X 39 20.18 -4.95 55.70
N GLY X 40 19.86 -4.48 54.50
CA GLY X 40 18.80 -3.51 54.32
C GLY X 40 17.42 -4.09 54.54
N THR X 41 17.14 -5.26 53.94
CA THR X 41 15.85 -5.88 54.23
C THR X 41 15.72 -6.23 55.73
N THR X 42 16.83 -6.46 56.44
CA THR X 42 16.71 -6.83 57.84
C THR X 42 16.58 -5.64 58.78
N PHE X 43 17.22 -4.52 58.49
CA PHE X 43 17.24 -3.43 59.46
C PHE X 43 16.70 -2.10 58.98
N VAL X 44 16.52 -1.88 57.68
CA VAL X 44 16.39 -0.51 57.15
C VAL X 44 14.97 -0.24 56.66
N THR X 45 14.49 0.97 56.95
CA THR X 45 13.16 1.43 56.60
C THR X 45 13.13 2.01 55.18
N SER X 46 11.92 2.33 54.75
CA SER X 46 11.61 3.04 53.50
C SER X 46 10.60 4.14 53.82
N TRP X 47 10.61 4.56 55.08
CA TRP X 47 9.64 5.52 55.59
C TRP X 47 9.86 6.91 55.01
N TYR X 48 11.11 7.38 54.94
CA TYR X 48 11.33 8.75 54.48
C TYR X 48 11.34 8.87 52.95
N THR X 49 11.59 7.78 52.25
CA THR X 49 11.65 7.79 50.80
C THR X 49 10.32 7.46 50.13
N HIS X 50 9.49 6.66 50.81
CA HIS X 50 8.31 6.01 50.25
C HIS X 50 7.10 6.04 51.17
N GLY X 51 7.30 6.09 52.49
CA GLY X 51 6.19 5.96 53.41
C GLY X 51 5.79 4.52 53.69
N LEU X 52 6.78 3.64 53.86
CA LEU X 52 6.56 2.21 53.92
C LEU X 52 7.56 1.60 54.88
N ALA X 53 7.13 0.55 55.57
CA ALA X 53 8.00 -0.36 56.29
C ALA X 53 8.59 -1.36 55.33
N SER X 54 9.82 -1.73 55.57
CA SER X 54 10.50 -2.52 54.58
C SER X 54 11.51 -3.48 55.18
N SER X 55 11.72 -3.44 56.48
CA SER X 55 12.63 -4.35 57.16
C SER X 55 11.87 -5.32 58.05
N TYR X 56 12.54 -6.41 58.43
CA TYR X 56 12.02 -7.26 59.49
C TYR X 56 11.87 -6.49 60.78
N LEU X 57 12.84 -5.60 61.06
CA LEU X 57 12.85 -4.84 62.30
C LEU X 57 11.53 -4.12 62.48
N GLU X 58 10.87 -3.76 61.38
CA GLU X 58 9.61 -3.04 61.45
C GLU X 58 8.43 -3.99 61.53
N GLY X 59 8.66 -5.29 61.38
CA GLY X 59 7.59 -6.25 61.32
C GLY X 59 7.31 -6.84 59.95
N CYS X 60 8.04 -6.47 58.91
CA CYS X 60 7.78 -7.03 57.59
C CYS X 60 8.24 -8.48 57.57
N ASN X 61 7.63 -9.24 56.67
CA ASN X 61 7.99 -10.65 56.49
C ASN X 61 8.69 -10.82 55.15
N PHE X 62 9.21 -12.03 54.95
CA PHE X 62 10.07 -12.26 53.80
C PHE X 62 9.45 -11.71 52.51
N LEU X 63 8.12 -11.79 52.37
CA LEU X 63 7.54 -11.35 51.11
C LEU X 63 7.52 -9.82 50.99
N THR X 64 7.24 -9.10 52.08
CA THR X 64 7.03 -7.65 52.04
C THR X 64 8.29 -6.84 52.36
N VAL X 65 9.42 -7.48 52.69
CA VAL X 65 10.63 -6.71 52.89
C VAL X 65 11.21 -6.30 51.54
N ALA X 66 11.99 -5.21 51.55
CA ALA X 66 12.62 -4.67 50.36
C ALA X 66 13.71 -3.71 50.78
N VAL X 67 14.70 -3.57 49.90
CA VAL X 67 15.52 -2.36 49.86
C VAL X 67 14.85 -1.44 48.84
N SER X 68 14.25 -0.35 49.29
CA SER X 68 13.42 0.43 48.39
C SER X 68 14.21 1.53 47.70
N THR X 69 13.67 2.01 46.57
CA THR X 69 14.36 3.04 45.79
C THR X 69 14.50 4.35 46.60
N PRO X 70 15.43 5.21 46.21
CA PRO X 70 15.50 6.54 46.81
C PRO X 70 14.27 7.33 46.45
N ALA X 71 14.08 8.44 47.18
CA ALA X 71 12.95 9.30 46.86
C ALA X 71 13.09 9.84 45.46
N ASN X 72 11.98 10.32 44.91
CA ASN X 72 12.01 11.03 43.65
C ASN X 72 12.85 12.31 43.72
N SER X 73 12.95 12.92 44.92
CA SER X 73 13.65 14.19 45.08
C SER X 73 15.12 14.07 44.74
N MET X 74 15.70 12.88 44.91
CA MET X 74 17.12 12.70 44.63
C MET X 74 17.47 12.71 43.13
N GLY X 75 16.48 12.74 42.23
CA GLY X 75 16.79 12.59 40.81
C GLY X 75 17.55 11.28 40.55
N HIS X 76 18.55 11.39 39.69
CA HIS X 76 19.37 10.26 39.34
C HIS X 76 20.71 10.28 40.07
N SER X 77 20.72 10.87 41.28
CA SER X 77 21.94 10.96 42.06
C SER X 77 22.55 9.59 42.26
N LEU X 78 23.87 9.53 42.15
CA LEU X 78 24.60 8.33 42.51
C LEU X 78 24.44 8.01 43.99
N LEU X 79 24.12 9.00 44.81
CA LEU X 79 23.91 8.82 46.25
C LEU X 79 25.12 8.15 46.89
N LEU X 80 26.29 8.69 46.59
CA LEU X 80 27.50 8.26 47.27
C LEU X 80 27.45 8.66 48.75
N LEU X 81 28.03 7.79 49.58
CA LEU X 81 28.10 8.07 51.00
C LEU X 81 28.84 9.38 51.26
N TRP X 82 30.01 9.57 50.65
CA TRP X 82 30.79 10.80 50.79
C TRP X 82 30.25 11.95 49.94
N GLY X 83 29.01 11.86 49.48
CA GLY X 83 28.47 12.79 48.52
C GLY X 83 27.69 13.95 49.10
N PRO X 84 27.25 14.85 48.22
CA PRO X 84 26.54 16.04 48.68
C PRO X 84 25.28 15.81 49.52
N GLU X 85 24.61 14.67 49.42
CA GLU X 85 23.32 14.58 50.07
C GLU X 85 23.47 14.07 51.51
N ALA X 86 24.19 12.98 51.68
CA ALA X 86 24.34 12.40 53.02
C ALA X 86 25.55 12.93 53.76
N GLN X 87 26.56 13.42 53.03
CA GLN X 87 27.72 14.05 53.65
C GLN X 87 28.40 13.11 54.62
N GLY X 88 28.64 11.88 54.18
CA GLY X 88 29.37 10.87 54.94
C GLY X 88 28.58 10.23 56.05
N ASP X 89 27.38 10.72 56.32
CA ASP X 89 26.63 10.25 57.46
C ASP X 89 25.96 8.92 57.09
N PHE X 90 26.51 7.81 57.60
CA PHE X 90 26.03 6.50 57.23
C PHE X 90 24.55 6.31 57.58
N THR X 91 24.14 6.80 58.73
CA THR X 91 22.75 6.63 59.13
C THR X 91 21.84 7.34 58.16
N ARG X 92 22.19 8.58 57.81
CA ARG X 92 21.35 9.32 56.88
C ARG X 92 21.37 8.67 55.51
N TRP X 93 22.47 8.02 55.18
CA TRP X 93 22.57 7.32 53.91
C TRP X 93 21.44 6.31 53.80
N CYS X 94 21.23 5.53 54.87
CA CYS X 94 20.25 4.48 54.86
C CYS X 94 18.84 5.04 54.76
N GLN X 95 18.60 6.21 55.35
CA GLN X 95 17.26 6.76 55.34
C GLN X 95 16.94 7.42 54.01
N LEU X 96 17.93 7.78 53.22
CA LEU X 96 17.68 8.47 51.98
C LEU X 96 17.75 7.52 50.80
N GLY X 97 18.11 6.27 51.02
CA GLY X 97 18.04 5.27 49.99
C GLY X 97 19.33 5.02 49.28
N GLY X 98 20.47 5.18 49.97
CA GLY X 98 21.76 4.91 49.36
C GLY X 98 22.13 3.46 49.26
N LEU X 99 21.49 2.58 50.02
CA LEU X 99 21.70 1.15 49.83
C LEU X 99 21.19 0.68 48.51
N TRP X 100 20.20 1.40 47.96
CA TRP X 100 19.65 1.02 46.66
C TRP X 100 20.68 1.23 45.54
N THR X 101 21.32 2.41 45.48
CA THR X 101 22.44 2.58 44.54
C THR X 101 23.63 1.71 44.93
N PHE X 102 23.88 1.55 46.24
CA PHE X 102 24.99 0.69 46.69
C PHE X 102 24.84 -0.71 46.12
N ILE X 103 23.63 -1.28 46.25
CA ILE X 103 23.35 -2.61 45.74
C ILE X 103 23.35 -2.61 44.22
N ALA X 104 22.67 -1.63 43.65
CA ALA X 104 22.48 -1.57 42.21
C ALA X 104 23.80 -1.53 41.47
N LEU X 105 24.77 -0.73 41.94
CA LEU X 105 26.03 -0.52 41.22
C LEU X 105 27.05 -1.60 41.54
N HIS X 106 27.13 -2.04 42.80
CA HIS X 106 28.05 -3.12 43.11
C HIS X 106 27.65 -4.38 42.39
N GLY X 107 26.35 -4.63 42.26
CA GLY X 107 25.90 -5.79 41.54
C GLY X 107 26.15 -5.68 40.06
N ALA X 108 25.92 -4.51 39.47
CA ALA X 108 26.31 -4.34 38.07
C ALA X 108 27.78 -4.69 37.84
N PHE X 109 28.70 -4.12 38.65
CA PHE X 109 30.12 -4.49 38.47
C PHE X 109 30.39 -5.95 38.85
N GLY X 110 29.57 -6.52 39.74
CA GLY X 110 29.68 -7.96 40.02
C GLY X 110 29.34 -8.86 38.84
N LEU X 111 28.34 -8.47 38.03
CA LEU X 111 27.92 -9.27 36.88
C LEU X 111 29.00 -9.27 35.78
N ILE X 112 29.54 -8.09 35.51
CA ILE X 112 30.78 -7.97 34.76
C ILE X 112 31.78 -8.99 35.28
N GLY X 113 32.01 -9.00 36.61
CA GLY X 113 32.99 -9.91 37.18
C GLY X 113 32.68 -11.35 36.90
N PHE X 114 31.39 -11.71 36.92
CA PHE X 114 31.01 -13.09 36.66
C PHE X 114 31.27 -13.46 35.20
N MET X 115 30.92 -12.57 34.27
CA MET X 115 31.06 -12.92 32.85
C MET X 115 32.53 -13.02 32.49
N LEU X 116 33.33 -12.01 32.87
CA LEU X 116 34.77 -12.07 32.76
C LEU X 116 35.32 -13.34 33.38
N ARG X 117 34.69 -13.81 34.48
CA ARG X 117 35.09 -15.08 35.07
C ARG X 117 34.73 -16.25 34.17
N GLN X 118 33.61 -16.18 33.45
CA GLN X 118 33.31 -17.28 32.54
C GLN X 118 34.31 -17.30 31.40
N PHE X 119 34.68 -16.12 30.89
CA PHE X 119 35.73 -16.04 29.88
C PHE X 119 37.04 -16.59 30.42
N GLU X 120 37.40 -16.18 31.66
CA GLU X 120 38.71 -16.51 32.20
C GLU X 120 38.87 -18.01 32.37
N ILE X 121 37.84 -18.68 32.90
CA ILE X 121 37.90 -20.12 33.15
C ILE X 121 37.77 -20.91 31.86
N ALA X 122 36.88 -20.48 30.96
CA ALA X 122 36.75 -21.17 29.69
C ALA X 122 38.08 -21.27 29.00
N ARG X 123 38.90 -20.21 29.12
CA ARG X 123 40.16 -20.11 28.39
C ARG X 123 41.20 -21.04 28.97
N LEU X 124 41.20 -21.22 30.28
CA LEU X 124 42.19 -22.09 30.90
C LEU X 124 41.83 -23.57 30.74
N VAL X 125 40.56 -23.92 30.79
CA VAL X 125 40.21 -25.30 30.54
C VAL X 125 40.27 -25.63 29.05
N GLY X 126 40.03 -24.64 28.18
CA GLY X 126 40.21 -24.86 26.78
C GLY X 126 38.94 -25.17 26.03
N VAL X 127 37.84 -24.52 26.40
CA VAL X 127 36.55 -24.77 25.79
C VAL X 127 36.04 -23.45 25.25
N ARG X 128 35.31 -23.51 24.15
CA ARG X 128 34.60 -22.38 23.58
C ARG X 128 33.78 -21.68 24.66
N PRO X 129 33.64 -20.35 24.63
CA PRO X 129 32.91 -19.64 25.70
C PRO X 129 31.45 -19.35 25.44
N TYR X 130 30.68 -20.37 25.06
CA TYR X 130 29.27 -20.13 24.73
C TYR X 130 28.43 -19.81 25.96
N ASN X 131 28.89 -20.22 27.13
CA ASN X 131 28.20 -19.97 28.38
C ASN X 131 28.32 -18.51 28.77
N ALA X 132 29.52 -17.94 28.59
CA ALA X 132 29.69 -16.51 28.82
C ALA X 132 28.79 -15.71 27.91
N ILE X 133 28.67 -16.14 26.66
CA ILE X 133 27.81 -15.46 25.70
C ILE X 133 26.34 -15.52 26.14
N ALA X 134 25.88 -16.74 26.49
CA ALA X 134 24.55 -16.92 27.05
C ALA X 134 24.28 -15.92 28.16
N PHE X 135 25.22 -15.77 29.09
CA PHE X 135 25.02 -14.88 30.24
C PHE X 135 24.82 -13.41 29.83
N SER X 136 25.02 -13.07 28.55
CA SER X 136 24.74 -11.72 28.08
C SER X 136 23.26 -11.37 28.17
N ALA X 137 22.36 -12.38 28.07
CA ALA X 137 20.93 -12.10 28.22
C ALA X 137 20.59 -11.65 29.64
N PRO X 138 20.99 -12.36 30.71
CA PRO X 138 20.80 -11.80 32.07
C PRO X 138 21.35 -10.37 32.27
N ILE X 139 22.56 -10.10 31.80
CA ILE X 139 23.12 -8.72 31.89
C ILE X 139 22.26 -7.74 31.11
N ALA X 140 21.79 -8.14 29.92
CA ALA X 140 20.89 -7.27 29.16
C ALA X 140 19.68 -6.87 29.98
N VAL X 141 19.01 -7.86 30.58
CA VAL X 141 17.83 -7.60 31.42
C VAL X 141 18.20 -6.70 32.58
N PHE X 142 19.25 -7.06 33.33
CA PHE X 142 19.52 -6.27 34.53
C PHE X 142 19.76 -4.80 34.20
N VAL X 143 20.55 -4.54 33.15
CA VAL X 143 20.93 -3.19 32.77
C VAL X 143 19.72 -2.39 32.30
N SER X 144 18.85 -3.00 31.50
CA SER X 144 17.72 -2.27 30.93
C SER X 144 16.60 -2.03 31.94
N VAL X 145 16.36 -2.99 32.84
CA VAL X 145 15.34 -2.83 33.87
C VAL X 145 15.84 -1.92 35.00
N PHE X 146 17.02 -2.18 35.52
CA PHE X 146 17.44 -1.43 36.70
C PHE X 146 18.14 -0.09 36.39
N LEU X 147 18.88 0.04 35.30
CA LEU X 147 19.63 1.27 35.03
C LEU X 147 18.98 2.11 33.95
N ILE X 148 18.83 1.56 32.74
CA ILE X 148 18.28 2.34 31.64
C ILE X 148 16.88 2.84 31.97
N TYR X 149 15.98 1.95 32.38
CA TYR X 149 14.57 2.38 32.48
C TYR X 149 14.37 3.54 33.45
N PRO X 150 15.06 3.64 34.61
CA PRO X 150 14.86 4.82 35.47
C PRO X 150 15.64 6.06 35.00
N LEU X 151 16.83 5.86 34.41
CA LEU X 151 17.54 6.98 33.77
C LEU X 151 16.67 7.65 32.72
N GLY X 152 15.81 6.86 32.04
CA GLY X 152 14.82 7.44 31.15
C GLY X 152 13.73 8.17 31.88
N GLN X 153 13.46 7.81 33.11
CA GLN X 153 12.35 8.38 33.84
C GLN X 153 12.88 9.50 34.74
N SER X 154 11.99 10.05 35.57
CA SER X 154 12.28 11.23 36.36
C SER X 154 13.36 10.97 37.39
N SER X 155 13.46 9.76 37.93
CA SER X 155 14.47 9.43 38.92
C SER X 155 14.52 7.92 39.16
N TRP X 156 15.42 7.54 40.07
CA TRP X 156 15.51 6.14 40.48
C TRP X 156 14.27 5.70 41.25
N PHE X 157 13.43 6.63 41.76
CA PHE X 157 12.22 6.22 42.44
C PHE X 157 11.55 5.13 41.65
N PHE X 158 11.44 5.35 40.33
CA PHE X 158 10.59 4.54 39.49
C PHE X 158 11.31 3.34 38.93
N ALA X 159 12.56 3.09 39.35
CA ALA X 159 13.18 1.82 39.06
C ALA X 159 12.54 0.76 39.95
N PRO X 160 12.96 -0.49 39.87
CA PRO X 160 12.46 -1.50 40.80
C PRO X 160 13.18 -1.46 42.14
N SER X 161 12.41 -1.68 43.22
CA SER X 161 12.97 -1.94 44.53
C SER X 161 13.24 -3.43 44.69
N PHE X 162 14.19 -3.77 45.59
CA PHE X 162 14.71 -5.14 45.67
C PHE X 162 13.94 -5.91 46.74
N GLY X 163 12.79 -6.46 46.35
CA GLY X 163 11.97 -7.23 47.26
C GLY X 163 10.87 -7.95 46.51
N VAL X 164 10.36 -9.04 47.11
CA VAL X 164 9.37 -9.89 46.43
C VAL X 164 8.12 -9.09 46.06
N ALA X 165 7.43 -8.58 47.08
CA ALA X 165 6.21 -7.82 46.84
C ALA X 165 6.51 -6.49 46.13
N ALA X 166 7.67 -5.88 46.40
CA ALA X 166 8.03 -4.67 45.69
C ALA X 166 8.20 -4.91 44.19
N ILE X 167 8.63 -6.11 43.80
CA ILE X 167 8.73 -6.45 42.38
C ILE X 167 7.36 -6.68 41.79
N PHE X 168 6.52 -7.41 42.52
CA PHE X 168 5.12 -7.53 42.14
C PHE X 168 4.52 -6.15 41.89
N ARG X 169 4.81 -5.18 42.75
CA ARG X 169 4.32 -3.82 42.56
C ARG X 169 4.70 -3.29 41.19
N PHE X 170 5.98 -3.48 40.82
CA PHE X 170 6.54 -3.11 39.53
C PHE X 170 5.79 -3.75 38.36
N LEU X 171 5.61 -5.07 38.40
CA LEU X 171 4.76 -5.80 37.46
C LEU X 171 3.44 -5.12 37.22
N LEU X 172 2.73 -4.81 38.30
CA LEU X 172 1.38 -4.26 38.13
C LEU X 172 1.45 -2.82 37.66
N PHE X 173 2.37 -2.04 38.19
CA PHE X 173 2.62 -0.71 37.66
C PHE X 173 2.82 -0.74 36.13
N PHE X 174 3.66 -1.66 35.64
CA PHE X 174 3.94 -1.70 34.21
C PHE X 174 2.69 -2.03 33.39
N GLN X 175 1.77 -2.86 33.94
CA GLN X 175 0.49 -3.12 33.28
C GLN X 175 -0.36 -1.85 33.19
N GLY X 176 -0.54 -1.15 34.30
CA GLY X 176 -1.49 -0.06 34.35
C GLY X 176 -1.00 1.24 33.75
N PHE X 177 0.31 1.46 33.71
CA PHE X 177 0.81 2.69 33.08
C PHE X 177 1.36 2.45 31.69
N HIS X 178 2.06 1.35 31.47
CA HIS X 178 2.71 1.08 30.19
C HIS X 178 1.95 0.11 29.31
N ASN X 179 0.98 -0.64 29.84
CA ASN X 179 0.28 -1.66 29.06
C ASN X 179 1.29 -2.66 28.49
N TRP X 180 2.28 -2.99 29.32
CA TRP X 180 3.42 -3.81 28.92
C TRP X 180 3.02 -5.18 28.35
N THR X 181 1.84 -5.76 28.75
CA THR X 181 1.47 -7.07 28.17
C THR X 181 1.20 -7.00 26.67
N LEU X 182 0.65 -5.90 26.18
CA LEU X 182 0.36 -5.68 24.77
C LEU X 182 1.61 -5.46 23.91
N ASN X 183 2.82 -5.58 24.46
CA ASN X 183 4.03 -5.10 23.78
C ASN X 183 4.76 -6.22 23.05
N PRO X 184 5.02 -6.09 21.74
CA PRO X 184 5.61 -7.22 20.99
C PRO X 184 6.91 -7.72 21.56
N PHE X 185 7.66 -6.86 22.25
CA PHE X 185 8.98 -7.25 22.72
C PHE X 185 8.89 -8.12 23.95
N HIS X 186 7.89 -7.87 24.81
CA HIS X 186 7.61 -8.73 25.97
C HIS X 186 7.03 -10.05 25.50
N MET X 187 6.20 -10.00 24.44
CA MET X 187 5.65 -11.24 23.87
C MET X 187 6.74 -12.11 23.31
N MET X 188 7.73 -11.50 22.67
CA MET X 188 8.87 -12.32 22.27
C MET X 188 9.64 -12.85 23.49
N GLY X 189 9.81 -12.05 24.52
CA GLY X 189 10.47 -12.56 25.71
C GLY X 189 9.68 -13.67 26.37
N VAL X 190 8.36 -13.52 26.42
CA VAL X 190 7.53 -14.54 27.08
C VAL X 190 7.65 -15.87 26.35
N ALA X 191 7.55 -15.83 25.01
CA ALA X 191 7.81 -17.00 24.17
C ALA X 191 9.21 -17.59 24.38
N GLY X 192 10.24 -16.75 24.56
CA GLY X 192 11.58 -17.25 24.86
C GLY X 192 11.71 -17.91 26.23
N VAL X 193 10.98 -17.41 27.25
CA VAL X 193 11.10 -18.03 28.56
C VAL X 193 10.30 -19.33 28.63
N LEU X 194 8.99 -19.26 28.35
CA LEU X 194 8.18 -20.46 28.33
C LEU X 194 8.67 -21.45 27.28
N GLY X 195 9.30 -20.96 26.21
CA GLY X 195 9.93 -21.87 25.28
C GLY X 195 11.19 -22.51 25.85
N GLY X 196 12.01 -21.74 26.54
CA GLY X 196 13.12 -22.36 27.24
C GLY X 196 12.67 -23.46 28.18
N ALA X 197 11.64 -23.18 29.00
CA ALA X 197 11.17 -24.19 29.96
C ALA X 197 10.66 -25.42 29.24
N LEU X 198 10.01 -25.22 28.09
CA LEU X 198 9.53 -26.33 27.30
C LEU X 198 10.68 -27.19 26.81
N LEU X 199 11.65 -26.59 26.15
CA LEU X 199 12.80 -27.36 25.67
C LEU X 199 13.51 -28.04 26.81
N CYS X 200 13.69 -27.36 27.93
CA CYS X 200 14.33 -27.94 29.11
C CYS X 200 13.64 -29.24 29.51
N ALA X 201 12.34 -29.17 29.73
CA ALA X 201 11.56 -30.34 30.17
C ALA X 201 11.52 -31.47 29.13
N ILE X 202 11.30 -31.14 27.86
CA ILE X 202 11.09 -32.17 26.84
C ILE X 202 12.43 -32.83 26.44
N HIS X 203 13.56 -32.16 26.61
CA HIS X 203 14.82 -32.81 26.31
C HIS X 203 15.29 -33.71 27.45
N GLY X 204 15.11 -33.26 28.68
CA GLY X 204 15.36 -34.12 29.83
C GLY X 204 14.48 -35.36 29.83
N ALA X 205 13.19 -35.23 29.49
CA ALA X 205 12.35 -36.41 29.45
C ALA X 205 12.69 -37.30 28.26
N THR X 206 13.08 -36.74 27.12
CA THR X 206 13.42 -37.62 26.00
C THR X 206 14.67 -38.44 26.32
N VAL X 207 15.72 -37.80 26.84
CA VAL X 207 16.92 -38.55 27.19
C VAL X 207 16.59 -39.61 28.26
N GLU X 208 15.89 -39.21 29.31
CA GLU X 208 15.55 -40.16 30.36
C GLU X 208 14.66 -41.31 29.88
N ASN X 209 13.96 -41.15 28.76
CA ASN X 209 13.01 -42.16 28.32
C ASN X 209 13.40 -42.78 26.99
N THR X 210 14.66 -42.59 26.58
CA THR X 210 15.27 -43.37 25.50
C THR X 210 16.57 -44.01 25.95
N LEU X 211 16.91 -43.94 27.22
CA LEU X 211 18.19 -44.44 27.69
C LEU X 211 18.38 -45.87 27.22
N PHE X 212 19.65 -46.26 27.08
CA PHE X 212 20.06 -47.62 26.75
C PHE X 212 20.18 -48.36 28.08
N GLN X 213 20.00 -49.67 28.04
CA GLN X 213 20.17 -50.48 29.23
C GLN X 213 21.65 -50.80 29.37
N ASP X 214 22.30 -50.23 30.37
CA ASP X 214 23.75 -50.33 30.55
C ASP X 214 24.08 -50.79 31.96
N GLY X 215 23.08 -51.26 32.69
CA GLY X 215 23.25 -51.93 33.97
C GLY X 215 22.00 -52.73 34.21
N GLU X 216 22.10 -53.71 35.11
CA GLU X 216 21.02 -54.63 35.41
CA GLU X 216 20.96 -54.59 35.35
C GLU X 216 20.13 -54.16 36.55
N GLY X 217 20.32 -52.92 37.03
CA GLY X 217 19.59 -52.39 38.16
C GLY X 217 18.46 -51.44 37.79
N ALA X 218 17.59 -51.21 38.77
CA ALA X 218 16.39 -50.44 38.51
C ALA X 218 16.64 -48.94 38.56
N SER X 219 17.48 -48.50 39.49
CA SER X 219 18.09 -47.17 39.38
C SER X 219 18.99 -47.18 38.15
N THR X 220 18.61 -46.37 37.17
CA THR X 220 19.30 -46.24 35.90
C THR X 220 20.46 -45.26 35.94
N PHE X 221 20.53 -44.42 36.98
CA PHE X 221 21.57 -43.41 37.10
C PHE X 221 22.95 -44.01 37.21
N ARG X 222 23.06 -45.15 37.89
CA ARG X 222 24.30 -45.84 38.14
C ARG X 222 24.88 -46.46 36.88
N ALA X 223 24.19 -46.41 35.76
CA ALA X 223 24.70 -46.94 34.48
C ALA X 223 25.27 -45.84 33.57
N PHE X 224 26.01 -44.88 34.12
CA PHE X 224 26.66 -43.88 33.29
C PHE X 224 28.02 -43.56 33.85
N ASN X 225 29.04 -43.69 33.02
CA ASN X 225 30.37 -43.25 33.35
C ASN X 225 30.69 -41.98 32.58
N PRO X 226 31.07 -40.87 33.23
CA PRO X 226 31.37 -39.64 32.48
C PRO X 226 32.42 -39.83 31.38
N THR X 227 33.31 -40.79 31.51
CA THR X 227 34.37 -40.98 30.53
C THR X 227 33.98 -41.89 29.37
N GLN X 228 32.80 -42.50 29.40
CA GLN X 228 32.40 -43.38 28.31
C GLN X 228 32.32 -42.62 26.97
N ALA X 229 32.67 -43.31 25.89
CA ALA X 229 32.53 -42.73 24.56
C ALA X 229 31.08 -42.70 24.11
N GLU X 230 30.32 -43.73 24.49
CA GLU X 230 29.02 -43.98 23.87
C GLU X 230 27.95 -43.00 24.35
N GLU X 231 27.03 -42.67 23.44
CA GLU X 231 25.81 -41.98 23.84
C GLU X 231 24.99 -42.89 24.75
N THR X 232 24.57 -42.31 25.86
CA THR X 232 23.84 -43.04 26.89
C THR X 232 22.37 -43.25 26.54
N TYR X 233 21.86 -42.63 25.46
CA TYR X 233 20.48 -42.80 25.00
C TYR X 233 20.47 -42.86 23.48
N SER X 234 19.33 -43.23 22.93
CA SER X 234 19.23 -43.47 21.49
C SER X 234 18.64 -42.27 20.78
N MET X 235 19.51 -41.58 20.02
CA MET X 235 19.06 -40.46 19.20
C MET X 235 18.13 -40.94 18.11
N VAL X 236 18.40 -42.11 17.56
CA VAL X 236 17.58 -42.69 16.50
C VAL X 236 16.15 -42.95 16.97
N THR X 237 16.00 -43.58 18.13
CA THR X 237 14.63 -43.94 18.56
C THR X 237 13.86 -42.72 19.05
N ALA X 238 14.55 -41.80 19.75
CA ALA X 238 13.96 -40.51 20.10
C ALA X 238 13.39 -39.81 18.87
N ASN X 239 14.21 -39.70 17.82
CA ASN X 239 13.80 -39.04 16.59
C ASN X 239 12.51 -39.68 16.09
N ARG X 240 12.47 -41.00 16.00
CA ARG X 240 11.29 -41.65 15.46
C ARG X 240 10.05 -41.36 16.30
N PHE X 241 10.18 -41.46 17.61
CA PHE X 241 9.07 -41.13 18.49
C PHE X 241 8.46 -39.79 18.14
N TRP X 242 9.32 -38.78 18.02
CA TRP X 242 8.82 -37.42 17.85
C TRP X 242 8.38 -37.15 16.41
N SER X 243 9.10 -37.68 15.42
CA SER X 243 8.61 -37.64 14.05
C SER X 243 7.16 -38.09 13.97
N GLN X 244 6.85 -39.20 14.65
CA GLN X 244 5.54 -39.85 14.58
C GLN X 244 4.51 -39.31 15.58
N ILE X 245 4.97 -38.76 16.72
CA ILE X 245 4.05 -38.07 17.63
C ILE X 245 3.75 -36.66 17.18
N PHE X 246 4.76 -35.89 16.80
CA PHE X 246 4.63 -34.47 16.57
C PHE X 246 4.86 -34.11 15.11
N GLY X 247 5.31 -35.04 14.29
CA GLY X 247 5.56 -34.77 12.88
C GLY X 247 6.96 -34.35 12.54
N ILE X 248 7.64 -33.64 13.44
CA ILE X 248 9.06 -33.42 13.30
C ILE X 248 9.75 -33.86 14.59
N ALA X 249 11.05 -34.12 14.44
CA ALA X 249 11.98 -34.36 15.55
C ALA X 249 13.35 -33.73 15.24
N PHE X 250 14.16 -33.56 16.28
CA PHE X 250 15.56 -33.24 16.05
C PHE X 250 16.27 -34.44 15.47
N SER X 251 17.21 -34.17 14.56
CA SER X 251 18.14 -35.19 14.09
C SER X 251 19.60 -34.87 14.38
N ASN X 252 19.95 -33.62 14.66
CA ASN X 252 21.33 -33.19 14.85
C ASN X 252 21.52 -32.72 16.28
N LYS X 253 22.36 -33.46 17.04
CA LYS X 253 22.52 -33.19 18.46
C LYS X 253 23.21 -31.86 18.72
N ARG X 254 24.07 -31.41 17.80
CA ARG X 254 24.66 -30.10 18.00
C ARG X 254 23.63 -29.00 17.80
N TRP X 255 22.83 -29.11 16.74
CA TRP X 255 21.84 -28.08 16.52
C TRP X 255 20.89 -27.98 17.69
N LEU X 256 20.46 -29.14 18.21
CA LEU X 256 19.49 -29.17 19.30
C LEU X 256 20.02 -28.40 20.53
N HIS X 257 21.26 -28.66 20.96
CA HIS X 257 21.80 -27.93 22.11
C HIS X 257 22.12 -26.46 21.78
N PHE X 258 22.41 -26.13 20.53
CA PHE X 258 22.60 -24.72 20.26
C PHE X 258 21.27 -23.97 20.34
N PHE X 259 20.20 -24.61 19.85
CA PHE X 259 18.85 -24.03 19.90
C PHE X 259 18.43 -23.77 21.35
N MET X 260 18.90 -24.61 22.28
CA MET X 260 18.57 -24.43 23.68
C MET X 260 19.23 -23.21 24.30
N LEU X 261 20.51 -22.99 23.99
CA LEU X 261 21.14 -21.70 24.31
C LEU X 261 20.40 -20.56 23.64
N PHE X 262 20.03 -20.74 22.38
CA PHE X 262 19.49 -19.66 21.57
C PHE X 262 18.14 -19.12 22.07
N VAL X 263 17.14 -19.99 22.23
CA VAL X 263 15.76 -19.58 22.48
C VAL X 263 15.64 -18.68 23.70
N PRO X 264 15.93 -19.16 24.89
CA PRO X 264 15.81 -18.27 26.05
C PRO X 264 16.75 -17.07 25.97
N VAL X 265 17.99 -17.25 25.52
CA VAL X 265 18.88 -16.09 25.49
C VAL X 265 18.34 -15.00 24.58
N THR X 266 17.74 -15.39 23.44
CA THR X 266 17.18 -14.40 22.53
C THR X 266 15.89 -13.78 23.09
N GLY X 267 15.16 -14.53 23.91
CA GLY X 267 13.95 -13.98 24.50
C GLY X 267 14.24 -12.82 25.45
N LEU X 268 15.16 -13.02 26.39
CA LEU X 268 15.49 -11.96 27.32
C LEU X 268 16.01 -10.73 26.59
N TRP X 269 16.83 -10.91 25.55
CA TRP X 269 17.33 -9.75 24.80
C TRP X 269 16.17 -8.96 24.21
N MET X 270 15.15 -9.64 23.69
CA MET X 270 14.04 -8.93 23.05
C MET X 270 13.22 -8.17 24.09
N SER X 271 13.02 -8.76 25.26
CA SER X 271 12.35 -8.04 26.33
C SER X 271 13.17 -6.85 26.81
N ALA X 272 14.51 -6.95 26.78
CA ALA X 272 15.35 -5.82 27.20
C ALA X 272 15.15 -4.64 26.27
N ILE X 273 14.91 -4.91 25.00
CA ILE X 273 14.68 -3.85 24.03
C ILE X 273 13.38 -3.12 24.35
N GLY X 274 12.33 -3.85 24.69
CA GLY X 274 11.06 -3.21 24.97
C GLY X 274 11.15 -2.29 26.17
N VAL X 275 11.89 -2.70 27.19
CA VAL X 275 11.99 -1.86 28.37
C VAL X 275 12.69 -0.54 28.01
N VAL X 276 13.74 -0.58 27.17
CA VAL X 276 14.39 0.66 26.75
C VAL X 276 13.38 1.60 26.13
N GLY X 277 12.43 1.07 25.34
CA GLY X 277 11.33 1.90 24.89
C GLY X 277 10.49 2.49 26.02
N LEU X 278 10.28 1.73 27.09
CA LEU X 278 9.46 2.23 28.19
C LEU X 278 10.19 3.29 29.03
N ALA X 279 11.53 3.24 29.05
CA ALA X 279 12.32 4.34 29.61
C ALA X 279 11.84 5.68 29.06
N LEU X 280 11.38 5.70 27.83
CA LEU X 280 10.94 6.91 27.18
C LEU X 280 9.42 7.10 27.19
N ASN X 281 8.69 6.23 27.90
CA ASN X 281 7.23 6.10 27.73
C ASN X 281 6.83 5.87 26.25
N LEU X 282 7.75 5.39 25.41
CA LEU X 282 7.40 4.81 24.11
C LEU X 282 6.75 3.45 24.25
N ARG X 283 5.52 3.47 24.74
CA ARG X 283 4.72 2.28 24.97
C ARG X 283 4.08 1.85 23.66
N SER X 284 3.73 0.55 23.57
CA SER X 284 2.66 0.12 22.65
C SER X 284 1.37 -0.01 23.46
N TYR X 285 0.79 1.15 23.76
CA TYR X 285 -0.33 1.24 24.66
C TYR X 285 -1.66 1.07 23.95
N ASP X 286 -1.79 1.55 22.71
CA ASP X 286 -3.07 1.61 22.05
C ASP X 286 -3.00 1.00 20.67
N PHE X 287 -4.19 0.71 20.15
CA PHE X 287 -4.44 0.53 18.73
C PHE X 287 -5.34 1.67 18.28
N ILE X 288 -4.84 2.50 17.38
CA ILE X 288 -5.55 3.74 17.06
C ILE X 288 -6.89 3.42 16.42
N SER X 289 -6.86 2.50 15.47
CA SER X 289 -8.06 2.13 14.74
C SER X 289 -9.17 1.70 15.69
N GLN X 290 -8.84 0.96 16.76
CA GLN X 290 -9.84 0.53 17.73
C GLN X 290 -10.42 1.71 18.48
N GLU X 291 -9.55 2.65 18.91
CA GLU X 291 -10.00 3.83 19.62
C GLU X 291 -10.89 4.72 18.76
N ILE X 292 -10.58 4.85 17.47
CA ILE X 292 -11.41 5.71 16.63
C ILE X 292 -12.80 5.12 16.48
N ARG X 293 -12.88 3.80 16.35
CA ARG X 293 -14.17 3.12 16.29
C ARG X 293 -14.89 3.17 17.63
N ALA X 294 -14.20 2.82 18.71
CA ALA X 294 -14.89 2.78 20.00
C ALA X 294 -15.43 4.15 20.37
N ALA X 295 -14.67 5.20 20.06
CA ALA X 295 -15.11 6.55 20.38
C ALA X 295 -16.39 6.91 19.62
N GLU X 296 -16.59 6.37 18.42
CA GLU X 296 -17.77 6.71 17.65
C GLU X 296 -18.93 5.74 17.85
N ASP X 297 -18.61 4.53 18.29
CA ASP X 297 -19.52 3.39 18.31
C ASP X 297 -19.53 2.84 19.73
N PRO X 298 -20.52 3.24 20.55
CA PRO X 298 -20.58 2.78 21.94
C PRO X 298 -20.96 1.31 22.13
N GLU X 299 -21.25 0.57 21.05
CA GLU X 299 -21.51 -0.88 21.12
C GLU X 299 -20.30 -1.69 20.67
N PHE X 300 -19.24 -1.04 20.28
CA PHE X 300 -18.03 -1.74 19.90
C PHE X 300 -17.27 -1.99 21.19
N GLU X 301 -17.16 -3.25 21.59
CA GLU X 301 -16.37 -3.63 22.73
C GLU X 301 -15.50 -4.82 22.38
N THR X 302 -14.24 -4.77 22.76
CA THR X 302 -13.36 -5.90 22.56
C THR X 302 -12.63 -6.14 23.86
N PHE X 303 -11.86 -7.22 23.90
CA PHE X 303 -11.03 -7.42 25.08
C PHE X 303 -9.98 -6.33 25.22
N TYR X 304 -9.58 -5.72 24.09
CA TYR X 304 -8.65 -4.61 24.16
C TYR X 304 -9.22 -3.48 25.00
N THR X 305 -10.44 -3.05 24.72
CA THR X 305 -11.02 -1.95 25.49
C THR X 305 -11.35 -2.33 26.93
N LYS X 306 -11.74 -3.59 27.19
CA LYS X 306 -11.95 -3.98 28.58
C LYS X 306 -10.66 -3.84 29.38
N ASN X 307 -9.53 -4.17 28.76
CA ASN X 307 -8.28 -4.17 29.50
C ASN X 307 -7.83 -2.75 29.80
N LEU X 308 -8.14 -1.80 28.90
CA LEU X 308 -7.78 -0.42 29.13
C LEU X 308 -8.55 0.14 30.32
N LEU X 309 -9.82 -0.24 30.47
CA LEU X 309 -10.59 0.24 31.62
C LEU X 309 -9.98 -0.22 32.92
N LEU X 310 -9.43 -1.45 32.91
CA LEU X 310 -8.74 -2.00 34.07
C LEU X 310 -7.50 -1.20 34.39
N ASN X 311 -6.74 -0.82 33.36
CA ASN X 311 -5.55 -0.01 33.57
C ASN X 311 -5.90 1.31 34.25
N GLU X 312 -6.88 2.02 33.69
CA GLU X 312 -7.31 3.27 34.29
C GLU X 312 -7.60 3.08 35.78
N GLY X 313 -8.27 1.97 36.12
CA GLY X 313 -8.48 1.63 37.52
C GLY X 313 -7.20 1.48 38.30
N ILE X 314 -6.27 0.65 37.79
CA ILE X 314 -4.96 0.52 38.44
C ILE X 314 -4.30 1.89 38.68
N ARG X 315 -4.39 2.80 37.72
CA ARG X 315 -3.60 4.05 37.82
C ARG X 315 -4.17 4.97 38.88
N ALA X 316 -5.48 5.14 38.88
CA ALA X 316 -6.12 6.09 39.78
C ALA X 316 -6.16 5.58 41.21
N TRP X 317 -6.20 4.26 41.40
CA TRP X 317 -6.32 3.69 42.74
C TRP X 317 -4.96 3.51 43.40
N MET X 318 -3.91 3.27 42.62
CA MET X 318 -2.63 3.03 43.26
C MET X 318 -1.71 4.27 43.31
N ALA X 319 -1.97 5.35 42.56
CA ALA X 319 -0.93 6.36 42.37
C ALA X 319 -0.73 7.21 43.61
N PRO X 320 -1.78 7.73 44.25
CA PRO X 320 -1.59 8.63 45.40
C PRO X 320 -0.57 8.10 46.40
N GLN X 321 -0.64 6.77 46.64
CA GLN X 321 0.24 6.06 47.57
C GLN X 321 1.50 5.51 46.91
N ASP X 322 1.47 5.22 45.61
CA ASP X 322 2.68 4.74 44.93
C ASP X 322 3.65 5.88 44.69
N GLN X 323 3.12 7.08 44.48
CA GLN X 323 3.88 8.29 44.17
C GLN X 323 3.51 9.36 45.19
N PRO X 324 3.86 9.14 46.45
CA PRO X 324 3.61 10.13 47.51
C PRO X 324 4.15 11.52 47.18
N HIS X 325 5.36 11.62 46.64
CA HIS X 325 5.95 12.91 46.35
C HIS X 325 5.08 13.80 45.47
N GLU X 326 4.02 13.28 44.87
CA GLU X 326 3.16 14.04 43.96
C GLU X 326 1.97 14.67 44.64
N ASN X 327 1.68 14.26 45.87
CA ASN X 327 0.51 14.71 46.63
C ASN X 327 -0.78 14.65 45.82
N PHE X 328 -0.98 13.53 45.13
CA PHE X 328 -2.24 13.31 44.44
C PHE X 328 -3.39 13.26 45.46
N VAL X 329 -4.37 14.12 45.28
CA VAL X 329 -5.60 14.07 46.05
C VAL X 329 -6.73 13.80 45.06
N PHE X 330 -7.36 12.63 45.18
CA PHE X 330 -8.51 12.27 44.35
C PHE X 330 -9.72 12.16 45.25
N PRO X 331 -10.57 13.16 45.27
CA PRO X 331 -11.87 13.01 45.92
C PRO X 331 -12.53 11.70 45.50
N GLU X 332 -13.35 11.17 46.41
CA GLU X 332 -14.05 9.92 46.17
C GLU X 332 -14.79 9.94 44.84
N GLU X 333 -15.38 11.09 44.49
CA GLU X 333 -16.27 11.22 43.35
C GLU X 333 -15.56 11.26 42.00
N VAL X 334 -14.24 11.38 41.96
CA VAL X 334 -13.55 11.29 40.67
C VAL X 334 -12.92 9.93 40.48
N LEU X 335 -12.96 9.06 41.50
CA LEU X 335 -12.41 7.71 41.37
C LEU X 335 -13.26 6.92 40.39
N PRO X 336 -12.67 6.26 39.39
CA PRO X 336 -13.47 5.48 38.45
C PRO X 336 -13.84 4.11 39.00
N ARG X 337 -15.11 3.73 38.79
CA ARG X 337 -15.68 2.50 39.35
C ARG X 337 -16.85 2.05 38.49
N GLY X 338 -16.98 0.75 38.29
CA GLY X 338 -18.19 0.19 37.75
C GLY X 338 -19.30 0.30 38.78
N ASN X 339 -20.42 -0.34 38.47
CA ASN X 339 -21.58 -0.35 39.35
C ASN X 339 -21.31 -1.19 40.61
N ALA X 340 -21.71 -0.66 41.75
CA ALA X 340 -21.70 -1.37 43.03
C ALA X 340 -20.32 -1.48 43.63
N LEU X 341 -19.34 -1.94 42.88
CA LEU X 341 -18.03 -2.20 43.46
C LEU X 341 -17.28 -0.88 43.72
N GLY Y 1 38.68 -35.05 41.10
CA GLY Y 1 39.84 -35.13 41.96
C GLY Y 1 39.75 -34.28 43.22
N THR Y 2 40.90 -33.98 43.82
CA THR Y 2 40.96 -33.22 45.07
C THR Y 2 41.87 -32.02 44.91
N THR Y 3 41.34 -30.80 45.08
CA THR Y 3 42.19 -29.62 45.05
C THR Y 3 43.14 -29.54 46.25
N GLY Y 4 42.94 -30.37 47.27
CA GLY Y 4 43.91 -30.54 48.36
C GLY Y 4 43.43 -30.09 49.73
N GLU Y 5 42.28 -29.42 49.81
CA GLU Y 5 41.75 -28.93 51.07
C GLU Y 5 41.19 -30.06 51.92
N ARG Y 6 40.86 -29.73 53.18
CA ARG Y 6 40.38 -30.72 54.14
C ARG Y 6 38.89 -30.95 53.90
N PRO Y 7 38.45 -32.20 53.70
CA PRO Y 7 37.05 -32.44 53.35
C PRO Y 7 36.08 -31.98 54.44
N PHE Y 8 34.95 -31.44 54.00
CA PHE Y 8 33.90 -31.03 54.93
C PHE Y 8 33.35 -32.21 55.73
N SER Y 9 33.19 -33.38 55.09
CA SER Y 9 32.75 -34.57 55.82
C SER Y 9 33.53 -34.78 57.12
N ASP Y 10 34.80 -34.38 57.13
CA ASP Y 10 35.73 -34.76 58.18
C ASP Y 10 35.94 -33.66 59.22
N ILE Y 11 35.56 -32.42 58.93
CA ILE Y 11 35.74 -31.33 59.90
C ILE Y 11 34.56 -31.23 60.85
N ILE Y 12 33.34 -31.45 60.34
CA ILE Y 12 32.13 -31.22 61.12
C ILE Y 12 31.83 -32.41 62.02
N THR Y 13 32.36 -33.57 61.66
CA THR Y 13 32.40 -34.70 62.57
C THR Y 13 33.55 -34.61 63.56
N SER Y 14 34.61 -33.87 63.25
CA SER Y 14 35.71 -33.73 64.18
C SER Y 14 35.20 -33.10 65.46
N VAL Y 15 35.82 -33.47 66.58
CA VAL Y 15 35.51 -32.89 67.87
C VAL Y 15 36.12 -31.51 68.02
N ARG Y 16 37.38 -31.34 67.61
CA ARG Y 16 37.97 -30.02 67.63
C ARG Y 16 37.02 -29.00 67.03
N TYR Y 17 36.34 -29.38 65.95
CA TYR Y 17 35.43 -28.45 65.29
C TYR Y 17 34.34 -28.01 66.24
N TRP Y 18 33.75 -28.96 66.95
CA TRP Y 18 32.62 -28.61 67.79
C TRP Y 18 33.04 -28.02 69.12
N VAL Y 19 34.25 -28.31 69.59
CA VAL Y 19 34.82 -27.55 70.70
C VAL Y 19 34.80 -26.06 70.36
N ILE Y 20 35.19 -25.72 69.13
CA ILE Y 20 35.29 -24.34 68.72
C ILE Y 20 33.91 -23.76 68.40
N HIS Y 21 33.08 -24.52 67.71
CA HIS Y 21 31.81 -23.98 67.22
C HIS Y 21 30.67 -24.23 68.18
N SER Y 22 30.94 -24.89 69.30
CA SER Y 22 30.00 -24.83 70.41
C SER Y 22 29.93 -23.44 71.00
N ILE Y 23 31.00 -22.67 70.89
CA ILE Y 23 31.06 -21.34 71.49
C ILE Y 23 30.73 -20.25 70.48
N THR Y 24 31.38 -20.29 69.32
CA THR Y 24 31.33 -19.19 68.36
C THR Y 24 29.92 -18.97 67.84
N ILE Y 25 29.25 -20.04 67.43
CA ILE Y 25 27.93 -19.91 66.83
C ILE Y 25 26.95 -19.33 67.84
N PRO Y 26 26.81 -19.88 69.06
CA PRO Y 26 25.86 -19.24 69.98
C PRO Y 26 26.29 -17.85 70.37
N ALA Y 27 27.59 -17.67 70.57
CA ALA Y 27 28.14 -16.34 70.81
C ALA Y 27 27.63 -15.35 69.78
N LEU Y 28 27.63 -15.75 68.51
CA LEU Y 28 27.23 -14.86 67.42
C LEU Y 28 25.75 -14.67 67.38
N PHE Y 29 25.01 -15.75 67.51
CA PHE Y 29 23.58 -15.63 67.69
C PHE Y 29 23.26 -14.66 68.81
N ILE Y 30 23.88 -14.87 69.98
CA ILE Y 30 23.61 -13.97 71.10
C ILE Y 30 24.01 -12.54 70.77
N ALA Y 31 25.18 -12.35 70.15
CA ALA Y 31 25.58 -10.99 69.77
C ALA Y 31 24.49 -10.33 68.92
N GLY Y 32 23.90 -11.09 67.99
CA GLY Y 32 22.85 -10.54 67.14
C GLY Y 32 21.61 -10.17 67.93
N TRP Y 33 21.10 -11.12 68.71
CA TRP Y 33 20.08 -10.80 69.68
C TRP Y 33 20.37 -9.50 70.41
N LEU Y 34 21.55 -9.44 71.03
CA LEU Y 34 21.92 -8.23 71.77
C LEU Y 34 21.90 -7.00 70.88
N PHE Y 35 22.17 -7.18 69.59
CA PHE Y 35 22.20 -6.03 68.70
C PHE Y 35 20.82 -5.37 68.59
N VAL Y 36 19.76 -6.18 68.60
CA VAL Y 36 18.40 -5.65 68.50
C VAL Y 36 17.79 -5.36 69.87
N SER Y 37 18.15 -6.16 70.89
CA SER Y 37 17.56 -6.00 72.22
C SER Y 37 18.05 -4.74 72.91
N THR Y 38 19.32 -4.39 72.74
CA THR Y 38 19.76 -3.08 73.20
C THR Y 38 19.06 -1.94 72.46
N GLY Y 39 18.18 -2.24 71.50
CA GLY Y 39 17.57 -1.20 70.69
C GLY Y 39 18.59 -0.44 69.88
N LEU Y 40 19.75 -1.05 69.69
CA LEU Y 40 20.90 -0.34 69.14
C LEU Y 40 20.83 -0.30 67.61
N ALA Y 41 20.29 -1.36 67.00
CA ALA Y 41 20.05 -1.39 65.56
C ALA Y 41 19.11 -0.28 65.12
N TYR Y 42 18.19 0.16 65.98
CA TYR Y 42 17.30 1.27 65.62
C TYR Y 42 18.10 2.54 65.33
N ASP Y 43 19.16 2.80 66.11
CA ASP Y 43 19.88 4.05 66.00
C ASP Y 43 20.94 4.02 64.91
N VAL Y 44 21.53 2.85 64.64
CA VAL Y 44 22.53 2.74 63.58
C VAL Y 44 21.91 3.12 62.23
N PHE Y 45 20.77 2.47 61.88
CA PHE Y 45 20.12 2.63 60.59
C PHE Y 45 19.03 3.69 60.59
N GLY Y 46 18.57 4.13 61.74
CA GLY Y 46 17.55 5.14 61.73
C GLY Y 46 16.21 4.57 61.37
N THR Y 47 16.00 3.28 61.64
CA THR Y 47 14.69 2.69 61.51
C THR Y 47 13.78 3.29 62.57
N PRO Y 48 12.58 3.76 62.23
CA PRO Y 48 11.64 4.17 63.27
C PRO Y 48 11.30 3.03 64.22
N ARG Y 49 11.10 3.38 65.50
CA ARG Y 49 10.51 2.53 66.51
C ARG Y 49 9.01 2.73 66.50
N PRO Y 50 8.22 1.78 67.02
CA PRO Y 50 6.77 1.87 66.87
C PRO Y 50 6.16 3.16 67.40
N ASP Y 51 6.82 3.82 68.34
CA ASP Y 51 6.30 5.08 68.85
C ASP Y 51 6.83 6.29 68.09
N SER Y 52 7.65 6.09 67.06
CA SER Y 52 8.20 7.25 66.37
C SER Y 52 7.98 7.26 64.85
N TYR Y 53 6.88 6.67 64.34
CA TYR Y 53 6.54 6.85 62.93
C TYR Y 53 5.87 8.20 62.68
N TYR Y 54 4.97 8.60 63.57
CA TYR Y 54 4.27 9.88 63.48
C TYR Y 54 4.45 10.66 64.79
N ALA Y 55 4.17 11.96 64.73
CA ALA Y 55 3.87 12.69 65.96
C ALA Y 55 2.42 12.42 66.33
N GLN Y 56 2.12 12.64 67.61
CA GLN Y 56 0.86 12.11 68.14
C GLN Y 56 -0.33 12.45 67.25
N GLU Y 57 -0.45 13.70 66.85
CA GLU Y 57 -1.64 14.16 66.14
C GLU Y 57 -1.46 14.26 64.63
N GLN Y 58 -0.26 13.99 64.12
CA GLN Y 58 0.00 14.11 62.69
C GLN Y 58 -0.27 12.79 61.97
N ARG Y 59 -0.85 12.90 60.78
CA ARG Y 59 -1.23 11.74 60.00
C ARG Y 59 -0.53 11.69 58.63
N SER Y 60 0.46 12.58 58.41
CA SER Y 60 1.20 12.70 57.16
C SER Y 60 2.61 12.16 57.33
N ILE Y 61 3.18 11.71 56.22
CA ILE Y 61 4.48 11.05 56.26
C ILE Y 61 5.61 12.08 56.20
N PRO Y 62 6.73 11.84 56.91
CA PRO Y 62 7.94 12.64 56.70
C PRO Y 62 8.68 12.28 55.42
N LEU Y 63 8.07 12.64 54.29
CA LEU Y 63 8.68 12.43 52.98
C LEU Y 63 9.74 13.48 52.68
N VAL Y 64 10.87 13.02 52.17
CA VAL Y 64 11.98 13.88 51.80
C VAL Y 64 11.75 14.47 50.41
N THR Y 65 11.69 15.81 50.33
CA THR Y 65 11.29 16.48 49.11
C THR Y 65 12.33 17.45 48.56
N ASP Y 66 13.52 17.51 49.13
CA ASP Y 66 14.60 18.25 48.50
C ASP Y 66 15.83 17.37 48.47
N ARG Y 67 16.63 17.55 47.41
CA ARG Y 67 17.78 16.69 47.18
C ARG Y 67 18.91 17.01 48.15
N PHE Y 68 19.30 18.28 48.24
CA PHE Y 68 20.51 18.63 48.98
C PHE Y 68 20.22 19.07 50.41
N GLU Y 69 19.01 19.67 50.65
CA GLU Y 69 18.46 19.96 51.98
C GLU Y 69 17.96 18.72 52.69
N ALA Y 70 18.34 17.54 52.20
CA ALA Y 70 17.65 16.30 52.50
C ALA Y 70 18.04 15.75 53.87
N LYS Y 71 19.33 15.68 54.15
CA LYS Y 71 19.78 15.36 55.50
C LYS Y 71 19.22 16.36 56.52
N GLN Y 72 19.22 17.65 56.19
CA GLN Y 72 18.60 18.64 57.07
C GLN Y 72 17.11 18.38 57.25
N GLN Y 73 16.44 17.91 56.19
CA GLN Y 73 15.00 17.67 56.23
C GLN Y 73 14.64 16.52 57.17
N VAL Y 74 15.40 15.43 57.15
CA VAL Y 74 15.13 14.31 58.05
C VAL Y 74 15.37 14.72 59.49
N GLU Y 75 16.38 15.57 59.74
CA GLU Y 75 16.68 15.99 61.11
C GLU Y 75 15.56 16.84 61.69
N THR Y 76 14.97 17.73 60.91
CA THR Y 76 13.92 18.57 61.48
C THR Y 76 12.66 17.77 61.77
N PHE Y 77 12.42 16.69 61.02
CA PHE Y 77 11.25 15.88 61.27
C PHE Y 77 11.41 15.07 62.55
N LEU Y 78 12.66 14.76 62.91
CA LEU Y 78 12.97 14.07 64.16
C LEU Y 78 12.85 14.98 65.35
N GLU Y 79 12.97 16.29 65.15
CA GLU Y 79 12.72 17.21 66.24
C GLU Y 79 11.23 17.37 66.51
N GLN Y 80 10.42 17.27 65.47
CA GLN Y 80 9.00 17.52 65.63
C GLN Y 80 8.29 16.36 66.29
N LEU Y 81 9.03 15.37 66.77
CA LEU Y 81 8.49 14.21 67.46
C LEU Y 81 8.43 14.37 68.97
N LYS Y 82 9.38 15.10 69.55
CA LYS Y 82 9.41 15.35 70.98
C LYS Y 82 8.48 16.52 71.28
N SER Z 1 47.50 -34.37 56.66
CA SER Z 1 48.23 -33.14 56.98
C SER Z 1 47.75 -31.95 56.14
N TYR Z 2 46.52 -31.52 56.37
CA TYR Z 2 45.92 -30.43 55.61
C TYR Z 2 46.24 -29.09 56.25
N PRO Z 3 45.92 -28.00 55.54
CA PRO Z 3 45.84 -26.68 56.20
C PRO Z 3 44.53 -26.55 56.97
N ILE Z 4 44.45 -25.47 57.75
CA ILE Z 4 43.20 -25.06 58.40
C ILE Z 4 42.68 -23.74 57.85
N PHE Z 5 43.57 -22.76 57.68
CA PHE Z 5 43.22 -21.45 57.16
C PHE Z 5 43.59 -21.40 55.70
N THR Z 6 42.58 -21.36 54.85
CA THR Z 6 42.76 -21.35 53.40
C THR Z 6 41.82 -20.32 52.81
N VAL Z 7 41.96 -20.11 51.50
CA VAL Z 7 40.99 -19.33 50.75
C VAL Z 7 39.59 -19.79 51.07
N ARG Z 8 39.35 -21.10 50.94
CA ARG Z 8 38.04 -21.68 51.20
C ARG Z 8 37.50 -21.25 52.54
N TRP Z 9 38.32 -21.44 53.60
CA TRP Z 9 38.04 -20.94 54.93
C TRP Z 9 37.46 -19.52 54.92
N VAL Z 10 38.17 -18.55 54.36
CA VAL Z 10 37.65 -17.18 54.36
C VAL Z 10 36.26 -17.18 53.77
N ALA Z 11 36.12 -17.84 52.62
CA ALA Z 11 34.87 -17.82 51.90
C ALA Z 11 33.72 -18.16 52.83
N VAL Z 12 33.87 -19.29 53.54
CA VAL Z 12 32.76 -19.78 54.37
C VAL Z 12 32.48 -18.81 55.50
N HIS Z 13 33.51 -18.21 56.08
CA HIS Z 13 33.29 -17.40 57.27
C HIS Z 13 32.72 -16.02 56.95
N THR Z 14 33.23 -15.35 55.92
CA THR Z 14 32.63 -14.08 55.50
C THR Z 14 31.13 -14.21 55.25
N LEU Z 15 30.66 -15.41 54.93
CA LEU Z 15 29.23 -15.66 54.88
C LEU Z 15 28.68 -16.11 56.23
N ALA Z 16 29.23 -17.20 56.77
CA ALA Z 16 28.64 -17.86 57.91
C ALA Z 16 28.54 -16.91 59.12
N VAL Z 17 29.56 -16.10 59.39
CA VAL Z 17 29.53 -15.45 60.70
C VAL Z 17 28.56 -14.28 60.66
N PRO Z 18 28.45 -13.53 59.56
CA PRO Z 18 27.34 -12.57 59.48
C PRO Z 18 25.99 -13.25 59.56
N THR Z 19 25.85 -14.40 58.91
CA THR Z 19 24.55 -15.06 58.84
C THR Z 19 24.04 -15.40 60.24
N ILE Z 20 24.87 -16.04 61.07
CA ILE Z 20 24.45 -16.38 62.41
C ILE Z 20 24.09 -15.13 63.19
N PHE Z 21 24.92 -14.10 63.09
CA PHE Z 21 24.64 -12.86 63.78
C PHE Z 21 23.28 -12.29 63.38
N PHE Z 22 23.02 -12.23 62.08
CA PHE Z 22 21.72 -11.74 61.62
C PHE Z 22 20.59 -12.59 62.15
N LEU Z 23 20.83 -13.88 62.37
CA LEU Z 23 19.77 -14.80 62.77
C LEU Z 23 19.30 -14.56 64.20
N GLY Z 24 20.21 -14.25 65.12
CA GLY Z 24 19.81 -13.91 66.47
C GLY Z 24 19.18 -12.53 66.54
N ALA Z 25 19.70 -11.58 65.76
CA ALA Z 25 19.02 -10.31 65.56
C ALA Z 25 17.55 -10.52 65.21
N ILE Z 26 17.30 -11.31 64.14
CA ILE Z 26 15.94 -11.59 63.66
C ILE Z 26 15.17 -12.39 64.69
N ALA Z 27 15.85 -13.28 65.40
CA ALA Z 27 15.26 -13.99 66.52
C ALA Z 27 14.65 -13.03 67.53
N ALA Z 28 15.46 -12.11 68.06
CA ALA Z 28 14.95 -11.16 69.04
C ALA Z 28 13.82 -10.32 68.49
N MET Z 29 13.76 -10.14 67.17
CA MET Z 29 12.70 -9.30 66.62
C MET Z 29 11.32 -9.90 66.87
N GLN Z 30 11.22 -11.24 66.97
CA GLN Z 30 9.92 -11.87 67.11
C GLN Z 30 9.24 -11.50 68.42
N PHE Z 31 9.97 -10.79 69.29
CA PHE Z 31 9.51 -10.51 70.64
C PHE Z 31 9.26 -9.05 70.89
N ILE Z 32 9.19 -8.24 69.84
CA ILE Z 32 8.89 -6.82 69.97
C ILE Z 32 7.39 -6.68 69.89
N GLN Z 33 6.79 -6.21 70.98
CA GLN Z 33 5.42 -5.69 70.96
C GLN Z 33 5.46 -4.23 70.52
N ARG Z 34 4.33 -3.73 70.04
CA ARG Z 34 4.24 -2.35 69.61
C ARG Z 34 3.70 -1.50 70.74
N ALA AA 1 51.17 -10.22 -7.45
CA ALA AA 1 50.51 -8.95 -7.12
C ALA AA 1 50.96 -7.76 -7.98
N ARG AA 2 50.05 -6.78 -8.10
CA ARG AA 2 50.18 -5.63 -9.00
C ARG AA 2 50.84 -4.47 -8.29
N ARG AA 3 51.88 -3.89 -8.90
CA ARG AA 3 52.46 -2.66 -8.38
C ARG AA 3 51.85 -1.44 -9.06
N THR AA 4 51.65 -0.38 -8.29
CA THR AA 4 51.12 0.86 -8.78
C THR AA 4 51.95 1.99 -8.25
N TRP AA 5 51.79 3.16 -8.87
CA TRP AA 5 52.52 4.35 -8.44
C TRP AA 5 52.25 4.65 -6.97
N LEU AA 6 50.98 4.92 -6.62
CA LEU AA 6 50.61 5.21 -5.24
C LEU AA 6 51.03 4.09 -4.31
N GLY AA 7 50.89 2.83 -4.75
CA GLY AA 7 51.29 1.70 -3.92
C GLY AA 7 52.72 1.83 -3.45
N ASP AA 8 53.65 2.07 -4.39
CA ASP AA 8 55.05 2.14 -4.03
C ASP AA 8 55.31 3.30 -3.09
N ILE AA 9 54.63 4.42 -3.31
CA ILE AA 9 54.78 5.56 -2.41
C ILE AA 9 54.34 5.19 -1.00
N LEU AA 10 53.30 4.35 -0.87
CA LEU AA 10 52.75 4.02 0.45
C LEU AA 10 53.48 2.89 1.16
N ARG AA 11 54.20 2.05 0.40
CA ARG AA 11 54.68 0.73 0.85
C ARG AA 11 55.39 0.71 2.19
N PRO AA 12 56.19 1.71 2.57
CA PRO AA 12 56.88 1.57 3.85
C PRO AA 12 55.93 1.54 5.01
N LEU AA 13 54.83 2.32 4.94
CA LEU AA 13 53.89 2.37 6.05
C LEU AA 13 53.32 0.99 6.37
N ASN AA 14 53.06 0.18 5.35
CA ASN AA 14 52.49 -1.16 5.55
C ASN AA 14 53.57 -2.25 5.59
N SER AA 15 54.71 -1.96 6.21
CA SER AA 15 55.92 -2.75 6.06
C SER AA 15 56.44 -3.41 7.33
N GLU AA 16 55.91 -3.06 8.51
CA GLU AA 16 56.39 -3.62 9.76
C GLU AA 16 55.40 -4.57 10.42
N TYR AA 17 54.60 -5.29 9.65
CA TYR AA 17 53.79 -6.33 10.26
C TYR AA 17 54.63 -7.09 11.28
N GLY AA 18 54.12 -7.15 12.53
CA GLY AA 18 54.62 -8.04 13.56
C GLY AA 18 55.81 -7.53 14.35
N LYS AA 19 56.29 -6.32 14.12
CA LYS AA 19 57.42 -5.82 14.89
C LYS AA 19 56.99 -5.38 16.29
N VAL AA 20 57.76 -5.75 17.30
CA VAL AA 20 57.38 -5.46 18.67
C VAL AA 20 58.54 -4.87 19.44
N ALA AA 21 58.22 -4.01 20.42
CA ALA AA 21 59.12 -3.64 21.51
C ALA AA 21 59.24 -4.78 22.53
N PRO AA 22 60.45 -5.22 22.88
CA PRO AA 22 60.59 -6.42 23.73
C PRO AA 22 59.81 -6.32 25.03
N GLY AA 23 59.27 -7.46 25.46
CA GLY AA 23 58.57 -7.53 26.72
C GLY AA 23 57.56 -6.44 26.97
N TRP AA 24 57.76 -5.68 28.03
CA TRP AA 24 56.72 -4.83 28.58
C TRP AA 24 56.73 -3.40 28.06
N GLY AA 25 57.81 -2.97 27.43
CA GLY AA 25 57.81 -1.71 26.73
C GLY AA 25 57.15 -0.64 27.55
N THR AA 26 56.27 0.11 26.90
CA THR AA 26 55.72 1.33 27.45
C THR AA 26 54.48 1.09 28.32
N THR AA 27 54.29 -0.13 28.81
CA THR AA 27 53.03 -0.44 29.47
C THR AA 27 52.81 0.39 30.75
N PRO AA 28 53.75 0.43 31.70
CA PRO AA 28 53.50 1.21 32.94
C PRO AA 28 52.96 2.58 32.65
N LEU AA 29 53.54 3.17 31.60
CA LEU AA 29 53.18 4.52 31.19
C LEU AA 29 51.74 4.58 30.69
N MET AA 30 51.39 3.68 29.78
CA MET AA 30 49.98 3.49 29.41
C MET AA 30 49.06 3.49 30.62
N ALA AA 31 49.39 2.67 31.61
CA ALA AA 31 48.50 2.51 32.75
C ALA AA 31 48.22 3.85 33.39
N VAL AA 32 49.25 4.71 33.48
CA VAL AA 32 49.11 6.01 34.11
C VAL AA 32 48.11 6.88 33.36
N PHE AA 33 48.22 6.90 32.04
CA PHE AA 33 47.26 7.66 31.24
C PHE AA 33 45.85 7.15 31.44
N MET AA 34 45.67 5.82 31.40
CA MET AA 34 44.37 5.24 31.72
C MET AA 34 43.87 5.78 33.06
N GLY AA 35 44.65 5.60 34.11
CA GLY AA 35 44.23 6.06 35.43
C GLY AA 35 43.81 7.51 35.44
N LEU AA 36 44.61 8.36 34.80
CA LEU AA 36 44.30 9.79 34.71
C LEU AA 36 42.99 10.01 33.98
N PHE AA 37 42.79 9.27 32.88
CA PHE AA 37 41.57 9.39 32.09
C PHE AA 37 40.38 8.95 32.91
N LEU AA 38 40.58 7.91 33.73
CA LEU AA 38 39.54 7.46 34.63
C LEU AA 38 39.11 8.58 35.57
N VAL AA 39 40.06 9.18 36.29
CA VAL AA 39 39.64 10.17 37.27
C VAL AA 39 38.97 11.30 36.54
N PHE AA 40 39.34 11.49 35.30
CA PHE AA 40 38.86 12.60 34.52
C PHE AA 40 37.43 12.37 34.05
N LEU AA 41 37.16 11.17 33.52
CA LEU AA 41 35.78 10.75 33.26
C LEU AA 41 34.93 10.87 34.51
N LEU AA 42 35.40 10.33 35.65
CA LEU AA 42 34.65 10.47 36.90
C LEU AA 42 34.26 11.90 37.15
N ILE AA 43 35.21 12.83 36.94
CA ILE AA 43 34.98 14.22 37.21
C ILE AA 43 33.91 14.76 36.28
N ILE AA 44 33.88 14.27 35.04
CA ILE AA 44 32.92 14.82 34.09
C ILE AA 44 31.51 14.29 34.39
N LEU AA 45 31.40 13.02 34.81
CA LEU AA 45 30.09 12.42 35.08
C LEU AA 45 29.46 13.00 36.34
N GLU AA 46 30.28 13.21 37.38
CA GLU AA 46 29.79 13.69 38.65
C GLU AA 46 29.41 15.16 38.58
N ILE AA 47 30.07 15.94 37.72
CA ILE AA 47 29.59 17.29 37.42
C ILE AA 47 28.20 17.23 36.77
N TYR AA 48 28.04 16.36 35.77
CA TYR AA 48 26.74 16.21 35.10
C TYR AA 48 25.68 15.64 36.06
N ASN AA 49 26.10 14.76 36.98
CA ASN AA 49 25.18 14.17 37.97
C ASN AA 49 24.83 15.11 39.12
N SER AA 50 25.60 16.18 39.34
CA SER AA 50 25.49 17.06 40.50
C SER AA 50 25.82 16.33 41.81
N THR AA 51 26.67 15.30 41.70
CA THR AA 51 27.44 14.77 42.81
C THR AA 51 28.66 15.64 43.12
N LEU AA 52 29.14 16.36 42.12
CA LEU AA 52 30.23 17.32 42.27
C LEU AA 52 29.72 18.68 41.83
N ILE AA 53 29.71 19.60 42.77
CA ILE AA 53 29.27 20.97 42.55
C ILE AA 53 30.50 21.88 42.69
N LEU AA 54 30.98 22.40 41.57
CA LEU AA 54 32.08 23.34 41.57
C LEU AA 54 31.51 24.76 41.50
N ASP AA 55 32.30 25.73 41.96
CA ASP AA 55 31.87 27.13 41.86
C ASP AA 55 31.89 27.60 40.40
N GLY AA 56 30.87 28.36 40.02
CA GLY AA 56 30.83 28.95 38.70
C GLY AA 56 30.49 27.98 37.60
N VAL AA 57 30.01 26.80 37.97
CA VAL AA 57 29.58 25.77 37.04
C VAL AA 57 28.10 25.53 37.35
N ASN AA 58 27.23 26.02 36.47
CA ASN AA 58 25.78 25.90 36.66
C ASN AA 58 25.19 24.89 35.68
N VAL AA 59 25.21 23.62 36.05
CA VAL AA 59 24.78 22.54 35.17
C VAL AA 59 23.27 22.65 35.02
N SER AA 60 22.84 23.64 34.24
CA SER AA 60 21.43 23.90 33.97
C SER AA 60 21.36 24.69 32.67
N TRP AA 61 20.18 24.67 32.04
CA TRP AA 61 20.04 25.39 30.77
C TRP AA 61 20.37 26.86 30.91
N LYS AA 62 20.43 27.37 32.14
CA LYS AA 62 20.80 28.75 32.41
C LYS AA 62 22.32 28.89 32.46
N ALA AA 63 22.97 28.40 31.41
CA ALA AA 63 24.39 28.56 31.15
C ALA AA 63 24.56 29.03 29.71
N GLU BA 2 -32.53 -32.02 16.14
CA GLU BA 2 -32.80 -33.43 16.50
C GLU BA 2 -31.95 -34.39 15.68
N THR BA 3 -32.00 -34.14 14.38
CA THR BA 3 -31.17 -34.86 13.45
C THR BA 3 -29.71 -34.73 13.81
N LEU BA 4 -29.24 -33.50 14.05
CA LEU BA 4 -27.84 -33.27 14.43
C LEU BA 4 -27.51 -34.03 15.72
N LYS BA 5 -28.36 -33.90 16.73
CA LYS BA 5 -28.19 -34.65 17.98
C LYS BA 5 -27.99 -36.15 17.76
N ILE BA 6 -28.85 -36.77 16.94
CA ILE BA 6 -28.77 -38.21 16.70
C ILE BA 6 -27.48 -38.58 15.99
N THR BA 7 -27.10 -37.81 14.98
CA THR BA 7 -25.86 -38.04 14.26
C THR BA 7 -24.61 -37.87 15.13
N VAL BA 8 -24.60 -36.87 16.03
CA VAL BA 8 -23.46 -36.71 16.91
C VAL BA 8 -23.42 -37.85 17.90
N TYR BA 9 -24.58 -38.33 18.34
CA TYR BA 9 -24.57 -39.41 19.33
C TYR BA 9 -24.00 -40.68 18.74
N ILE BA 10 -24.42 -41.00 17.54
CA ILE BA 10 -23.96 -42.21 16.88
C ILE BA 10 -22.46 -42.12 16.59
N VAL BA 11 -22.03 -41.00 16.02
CA VAL BA 11 -20.62 -40.78 15.74
C VAL BA 11 -19.80 -41.00 17.00
N VAL BA 12 -20.19 -40.31 18.09
CA VAL BA 12 -19.44 -40.41 19.33
C VAL BA 12 -19.40 -41.85 19.79
N THR BA 13 -20.50 -42.56 19.60
CA THR BA 13 -20.59 -43.92 20.11
C THR BA 13 -19.70 -44.86 19.33
N PHE BA 14 -19.80 -44.81 18.02
CA PHE BA 14 -18.92 -45.57 17.18
C PHE BA 14 -17.46 -45.38 17.55
N PHE BA 15 -17.02 -44.12 17.73
CA PHE BA 15 -15.62 -43.89 18.05
C PHE BA 15 -15.28 -44.43 19.41
N VAL BA 16 -16.22 -44.40 20.32
CA VAL BA 16 -15.89 -44.89 21.65
C VAL BA 16 -15.82 -46.41 21.67
N LEU BA 17 -16.62 -47.07 20.85
CA LEU BA 17 -16.54 -48.53 20.83
C LEU BA 17 -15.25 -48.99 20.19
N LEU BA 18 -14.81 -48.30 19.10
CA LEU BA 18 -13.50 -48.60 18.52
C LEU BA 18 -12.41 -48.57 19.57
N PHE BA 19 -12.49 -47.61 20.48
CA PHE BA 19 -11.42 -47.39 21.44
C PHE BA 19 -11.40 -48.53 22.44
N VAL BA 20 -12.55 -48.82 23.03
CA VAL BA 20 -12.66 -49.87 24.02
C VAL BA 20 -12.26 -51.20 23.42
N PHE BA 21 -12.83 -51.52 22.28
CA PHE BA 21 -12.56 -52.81 21.68
C PHE BA 21 -11.13 -52.92 21.23
N GLY BA 22 -10.51 -51.81 20.87
CA GLY BA 22 -9.12 -51.89 20.46
C GLY BA 22 -8.22 -52.25 21.62
N PHE BA 23 -8.44 -51.66 22.80
CA PHE BA 23 -7.59 -52.01 23.92
C PHE BA 23 -7.96 -53.38 24.51
N LEU BA 24 -9.17 -53.88 24.20
CA LEU BA 24 -9.56 -55.23 24.63
C LEU BA 24 -8.98 -56.29 23.73
N SER BA 25 -8.36 -55.91 22.63
CA SER BA 25 -7.86 -56.84 21.64
C SER BA 25 -6.37 -57.10 21.89
N GLY BA 26 -6.11 -57.55 23.11
CA GLY BA 26 -4.79 -58.00 23.46
C GLY BA 26 -3.76 -56.92 23.27
N ASP BA 27 -4.11 -55.71 23.67
CA ASP BA 27 -3.19 -54.59 23.53
C ASP BA 27 -1.86 -54.90 24.19
N PRO BA 28 -1.80 -55.63 25.31
CA PRO BA 28 -0.48 -55.92 25.91
C PRO BA 28 0.45 -56.72 25.01
N ALA BA 29 -0.05 -57.47 24.03
CA ALA BA 29 0.84 -58.24 23.17
C ALA BA 29 1.54 -57.36 22.14
N ARG BA 30 0.92 -56.24 21.80
CA ARG BA 30 1.41 -55.34 20.75
C ARG BA 30 2.58 -54.53 21.32
N ASN BA 31 3.76 -54.99 21.04
CA ASN BA 31 4.96 -54.33 21.52
C ASN BA 31 6.12 -55.10 20.93
N PRO BA 32 7.31 -54.48 20.84
CA PRO BA 32 8.39 -55.02 20.02
C PRO BA 32 9.18 -56.12 20.70
N LYS BA 33 8.79 -56.51 21.90
CA LYS BA 33 9.59 -57.48 22.65
C LYS BA 33 8.70 -58.66 23.03
N ARG BA 34 8.56 -58.96 24.32
CA ARG BA 34 7.84 -60.15 24.77
C ARG BA 34 6.33 -59.99 24.58
N LYS BA 35 5.74 -60.93 23.83
CA LYS BA 35 4.29 -61.01 23.63
C LYS BA 35 3.60 -61.77 24.75
N ASP BA 36 4.01 -61.52 26.00
CA ASP BA 36 3.54 -62.23 27.19
C ASP BA 36 3.40 -63.72 26.93
N GLY CA 1 39.45 -36.54 63.09
CA GLY CA 1 38.23 -36.19 62.38
C GLY CA 1 37.43 -37.41 61.97
N GLY CA 2 36.12 -37.35 62.16
CA GLY CA 2 35.28 -38.54 62.11
C GLY CA 2 34.94 -39.13 63.46
N ARG CA 3 35.11 -38.39 64.56
CA ARG CA 3 34.80 -38.89 65.89
C ARG CA 3 33.31 -38.78 66.22
N ILE CA 4 32.57 -37.91 65.56
CA ILE CA 4 31.12 -37.77 65.72
C ILE CA 4 30.46 -38.24 64.43
N PRO CA 5 29.40 -39.02 64.47
CA PRO CA 5 28.81 -39.53 63.24
C PRO CA 5 28.00 -38.48 62.50
N LEU CA 6 28.11 -38.53 61.18
CA LEU CA 6 27.46 -37.56 60.30
C LEU CA 6 25.97 -37.48 60.59
N TRP CA 7 25.28 -38.62 60.61
CA TRP CA 7 23.83 -38.60 60.71
C TRP CA 7 23.34 -37.92 61.99
N ILE CA 8 24.18 -37.87 63.03
CA ILE CA 8 23.82 -37.18 64.25
C ILE CA 8 23.82 -35.67 64.03
N VAL CA 9 24.91 -35.15 63.46
CA VAL CA 9 24.94 -33.71 63.25
C VAL CA 9 23.76 -33.32 62.37
N ALA CA 10 23.49 -34.12 61.33
CA ALA CA 10 22.34 -33.85 60.45
C ALA CA 10 21.09 -33.63 61.26
N THR CA 11 20.77 -34.60 62.12
CA THR CA 11 19.54 -34.55 62.91
C THR CA 11 19.53 -33.38 63.86
N VAL CA 12 20.68 -33.04 64.44
CA VAL CA 12 20.76 -31.85 65.29
C VAL CA 12 20.59 -30.60 64.44
N ALA CA 13 21.47 -30.40 63.46
CA ALA CA 13 21.31 -29.27 62.54
C ALA CA 13 19.87 -29.15 62.07
N GLY CA 14 19.29 -30.24 61.57
CA GLY CA 14 17.88 -30.26 61.20
C GLY CA 14 16.92 -29.66 62.24
N MET CA 15 16.84 -30.26 63.43
CA MET CA 15 15.96 -29.70 64.45
C MET CA 15 16.37 -28.28 64.84
N GLY CA 16 17.65 -27.93 64.67
CA GLY CA 16 18.05 -26.54 64.87
C GLY CA 16 17.39 -25.59 63.88
N VAL CA 17 17.42 -25.92 62.59
CA VAL CA 17 16.75 -25.04 61.64
C VAL CA 17 15.25 -25.06 61.90
N ILE CA 18 14.69 -26.26 62.06
CA ILE CA 18 13.27 -26.48 62.32
C ILE CA 18 12.75 -25.53 63.39
N VAL CA 19 13.63 -25.11 64.28
CA VAL CA 19 13.22 -24.29 65.41
C VAL CA 19 13.29 -22.81 65.07
N ILE CA 20 14.43 -22.36 64.52
CA ILE CA 20 14.55 -20.96 64.13
C ILE CA 20 13.35 -20.58 63.28
N VAL CA 21 13.02 -21.40 62.29
CA VAL CA 21 11.94 -21.08 61.39
C VAL CA 21 10.61 -21.13 62.11
N GLY CA 22 10.34 -22.21 62.83
CA GLY CA 22 9.11 -22.30 63.58
C GLY CA 22 8.85 -21.00 64.31
N LEU CA 23 9.89 -20.42 64.89
CA LEU CA 23 9.74 -19.18 65.62
C LEU CA 23 9.43 -18.00 64.71
N PHE CA 24 9.99 -18.00 63.51
CA PHE CA 24 9.66 -16.97 62.55
C PHE CA 24 8.18 -17.02 62.22
N PHE CA 25 7.63 -18.23 62.14
CA PHE CA 25 6.20 -18.34 61.89
C PHE CA 25 5.40 -17.90 63.11
N TYR CA 26 5.80 -18.32 64.32
CA TYR CA 26 5.12 -17.82 65.52
C TYR CA 26 5.05 -16.32 65.51
N GLY CA 27 6.17 -15.66 65.15
CA GLY CA 27 6.23 -14.21 65.18
C GLY CA 27 5.30 -13.54 64.21
N ALA CA 28 4.88 -14.25 63.15
CA ALA CA 28 3.87 -13.73 62.25
C ALA CA 28 2.51 -13.54 62.93
N TYR CA 29 2.24 -14.23 64.04
CA TYR CA 29 0.98 -14.08 64.75
C TYR CA 29 1.10 -13.28 66.05
N ALA CA 30 2.29 -12.79 66.40
CA ALA CA 30 2.49 -12.11 67.66
C ALA CA 30 3.33 -10.85 67.47
N GLY CA 31 2.97 -9.82 68.20
CA GLY CA 31 3.82 -8.64 68.25
C GLY CA 31 3.81 -7.93 66.91
N LEU CA 32 5.00 -7.48 66.49
CA LEU CA 32 5.12 -6.70 65.26
C LEU CA 32 4.70 -7.53 64.06
N GLY CA 33 3.87 -6.94 63.20
CA GLY CA 33 3.45 -7.55 61.96
C GLY CA 33 2.22 -8.45 62.05
N SER CA 34 1.52 -8.50 63.18
CA SER CA 34 0.43 -9.44 63.35
C SER CA 34 -0.91 -8.84 63.02
N SER CA 35 -0.91 -7.60 62.54
CA SER CA 35 -2.13 -6.83 62.31
C SER CA 35 -2.87 -6.51 63.61
N LEU CA 36 -2.38 -7.00 64.74
CA LEU CA 36 -3.12 -6.82 65.98
C LEU CA 36 -2.70 -5.59 66.77
N LYS DA 1 -14.10 -27.48 74.76
CA LYS DA 1 -13.13 -28.00 75.71
C LYS DA 1 -13.21 -29.53 75.81
N LEU DA 2 -12.10 -30.14 76.24
CA LEU DA 2 -12.12 -31.52 76.68
C LEU DA 2 -13.07 -31.63 77.88
N PRO DA 3 -13.35 -32.83 78.39
CA PRO DA 3 -14.06 -32.89 79.68
C PRO DA 3 -13.10 -32.56 80.81
N GLU DA 4 -13.52 -31.62 81.68
CA GLU DA 4 -12.68 -31.07 82.73
C GLU DA 4 -11.72 -32.09 83.35
N ALA DA 5 -12.16 -33.35 83.47
CA ALA DA 5 -11.28 -34.42 83.96
C ALA DA 5 -9.91 -34.36 83.29
N TYR DA 6 -9.89 -34.36 81.94
CA TYR DA 6 -8.68 -34.49 81.13
C TYR DA 6 -8.07 -33.14 80.74
N ALA DA 7 -8.37 -32.07 81.49
CA ALA DA 7 -7.92 -30.74 81.10
C ALA DA 7 -6.41 -30.57 81.28
N ILE DA 8 -5.85 -31.17 82.33
CA ILE DA 8 -4.39 -31.22 82.51
C ILE DA 8 -3.69 -31.92 81.35
N PHE DA 9 -4.42 -32.36 80.33
CA PHE DA 9 -3.82 -33.01 79.16
C PHE DA 9 -3.91 -32.15 77.91
N ASP DA 10 -4.41 -30.92 78.05
CA ASP DA 10 -4.70 -30.09 76.89
C ASP DA 10 -3.46 -29.79 76.07
N PRO DA 11 -2.30 -29.48 76.64
CA PRO DA 11 -1.13 -29.15 75.80
C PRO DA 11 -0.44 -30.36 75.20
N LEU DA 12 -0.66 -31.56 75.74
CA LEU DA 12 -0.37 -32.76 74.96
C LEU DA 12 -1.36 -32.93 73.82
N VAL DA 13 -2.66 -32.83 74.11
CA VAL DA 13 -3.65 -32.97 73.05
C VAL DA 13 -3.39 -31.98 71.95
N ASP DA 14 -2.79 -30.82 72.28
CA ASP DA 14 -2.43 -29.83 71.27
C ASP DA 14 -1.35 -30.32 70.31
N VAL DA 15 -0.39 -31.13 70.76
CA VAL DA 15 0.72 -31.52 69.91
C VAL DA 15 0.53 -32.89 69.28
N LEU DA 16 -0.51 -33.63 69.64
CA LEU DA 16 -0.64 -34.99 69.12
C LEU DA 16 -0.83 -35.04 67.61
N PRO DA 17 -1.62 -34.16 67.00
CA PRO DA 17 -1.88 -34.27 65.55
C PRO DA 17 -0.62 -34.23 64.68
N VAL DA 18 0.45 -33.56 65.10
CA VAL DA 18 1.67 -33.50 64.28
C VAL DA 18 2.54 -34.73 64.39
N ILE DA 19 2.13 -35.73 65.16
CA ILE DA 19 2.98 -36.89 65.37
C ILE DA 19 3.15 -37.71 64.09
N PRO DA 20 2.14 -37.85 63.22
CA PRO DA 20 2.35 -38.67 62.00
C PRO DA 20 3.42 -38.10 61.07
N VAL DA 21 3.66 -36.79 61.06
CA VAL DA 21 4.69 -36.25 60.17
C VAL DA 21 6.08 -36.64 60.66
N LEU DA 22 6.27 -36.69 61.99
CA LEU DA 22 7.56 -37.07 62.58
C LEU DA 22 8.02 -38.44 62.09
N PHE DA 23 7.09 -39.33 61.77
CA PHE DA 23 7.46 -40.63 61.23
C PHE DA 23 8.25 -40.49 59.93
N LEU DA 24 7.72 -39.67 59.01
CA LEU DA 24 8.43 -39.40 57.76
C LEU DA 24 9.82 -38.87 58.05
N ALA DA 25 9.92 -37.86 58.92
CA ALA DA 25 11.22 -37.34 59.31
C ALA DA 25 12.03 -38.41 60.02
N LEU DA 26 11.37 -39.36 60.67
CA LEU DA 26 12.10 -40.43 61.34
C LEU DA 26 12.65 -41.44 60.33
N ALA DA 27 12.01 -41.58 59.17
CA ALA DA 27 12.56 -42.46 58.15
C ALA DA 27 13.90 -41.96 57.62
N PHE DA 28 14.08 -40.65 57.50
CA PHE DA 28 15.32 -40.12 56.96
C PHE DA 28 16.43 -40.16 57.99
N VAL DA 29 16.14 -39.76 59.21
CA VAL DA 29 17.02 -40.05 60.33
C VAL DA 29 17.49 -41.51 60.26
N TRP DA 30 16.58 -42.45 59.92
CA TRP DA 30 16.94 -43.86 59.85
C TRP DA 30 17.85 -44.17 58.67
N GLN DA 31 17.51 -43.69 57.46
CA GLN DA 31 18.34 -43.94 56.29
C GLN DA 31 19.68 -43.23 56.40
N ALA DA 32 19.72 -42.11 57.11
CA ALA DA 32 21.03 -41.53 57.42
C ALA DA 32 21.81 -42.46 58.35
N ALA DA 33 21.12 -43.08 59.31
CA ALA DA 33 21.77 -44.06 60.18
C ALA DA 33 22.46 -45.15 59.37
N VAL DA 34 21.86 -45.57 58.26
CA VAL DA 34 22.39 -46.70 57.51
C VAL DA 34 23.09 -46.27 56.23
N GLY DA 35 23.35 -44.97 56.05
CA GLY DA 35 24.12 -44.50 54.90
C GLY DA 35 23.45 -44.68 53.54
N PHE DA 36 22.12 -44.58 53.51
CA PHE DA 36 21.38 -44.53 52.26
C PHE DA 36 21.84 -45.63 51.31
N ARG DA 37 22.01 -46.81 51.87
CA ARG DA 37 22.42 -48.02 51.16
C ARG DA 37 21.34 -48.64 50.31
N GLU EA 2 43.63 -13.97 -13.12
CA GLU EA 2 43.78 -13.19 -11.90
C GLU EA 2 42.68 -13.45 -10.82
N PRO EA 3 41.92 -14.54 -10.96
CA PRO EA 3 40.69 -14.68 -10.15
C PRO EA 3 40.95 -14.84 -8.66
N ASN EA 4 40.06 -14.26 -7.86
CA ASN EA 4 40.32 -14.10 -6.43
C ASN EA 4 40.28 -15.46 -5.72
N PRO EA 5 41.18 -15.70 -4.76
CA PRO EA 5 41.27 -17.01 -4.11
C PRO EA 5 40.47 -17.15 -2.82
N ASN EA 6 39.83 -16.09 -2.33
CA ASN EA 6 39.07 -16.15 -1.09
C ASN EA 6 37.59 -16.42 -1.31
N ARG EA 7 37.12 -16.41 -2.56
CA ARG EA 7 35.80 -16.92 -2.94
C ARG EA 7 35.46 -18.15 -2.10
N GLN EA 8 34.18 -18.34 -1.78
CA GLN EA 8 33.67 -19.53 -1.10
C GLN EA 8 32.22 -19.78 -1.53
N PRO EA 9 31.80 -21.02 -1.61
CA PRO EA 9 30.38 -21.32 -1.85
C PRO EA 9 29.54 -21.28 -0.58
N VAL EA 10 28.31 -20.85 -0.73
CA VAL EA 10 27.45 -20.58 0.40
C VAL EA 10 26.30 -21.57 0.35
N GLU EA 11 25.77 -21.94 1.52
CA GLU EA 11 24.75 -22.99 1.56
C GLU EA 11 23.59 -22.64 2.48
N LEU EA 12 22.40 -23.14 2.13
CA LEU EA 12 21.25 -23.15 3.04
C LEU EA 12 20.46 -24.43 2.81
N ASN EA 13 20.45 -25.31 3.83
CA ASN EA 13 19.76 -26.59 3.70
C ASN EA 13 18.23 -26.39 3.80
N ARG EA 14 17.50 -27.48 3.54
CA ARG EA 14 16.04 -27.39 3.52
C ARG EA 14 15.49 -27.11 4.91
N THR EA 15 16.00 -27.82 5.92
CA THR EA 15 15.53 -27.61 7.28
C THR EA 15 15.69 -26.15 7.68
N SER EA 16 16.81 -25.54 7.30
CA SER EA 16 17.03 -24.14 7.62
C SER EA 16 16.04 -23.22 6.92
N LEU EA 17 15.72 -23.52 5.67
CA LEU EA 17 14.70 -22.76 4.96
C LEU EA 17 13.36 -22.82 5.70
N TYR EA 18 12.94 -24.04 6.08
CA TYR EA 18 11.67 -24.18 6.80
C TYR EA 18 11.69 -23.40 8.10
N LEU EA 19 12.76 -23.56 8.90
CA LEU EA 19 12.90 -22.74 10.10
C LEU EA 19 12.84 -21.28 9.77
N GLY EA 20 13.54 -20.86 8.71
CA GLY EA 20 13.63 -19.46 8.40
C GLY EA 20 12.31 -18.90 7.95
N LEU EA 21 11.57 -19.64 7.13
CA LEU EA 21 10.26 -19.20 6.67
C LEU EA 21 9.26 -19.11 7.82
N LEU EA 22 9.33 -20.06 8.75
CA LEU EA 22 8.47 -20.04 9.92
C LEU EA 22 8.74 -18.82 10.76
N LEU EA 23 10.01 -18.45 10.88
CA LEU EA 23 10.40 -17.24 11.59
C LEU EA 23 9.79 -16.00 10.96
N ILE EA 24 9.89 -15.88 9.63
CA ILE EA 24 9.42 -14.64 9.00
C ILE EA 24 7.90 -14.58 9.12
N LEU EA 25 7.23 -15.70 8.89
CA LEU EA 25 5.78 -15.68 8.90
C LEU EA 25 5.25 -15.33 10.27
N VAL EA 26 5.86 -15.88 11.33
CA VAL EA 26 5.34 -15.62 12.66
C VAL EA 26 5.62 -14.18 13.03
N LEU EA 27 6.76 -13.65 12.63
CA LEU EA 27 7.06 -12.26 12.93
C LEU EA 27 6.07 -11.33 12.22
N ALA EA 28 5.72 -11.66 10.98
CA ALA EA 28 4.74 -10.87 10.25
C ALA EA 28 3.38 -10.92 10.93
N LEU EA 29 2.99 -12.10 11.40
CA LEU EA 29 1.71 -12.29 12.05
C LEU EA 29 1.67 -11.53 13.35
N LEU EA 30 2.77 -11.57 14.08
CA LEU EA 30 2.93 -10.81 15.32
C LEU EA 30 2.80 -9.30 15.10
N PHE EA 31 3.66 -8.72 14.25
CA PHE EA 31 3.80 -7.27 14.13
C PHE EA 31 2.76 -6.62 13.21
N SER EA 32 2.28 -7.32 12.19
CA SER EA 32 1.29 -6.77 11.28
C SER EA 32 0.17 -6.00 11.99
N SER EA 33 -0.33 -6.53 13.13
CA SER EA 33 -1.33 -5.81 13.92
C SER EA 33 -0.83 -4.42 14.30
N TYR EA 34 0.44 -4.34 14.67
CA TYR EA 34 0.99 -3.06 15.07
C TYR EA 34 1.31 -2.13 13.90
N PHE EA 35 1.66 -2.70 12.73
CA PHE EA 35 1.79 -1.91 11.50
C PHE EA 35 0.48 -1.30 11.02
N PHE EA 36 -0.61 -2.05 11.09
CA PHE EA 36 -1.89 -1.49 10.70
C PHE EA 36 -2.41 -0.53 11.77
N ASN EA 37 -2.25 -0.89 13.04
CA ASN EA 37 -2.56 -0.03 14.20
C ASN EA 37 -4.04 0.35 14.23
N GLU FA 2 -10.38 2.11 10.51
CA GLU FA 2 -9.41 3.09 10.08
C GLU FA 2 -7.98 2.72 10.45
N VAL FA 3 -7.43 1.78 9.70
CA VAL FA 3 -6.07 1.30 9.91
C VAL FA 3 -5.10 2.09 9.04
N ASN FA 4 -3.79 1.94 9.32
CA ASN FA 4 -2.71 2.65 8.62
C ASN FA 4 -2.47 2.01 7.25
N GLN FA 5 -2.55 2.80 6.20
CA GLN FA 5 -2.56 2.17 4.89
C GLN FA 5 -1.19 1.74 4.38
N LEU FA 6 -0.07 2.30 4.89
CA LEU FA 6 1.24 1.72 4.63
C LEU FA 6 1.43 0.39 5.37
N GLY FA 7 0.47 -0.02 6.18
CA GLY FA 7 0.61 -1.28 6.88
C GLY FA 7 0.64 -2.44 5.93
N LEU FA 8 -0.19 -2.40 4.89
CA LEU FA 8 -0.22 -3.47 3.91
C LEU FA 8 1.15 -3.64 3.24
N ILE FA 9 1.74 -2.52 2.74
CA ILE FA 9 3.01 -2.58 2.01
C ILE FA 9 4.12 -2.94 2.97
N ALA FA 10 3.98 -2.54 4.24
CA ALA FA 10 5.00 -2.88 5.22
C ALA FA 10 4.95 -4.35 5.56
N THR FA 11 3.76 -4.87 5.82
CA THR FA 11 3.66 -6.30 6.03
C THR FA 11 4.11 -7.06 4.80
N ALA FA 12 3.63 -6.68 3.63
CA ALA FA 12 3.96 -7.42 2.41
C ALA FA 12 5.47 -7.55 2.21
N LEU FA 13 6.22 -6.44 2.21
CA LEU FA 13 7.67 -6.53 2.02
C LEU FA 13 8.37 -7.19 3.20
N PHE FA 14 7.82 -7.05 4.40
CA PHE FA 14 8.39 -7.70 5.58
C PHE FA 14 8.40 -9.21 5.43
N VAL FA 15 7.35 -9.75 4.81
CA VAL FA 15 7.28 -11.14 4.40
C VAL FA 15 8.16 -11.42 3.18
N LEU FA 16 7.92 -10.69 2.08
CA LEU FA 16 8.47 -11.04 0.77
C LEU FA 16 10.00 -11.03 0.74
N VAL FA 17 10.59 -9.95 1.21
CA VAL FA 17 12.01 -9.72 0.97
C VAL FA 17 12.88 -10.78 1.66
N PRO FA 18 12.78 -10.95 2.97
CA PRO FA 18 13.60 -12.00 3.58
C PRO FA 18 13.22 -13.39 3.13
N SER FA 19 11.96 -13.63 2.74
CA SER FA 19 11.62 -14.96 2.20
C SER FA 19 12.28 -15.21 0.85
N VAL FA 20 12.33 -14.20 0.01
CA VAL FA 20 13.08 -14.36 -1.25
C VAL FA 20 14.55 -14.61 -0.99
N PHE FA 21 15.10 -13.96 0.01
CA PHE FA 21 16.50 -14.21 0.33
C PHE FA 21 16.74 -15.68 0.62
N LEU FA 22 15.89 -16.29 1.45
CA LEU FA 22 16.09 -17.70 1.82
C LEU FA 22 15.87 -18.61 0.65
N ILE FA 23 14.83 -18.37 -0.14
CA ILE FA 23 14.56 -19.23 -1.28
C ILE FA 23 15.73 -19.17 -2.26
N ILE FA 24 16.28 -17.97 -2.50
CA ILE FA 24 17.41 -17.84 -3.40
C ILE FA 24 18.55 -18.71 -2.93
N LEU FA 25 18.79 -18.72 -1.64
CA LEU FA 25 19.92 -19.47 -1.13
C LEU FA 25 19.65 -20.97 -1.05
N TYR FA 26 18.39 -21.40 -0.87
CA TYR FA 26 18.14 -22.85 -0.81
C TYR FA 26 18.24 -23.46 -2.20
N VAL FA 27 17.66 -22.81 -3.22
CA VAL FA 27 17.58 -23.44 -4.53
C VAL FA 27 18.97 -23.60 -5.17
N GLN FA 28 19.89 -22.67 -4.91
CA GLN FA 28 21.22 -22.70 -5.49
C GLN FA 28 22.15 -23.61 -4.71
N THR FA 29 21.74 -24.03 -3.52
CA THR FA 29 22.40 -25.13 -2.82
C THR FA 29 21.99 -26.47 -3.44
N GLU FA 30 20.72 -26.59 -3.81
CA GLU FA 30 20.19 -27.85 -4.31
C GLU FA 30 20.72 -28.17 -5.69
N SER FA 31 21.20 -27.18 -6.42
CA SER FA 31 21.67 -27.42 -7.77
C SER FA 31 23.19 -27.44 -7.85
N GLN FA 32 23.86 -27.90 -6.79
CA GLN FA 32 25.29 -28.14 -6.85
C GLN FA 32 25.70 -29.38 -6.09
N GLN GA 1 -52.14 -29.41 35.75
CA GLN GA 1 -52.63 -29.65 37.11
C GLN GA 1 -51.79 -28.87 38.12
N THR GA 2 -51.69 -29.36 39.35
CA THR GA 2 -50.85 -28.73 40.37
C THR GA 2 -49.43 -29.30 40.20
N LEU GA 3 -48.74 -28.79 39.18
CA LEU GA 3 -47.33 -29.14 39.01
C LEU GA 3 -46.48 -28.37 40.00
N THR GA 4 -45.21 -28.73 40.05
CA THR GA 4 -44.27 -28.20 41.02
C THR GA 4 -43.03 -27.67 40.32
N TYR GA 5 -42.24 -26.90 41.07
CA TYR GA 5 -41.00 -26.37 40.52
C TYR GA 5 -40.21 -27.49 39.86
N ASP GA 6 -40.02 -28.62 40.58
CA ASP GA 6 -39.17 -29.70 40.13
C ASP GA 6 -39.77 -30.43 38.95
N ASP GA 7 -41.09 -30.36 38.78
CA ASP GA 7 -41.71 -30.79 37.53
C ASP GA 7 -41.25 -29.94 36.36
N ILE GA 8 -41.09 -28.64 36.58
CA ILE GA 8 -41.05 -27.65 35.52
C ILE GA 8 -39.63 -27.27 35.14
N VAL GA 9 -38.71 -27.33 36.10
CA VAL GA 9 -37.44 -26.67 35.94
C VAL GA 9 -36.74 -27.23 34.71
N GLY GA 10 -36.18 -26.33 33.90
CA GLY GA 10 -35.39 -26.71 32.75
C GLY GA 10 -36.18 -27.03 31.51
N THR GA 11 -37.51 -27.04 31.59
CA THR GA 11 -38.32 -27.48 30.46
C THR GA 11 -38.68 -26.37 29.50
N GLY GA 12 -38.52 -25.10 29.90
CA GLY GA 12 -39.00 -24.00 29.09
C GLY GA 12 -40.42 -23.55 29.41
N LEU GA 13 -41.13 -24.29 30.29
CA LEU GA 13 -42.52 -24.01 30.67
C LEU GA 13 -42.64 -22.88 31.69
N ALA GA 14 -41.57 -22.52 32.35
CA ALA GA 14 -41.67 -21.37 33.23
C ALA GA 14 -41.91 -20.08 32.45
N ASN GA 15 -41.61 -20.08 31.14
CA ASN GA 15 -41.81 -18.89 30.32
C ASN GA 15 -43.14 -18.88 29.58
N LYS GA 16 -44.02 -19.79 29.92
CA LYS GA 16 -45.30 -19.95 29.27
C LYS GA 16 -46.37 -19.47 30.25
N CYS GA 17 -47.36 -18.72 29.76
CA CYS GA 17 -48.51 -18.37 30.59
C CYS GA 17 -49.50 -19.51 30.66
N PRO GA 18 -50.35 -19.52 31.69
CA PRO GA 18 -51.40 -20.54 31.77
C PRO GA 18 -52.44 -20.39 30.67
N THR GA 19 -53.16 -21.46 30.44
CA THR GA 19 -54.15 -21.45 29.37
C THR GA 19 -55.47 -22.00 29.89
N LEU GA 20 -56.51 -21.68 29.14
CA LEU GA 20 -57.86 -22.12 29.43
C LEU GA 20 -58.32 -23.04 28.30
N ASP GA 21 -59.26 -23.92 28.65
CA ASP GA 21 -59.77 -24.96 27.76
C ASP GA 21 -60.39 -24.37 26.52
N ASP GA 22 -60.35 -25.15 25.43
CA ASP GA 22 -61.17 -24.87 24.24
C ASP GA 22 -62.62 -24.54 24.60
N THR GA 23 -63.07 -24.96 25.78
CA THR GA 23 -64.45 -24.89 26.17
C THR GA 23 -64.73 -23.77 27.15
N ALA GA 24 -63.75 -22.97 27.52
CA ALA GA 24 -64.01 -21.88 28.45
C ALA GA 24 -64.35 -20.65 27.61
N ARG GA 25 -65.58 -20.63 27.12
CA ARG GA 25 -66.09 -19.50 26.36
C ARG GA 25 -67.30 -18.90 27.05
N GLY GA 26 -67.20 -18.72 28.36
CA GLY GA 26 -68.28 -18.15 29.13
C GLY GA 26 -68.19 -16.65 29.30
N ALA GA 27 -68.56 -16.15 30.48
CA ALA GA 27 -68.60 -14.71 30.62
C ALA GA 27 -68.68 -14.33 32.08
N TYR GA 28 -67.94 -13.28 32.44
CA TYR GA 28 -67.75 -12.90 33.83
C TYR GA 28 -68.48 -11.58 34.08
N PRO GA 29 -69.46 -11.57 34.95
CA PRO GA 29 -70.28 -10.36 35.10
C PRO GA 29 -69.60 -9.33 35.98
N ILE GA 30 -69.80 -8.07 35.63
CA ILE GA 30 -69.19 -6.96 36.36
C ILE GA 30 -70.29 -6.24 37.13
N ASP GA 31 -70.27 -6.42 38.46
CA ASP GA 31 -71.19 -5.80 39.40
C ASP GA 31 -70.69 -4.38 39.69
N SER GA 32 -71.23 -3.41 38.93
CA SER GA 32 -70.69 -2.06 38.94
C SER GA 32 -70.59 -1.47 40.35
N SER GA 33 -71.45 -1.88 41.27
CA SER GA 33 -71.29 -1.49 42.67
C SER GA 33 -70.02 -2.05 43.29
N GLN GA 34 -69.27 -2.87 42.55
CA GLN GA 34 -68.18 -3.68 43.08
C GLN GA 34 -66.82 -3.18 42.61
N THR GA 35 -65.79 -3.65 43.31
CA THR GA 35 -64.39 -3.34 43.03
C THR GA 35 -63.62 -4.59 42.62
N TYR GA 36 -62.62 -4.44 41.75
CA TYR GA 36 -61.97 -5.59 41.17
C TYR GA 36 -60.46 -5.39 41.08
N ARG GA 37 -59.77 -6.47 40.74
CA ARG GA 37 -58.34 -6.40 40.48
C ARG GA 37 -57.93 -7.58 39.63
N ILE GA 38 -56.94 -7.34 38.77
CA ILE GA 38 -56.17 -8.42 38.12
C ILE GA 38 -55.20 -8.98 39.15
N ALA GA 39 -55.42 -10.20 39.58
CA ALA GA 39 -54.59 -10.80 40.60
C ALA GA 39 -53.30 -11.35 40.00
N ARG GA 40 -53.31 -11.64 38.72
CA ARG GA 40 -52.12 -12.03 37.98
C ARG GA 40 -52.43 -11.81 36.52
N LEU GA 41 -51.57 -11.05 35.86
CA LEU GA 41 -51.64 -10.91 34.41
C LEU GA 41 -50.31 -11.40 33.82
N CYS GA 42 -50.41 -12.18 32.76
CA CYS GA 42 -49.26 -12.81 32.15
C CYS GA 42 -49.32 -12.55 30.65
N LEU GA 43 -48.23 -12.01 30.11
CA LEU GA 43 -48.10 -11.81 28.66
C LEU GA 43 -46.90 -12.61 28.16
N GLN GA 44 -47.12 -13.42 27.15
CA GLN GA 44 -46.09 -14.27 26.56
C GLN GA 44 -45.94 -13.97 25.08
N PRO GA 45 -44.88 -13.27 24.65
CA PRO GA 45 -44.72 -13.00 23.21
C PRO GA 45 -44.47 -14.27 22.42
N THR GA 46 -45.04 -14.33 21.22
CA THR GA 46 -44.73 -15.38 20.28
C THR GA 46 -44.08 -14.89 18.99
N THR GA 47 -44.21 -13.62 18.63
CA THR GA 47 -43.43 -13.14 17.49
C THR GA 47 -43.05 -11.69 17.68
N PHE GA 48 -41.82 -11.39 17.29
CA PHE GA 48 -41.29 -10.03 17.26
C PHE GA 48 -41.07 -9.58 15.81
N LEU GA 49 -41.61 -8.42 15.45
CA LEU GA 49 -41.48 -7.87 14.10
C LEU GA 49 -40.89 -6.47 14.17
N VAL GA 50 -39.90 -6.21 13.31
CA VAL GA 50 -39.26 -4.89 13.24
C VAL GA 50 -39.56 -4.23 11.90
N LYS GA 51 -39.89 -2.95 11.96
CA LYS GA 51 -40.08 -2.14 10.76
C LYS GA 51 -38.73 -1.83 10.11
N GLU GA 52 -38.66 -2.08 8.80
CA GLU GA 52 -37.45 -1.92 8.01
C GLU GA 52 -37.30 -0.47 7.53
N GLU GA 53 -36.06 -0.05 7.30
CA GLU GA 53 -35.78 1.35 6.95
C GLU GA 53 -35.94 1.58 5.45
N PRO GA 54 -37.10 2.02 4.96
CA PRO GA 54 -37.27 2.14 3.51
C PRO GA 54 -36.36 3.22 2.96
N LYS GA 55 -35.78 2.98 1.79
CA LYS GA 55 -34.76 3.87 1.24
C LYS GA 55 -35.38 5.22 0.85
N ASN GA 56 -34.49 6.22 0.63
CA ASN GA 56 -34.91 7.60 0.36
C ASN GA 56 -36.02 7.67 -0.68
N LYS GA 57 -35.98 6.79 -1.69
CA LYS GA 57 -37.11 6.67 -2.58
C LYS GA 57 -38.34 6.17 -1.83
N ARG GA 58 -38.13 5.30 -0.83
CA ARG GA 58 -39.19 4.63 -0.11
C ARG GA 58 -40.32 4.20 -1.05
N GLN GA 59 -41.46 3.89 -0.46
CA GLN GA 59 -42.68 3.48 -1.14
C GLN GA 59 -43.52 2.93 0.00
N GLU GA 60 -42.87 2.10 0.84
CA GLU GA 60 -43.40 1.70 2.13
C GLU GA 60 -42.46 0.73 2.87
N ALA GA 61 -42.34 0.91 4.18
CA ALA GA 61 -41.62 -0.02 5.02
C ALA GA 61 -42.59 -1.02 5.64
N GLU GA 62 -42.18 -2.27 5.70
CA GLU GA 62 -42.98 -3.32 6.31
C GLU GA 62 -42.30 -3.81 7.58
N PHE GA 63 -43.08 -4.49 8.40
CA PHE GA 63 -42.56 -5.15 9.59
C PHE GA 63 -42.01 -6.52 9.22
N VAL GA 64 -40.71 -6.71 9.35
CA VAL GA 64 -40.14 -7.98 8.93
C VAL GA 64 -39.94 -8.90 10.13
N PRO GA 65 -40.00 -10.23 9.91
CA PRO GA 65 -39.77 -11.18 11.00
C PRO GA 65 -38.33 -11.16 11.47
N THR GA 66 -38.13 -11.63 12.71
CA THR GA 66 -36.82 -11.59 13.33
C THR GA 66 -36.60 -12.85 14.18
N LYS GA 67 -35.33 -13.19 14.38
CA LYS GA 67 -34.94 -14.39 15.12
C LYS GA 67 -34.68 -14.02 16.58
N LEU GA 68 -35.39 -14.66 17.52
CA LEU GA 68 -35.07 -14.49 18.92
C LEU GA 68 -33.78 -15.21 19.28
N VAL GA 69 -32.88 -14.52 20.00
CA VAL GA 69 -31.56 -15.07 20.31
C VAL GA 69 -31.28 -15.09 21.79
N THR GA 70 -32.23 -14.69 22.64
CA THR GA 70 -32.01 -14.60 24.09
C THR GA 70 -32.83 -15.62 24.89
N ARG GA 71 -33.46 -16.57 24.20
CA ARG GA 71 -33.97 -17.78 24.85
C ARG GA 71 -35.22 -17.49 25.64
N GLU GA 72 -35.65 -18.45 26.45
CA GLU GA 72 -37.00 -18.38 27.01
C GLU GA 72 -36.94 -17.49 28.23
N THR GA 73 -36.76 -16.19 27.94
CA THR GA 73 -36.51 -15.16 28.94
C THR GA 73 -37.39 -13.93 28.71
N THR GA 74 -38.47 -14.10 27.94
CA THR GA 74 -39.16 -12.99 27.31
C THR GA 74 -40.49 -12.61 27.92
N SER GA 75 -41.02 -13.36 28.86
CA SER GA 75 -42.41 -13.19 29.24
C SER GA 75 -42.59 -12.19 30.38
N LEU GA 76 -43.77 -11.58 30.41
CA LEU GA 76 -44.15 -10.68 31.46
C LEU GA 76 -45.23 -11.36 32.30
N ASP GA 77 -45.07 -11.32 33.63
CA ASP GA 77 -45.97 -12.11 34.46
C ASP GA 77 -45.99 -11.56 35.88
N GLN GA 78 -46.96 -12.02 36.68
CA GLN GA 78 -47.18 -11.62 38.07
C GLN GA 78 -47.57 -10.18 38.18
N ILE GA 79 -48.09 -9.64 37.10
CA ILE GA 79 -48.53 -8.28 37.02
C ILE GA 79 -49.86 -8.13 37.73
N GLN GA 80 -49.97 -7.08 38.53
CA GLN GA 80 -51.15 -6.80 39.32
C GLN GA 80 -51.54 -5.35 39.16
N GLY GA 81 -52.80 -5.12 39.43
CA GLY GA 81 -53.39 -3.82 39.27
C GLY GA 81 -54.87 -3.94 39.45
N GLU GA 82 -55.51 -2.80 39.55
CA GLU GA 82 -56.92 -2.77 39.93
C GLU GA 82 -57.75 -2.55 38.69
N LEU GA 83 -58.83 -3.30 38.60
CA LEU GA 83 -59.78 -3.20 37.51
C LEU GA 83 -60.95 -2.32 37.98
N LYS GA 84 -60.95 -1.06 37.56
CA LYS GA 84 -62.02 -0.13 37.91
C LYS GA 84 -63.19 -0.28 36.95
N VAL GA 85 -64.37 0.04 37.43
CA VAL GA 85 -65.53 0.19 36.57
C VAL GA 85 -65.76 1.70 36.41
N ASN GA 86 -65.62 2.21 35.20
CA ASN GA 86 -65.88 3.62 35.01
C ASN GA 86 -67.39 3.86 34.93
N SER GA 87 -67.72 5.12 34.66
CA SER GA 87 -69.09 5.58 34.73
C SER GA 87 -69.85 5.37 33.42
N ASP GA 88 -69.16 5.40 32.27
CA ASP GA 88 -69.80 4.96 31.05
C ASP GA 88 -69.81 3.44 30.96
N GLY GA 89 -69.35 2.75 32.00
CA GLY GA 89 -69.46 1.32 32.09
C GLY GA 89 -68.21 0.59 31.70
N SER GA 90 -67.26 1.28 31.07
CA SER GA 90 -66.05 0.63 30.62
C SER GA 90 -65.24 0.16 31.83
N LEU GA 91 -64.37 -0.80 31.57
CA LEU GA 91 -63.42 -1.32 32.55
C LEU GA 91 -62.04 -0.80 32.19
N THR GA 92 -61.33 -0.33 33.21
CA THR GA 92 -59.98 0.17 33.06
C THR GA 92 -59.10 -0.54 34.07
N PHE GA 93 -58.02 -1.13 33.57
CA PHE GA 93 -56.97 -1.72 34.37
C PHE GA 93 -55.80 -0.75 34.52
N VAL GA 94 -55.29 -0.68 35.73
CA VAL GA 94 -54.23 0.22 36.12
C VAL GA 94 -53.18 -0.63 36.79
N GLU GA 95 -52.04 -0.80 36.12
CA GLU GA 95 -50.99 -1.63 36.68
C GLU GA 95 -50.39 -0.98 37.92
N GLU GA 96 -50.08 -1.81 38.91
CA GLU GA 96 -49.27 -1.36 40.01
C GLU GA 96 -47.85 -1.91 39.89
N ASP GA 97 -47.73 -3.23 39.82
CA ASP GA 97 -46.49 -3.92 40.12
C ASP GA 97 -46.52 -5.23 39.33
N GLY GA 98 -45.38 -5.88 39.28
CA GLY GA 98 -45.29 -7.08 38.47
C GLY GA 98 -43.96 -7.13 37.81
N ILE GA 99 -43.60 -8.29 37.28
CA ILE GA 99 -42.41 -8.39 36.45
C ILE GA 99 -42.77 -7.90 35.05
N ASP GA 100 -42.71 -6.59 34.85
CA ASP GA 100 -43.40 -5.96 33.74
C ASP GA 100 -42.47 -5.49 32.65
N PHE GA 101 -41.26 -6.04 32.60
CA PHE GA 101 -40.31 -5.75 31.53
C PHE GA 101 -39.46 -6.99 31.34
N GLN GA 102 -39.11 -7.27 30.08
CA GLN GA 102 -38.00 -8.17 29.77
C GLN GA 102 -37.14 -7.54 28.68
N PRO GA 103 -35.83 -7.45 28.89
CA PRO GA 103 -34.95 -7.15 27.77
C PRO GA 103 -34.90 -8.32 26.81
N VAL GA 104 -34.82 -8.02 25.52
CA VAL GA 104 -34.92 -9.02 24.48
C VAL GA 104 -34.08 -8.56 23.31
N THR GA 105 -33.41 -9.50 22.67
CA THR GA 105 -32.66 -9.25 21.46
C THR GA 105 -33.15 -10.20 20.39
N VAL GA 106 -33.56 -9.65 19.28
CA VAL GA 106 -33.89 -10.39 18.09
C VAL GA 106 -32.94 -9.93 16.97
N GLN GA 107 -32.91 -10.69 15.89
CA GLN GA 107 -31.90 -10.48 14.88
C GLN GA 107 -32.52 -10.45 13.49
N MET GA 108 -32.27 -9.38 12.73
CA MET GA 108 -32.84 -9.22 11.40
C MET GA 108 -31.96 -9.91 10.37
N ALA GA 109 -32.58 -10.24 9.25
CA ALA GA 109 -31.83 -10.74 8.11
C ALA GA 109 -30.60 -9.85 7.88
N GLY GA 110 -29.48 -10.47 7.52
CA GLY GA 110 -28.24 -9.75 7.35
C GLY GA 110 -27.38 -9.65 8.61
N GLY GA 111 -28.01 -9.70 9.78
CA GLY GA 111 -27.30 -9.96 11.00
C GLY GA 111 -27.39 -8.84 11.99
N GLU GA 112 -28.23 -7.85 11.70
CA GLU GA 112 -28.39 -6.74 12.62
C GLU GA 112 -29.18 -7.20 13.84
N ARG GA 113 -28.62 -6.91 15.01
CA ARG GA 113 -29.25 -7.24 16.28
C ARG GA 113 -29.97 -6.02 16.79
N ILE GA 114 -31.15 -6.26 17.36
CA ILE GA 114 -32.07 -5.21 17.76
C ILE GA 114 -32.48 -5.49 19.19
N PRO GA 115 -31.90 -4.84 20.20
CA PRO GA 115 -32.44 -4.97 21.55
C PRO GA 115 -33.64 -4.10 21.78
N LEU GA 116 -34.50 -4.54 22.68
CA LEU GA 116 -35.69 -3.78 23.01
C LEU GA 116 -36.11 -4.13 24.43
N LEU GA 117 -36.75 -3.17 25.11
CA LEU GA 117 -37.28 -3.43 26.46
C LEU GA 117 -38.77 -3.69 26.27
N PHE GA 118 -39.08 -4.97 26.14
CA PHE GA 118 -40.44 -5.48 26.04
C PHE GA 118 -41.12 -5.21 27.38
N THR GA 119 -42.08 -4.28 27.39
CA THR GA 119 -42.59 -3.83 28.68
C THR GA 119 -44.03 -3.36 28.51
N VAL GA 120 -44.75 -3.38 29.63
CA VAL GA 120 -46.05 -2.74 29.77
C VAL GA 120 -46.05 -1.84 31.00
N LYS GA 121 -44.91 -1.28 31.35
CA LYS GA 121 -44.80 -0.52 32.59
C LYS GA 121 -45.81 0.63 32.62
N ASN GA 122 -46.54 0.74 33.75
CA ASN GA 122 -47.57 1.77 33.90
C ASN GA 122 -48.72 1.59 32.92
N LEU GA 123 -49.01 0.36 32.54
CA LEU GA 123 -50.08 0.16 31.57
C LEU GA 123 -51.42 0.72 32.08
N VAL GA 124 -52.21 1.19 31.12
CA VAL GA 124 -53.51 1.73 31.39
C VAL GA 124 -54.38 1.34 30.21
N ALA GA 125 -55.18 0.29 30.40
CA ALA GA 125 -55.95 -0.36 29.34
C ALA GA 125 -57.42 -0.33 29.68
N SER GA 126 -58.22 0.06 28.70
CA SER GA 126 -59.61 0.34 28.95
C SER GA 126 -60.45 -0.47 27.97
N THR GA 127 -61.68 -0.76 28.38
CA THR GA 127 -62.64 -1.39 27.49
C THR GA 127 -63.53 -0.32 26.85
N GLN GA 128 -64.35 -0.77 25.89
CA GLN GA 128 -65.40 0.07 25.38
C GLN GA 128 -66.43 0.31 26.48
N PRO GA 129 -67.25 1.37 26.35
CA PRO GA 129 -68.16 1.73 27.45
C PRO GA 129 -69.34 0.78 27.57
N ASN GA 130 -69.79 0.61 28.81
CA ASN GA 130 -71.05 -0.06 29.09
C ASN GA 130 -70.89 -1.57 29.03
N VAL GA 131 -69.81 -2.06 29.63
CA VAL GA 131 -69.48 -3.48 29.63
C VAL GA 131 -69.94 -4.01 30.98
N THR GA 132 -71.04 -4.78 30.94
CA THR GA 132 -71.68 -5.39 32.10
C THR GA 132 -71.12 -6.76 32.42
N SER GA 133 -70.34 -7.30 31.49
CA SER GA 133 -69.79 -8.64 31.61
C SER GA 133 -68.62 -8.75 30.65
N ILE GA 134 -67.62 -9.55 31.02
CA ILE GA 134 -66.45 -9.78 30.17
C ILE GA 134 -66.66 -11.08 29.39
N THR GA 135 -66.43 -11.00 28.08
CA THR GA 135 -66.82 -12.05 27.13
C THR GA 135 -65.73 -12.28 26.11
N THR GA 136 -65.95 -13.33 25.33
CA THR GA 136 -65.04 -13.70 24.27
C THR GA 136 -65.12 -12.77 23.06
N SER GA 137 -65.63 -11.55 23.23
CA SER GA 137 -65.42 -10.48 22.26
C SER GA 137 -64.96 -9.18 22.92
N THR GA 138 -64.55 -9.23 24.18
CA THR GA 138 -64.12 -8.04 24.90
C THR GA 138 -62.68 -7.70 24.56
N ASP GA 139 -62.40 -6.40 24.39
CA ASP GA 139 -61.08 -5.89 24.06
C ASP GA 139 -60.70 -4.81 25.04
N PHE GA 140 -59.42 -4.81 25.44
CA PHE GA 140 -58.82 -3.62 26.03
C PHE GA 140 -57.80 -3.01 25.09
N LYS GA 141 -57.69 -1.71 25.17
CA LYS GA 141 -56.63 -0.99 24.47
C LYS GA 141 -55.96 -0.08 25.48
N GLY GA 142 -54.64 0.07 25.37
CA GLY GA 142 -53.90 0.67 26.47
C GLY GA 142 -52.60 1.27 26.00
N GLU GA 143 -51.97 2.00 26.91
CA GLU GA 143 -50.67 2.57 26.66
C GLU GA 143 -49.80 2.37 27.90
N PHE GA 144 -48.49 2.33 27.67
CA PHE GA 144 -47.51 2.07 28.71
C PHE GA 144 -46.30 2.94 28.43
N ASN GA 145 -45.43 3.01 29.44
CA ASN GA 145 -44.14 3.64 29.29
C ASN GA 145 -43.09 2.63 28.89
N VAL GA 146 -42.15 3.09 28.07
CA VAL GA 146 -40.92 2.37 27.76
C VAL GA 146 -39.76 3.22 28.20
N PRO GA 147 -39.20 2.98 29.37
CA PRO GA 147 -37.97 3.70 29.72
C PRO GA 147 -36.80 3.26 28.84
N SER GA 148 -35.75 4.07 28.88
CA SER GA 148 -34.47 3.67 28.33
C SER GA 148 -34.17 2.22 28.68
N TYR GA 149 -33.52 1.55 27.73
CA TYR GA 149 -33.17 0.15 27.84
C TYR GA 149 -32.07 -0.03 28.87
N ARG GA 150 -31.03 0.76 28.79
CA ARG GA 150 -30.06 0.85 29.88
C ARG GA 150 -30.49 1.99 30.78
N THR GA 151 -30.19 1.86 32.05
CA THR GA 151 -30.55 2.92 32.98
C THR GA 151 -29.29 3.74 33.27
N ALA GA 152 -29.43 4.74 34.14
CA ALA GA 152 -28.49 5.86 34.20
C ALA GA 152 -27.06 5.44 34.54
N ASN GA 153 -26.87 4.35 35.31
CA ASN GA 153 -25.54 3.96 35.74
C ASN GA 153 -24.74 3.20 34.68
N PHE GA 154 -25.36 2.85 33.57
CA PHE GA 154 -24.73 1.94 32.61
C PHE GA 154 -23.59 2.63 31.89
N LEU GA 155 -22.40 2.04 31.94
CA LEU GA 155 -21.21 2.60 31.29
C LEU GA 155 -20.95 1.89 29.97
N ASP GA 156 -20.37 2.65 28.99
CA ASP GA 156 -20.13 2.12 27.65
C ASP GA 156 -18.71 1.58 27.62
N PRO GA 157 -18.24 1.03 26.50
CA PRO GA 157 -16.97 0.28 26.54
C PRO GA 157 -15.77 1.16 26.72
N LYS GA 158 -15.91 2.46 26.47
CA LYS GA 158 -14.86 3.41 26.77
C LYS GA 158 -15.06 4.12 28.11
N GLY GA 159 -15.96 3.61 28.94
CA GLY GA 159 -16.22 4.14 30.26
C GLY GA 159 -17.14 5.35 30.34
N ARG GA 160 -17.95 5.64 29.31
CA ARG GA 160 -18.78 6.85 29.34
C ARG GA 160 -20.19 6.51 29.79
N GLY GA 161 -20.82 7.44 30.54
CA GLY GA 161 -22.21 7.26 30.90
C GLY GA 161 -22.93 8.52 31.36
N LEU GA 162 -24.19 8.32 31.75
CA LEU GA 162 -25.06 9.39 32.23
C LEU GA 162 -24.83 9.70 33.72
N ALA GA 163 -25.31 8.85 34.61
CA ALA GA 163 -25.13 9.13 36.02
C ALA GA 163 -23.74 8.82 36.51
N SER GA 164 -22.87 8.31 35.64
CA SER GA 164 -21.53 7.94 36.02
C SER GA 164 -20.68 7.92 34.77
N GLY GA 165 -19.38 7.75 34.98
CA GLY GA 165 -18.50 7.52 33.86
C GLY GA 165 -17.81 8.77 33.31
N TYR GA 166 -16.82 8.50 32.46
CA TYR GA 166 -16.14 9.52 31.70
C TYR GA 166 -17.14 10.38 30.94
N ASP GA 167 -16.81 11.67 30.78
CA ASP GA 167 -17.67 12.59 30.05
C ASP GA 167 -17.04 13.00 28.72
N SER GA 168 -16.11 12.21 28.21
CA SER GA 168 -15.36 12.55 27.02
C SER GA 168 -14.71 11.29 26.49
N ALA GA 169 -14.06 11.41 25.33
CA ALA GA 169 -13.32 10.29 24.73
C ALA GA 169 -11.87 10.40 25.14
N ILE GA 170 -11.51 9.73 26.25
CA ILE GA 170 -10.20 9.94 26.82
C ILE GA 170 -9.06 9.27 26.03
N ALA GA 171 -9.35 8.29 25.16
CA ALA GA 171 -8.29 7.67 24.37
C ALA GA 171 -7.81 8.55 23.21
N LEU GA 172 -8.46 9.69 22.98
CA LEU GA 172 -8.13 10.62 21.91
C LEU GA 172 -8.00 11.99 22.55
N PRO GA 173 -6.90 12.22 23.29
CA PRO GA 173 -6.84 13.40 24.16
C PRO GA 173 -7.07 14.72 23.46
N GLN GA 174 -6.60 14.90 22.23
CA GLN GA 174 -6.70 16.20 21.58
C GLN GA 174 -7.52 16.14 20.29
N ALA GA 175 -8.46 15.20 20.19
CA ALA GA 175 -9.39 15.22 19.08
C ALA GA 175 -10.40 16.37 19.21
N LYS GA 176 -11.15 16.62 18.15
CA LYS GA 176 -12.19 17.62 18.19
C LYS GA 176 -13.45 16.99 18.75
N GLU GA 177 -13.81 17.38 19.97
CA GLU GA 177 -14.93 16.83 20.69
C GLU GA 177 -16.24 16.92 19.92
N GLU GA 178 -16.27 17.72 18.86
CA GLU GA 178 -17.53 18.16 18.28
C GLU GA 178 -18.25 17.02 17.59
N GLU GA 179 -17.54 16.22 16.79
CA GLU GA 179 -18.20 15.12 16.08
C GLU GA 179 -18.47 13.91 16.97
N LEU GA 180 -18.07 13.96 18.23
CA LEU GA 180 -18.20 12.87 19.17
C LEU GA 180 -19.33 13.08 20.18
N ALA GA 181 -20.06 14.19 20.09
CA ALA GA 181 -20.98 14.58 21.14
C ALA GA 181 -22.12 13.59 21.32
N ARG GA 182 -22.68 13.08 20.23
CA ARG GA 182 -23.80 12.15 20.35
C ARG GA 182 -23.40 10.88 21.10
N ALA GA 183 -22.15 10.46 21.00
CA ALA GA 183 -21.64 9.36 21.82
C ALA GA 183 -21.04 9.80 23.15
N ASN GA 184 -20.66 11.07 23.30
CA ASN GA 184 -20.12 11.47 24.58
C ASN GA 184 -21.25 11.78 25.55
N VAL GA 185 -22.39 12.19 25.03
CA VAL GA 185 -23.47 12.71 25.84
C VAL GA 185 -24.57 11.66 25.87
N LYS GA 186 -24.68 10.97 26.99
CA LYS GA 186 -25.72 9.98 27.16
C LYS GA 186 -27.05 10.66 27.44
N ARG GA 187 -28.07 10.24 26.71
CA ARG GA 187 -29.44 10.69 26.88
C ARG GA 187 -30.36 9.53 27.25
N PHE GA 188 -31.27 9.79 28.18
CA PHE GA 188 -32.16 8.79 28.74
C PHE GA 188 -33.57 9.02 28.20
N SER GA 189 -34.04 8.11 27.35
CA SER GA 189 -35.30 8.29 26.67
C SER GA 189 -36.45 7.61 27.43
N LEU GA 190 -37.64 8.14 27.25
CA LEU GA 190 -38.84 7.58 27.82
C LEU GA 190 -39.91 7.77 26.76
N THR GA 191 -40.42 6.69 26.21
CA THR GA 191 -41.43 6.81 25.18
C THR GA 191 -42.64 5.98 25.60
N LYS GA 192 -43.69 6.10 24.80
CA LYS GA 192 -44.96 5.44 25.04
C LYS GA 192 -45.13 4.29 24.06
N GLY GA 193 -45.85 3.25 24.50
CA GLY GA 193 -46.23 2.15 23.66
C GLY GA 193 -47.73 1.97 23.61
N GLN GA 194 -48.16 1.00 22.82
CA GLN GA 194 -49.59 0.74 22.64
C GLN GA 194 -49.83 -0.75 22.57
N ILE GA 195 -50.95 -1.19 23.12
CA ILE GA 195 -51.24 -2.61 23.27
C ILE GA 195 -52.75 -2.85 23.20
N SER GA 196 -53.16 -3.83 22.41
CA SER GA 196 -54.55 -4.27 22.38
C SER GA 196 -54.60 -5.71 22.87
N LEU GA 197 -55.55 -6.00 23.76
CA LEU GA 197 -55.75 -7.32 24.34
C LEU GA 197 -57.16 -7.79 24.02
N ASN GA 198 -57.23 -8.90 23.33
CA ASN GA 198 -58.47 -9.42 22.77
C ASN GA 198 -58.78 -10.67 23.57
N VAL GA 199 -59.79 -10.56 24.43
CA VAL GA 199 -60.19 -11.69 25.22
C VAL GA 199 -60.92 -12.67 24.32
N ALA GA 200 -60.50 -13.93 24.35
CA ALA GA 200 -61.10 -14.95 23.50
C ALA GA 200 -61.46 -16.22 24.23
N LYS GA 201 -61.03 -16.39 25.47
CA LYS GA 201 -61.46 -17.48 26.30
C LYS GA 201 -61.76 -16.95 27.69
N VAL GA 202 -62.96 -17.25 28.19
CA VAL GA 202 -63.41 -16.77 29.50
C VAL GA 202 -63.90 -17.97 30.28
N ASP GA 203 -63.66 -17.95 31.58
CA ASP GA 203 -64.12 -18.96 32.52
C ASP GA 203 -64.76 -18.22 33.68
N GLY GA 204 -66.06 -17.92 33.54
CA GLY GA 204 -66.77 -17.13 34.55
C GLY GA 204 -66.79 -17.76 35.94
N ARG GA 205 -66.60 -19.07 36.04
CA ARG GA 205 -66.61 -19.71 37.34
C ARG GA 205 -65.43 -19.27 38.16
N THR GA 206 -64.23 -19.34 37.57
CA THR GA 206 -62.98 -19.08 38.27
C THR GA 206 -62.52 -17.63 38.18
N GLY GA 207 -63.03 -16.87 37.21
CA GLY GA 207 -62.59 -15.51 36.98
C GLY GA 207 -61.35 -15.37 36.15
N GLU GA 208 -61.06 -16.34 35.29
CA GLU GA 208 -59.88 -16.36 34.45
C GLU GA 208 -60.23 -15.92 33.04
N ILE GA 209 -59.30 -15.21 32.37
CA ILE GA 209 -59.46 -14.95 30.94
C ILE GA 209 -58.16 -15.22 30.20
N ALA GA 210 -58.28 -15.27 28.86
CA ALA GA 210 -57.17 -15.64 28.00
C ALA GA 210 -57.49 -15.14 26.61
N GLY GA 211 -56.44 -14.72 25.90
CA GLY GA 211 -56.64 -14.15 24.58
C GLY GA 211 -55.33 -13.83 23.90
N THR GA 212 -55.41 -12.96 22.92
CA THR GA 212 -54.20 -12.52 22.26
C THR GA 212 -53.93 -11.08 22.60
N PHE GA 213 -52.70 -10.68 22.37
CA PHE GA 213 -52.32 -9.30 22.53
C PHE GA 213 -51.39 -8.96 21.39
N GLU GA 214 -51.36 -7.68 21.07
CA GLU GA 214 -50.38 -7.17 20.15
C GLU GA 214 -50.00 -5.76 20.59
N SER GA 215 -48.70 -5.52 20.69
CA SER GA 215 -48.18 -4.24 21.10
C SER GA 215 -47.19 -3.73 20.07
N GLU GA 216 -47.05 -2.41 20.09
CA GLU GA 216 -46.03 -1.66 19.34
C GLU GA 216 -45.32 -0.72 20.27
N GLN GA 217 -43.99 -0.71 20.18
CA GLN GA 217 -43.13 0.16 20.98
C GLN GA 217 -41.77 0.25 20.29
N LEU GA 218 -40.94 1.18 20.78
CA LEU GA 218 -39.62 1.45 20.21
C LEU GA 218 -38.55 0.53 20.78
N SER GA 219 -37.52 0.31 19.97
CA SER GA 219 -36.38 -0.47 20.43
C SER GA 219 -35.36 0.44 21.12
N ASP GA 220 -34.35 -0.19 21.71
CA ASP GA 220 -33.28 0.55 22.36
C ASP GA 220 -32.61 1.50 21.37
N ASP GA 221 -32.32 2.71 21.84
CA ASP GA 221 -31.54 3.68 21.07
C ASP GA 221 -30.13 3.87 21.65
N ASP GA 222 -29.77 3.16 22.74
CA ASP GA 222 -28.42 3.10 23.30
C ASP GA 222 -28.07 4.48 23.86
N MET GA 223 -28.85 4.88 24.86
CA MET GA 223 -28.74 6.19 25.51
C MET GA 223 -28.42 7.28 24.49
N GLY GA 224 -29.21 7.33 23.43
CA GLY GA 224 -29.14 8.46 22.52
C GLY GA 224 -28.21 8.29 21.34
N ALA GA 225 -27.47 7.19 21.29
CA ALA GA 225 -26.38 7.12 20.34
C ALA GA 225 -26.83 6.78 18.91
N HIS GA 226 -27.94 6.07 18.72
CA HIS GA 226 -28.47 5.85 17.38
C HIS GA 226 -29.98 5.95 17.43
N GLU GA 227 -30.62 5.84 16.28
CA GLU GA 227 -32.06 5.93 16.21
C GLU GA 227 -32.67 4.58 16.53
N PRO GA 228 -33.79 4.55 17.24
CA PRO GA 228 -34.50 3.29 17.47
C PRO GA 228 -35.26 2.81 16.24
N HIS GA 229 -35.70 1.56 16.35
CA HIS GA 229 -36.57 0.92 15.39
C HIS GA 229 -37.96 0.83 15.99
N GLU GA 230 -38.95 0.81 15.12
CA GLU GA 230 -40.29 0.44 15.54
C GLU GA 230 -40.38 -1.07 15.64
N VAL GA 231 -41.07 -1.54 16.65
CA VAL GA 231 -41.17 -2.95 16.90
C VAL GA 231 -42.64 -3.25 17.17
N LYS GA 232 -43.07 -4.42 16.72
CA LYS GA 232 -44.43 -4.88 16.92
C LYS GA 232 -44.33 -6.25 17.54
N ILE GA 233 -45.06 -6.46 18.64
CA ILE GA 233 -44.95 -7.69 19.40
C ILE GA 233 -46.32 -8.32 19.49
N GLN GA 234 -46.39 -9.60 19.17
CA GLN GA 234 -47.63 -10.34 19.28
C GLN GA 234 -47.39 -11.56 20.15
N GLY GA 235 -48.47 -11.99 20.79
CA GLY GA 235 -48.38 -13.07 21.73
C GLY GA 235 -49.73 -13.33 22.33
N VAL GA 236 -49.72 -14.10 23.41
CA VAL GA 236 -50.92 -14.48 24.09
C VAL GA 236 -50.81 -13.98 25.53
N PHE GA 237 -51.95 -13.92 26.20
CA PHE GA 237 -52.01 -13.42 27.56
C PHE GA 237 -53.01 -14.24 28.33
N TYR GA 238 -52.85 -14.21 29.65
CA TYR GA 238 -53.71 -14.90 30.61
C TYR GA 238 -53.93 -13.97 31.81
N ALA GA 239 -55.15 -13.95 32.35
CA ALA GA 239 -55.42 -13.09 33.49
C ALA GA 239 -56.28 -13.80 34.50
N SER GA 240 -56.16 -13.38 35.76
CA SER GA 240 -57.05 -13.81 36.81
C SER GA 240 -57.62 -12.57 37.49
N ILE GA 241 -58.94 -12.48 37.57
CA ILE GA 241 -59.64 -11.35 38.16
C ILE GA 241 -60.20 -11.81 39.50
N GLU GA 242 -59.97 -11.03 40.53
CA GLU GA 242 -60.58 -11.33 41.80
C GLU GA 242 -61.40 -10.13 42.26
N PRO GA 243 -62.49 -10.36 42.96
CA PRO GA 243 -63.14 -9.27 43.71
C PRO GA 243 -62.17 -8.65 44.71
N ALA GA 244 -62.13 -7.32 44.71
CA ALA GA 244 -61.11 -6.61 45.47
C ALA GA 244 -61.49 -6.50 46.92
N GLU HA 2 -7.17 -5.74 5.87
CA GLU HA 2 -6.30 -6.14 6.96
C GLU HA 2 -6.65 -7.57 7.35
N THR HA 3 -7.95 -7.89 7.44
CA THR HA 3 -8.36 -9.27 7.71
C THR HA 3 -7.75 -10.24 6.70
N ILE HA 4 -7.81 -9.87 5.42
CA ILE HA 4 -7.26 -10.71 4.36
C ILE HA 4 -5.78 -10.99 4.59
N THR HA 5 -5.04 -9.99 5.07
CA THR HA 5 -3.60 -10.13 5.29
C THR HA 5 -3.32 -11.08 6.46
N TYR HA 6 -4.06 -10.92 7.55
CA TYR HA 6 -3.88 -11.81 8.69
C TYR HA 6 -4.17 -13.26 8.30
N VAL HA 7 -5.23 -13.48 7.52
CA VAL HA 7 -5.63 -14.85 7.17
C VAL HA 7 -4.67 -15.46 6.15
N PHE HA 8 -4.18 -14.64 5.22
CA PHE HA 8 -3.24 -15.14 4.23
C PHE HA 8 -1.95 -15.64 4.89
N ILE HA 9 -1.43 -14.90 5.86
CA ILE HA 9 -0.20 -15.31 6.52
C ILE HA 9 -0.43 -16.57 7.32
N PHE HA 10 -1.56 -16.61 8.06
CA PHE HA 10 -1.95 -17.82 8.75
C PHE HA 10 -2.01 -19.00 7.81
N ALA HA 11 -2.59 -18.81 6.61
CA ALA HA 11 -2.74 -19.90 5.64
C ALA HA 11 -1.37 -20.39 5.15
N CYS HA 12 -0.45 -19.46 4.92
CA CYS HA 12 0.89 -19.84 4.48
C CYS HA 12 1.59 -20.72 5.52
N ILE HA 13 1.42 -20.40 6.81
CA ILE HA 13 2.05 -21.15 7.88
C ILE HA 13 1.52 -22.59 7.91
N ILE HA 14 0.21 -22.77 7.72
CA ILE HA 14 -0.34 -24.11 7.65
C ILE HA 14 0.28 -24.89 6.49
N ALA HA 15 0.36 -24.25 5.32
CA ALA HA 15 1.09 -24.85 4.20
C ALA HA 15 2.51 -25.22 4.58
N LEU HA 16 3.20 -24.39 5.37
CA LEU HA 16 4.59 -24.71 5.71
C LEU HA 16 4.67 -25.92 6.65
N PHE HA 17 3.79 -25.98 7.65
CA PHE HA 17 3.63 -27.21 8.40
C PHE HA 17 3.59 -28.43 7.47
N PHE HA 18 2.67 -28.42 6.49
CA PHE HA 18 2.50 -29.59 5.65
C PHE HA 18 3.81 -30.02 5.01
N PHE HA 19 4.55 -29.07 4.42
CA PHE HA 19 5.79 -29.45 3.72
C PHE HA 19 6.87 -29.83 4.71
N ALA HA 20 6.89 -29.21 5.88
CA ALA HA 20 8.00 -29.47 6.77
C ALA HA 20 7.91 -30.87 7.30
N ILE HA 21 6.68 -31.37 7.50
CA ILE HA 21 6.43 -32.75 7.95
C ILE HA 21 6.62 -33.70 6.78
N PHE HA 22 5.79 -33.56 5.76
CA PHE HA 22 5.75 -34.57 4.73
C PHE HA 22 6.88 -34.46 3.71
N PHE HA 23 7.50 -33.30 3.55
CA PHE HA 23 8.60 -33.12 2.62
C PHE HA 23 9.86 -32.66 3.34
N ARG HA 24 10.11 -33.26 4.51
CA ARG HA 24 11.33 -32.94 5.24
C ARG HA 24 12.53 -33.61 4.58
N GLU HA 25 13.70 -33.04 4.80
CA GLU HA 25 14.90 -33.86 4.66
C GLU HA 25 14.71 -35.15 5.44
N PRO HA 26 14.73 -36.30 4.80
CA PRO HA 26 14.58 -37.56 5.52
C PRO HA 26 15.86 -37.86 6.29
N PRO HA 27 15.77 -38.06 7.59
CA PRO HA 27 17.00 -38.31 8.35
C PRO HA 27 17.48 -39.72 8.08
N ARG HA 28 18.80 -39.88 8.02
CA ARG HA 28 19.39 -41.17 7.69
C ARG HA 28 20.57 -41.44 8.62
N ILE HA 29 21.10 -42.66 8.58
CA ILE HA 29 21.97 -43.15 9.65
C ILE HA 29 23.37 -43.56 9.18
N THR HA 30 24.28 -42.59 9.05
CA THR HA 30 25.66 -42.88 8.65
C THR HA 30 26.40 -43.73 9.69
N GLU IA 1 -27.16 21.48 22.02
CA GLU IA 1 -28.50 20.85 21.97
C GLU IA 1 -28.57 19.58 22.83
N LEU IA 2 -27.39 19.06 23.20
CA LEU IA 2 -27.20 17.75 23.85
C LEU IA 2 -26.52 17.94 25.19
N VAL IA 3 -27.25 17.74 26.28
CA VAL IA 3 -26.67 17.94 27.60
C VAL IA 3 -26.91 16.73 28.50
N ASN IA 4 -25.95 16.50 29.39
CA ASN IA 4 -26.08 15.55 30.48
C ASN IA 4 -27.04 16.11 31.53
N VAL IA 5 -28.22 15.48 31.65
CA VAL IA 5 -29.29 16.00 32.51
C VAL IA 5 -28.93 15.86 33.98
N VAL IA 6 -28.06 14.93 34.33
CA VAL IA 6 -27.69 14.74 35.73
C VAL IA 6 -26.72 15.82 36.15
N ASP IA 7 -25.83 16.17 35.24
CA ASP IA 7 -24.88 17.24 35.50
C ASP IA 7 -25.58 18.58 35.64
N GLU IA 8 -26.60 18.83 34.79
CA GLU IA 8 -27.42 20.02 34.94
C GLU IA 8 -28.08 20.06 36.29
N LYS IA 9 -28.45 18.90 36.83
CA LYS IA 9 -29.18 18.87 38.07
C LYS IA 9 -28.32 19.29 39.23
N LEU IA 10 -27.01 19.16 39.11
CA LEU IA 10 -26.14 19.49 40.23
C LEU IA 10 -25.96 20.99 40.35
N GLY IA 11 -26.37 21.74 39.34
CA GLY IA 11 -26.38 23.19 39.43
C GLY IA 11 -27.67 23.73 39.96
N THR IA 12 -28.67 22.86 40.16
CA THR IA 12 -29.92 23.22 40.79
C THR IA 12 -29.83 22.93 42.29
N ALA IA 13 -30.97 23.08 42.99
CA ALA IA 13 -31.00 22.87 44.43
C ALA IA 13 -30.76 21.42 44.82
N TYR IA 14 -30.96 20.47 43.89
CA TYR IA 14 -30.56 19.09 44.10
C TYR IA 14 -29.10 19.01 44.51
N GLY IA 15 -28.27 19.92 44.01
CA GLY IA 15 -26.85 19.90 44.29
C GLY IA 15 -26.49 20.42 45.66
N GLU IA 16 -27.41 21.10 46.34
CA GLU IA 16 -27.18 21.60 47.70
C GLU IA 16 -28.04 20.90 48.76
N LYS IA 17 -29.23 20.44 48.42
CA LYS IA 17 -30.19 19.96 49.41
C LYS IA 17 -30.76 18.61 49.02
N ILE IA 18 -31.50 18.01 49.96
CA ILE IA 18 -32.19 16.76 49.70
C ILE IA 18 -33.40 17.07 48.83
N ASP IA 19 -33.41 16.55 47.62
CA ASP IA 19 -34.48 16.82 46.68
C ASP IA 19 -35.54 15.75 46.90
N LEU IA 20 -36.68 16.14 47.46
CA LEU IA 20 -37.68 15.18 47.89
C LEU IA 20 -38.28 14.42 46.71
N ASN IA 21 -38.15 14.94 45.52
CA ASN IA 21 -38.65 14.31 44.33
C ASN IA 21 -37.60 13.48 43.58
N ASN IA 22 -36.34 13.48 44.00
CA ASN IA 22 -35.30 12.89 43.15
C ASN IA 22 -34.24 12.15 43.94
N THR IA 23 -33.82 12.69 45.08
CA THR IA 23 -32.64 12.22 45.77
C THR IA 23 -32.85 10.79 46.23
N ASN IA 24 -31.77 10.00 46.21
CA ASN IA 24 -31.78 8.64 46.70
C ASN IA 24 -32.04 8.64 48.20
N ILE IA 25 -32.72 7.58 48.66
CA ILE IA 25 -33.20 7.48 50.03
C ILE IA 25 -32.10 7.40 51.06
N ALA IA 26 -30.88 7.11 50.65
CA ALA IA 26 -29.78 7.06 51.60
C ALA IA 26 -29.34 8.45 52.09
N ALA IA 27 -29.72 9.53 51.40
CA ALA IA 27 -29.32 10.87 51.80
C ALA IA 27 -30.03 11.32 53.06
N PHE IA 28 -31.15 10.68 53.42
CA PHE IA 28 -31.90 11.04 54.63
C PHE IA 28 -31.19 10.59 55.90
N ILE IA 29 -30.18 9.75 55.79
CA ILE IA 29 -29.35 9.43 56.93
C ILE IA 29 -28.63 10.64 57.46
N GLN IA 30 -28.46 11.68 56.64
CA GLN IA 30 -27.67 12.84 57.01
C GLN IA 30 -28.23 13.58 58.19
N TYR IA 31 -29.50 13.39 58.49
CA TYR IA 31 -30.16 14.20 59.50
C TYR IA 31 -30.92 13.31 60.47
N ARG IA 32 -31.07 13.80 61.68
CA ARG IA 32 -31.56 12.97 62.75
C ARG IA 32 -33.05 12.67 62.59
N GLY IA 33 -33.38 11.40 62.80
CA GLY IA 33 -34.76 10.94 62.86
C GLY IA 33 -35.51 10.73 61.54
N LEU IA 34 -34.89 11.00 60.37
CA LEU IA 34 -35.61 10.82 59.12
C LEU IA 34 -35.54 9.39 58.62
N TYR IA 35 -34.53 8.63 59.03
CA TYR IA 35 -34.22 7.38 58.39
C TYR IA 35 -34.40 6.21 59.35
N PRO IA 36 -35.16 5.18 58.98
CA PRO IA 36 -35.69 4.90 57.64
C PRO IA 36 -37.17 5.23 57.50
N THR IA 37 -37.85 5.35 58.65
CA THR IA 37 -39.31 5.39 58.69
C THR IA 37 -39.91 6.48 57.79
N LEU IA 38 -39.50 7.74 57.99
CA LEU IA 38 -40.04 8.84 57.20
C LEU IA 38 -39.45 8.91 55.80
N ALA IA 39 -38.20 8.47 55.61
CA ALA IA 39 -37.63 8.39 54.28
C ALA IA 39 -38.51 7.60 53.34
N LYS IA 40 -38.91 6.39 53.78
CA LYS IA 40 -39.88 5.57 53.06
C LYS IA 40 -41.15 6.35 52.76
N LEU IA 41 -41.66 7.12 53.72
CA LEU IA 41 -42.92 7.82 53.51
C LEU IA 41 -42.74 8.95 52.54
N ILE IA 42 -41.68 9.75 52.74
CA ILE IA 42 -41.37 10.83 51.82
C ILE IA 42 -41.32 10.29 50.39
N VAL IA 43 -40.55 9.22 50.20
CA VAL IA 43 -40.29 8.73 48.86
C VAL IA 43 -41.53 8.07 48.26
N LYS IA 44 -42.22 7.24 49.05
CA LYS IA 44 -43.40 6.53 48.57
C LYS IA 44 -44.46 7.50 48.11
N ASN IA 45 -44.56 8.65 48.76
CA ASN IA 45 -45.51 9.66 48.34
C ASN IA 45 -44.86 10.73 47.48
N ALA IA 46 -43.54 10.62 47.23
CA ALA IA 46 -42.63 11.59 46.62
C ALA IA 46 -43.33 12.72 45.89
N PRO IA 47 -43.67 12.58 44.61
CA PRO IA 47 -43.85 13.81 43.79
C PRO IA 47 -44.69 14.86 44.54
N TYR IA 48 -44.01 15.94 44.99
CA TYR IA 48 -44.59 17.10 45.69
C TYR IA 48 -44.35 18.41 44.92
N GLU IA 49 -45.30 19.36 45.05
CA GLU IA 49 -45.17 20.66 44.41
C GLU IA 49 -44.28 21.61 45.21
N SER IA 50 -44.42 21.59 46.52
CA SER IA 50 -43.67 22.48 47.39
C SER IA 50 -43.19 21.65 48.56
N VAL IA 51 -42.05 22.04 49.13
CA VAL IA 51 -41.44 21.22 50.16
C VAL IA 51 -42.39 20.99 51.33
N GLU IA 52 -43.39 21.83 51.51
CA GLU IA 52 -44.18 21.81 52.73
C GLU IA 52 -45.39 20.91 52.60
N ASP IA 53 -45.75 20.54 51.37
CA ASP IA 53 -46.74 19.50 51.14
C ASP IA 53 -46.38 18.23 51.87
N VAL IA 54 -45.12 18.07 52.26
CA VAL IA 54 -44.70 16.89 52.97
C VAL IA 54 -45.26 16.81 54.39
N LEU IA 55 -45.80 17.89 54.94
CA LEU IA 55 -46.40 17.79 56.27
C LEU IA 55 -47.78 17.21 56.18
N ASN IA 56 -48.35 17.21 54.99
CA ASN IA 56 -49.68 16.70 54.73
C ASN IA 56 -49.69 15.21 54.41
N ILE IA 57 -48.61 14.49 54.67
CA ILE IA 57 -48.61 13.06 54.34
C ILE IA 57 -49.51 12.32 55.31
N PRO IA 58 -50.39 11.42 54.84
CA PRO IA 58 -51.39 10.84 55.73
C PRO IA 58 -50.75 9.92 56.75
N GLY IA 59 -51.17 10.06 57.99
CA GLY IA 59 -50.66 9.25 59.07
C GLY IA 59 -49.56 9.88 59.93
N LEU IA 60 -48.89 10.95 59.50
CA LEU IA 60 -47.84 11.50 60.33
C LEU IA 60 -48.29 11.59 61.78
N THR IA 61 -47.49 11.06 62.69
CA THR IA 61 -47.63 11.45 64.08
C THR IA 61 -47.24 12.91 64.28
N GLU IA 62 -47.56 13.42 65.46
CA GLU IA 62 -47.27 14.81 65.77
C GLU IA 62 -45.78 15.01 66.01
N ARG IA 63 -45.06 13.97 66.44
CA ARG IA 63 -43.61 14.08 66.50
C ARG IA 63 -43.02 14.05 65.10
N GLN IA 64 -43.64 13.27 64.20
CA GLN IA 64 -43.19 13.23 62.83
C GLN IA 64 -43.34 14.59 62.15
N LYS IA 65 -44.50 15.24 62.31
CA LYS IA 65 -44.69 16.54 61.67
C LYS IA 65 -43.69 17.54 62.22
N GLN IA 66 -43.22 17.33 63.44
CA GLN IA 66 -42.32 18.29 64.05
C GLN IA 66 -40.89 18.07 63.60
N ILE IA 67 -40.45 16.81 63.54
CA ILE IA 67 -39.17 16.47 62.91
C ILE IA 67 -39.09 17.02 61.49
N LEU IA 68 -40.11 16.80 60.68
CA LEU IA 68 -40.07 17.33 59.32
C LEU IA 68 -39.89 18.85 59.37
N ARG IA 69 -40.68 19.54 60.21
CA ARG IA 69 -40.54 20.99 60.31
C ARG IA 69 -39.11 21.39 60.63
N GLU IA 70 -38.48 20.70 61.59
CA GLU IA 70 -37.07 20.94 61.90
C GLU IA 70 -36.15 20.76 60.68
N ASN IA 71 -36.55 19.91 59.72
CA ASN IA 71 -35.68 19.58 58.59
C ASN IA 71 -36.25 20.04 57.26
N LEU IA 72 -37.25 20.93 57.27
CA LEU IA 72 -37.67 21.59 56.03
C LEU IA 72 -36.57 22.44 55.41
N GLU IA 73 -35.70 23.04 56.22
CA GLU IA 73 -34.64 23.86 55.64
C GLU IA 73 -33.61 23.04 54.85
N HIS IA 74 -33.54 21.72 55.06
CA HIS IA 74 -32.63 20.82 54.38
C HIS IA 74 -33.25 20.16 53.15
N PHE IA 75 -34.52 20.44 52.86
CA PHE IA 75 -35.21 19.87 51.72
C PHE IA 75 -35.30 20.90 50.61
N THR IA 76 -35.43 20.40 49.40
CA THR IA 76 -35.90 21.20 48.30
C THR IA 76 -36.71 20.28 47.42
N VAL IA 77 -37.36 20.83 46.40
CA VAL IA 77 -37.99 20.02 45.37
C VAL IA 77 -37.66 20.66 44.06
N THR IA 78 -37.38 19.82 43.06
CA THR IA 78 -37.27 20.22 41.68
C THR IA 78 -38.06 19.25 40.85
N GLU IA 79 -38.09 19.52 39.56
CA GLU IA 79 -38.79 18.64 38.66
C GLU IA 79 -38.24 17.23 38.78
N VAL IA 80 -39.13 16.24 38.67
CA VAL IA 80 -38.67 14.86 38.62
C VAL IA 80 -37.83 14.65 37.37
N GLU IA 81 -36.62 14.13 37.57
CA GLU IA 81 -35.74 13.74 36.49
C GLU IA 81 -35.91 12.25 36.23
N THR IA 82 -36.35 11.90 35.01
CA THR IA 82 -36.65 10.50 34.71
C THR IA 82 -35.46 9.57 34.96
N ALA IA 83 -34.28 9.95 34.46
CA ALA IA 83 -33.06 9.20 34.71
C ALA IA 83 -32.72 9.06 36.19
N LEU IA 84 -33.29 9.87 37.08
CA LEU IA 84 -32.86 9.73 38.46
C LEU IA 84 -33.77 8.84 39.27
N VAL IA 85 -34.98 8.57 38.79
CA VAL IA 85 -36.00 7.91 39.60
C VAL IA 85 -36.42 6.57 39.02
N GLU IA 86 -36.20 6.33 37.74
CA GLU IA 86 -36.44 5.05 37.12
C GLU IA 86 -35.50 4.00 37.69
N GLY IA 87 -35.79 2.74 37.32
CA GLY IA 87 -35.01 1.60 37.77
C GLY IA 87 -35.06 1.39 39.25
N GLY IA 88 -36.06 1.93 39.94
CA GLY IA 88 -36.01 1.96 41.39
C GLY IA 88 -34.75 2.60 41.93
N ASP IA 89 -34.12 3.47 41.15
CA ASP IA 89 -32.84 4.05 41.56
C ASP IA 89 -32.96 4.90 42.82
N ARG IA 90 -34.13 5.44 43.13
CA ARG IA 90 -34.26 6.15 44.38
C ARG IA 90 -34.09 5.22 45.57
N TYR IA 91 -34.40 3.94 45.42
CA TYR IA 91 -34.19 3.01 46.52
C TYR IA 91 -32.79 2.43 46.55
N ASN IA 92 -32.15 2.27 45.39
CA ASN IA 92 -30.80 1.73 45.31
C ASN IA 92 -30.19 2.28 44.04
N ASN IA 93 -29.21 3.18 44.17
CA ASN IA 93 -28.59 3.87 43.05
C ASN IA 93 -27.24 3.25 42.66
N GLY IA 94 -26.97 2.03 43.11
CA GLY IA 94 -25.75 1.36 42.80
C GLY IA 94 -24.57 1.80 43.63
N LEU IA 95 -24.76 2.71 44.57
CA LEU IA 95 -23.66 3.18 45.41
C LEU IA 95 -23.71 2.48 46.76
N TYR IA 96 -22.57 1.92 47.16
CA TYR IA 96 -22.47 1.29 48.46
C TYR IA 96 -21.36 2.05 49.20
N LYS IA 97 -20.28 1.40 49.58
CA LYS IA 97 -19.15 2.11 50.15
C LYS IA 97 -18.02 2.22 49.11
N ALA JA 1 3.98 8.56 67.66
CA ALA JA 1 2.63 8.54 68.27
C ALA JA 1 2.50 7.29 69.14
N GLU JA 2 1.57 7.29 70.10
CA GLU JA 2 1.32 6.11 70.91
C GLU JA 2 -0.10 6.16 71.45
N LEU JA 3 -0.49 5.05 72.08
CA LEU JA 3 -1.84 4.86 72.60
C LEU JA 3 -1.90 5.50 73.99
N THR JA 4 -2.63 6.61 74.09
CA THR JA 4 -2.58 7.37 75.33
C THR JA 4 -3.94 7.49 75.99
N PRO JA 5 -3.98 8.01 77.20
CA PRO JA 5 -5.24 8.13 77.91
C PRO JA 5 -6.16 9.17 77.34
N GLU JA 6 -5.61 10.20 76.71
CA GLU JA 6 -6.44 11.18 76.02
C GLU JA 6 -7.10 10.57 74.79
N VAL JA 7 -6.40 9.62 74.15
CA VAL JA 7 -6.96 8.81 73.07
C VAL JA 7 -8.07 7.92 73.58
N LEU JA 8 -7.78 7.25 74.68
CA LEU JA 8 -8.62 6.27 75.33
C LEU JA 8 -9.74 6.88 76.16
N THR JA 9 -9.90 8.18 76.14
CA THR JA 9 -10.99 8.85 76.84
C THR JA 9 -12.13 9.11 75.86
N VAL JA 10 -13.25 8.43 76.04
CA VAL JA 10 -14.41 8.55 75.14
C VAL JA 10 -15.63 8.92 75.97
N PRO JA 11 -16.62 9.56 75.35
CA PRO JA 11 -17.87 9.88 76.05
C PRO JA 11 -18.51 8.66 76.68
N LEU JA 12 -18.78 8.77 77.98
CA LEU JA 12 -19.49 7.72 78.72
C LEU JA 12 -20.99 7.80 78.53
N ASN JA 13 -21.56 8.98 78.73
CA ASN JA 13 -22.95 9.24 78.47
C ASN JA 13 -23.08 10.54 77.70
N SER JA 14 -24.32 10.89 77.37
CA SER JA 14 -24.53 12.13 76.64
C SER JA 14 -24.48 13.36 77.54
N GLU JA 15 -24.44 13.17 78.86
CA GLU JA 15 -24.22 14.28 79.80
C GLU JA 15 -22.81 14.80 79.75
N GLY JA 16 -22.02 14.32 78.80
CA GLY JA 16 -20.65 14.77 78.66
C GLY JA 16 -19.69 14.20 79.68
N LYS JA 17 -20.17 13.38 80.61
CA LYS JA 17 -19.22 12.61 81.41
C LYS JA 17 -18.36 11.80 80.46
N THR JA 18 -17.16 11.51 80.90
CA THR JA 18 -16.23 10.75 80.10
C THR JA 18 -15.69 9.64 80.96
N ILE JA 19 -14.96 8.75 80.34
CA ILE JA 19 -14.32 7.67 81.05
C ILE JA 19 -13.04 7.42 80.30
N THR JA 20 -12.02 6.99 81.02
CA THR JA 20 -10.76 6.68 80.37
C THR JA 20 -10.48 5.21 80.52
N LEU JA 21 -9.84 4.67 79.50
CA LEU JA 21 -9.70 3.25 79.28
C LEU JA 21 -8.24 2.86 79.39
N THR JA 22 -8.01 1.57 79.51
CA THR JA 22 -6.66 0.99 79.57
C THR JA 22 -6.22 0.53 78.19
N GLU JA 23 -4.92 0.29 78.05
CA GLU JA 23 -4.46 -0.51 76.92
C GLU JA 23 -5.24 -1.82 76.91
N LYS JA 24 -5.32 -2.47 78.07
CA LYS JA 24 -5.94 -3.79 78.18
C LYS JA 24 -7.39 -3.79 77.68
N GLN JA 25 -8.16 -2.76 78.02
CA GLN JA 25 -9.57 -2.77 77.64
C GLN JA 25 -9.78 -2.48 76.16
N TYR JA 26 -8.99 -1.56 75.58
CA TYR JA 26 -9.09 -1.32 74.15
C TYR JA 26 -8.73 -2.58 73.37
N LEU JA 27 -7.60 -3.19 73.70
CA LEU JA 27 -7.26 -4.46 73.08
C LEU JA 27 -8.26 -5.53 73.42
N GLU JA 28 -8.82 -5.49 74.63
CA GLU JA 28 -9.82 -6.48 74.99
C GLU JA 28 -11.05 -6.35 74.08
N GLY JA 29 -11.49 -5.12 73.88
CA GLY JA 29 -12.61 -4.82 73.02
C GLY JA 29 -12.31 -4.90 71.54
N LYS JA 30 -11.04 -4.94 71.13
CA LYS JA 30 -10.72 -5.28 69.74
C LYS JA 30 -10.98 -6.76 69.51
N ARG JA 31 -10.42 -7.61 70.37
CA ARG JA 31 -10.65 -9.06 70.30
C ARG JA 31 -12.14 -9.40 70.28
N LEU JA 32 -12.94 -8.77 71.15
CA LEU JA 32 -14.33 -9.16 71.22
C LEU JA 32 -15.09 -8.67 69.99
N PHE JA 33 -14.70 -7.50 69.48
CA PHE JA 33 -15.33 -6.99 68.26
C PHE JA 33 -15.05 -7.91 67.10
N GLN JA 34 -13.81 -8.40 67.00
CA GLN JA 34 -13.43 -9.37 65.97
C GLN JA 34 -14.27 -10.62 66.12
N TYR JA 35 -14.28 -11.16 67.34
CA TYR JA 35 -15.06 -12.36 67.64
C TYR JA 35 -16.53 -12.18 67.27
N ALA JA 36 -17.16 -11.11 67.75
CA ALA JA 36 -18.61 -11.06 67.65
C ALA JA 36 -19.13 -10.21 66.50
N CYS JA 37 -18.43 -9.18 66.04
CA CYS JA 37 -19.08 -8.21 65.18
C CYS JA 37 -18.49 -8.06 63.79
N ALA JA 38 -17.20 -8.34 63.59
CA ALA JA 38 -16.52 -7.82 62.41
C ALA JA 38 -16.90 -8.60 61.15
N SER JA 39 -17.43 -9.82 61.31
CA SER JA 39 -18.02 -10.59 60.22
C SER JA 39 -18.93 -9.66 59.40
N CYS JA 40 -19.55 -8.68 60.05
CA CYS JA 40 -20.35 -7.68 59.33
C CYS JA 40 -19.77 -6.28 59.35
N HIS JA 41 -19.00 -5.90 60.38
CA HIS JA 41 -18.62 -4.50 60.60
C HIS JA 41 -17.12 -4.22 60.42
N VAL JA 42 -16.39 -5.13 59.76
CA VAL JA 42 -14.97 -4.93 59.53
C VAL JA 42 -14.66 -3.50 59.10
N GLY JA 43 -13.71 -2.86 59.81
CA GLY JA 43 -13.24 -1.52 59.51
C GLY JA 43 -14.24 -0.39 59.68
N GLY JA 44 -15.39 -0.63 60.32
CA GLY JA 44 -16.37 0.41 60.52
C GLY JA 44 -17.49 0.46 59.51
N ILE JA 45 -17.54 -0.43 58.54
CA ILE JA 45 -18.69 -0.43 57.65
C ILE JA 45 -19.73 -1.45 58.13
N THR JA 46 -20.83 -1.56 57.42
CA THR JA 46 -21.80 -2.64 57.62
C THR JA 46 -22.01 -3.32 56.27
N LYS JA 47 -21.59 -4.58 56.16
CA LYS JA 47 -21.62 -5.27 54.87
C LYS JA 47 -23.05 -5.49 54.40
N THR JA 48 -23.95 -5.82 55.34
CA THR JA 48 -25.32 -6.18 55.02
C THR JA 48 -26.22 -4.98 54.88
N ASN JA 49 -25.72 -3.79 55.20
CA ASN JA 49 -26.42 -2.54 54.90
C ASN JA 49 -25.39 -1.43 54.89
N PRO JA 50 -24.64 -1.28 53.77
CA PRO JA 50 -23.51 -0.32 53.75
C PRO JA 50 -23.90 1.12 54.01
N SER JA 51 -25.18 1.45 53.97
CA SER JA 51 -25.64 2.80 54.26
C SER JA 51 -25.45 3.21 55.72
N LEU JA 52 -25.20 2.27 56.63
CA LEU JA 52 -24.98 2.58 58.04
C LEU JA 52 -23.60 2.09 58.45
N ASP JA 53 -22.78 2.99 58.95
CA ASP JA 53 -21.47 2.65 59.45
C ASP JA 53 -21.38 3.01 60.91
N LEU JA 54 -20.20 2.76 61.49
CA LEU JA 54 -19.91 3.05 62.88
C LEU JA 54 -19.05 4.30 63.04
N ARG JA 55 -18.98 5.17 62.04
CA ARG JA 55 -18.33 6.46 62.27
C ARG JA 55 -19.00 7.16 63.45
N THR JA 56 -18.19 7.76 64.32
CA THR JA 56 -18.77 8.38 65.51
C THR JA 56 -19.77 9.46 65.12
N GLU JA 57 -19.59 10.09 63.97
CA GLU JA 57 -20.55 11.07 63.49
C GLU JA 57 -21.87 10.42 63.13
N THR JA 58 -21.85 9.27 62.45
CA THR JA 58 -23.11 8.55 62.23
C THR JA 58 -23.72 8.13 63.55
N LEU JA 59 -22.92 7.56 64.45
CA LEU JA 59 -23.46 7.18 65.75
C LEU JA 59 -24.05 8.37 66.48
N ALA JA 60 -23.53 9.56 66.25
CA ALA JA 60 -24.04 10.74 66.91
C ALA JA 60 -25.49 11.03 66.51
N LEU JA 61 -25.80 10.92 65.21
CA LEU JA 61 -27.12 11.33 64.71
C LEU JA 61 -28.16 10.21 64.79
N ALA JA 62 -27.82 9.12 65.47
CA ALA JA 62 -28.81 8.08 65.73
C ALA JA 62 -29.79 8.52 66.83
N THR JA 63 -31.02 8.10 66.69
CA THR JA 63 -31.99 8.19 67.76
C THR JA 63 -32.14 6.83 68.45
N PRO JA 64 -31.90 6.72 69.75
CA PRO JA 64 -31.11 7.59 70.62
C PRO JA 64 -29.68 7.67 70.10
N PRO JA 65 -28.89 8.63 70.57
CA PRO JA 65 -27.49 8.74 70.10
C PRO JA 65 -26.61 7.65 70.68
N ARG JA 66 -25.58 7.33 69.92
CA ARG JA 66 -24.80 6.13 70.18
C ARG JA 66 -23.32 6.42 70.14
N ASP JA 67 -22.94 7.69 70.04
CA ASP JA 67 -21.56 8.12 70.09
C ASP JA 67 -21.05 8.19 71.52
N ASN JA 68 -21.61 7.40 72.42
CA ASN JA 68 -21.09 7.25 73.77
C ASN JA 68 -21.20 5.78 74.13
N ILE JA 69 -20.68 5.41 75.29
CA ILE JA 69 -20.64 4.01 75.70
C ILE JA 69 -22.00 3.49 76.13
N GLU JA 70 -22.75 4.26 76.89
CA GLU JA 70 -24.02 3.75 77.40
C GLU JA 70 -24.99 3.51 76.26
N GLY JA 71 -25.14 4.49 75.38
CA GLY JA 71 -25.93 4.28 74.19
C GLY JA 71 -25.51 3.04 73.40
N LEU JA 72 -24.21 2.82 73.24
CA LEU JA 72 -23.77 1.65 72.49
C LEU JA 72 -24.12 0.37 73.22
N VAL JA 73 -23.76 0.29 74.50
CA VAL JA 73 -24.08 -0.86 75.36
C VAL JA 73 -25.57 -1.14 75.35
N ASP JA 74 -26.38 -0.10 75.26
CA ASP JA 74 -27.81 -0.31 75.15
C ASP JA 74 -28.16 -0.90 73.81
N TYR JA 75 -27.52 -0.42 72.74
CA TYR JA 75 -27.84 -0.94 71.42
C TYR JA 75 -27.53 -2.43 71.34
N MET JA 76 -26.45 -2.85 71.99
CA MET JA 76 -26.08 -4.25 72.08
C MET JA 76 -27.00 -5.07 72.97
N LYS JA 77 -27.89 -4.44 73.75
CA LYS JA 77 -28.95 -5.17 74.45
C LYS JA 77 -30.28 -5.08 73.74
N ASN JA 78 -30.60 -3.94 73.19
CA ASN JA 78 -31.90 -3.68 72.60
C ASN JA 78 -31.71 -2.80 71.39
N PRO JA 79 -31.22 -3.37 70.28
CA PRO JA 79 -30.94 -2.57 69.09
C PRO JA 79 -32.21 -2.00 68.46
N THR JA 80 -32.09 -0.80 67.90
CA THR JA 80 -33.20 -0.17 67.20
C THR JA 80 -32.79 0.26 65.79
N THR JA 81 -33.75 0.74 65.02
CA THR JA 81 -33.39 1.34 63.76
C THR JA 81 -32.73 2.68 64.01
N TYR JA 82 -32.15 3.26 62.95
CA TYR JA 82 -31.42 4.51 63.09
C TYR JA 82 -32.27 5.57 63.77
N ASP JA 83 -33.57 5.59 63.45
CA ASP JA 83 -34.46 6.62 63.95
C ASP JA 83 -35.12 6.24 65.28
N GLY JA 84 -34.84 5.05 65.82
CA GLY JA 84 -35.35 4.64 67.11
C GLY JA 84 -36.71 3.95 67.10
N GLU JA 85 -37.40 3.92 65.98
CA GLU JA 85 -38.78 3.48 65.98
C GLU JA 85 -38.99 1.98 65.93
N GLN JA 86 -37.96 1.16 65.74
CA GLN JA 86 -38.18 -0.26 65.52
C GLN JA 86 -37.11 -1.02 66.27
N GLU JA 87 -37.53 -2.00 67.06
CA GLU JA 87 -36.57 -2.91 67.63
C GLU JA 87 -36.26 -3.96 66.58
N ILE JA 88 -34.98 -4.33 66.50
CA ILE JA 88 -34.50 -5.14 65.39
C ILE JA 88 -33.67 -6.29 65.94
N ALA JA 89 -33.90 -6.67 67.20
CA ALA JA 89 -33.14 -7.75 67.82
C ALA JA 89 -33.46 -9.11 67.21
N GLU JA 90 -34.59 -9.20 66.50
CA GLU JA 90 -34.92 -10.36 65.69
C GLU JA 90 -33.96 -10.60 64.55
N VAL JA 91 -33.12 -9.61 64.19
CA VAL JA 91 -32.17 -9.79 63.09
C VAL JA 91 -30.80 -9.24 63.46
N HIS JA 92 -30.73 -8.35 64.37
CA HIS JA 92 -29.43 -7.85 64.79
C HIS JA 92 -29.03 -8.47 66.12
N PRO JA 93 -27.82 -9.00 66.26
CA PRO JA 93 -27.44 -9.65 67.52
C PRO JA 93 -27.48 -8.68 68.68
N SER JA 94 -27.81 -9.24 69.83
CA SER JA 94 -28.07 -8.48 71.03
C SER JA 94 -28.22 -9.50 72.15
N LEU JA 95 -28.05 -9.03 73.37
CA LEU JA 95 -28.29 -9.88 74.53
C LEU JA 95 -29.73 -10.36 74.56
N ARG JA 96 -30.64 -9.50 74.12
CA ARG JA 96 -32.05 -9.86 74.08
C ARG JA 96 -32.29 -11.05 73.19
N SER JA 97 -31.51 -11.15 72.09
CA SER JA 97 -31.66 -12.17 71.07
C SER JA 97 -30.49 -13.15 71.07
N ALA JA 98 -29.84 -13.34 72.23
CA ALA JA 98 -28.80 -14.34 72.38
C ALA JA 98 -29.30 -15.79 72.24
N ASP JA 99 -30.62 -16.04 72.14
CA ASP JA 99 -31.05 -17.41 71.86
C ASP JA 99 -30.92 -17.75 70.38
N ILE JA 100 -30.93 -16.75 69.50
CA ILE JA 100 -30.73 -16.95 68.07
C ILE JA 100 -29.34 -16.49 67.61
N PHE JA 101 -28.63 -15.67 68.41
CA PHE JA 101 -27.30 -15.19 68.07
C PHE JA 101 -26.38 -15.73 69.16
N PRO JA 102 -26.05 -17.02 69.10
CA PRO JA 102 -25.28 -17.65 70.19
C PRO JA 102 -24.03 -16.91 70.63
N LYS JA 103 -23.26 -16.32 69.69
CA LYS JA 103 -21.99 -15.72 70.08
C LYS JA 103 -22.18 -14.69 71.19
N MET JA 104 -23.41 -14.19 71.39
CA MET JA 104 -23.70 -13.22 72.44
C MET JA 104 -23.97 -13.85 73.80
N ARG JA 105 -24.25 -15.16 73.85
CA ARG JA 105 -24.74 -15.76 75.09
C ARG JA 105 -23.79 -15.55 76.26
N ASN JA 106 -22.49 -15.46 75.99
CA ASN JA 106 -21.50 -15.49 77.06
C ASN JA 106 -20.80 -14.15 77.25
N LEU JA 107 -21.40 -13.07 76.74
CA LEU JA 107 -20.82 -11.74 76.83
C LEU JA 107 -21.24 -11.09 78.15
N THR JA 108 -20.25 -10.68 78.93
CA THR JA 108 -20.54 -9.99 80.18
C THR JA 108 -20.74 -8.51 79.91
N GLU JA 109 -21.33 -7.83 80.89
CA GLU JA 109 -21.52 -6.38 80.78
C GLU JA 109 -20.17 -5.67 80.67
N LYS JA 110 -19.14 -6.18 81.33
CA LYS JA 110 -17.81 -5.60 81.14
C LYS JA 110 -17.35 -5.80 79.70
N ASP JA 111 -17.86 -6.82 79.02
CA ASP JA 111 -17.44 -7.07 77.63
C ASP JA 111 -18.04 -6.05 76.68
N LEU JA 112 -19.34 -5.80 76.81
CA LEU JA 112 -20.01 -4.88 75.88
C LEU JA 112 -19.44 -3.47 75.95
N VAL JA 113 -18.92 -3.06 77.09
CA VAL JA 113 -18.31 -1.74 77.12
C VAL JA 113 -16.95 -1.78 76.47
N ALA JA 114 -16.20 -2.88 76.67
CA ALA JA 114 -14.93 -3.06 75.97
C ALA JA 114 -15.13 -2.83 74.49
N ILE JA 115 -16.16 -3.46 73.90
CA ILE JA 115 -16.44 -3.32 72.47
C ILE JA 115 -16.84 -1.89 72.13
N ALA JA 116 -17.67 -1.28 72.96
CA ALA JA 116 -18.13 0.08 72.68
C ALA JA 116 -16.98 1.06 72.68
N GLY JA 117 -16.08 0.95 73.67
CA GLY JA 117 -14.96 1.85 73.72
C GLY JA 117 -14.01 1.64 72.55
N HIS JA 118 -13.75 0.39 72.20
CA HIS JA 118 -13.05 0.11 70.95
C HIS JA 118 -13.70 0.87 69.80
N ILE JA 119 -15.02 0.71 69.62
CA ILE JA 119 -15.70 1.38 68.50
C ILE JA 119 -15.48 2.89 68.55
N LEU JA 120 -15.55 3.46 69.74
CA LEU JA 120 -15.41 4.90 69.89
C LEU JA 120 -13.95 5.36 69.80
N VAL JA 121 -13.03 4.50 70.18
CA VAL JA 121 -11.62 4.84 70.08
C VAL JA 121 -11.16 4.76 68.64
N GLU JA 122 -11.51 3.67 67.95
CA GLU JA 122 -10.86 3.31 66.70
C GLU JA 122 -10.83 4.45 65.70
N PRO JA 123 -11.89 5.24 65.54
CA PRO JA 123 -11.83 6.37 64.60
C PRO JA 123 -10.94 7.52 65.05
N LYS JA 124 -10.61 7.64 66.34
CA LYS JA 124 -9.61 8.62 66.73
C LYS JA 124 -8.26 8.23 66.16
N ILE JA 125 -8.02 6.93 66.05
CA ILE JA 125 -6.76 6.42 65.53
C ILE JA 125 -6.73 6.51 64.01
N LEU JA 126 -7.69 5.87 63.36
CA LEU JA 126 -7.66 5.68 61.91
C LEU JA 126 -8.34 6.81 61.13
N GLY JA 127 -9.11 7.67 61.79
CA GLY JA 127 -9.83 8.70 61.06
C GLY JA 127 -10.72 8.14 59.95
N ASP JA 128 -10.44 8.58 58.72
CA ASP JA 128 -11.34 8.32 57.59
C ASP JA 128 -11.41 6.84 57.25
N LYS JA 129 -10.34 6.09 57.51
CA LYS JA 129 -10.33 4.68 57.18
C LYS JA 129 -11.51 4.00 57.83
N TRP JA 130 -11.64 4.18 59.14
CA TRP JA 130 -12.75 3.65 59.94
C TRP JA 130 -14.08 4.11 59.39
N GLY JA 131 -14.88 3.19 58.86
CA GLY JA 131 -16.15 3.53 58.28
C GLY JA 131 -16.08 3.93 56.83
N GLY JA 132 -14.90 4.03 56.24
CA GLY JA 132 -14.75 4.56 54.91
C GLY JA 132 -14.94 3.58 53.78
N GLY JA 133 -14.53 2.32 53.98
CA GLY JA 133 -14.60 1.32 52.93
C GLY JA 133 -13.34 1.31 52.08
N LYS JA 134 -13.41 0.62 50.93
CA LYS JA 134 -12.19 0.28 50.17
C LYS JA 134 -11.43 1.51 49.68
N VAL JA 135 -12.11 2.64 49.51
CA VAL JA 135 -11.44 3.84 49.03
C VAL JA 135 -10.23 4.16 49.90
N TYR JA 136 -10.29 3.78 51.20
CA TYR JA 136 -9.26 4.18 52.16
C TYR JA 136 -8.37 3.02 52.59
N TYR JA 137 -8.53 1.83 52.02
CA TYR JA 137 -7.71 0.70 52.41
C TYR JA 137 -6.28 0.99 52.11
N GLU KA 1 2.30 -23.70 80.37
CA GLU KA 1 1.36 -23.07 79.45
C GLU KA 1 1.73 -23.46 78.01
N VAL KA 2 2.48 -22.60 77.33
CA VAL KA 2 3.13 -22.99 76.08
C VAL KA 2 4.45 -23.71 76.36
N ILE KA 3 4.96 -23.57 77.59
CA ILE KA 3 6.15 -24.32 77.97
C ILE KA 3 5.77 -25.77 78.22
N ALA KA 4 4.56 -26.00 78.75
CA ALA KA 4 3.96 -27.33 78.71
C ALA KA 4 4.00 -27.88 77.30
N GLN KA 5 3.57 -27.09 76.32
CA GLN KA 5 3.52 -27.56 74.95
C GLN KA 5 4.91 -27.92 74.43
N LEU KA 6 5.89 -27.02 74.65
CA LEU KA 6 7.23 -27.25 74.09
C LEU KA 6 7.94 -28.41 74.77
N THR KA 7 7.64 -28.67 76.05
CA THR KA 7 8.27 -29.80 76.75
C THR KA 7 7.68 -31.14 76.32
N MET KA 8 6.37 -31.20 76.07
CA MET KA 8 5.77 -32.39 75.48
C MET KA 8 6.43 -32.73 74.16
N ILE KA 9 6.34 -31.82 73.18
CA ILE KA 9 6.86 -32.12 71.84
C ILE KA 9 8.37 -32.35 71.88
N ALA KA 10 9.09 -31.58 72.69
CA ALA KA 10 10.51 -31.84 72.90
C ALA KA 10 10.79 -33.31 73.17
N MET KA 11 9.89 -34.00 73.90
CA MET KA 11 10.07 -35.39 74.28
C MET KA 11 9.57 -36.36 73.23
N ILE KA 12 8.44 -36.02 72.61
CA ILE KA 12 7.88 -36.89 71.56
C ILE KA 12 8.84 -36.96 70.37
N GLY KA 13 9.46 -35.85 70.02
CA GLY KA 13 10.38 -35.81 68.90
C GLY KA 13 11.74 -36.43 69.19
N ILE KA 14 12.31 -36.20 70.37
CA ILE KA 14 13.55 -36.87 70.72
C ILE KA 14 13.33 -38.37 70.84
N ALA KA 15 12.08 -38.79 71.05
CA ALA KA 15 11.79 -40.21 71.11
C ALA KA 15 12.28 -40.93 69.87
N GLY KA 16 12.09 -40.31 68.71
CA GLY KA 16 12.31 -40.96 67.44
C GLY KA 16 13.76 -41.24 67.22
N PRO KA 17 14.57 -40.20 67.23
CA PRO KA 17 16.02 -40.40 67.15
C PRO KA 17 16.55 -41.31 68.24
N MET KA 18 16.01 -41.20 69.45
CA MET KA 18 16.46 -42.07 70.53
C MET KA 18 16.43 -43.53 70.09
N ILE KA 19 15.33 -43.94 69.47
CA ILE KA 19 15.18 -45.35 69.12
C ILE KA 19 16.30 -45.79 68.19
N ILE KA 20 16.48 -45.07 67.08
CA ILE KA 20 17.59 -45.26 66.16
C ILE KA 20 18.85 -45.40 66.99
N PHE KA 21 19.05 -44.44 67.89
CA PHE KA 21 20.30 -44.35 68.63
C PHE KA 21 20.58 -45.61 69.46
N LEU KA 22 19.58 -46.04 70.23
CA LEU KA 22 19.73 -47.28 70.98
C LEU KA 22 20.13 -48.44 70.06
N LEU KA 23 19.41 -48.61 68.95
CA LEU KA 23 19.59 -49.79 68.14
C LEU KA 23 20.98 -49.89 67.52
N ALA KA 24 21.69 -48.78 67.37
CA ALA KA 24 23.04 -48.85 66.80
C ALA KA 24 24.04 -49.32 67.86
N VAL KA 25 24.17 -48.56 68.94
CA VAL KA 25 24.82 -49.00 70.16
C VAL KA 25 24.67 -50.51 70.35
N ARG KA 26 23.42 -51.00 70.41
CA ARG KA 26 23.23 -52.44 70.65
C ARG KA 26 23.60 -53.28 69.47
N ARG KA 27 24.28 -52.71 68.48
CA ARG KA 27 24.44 -53.30 67.15
C ARG KA 27 23.15 -54.01 66.75
N GLY KA 28 22.07 -53.22 66.72
CA GLY KA 28 20.78 -53.70 66.28
C GLY KA 28 20.73 -53.82 64.78
N ASN KA 29 19.58 -54.27 64.30
CA ASN KA 29 19.42 -54.61 62.89
C ASN KA 29 18.66 -53.51 62.16
N LEU KA 30 19.33 -52.38 61.97
CA LEU KA 30 18.73 -51.27 61.22
C LEU KA 30 18.67 -51.65 59.72
N THR LA 1 38.87 27.07 43.84
CA THR LA 1 38.42 27.06 45.23
C THR LA 1 37.64 25.78 45.49
N ILE LA 2 37.74 25.29 46.73
CA ILE LA 2 37.43 23.90 47.04
C ILE LA 2 36.10 23.84 47.79
N THR LA 3 35.14 23.13 47.21
CA THR LA 3 33.80 23.04 47.78
C THR LA 3 33.70 21.82 48.68
N PRO LA 4 32.58 21.66 49.39
CA PRO LA 4 32.38 20.43 50.18
C PRO LA 4 32.38 19.16 49.35
N SER LA 5 31.71 19.13 48.19
CA SER LA 5 31.69 17.89 47.41
C SER LA 5 32.99 17.61 46.68
N LEU LA 6 33.83 18.63 46.49
CA LEU LA 6 35.16 18.38 45.98
C LEU LA 6 36.02 17.73 47.07
N LYS LA 7 35.91 18.23 48.30
CA LYS LA 7 36.52 17.57 49.43
C LYS LA 7 36.02 16.14 49.54
N GLY LA 8 34.70 15.94 49.34
CA GLY LA 8 34.11 14.62 49.22
C GLY LA 8 34.75 13.82 48.11
N PHE LA 9 34.66 14.33 46.87
CA PHE LA 9 35.27 13.68 45.72
C PHE LA 9 36.64 13.10 46.07
N PHE LA 10 37.51 13.98 46.58
CA PHE LA 10 38.87 13.57 46.92
C PHE LA 10 38.86 12.49 47.99
N ILE LA 11 37.94 12.61 48.95
CA ILE LA 11 37.85 11.63 50.03
C ILE LA 11 37.57 10.24 49.47
N GLY LA 12 36.55 10.15 48.59
CA GLY LA 12 36.22 8.87 47.97
C GLY LA 12 37.32 8.38 47.05
N LEU LA 13 38.02 9.30 46.42
CA LEU LA 13 39.18 8.94 45.63
C LEU LA 13 40.25 8.30 46.52
N LEU LA 14 40.56 8.92 47.64
CA LEU LA 14 41.62 8.40 48.48
C LEU LA 14 41.19 7.07 49.08
N SER LA 15 39.98 7.04 49.62
CA SER LA 15 39.38 5.79 50.05
C SER LA 15 39.60 4.70 49.01
N GLY LA 16 39.18 4.96 47.76
CA GLY LA 16 39.33 3.94 46.74
C GLY LA 16 40.78 3.53 46.54
N ALA LA 17 41.67 4.50 46.45
CA ALA LA 17 43.07 4.19 46.26
C ALA LA 17 43.57 3.24 47.34
N VAL LA 18 43.31 3.58 48.61
CA VAL LA 18 43.76 2.74 49.71
C VAL LA 18 43.12 1.35 49.65
N VAL LA 19 41.83 1.25 49.29
CA VAL LA 19 41.17 -0.06 49.22
C VAL LA 19 41.83 -0.94 48.16
N LEU LA 20 42.04 -0.41 46.95
CA LEU LA 20 42.71 -1.21 45.96
C LEU LA 20 44.16 -1.49 46.38
N GLY LA 21 44.73 -0.58 47.16
CA GLY LA 21 46.10 -0.68 47.64
C GLY LA 21 46.33 -1.85 48.57
N LEU LA 22 45.64 -1.86 49.72
CA LEU LA 22 45.67 -3.07 50.55
C LEU LA 22 45.49 -4.31 49.68
N THR LA 23 44.35 -4.43 49.00
CA THR LA 23 44.02 -5.67 48.30
C THR LA 23 45.20 -6.21 47.52
N PHE LA 24 45.80 -5.35 46.69
CA PHE LA 24 46.91 -5.79 45.85
C PHE LA 24 48.20 -5.93 46.64
N ALA LA 25 48.40 -5.09 47.65
CA ALA LA 25 49.42 -5.32 48.65
C ALA LA 25 49.34 -6.75 49.14
N VAL LA 26 48.25 -7.07 49.85
CA VAL LA 26 48.05 -8.41 50.40
C VAL LA 26 48.35 -9.45 49.35
N LEU LA 27 47.75 -9.28 48.17
CA LEU LA 27 47.73 -10.34 47.17
C LEU LA 27 49.12 -10.62 46.64
N ILE LA 28 49.83 -9.57 46.19
CA ILE LA 28 51.20 -9.78 45.75
C ILE LA 28 52.00 -10.45 46.86
N ALA LA 29 51.79 -9.97 48.08
CA ALA LA 29 52.44 -10.51 49.26
C ALA LA 29 52.20 -12.02 49.39
N ILE LA 30 50.93 -12.45 49.40
CA ILE LA 30 50.65 -13.88 49.52
C ILE LA 30 51.24 -14.63 48.34
N SER LA 31 50.98 -14.16 47.12
CA SER LA 31 51.40 -14.91 45.94
C SER LA 31 52.91 -15.10 45.91
N GLN LA 32 53.63 -14.23 46.62
CA GLN LA 32 55.09 -14.36 46.68
C GLN LA 32 55.50 -15.51 47.61
N ILE LA 33 54.80 -15.71 48.73
CA ILE LA 33 55.12 -16.80 49.63
C ILE LA 33 54.72 -18.14 49.03
N ASP LA 34 53.41 -18.37 48.90
CA ASP LA 34 52.84 -19.62 48.43
C ASP LA 34 52.97 -19.60 46.92
N LYS LA 35 54.08 -20.16 46.46
CA LYS LA 35 54.45 -20.17 45.05
C LYS LA 35 54.17 -21.54 44.48
N VAL LA 36 53.52 -21.56 43.31
CA VAL LA 36 53.45 -22.76 42.49
C VAL LA 36 54.86 -23.29 42.31
N GLN LA 37 55.00 -24.61 42.14
CA GLN LA 37 56.29 -25.25 41.96
C GLN LA 37 56.39 -25.86 40.58
N ARG LA 38 57.55 -25.71 39.93
CA ARG LA 38 57.82 -26.38 38.63
C ARG LA 38 59.18 -27.08 38.60
N MET MA 1 -13.29 -40.78 92.86
CA MET MA 1 -11.82 -40.73 93.13
C MET MA 1 -11.14 -39.77 92.14
N THR MA 2 -11.43 -38.48 92.31
CA THR MA 2 -10.93 -37.42 91.44
C THR MA 2 -9.42 -37.48 91.25
N ILE MA 3 -8.70 -38.21 92.11
CA ILE MA 3 -7.26 -38.38 91.97
C ILE MA 3 -6.92 -39.73 91.36
N LEU MA 4 -7.47 -40.83 91.90
CA LEU MA 4 -7.08 -42.15 91.43
C LEU MA 4 -7.39 -42.36 89.95
N PHE MA 5 -8.37 -41.64 89.39
CA PHE MA 5 -8.55 -41.68 87.95
C PHE MA 5 -7.32 -41.13 87.24
N GLN MA 6 -6.79 -40.03 87.74
CA GLN MA 6 -5.60 -39.47 87.10
C GLN MA 6 -4.40 -40.37 87.31
N LEU MA 7 -4.34 -41.06 88.45
CA LEU MA 7 -3.31 -42.05 88.64
C LEU MA 7 -3.23 -42.95 87.42
N ALA MA 8 -4.30 -43.68 87.13
CA ALA MA 8 -4.28 -44.60 86.00
C ALA MA 8 -3.90 -43.87 84.72
N LEU MA 9 -4.41 -42.66 84.52
CA LEU MA 9 -4.31 -42.07 83.20
C LEU MA 9 -2.86 -41.75 82.84
N ALA MA 10 -2.04 -41.47 83.84
CA ALA MA 10 -0.62 -41.24 83.62
C ALA MA 10 0.16 -42.55 83.67
N ALA MA 11 -0.23 -43.50 84.52
CA ALA MA 11 0.31 -44.83 84.37
C ALA MA 11 0.21 -45.25 82.91
N LEU MA 12 -0.91 -44.89 82.25
CA LEU MA 12 -1.13 -45.27 80.86
C LEU MA 12 -0.12 -44.58 79.94
N VAL MA 13 0.04 -43.27 80.12
CA VAL MA 13 1.02 -42.49 79.37
C VAL MA 13 2.43 -43.03 79.61
N ILE MA 14 2.92 -42.84 80.84
CA ILE MA 14 4.20 -43.40 81.27
C ILE MA 14 4.11 -44.91 81.18
N LEU MA 15 4.31 -45.45 79.98
CA LEU MA 15 4.06 -46.85 79.66
C LEU MA 15 3.90 -46.93 78.15
N SER MA 16 2.83 -46.33 77.63
CA SER MA 16 2.84 -45.88 76.26
C SER MA 16 4.22 -45.33 75.93
N PHE MA 17 4.66 -44.33 76.71
CA PHE MA 17 5.95 -43.70 76.43
C PHE MA 17 7.09 -44.70 76.55
N VAL MA 18 7.17 -45.41 77.67
CA VAL MA 18 8.16 -46.48 77.79
C VAL MA 18 8.07 -47.40 76.59
N MET MA 19 6.86 -47.82 76.22
CA MET MA 19 6.76 -48.90 75.25
C MET MA 19 6.90 -48.41 73.81
N VAL MA 20 6.65 -47.13 73.56
CA VAL MA 20 6.91 -46.60 72.22
C VAL MA 20 8.39 -46.80 71.88
N ILE MA 21 9.25 -46.61 72.86
CA ILE MA 21 10.69 -46.73 72.63
C ILE MA 21 11.19 -48.16 72.75
N GLY MA 22 10.52 -49.01 73.53
CA GLY MA 22 11.13 -50.26 73.84
C GLY MA 22 10.73 -51.40 72.93
N VAL MA 23 9.49 -51.39 72.47
CA VAL MA 23 9.05 -52.43 71.52
C VAL MA 23 9.91 -52.44 70.27
N PRO MA 24 10.24 -51.31 69.63
CA PRO MA 24 11.10 -51.39 68.43
C PRO MA 24 12.53 -51.77 68.73
N VAL MA 25 13.14 -51.23 69.79
CA VAL MA 25 14.51 -51.60 70.10
C VAL MA 25 14.57 -53.08 70.45
N ALA MA 26 13.80 -53.47 71.45
CA ALA MA 26 13.61 -54.89 71.77
C ALA MA 26 13.56 -55.76 70.52
N TYR MA 27 12.69 -55.40 69.57
CA TYR MA 27 12.54 -56.22 68.37
C TYR MA 27 13.84 -56.29 67.59
N ALA MA 28 14.42 -55.15 67.21
CA ALA MA 28 15.53 -55.17 66.28
C ALA MA 28 16.88 -55.46 66.94
N SER MA 29 16.89 -55.98 68.17
CA SER MA 29 18.14 -56.38 68.82
C SER MA 29 18.26 -57.89 68.80
N PRO MA 30 19.41 -58.42 68.37
CA PRO MA 30 19.52 -59.88 68.17
C PRO MA 30 19.66 -60.64 69.47
N GLN MA 31 20.05 -59.95 70.54
CA GLN MA 31 20.50 -60.58 71.77
C GLN MA 31 19.27 -60.97 72.58
N ASP MA 32 18.69 -59.99 73.26
CA ASP MA 32 17.65 -60.25 74.27
C ASP MA 32 16.28 -60.30 73.59
N TRP MA 33 16.09 -61.33 72.77
CA TRP MA 33 14.74 -61.63 72.27
C TRP MA 33 13.96 -62.45 73.28
N ASP MA 34 14.58 -63.48 73.85
CA ASP MA 34 13.93 -64.26 74.91
C ASP MA 34 13.86 -63.45 76.19
N ARG MA 35 14.93 -62.70 76.50
CA ARG MA 35 14.92 -61.84 77.69
C ARG MA 35 13.73 -60.91 77.72
N SER MA 36 13.28 -60.43 76.55
CA SER MA 36 12.26 -59.39 76.45
C SER MA 36 10.87 -59.91 76.09
N LYS MA 37 10.76 -61.15 75.62
CA LYS MA 37 9.44 -61.73 75.32
C LYS MA 37 8.48 -61.48 76.46
N GLN MA 38 8.92 -61.70 77.69
CA GLN MA 38 8.05 -61.48 78.86
C GLN MA 38 7.73 -60.00 78.98
N LEU MA 39 8.77 -59.18 79.11
CA LEU MA 39 8.63 -57.73 79.26
C LEU MA 39 7.48 -57.16 78.43
N ILE MA 40 7.52 -57.36 77.11
CA ILE MA 40 6.52 -56.73 76.25
C ILE MA 40 5.15 -57.37 76.46
N PHE MA 41 5.11 -58.68 76.64
CA PHE MA 41 3.85 -59.36 76.98
C PHE MA 41 3.20 -58.74 78.22
N LEU MA 42 4.02 -58.33 79.19
CA LEU MA 42 3.50 -57.82 80.45
C LEU MA 42 3.05 -56.38 80.32
N GLY MA 43 3.92 -55.51 79.84
CA GLY MA 43 3.51 -54.14 79.60
C GLY MA 43 2.33 -54.03 78.67
N SER MA 44 2.15 -55.01 77.79
CA SER MA 44 0.96 -55.08 76.94
C SER MA 44 -0.28 -55.21 77.82
N GLY MA 45 -0.44 -56.37 78.45
CA GLY MA 45 -1.57 -56.56 79.35
C GLY MA 45 -1.75 -55.39 80.29
N LEU MA 46 -0.64 -54.88 80.82
CA LEU MA 46 -0.69 -53.67 81.63
C LEU MA 46 -1.43 -52.55 80.89
N TRP MA 47 -0.99 -52.27 79.67
CA TRP MA 47 -1.61 -51.23 78.87
C TRP MA 47 -3.10 -51.47 78.75
N ILE MA 48 -3.48 -52.64 78.19
CA ILE MA 48 -4.90 -52.94 77.99
C ILE MA 48 -5.69 -52.67 79.24
N ALA MA 49 -5.37 -53.40 80.31
CA ALA MA 49 -6.07 -53.20 81.56
C ALA MA 49 -6.07 -51.72 81.92
N LEU MA 50 -4.98 -51.02 81.63
CA LEU MA 50 -4.94 -49.61 81.98
C LEU MA 50 -5.91 -48.79 81.14
N VAL MA 51 -6.08 -49.12 79.87
CA VAL MA 51 -7.12 -48.45 79.08
C VAL MA 51 -8.49 -48.70 79.71
N LEU MA 52 -8.74 -49.94 80.09
CA LEU MA 52 -10.06 -50.29 80.61
C LEU MA 52 -10.25 -49.68 81.99
N VAL MA 53 -9.22 -49.75 82.84
CA VAL MA 53 -9.28 -49.09 84.14
C VAL MA 53 -9.69 -47.63 83.96
N VAL MA 54 -8.94 -46.89 83.15
CA VAL MA 54 -9.26 -45.49 82.89
C VAL MA 54 -10.64 -45.37 82.26
N GLY MA 55 -11.02 -46.37 81.47
CA GLY MA 55 -12.28 -46.31 80.75
C GLY MA 55 -13.48 -46.31 81.67
N VAL MA 56 -13.42 -47.07 82.76
CA VAL MA 56 -14.54 -47.13 83.70
C VAL MA 56 -14.50 -45.95 84.68
N LEU MA 57 -13.31 -45.57 85.11
CA LEU MA 57 -13.19 -44.43 86.00
C LEU MA 57 -13.65 -43.14 85.33
N ASN MA 58 -13.59 -43.07 83.99
CA ASN MA 58 -14.12 -41.90 83.30
C ASN MA 58 -15.55 -41.62 83.73
N PHE MA 59 -16.36 -42.68 83.84
CA PHE MA 59 -17.79 -42.63 84.16
C PHE MA 59 -18.04 -42.44 85.62
N PHE MA 60 -17.07 -41.90 86.33
CA PHE MA 60 -17.23 -41.46 87.70
C PHE MA 60 -16.70 -40.05 87.89
N VAL MA 61 -16.11 -39.46 86.85
CA VAL MA 61 -15.50 -38.13 86.96
C VAL MA 61 -15.98 -37.22 85.85
N VAL MA 62 -16.27 -37.78 84.67
CA VAL MA 62 -16.61 -36.99 83.49
C VAL MA 62 -18.07 -36.58 83.50
N ASP NA 1 28.29 3.73 72.56
CA ASP NA 1 28.36 3.89 74.00
C ASP NA 1 28.22 2.53 74.70
N TRP NA 2 27.45 2.51 75.79
CA TRP NA 2 27.36 1.32 76.62
C TRP NA 2 26.95 0.08 75.84
N ARG NA 3 26.14 0.24 74.79
CA ARG NA 3 25.61 -0.91 74.06
C ARG NA 3 26.61 -1.45 73.05
N VAL NA 4 27.49 -0.59 72.53
CA VAL NA 4 28.48 -1.03 71.54
C VAL NA 4 29.30 -2.19 72.11
N LEU NA 5 29.43 -2.23 73.43
CA LEU NA 5 30.33 -3.16 74.10
C LEU NA 5 29.72 -4.56 74.28
N VAL NA 6 28.45 -4.63 74.70
CA VAL NA 6 27.84 -5.94 74.96
C VAL NA 6 27.67 -6.72 73.66
N VAL NA 7 27.37 -6.02 72.56
CA VAL NA 7 27.14 -6.66 71.28
C VAL NA 7 28.41 -7.33 70.77
N LEU NA 8 29.57 -6.76 71.09
CA LEU NA 8 30.83 -7.28 70.56
C LEU NA 8 31.46 -8.32 71.46
N LEU NA 9 31.08 -8.32 72.73
CA LEU NA 9 31.70 -9.22 73.72
C LEU NA 9 31.60 -10.70 73.35
N PRO NA 10 30.40 -11.28 73.15
CA PRO NA 10 30.36 -12.69 72.74
C PRO NA 10 31.20 -12.95 71.50
N VAL NA 11 31.42 -11.90 70.68
CA VAL NA 11 32.23 -12.05 69.47
C VAL NA 11 33.71 -12.13 69.84
N LEU NA 12 34.17 -11.22 70.70
CA LEU NA 12 35.54 -11.28 71.20
C LEU NA 12 35.81 -12.59 71.93
N LEU NA 13 34.92 -12.95 72.88
CA LEU NA 13 34.98 -14.26 73.55
C LEU NA 13 35.15 -15.38 72.53
N ALA NA 14 34.16 -15.53 71.64
CA ALA NA 14 34.23 -16.53 70.60
C ALA NA 14 35.58 -16.52 69.88
N ALA NA 15 36.09 -15.32 69.57
CA ALA NA 15 37.33 -15.23 68.80
C ALA NA 15 38.52 -15.74 69.60
N GLY NA 16 38.64 -15.31 70.87
CA GLY NA 16 39.68 -15.84 71.72
C GLY NA 16 39.57 -17.35 71.89
N TRP NA 17 38.35 -17.83 72.19
CA TRP NA 17 38.19 -19.24 72.56
C TRP NA 17 38.60 -20.17 71.44
N ALA NA 18 38.24 -19.82 70.20
CA ALA NA 18 38.66 -20.62 69.04
C ALA NA 18 40.13 -20.41 68.74
N VAL NA 19 40.66 -19.21 69.04
CA VAL NA 19 42.05 -18.88 68.74
C VAL NA 19 42.99 -19.49 69.77
N ARG NA 20 42.57 -19.56 71.04
CA ARG NA 20 43.33 -20.33 72.02
C ARG NA 20 43.25 -21.83 71.77
N ASN NA 21 42.15 -22.30 71.18
CA ASN NA 21 41.94 -23.73 70.93
C ASN NA 21 42.46 -24.19 69.59
N ILE NA 22 42.94 -23.28 68.74
CA ILE NA 22 43.61 -23.66 67.49
C ILE NA 22 44.95 -22.97 67.33
N LEU NA 23 45.41 -22.19 68.31
CA LEU NA 23 46.69 -21.50 68.19
C LEU NA 23 47.85 -22.42 67.84
N PRO NA 24 47.95 -23.66 68.35
CA PRO NA 24 49.09 -24.50 67.96
C PRO NA 24 48.98 -24.98 66.54
N TYR NA 25 47.86 -25.64 66.19
CA TYR NA 25 47.72 -26.16 64.83
C TYR NA 25 47.87 -25.04 63.80
N ALA NA 26 47.63 -23.79 64.19
CA ALA NA 26 47.86 -22.67 63.27
C ALA NA 26 49.34 -22.39 63.09
N VAL NA 27 50.11 -22.40 64.19
CA VAL NA 27 51.55 -22.20 64.12
C VAL NA 27 52.28 -23.28 63.32
N LYS NA 28 51.62 -24.38 63.01
CA LYS NA 28 52.16 -25.30 62.02
C LYS NA 28 52.39 -24.58 60.69
N GLN NA 29 51.30 -24.08 60.09
CA GLN NA 29 51.37 -23.26 58.88
C GLN NA 29 52.61 -22.37 58.89
N VAL NA 30 53.73 -22.93 58.43
CA VAL NA 30 55.03 -22.28 58.52
C VAL NA 30 56.05 -22.83 57.53
N GLN NA 31 55.60 -23.65 56.58
CA GLN NA 31 56.45 -24.01 55.46
C GLN NA 31 56.02 -23.19 54.23
#